data_8K24
#
_entry.id   8K24
#
loop_
_entity.id
_entity.type
_entity.pdbx_description
1 polymer 'HD Cas3-type domain-containing protein'
2 polymer Csy1
3 polymer Csy2
4 polymer Cas1
5 polymer Csy3
6 polymer Csy4
7 polymer 'RNA (60-MER)'
8 polymer 'DNA (43-MER)'
9 polymer 'DNA (31-MER)'
10 polymer "DNA (5'-D(*AP*TP*CP*TP*TP*CP*CP*CP*TP*AP*TP*TP*TP*AP*AP*AP*TP*TP*GP*CP*T)-3')"
11 non-polymer 'MANGANESE (II) ION'
#
loop_
_entity_poly.entity_id
_entity_poly.type
_entity_poly.pdbx_seq_one_letter_code
_entity_poly.pdbx_strand_id
1 'polypeptide(L)'
;MFIRIKCFSKQPIAKKVSREVSAYLEYTGNNTWEGHISGQGVSNLQTKLINVGKGVKVVCNYQDKVLFAIGNVAMSDTGS
VPKYTTKKVYKPDDSIFTLKQGLVGVAALWHDLGKANSYFQRKLRGECNPSDPVRHEWVSGVIVSTFAKGNDWLSDDFII
PEVKHSDNVFGDDQVLNAVLWLINTHHKKGLVEDPIYRATKTMFTETLQCVNVNGGWFNYGDNIDECYKIDTSFITDTYV
KQLNRYRKKLLATKHIWFTLGEDQKIAILQECRVALMLGDSNFSSDLIGGDGSHLYANLDECGNLKQTLTQHLLGVTDCA
LKALFTINHHKPVKANFIPTIAEKGEGKFAWQNGVNMVDSSIDNMFCINMASTGKGKTLANLKLLQHFGNVRCSFGLGMV
SLTKQTAKQFLDMGVDYNSAAMVTGFSKSRFNLGSESLDQDEVSVEYWGQTSSLSKVFPNNNAGFKNKKLLSAPILVTTT
DHLVKASGVKKGNKQMLPYVRCMHSDLVLDEIDDYGIEDMVVLARLVYLTACYGNKVIISSATITPAISNIFYEAYSSGY
KVFCANKQTTYKGVNVVWWDEFGIKVEKVTDQFSNLNTRFVNKRITNLLESTPKHKALVVDQDDNMEAVKQSITTLHNAH
NSGGVSFGLIRTTTIKDCVAVTQELQNWETDLSIKILCYHSRFVGDTKAQMEEYLSKVLNRKGDEYKKFVDTTTPTAYIV
VATPVVEVGRDFDFDWAIIEPSSERSIVQCAGRVLRHRSSTPTTHNIHILKYPFKFYRNSNICYDVAGYESKGYKLKSKN
MLDIYKKESIVNSVNRLQGDAAFYTKSLTALEHKVLLDKLTTDIADTNVFVGGWQLTANPHEYCKWRRGTKNEDLVLTDG
KWSGNVTTTKPIQSKIWRKWQGENGSITVPEYLLDKTICYNDFYGGYENE
;
a,A
2 'polypeptide(L)'
;MIKEMIEDFISKGGLIFTHSGRYTNTNNSCFIFNKNDIGVDTKVDMYTPKSAGIKNEEGENLWQVLNKANMFYRIYSGEL
GEELQYLLKSCCTAKEDVTTLPQIYFKNGEGYDILVPIGNAHNLISGTEYLWEHKYYNTFTQKLGGSNPQNCTHACNKMR
GGFKQFNCTPPQVEDNYNA
;
b,B
3 'polypeptide(L)'
;MRKFIIVKNVKVDGINAKSSDITVGMPPATTFCGLGETMSIKTGIVVKAVSYGSVKFEVRGSRFNTSVTKFAWQDRGNGG
KANNNSPIQPKPLADGVFTLCFEVEWEDCAEVLVDKVTNFINTARIAGGTIASFNKPFVKVAKDAEELASVKNAMMPCYV
VVDCGVEVNIFEDAVNRKLQPMVNGYKKLEKIVDNKHMRDKFTPAYLATPTYTMIGYKMVSNVDNFDQALWQYGENTKVK
TIGGIYND
;
c,C
4 'polypeptide(L)'
;MQKQILTSQKRNMYILSRCKVLVKNGQVCHLHEDGNVYTVPYANTVFIGLAEGTSITNEAMSMLAANGVIVFWTKGGGYD
MFAADIICHLPQADYRPTKYMQNWVRLWLDEEKKLSAAKEILKMRVDSLSTHVHDFGVDVENKRVSSIVNKFDKGVTQAT
SFESLLGHEGTFVKSLYKEYALEYEIEFKRDHKSADNYNKFLTLGNYYAYGIARSSLWALGIDNSFPLLHGSTRRGGLVF
DVADIIKTSIILPLAFHAADQGMSNTEFKRSCVAYFDKNDILAYLINNIKRLCMENSDVHQD
;
d,e,D,E
5 'polypeptide(L)'
;MTKLKAPAVLAYSRKINPTNALMFAVNWSDRDNTTAVMVGTKTVAGTQSVRGNPNDADKGNIQTVNFANLPHNKNTLLVK
YNVKFVGDVFKAELGGGEYSNTLQTALENTDFGTLAYRYVYNIAAGRTLWRNRVGAESIETVITVNDQTFTFSDLLVNEF
DEDVDVAEIADMVAGVLSGEGFVTLKVEHYMLLGEGSEVFPSQEFVENSKLSKQLFDLNGQAAMHDQKIGNAIRTIDTWY
EDATTPIAVEPYGSVVRNGVAYRAGNKTDLFTLMDGAVNGKSLTEEDQMFVTANLIRGGVFGGGKD
;
g,i,j,k,l,m,G,I,J,K,L,M
6 'polypeptide(L)'
;MYNTISITVVDADDVGVNFVVSKVLSTLHNKGIFNGEVGVTFPRMDKNVGDIITLFSKTGVDRKVLTSTLNTLTDFIHIG
KPKEADKVKTYRKVDTKSKGKLIRRCIKRKGVSAETAESLYGNYKGEKCKLPYIVVNSKSTGQRFSMFLEECENSEKFNS
YGLCIVSC
;
h,H
7 'polyribonucleotide' CUUAAAGAGUCAACCCUUUGCUUAUCUUCCCUAUUUAAAUGUUAGCAGCCGCAUAGGCUG p,P
8 'polydeoxyribonucleotide'
;(DA)(DG)(DC)(DA)(DA)(DT)(DT)(DT)(DA)(DA)(DA)(DT)(DA)(DG)(DG)(DG)(DA)(DA)(DG)(DA)
(DT)(DA)(DA)(DG)(DC)(DA)(DA)(DA)(DG)(DG)(DG)(DT)(DT)(DG)(DA)(DC)(DG)(DA)(DA)(DA)
(DG)(DC)(DC)
;
q,Q,U
9 'polydeoxyribonucleotide'
;(DG)(DG)(DC)(DT)(DT)(DT)(DC)(DG)(DT)(DC)(DA)(DA)(DC)(DC)(DC)(DT)(DT)(DT)(DG)(DC)
(DT)(DT)(DA)(DT)(DC)(DT)(DT)(DC)(DC)(DC)(DT)
;
r,R
10 'polydeoxyribonucleotide'
;(DA)(DT)(DC)(DT)(DT)(DC)(DC)(DC)(DT)(DA)(DT)(DT)(DT)(DA)(DA)(DA)(DT)(DT)(DG)(DC)
(DT)
;
V
#
loop_
_chem_comp.id
_chem_comp.type
_chem_comp.name
_chem_comp.formula
A RNA linking ADENOSINE-5'-MONOPHOSPHATE 'C10 H14 N5 O7 P'
C RNA linking CYTIDINE-5'-MONOPHOSPHATE 'C9 H14 N3 O8 P'
DA DNA linking 2'-DEOXYADENOSINE-5'-MONOPHOSPHATE 'C10 H14 N5 O6 P'
DC DNA linking 2'-DEOXYCYTIDINE-5'-MONOPHOSPHATE 'C9 H14 N3 O7 P'
DG DNA linking 2'-DEOXYGUANOSINE-5'-MONOPHOSPHATE 'C10 H14 N5 O7 P'
DT DNA linking THYMIDINE-5'-MONOPHOSPHATE 'C10 H15 N2 O8 P'
G RNA linking GUANOSINE-5'-MONOPHOSPHATE 'C10 H14 N5 O8 P'
MN non-polymer 'MANGANESE (II) ION' 'Mn 2'
U RNA linking URIDINE-5'-MONOPHOSPHATE 'C9 H13 N2 O9 P'
#
# COMPACT_ATOMS: atom_id res chain seq x y z
N MET A 1 6.26 -7.37 10.40
CA MET A 1 5.05 -7.87 9.77
C MET A 1 4.10 -6.73 9.43
N PHE A 2 3.82 -6.56 8.14
CA PHE A 2 3.02 -5.45 7.62
C PHE A 2 1.71 -6.00 7.10
N ILE A 3 0.59 -5.54 7.67
CA ILE A 3 -0.72 -6.04 7.30
C ILE A 3 -1.60 -4.88 6.87
N ARG A 4 -2.73 -5.24 6.23
CA ARG A 4 -3.72 -4.26 5.78
C ARG A 4 -5.10 -4.86 5.98
N ILE A 5 -5.96 -4.17 6.72
CA ILE A 5 -7.29 -4.67 7.05
C ILE A 5 -8.35 -3.80 6.40
N LYS A 6 -9.23 -4.42 5.63
CA LYS A 6 -10.35 -3.76 4.99
C LYS A 6 -11.66 -4.26 5.58
N CYS A 7 -12.59 -3.32 5.78
CA CYS A 7 -13.86 -3.67 6.43
C CYS A 7 -15.05 -3.21 5.62
N PHE A 8 -16.02 -4.09 5.43
CA PHE A 8 -17.21 -3.76 4.66
C PHE A 8 -18.45 -4.08 5.46
N SER A 9 -18.41 -3.80 6.76
CA SER A 9 -19.53 -4.14 7.62
C SER A 9 -20.65 -3.10 7.55
N LYS A 10 -21.85 -3.52 7.93
CA LYS A 10 -22.97 -2.59 7.93
C LYS A 10 -23.33 -2.24 9.34
N GLN A 11 -24.36 -1.41 9.54
CA GLN A 11 -24.85 -1.08 10.90
C GLN A 11 -23.81 -0.44 11.87
N PRO A 12 -24.22 -0.18 13.13
CA PRO A 12 -23.19 0.31 14.07
C PRO A 12 -22.12 -0.71 14.46
N ILE A 13 -22.22 -1.97 14.02
CA ILE A 13 -21.17 -2.93 14.29
C ILE A 13 -19.93 -2.51 13.50
N ALA A 14 -20.12 -1.92 12.33
CA ALA A 14 -18.98 -1.42 11.56
C ALA A 14 -18.17 -0.42 12.38
N LYS A 15 -18.84 0.42 13.16
CA LYS A 15 -18.15 1.40 13.98
C LYS A 15 -17.52 0.79 15.22
N LYS A 16 -18.12 -0.27 15.76
CA LYS A 16 -17.59 -0.88 16.97
C LYS A 16 -16.30 -1.65 16.70
N VAL A 17 -16.17 -2.22 15.51
CA VAL A 17 -14.92 -2.90 15.15
C VAL A 17 -13.85 -1.88 14.76
N SER A 18 -14.26 -0.65 14.44
CA SER A 18 -13.32 0.38 14.02
C SER A 18 -12.49 0.85 15.21
N ARG A 19 -13.08 0.83 16.41
CA ARG A 19 -12.33 1.18 17.63
C ARG A 19 -11.19 0.20 17.87
N GLU A 20 -11.47 -1.10 17.73
CA GLU A 20 -10.44 -2.10 17.99
C GLU A 20 -9.41 -2.13 16.87
N VAL A 21 -9.85 -2.05 15.62
CA VAL A 21 -8.88 -2.09 14.52
C VAL A 21 -8.14 -0.76 14.37
N SER A 22 -8.63 0.31 14.99
CA SER A 22 -7.91 1.58 15.06
C SER A 22 -7.10 1.71 16.33
N ALA A 23 -7.24 0.75 17.25
CA ALA A 23 -6.34 0.62 18.38
C ALA A 23 -5.02 -0.04 18.02
N TYR A 24 -4.94 -0.72 16.88
CA TYR A 24 -3.78 -1.52 16.53
C TYR A 24 -3.14 -1.15 15.21
N LEU A 25 -3.86 -0.46 14.33
CA LEU A 25 -3.36 -0.06 13.02
C LEU A 25 -3.71 1.40 12.77
N GLU A 26 -2.94 2.03 11.88
CA GLU A 26 -3.20 3.39 11.47
C GLU A 26 -4.33 3.42 10.44
N TYR A 27 -5.04 4.52 10.38
CA TYR A 27 -6.19 4.67 9.50
C TYR A 27 -5.74 5.33 8.20
N THR A 28 -5.89 4.60 7.09
CA THR A 28 -5.58 5.13 5.78
C THR A 28 -6.80 5.73 5.08
N GLY A 29 -7.93 5.79 5.76
CA GLY A 29 -9.13 6.36 5.20
C GLY A 29 -9.98 5.35 4.45
N ASN A 30 -11.25 5.73 4.24
CA ASN A 30 -12.25 4.96 3.49
C ASN A 30 -12.47 3.57 4.07
N ASN A 31 -12.50 3.48 5.41
CA ASN A 31 -12.66 2.22 6.16
C ASN A 31 -11.61 1.19 5.79
N THR A 32 -10.37 1.65 5.64
CA THR A 32 -9.22 0.80 5.36
C THR A 32 -8.08 1.17 6.30
N TRP A 33 -7.54 0.18 7.01
CA TRP A 33 -6.41 0.38 7.89
C TRP A 33 -5.22 -0.38 7.34
N GLU A 34 -4.01 0.06 7.67
CA GLU A 34 -2.80 -0.49 7.10
C GLU A 34 -1.63 -0.11 7.98
N GLY A 35 -0.80 -1.08 8.35
CA GLY A 35 0.35 -0.74 9.17
C GLY A 35 1.12 -1.97 9.62
N HIS A 36 2.14 -1.71 10.43
CA HIS A 36 3.03 -2.74 10.95
C HIS A 36 2.60 -3.15 12.35
N ILE A 37 2.54 -4.46 12.56
CA ILE A 37 2.07 -5.01 13.83
C ILE A 37 2.90 -6.26 14.07
N SER A 38 2.81 -6.84 15.26
CA SER A 38 3.61 -8.00 15.55
C SER A 38 2.78 -9.22 15.39
N GLY A 39 3.39 -10.37 15.61
CA GLY A 39 2.67 -11.61 15.46
C GLY A 39 1.57 -11.69 16.46
N GLN A 40 1.88 -11.37 17.71
CA GLN A 40 0.88 -11.51 18.73
C GLN A 40 -0.03 -10.33 18.69
N GLY A 41 0.37 -9.31 17.96
CA GLY A 41 -0.49 -8.16 17.80
C GLY A 41 -1.62 -8.58 16.92
N VAL A 42 -1.31 -9.31 15.86
CA VAL A 42 -2.35 -9.82 14.98
C VAL A 42 -3.29 -10.69 15.78
N SER A 43 -2.76 -11.48 16.70
CA SER A 43 -3.60 -12.32 17.53
C SER A 43 -4.52 -11.54 18.43
N ASN A 44 -4.01 -10.52 19.10
CA ASN A 44 -4.83 -9.76 20.00
C ASN A 44 -5.90 -9.06 19.19
N LEU A 45 -5.56 -8.69 17.96
CA LEU A 45 -6.52 -8.05 17.07
C LEU A 45 -7.61 -9.04 16.62
N GLN A 46 -7.22 -10.28 16.34
CA GLN A 46 -8.18 -11.34 16.06
C GLN A 46 -9.11 -11.59 17.23
N THR A 47 -8.54 -11.72 18.44
CA THR A 47 -9.33 -12.07 19.61
C THR A 47 -10.33 -10.98 19.97
N LYS A 48 -9.94 -9.71 19.85
CA LYS A 48 -10.89 -8.66 20.16
C LYS A 48 -11.63 -8.14 18.94
N LEU A 49 -11.38 -8.69 17.75
CA LEU A 49 -12.23 -8.39 16.61
C LEU A 49 -13.35 -9.42 16.47
N ILE A 50 -13.11 -10.66 16.85
CA ILE A 50 -14.15 -11.68 16.71
C ILE A 50 -15.13 -11.59 17.88
N ASN A 51 -14.62 -11.39 19.09
CA ASN A 51 -15.43 -11.37 20.31
C ASN A 51 -16.36 -10.16 20.39
N VAL A 52 -16.20 -9.16 19.51
CA VAL A 52 -16.94 -7.92 19.64
C VAL A 52 -18.39 -8.09 19.19
N GLY A 53 -18.71 -9.17 18.48
CA GLY A 53 -20.09 -9.43 18.11
C GLY A 53 -20.18 -10.10 16.76
N LYS A 54 -21.41 -10.31 16.32
CA LYS A 54 -21.69 -10.98 15.06
C LYS A 54 -21.93 -9.94 13.96
N GLY A 55 -21.47 -10.26 12.76
CA GLY A 55 -21.57 -9.35 11.64
C GLY A 55 -20.30 -8.62 11.30
N VAL A 56 -19.17 -8.99 11.91
CA VAL A 56 -17.89 -8.37 11.60
C VAL A 56 -17.45 -8.82 10.22
N LYS A 57 -17.12 -7.86 9.36
CA LYS A 57 -16.80 -8.12 7.97
C LYS A 57 -15.39 -7.61 7.72
N VAL A 58 -14.38 -8.42 8.03
CA VAL A 58 -13.00 -7.98 8.06
C VAL A 58 -12.16 -8.91 7.20
N VAL A 59 -11.39 -8.32 6.28
CA VAL A 59 -10.40 -9.06 5.51
C VAL A 59 -9.03 -8.47 5.81
N CYS A 60 -8.07 -9.34 6.10
CA CYS A 60 -6.71 -8.89 6.34
C CYS A 60 -5.78 -9.49 5.30
N ASN A 61 -4.85 -8.67 4.82
CA ASN A 61 -3.87 -9.08 3.83
C ASN A 61 -2.49 -8.86 4.43
N TYR A 62 -1.71 -9.94 4.50
CA TYR A 62 -0.29 -9.88 4.82
C TYR A 62 0.48 -9.97 3.51
N GLN A 63 1.26 -8.94 3.21
CA GLN A 63 1.78 -8.64 1.87
C GLN A 63 0.63 -8.67 0.87
N ASP A 64 0.48 -9.78 0.15
CA ASP A 64 -0.59 -9.92 -0.83
C ASP A 64 -1.45 -11.15 -0.60
N LYS A 65 -0.99 -12.13 0.16
CA LYS A 65 -1.86 -13.24 0.56
C LYS A 65 -2.81 -12.77 1.65
N VAL A 66 -4.00 -13.36 1.68
CA VAL A 66 -4.99 -13.01 2.69
C VAL A 66 -4.57 -13.58 4.04
N LEU A 67 -4.43 -12.75 5.05
CA LEU A 67 -4.12 -13.26 6.39
C LEU A 67 -5.37 -13.96 6.91
N PHE A 68 -6.42 -13.19 7.17
CA PHE A 68 -7.68 -13.80 7.63
C PHE A 68 -8.93 -13.18 7.02
N ALA A 69 -10.05 -13.90 7.13
CA ALA A 69 -11.31 -13.38 6.60
C ALA A 69 -12.44 -13.63 7.59
N ILE A 70 -12.86 -12.60 8.30
CA ILE A 70 -13.90 -12.75 9.31
C ILE A 70 -15.29 -12.82 8.71
N GLY A 71 -15.98 -13.92 8.94
CA GLY A 71 -17.32 -14.08 8.42
C GLY A 71 -17.28 -14.94 7.18
N ASN A 72 -18.36 -14.96 6.42
CA ASN A 72 -18.37 -15.70 5.17
C ASN A 72 -18.12 -14.75 4.03
N VAL A 73 -17.27 -13.75 4.26
CA VAL A 73 -16.96 -12.77 3.23
C VAL A 73 -16.29 -13.46 2.05
N ALA A 74 -16.87 -13.31 0.86
CA ALA A 74 -16.30 -13.94 -0.33
C ALA A 74 -14.92 -13.38 -0.59
N MET A 75 -14.72 -12.08 -0.33
CA MET A 75 -13.39 -11.45 -0.45
C MET A 75 -12.59 -11.71 -1.71
N SER A 76 -11.74 -12.73 -1.69
CA SER A 76 -10.87 -12.97 -2.82
C SER A 76 -10.87 -14.36 -3.44
N ASP A 77 -11.13 -14.46 -4.74
CA ASP A 77 -11.02 -15.75 -5.41
C ASP A 77 -9.80 -15.52 -6.26
N THR A 78 -9.71 -14.34 -6.88
CA THR A 78 -8.53 -14.00 -7.67
C THR A 78 -8.18 -12.60 -7.26
N GLY A 79 -9.05 -11.63 -7.55
CA GLY A 79 -8.82 -10.28 -7.11
C GLY A 79 -9.47 -10.20 -5.76
N SER A 80 -9.33 -9.09 -5.07
CA SER A 80 -9.99 -8.93 -3.78
C SER A 80 -10.96 -7.76 -3.83
N VAL A 81 -11.97 -7.77 -2.95
CA VAL A 81 -12.98 -6.71 -2.91
C VAL A 81 -13.82 -6.62 -4.18
N PRO A 82 -15.12 -7.16 -4.16
CA PRO A 82 -16.00 -6.97 -5.34
C PRO A 82 -16.63 -5.60 -5.54
N LYS A 83 -17.84 -5.56 -6.08
CA LYS A 83 -18.55 -4.28 -6.24
C LYS A 83 -20.06 -4.41 -6.33
N TYR A 84 -20.54 -4.74 -7.49
CA TYR A 84 -21.90 -4.91 -7.61
C TYR A 84 -22.25 -6.35 -7.27
N THR A 85 -22.13 -6.77 -6.01
CA THR A 85 -22.56 -8.12 -5.63
C THR A 85 -24.06 -8.23 -5.89
N THR A 86 -24.67 -9.41 -6.02
CA THR A 86 -26.06 -9.54 -6.43
C THR A 86 -26.36 -11.08 -6.33
N LYS A 87 -27.54 -11.61 -6.69
CA LYS A 87 -27.79 -13.10 -6.69
C LYS A 87 -27.89 -13.85 -8.06
N LYS A 88 -28.35 -15.14 -8.12
CA LYS A 88 -28.50 -15.90 -9.38
C LYS A 88 -27.20 -15.95 -10.18
N VAL A 89 -26.21 -16.61 -9.60
CA VAL A 89 -24.89 -16.70 -10.21
C VAL A 89 -24.82 -17.83 -11.21
N TYR A 90 -25.10 -19.06 -10.77
CA TYR A 90 -24.84 -20.25 -11.56
C TYR A 90 -26.10 -21.04 -11.96
N LYS A 91 -26.97 -21.42 -11.01
CA LYS A 91 -28.26 -22.10 -11.22
C LYS A 91 -28.20 -23.30 -12.17
N PRO A 92 -27.53 -24.39 -11.78
CA PRO A 92 -27.27 -25.48 -12.72
C PRO A 92 -28.35 -26.55 -12.70
N ASP A 93 -28.08 -27.67 -13.36
CA ASP A 93 -28.70 -28.94 -13.01
C ASP A 93 -28.02 -29.43 -11.74
N ASP A 94 -28.49 -28.91 -10.60
CA ASP A 94 -27.92 -29.29 -9.31
C ASP A 94 -28.21 -30.74 -8.99
N SER A 95 -29.42 -31.20 -9.32
CA SER A 95 -29.84 -32.60 -9.34
C SER A 95 -29.72 -33.28 -7.99
N ILE A 96 -28.49 -33.55 -7.56
CA ILE A 96 -28.30 -34.32 -6.33
C ILE A 96 -28.60 -33.50 -5.09
N PHE A 97 -28.50 -32.16 -5.18
CA PHE A 97 -28.94 -31.34 -4.07
C PHE A 97 -30.45 -31.28 -4.01
N THR A 98 -31.10 -31.23 -5.17
CA THR A 98 -32.55 -31.38 -5.23
C THR A 98 -32.98 -32.76 -4.78
N LEU A 99 -32.15 -33.78 -5.08
CA LEU A 99 -32.42 -35.13 -4.59
C LEU A 99 -32.35 -35.22 -3.09
N LYS A 100 -31.31 -34.62 -2.49
CA LYS A 100 -31.18 -34.63 -1.04
C LYS A 100 -32.27 -33.81 -0.38
N GLN A 101 -32.65 -32.69 -0.99
CA GLN A 101 -33.76 -31.88 -0.48
C GLN A 101 -35.08 -32.64 -0.52
N GLY A 102 -35.35 -33.33 -1.63
CA GLY A 102 -36.59 -34.09 -1.73
C GLY A 102 -36.65 -35.26 -0.77
N LEU A 103 -35.53 -36.00 -0.64
CA LEU A 103 -35.48 -37.12 0.29
C LEU A 103 -35.62 -36.66 1.73
N VAL A 104 -34.92 -35.60 2.11
CA VAL A 104 -34.95 -35.11 3.49
C VAL A 104 -36.32 -34.50 3.81
N GLY A 105 -36.91 -33.77 2.87
CA GLY A 105 -38.24 -33.21 3.09
C GLY A 105 -39.33 -34.25 3.17
N VAL A 106 -39.28 -35.26 2.30
CA VAL A 106 -40.30 -36.30 2.29
C VAL A 106 -40.17 -37.18 3.54
N ALA A 107 -38.95 -37.52 3.92
CA ALA A 107 -38.75 -38.36 5.09
C ALA A 107 -39.04 -37.61 6.39
N ALA A 108 -38.69 -36.32 6.44
CA ALA A 108 -38.83 -35.55 7.67
C ALA A 108 -40.29 -35.23 7.96
N LEU A 109 -41.14 -35.17 6.94
CA LEU A 109 -42.57 -35.08 7.17
C LEU A 109 -43.20 -36.42 7.51
N TRP A 110 -42.42 -37.50 7.42
CA TRP A 110 -42.89 -38.85 7.73
C TRP A 110 -42.05 -39.52 8.81
N HIS A 111 -41.10 -38.80 9.41
CA HIS A 111 -40.17 -39.42 10.35
C HIS A 111 -40.82 -39.73 11.70
N ASP A 112 -41.88 -39.03 12.06
CA ASP A 112 -42.52 -39.19 13.35
C ASP A 112 -44.03 -39.43 13.18
N LEU A 113 -44.40 -40.18 12.14
CA LEU A 113 -45.79 -40.58 11.99
C LEU A 113 -46.17 -41.65 13.00
N GLY A 114 -45.18 -42.38 13.50
CA GLY A 114 -45.37 -43.50 14.39
C GLY A 114 -45.49 -43.14 15.85
N LYS A 115 -45.47 -41.86 16.19
CA LYS A 115 -45.78 -41.43 17.55
C LYS A 115 -47.27 -41.27 17.77
N ALA A 116 -48.09 -41.43 16.73
CA ALA A 116 -49.53 -41.24 16.84
C ALA A 116 -50.25 -42.44 17.43
N ASN A 117 -49.56 -43.56 17.65
CA ASN A 117 -50.20 -44.69 18.30
C ASN A 117 -50.51 -44.36 19.76
N SER A 118 -51.47 -45.09 20.31
CA SER A 118 -51.93 -44.81 21.67
C SER A 118 -50.86 -45.12 22.71
N TYR A 119 -49.93 -46.03 22.39
CA TYR A 119 -48.86 -46.35 23.33
C TYR A 119 -47.92 -45.18 23.53
N PHE A 120 -47.59 -44.45 22.45
CA PHE A 120 -46.75 -43.27 22.61
C PHE A 120 -47.47 -42.15 23.33
N GLN A 121 -48.79 -42.06 23.16
CA GLN A 121 -49.56 -41.06 23.89
C GLN A 121 -49.58 -41.35 25.39
N ARG A 122 -49.78 -42.60 25.78
CA ARG A 122 -49.71 -42.88 27.21
C ARG A 122 -48.27 -42.94 27.71
N LYS A 123 -47.29 -43.06 26.81
CA LYS A 123 -45.90 -42.95 27.20
C LYS A 123 -45.54 -41.51 27.54
N LEU A 124 -45.98 -40.57 26.71
CA LEU A 124 -45.77 -39.16 27.00
C LEU A 124 -46.57 -38.72 28.22
N ARG A 125 -47.81 -39.22 28.36
CA ARG A 125 -48.59 -38.90 29.54
C ARG A 125 -48.14 -39.69 30.77
N GLY A 126 -47.54 -40.86 30.57
CA GLY A 126 -46.88 -41.57 31.66
C GLY A 126 -47.70 -42.55 32.46
N GLU A 127 -48.44 -43.45 31.80
CA GLU A 127 -49.09 -44.54 32.50
C GLU A 127 -48.64 -45.91 31.99
N CYS A 128 -47.54 -45.98 31.24
CA CYS A 128 -47.04 -47.26 30.76
C CYS A 128 -45.53 -47.22 30.78
N ASN A 129 -44.91 -48.25 30.21
CA ASN A 129 -43.46 -48.33 30.17
C ASN A 129 -42.96 -47.32 29.13
N PRO A 130 -42.02 -46.44 29.49
CA PRO A 130 -41.48 -45.48 28.51
C PRO A 130 -40.75 -46.11 27.34
N SER A 131 -40.30 -47.36 27.45
CA SER A 131 -39.71 -48.06 26.32
C SER A 131 -40.82 -48.70 25.51
N ASP A 132 -40.91 -48.35 24.23
CA ASP A 132 -41.94 -48.87 23.36
C ASP A 132 -41.65 -50.32 22.99
N PRO A 133 -42.69 -51.12 22.69
CA PRO A 133 -42.43 -52.45 22.10
C PRO A 133 -41.78 -52.37 20.74
N VAL A 134 -42.30 -51.50 19.87
CA VAL A 134 -41.69 -51.19 18.59
C VAL A 134 -41.48 -49.68 18.54
N ARG A 135 -40.27 -49.27 18.16
CA ARG A 135 -39.92 -47.86 18.14
C ARG A 135 -40.74 -47.12 17.09
N HIS A 136 -41.02 -45.84 17.37
CA HIS A 136 -41.94 -45.06 16.55
C HIS A 136 -41.42 -44.79 15.15
N GLU A 137 -40.10 -44.84 14.96
CA GLU A 137 -39.54 -44.75 13.61
C GLU A 137 -39.96 -45.93 12.76
N TRP A 138 -39.98 -47.13 13.35
CA TRP A 138 -40.44 -48.30 12.61
C TRP A 138 -41.93 -48.27 12.38
N VAL A 139 -42.71 -47.69 13.31
CA VAL A 139 -44.15 -47.59 13.10
C VAL A 139 -44.45 -46.60 11.98
N SER A 140 -43.72 -45.49 11.92
CA SER A 140 -43.86 -44.54 10.81
C SER A 140 -43.41 -45.17 9.49
N GLY A 141 -42.37 -46.00 9.54
CA GLY A 141 -41.96 -46.74 8.35
C GLY A 141 -43.01 -47.73 7.88
N VAL A 142 -43.69 -48.38 8.83
CA VAL A 142 -44.80 -49.27 8.51
C VAL A 142 -45.94 -48.50 7.86
N ILE A 143 -46.20 -47.29 8.36
CA ILE A 143 -47.23 -46.41 7.81
C ILE A 143 -46.92 -46.06 6.36
N VAL A 144 -45.66 -45.66 6.11
CA VAL A 144 -45.27 -45.22 4.78
C VAL A 144 -45.22 -46.41 3.80
N SER A 145 -44.77 -47.57 4.28
CA SER A 145 -44.72 -48.76 3.43
C SER A 145 -46.12 -49.27 3.09
N THR A 146 -47.05 -49.21 4.05
CA THR A 146 -48.43 -49.63 3.77
C THR A 146 -49.12 -48.65 2.83
N PHE A 147 -48.86 -47.35 2.99
CA PHE A 147 -49.38 -46.35 2.07
C PHE A 147 -48.80 -46.53 0.66
N ALA A 148 -47.54 -46.92 0.56
CA ALA A 148 -46.92 -47.16 -0.74
C ALA A 148 -47.41 -48.43 -1.40
N LYS A 149 -47.68 -49.47 -0.61
CA LYS A 149 -48.22 -50.69 -1.17
C LYS A 149 -49.66 -50.49 -1.62
N GLY A 150 -50.43 -49.68 -0.89
CA GLY A 150 -51.80 -49.42 -1.27
C GLY A 150 -51.94 -48.45 -2.41
N ASN A 151 -51.54 -47.20 -2.20
CA ASN A 151 -51.67 -46.14 -3.19
C ASN A 151 -50.30 -45.84 -3.78
N ASP A 152 -50.30 -45.08 -4.87
CA ASP A 152 -49.05 -44.60 -5.44
C ASP A 152 -48.48 -43.54 -4.50
N TRP A 153 -47.33 -43.83 -3.89
CA TRP A 153 -46.83 -43.02 -2.79
C TRP A 153 -46.24 -41.69 -3.22
N LEU A 154 -46.05 -41.46 -4.52
CA LEU A 154 -45.38 -40.24 -4.94
C LEU A 154 -46.36 -39.16 -5.36
N SER A 155 -47.46 -39.52 -6.03
CA SER A 155 -48.46 -38.54 -6.46
C SER A 155 -49.86 -39.09 -6.12
N ASP A 156 -50.30 -38.84 -4.90
CA ASP A 156 -51.64 -39.18 -4.43
C ASP A 156 -51.93 -38.34 -3.20
N ASP A 157 -53.20 -38.37 -2.78
CA ASP A 157 -53.53 -37.84 -1.46
C ASP A 157 -52.95 -38.79 -0.41
N PHE A 158 -52.67 -38.25 0.77
CA PHE A 158 -51.90 -39.01 1.75
C PHE A 158 -52.70 -40.14 2.38
N ILE A 159 -53.70 -39.79 3.20
CA ILE A 159 -54.51 -40.64 4.09
C ILE A 159 -53.82 -41.89 4.69
N ILE A 160 -53.63 -41.85 6.01
CA ILE A 160 -52.92 -42.94 6.69
C ILE A 160 -53.80 -44.17 6.74
N PRO A 161 -53.36 -45.30 6.19
CA PRO A 161 -54.24 -46.48 6.14
C PRO A 161 -54.17 -47.31 7.41
N GLU A 162 -54.97 -48.37 7.47
CA GLU A 162 -54.92 -49.30 8.59
C GLU A 162 -53.67 -50.16 8.47
N VAL A 163 -52.73 -49.97 9.40
CA VAL A 163 -51.45 -50.66 9.32
C VAL A 163 -51.41 -51.77 10.37
N LYS A 164 -50.67 -52.83 10.04
CA LYS A 164 -50.46 -53.97 10.90
C LYS A 164 -48.98 -54.05 11.23
N HIS A 165 -48.59 -55.11 11.95
CA HIS A 165 -47.20 -55.33 12.29
C HIS A 165 -46.49 -55.97 11.10
N SER A 166 -45.47 -55.30 10.58
CA SER A 166 -44.70 -55.81 9.46
C SER A 166 -43.26 -56.06 9.91
N ASP A 167 -42.75 -57.26 9.59
CA ASP A 167 -41.37 -57.57 9.93
C ASP A 167 -40.39 -56.80 9.05
N ASN A 168 -40.75 -56.56 7.80
CA ASN A 168 -39.89 -55.81 6.88
C ASN A 168 -40.72 -54.78 6.14
N VAL A 169 -40.16 -53.61 5.92
CA VAL A 169 -40.89 -52.55 5.22
C VAL A 169 -40.14 -52.14 3.96
N PHE A 170 -39.10 -52.87 3.63
CA PHE A 170 -38.28 -52.49 2.48
C PHE A 170 -38.61 -53.33 1.25
N GLY A 171 -39.03 -52.67 0.18
CA GLY A 171 -39.36 -53.37 -1.04
C GLY A 171 -38.27 -53.29 -2.07
N ASP A 172 -38.64 -52.98 -3.31
CA ASP A 172 -37.66 -52.94 -4.39
C ASP A 172 -37.41 -51.53 -4.90
N ASP A 173 -38.44 -50.68 -4.87
CA ASP A 173 -38.29 -49.32 -5.38
C ASP A 173 -37.15 -48.64 -4.68
N GLN A 174 -36.11 -48.30 -5.42
CA GLN A 174 -34.92 -47.72 -4.82
C GLN A 174 -35.15 -46.41 -4.05
N VAL A 175 -35.99 -45.53 -4.60
CA VAL A 175 -36.25 -44.24 -3.94
C VAL A 175 -37.15 -44.40 -2.73
N LEU A 176 -38.14 -45.28 -2.80
CA LEU A 176 -39.00 -45.53 -1.65
C LEU A 176 -38.14 -46.12 -0.56
N ASN A 177 -37.29 -47.06 -0.92
CA ASN A 177 -36.39 -47.70 0.03
C ASN A 177 -35.47 -46.68 0.70
N ALA A 178 -35.05 -45.67 -0.05
CA ALA A 178 -34.26 -44.57 0.54
C ALA A 178 -35.08 -43.80 1.57
N VAL A 179 -36.35 -43.51 1.24
CA VAL A 179 -37.22 -42.78 2.16
C VAL A 179 -37.51 -43.61 3.41
N LEU A 180 -37.75 -44.91 3.22
CA LEU A 180 -37.97 -45.84 4.34
C LEU A 180 -36.75 -45.96 5.24
N TRP A 181 -35.55 -46.03 4.67
CA TRP A 181 -34.36 -46.11 5.50
C TRP A 181 -34.11 -44.79 6.23
N LEU A 182 -34.43 -43.66 5.61
CA LEU A 182 -34.32 -42.38 6.30
C LEU A 182 -35.32 -42.27 7.44
N ILE A 183 -36.53 -42.79 7.25
CA ILE A 183 -37.54 -42.74 8.29
C ILE A 183 -37.15 -43.65 9.46
N ASN A 184 -36.75 -44.88 9.16
CA ASN A 184 -36.49 -45.86 10.22
C ASN A 184 -35.21 -45.56 10.99
N THR A 185 -34.21 -44.99 10.32
CA THR A 185 -32.91 -44.75 10.93
C THR A 185 -32.68 -43.27 11.22
N HIS A 186 -33.74 -42.56 11.62
CA HIS A 186 -33.59 -41.19 12.07
C HIS A 186 -33.24 -41.11 13.55
N HIS A 187 -33.23 -42.23 14.26
CA HIS A 187 -32.70 -42.30 15.61
C HIS A 187 -31.53 -43.28 15.73
N LYS A 188 -31.66 -44.49 15.20
CA LYS A 188 -30.59 -45.47 15.23
C LYS A 188 -30.68 -46.35 13.99
N LYS A 189 -29.54 -46.89 13.57
CA LYS A 189 -29.49 -47.74 12.40
C LYS A 189 -29.87 -49.16 12.76
N GLY A 190 -30.43 -49.89 11.80
CA GLY A 190 -30.77 -51.28 12.02
C GLY A 190 -29.54 -52.16 12.06
N LEU A 191 -29.59 -53.18 12.91
CA LEU A 191 -28.46 -54.06 13.13
C LEU A 191 -28.83 -55.46 12.67
N VAL A 192 -27.97 -56.07 11.85
CA VAL A 192 -28.25 -57.37 11.24
C VAL A 192 -27.34 -58.39 11.92
N GLU A 193 -27.95 -59.34 12.63
CA GLU A 193 -27.25 -60.42 13.29
C GLU A 193 -26.95 -61.59 12.37
N ASP A 194 -27.53 -61.61 11.18
CA ASP A 194 -27.54 -62.82 10.37
C ASP A 194 -26.18 -63.03 9.72
N PRO A 195 -25.55 -64.20 9.91
CA PRO A 195 -24.21 -64.42 9.34
C PRO A 195 -24.20 -64.55 7.84
N ILE A 196 -25.20 -65.19 7.25
CA ILE A 196 -25.26 -65.33 5.80
C ILE A 196 -25.53 -63.97 5.14
N TYR A 197 -26.43 -63.18 5.75
CA TYR A 197 -26.69 -61.83 5.27
C TYR A 197 -25.46 -60.95 5.39
N ARG A 198 -24.74 -61.03 6.53
CA ARG A 198 -23.48 -60.32 6.68
C ARG A 198 -22.41 -60.82 5.73
N ALA A 199 -22.51 -62.07 5.30
CA ALA A 199 -21.55 -62.67 4.38
C ALA A 199 -21.77 -62.20 2.95
N THR A 200 -23.03 -62.03 2.54
CA THR A 200 -23.36 -61.90 1.13
C THR A 200 -23.90 -60.54 0.71
N LYS A 201 -24.58 -59.80 1.58
CA LYS A 201 -25.33 -58.64 1.14
C LYS A 201 -24.40 -57.45 0.87
N THR A 202 -24.53 -56.87 -0.33
CA THR A 202 -23.65 -55.82 -0.81
C THR A 202 -24.39 -54.60 -1.35
N MET A 203 -25.49 -54.78 -2.08
CA MET A 203 -26.12 -53.69 -2.79
C MET A 203 -26.94 -52.82 -1.85
N PHE A 204 -27.69 -51.88 -2.41
CA PHE A 204 -28.39 -50.88 -1.59
C PHE A 204 -29.69 -51.49 -1.06
N THR A 205 -30.60 -51.84 -1.98
CA THR A 205 -31.85 -52.47 -1.58
C THR A 205 -31.65 -53.92 -1.17
N GLU A 206 -30.65 -54.58 -1.74
CA GLU A 206 -30.48 -56.00 -1.51
C GLU A 206 -29.95 -56.25 -0.11
N THR A 207 -29.25 -55.27 0.48
CA THR A 207 -28.96 -55.30 1.91
C THR A 207 -30.12 -54.75 2.73
N LEU A 208 -30.83 -53.75 2.21
CA LEU A 208 -31.90 -53.08 2.97
C LEU A 208 -33.10 -53.98 3.18
N GLN A 209 -33.29 -54.99 2.32
CA GLN A 209 -34.38 -55.93 2.49
C GLN A 209 -34.15 -56.86 3.67
N CYS A 210 -32.92 -56.94 4.17
CA CYS A 210 -32.57 -57.75 5.33
C CYS A 210 -32.68 -56.98 6.64
N VAL A 211 -33.02 -55.70 6.59
CA VAL A 211 -33.18 -54.89 7.79
C VAL A 211 -34.60 -55.10 8.29
N ASN A 212 -34.75 -55.90 9.33
CA ASN A 212 -36.04 -56.26 9.88
C ASN A 212 -36.29 -55.51 11.17
N VAL A 213 -37.46 -55.75 11.77
CA VAL A 213 -37.83 -55.10 13.02
C VAL A 213 -37.03 -55.65 14.20
N ASN A 214 -36.48 -56.85 14.07
CA ASN A 214 -35.75 -57.47 15.18
C ASN A 214 -34.36 -56.89 15.38
N GLY A 215 -33.92 -55.98 14.53
CA GLY A 215 -32.63 -55.35 14.69
C GLY A 215 -32.65 -54.12 15.58
N GLY A 216 -33.29 -54.24 16.74
CA GLY A 216 -33.27 -53.16 17.72
C GLY A 216 -34.59 -52.49 17.96
N TRP A 217 -35.45 -52.44 16.93
CA TRP A 217 -36.73 -51.75 17.08
C TRP A 217 -37.71 -52.56 17.93
N PHE A 218 -37.79 -53.86 17.68
CA PHE A 218 -38.72 -54.73 18.39
C PHE A 218 -38.15 -55.05 19.77
N ASN A 219 -38.43 -54.17 20.73
CA ASN A 219 -37.91 -54.34 22.09
C ASN A 219 -38.47 -55.56 22.81
N TYR A 220 -39.76 -55.55 23.12
CA TYR A 220 -40.34 -56.67 23.85
C TYR A 220 -41.63 -57.22 23.22
N GLY A 221 -42.48 -56.36 22.69
CA GLY A 221 -43.60 -56.82 21.87
C GLY A 221 -44.74 -57.54 22.56
N ASP A 222 -45.47 -56.86 23.45
CA ASP A 222 -46.73 -57.41 23.94
C ASP A 222 -47.93 -56.50 23.69
N ASN A 223 -47.69 -55.25 23.28
CA ASN A 223 -48.77 -54.29 23.06
C ASN A 223 -48.67 -53.77 21.63
N ILE A 224 -48.50 -54.71 20.69
CA ILE A 224 -48.31 -54.37 19.28
C ILE A 224 -49.58 -53.80 18.67
N ASP A 225 -50.73 -54.39 19.03
CA ASP A 225 -52.02 -53.94 18.48
C ASP A 225 -52.36 -52.52 18.89
N GLU A 226 -51.99 -52.13 20.11
CA GLU A 226 -52.13 -50.73 20.50
C GLU A 226 -51.06 -49.87 19.86
N CYS A 227 -49.89 -50.44 19.56
CA CYS A 227 -48.84 -49.70 18.89
C CYS A 227 -49.11 -49.48 17.42
N TYR A 228 -50.12 -50.15 16.84
CA TYR A 228 -50.43 -49.94 15.44
C TYR A 228 -51.86 -49.45 15.21
N LYS A 229 -52.58 -49.03 16.25
CA LYS A 229 -53.84 -48.34 16.05
C LYS A 229 -53.56 -46.85 16.18
N ILE A 230 -53.94 -46.10 15.12
CA ILE A 230 -53.34 -44.81 14.81
C ILE A 230 -54.46 -43.85 14.45
N ASP A 231 -54.32 -42.60 14.90
CA ASP A 231 -55.24 -41.56 14.48
C ASP A 231 -54.61 -40.75 13.36
N THR A 232 -55.46 -39.99 12.66
CA THR A 232 -55.09 -39.30 11.43
C THR A 232 -55.43 -37.81 11.55
N SER A 233 -54.96 -37.21 12.65
CA SER A 233 -55.19 -35.79 12.91
C SER A 233 -54.15 -34.89 12.28
N PHE A 234 -53.24 -35.43 11.47
CA PHE A 234 -52.24 -34.60 10.81
C PHE A 234 -52.77 -33.87 9.59
N ILE A 235 -53.97 -34.24 9.10
CA ILE A 235 -54.45 -33.68 7.85
C ILE A 235 -54.91 -32.25 8.13
N THR A 236 -53.99 -31.31 7.93
CA THR A 236 -54.21 -29.89 8.18
C THR A 236 -53.85 -29.13 6.91
N ASP A 237 -53.76 -27.81 6.98
CA ASP A 237 -53.44 -27.04 5.78
C ASP A 237 -51.96 -27.14 5.45
N THR A 238 -51.11 -26.60 6.34
CA THR A 238 -49.71 -26.40 6.01
C THR A 238 -48.93 -27.71 5.95
N TYR A 239 -49.33 -28.71 6.75
CA TYR A 239 -48.68 -30.02 6.69
C TYR A 239 -48.94 -30.69 5.34
N VAL A 240 -50.17 -30.61 4.85
CA VAL A 240 -50.52 -31.28 3.59
C VAL A 240 -49.86 -30.58 2.42
N LYS A 241 -49.86 -29.24 2.38
CA LYS A 241 -49.14 -28.54 1.31
C LYS A 241 -47.62 -28.71 1.39
N GLN A 242 -47.05 -28.79 2.59
CA GLN A 242 -45.61 -29.07 2.69
C GLN A 242 -45.27 -30.46 2.20
N LEU A 243 -46.09 -31.45 2.57
CA LEU A 243 -45.91 -32.83 2.10
C LEU A 243 -46.07 -32.91 0.59
N ASN A 244 -47.05 -32.19 0.04
CA ASN A 244 -47.27 -32.21 -1.40
C ASN A 244 -46.12 -31.54 -2.15
N ARG A 245 -45.61 -30.41 -1.65
CA ARG A 245 -44.55 -29.74 -2.39
C ARG A 245 -43.25 -30.53 -2.32
N TYR A 246 -42.96 -31.17 -1.19
CA TYR A 246 -41.74 -31.97 -1.09
C TYR A 246 -41.84 -33.30 -1.84
N ARG A 247 -43.03 -33.87 -1.90
CA ARG A 247 -43.20 -35.13 -2.63
C ARG A 247 -43.08 -34.91 -4.11
N LYS A 248 -43.55 -33.76 -4.57
CA LYS A 248 -43.47 -33.46 -5.99
C LYS A 248 -42.07 -33.03 -6.34
N LYS A 249 -41.33 -32.50 -5.37
CA LYS A 249 -39.94 -32.16 -5.60
C LYS A 249 -39.20 -33.46 -5.82
N LEU A 250 -39.43 -34.43 -4.94
CA LEU A 250 -38.80 -35.74 -5.10
C LEU A 250 -39.23 -36.36 -6.43
N LEU A 251 -40.52 -36.27 -6.74
CA LEU A 251 -41.03 -36.82 -8.00
C LEU A 251 -40.28 -36.27 -9.20
N ALA A 252 -40.00 -34.96 -9.19
CA ALA A 252 -39.32 -34.34 -10.30
C ALA A 252 -37.82 -34.63 -10.38
N THR A 253 -37.20 -35.00 -9.26
CA THR A 253 -35.75 -35.20 -9.27
C THR A 253 -35.32 -36.66 -9.17
N LYS A 254 -36.25 -37.57 -8.93
CA LYS A 254 -35.84 -38.96 -8.74
C LYS A 254 -35.39 -39.61 -10.05
N HIS A 255 -35.47 -38.89 -11.17
CA HIS A 255 -34.98 -39.46 -12.42
C HIS A 255 -33.46 -39.51 -12.47
N ILE A 256 -32.79 -38.62 -11.73
CA ILE A 256 -31.33 -38.66 -11.62
C ILE A 256 -30.86 -39.63 -10.54
N TRP A 257 -31.77 -40.16 -9.73
CA TRP A 257 -31.39 -41.06 -8.65
C TRP A 257 -30.96 -42.42 -9.19
N PHE A 258 -31.63 -42.90 -10.23
CA PHE A 258 -31.27 -44.17 -10.85
C PHE A 258 -30.00 -44.10 -11.68
N THR A 259 -29.54 -42.91 -12.02
CA THR A 259 -28.28 -42.74 -12.72
C THR A 259 -27.09 -42.63 -11.78
N LEU A 260 -27.33 -42.81 -10.48
CA LEU A 260 -26.24 -42.77 -9.50
C LEU A 260 -25.61 -44.14 -9.37
N GLY A 261 -24.47 -44.21 -8.69
CA GLY A 261 -23.82 -45.50 -8.46
C GLY A 261 -24.10 -45.92 -7.03
N GLU A 262 -23.71 -47.13 -6.68
CA GLU A 262 -23.89 -47.61 -5.30
C GLU A 262 -23.20 -46.66 -4.33
N ASP A 263 -21.93 -46.37 -4.59
CA ASP A 263 -21.17 -45.45 -3.74
C ASP A 263 -21.86 -44.10 -3.55
N GLN A 264 -22.47 -43.57 -4.61
CA GLN A 264 -23.18 -42.31 -4.51
C GLN A 264 -24.36 -42.47 -3.58
N LYS A 265 -25.23 -43.42 -3.87
CA LYS A 265 -26.42 -43.64 -3.06
C LYS A 265 -26.11 -43.75 -1.58
N ILE A 266 -25.06 -44.49 -1.22
CA ILE A 266 -24.70 -44.65 0.19
C ILE A 266 -24.27 -43.31 0.80
N ALA A 267 -23.41 -42.57 0.12
CA ALA A 267 -22.93 -41.30 0.66
C ALA A 267 -24.02 -40.24 0.71
N ILE A 268 -24.88 -40.21 -0.31
CA ILE A 268 -25.97 -39.25 -0.35
C ILE A 268 -26.98 -39.55 0.75
N LEU A 269 -27.26 -40.82 1.00
CA LEU A 269 -28.22 -41.17 2.05
C LEU A 269 -27.62 -40.97 3.44
N GLN A 270 -26.29 -41.11 3.56
CA GLN A 270 -25.62 -40.74 4.81
C GLN A 270 -25.75 -39.24 5.08
N GLU A 271 -25.56 -38.42 4.04
CA GLU A 271 -25.76 -36.98 4.18
C GLU A 271 -27.19 -36.64 4.54
N CYS A 272 -28.15 -37.33 3.91
CA CYS A 272 -29.56 -37.10 4.20
C CYS A 272 -29.91 -37.49 5.64
N ARG A 273 -29.36 -38.60 6.12
CA ARG A 273 -29.60 -39.01 7.49
C ARG A 273 -28.98 -38.04 8.49
N VAL A 274 -27.78 -37.53 8.18
CA VAL A 274 -27.12 -36.57 9.06
C VAL A 274 -27.91 -35.27 9.12
N ALA A 275 -28.39 -34.76 7.98
CA ALA A 275 -29.23 -33.58 7.97
C ALA A 275 -30.56 -33.82 8.66
N LEU A 276 -31.09 -35.05 8.57
CA LEU A 276 -32.36 -35.35 9.23
C LEU A 276 -32.22 -35.39 10.74
N MET A 277 -31.13 -35.97 11.26
CA MET A 277 -30.94 -35.89 12.71
C MET A 277 -30.61 -34.47 13.15
N LEU A 278 -29.94 -33.69 12.29
CA LEU A 278 -29.65 -32.30 12.61
C LEU A 278 -30.94 -31.50 12.78
N GLY A 279 -31.86 -31.65 11.83
CA GLY A 279 -33.14 -30.96 11.94
C GLY A 279 -34.00 -31.48 13.09
N ASP A 280 -34.00 -32.80 13.30
CA ASP A 280 -34.81 -33.40 14.35
C ASP A 280 -34.32 -32.98 15.74
N SER A 281 -33.00 -33.02 15.96
CA SER A 281 -32.46 -32.60 17.24
C SER A 281 -32.53 -31.09 17.43
N ASN A 282 -32.43 -30.33 16.32
CA ASN A 282 -32.58 -28.88 16.42
C ASN A 282 -33.99 -28.48 16.82
N PHE A 283 -35.00 -29.15 16.27
CA PHE A 283 -36.35 -28.82 16.69
C PHE A 283 -36.72 -29.45 18.03
N SER A 284 -36.10 -30.57 18.40
CA SER A 284 -36.38 -31.16 19.70
C SER A 284 -35.67 -30.45 20.83
N SER A 285 -34.60 -29.70 20.55
CA SER A 285 -33.87 -29.01 21.59
C SER A 285 -34.61 -27.77 22.06
N ASP A 286 -35.03 -26.91 21.13
CA ASP A 286 -35.71 -25.68 21.49
C ASP A 286 -37.16 -25.94 21.87
N LEU A 287 -37.70 -25.06 22.71
CA LEU A 287 -39.09 -25.14 23.15
C LEU A 287 -39.90 -24.15 22.32
N ILE A 288 -40.89 -24.65 21.60
CA ILE A 288 -41.69 -23.78 20.74
C ILE A 288 -42.92 -23.23 21.49
N GLY A 289 -43.38 -23.92 22.53
CA GLY A 289 -44.47 -23.41 23.35
C GLY A 289 -45.87 -23.75 22.87
N GLY A 290 -46.23 -23.27 21.67
CA GLY A 290 -47.59 -23.43 21.21
C GLY A 290 -47.89 -24.86 20.76
N ASP A 291 -49.17 -25.22 20.87
CA ASP A 291 -49.61 -26.56 20.51
C ASP A 291 -51.09 -26.55 20.18
N GLY A 292 -51.50 -27.44 19.29
CA GLY A 292 -52.88 -27.64 18.91
C GLY A 292 -53.54 -28.85 19.52
N SER A 293 -52.91 -29.48 20.51
CA SER A 293 -53.44 -30.58 21.32
C SER A 293 -53.80 -31.84 20.53
N HIS A 294 -54.31 -32.85 21.26
CA HIS A 294 -54.89 -34.12 20.82
C HIS A 294 -53.81 -35.09 20.32
N LEU A 295 -52.56 -34.63 20.20
CA LEU A 295 -51.46 -35.42 19.70
C LEU A 295 -50.18 -34.70 20.10
N TYR A 296 -49.16 -35.46 20.50
CA TYR A 296 -47.93 -34.86 20.99
C TYR A 296 -46.74 -35.73 20.61
N ALA A 297 -45.58 -35.09 20.55
CA ALA A 297 -44.35 -35.73 20.12
C ALA A 297 -43.31 -35.84 21.23
N ASN A 298 -42.94 -34.71 21.83
CA ASN A 298 -41.85 -34.67 22.78
C ASN A 298 -42.33 -34.13 24.11
N LEU A 299 -41.45 -34.21 25.11
CA LEU A 299 -41.71 -33.73 26.44
C LEU A 299 -40.65 -32.72 26.85
N ASP A 300 -41.03 -31.78 27.71
CA ASP A 300 -40.09 -30.80 28.22
C ASP A 300 -39.37 -31.36 29.45
N GLU A 301 -38.66 -30.50 30.17
CA GLU A 301 -37.98 -30.95 31.38
C GLU A 301 -38.95 -31.20 32.52
N CYS A 302 -40.11 -30.54 32.50
CA CYS A 302 -41.13 -30.75 33.50
C CYS A 302 -42.07 -31.90 33.16
N GLY A 303 -41.92 -32.50 31.98
CA GLY A 303 -42.78 -33.59 31.58
C GLY A 303 -44.13 -33.18 31.04
N ASN A 304 -44.38 -31.89 30.87
CA ASN A 304 -45.66 -31.43 30.36
C ASN A 304 -45.76 -31.68 28.86
N LEU A 305 -46.98 -31.61 28.34
CA LEU A 305 -47.24 -31.89 26.94
C LEU A 305 -46.87 -30.67 26.11
N LYS A 306 -45.98 -30.87 25.14
CA LYS A 306 -45.53 -29.80 24.26
C LYS A 306 -45.15 -30.40 22.92
N GLN A 307 -45.05 -29.53 21.92
CA GLN A 307 -44.61 -29.85 20.55
C GLN A 307 -45.54 -30.90 19.92
N THR A 308 -46.75 -30.46 19.62
CA THR A 308 -47.73 -31.32 18.96
C THR A 308 -47.22 -31.76 17.59
N LEU A 309 -47.67 -32.94 17.16
CA LEU A 309 -46.93 -33.72 16.17
C LEU A 309 -46.98 -33.11 14.78
N THR A 310 -48.05 -32.38 14.45
CA THR A 310 -48.13 -31.71 13.15
C THR A 310 -47.06 -30.63 13.02
N GLN A 311 -47.01 -29.72 14.00
CA GLN A 311 -45.98 -28.69 13.97
C GLN A 311 -44.61 -29.23 14.34
N HIS A 312 -44.54 -30.36 15.05
CA HIS A 312 -43.25 -31.02 15.25
C HIS A 312 -42.68 -31.55 13.94
N LEU A 313 -43.52 -32.21 13.13
CA LEU A 313 -43.09 -32.69 11.83
C LEU A 313 -42.71 -31.54 10.91
N LEU A 314 -43.49 -30.46 10.94
CA LEU A 314 -43.18 -29.29 10.11
C LEU A 314 -41.88 -28.62 10.56
N GLY A 315 -41.65 -28.52 11.87
CA GLY A 315 -40.43 -27.92 12.36
C GLY A 315 -39.20 -28.75 12.08
N VAL A 316 -39.31 -30.08 12.22
CA VAL A 316 -38.20 -30.96 11.88
C VAL A 316 -37.91 -30.90 10.39
N THR A 317 -38.96 -30.79 9.57
CA THR A 317 -38.74 -30.64 8.13
C THR A 317 -37.96 -29.38 7.79
N ASP A 318 -38.43 -28.23 8.24
CA ASP A 318 -37.75 -26.99 7.86
C ASP A 318 -36.35 -26.88 8.45
N CYS A 319 -36.16 -27.43 9.65
CA CYS A 319 -34.84 -27.39 10.28
C CYS A 319 -33.88 -28.30 9.55
N ALA A 320 -34.36 -29.43 9.03
CA ALA A 320 -33.51 -30.35 8.30
C ALA A 320 -33.24 -29.81 6.92
N LEU A 321 -34.19 -29.05 6.38
CA LEU A 321 -33.99 -28.45 5.07
C LEU A 321 -32.95 -27.36 5.21
N LYS A 322 -33.04 -26.60 6.29
CA LYS A 322 -32.06 -25.54 6.53
C LYS A 322 -30.72 -26.12 6.92
N ALA A 323 -30.72 -27.29 7.56
CA ALA A 323 -29.46 -27.94 7.89
C ALA A 323 -28.81 -28.28 6.58
N LEU A 324 -29.55 -28.98 5.72
CA LEU A 324 -29.01 -29.36 4.44
C LEU A 324 -28.48 -28.17 3.65
N PHE A 325 -29.23 -27.07 3.62
CA PHE A 325 -28.81 -25.90 2.86
C PHE A 325 -27.49 -25.34 3.38
N THR A 326 -27.35 -25.17 4.70
CA THR A 326 -26.10 -24.60 5.22
C THR A 326 -24.96 -25.60 5.19
N ILE A 327 -25.23 -26.91 5.26
CA ILE A 327 -24.09 -27.82 5.13
C ILE A 327 -23.73 -28.08 3.67
N ASN A 328 -24.62 -27.79 2.72
CA ASN A 328 -24.29 -28.02 1.33
C ASN A 328 -23.89 -26.75 0.59
N HIS A 329 -24.00 -25.59 1.22
CA HIS A 329 -23.67 -24.32 0.58
C HIS A 329 -22.86 -23.45 1.52
N HIS A 330 -21.82 -24.02 2.13
CA HIS A 330 -21.00 -23.32 3.11
C HIS A 330 -19.62 -23.04 2.53
N LYS A 331 -19.18 -21.79 2.62
CA LYS A 331 -17.77 -21.49 2.47
C LYS A 331 -17.20 -21.41 3.88
N PRO A 332 -16.52 -22.46 4.34
CA PRO A 332 -16.17 -22.56 5.76
C PRO A 332 -15.03 -21.64 6.15
N VAL A 333 -14.97 -21.34 7.44
CA VAL A 333 -13.96 -20.43 7.99
C VAL A 333 -12.64 -21.19 8.07
N LYS A 334 -11.61 -20.66 7.41
CA LYS A 334 -10.30 -21.28 7.38
C LYS A 334 -9.34 -20.56 8.33
N ALA A 335 -8.15 -21.12 8.47
CA ALA A 335 -7.18 -20.61 9.43
C ALA A 335 -6.47 -19.38 8.87
N ASN A 336 -5.64 -18.78 9.72
CA ASN A 336 -4.82 -17.67 9.30
C ASN A 336 -3.70 -18.16 8.38
N PHE A 337 -3.21 -17.25 7.55
CA PHE A 337 -2.01 -17.52 6.76
C PHE A 337 -0.83 -17.40 7.69
N ILE A 338 -0.33 -18.54 8.18
CA ILE A 338 0.79 -18.55 9.10
C ILE A 338 2.06 -18.12 8.37
N PRO A 339 2.70 -17.03 8.79
CA PRO A 339 3.86 -16.53 8.05
C PRO A 339 5.15 -17.24 8.40
N THR A 340 5.17 -18.05 9.46
CA THR A 340 6.37 -18.81 9.82
C THR A 340 6.42 -20.18 9.16
N ILE A 341 5.48 -20.47 8.26
CA ILE A 341 5.48 -21.72 7.53
C ILE A 341 6.05 -21.55 6.12
N ALA A 342 5.64 -20.48 5.43
CA ALA A 342 5.82 -20.34 4.00
C ALA A 342 7.28 -20.12 3.58
N GLU A 343 8.19 -19.85 4.50
CA GLU A 343 9.57 -19.69 4.10
C GLU A 343 10.25 -21.05 3.94
N LYS A 344 11.51 -21.03 3.56
CA LYS A 344 12.17 -22.28 3.27
C LYS A 344 12.74 -23.01 4.45
N GLY A 345 12.54 -24.31 4.49
CA GLY A 345 13.14 -25.14 5.51
C GLY A 345 14.65 -25.18 5.37
N GLU A 346 15.34 -25.15 6.50
CA GLU A 346 16.80 -25.09 6.51
C GLU A 346 17.37 -26.31 7.20
N GLY A 347 18.42 -26.87 6.60
CA GLY A 347 19.06 -28.06 7.13
C GLY A 347 18.20 -29.29 7.05
N LYS A 348 17.93 -29.91 8.20
CA LYS A 348 17.18 -31.15 8.26
C LYS A 348 15.70 -30.96 7.95
N PHE A 349 15.21 -29.74 7.87
CA PHE A 349 13.85 -29.44 7.41
C PHE A 349 13.83 -29.06 5.94
N ALA A 350 14.96 -29.18 5.23
CA ALA A 350 15.05 -28.72 3.86
C ALA A 350 14.23 -29.56 2.89
N TRP A 351 13.81 -30.76 3.29
CA TRP A 351 12.89 -31.55 2.48
C TRP A 351 11.47 -30.98 2.49
N GLN A 352 11.16 -30.10 3.45
CA GLN A 352 9.83 -29.50 3.54
C GLN A 352 9.53 -28.53 2.40
N ASN A 353 10.52 -28.19 1.57
CA ASN A 353 10.31 -27.48 0.31
C ASN A 353 9.74 -28.38 -0.78
N GLY A 354 9.45 -29.64 -0.49
CA GLY A 354 8.72 -30.49 -1.41
C GLY A 354 7.32 -30.00 -1.74
N VAL A 355 6.73 -29.16 -0.89
CA VAL A 355 5.47 -28.50 -1.21
C VAL A 355 5.59 -27.56 -2.40
N ASN A 356 6.81 -27.11 -2.73
CA ASN A 356 6.99 -26.33 -3.95
C ASN A 356 7.04 -27.20 -5.20
N MET A 357 6.93 -28.52 -5.04
CA MET A 357 6.71 -29.40 -6.19
C MET A 357 5.27 -29.86 -6.34
N VAL A 358 4.37 -29.46 -5.44
CA VAL A 358 2.97 -29.86 -5.51
C VAL A 358 2.16 -28.71 -6.10
N ASP A 359 1.13 -29.05 -6.89
CA ASP A 359 0.28 -28.03 -7.48
C ASP A 359 -0.59 -27.39 -6.39
N SER A 360 -0.70 -26.07 -6.44
CA SER A 360 -1.47 -25.35 -5.44
C SER A 360 -2.95 -25.26 -5.77
N SER A 361 -3.37 -25.74 -6.95
CA SER A 361 -4.76 -25.57 -7.40
C SER A 361 -5.49 -26.90 -7.53
N ILE A 362 -4.98 -27.97 -6.93
CA ILE A 362 -5.65 -29.25 -6.99
C ILE A 362 -6.80 -29.27 -6.01
N ASP A 363 -7.95 -29.79 -6.47
CA ASP A 363 -9.12 -29.90 -5.61
C ASP A 363 -8.99 -31.02 -4.59
N ASN A 364 -8.24 -32.07 -4.92
CA ASN A 364 -8.06 -33.20 -4.03
C ASN A 364 -6.58 -33.51 -3.90
N MET A 365 -6.24 -34.19 -2.81
CA MET A 365 -4.86 -34.54 -2.52
C MET A 365 -4.84 -35.67 -1.51
N PHE A 366 -4.05 -36.71 -1.80
CA PHE A 366 -3.85 -37.82 -0.87
C PHE A 366 -2.36 -37.90 -0.56
N CYS A 367 -1.96 -37.30 0.56
CA CYS A 367 -0.56 -37.32 0.97
C CYS A 367 -0.25 -38.57 1.75
N ILE A 368 0.81 -39.25 1.37
CA ILE A 368 1.39 -40.33 2.15
C ILE A 368 2.78 -39.86 2.55
N ASN A 369 2.89 -39.35 3.77
CA ASN A 369 4.11 -38.72 4.27
C ASN A 369 4.93 -39.78 5.00
N MET A 370 5.87 -40.38 4.27
CA MET A 370 6.69 -41.47 4.77
C MET A 370 8.00 -40.98 5.39
N ALA A 371 8.03 -39.73 5.86
CA ALA A 371 9.25 -39.18 6.43
C ALA A 371 9.50 -39.74 7.82
N SER A 372 10.78 -39.87 8.17
CA SER A 372 11.17 -40.44 9.45
C SER A 372 10.92 -39.45 10.58
N THR A 373 11.01 -39.96 11.80
CA THR A 373 10.77 -39.14 12.99
C THR A 373 11.90 -38.15 13.21
N GLY A 374 11.56 -37.03 13.85
CA GLY A 374 12.52 -35.98 14.11
C GLY A 374 12.72 -35.01 12.97
N LYS A 375 12.06 -35.22 11.83
CA LYS A 375 12.20 -34.35 10.68
C LYS A 375 11.11 -33.29 10.61
N GLY A 376 10.22 -33.23 11.59
CA GLY A 376 9.13 -32.26 11.56
C GLY A 376 8.02 -32.68 10.61
N LYS A 377 7.38 -33.81 10.91
CA LYS A 377 6.34 -34.32 10.02
C LYS A 377 5.08 -33.47 10.07
N THR A 378 4.66 -33.06 11.27
CA THR A 378 3.41 -32.32 11.41
C THR A 378 3.54 -30.90 10.87
N LEU A 379 4.73 -30.31 11.02
CA LEU A 379 5.01 -29.02 10.40
C LEU A 379 4.98 -29.12 8.88
N ALA A 380 5.46 -30.23 8.33
CA ALA A 380 5.40 -30.46 6.90
C ALA A 380 3.96 -30.68 6.44
N ASN A 381 3.13 -31.31 7.27
CA ASN A 381 1.72 -31.47 6.96
C ASN A 381 1.01 -30.13 6.92
N LEU A 382 1.31 -29.26 7.89
CA LEU A 382 0.74 -27.91 7.88
C LEU A 382 1.24 -27.10 6.68
N LYS A 383 2.49 -27.31 6.30
CA LYS A 383 3.04 -26.66 5.11
C LYS A 383 2.33 -27.13 3.85
N LEU A 384 2.05 -28.43 3.76
CA LEU A 384 1.34 -28.96 2.60
C LEU A 384 -0.10 -28.45 2.55
N LEU A 385 -0.74 -28.33 3.71
CA LEU A 385 -2.09 -27.75 3.74
C LEU A 385 -2.09 -26.28 3.36
N GLN A 386 -1.09 -25.53 3.80
CA GLN A 386 -1.03 -24.11 3.48
C GLN A 386 -0.51 -23.84 2.08
N HIS A 387 0.07 -24.83 1.40
CA HIS A 387 0.48 -24.62 0.02
C HIS A 387 -0.72 -24.45 -0.91
N PHE A 388 -1.86 -25.06 -0.60
CA PHE A 388 -3.05 -24.92 -1.42
C PHE A 388 -3.87 -23.68 -1.08
N GLY A 389 -3.44 -22.89 -0.09
CA GLY A 389 -4.18 -21.72 0.30
C GLY A 389 -4.31 -21.63 1.81
N ASN A 390 -5.45 -21.13 2.28
CA ASN A 390 -5.69 -21.10 3.71
C ASN A 390 -6.02 -22.50 4.22
N VAL A 391 -5.75 -22.73 5.49
CA VAL A 391 -5.79 -24.07 6.06
C VAL A 391 -7.14 -24.30 6.71
N ARG A 392 -7.76 -25.44 6.41
CA ARG A 392 -8.86 -25.95 7.22
C ARG A 392 -8.71 -27.46 7.32
N CYS A 393 -8.30 -27.93 8.48
CA CYS A 393 -7.91 -29.33 8.65
C CYS A 393 -8.26 -29.79 10.04
N SER A 394 -8.34 -31.12 10.18
CA SER A 394 -8.52 -31.77 11.47
C SER A 394 -7.29 -32.67 11.66
N PHE A 395 -6.39 -32.24 12.53
CA PHE A 395 -5.23 -33.04 12.90
C PHE A 395 -5.69 -34.07 13.90
N GLY A 396 -6.05 -35.25 13.41
CA GLY A 396 -6.48 -36.30 14.31
C GLY A 396 -5.30 -37.16 14.72
N LEU A 397 -4.95 -37.14 16.00
CA LEU A 397 -3.79 -37.89 16.46
C LEU A 397 -4.18 -38.84 17.58
N GLY A 398 -3.50 -39.99 17.63
CA GLY A 398 -3.57 -40.83 18.79
C GLY A 398 -2.89 -40.18 19.98
N MET A 399 -3.35 -40.59 21.17
CA MET A 399 -2.94 -40.13 22.50
C MET A 399 -3.28 -38.67 22.78
N VAL A 400 -3.49 -38.36 24.06
CA VAL A 400 -3.67 -36.98 24.46
C VAL A 400 -2.35 -36.21 24.35
N SER A 401 -1.25 -36.83 24.80
CA SER A 401 0.03 -36.13 24.89
C SER A 401 0.63 -35.83 23.51
N LEU A 402 0.34 -36.65 22.51
CA LEU A 402 0.82 -36.34 21.17
C LEU A 402 0.05 -35.18 20.56
N THR A 403 -1.25 -35.08 20.87
CA THR A 403 -2.00 -33.89 20.48
C THR A 403 -1.45 -32.65 21.20
N LYS A 404 -1.07 -32.81 22.47
CA LYS A 404 -0.42 -31.71 23.21
C LYS A 404 0.91 -31.31 22.58
N GLN A 405 1.69 -32.29 22.12
CA GLN A 405 2.97 -31.99 21.47
C GLN A 405 2.77 -31.26 20.15
N THR A 406 1.81 -31.71 19.33
CA THR A 406 1.53 -31.02 18.08
C THR A 406 0.93 -29.64 18.30
N ALA A 407 0.11 -29.49 19.35
CA ALA A 407 -0.40 -28.18 19.70
C ALA A 407 0.73 -27.25 20.15
N LYS A 408 1.69 -27.75 20.93
CA LYS A 408 2.78 -26.90 21.38
C LYS A 408 3.69 -26.49 20.22
N GLN A 409 3.91 -27.41 19.26
CA GLN A 409 4.62 -27.06 18.04
C GLN A 409 3.87 -26.01 17.23
N PHE A 410 2.55 -26.16 17.11
CA PHE A 410 1.74 -25.18 16.40
C PHE A 410 1.74 -23.82 17.10
N LEU A 411 1.70 -23.82 18.44
CA LEU A 411 1.75 -22.57 19.19
C LEU A 411 3.08 -21.87 19.04
N ASP A 412 4.20 -22.58 19.25
CA ASP A 412 5.46 -21.85 19.24
C ASP A 412 5.96 -21.55 17.84
N MET A 413 5.47 -22.22 16.79
CA MET A 413 5.96 -21.83 15.48
C MET A 413 5.18 -20.63 14.95
N GLY A 414 3.87 -20.77 14.68
CA GLY A 414 3.11 -19.60 14.27
C GLY A 414 1.62 -19.52 14.54
N VAL A 415 1.01 -20.54 15.12
CA VAL A 415 -0.44 -20.65 15.11
C VAL A 415 -0.97 -20.25 16.47
N ASP A 416 -1.91 -19.31 16.49
CA ASP A 416 -2.55 -18.88 17.71
C ASP A 416 -3.83 -19.69 17.93
N TYR A 417 -4.56 -19.35 18.99
CA TYR A 417 -5.80 -20.04 19.30
C TYR A 417 -7.00 -19.48 18.56
N ASN A 418 -6.81 -18.45 17.74
CA ASN A 418 -7.86 -17.99 16.85
C ASN A 418 -8.01 -18.87 15.62
N SER A 419 -7.06 -19.79 15.44
CA SER A 419 -7.09 -20.71 14.31
C SER A 419 -6.99 -22.15 14.80
N ALA A 420 -6.31 -22.35 15.93
CA ALA A 420 -6.12 -23.71 16.45
C ALA A 420 -7.06 -24.06 17.58
N ALA A 421 -7.42 -25.33 17.68
CA ALA A 421 -8.31 -25.78 18.74
C ALA A 421 -7.87 -27.15 19.22
N MET A 422 -7.14 -27.20 20.33
CA MET A 422 -6.75 -28.50 20.87
C MET A 422 -7.86 -29.20 21.66
N VAL A 423 -8.35 -30.32 21.14
CA VAL A 423 -9.45 -31.01 21.79
C VAL A 423 -9.09 -32.36 22.38
N THR A 424 -9.17 -32.49 23.70
CA THR A 424 -8.93 -33.76 24.35
C THR A 424 -10.18 -33.88 25.21
N GLY A 425 -11.05 -34.84 24.91
CA GLY A 425 -12.31 -34.88 25.64
C GLY A 425 -12.37 -35.73 26.89
N PHE A 426 -11.49 -35.47 27.86
CA PHE A 426 -11.56 -36.15 29.14
C PHE A 426 -11.37 -35.25 30.35
N SER A 427 -10.87 -34.03 30.17
CA SER A 427 -10.57 -33.05 31.23
C SER A 427 -9.62 -33.65 32.27
N LYS A 428 -8.41 -33.98 31.81
CA LYS A 428 -7.41 -34.57 32.68
C LYS A 428 -6.87 -33.53 33.66
N SER A 429 -6.47 -34.01 34.84
CA SER A 429 -5.99 -33.16 35.92
C SER A 429 -4.46 -33.09 35.97
N ARG A 430 -3.80 -33.18 34.82
CA ARG A 430 -2.34 -33.08 34.75
C ARG A 430 -1.98 -31.61 34.58
N PHE A 431 -1.58 -30.98 35.69
CA PHE A 431 -1.22 -29.57 35.71
C PHE A 431 0.28 -29.41 35.77
N ASN A 432 0.74 -28.22 35.37
CA ASN A 432 2.16 -27.88 35.38
C ASN A 432 2.48 -27.14 36.68
N LEU A 433 3.46 -27.65 37.42
CA LEU A 433 3.87 -27.06 38.69
C LEU A 433 5.20 -26.33 38.53
N GLY A 434 5.71 -25.83 39.65
CA GLY A 434 6.98 -25.12 39.66
C GLY A 434 6.83 -23.62 39.50
N SER A 435 6.36 -23.19 38.33
CA SER A 435 6.20 -21.77 38.05
C SER A 435 5.14 -21.60 36.97
N GLU A 436 4.03 -20.95 37.31
CA GLU A 436 2.96 -20.72 36.33
C GLU A 436 3.35 -19.61 35.36
N SER A 437 4.03 -18.57 35.84
CA SER A 437 4.41 -17.45 34.98
C SER A 437 5.59 -17.80 34.07
N LEU A 438 6.54 -18.61 34.55
CA LEU A 438 7.72 -18.97 33.78
C LEU A 438 7.56 -20.32 33.09
N ASP A 439 6.33 -20.67 32.70
CA ASP A 439 6.09 -21.98 32.08
C ASP A 439 6.48 -21.98 30.61
N GLN A 440 5.84 -21.11 29.82
CA GLN A 440 5.96 -21.05 28.35
C GLN A 440 5.67 -22.41 27.70
N ASP A 441 4.67 -23.10 28.24
CA ASP A 441 4.29 -24.44 27.82
C ASP A 441 2.85 -24.66 28.24
N GLU A 442 2.41 -25.93 28.25
CA GLU A 442 1.10 -26.38 28.71
C GLU A 442 -0.03 -25.73 27.90
N VAL A 443 -0.09 -26.12 26.64
CA VAL A 443 -1.15 -25.68 25.73
C VAL A 443 -2.52 -26.08 26.27
N SER A 444 -3.43 -25.12 26.32
CA SER A 444 -4.66 -25.25 27.10
C SER A 444 -5.89 -25.17 26.19
N VAL A 445 -7.05 -25.13 26.82
CA VAL A 445 -8.33 -25.16 26.14
C VAL A 445 -9.04 -23.83 26.33
N GLU A 446 -8.83 -22.88 25.41
CA GLU A 446 -9.62 -21.65 25.41
C GLU A 446 -10.37 -21.42 24.09
N TYR A 447 -9.69 -21.45 22.95
CA TYR A 447 -10.28 -21.27 21.61
C TYR A 447 -11.10 -19.98 21.49
N TRP A 448 -10.38 -18.86 21.45
CA TRP A 448 -11.01 -17.58 21.12
C TRP A 448 -11.74 -17.67 19.79
N GLY A 449 -11.06 -18.19 18.76
CA GLY A 449 -11.50 -18.72 17.48
C GLY A 449 -12.53 -17.89 16.77
N GLN A 450 -13.42 -18.57 16.05
CA GLN A 450 -14.53 -17.93 15.35
C GLN A 450 -15.64 -18.95 15.19
N THR A 451 -16.84 -18.63 15.69
CA THR A 451 -17.96 -19.54 15.61
C THR A 451 -18.49 -19.61 14.19
N SER A 452 -18.57 -20.82 13.63
CA SER A 452 -19.02 -21.00 12.27
C SER A 452 -20.53 -20.81 12.16
N SER A 453 -21.01 -20.67 10.93
CA SER A 453 -22.42 -20.50 10.66
C SER A 453 -23.21 -21.80 10.75
N LEU A 454 -22.53 -22.93 10.90
CA LEU A 454 -23.18 -24.23 11.02
C LEU A 454 -23.73 -24.49 12.41
N SER A 455 -23.44 -23.62 13.38
CA SER A 455 -23.91 -23.85 14.74
C SER A 455 -25.41 -23.59 14.88
N LYS A 456 -25.99 -22.83 13.96
CA LYS A 456 -27.42 -22.51 14.06
C LYS A 456 -28.31 -23.67 13.64
N VAL A 457 -27.78 -24.66 12.92
CA VAL A 457 -28.59 -25.80 12.51
C VAL A 457 -28.38 -27.02 13.41
N PHE A 458 -27.41 -26.97 14.30
CA PHE A 458 -27.22 -27.99 15.30
C PHE A 458 -28.25 -27.82 16.41
N PRO A 459 -28.50 -28.85 17.23
CA PRO A 459 -29.38 -28.69 18.39
C PRO A 459 -28.84 -27.67 19.37
N ASN A 460 -29.76 -26.90 19.96
CA ASN A 460 -29.61 -25.84 20.97
C ASN A 460 -28.34 -24.99 20.82
N ASN A 461 -28.08 -24.52 19.59
CA ASN A 461 -26.90 -23.75 19.20
C ASN A 461 -25.62 -24.52 19.56
N ASN A 462 -25.47 -25.64 18.85
CA ASN A 462 -24.41 -26.63 19.02
C ASN A 462 -24.38 -27.19 20.43
N ALA A 463 -23.48 -26.68 21.25
CA ALA A 463 -23.37 -27.06 22.66
C ALA A 463 -22.60 -25.95 23.36
N GLY A 464 -22.03 -26.28 24.51
CA GLY A 464 -21.14 -25.37 25.18
C GLY A 464 -19.77 -25.38 24.56
N PHE A 465 -18.75 -25.60 25.38
CA PHE A 465 -17.37 -25.34 25.00
C PHE A 465 -16.89 -26.36 23.95
N LYS A 466 -17.19 -27.64 24.18
CA LYS A 466 -16.52 -28.72 23.45
C LYS A 466 -16.96 -28.79 22.00
N ASN A 467 -18.27 -28.76 21.74
CA ASN A 467 -18.72 -28.87 20.36
C ASN A 467 -18.52 -27.59 19.57
N LYS A 468 -18.47 -26.44 20.25
CA LYS A 468 -18.04 -25.21 19.59
C LYS A 468 -16.59 -25.32 19.14
N LYS A 469 -15.73 -25.91 19.98
CA LYS A 469 -14.36 -26.17 19.58
C LYS A 469 -14.28 -27.22 18.47
N LEU A 470 -15.21 -28.18 18.46
CA LEU A 470 -15.21 -29.20 17.41
C LEU A 470 -15.57 -28.61 16.06
N LEU A 471 -16.79 -28.04 15.96
CA LEU A 471 -17.35 -27.68 14.66
C LEU A 471 -16.68 -26.45 14.07
N SER A 472 -16.46 -25.43 14.88
CA SER A 472 -16.04 -24.13 14.39
C SER A 472 -14.54 -24.01 14.22
N ALA A 473 -13.78 -25.07 14.46
CA ALA A 473 -12.32 -24.98 14.37
C ALA A 473 -11.87 -24.90 12.93
N PRO A 474 -11.03 -23.94 12.56
CA PRO A 474 -10.35 -24.02 11.27
C PRO A 474 -9.33 -25.17 11.29
N ILE A 475 -8.44 -25.15 12.27
CA ILE A 475 -7.52 -26.26 12.52
C ILE A 475 -7.95 -26.90 13.82
N LEU A 476 -8.25 -28.19 13.77
CA LEU A 476 -8.76 -28.93 14.93
C LEU A 476 -7.72 -29.97 15.33
N VAL A 477 -6.84 -29.63 16.25
CA VAL A 477 -5.85 -30.61 16.71
C VAL A 477 -6.57 -31.40 17.80
N THR A 478 -6.94 -32.62 17.47
CA THR A 478 -7.82 -33.38 18.32
C THR A 478 -7.35 -34.81 18.49
N THR A 479 -7.80 -35.41 19.58
CA THR A 479 -7.75 -36.86 19.64
C THR A 479 -8.69 -37.43 18.58
N THR A 480 -8.34 -38.60 18.07
CA THR A 480 -8.92 -39.10 16.84
C THR A 480 -10.38 -39.55 17.06
N ASP A 481 -10.75 -39.93 18.28
CA ASP A 481 -12.10 -40.42 18.56
C ASP A 481 -13.17 -39.34 18.45
N HIS A 482 -12.78 -38.07 18.36
CA HIS A 482 -13.71 -37.01 18.02
C HIS A 482 -13.94 -36.90 16.52
N LEU A 483 -13.29 -37.75 15.72
CA LEU A 483 -13.45 -37.74 14.28
C LEU A 483 -13.94 -39.05 13.70
N VAL A 484 -13.66 -40.20 14.33
CA VAL A 484 -14.08 -41.48 13.79
C VAL A 484 -15.57 -41.75 13.96
N LYS A 485 -16.28 -40.94 14.73
CA LYS A 485 -17.72 -41.08 14.83
C LYS A 485 -18.46 -40.46 13.65
N ALA A 486 -17.72 -39.83 12.72
CA ALA A 486 -18.34 -39.30 11.50
C ALA A 486 -18.89 -40.42 10.64
N SER A 487 -18.23 -41.58 10.64
CA SER A 487 -18.66 -42.70 9.81
C SER A 487 -19.98 -43.30 10.28
N GLY A 488 -20.40 -43.04 11.51
CA GLY A 488 -21.70 -43.46 11.99
C GLY A 488 -21.62 -43.98 13.41
N VAL A 489 -22.77 -44.01 14.08
CA VAL A 489 -22.85 -44.46 15.46
C VAL A 489 -24.01 -45.43 15.63
N LYS A 490 -24.00 -46.13 16.77
CA LYS A 490 -25.09 -47.02 17.15
C LYS A 490 -26.36 -46.24 17.48
N LYS A 491 -26.31 -45.49 18.57
CA LYS A 491 -27.48 -44.85 19.16
C LYS A 491 -27.17 -43.37 19.32
N GLY A 492 -28.06 -42.52 18.83
CA GLY A 492 -28.00 -41.10 19.11
C GLY A 492 -27.53 -40.30 17.91
N ASN A 493 -27.30 -39.01 18.19
CA ASN A 493 -26.91 -38.03 17.19
C ASN A 493 -25.46 -37.61 17.34
N LYS A 494 -24.59 -38.54 17.71
CA LYS A 494 -23.17 -38.25 17.85
C LYS A 494 -22.42 -38.33 16.54
N GLN A 495 -23.08 -38.74 15.46
CA GLN A 495 -22.44 -38.81 14.15
C GLN A 495 -22.34 -37.43 13.51
N MET A 496 -23.35 -36.58 13.74
CA MET A 496 -23.52 -35.36 12.97
C MET A 496 -22.41 -34.35 13.19
N LEU A 497 -21.93 -34.20 14.42
CA LEU A 497 -20.88 -33.20 14.68
C LEU A 497 -19.54 -33.54 14.01
N PRO A 498 -18.97 -34.75 14.14
CA PRO A 498 -17.78 -35.04 13.33
C PRO A 498 -18.06 -35.19 11.86
N TYR A 499 -19.30 -35.54 11.47
CA TYR A 499 -19.65 -35.61 10.05
C TYR A 499 -19.58 -34.24 9.40
N VAL A 500 -20.24 -33.25 10.01
CA VAL A 500 -20.25 -31.90 9.49
C VAL A 500 -18.88 -31.25 9.67
N ARG A 501 -18.11 -31.69 10.67
CA ARG A 501 -16.72 -31.25 10.82
C ARG A 501 -15.86 -31.72 9.65
N CYS A 502 -15.93 -33.01 9.33
CA CYS A 502 -15.10 -33.58 8.27
C CYS A 502 -15.65 -33.30 6.88
N MET A 503 -16.86 -32.76 6.78
CA MET A 503 -17.42 -32.40 5.48
C MET A 503 -16.66 -31.24 4.85
N HIS A 504 -16.40 -30.19 5.63
CA HIS A 504 -15.79 -28.98 5.11
C HIS A 504 -14.33 -28.82 5.50
N SER A 505 -13.72 -29.81 6.13
CA SER A 505 -12.35 -29.70 6.58
C SER A 505 -11.53 -30.89 6.07
N ASP A 506 -10.23 -30.65 5.86
CA ASP A 506 -9.30 -31.70 5.49
C ASP A 506 -9.05 -32.60 6.68
N LEU A 507 -8.43 -33.75 6.44
CA LEU A 507 -8.16 -34.72 7.48
C LEU A 507 -6.67 -35.05 7.47
N VAL A 508 -6.01 -34.91 8.61
CA VAL A 508 -4.58 -35.20 8.72
C VAL A 508 -4.40 -36.22 9.83
N LEU A 509 -4.11 -37.46 9.45
CA LEU A 509 -3.94 -38.55 10.40
C LEU A 509 -2.47 -38.92 10.46
N ASP A 510 -1.86 -38.74 11.62
CA ASP A 510 -0.44 -38.96 11.81
C ASP A 510 -0.20 -40.27 12.56
N GLU A 511 0.86 -41.00 12.18
CA GLU A 511 1.24 -42.34 12.66
C GLU A 511 0.02 -43.26 12.84
N ILE A 512 -0.57 -43.61 11.69
CA ILE A 512 -1.72 -44.49 11.70
C ILE A 512 -1.37 -45.95 11.96
N ASP A 513 -0.09 -46.31 11.97
CA ASP A 513 0.30 -47.68 12.25
C ASP A 513 0.15 -48.06 13.72
N ASP A 514 0.14 -47.07 14.62
CA ASP A 514 -0.01 -47.39 16.04
C ASP A 514 -1.44 -47.75 16.42
N TYR A 515 -2.42 -47.46 15.56
CA TYR A 515 -3.79 -47.85 15.82
C TYR A 515 -3.97 -49.35 15.62
N GLY A 516 -5.09 -49.86 16.12
CA GLY A 516 -5.46 -51.24 15.90
C GLY A 516 -5.95 -51.46 14.48
N ILE A 517 -6.21 -52.74 14.17
CA ILE A 517 -6.62 -53.10 12.82
C ILE A 517 -8.03 -52.60 12.53
N GLU A 518 -8.95 -52.80 13.48
CA GLU A 518 -10.29 -52.24 13.35
C GLU A 518 -10.26 -50.72 13.46
N ASP A 519 -9.34 -50.19 14.28
CA ASP A 519 -9.14 -48.75 14.37
C ASP A 519 -8.67 -48.18 13.04
N MET A 520 -7.76 -48.88 12.37
CA MET A 520 -7.30 -48.44 11.05
C MET A 520 -8.39 -48.60 10.00
N VAL A 521 -9.25 -49.61 10.16
CA VAL A 521 -10.38 -49.80 9.25
C VAL A 521 -11.35 -48.63 9.36
N VAL A 522 -11.70 -48.25 10.59
CA VAL A 522 -12.62 -47.12 10.74
C VAL A 522 -11.92 -45.79 10.44
N LEU A 523 -10.59 -45.73 10.54
CA LEU A 523 -9.88 -44.53 10.12
C LEU A 523 -9.87 -44.39 8.61
N ALA A 524 -9.75 -45.50 7.89
CA ALA A 524 -9.86 -45.44 6.45
C ALA A 524 -11.30 -45.21 6.00
N ARG A 525 -12.27 -45.64 6.81
CA ARG A 525 -13.66 -45.23 6.59
C ARG A 525 -13.81 -43.72 6.71
N LEU A 526 -13.16 -43.13 7.71
CA LEU A 526 -13.14 -41.69 7.87
C LEU A 526 -12.43 -41.01 6.71
N VAL A 527 -11.37 -41.62 6.18
CA VAL A 527 -10.66 -41.10 5.02
C VAL A 527 -11.57 -41.11 3.79
N TYR A 528 -12.32 -42.20 3.61
CA TYR A 528 -13.29 -42.29 2.51
C TYR A 528 -14.39 -41.24 2.65
N LEU A 529 -14.87 -41.02 3.88
CA LEU A 529 -15.91 -40.02 4.10
C LEU A 529 -15.38 -38.61 3.90
N THR A 530 -14.12 -38.35 4.28
CA THR A 530 -13.50 -37.06 4.05
C THR A 530 -13.29 -36.81 2.57
N ALA A 531 -12.86 -37.82 1.82
CA ALA A 531 -12.69 -37.70 0.38
C ALA A 531 -14.02 -37.61 -0.36
N CYS A 532 -15.12 -38.04 0.27
CA CYS A 532 -16.45 -37.93 -0.32
C CYS A 532 -16.88 -36.48 -0.56
N TYR A 533 -16.26 -35.51 0.11
CA TYR A 533 -16.59 -34.11 -0.05
C TYR A 533 -15.40 -33.28 -0.53
N GLY A 534 -14.45 -33.92 -1.21
CA GLY A 534 -13.36 -33.22 -1.87
C GLY A 534 -12.24 -32.75 -0.97
N ASN A 535 -12.28 -33.07 0.32
CA ASN A 535 -11.20 -32.65 1.19
C ASN A 535 -9.99 -33.56 1.00
N LYS A 536 -8.86 -33.11 1.53
CA LYS A 536 -7.57 -33.75 1.29
C LYS A 536 -7.13 -34.51 2.53
N VAL A 537 -6.69 -35.75 2.32
CA VAL A 537 -6.22 -36.61 3.41
C VAL A 537 -4.70 -36.61 3.39
N ILE A 538 -4.09 -36.23 4.50
CA ILE A 538 -2.65 -36.34 4.69
C ILE A 538 -2.41 -37.48 5.66
N ILE A 539 -1.74 -38.53 5.20
CA ILE A 539 -1.39 -39.64 6.08
C ILE A 539 0.07 -39.41 6.38
N SER A 540 0.48 -39.44 7.65
CA SER A 540 1.91 -39.30 7.92
C SER A 540 2.50 -40.48 8.71
N SER A 541 2.93 -41.51 7.98
CA SER A 541 3.49 -42.69 8.63
C SER A 541 4.75 -43.18 7.94
N ALA A 542 5.87 -43.20 8.66
CA ALA A 542 7.13 -43.66 8.09
C ALA A 542 7.15 -45.15 7.82
N THR A 543 6.72 -45.94 8.80
CA THR A 543 6.75 -47.40 8.66
C THR A 543 5.51 -47.94 7.99
N ILE A 544 5.04 -47.27 6.94
CA ILE A 544 3.83 -47.71 6.28
C ILE A 544 4.01 -49.06 5.57
N THR A 545 2.97 -49.87 5.59
CA THR A 545 3.04 -51.14 4.88
C THR A 545 2.30 -50.86 3.60
N PRO A 546 2.78 -51.39 2.46
CA PRO A 546 2.05 -51.22 1.20
C PRO A 546 0.57 -51.48 1.36
N ALA A 547 0.17 -52.57 2.02
CA ALA A 547 -1.24 -52.84 2.28
C ALA A 547 -1.99 -51.64 2.84
N ILE A 548 -1.47 -51.06 3.91
CA ILE A 548 -2.12 -49.89 4.51
C ILE A 548 -2.18 -48.72 3.55
N SER A 549 -1.04 -48.34 2.97
CA SER A 549 -1.02 -47.24 2.03
C SER A 549 -1.98 -47.47 0.87
N ASN A 550 -2.07 -48.72 0.43
CA ASN A 550 -2.97 -49.05 -0.67
C ASN A 550 -4.42 -48.91 -0.24
N ILE A 551 -4.81 -49.51 0.88
CA ILE A 551 -6.22 -49.44 1.24
C ILE A 551 -6.64 -48.02 1.60
N PHE A 552 -5.72 -47.19 2.10
CA PHE A 552 -6.06 -45.79 2.34
C PHE A 552 -6.20 -45.02 1.03
N TYR A 553 -5.37 -45.36 0.04
CA TYR A 553 -5.55 -44.77 -1.29
C TYR A 553 -6.86 -45.21 -1.91
N GLU A 554 -7.22 -46.49 -1.77
CA GLU A 554 -8.47 -46.96 -2.36
C GLU A 554 -9.69 -46.36 -1.67
N ALA A 555 -9.60 -46.12 -0.35
CA ALA A 555 -10.66 -45.40 0.35
C ALA A 555 -10.77 -43.96 -0.14
N TYR A 556 -9.62 -43.29 -0.32
CA TYR A 556 -9.62 -41.93 -0.87
C TYR A 556 -10.10 -41.92 -2.32
N SER A 557 -9.82 -42.96 -3.09
CA SER A 557 -10.24 -42.99 -4.48
C SER A 557 -11.73 -43.22 -4.61
N SER A 558 -12.30 -44.07 -3.75
CA SER A 558 -13.75 -44.24 -3.74
C SER A 558 -14.45 -42.96 -3.25
N GLY A 559 -13.87 -42.28 -2.26
CA GLY A 559 -14.41 -41.01 -1.84
C GLY A 559 -14.32 -39.94 -2.92
N TYR A 560 -13.21 -39.88 -3.64
CA TYR A 560 -13.09 -38.89 -4.69
C TYR A 560 -13.93 -39.26 -5.90
N LYS A 561 -14.23 -40.55 -6.10
CA LYS A 561 -15.23 -40.94 -7.10
C LYS A 561 -16.62 -40.44 -6.70
N VAL A 562 -16.94 -40.53 -5.40
CA VAL A 562 -18.20 -39.98 -4.89
C VAL A 562 -18.26 -38.47 -5.13
N PHE A 563 -17.16 -37.77 -4.82
CA PHE A 563 -17.14 -36.32 -4.97
C PHE A 563 -17.14 -35.90 -6.43
N CYS A 564 -16.48 -36.67 -7.30
CA CYS A 564 -16.42 -36.33 -8.72
C CYS A 564 -17.77 -36.54 -9.39
N ALA A 565 -18.39 -37.69 -9.16
CA ALA A 565 -19.70 -37.93 -9.77
C ALA A 565 -20.81 -37.20 -9.05
N ASN A 566 -20.55 -36.66 -7.85
CA ASN A 566 -21.55 -35.85 -7.16
C ASN A 566 -21.67 -34.47 -7.77
N LYS A 567 -20.55 -33.86 -8.18
CA LYS A 567 -20.64 -32.56 -8.83
C LYS A 567 -20.71 -32.67 -10.34
N GLN A 568 -21.05 -33.86 -10.86
CA GLN A 568 -21.17 -34.16 -12.30
C GLN A 568 -19.88 -33.82 -13.05
N THR A 569 -18.75 -34.16 -12.46
CA THR A 569 -17.45 -33.94 -13.08
C THR A 569 -16.80 -35.28 -13.39
N THR A 570 -16.11 -35.34 -14.52
CA THR A 570 -15.44 -36.57 -14.92
C THR A 570 -14.21 -36.80 -14.05
N TYR A 571 -14.06 -38.03 -13.58
CA TYR A 571 -13.05 -38.37 -12.57
C TYR A 571 -11.71 -38.58 -13.26
N LYS A 572 -10.80 -37.62 -13.08
CA LYS A 572 -9.45 -37.71 -13.65
C LYS A 572 -8.50 -38.54 -12.82
N GLY A 573 -8.80 -38.79 -11.55
CA GLY A 573 -7.91 -39.51 -10.66
C GLY A 573 -7.54 -38.67 -9.45
N VAL A 574 -6.78 -39.32 -8.56
CA VAL A 574 -6.43 -38.75 -7.27
C VAL A 574 -5.00 -38.22 -7.34
N ASN A 575 -4.81 -36.98 -6.91
CA ASN A 575 -3.47 -36.42 -6.82
C ASN A 575 -2.71 -37.01 -5.63
N VAL A 576 -2.00 -38.11 -5.85
CA VAL A 576 -1.26 -38.75 -4.77
C VAL A 576 0.10 -38.07 -4.63
N VAL A 577 0.43 -37.68 -3.40
CA VAL A 577 1.68 -37.01 -3.09
C VAL A 577 2.46 -37.92 -2.15
N TRP A 578 3.35 -38.72 -2.70
CA TRP A 578 4.30 -39.47 -1.89
C TRP A 578 5.34 -38.52 -1.35
N TRP A 579 5.69 -38.66 -0.08
CA TRP A 579 6.57 -37.70 0.57
C TRP A 579 7.43 -38.40 1.61
N ASP A 580 8.73 -38.08 1.62
CA ASP A 580 9.58 -38.47 2.72
C ASP A 580 10.63 -37.38 2.90
N GLU A 581 11.62 -37.64 3.75
CA GLU A 581 12.68 -36.68 4.02
C GLU A 581 13.72 -36.62 2.91
N PHE A 582 13.62 -37.50 1.91
CA PHE A 582 14.54 -37.49 0.79
C PHE A 582 13.93 -36.95 -0.49
N GLY A 583 12.61 -36.78 -0.55
CA GLY A 583 12.01 -36.25 -1.76
C GLY A 583 10.50 -36.28 -1.69
N ILE A 584 9.91 -35.91 -2.82
CA ILE A 584 8.46 -35.87 -3.00
C ILE A 584 8.16 -36.36 -4.42
N LYS A 585 6.90 -36.76 -4.63
CA LYS A 585 6.45 -37.20 -5.95
C LYS A 585 4.94 -37.02 -6.01
N VAL A 586 4.47 -36.21 -6.96
CA VAL A 586 3.06 -35.93 -7.12
C VAL A 586 2.60 -36.51 -8.45
N GLU A 587 1.70 -37.48 -8.39
CA GLU A 587 1.17 -38.11 -9.60
C GLU A 587 -0.35 -38.16 -9.58
N LYS A 588 -0.94 -37.92 -10.75
CA LYS A 588 -2.37 -38.10 -10.95
C LYS A 588 -2.63 -39.59 -11.16
N VAL A 589 -3.08 -40.27 -10.12
CA VAL A 589 -3.22 -41.73 -10.13
C VAL A 589 -4.71 -42.07 -10.11
N THR A 590 -5.18 -42.64 -11.21
CA THR A 590 -6.51 -43.25 -11.28
C THR A 590 -6.47 -44.77 -11.28
N ASP A 591 -5.31 -45.33 -11.61
CA ASP A 591 -5.06 -46.76 -11.59
C ASP A 591 -3.54 -46.90 -11.51
N GLN A 592 -3.05 -48.15 -11.42
CA GLN A 592 -1.66 -48.52 -11.10
C GLN A 592 -1.05 -47.65 -10.00
N PHE A 593 -1.66 -47.74 -8.82
CA PHE A 593 -1.09 -47.11 -7.64
C PHE A 593 0.01 -47.98 -7.04
N SER A 594 -0.09 -49.30 -7.22
CA SER A 594 0.78 -50.23 -6.52
C SER A 594 2.22 -50.14 -7.01
N ASN A 595 2.41 -50.07 -8.32
CA ASN A 595 3.77 -50.02 -8.86
C ASN A 595 4.45 -48.68 -8.54
N LEU A 596 3.70 -47.57 -8.62
CA LEU A 596 4.26 -46.28 -8.27
C LEU A 596 4.58 -46.18 -6.77
N ASN A 597 3.69 -46.70 -5.94
CA ASN A 597 3.92 -46.69 -4.50
C ASN A 597 5.10 -47.57 -4.11
N THR A 598 5.22 -48.75 -4.73
CA THR A 598 6.35 -49.62 -4.41
C THR A 598 7.65 -49.07 -4.99
N ARG A 599 7.58 -48.32 -6.10
CA ARG A 599 8.78 -47.68 -6.63
C ARG A 599 9.25 -46.54 -5.73
N PHE A 600 8.30 -45.77 -5.19
CA PHE A 600 8.67 -44.75 -4.19
C PHE A 600 9.20 -45.39 -2.92
N VAL A 601 8.62 -46.51 -2.51
CA VAL A 601 9.09 -47.25 -1.34
C VAL A 601 10.51 -47.76 -1.55
N ASN A 602 10.80 -48.30 -2.73
CA ASN A 602 12.14 -48.78 -3.04
C ASN A 602 13.13 -47.64 -3.13
N LYS A 603 12.70 -46.48 -3.64
CA LYS A 603 13.58 -45.32 -3.68
C LYS A 603 13.89 -44.81 -2.28
N ARG A 604 12.88 -44.82 -1.39
CA ARG A 604 13.10 -44.43 0.00
C ARG A 604 13.98 -45.44 0.72
N ILE A 605 13.85 -46.73 0.38
CA ILE A 605 14.69 -47.77 0.97
C ILE A 605 16.14 -47.59 0.53
N THR A 606 16.38 -47.29 -0.75
CA THR A 606 17.74 -47.04 -1.21
C THR A 606 18.28 -45.72 -0.68
N ASN A 607 17.41 -44.77 -0.35
CA ASN A 607 17.85 -43.55 0.33
C ASN A 607 18.04 -43.73 1.82
N LEU A 608 17.54 -44.83 2.39
CA LEU A 608 17.80 -45.15 3.78
C LEU A 608 18.99 -46.08 3.97
N LEU A 609 19.33 -46.89 2.97
CA LEU A 609 20.30 -47.95 3.15
C LEU A 609 21.75 -47.50 3.00
N GLU A 610 22.03 -46.51 2.14
CA GLU A 610 23.40 -46.05 2.01
C GLU A 610 23.80 -45.15 3.17
N SER A 611 22.83 -44.67 3.95
CA SER A 611 23.12 -44.05 5.23
C SER A 611 23.65 -45.09 6.20
N THR A 612 24.31 -44.61 7.26
CA THR A 612 24.96 -45.51 8.20
C THR A 612 23.92 -46.25 9.03
N PRO A 613 24.15 -47.53 9.34
CA PRO A 613 23.19 -48.29 10.15
C PRO A 613 23.21 -47.82 11.60
N LYS A 614 22.05 -47.38 12.08
CA LYS A 614 21.95 -46.82 13.42
C LYS A 614 21.46 -47.82 14.45
N HIS A 615 20.80 -48.90 14.03
CA HIS A 615 20.24 -49.89 14.94
C HIS A 615 20.63 -51.28 14.45
N LYS A 616 21.68 -51.85 15.06
CA LYS A 616 22.10 -53.21 14.77
C LYS A 616 21.52 -54.13 15.85
N ALA A 617 20.64 -55.03 15.46
CA ALA A 617 19.95 -55.92 16.39
C ALA A 617 20.49 -57.33 16.27
N LEU A 618 20.77 -57.93 17.43
CA LEU A 618 21.18 -59.32 17.53
C LEU A 618 20.09 -60.07 18.28
N VAL A 619 19.60 -61.16 17.69
CA VAL A 619 18.63 -62.00 18.40
C VAL A 619 19.46 -62.92 19.27
N VAL A 620 19.19 -62.92 20.57
CA VAL A 620 19.98 -63.75 21.49
C VAL A 620 19.70 -65.24 21.31
N ASP A 621 20.62 -66.07 21.77
CA ASP A 621 20.46 -67.51 21.63
C ASP A 621 19.96 -68.09 22.94
N GLN A 622 20.15 -67.35 24.02
CA GLN A 622 19.73 -67.83 25.34
C GLN A 622 18.23 -68.04 25.39
N ASP A 623 17.81 -69.28 25.56
CA ASP A 623 16.38 -69.60 25.59
C ASP A 623 15.62 -68.86 26.66
N ASP A 624 15.95 -69.12 27.92
CA ASP A 624 15.28 -68.44 29.04
C ASP A 624 15.50 -66.95 28.89
N ASN A 625 14.41 -66.20 28.77
CA ASN A 625 14.54 -64.77 28.54
C ASN A 625 14.87 -63.93 29.77
N MET A 626 14.72 -64.48 30.97
CA MET A 626 15.09 -63.76 32.17
C MET A 626 16.59 -63.54 32.20
N GLU A 627 17.35 -64.63 32.11
CA GLU A 627 18.80 -64.55 32.10
C GLU A 627 19.33 -64.06 30.75
N ALA A 628 18.52 -64.17 29.68
CA ALA A 628 18.86 -63.48 28.43
C ALA A 628 18.84 -61.97 28.62
N VAL A 629 17.86 -61.46 29.37
CA VAL A 629 17.80 -60.05 29.71
C VAL A 629 19.00 -59.65 30.56
N LYS A 630 19.37 -60.51 31.52
CA LYS A 630 20.54 -60.27 32.36
C LYS A 630 21.83 -60.16 31.54
N GLN A 631 22.08 -61.17 30.70
CA GLN A 631 23.30 -61.21 29.91
C GLN A 631 23.34 -60.09 28.88
N SER A 632 22.19 -59.76 28.31
CA SER A 632 22.12 -58.69 27.33
C SER A 632 22.34 -57.32 27.96
N ILE A 633 21.83 -57.13 29.19
CA ILE A 633 22.08 -55.89 29.93
C ILE A 633 23.56 -55.74 30.23
N THR A 634 24.20 -56.85 30.68
CA THR A 634 25.63 -56.81 30.98
C THR A 634 26.46 -56.54 29.72
N THR A 635 26.11 -57.19 28.60
CA THR A 635 26.85 -57.02 27.36
C THR A 635 26.69 -55.62 26.78
N LEU A 636 25.46 -55.10 26.75
CA LEU A 636 25.26 -53.79 26.16
C LEU A 636 25.63 -52.65 27.10
N HIS A 637 25.80 -52.90 28.39
CA HIS A 637 26.48 -51.91 29.22
C HIS A 637 27.98 -51.94 29.01
N ASN A 638 28.55 -53.14 28.85
CA ASN A 638 29.99 -53.22 28.62
C ASN A 638 30.39 -52.77 27.22
N ALA A 639 29.44 -52.67 26.29
CA ALA A 639 29.72 -52.19 24.95
C ALA A 639 29.22 -50.77 24.69
N HIS A 640 27.99 -50.45 25.11
CA HIS A 640 27.37 -49.16 24.80
C HIS A 640 27.15 -48.40 26.10
N ASN A 641 28.06 -47.48 26.41
CA ASN A 641 27.90 -46.62 27.57
C ASN A 641 28.64 -45.31 27.32
N SER A 642 28.17 -44.25 27.99
CA SER A 642 28.78 -42.94 27.87
C SER A 642 29.61 -42.68 29.12
N GLY A 643 30.84 -43.20 29.11
CA GLY A 643 31.74 -43.07 30.25
C GLY A 643 31.28 -43.81 31.49
N GLY A 644 30.74 -45.02 31.31
CA GLY A 644 30.28 -45.83 32.41
C GLY A 644 28.79 -45.73 32.67
N VAL A 645 28.13 -44.70 32.16
CA VAL A 645 26.70 -44.52 32.35
C VAL A 645 25.99 -44.90 31.07
N SER A 646 25.03 -45.83 31.17
CA SER A 646 24.29 -46.32 30.03
C SER A 646 22.81 -46.29 30.34
N PHE A 647 22.00 -46.11 29.31
CA PHE A 647 20.54 -46.11 29.41
C PHE A 647 19.98 -47.28 28.62
N GLY A 648 19.22 -48.14 29.30
CA GLY A 648 18.66 -49.32 28.68
C GLY A 648 17.15 -49.31 28.76
N LEU A 649 16.51 -49.85 27.73
CA LEU A 649 15.06 -49.98 27.69
C LEU A 649 14.71 -51.44 27.49
N ILE A 650 14.10 -52.05 28.50
CA ILE A 650 13.60 -53.42 28.40
C ILE A 650 12.16 -53.32 27.94
N ARG A 651 11.95 -53.38 26.63
CA ARG A 651 10.58 -53.39 26.12
C ARG A 651 10.03 -54.80 26.24
N THR A 652 9.03 -54.97 27.09
CA THR A 652 8.30 -56.21 27.21
C THR A 652 6.89 -56.00 26.66
N THR A 653 6.03 -57.00 26.82
CA THR A 653 4.72 -57.00 26.19
C THR A 653 3.60 -56.55 27.13
N THR A 654 3.47 -57.17 28.29
CA THR A 654 2.34 -56.89 29.17
C THR A 654 2.83 -56.50 30.57
N ILE A 655 1.88 -56.21 31.45
CA ILE A 655 2.20 -55.55 32.71
C ILE A 655 2.84 -56.53 33.69
N LYS A 656 2.28 -57.73 33.83
CA LYS A 656 2.87 -58.70 34.75
C LYS A 656 4.21 -59.21 34.21
N ASP A 657 4.38 -59.20 32.90
CA ASP A 657 5.70 -59.42 32.31
C ASP A 657 6.69 -58.34 32.73
N CYS A 658 6.23 -57.08 32.75
CA CYS A 658 7.09 -55.96 33.15
C CYS A 658 7.48 -56.07 34.62
N VAL A 659 6.53 -56.44 35.48
CA VAL A 659 6.87 -56.55 36.89
C VAL A 659 7.70 -57.80 37.15
N ALA A 660 7.59 -58.82 36.29
CA ALA A 660 8.44 -59.99 36.43
C ALA A 660 9.88 -59.67 36.06
N VAL A 661 10.08 -58.92 34.97
CA VAL A 661 11.43 -58.50 34.58
C VAL A 661 12.02 -57.56 35.63
N THR A 662 11.18 -56.66 36.16
CA THR A 662 11.62 -55.74 37.22
C THR A 662 12.01 -56.49 38.50
N GLN A 663 11.17 -57.43 38.94
CA GLN A 663 11.45 -58.14 40.18
C GLN A 663 12.60 -59.12 40.03
N GLU A 664 12.87 -59.58 38.81
CA GLU A 664 14.07 -60.38 38.60
C GLU A 664 15.31 -59.49 38.62
N LEU A 665 15.25 -58.33 37.97
CA LEU A 665 16.43 -57.46 37.86
C LEU A 665 16.75 -56.80 39.19
N GLN A 666 15.74 -56.60 40.04
CA GLN A 666 15.98 -56.02 41.35
C GLN A 666 16.65 -57.02 42.28
N ASN A 667 16.34 -58.29 42.13
CA ASN A 667 16.94 -59.36 42.92
C ASN A 667 18.19 -59.93 42.25
N TRP A 668 18.62 -59.36 41.13
CA TRP A 668 19.75 -59.88 40.37
C TRP A 668 21.04 -59.36 40.98
N GLU A 669 21.87 -60.28 41.47
CA GLU A 669 23.15 -59.92 42.06
C GLU A 669 24.17 -59.73 40.94
N THR A 670 24.73 -58.52 40.85
CA THR A 670 25.75 -58.22 39.87
C THR A 670 26.60 -57.07 40.38
N ASP A 671 27.76 -56.89 39.76
CA ASP A 671 28.60 -55.74 40.07
C ASP A 671 28.11 -54.47 39.39
N LEU A 672 27.19 -54.59 38.44
CA LEU A 672 26.64 -53.42 37.77
C LEU A 672 25.68 -52.69 38.67
N SER A 673 25.66 -51.36 38.56
CA SER A 673 24.78 -50.53 39.38
C SER A 673 23.48 -50.31 38.61
N ILE A 674 22.61 -51.32 38.67
CA ILE A 674 21.33 -51.25 37.99
C ILE A 674 20.39 -50.33 38.76
N LYS A 675 19.72 -49.43 38.05
CA LYS A 675 18.72 -48.54 38.63
C LYS A 675 17.45 -48.67 37.80
N ILE A 676 16.41 -49.26 38.40
CA ILE A 676 15.28 -49.82 37.66
C ILE A 676 14.10 -48.86 37.72
N LEU A 677 13.45 -48.65 36.57
CA LEU A 677 12.18 -47.94 36.48
C LEU A 677 11.14 -48.85 35.86
N CYS A 678 9.89 -48.71 36.29
CA CYS A 678 8.76 -49.36 35.65
C CYS A 678 7.96 -48.33 34.88
N TYR A 679 7.66 -48.64 33.61
CA TYR A 679 7.08 -47.70 32.66
C TYR A 679 5.94 -48.36 31.90
N HIS A 680 4.98 -48.93 32.61
CA HIS A 680 3.79 -49.41 31.93
C HIS A 680 2.65 -48.40 32.10
N SER A 681 1.46 -48.78 31.65
CA SER A 681 0.34 -47.86 31.56
C SER A 681 -0.60 -47.91 32.77
N ARG A 682 -0.57 -48.98 33.55
CA ARG A 682 -1.46 -49.12 34.71
C ARG A 682 -0.85 -48.34 35.87
N PHE A 683 -1.24 -47.07 35.99
CA PHE A 683 -0.67 -46.21 37.03
C PHE A 683 -1.69 -45.15 37.42
N VAL A 684 -1.54 -44.58 38.60
CA VAL A 684 -2.53 -43.61 39.04
C VAL A 684 -2.24 -42.26 38.39
N GLY A 685 -3.28 -41.46 38.17
CA GLY A 685 -3.11 -40.16 37.51
C GLY A 685 -1.85 -39.41 37.86
N ASP A 686 -1.61 -39.19 39.15
CA ASP A 686 -0.40 -38.49 39.58
C ASP A 686 0.87 -39.24 39.19
N THR A 687 1.03 -40.46 39.71
CA THR A 687 2.25 -41.24 39.44
C THR A 687 2.59 -41.33 37.96
N LYS A 688 1.62 -41.67 37.12
CA LYS A 688 1.87 -41.80 35.69
C LYS A 688 2.40 -40.51 35.10
N ALA A 689 1.69 -39.41 35.31
CA ALA A 689 2.12 -38.12 34.76
C ALA A 689 3.53 -37.76 35.19
N GLN A 690 3.86 -38.05 36.45
CA GLN A 690 5.20 -37.75 36.95
C GLN A 690 6.27 -38.55 36.22
N MET A 691 6.00 -39.83 35.97
CA MET A 691 6.94 -40.64 35.20
C MET A 691 7.16 -40.00 33.84
N GLU A 692 6.08 -39.62 33.17
CA GLU A 692 6.19 -39.02 31.83
C GLU A 692 7.12 -37.83 31.80
N GLU A 693 6.86 -36.83 32.64
CA GLU A 693 7.67 -35.61 32.58
C GLU A 693 9.13 -35.86 32.92
N TYR A 694 9.38 -36.79 33.84
CA TYR A 694 10.76 -37.10 34.21
C TYR A 694 11.45 -37.78 33.06
N LEU A 695 10.80 -38.78 32.47
CA LEU A 695 11.44 -39.53 31.42
C LEU A 695 11.71 -38.64 30.19
N SER A 696 10.79 -37.74 29.87
CA SER A 696 10.98 -36.85 28.74
C SER A 696 12.14 -35.91 28.97
N LYS A 697 12.41 -35.55 30.23
CA LYS A 697 13.50 -34.64 30.50
C LYS A 697 14.83 -35.32 30.79
N VAL A 698 14.88 -36.63 30.98
CA VAL A 698 16.15 -37.32 31.21
C VAL A 698 16.63 -38.03 29.94
N LEU A 699 15.70 -38.44 29.07
CA LEU A 699 16.09 -39.11 27.84
C LEU A 699 16.23 -38.15 26.67
N ASN A 700 16.13 -36.85 26.93
CA ASN A 700 16.42 -35.85 25.91
C ASN A 700 17.92 -35.76 25.71
N ARG A 701 18.40 -36.20 24.55
CA ARG A 701 19.83 -36.25 24.28
C ARG A 701 20.25 -35.32 23.16
N LYS A 702 19.40 -34.38 22.75
CA LYS A 702 19.84 -33.34 21.83
C LYS A 702 20.80 -32.37 22.49
N GLY A 703 20.77 -32.27 23.83
CA GLY A 703 21.74 -31.50 24.57
C GLY A 703 22.21 -32.27 25.78
N ASP A 704 23.08 -31.67 26.58
CA ASP A 704 23.58 -32.33 27.78
C ASP A 704 22.89 -31.78 29.02
N GLU A 705 21.60 -31.51 28.90
CA GLU A 705 20.83 -30.99 30.02
C GLU A 705 20.46 -32.12 30.98
N TYR A 706 20.47 -33.35 30.48
CA TYR A 706 20.11 -34.49 31.30
C TYR A 706 21.17 -34.83 32.33
N LYS A 707 22.39 -34.34 32.15
CA LYS A 707 23.42 -34.70 33.08
C LYS A 707 22.99 -34.23 34.45
N LYS A 708 22.00 -33.35 34.51
CA LYS A 708 21.59 -32.80 35.79
C LYS A 708 20.30 -33.36 36.29
N PHE A 709 19.76 -34.33 35.58
CA PHE A 709 18.55 -34.96 36.05
C PHE A 709 18.86 -36.37 36.51
N VAL A 710 20.08 -36.84 36.28
CA VAL A 710 20.49 -38.14 36.78
C VAL A 710 21.90 -38.06 37.30
N ASP A 711 22.33 -39.07 38.02
CA ASP A 711 23.66 -39.06 38.57
C ASP A 711 24.61 -39.67 37.59
N THR A 712 25.14 -38.85 36.71
CA THR A 712 26.02 -39.36 35.66
C THR A 712 27.47 -39.43 36.14
N THR A 713 27.74 -38.88 37.32
CA THR A 713 29.08 -38.93 37.86
C THR A 713 29.50 -40.37 38.14
N THR A 714 28.63 -41.12 38.82
CA THR A 714 28.93 -42.52 39.10
C THR A 714 28.48 -43.39 37.94
N PRO A 715 29.33 -44.32 37.50
CA PRO A 715 28.92 -45.26 36.44
C PRO A 715 27.66 -46.00 36.82
N THR A 716 26.55 -45.76 36.13
CA THR A 716 25.29 -46.38 36.51
C THR A 716 24.46 -46.87 35.35
N ALA A 717 23.79 -48.01 35.54
CA ALA A 717 22.93 -48.54 34.50
C ALA A 717 21.51 -48.09 34.75
N TYR A 718 21.04 -47.09 33.99
CA TYR A 718 19.68 -46.60 34.17
C TYR A 718 18.77 -47.39 33.23
N ILE A 719 17.98 -48.28 33.81
CA ILE A 719 17.20 -49.26 33.07
C ILE A 719 15.73 -48.91 33.23
N VAL A 720 15.00 -48.89 32.12
CA VAL A 720 13.57 -48.60 32.12
C VAL A 720 12.89 -49.82 31.53
N VAL A 721 12.15 -50.55 32.35
CA VAL A 721 11.39 -51.70 31.88
C VAL A 721 9.99 -51.22 31.53
N ALA A 722 9.62 -51.35 30.26
CA ALA A 722 8.42 -50.75 29.74
C ALA A 722 7.68 -51.73 28.84
N THR A 723 6.39 -51.47 28.69
CA THR A 723 5.44 -52.17 27.84
C THR A 723 5.35 -51.36 26.54
N PRO A 724 4.50 -51.72 25.52
CA PRO A 724 4.37 -50.87 24.33
C PRO A 724 3.96 -49.40 24.49
N VAL A 725 3.77 -48.91 25.72
CA VAL A 725 3.56 -47.49 25.91
C VAL A 725 4.81 -46.67 25.59
N VAL A 726 5.99 -47.30 25.52
CA VAL A 726 7.19 -46.54 25.20
C VAL A 726 7.37 -46.43 23.68
N GLU A 727 6.88 -47.40 22.91
CA GLU A 727 7.13 -47.41 21.48
C GLU A 727 6.12 -46.59 20.70
N VAL A 728 5.13 -46.00 21.37
CA VAL A 728 4.17 -45.14 20.70
C VAL A 728 4.25 -43.75 21.33
N GLY A 729 4.49 -42.74 20.49
CA GLY A 729 4.41 -41.35 20.87
C GLY A 729 5.38 -40.84 21.90
N ARG A 730 6.49 -41.53 22.13
CA ARG A 730 7.46 -41.11 23.13
C ARG A 730 8.73 -40.64 22.44
N ASP A 731 9.16 -39.43 22.77
CA ASP A 731 10.39 -38.88 22.24
C ASP A 731 11.56 -39.23 23.17
N PHE A 732 11.84 -40.53 23.23
CA PHE A 732 12.84 -41.06 24.13
C PHE A 732 14.07 -41.52 23.35
N ASP A 733 15.23 -41.40 23.99
CA ASP A 733 16.50 -41.78 23.40
C ASP A 733 17.26 -42.60 24.41
N PHE A 734 17.29 -43.92 24.21
CA PHE A 734 18.05 -44.82 25.06
C PHE A 734 19.38 -45.15 24.39
N ASP A 735 20.37 -45.49 25.22
CA ASP A 735 21.62 -45.98 24.66
C ASP A 735 21.43 -47.35 24.02
N TRP A 736 20.60 -48.20 24.61
CA TRP A 736 20.35 -49.52 24.05
C TRP A 736 19.01 -50.05 24.55
N ALA A 737 18.49 -51.04 23.85
CA ALA A 737 17.22 -51.64 24.18
C ALA A 737 17.31 -53.16 24.10
N ILE A 738 16.62 -53.82 25.02
CA ILE A 738 16.41 -55.26 25.01
C ILE A 738 14.92 -55.47 24.80
N ILE A 739 14.56 -56.14 23.71
CA ILE A 739 13.19 -56.18 23.24
C ILE A 739 12.64 -57.58 23.41
N GLU A 740 11.52 -57.71 24.10
CA GLU A 740 10.74 -58.93 24.01
C GLU A 740 9.91 -58.89 22.73
N PRO A 741 10.06 -59.87 21.85
CA PRO A 741 9.42 -59.78 20.52
C PRO A 741 7.92 -60.03 20.60
N SER A 742 7.16 -59.10 20.05
CA SER A 742 5.71 -59.25 19.88
C SER A 742 5.27 -58.99 18.46
N SER A 743 5.88 -58.01 17.79
CA SER A 743 5.59 -57.70 16.40
C SER A 743 6.80 -56.96 15.84
N GLU A 744 6.90 -56.93 14.51
CA GLU A 744 8.07 -56.30 13.89
C GLU A 744 8.00 -54.79 13.93
N ARG A 745 6.80 -54.22 13.92
CA ARG A 745 6.68 -52.77 14.05
C ARG A 745 7.05 -52.32 15.46
N SER A 746 6.92 -53.21 16.44
CA SER A 746 7.48 -52.96 17.78
C SER A 746 8.99 -52.90 17.73
N ILE A 747 9.62 -53.78 16.93
CA ILE A 747 11.08 -53.77 16.77
C ILE A 747 11.54 -52.47 16.14
N VAL A 748 10.83 -52.02 15.09
CA VAL A 748 11.21 -50.79 14.40
C VAL A 748 10.98 -49.58 15.30
N GLN A 749 9.89 -49.59 16.08
CA GLN A 749 9.63 -48.44 16.94
C GLN A 749 10.58 -48.37 18.13
N CYS A 750 10.96 -49.50 18.71
CA CYS A 750 11.93 -49.48 19.79
C CYS A 750 13.35 -49.29 19.28
N ALA A 751 13.61 -49.57 17.99
CA ALA A 751 14.82 -49.06 17.36
C ALA A 751 14.77 -47.55 17.26
N GLY A 752 13.59 -46.99 17.05
CA GLY A 752 13.44 -45.54 17.00
C GLY A 752 13.52 -44.86 18.36
N ARG A 753 13.53 -45.63 19.44
CA ARG A 753 13.78 -45.10 20.77
C ARG A 753 15.24 -45.20 21.18
N VAL A 754 16.09 -45.72 20.31
CA VAL A 754 17.53 -45.81 20.55
C VAL A 754 18.24 -44.97 19.51
N LEU A 755 19.10 -44.06 19.97
CA LEU A 755 19.82 -43.07 19.14
C LEU A 755 18.84 -42.23 18.32
N ARG A 756 17.71 -41.87 18.95
CA ARG A 756 16.71 -41.03 18.29
C ARG A 756 17.22 -39.62 18.09
N HIS A 757 17.98 -39.11 19.07
CA HIS A 757 18.47 -37.74 19.03
C HIS A 757 19.92 -37.63 18.61
N ARG A 758 20.73 -38.64 18.88
CA ARG A 758 22.13 -38.60 18.48
C ARG A 758 22.28 -39.05 17.03
N SER A 759 23.50 -38.91 16.52
CA SER A 759 23.82 -39.35 15.16
C SER A 759 25.03 -40.29 15.14
N SER A 760 25.54 -40.69 16.30
CA SER A 760 26.67 -41.59 16.36
C SER A 760 26.22 -43.00 16.03
N THR A 761 26.94 -43.65 15.12
CA THR A 761 26.61 -45.01 14.73
C THR A 761 27.08 -45.99 15.81
N PRO A 762 26.33 -47.05 16.08
CA PRO A 762 26.83 -48.09 16.99
C PRO A 762 27.93 -48.90 16.33
N THR A 763 28.79 -49.48 17.16
CA THR A 763 29.89 -50.28 16.63
C THR A 763 29.51 -51.74 16.47
N THR A 764 29.15 -52.41 17.57
CA THR A 764 28.83 -53.83 17.52
C THR A 764 27.33 -54.09 17.41
N HIS A 765 26.57 -53.71 18.43
CA HIS A 765 25.16 -54.06 18.54
C HIS A 765 24.53 -53.18 19.60
N ASN A 766 23.40 -52.56 19.27
CA ASN A 766 22.69 -51.72 20.23
C ASN A 766 21.31 -52.25 20.61
N ILE A 767 20.87 -53.34 20.00
CA ILE A 767 19.58 -53.96 20.31
C ILE A 767 19.81 -55.45 20.49
N HIS A 768 19.34 -56.00 21.61
CA HIS A 768 19.37 -57.44 21.81
C HIS A 768 17.94 -57.95 21.89
N ILE A 769 17.53 -58.66 20.85
CA ILE A 769 16.18 -59.20 20.75
C ILE A 769 16.13 -60.51 21.51
N LEU A 770 15.10 -60.69 22.35
CA LEU A 770 14.96 -61.94 23.09
C LEU A 770 14.58 -63.10 22.16
N LYS A 771 14.97 -64.31 22.59
CA LYS A 771 14.75 -65.51 21.80
C LYS A 771 13.26 -65.83 21.66
N TYR A 772 12.51 -65.65 22.73
CA TYR A 772 11.09 -65.96 22.74
C TYR A 772 10.36 -64.83 23.46
N PRO A 773 9.08 -64.63 23.15
CA PRO A 773 8.24 -63.87 24.08
C PRO A 773 7.96 -64.71 25.31
N PHE A 774 7.60 -64.02 26.40
CA PHE A 774 7.38 -64.72 27.66
C PHE A 774 6.08 -65.51 27.68
N LYS A 775 5.18 -65.28 26.72
CA LYS A 775 3.97 -66.09 26.60
C LYS A 775 4.23 -67.48 26.05
N PHE A 776 5.45 -67.74 25.56
CA PHE A 776 5.81 -69.09 25.14
C PHE A 776 5.78 -70.08 26.29
N TYR A 777 6.21 -69.65 27.48
CA TYR A 777 6.14 -70.50 28.65
C TYR A 777 4.74 -70.61 29.22
N ARG A 778 3.82 -69.73 28.83
CA ARG A 778 2.43 -69.80 29.25
C ARG A 778 1.52 -70.37 28.18
N ASN A 779 1.80 -70.13 26.90
CA ASN A 779 0.98 -70.63 25.80
C ASN A 779 1.90 -70.84 24.62
N SER A 780 2.37 -72.07 24.43
CA SER A 780 3.26 -72.36 23.31
C SER A 780 2.52 -72.41 21.98
N ASN A 781 1.20 -72.50 22.00
CA ASN A 781 0.42 -72.54 20.77
C ASN A 781 0.44 -71.15 20.13
N ILE A 782 0.20 -70.11 20.93
CA ILE A 782 0.18 -68.73 20.46
C ILE A 782 0.84 -67.86 21.51
N CYS A 783 1.84 -67.08 21.12
CA CYS A 783 2.54 -66.25 22.09
C CYS A 783 2.69 -64.80 21.65
N TYR A 784 2.59 -64.52 20.36
CA TYR A 784 2.77 -63.17 19.85
C TYR A 784 1.47 -62.40 19.67
N ASP A 785 0.34 -62.92 20.16
CA ASP A 785 -0.93 -62.25 19.93
C ASP A 785 -1.11 -61.00 20.79
N VAL A 786 -0.47 -60.96 21.95
CA VAL A 786 -0.53 -59.79 22.82
C VAL A 786 0.42 -58.75 22.25
N ALA A 787 -0.12 -57.58 21.90
CA ALA A 787 0.60 -56.49 21.24
C ALA A 787 1.26 -56.94 19.94
N GLY A 788 0.59 -57.81 19.19
CA GLY A 788 1.10 -58.26 17.91
C GLY A 788 -0.03 -58.72 17.00
N TYR A 789 0.31 -58.93 15.73
CA TYR A 789 -0.65 -59.38 14.75
C TYR A 789 -0.68 -60.88 14.57
N GLU A 790 0.01 -61.65 15.38
CA GLU A 790 -0.30 -63.08 15.44
C GLU A 790 -1.67 -63.26 16.08
N SER A 791 -2.36 -64.32 15.69
CA SER A 791 -3.71 -64.58 16.17
C SER A 791 -4.06 -66.04 15.93
N LYS A 792 -5.33 -66.38 16.14
CA LYS A 792 -5.78 -67.75 15.97
C LYS A 792 -5.91 -68.13 14.50
N GLY A 793 -6.11 -67.16 13.62
CA GLY A 793 -6.20 -67.46 12.20
C GLY A 793 -4.87 -67.39 11.49
N TYR A 794 -3.89 -66.74 12.12
CA TYR A 794 -2.57 -66.53 11.54
C TYR A 794 -1.56 -66.99 12.58
N LYS A 795 -1.19 -68.25 12.53
CA LYS A 795 -0.30 -68.87 13.49
C LYS A 795 1.07 -69.10 12.86
N LEU A 796 2.12 -68.68 13.56
CA LEU A 796 3.46 -69.01 13.13
C LEU A 796 3.73 -70.50 13.33
N LYS A 797 4.38 -71.11 12.34
CA LYS A 797 4.71 -72.53 12.43
C LYS A 797 5.76 -72.76 13.52
N SER A 798 6.74 -71.87 13.62
CA SER A 798 7.73 -71.90 14.68
C SER A 798 7.71 -70.57 15.42
N LYS A 799 7.97 -70.62 16.72
CA LYS A 799 8.04 -69.41 17.53
C LYS A 799 9.47 -68.99 17.82
N ASN A 800 10.45 -69.71 17.28
CA ASN A 800 11.85 -69.36 17.46
C ASN A 800 12.20 -68.15 16.59
N MET A 801 12.83 -67.14 17.20
CA MET A 801 13.15 -65.96 16.41
C MET A 801 14.40 -66.13 15.58
N LEU A 802 15.15 -67.23 15.75
CA LEU A 802 16.13 -67.57 14.72
C LEU A 802 15.42 -68.07 13.47
N ASP A 803 14.29 -68.75 13.62
CA ASP A 803 13.53 -69.21 12.47
C ASP A 803 12.72 -68.10 11.82
N ILE A 804 12.18 -67.17 12.59
CA ILE A 804 11.25 -66.18 12.08
C ILE A 804 11.86 -64.79 12.01
N TYR A 805 13.14 -64.63 12.31
CA TYR A 805 13.78 -63.33 12.18
C TYR A 805 15.26 -63.54 11.88
N LYS A 806 15.89 -62.51 11.33
CA LYS A 806 17.32 -62.56 11.07
C LYS A 806 18.10 -62.47 12.37
N LYS A 807 19.18 -63.26 12.47
CA LYS A 807 19.96 -63.31 13.69
C LYS A 807 20.72 -62.01 13.92
N GLU A 808 21.41 -61.52 12.90
CA GLU A 808 21.95 -60.17 12.86
C GLU A 808 21.17 -59.37 11.82
N SER A 809 20.64 -58.23 12.21
CA SER A 809 19.86 -57.45 11.27
C SER A 809 19.93 -55.97 11.62
N ILE A 810 20.09 -55.13 10.60
CA ILE A 810 19.96 -53.70 10.77
C ILE A 810 18.48 -53.37 10.75
N VAL A 811 17.93 -52.99 11.90
CA VAL A 811 16.50 -52.76 12.03
C VAL A 811 16.19 -51.33 11.61
N ASN A 812 15.38 -51.19 10.57
CA ASN A 812 14.86 -49.92 10.11
C ASN A 812 13.45 -50.17 9.62
N SER A 813 12.90 -49.20 8.89
CA SER A 813 11.54 -49.34 8.38
C SER A 813 11.47 -50.16 7.10
N VAL A 814 12.61 -50.66 6.61
CA VAL A 814 12.69 -51.31 5.30
C VAL A 814 11.88 -52.61 5.28
N ASN A 815 11.97 -53.41 6.35
CA ASN A 815 11.23 -54.67 6.41
C ASN A 815 9.73 -54.44 6.45
N ARG A 816 9.29 -53.38 7.11
CA ARG A 816 7.88 -53.04 7.09
C ARG A 816 7.48 -52.33 5.78
N LEU A 817 8.41 -51.61 5.17
CA LEU A 817 8.08 -50.88 3.96
C LEU A 817 7.96 -51.79 2.75
N GLN A 818 8.70 -52.91 2.73
CA GLN A 818 8.78 -53.74 1.54
C GLN A 818 7.47 -54.45 1.25
N GLY A 819 7.03 -55.31 2.18
CA GLY A 819 5.76 -55.98 1.99
C GLY A 819 5.92 -57.35 1.37
N ASP A 820 5.76 -58.40 2.16
CA ASP A 820 5.88 -59.77 1.67
C ASP A 820 4.71 -60.59 2.18
N ALA A 821 4.01 -61.26 1.26
CA ALA A 821 2.91 -62.12 1.64
C ALA A 821 3.30 -63.58 1.75
N ALA A 822 4.36 -64.00 1.06
CA ALA A 822 4.80 -65.38 1.11
C ALA A 822 5.61 -65.64 2.36
N PHE A 823 5.55 -66.90 2.82
CA PHE A 823 6.27 -67.40 4.02
C PHE A 823 5.87 -66.62 5.27
N TYR A 824 4.57 -66.45 5.47
CA TYR A 824 4.08 -65.74 6.65
C TYR A 824 4.01 -66.63 7.88
N THR A 825 4.11 -67.95 7.72
CA THR A 825 4.05 -68.85 8.86
C THR A 825 5.39 -69.08 9.51
N LYS A 826 6.49 -68.59 8.93
CA LYS A 826 7.78 -68.73 9.57
C LYS A 826 8.64 -67.48 9.43
N SER A 827 8.03 -66.30 9.35
CA SER A 827 8.75 -65.04 9.50
C SER A 827 7.77 -64.00 10.05
N LEU A 828 8.28 -63.12 10.91
CA LEU A 828 7.41 -62.17 11.59
C LEU A 828 6.92 -61.07 10.64
N THR A 829 7.80 -60.61 9.75
CA THR A 829 7.44 -59.51 8.85
C THR A 829 6.38 -59.92 7.85
N ALA A 830 6.52 -61.12 7.28
CA ALA A 830 5.51 -61.59 6.34
C ALA A 830 4.22 -61.96 7.06
N LEU A 831 4.30 -62.36 8.32
CA LEU A 831 3.09 -62.54 9.13
C LEU A 831 2.35 -61.22 9.30
N GLU A 832 3.09 -60.14 9.60
CA GLU A 832 2.53 -58.81 9.73
C GLU A 832 1.85 -58.37 8.45
N HIS A 833 2.57 -58.47 7.33
CA HIS A 833 2.00 -57.99 6.08
C HIS A 833 0.78 -58.77 5.68
N LYS A 834 0.80 -60.09 5.91
CA LYS A 834 -0.35 -60.94 5.61
C LYS A 834 -1.60 -60.42 6.28
N VAL A 835 -1.57 -60.28 7.60
CA VAL A 835 -2.73 -59.80 8.34
C VAL A 835 -3.21 -58.45 7.82
N LEU A 836 -2.27 -57.53 7.57
CA LEU A 836 -2.65 -56.21 7.10
C LEU A 836 -3.38 -56.21 5.76
N LEU A 837 -3.05 -57.12 4.85
CA LEU A 837 -3.81 -57.19 3.59
C LEU A 837 -5.03 -58.09 3.69
N ASP A 838 -5.13 -58.88 4.76
CA ASP A 838 -6.24 -59.81 4.89
C ASP A 838 -7.33 -59.27 5.80
N LYS A 839 -7.15 -58.06 6.30
CA LYS A 839 -8.17 -57.45 7.14
C LYS A 839 -8.52 -56.10 6.56
N LEU A 840 -7.53 -55.39 6.04
CA LEU A 840 -7.81 -54.13 5.38
C LEU A 840 -7.77 -54.43 3.89
N THR A 841 -8.79 -55.13 3.40
CA THR A 841 -8.81 -55.52 2.00
C THR A 841 -9.76 -54.63 1.20
N THR A 842 -9.70 -54.72 -0.12
CA THR A 842 -10.57 -53.91 -0.98
C THR A 842 -11.97 -54.48 -1.14
N ASP A 843 -12.51 -55.10 -0.10
CA ASP A 843 -13.86 -55.65 -0.16
C ASP A 843 -14.76 -54.83 0.72
N ILE A 844 -16.04 -55.18 0.76
CA ILE A 844 -16.97 -54.48 1.62
C ILE A 844 -17.24 -55.31 2.87
N ALA A 845 -17.18 -56.64 2.76
CA ALA A 845 -17.46 -57.53 3.89
C ALA A 845 -18.52 -57.01 4.85
N ASP A 846 -18.12 -56.69 6.07
CA ASP A 846 -19.05 -56.15 7.07
C ASP A 846 -18.19 -55.37 8.04
N THR A 847 -16.95 -55.82 8.21
CA THR A 847 -16.03 -55.13 9.10
C THR A 847 -14.90 -54.62 8.25
N ASN A 848 -15.16 -54.48 6.95
CA ASN A 848 -14.10 -54.06 6.05
C ASN A 848 -14.01 -52.57 5.82
N VAL A 849 -13.30 -52.18 4.76
CA VAL A 849 -13.07 -50.77 4.55
C VAL A 849 -13.83 -50.10 3.41
N PHE A 850 -14.25 -50.89 2.41
CA PHE A 850 -15.00 -50.32 1.30
C PHE A 850 -16.48 -50.31 1.60
N VAL A 851 -16.84 -50.75 2.82
CA VAL A 851 -18.24 -50.89 3.26
C VAL A 851 -19.30 -50.17 2.46
N GLY A 852 -20.12 -50.95 1.79
CA GLY A 852 -21.17 -50.36 0.99
C GLY A 852 -22.37 -51.20 1.27
N GLY A 853 -23.49 -50.54 1.50
CA GLY A 853 -24.72 -51.25 1.74
C GLY A 853 -24.87 -51.45 3.22
N TRP A 854 -23.77 -51.50 3.92
CA TRP A 854 -23.84 -51.72 5.33
C TRP A 854 -23.77 -50.39 6.05
N GLN A 855 -23.44 -49.32 5.35
CA GLN A 855 -23.43 -48.04 6.02
C GLN A 855 -24.86 -47.75 6.38
N LEU A 856 -25.79 -48.21 5.56
CA LEU A 856 -27.19 -48.08 5.92
C LEU A 856 -27.52 -48.78 7.22
N THR A 857 -26.84 -49.87 7.53
CA THR A 857 -27.10 -50.65 8.73
C THR A 857 -26.18 -50.21 9.85
N ALA A 858 -26.44 -50.75 11.04
CA ALA A 858 -25.61 -50.49 12.20
C ALA A 858 -24.44 -51.45 12.32
N ASN A 859 -24.29 -52.33 11.33
CA ASN A 859 -23.24 -53.35 11.36
C ASN A 859 -21.79 -52.83 11.39
N PRO A 860 -21.36 -51.81 10.63
CA PRO A 860 -19.95 -51.38 10.75
C PRO A 860 -19.61 -50.69 12.05
N HIS A 861 -20.59 -50.30 12.85
CA HIS A 861 -20.34 -49.68 14.14
C HIS A 861 -20.48 -50.65 15.30
N GLU A 862 -20.99 -51.85 15.06
CA GLU A 862 -21.12 -52.86 16.09
C GLU A 862 -20.01 -53.91 16.00
N TYR A 863 -19.80 -54.46 14.79
CA TYR A 863 -18.81 -55.50 14.60
C TYR A 863 -17.42 -54.94 14.31
N CYS A 864 -17.31 -53.67 13.97
CA CYS A 864 -16.02 -52.99 13.84
C CYS A 864 -16.05 -51.86 14.85
N LYS A 865 -15.60 -52.15 16.07
CA LYS A 865 -15.66 -51.22 17.18
C LYS A 865 -14.35 -50.46 17.29
N TRP A 866 -14.45 -49.13 17.26
CA TRP A 866 -13.27 -48.28 17.42
C TRP A 866 -12.80 -48.31 18.87
N ARG A 867 -11.49 -48.50 19.05
CA ARG A 867 -10.85 -48.78 20.34
C ARG A 867 -11.51 -49.97 21.04
N ARG A 868 -11.53 -51.10 20.36
CA ARG A 868 -12.16 -52.28 20.92
C ARG A 868 -11.22 -52.77 21.97
N GLY A 869 -11.62 -52.64 23.22
CA GLY A 869 -10.79 -53.13 24.29
C GLY A 869 -11.55 -54.11 25.14
N THR A 870 -10.97 -54.51 26.25
CA THR A 870 -11.66 -55.41 27.16
C THR A 870 -12.61 -54.60 28.00
N LYS A 871 -13.44 -55.26 28.79
CA LYS A 871 -14.42 -54.59 29.64
C LYS A 871 -13.90 -53.34 30.35
N ASN A 872 -12.75 -53.44 31.00
CA ASN A 872 -12.13 -52.27 31.63
C ASN A 872 -12.89 -51.46 32.68
N GLU A 873 -12.88 -51.91 33.92
CA GLU A 873 -13.49 -51.14 34.99
C GLU A 873 -12.38 -50.29 35.59
N ASP A 874 -12.74 -49.22 36.29
CA ASP A 874 -11.69 -48.35 36.79
C ASP A 874 -11.63 -48.26 38.29
N LEU A 875 -10.60 -48.87 38.86
CA LEU A 875 -10.42 -48.78 40.29
C LEU A 875 -9.85 -47.41 40.52
N VAL A 876 -10.46 -46.62 41.40
CA VAL A 876 -10.03 -45.24 41.60
C VAL A 876 -9.40 -44.96 42.96
N LEU A 877 -8.23 -44.35 42.95
CA LEU A 877 -7.56 -44.01 44.19
C LEU A 877 -8.07 -42.67 44.63
N THR A 878 -8.67 -42.62 45.81
CA THR A 878 -9.16 -41.36 46.31
C THR A 878 -8.40 -40.99 47.54
N ASP A 879 -7.51 -40.00 47.41
CA ASP A 879 -6.75 -39.52 48.55
C ASP A 879 -6.03 -40.60 49.31
N GLY A 880 -5.38 -41.51 48.60
CA GLY A 880 -4.60 -42.52 49.27
C GLY A 880 -5.38 -43.75 49.61
N LYS A 881 -6.69 -43.66 49.52
CA LYS A 881 -7.54 -44.79 49.85
C LYS A 881 -8.11 -45.35 48.58
N TRP A 882 -7.84 -46.62 48.32
CA TRP A 882 -8.30 -47.21 47.09
C TRP A 882 -9.76 -47.60 47.16
N SER A 883 -10.38 -47.77 46.00
CA SER A 883 -11.80 -48.05 45.99
C SER A 883 -12.11 -49.51 46.10
N GLY A 884 -11.79 -50.28 45.07
CA GLY A 884 -12.15 -51.68 45.06
C GLY A 884 -11.17 -52.63 45.69
N ASN A 885 -10.99 -53.78 45.07
CA ASN A 885 -10.10 -54.78 45.62
C ASN A 885 -8.70 -54.47 45.20
N VAL A 886 -8.10 -53.49 45.85
CA VAL A 886 -6.79 -53.09 45.41
C VAL A 886 -5.67 -53.54 46.30
N THR A 887 -5.70 -53.25 47.59
CA THR A 887 -4.61 -53.59 48.52
C THR A 887 -3.20 -53.13 48.15
N THR A 888 -2.86 -51.95 48.64
CA THR A 888 -1.54 -51.42 48.38
C THR A 888 -0.47 -52.33 48.91
N THR A 889 0.63 -52.42 48.18
CA THR A 889 1.69 -53.29 48.60
C THR A 889 2.99 -52.56 48.65
N LYS A 890 4.07 -53.28 48.94
CA LYS A 890 5.37 -52.64 49.06
C LYS A 890 6.28 -53.21 48.01
N PRO A 891 7.03 -52.36 47.34
CA PRO A 891 7.84 -52.91 46.26
C PRO A 891 9.11 -53.48 46.78
N ILE A 892 9.90 -54.07 45.90
CA ILE A 892 11.20 -54.52 46.34
C ILE A 892 11.89 -53.19 46.33
N GLN A 893 12.79 -52.93 47.25
CA GLN A 893 13.38 -51.60 47.25
C GLN A 893 14.83 -51.78 46.96
N SER A 894 15.13 -52.61 46.00
CA SER A 894 16.51 -52.89 45.75
C SER A 894 17.15 -51.91 44.83
N LYS A 895 16.59 -51.70 43.65
CA LYS A 895 17.26 -50.85 42.70
C LYS A 895 16.42 -49.71 42.16
N ILE A 896 15.26 -49.47 42.72
CA ILE A 896 14.43 -48.38 42.29
C ILE A 896 15.20 -47.08 42.18
N TRP A 897 15.26 -46.46 41.01
CA TRP A 897 15.89 -45.14 40.99
C TRP A 897 14.87 -44.12 41.35
N ARG A 898 13.79 -44.06 40.61
CA ARG A 898 12.84 -43.03 40.91
C ARG A 898 11.48 -43.60 41.16
N LYS A 899 10.84 -43.13 42.20
CA LYS A 899 9.52 -43.61 42.53
C LYS A 899 8.70 -42.43 42.97
N TRP A 900 7.65 -42.12 42.23
CA TRP A 900 6.84 -40.99 42.56
C TRP A 900 5.61 -41.52 43.21
N GLN A 901 5.10 -40.80 44.20
CA GLN A 901 3.96 -41.27 44.92
C GLN A 901 2.70 -40.69 44.36
N GLY A 902 1.58 -41.34 44.66
CA GLY A 902 0.32 -40.87 44.11
C GLY A 902 -0.79 -40.96 45.11
N GLU A 903 -1.73 -40.05 45.02
CA GLU A 903 -2.78 -40.03 46.00
C GLU A 903 -4.14 -40.00 45.36
N ASN A 904 -4.23 -39.38 44.20
CA ASN A 904 -5.51 -39.27 43.54
C ASN A 904 -5.48 -40.20 42.37
N GLY A 905 -6.20 -39.86 41.29
CA GLY A 905 -6.14 -40.64 40.06
C GLY A 905 -6.93 -41.93 40.00
N SER A 906 -6.75 -42.67 38.90
CA SER A 906 -7.45 -43.94 38.74
C SER A 906 -6.62 -44.92 37.94
N ILE A 907 -6.83 -46.22 38.17
CA ILE A 907 -6.11 -47.23 37.40
C ILE A 907 -7.13 -48.00 36.57
N THR A 908 -6.78 -48.36 35.34
CA THR A 908 -7.71 -49.08 34.47
C THR A 908 -7.46 -50.57 34.54
N VAL A 909 -8.34 -51.29 35.21
CA VAL A 909 -8.14 -52.73 35.37
C VAL A 909 -9.10 -53.51 34.49
N PRO A 910 -8.60 -54.51 33.75
CA PRO A 910 -9.52 -55.35 32.99
C PRO A 910 -10.41 -56.15 33.93
N GLU A 911 -11.63 -56.47 33.50
CA GLU A 911 -12.54 -57.25 34.34
C GLU A 911 -12.00 -58.62 34.69
N TYR A 912 -11.13 -59.17 33.86
CA TYR A 912 -10.52 -60.46 34.15
C TYR A 912 -9.67 -60.36 35.41
N LEU A 913 -8.93 -59.27 35.55
CA LEU A 913 -8.05 -59.10 36.70
C LEU A 913 -8.76 -58.41 37.87
N LEU A 914 -10.06 -58.17 37.73
CA LEU A 914 -10.83 -57.58 38.81
C LEU A 914 -11.17 -58.68 39.79
N ASP A 915 -11.27 -59.91 39.30
CA ASP A 915 -11.55 -61.05 40.16
C ASP A 915 -10.58 -61.09 41.33
N LYS A 916 -9.29 -60.99 41.04
CA LYS A 916 -8.29 -60.97 42.10
C LYS A 916 -7.94 -59.54 42.46
N THR A 917 -7.13 -59.36 43.48
CA THR A 917 -6.69 -58.01 43.83
C THR A 917 -5.66 -57.57 42.80
N ILE A 918 -5.79 -56.34 42.32
CA ILE A 918 -4.81 -55.84 41.37
C ILE A 918 -3.53 -55.49 42.15
N CYS A 919 -3.62 -55.37 43.48
CA CYS A 919 -2.45 -55.06 44.31
C CYS A 919 -1.65 -53.88 43.74
N TYR A 920 -2.25 -52.69 43.83
CA TYR A 920 -1.54 -51.50 43.39
C TYR A 920 -0.34 -51.20 44.28
N ASN A 921 0.74 -50.74 43.65
CA ASN A 921 1.97 -50.44 44.34
C ASN A 921 2.52 -49.13 43.79
N ASP A 922 3.35 -48.47 44.59
CA ASP A 922 3.88 -47.16 44.22
C ASP A 922 4.91 -47.26 43.10
N PHE A 923 5.68 -48.34 43.06
CA PHE A 923 6.72 -48.49 42.05
C PHE A 923 6.17 -49.05 40.73
N TYR A 924 5.60 -50.24 40.78
CA TYR A 924 4.95 -50.87 39.63
C TYR A 924 3.47 -51.05 39.91
N GLY A 925 2.64 -50.65 38.96
CA GLY A 925 1.22 -50.49 39.21
C GLY A 925 0.41 -51.74 39.47
N GLY A 926 0.14 -52.54 38.45
CA GLY A 926 -0.76 -53.67 38.59
C GLY A 926 -0.05 -54.97 38.28
N TYR A 927 -0.40 -56.02 39.02
CA TYR A 927 0.19 -57.34 38.79
C TYR A 927 -0.74 -58.40 39.36
N GLU A 928 -0.24 -59.64 39.36
CA GLU A 928 -0.98 -60.81 39.83
C GLU A 928 -0.19 -61.43 40.98
N ASN A 929 -0.63 -61.16 42.21
CA ASN A 929 0.05 -61.71 43.38
C ASN A 929 -0.95 -61.97 44.50
N MET B 1 2.65 -131.91 -4.29
CA MET B 1 2.72 -131.49 -5.68
C MET B 1 1.93 -130.21 -5.87
N ILE B 2 2.24 -129.45 -6.91
CA ILE B 2 1.58 -128.16 -7.10
C ILE B 2 0.60 -128.22 -8.24
N LYS B 3 0.92 -128.95 -9.29
CA LYS B 3 0.05 -128.96 -10.44
C LYS B 3 -1.11 -129.79 -10.05
N GLU B 4 -0.84 -130.80 -9.23
CA GLU B 4 -1.89 -131.64 -8.74
C GLU B 4 -2.88 -130.77 -8.00
N MET B 5 -2.36 -129.83 -7.21
CA MET B 5 -3.23 -128.98 -6.44
C MET B 5 -3.99 -127.98 -7.30
N ILE B 6 -3.36 -127.43 -8.32
CA ILE B 6 -4.04 -126.43 -9.11
C ILE B 6 -5.18 -127.10 -9.84
N GLU B 7 -5.01 -128.37 -10.19
CA GLU B 7 -6.04 -129.07 -10.91
C GLU B 7 -7.09 -129.59 -9.96
N ASP B 8 -6.71 -129.79 -8.71
CA ASP B 8 -7.69 -130.21 -7.70
C ASP B 8 -8.60 -129.04 -7.56
N PHE B 9 -8.03 -127.84 -7.55
CA PHE B 9 -8.83 -126.66 -7.46
C PHE B 9 -9.74 -126.48 -8.66
N ILE B 10 -9.25 -126.81 -9.84
CA ILE B 10 -10.05 -126.57 -11.04
C ILE B 10 -11.23 -127.55 -11.21
N SER B 11 -11.08 -128.81 -10.84
CA SER B 11 -12.21 -129.74 -10.82
C SER B 11 -13.36 -129.21 -9.97
N LYS B 12 -13.06 -128.39 -8.97
CA LYS B 12 -14.06 -127.72 -8.15
C LYS B 12 -14.36 -126.35 -8.76
N GLY B 13 -14.97 -125.46 -7.97
CA GLY B 13 -15.44 -124.18 -8.50
C GLY B 13 -14.33 -123.30 -9.04
N GLY B 14 -13.19 -123.28 -8.36
CA GLY B 14 -11.96 -122.84 -8.99
C GLY B 14 -11.73 -121.36 -9.15
N LEU B 15 -11.82 -120.60 -8.06
CA LEU B 15 -11.71 -119.15 -8.11
C LEU B 15 -10.54 -118.68 -7.27
N ILE B 16 -9.68 -117.86 -7.87
CA ILE B 16 -8.58 -117.20 -7.18
C ILE B 16 -8.80 -115.70 -7.30
N PHE B 17 -8.73 -114.99 -6.16
CA PHE B 17 -9.13 -113.60 -6.11
C PHE B 17 -8.27 -112.82 -5.14
N THR B 18 -8.21 -111.51 -5.38
CA THR B 18 -7.54 -110.58 -4.47
C THR B 18 -8.52 -109.68 -3.73
N HIS B 19 -9.76 -109.59 -4.19
CA HIS B 19 -10.79 -108.82 -3.52
C HIS B 19 -12.08 -109.62 -3.56
N SER B 20 -12.88 -109.51 -2.49
CA SER B 20 -14.15 -110.21 -2.45
C SER B 20 -15.13 -109.56 -1.50
N GLY B 21 -16.41 -109.68 -1.81
CA GLY B 21 -17.47 -109.36 -0.89
C GLY B 21 -17.88 -110.52 -0.02
N ARG B 22 -17.14 -111.64 -0.10
CA ARG B 22 -17.41 -112.79 0.74
C ARG B 22 -17.12 -112.51 2.20
N TYR B 23 -16.15 -111.62 2.47
CA TYR B 23 -15.85 -111.26 3.85
C TYR B 23 -16.94 -110.37 4.45
N THR B 24 -17.59 -109.54 3.63
CA THR B 24 -18.68 -108.71 4.11
C THR B 24 -19.90 -109.56 4.44
N ASN B 25 -20.24 -110.50 3.57
CA ASN B 25 -21.35 -111.40 3.78
C ASN B 25 -20.97 -112.77 3.23
N THR B 26 -21.18 -113.81 4.03
CA THR B 26 -20.79 -115.15 3.60
C THR B 26 -21.76 -115.69 2.55
N ASN B 27 -22.98 -115.17 2.50
CA ASN B 27 -23.96 -115.54 1.48
C ASN B 27 -23.72 -114.86 0.15
N ASN B 28 -22.74 -113.97 0.05
CA ASN B 28 -22.58 -113.13 -1.13
C ASN B 28 -21.99 -113.91 -2.31
N SER B 29 -20.76 -114.41 -2.13
CA SER B 29 -19.98 -115.13 -3.15
C SER B 29 -19.76 -114.29 -4.41
N CYS B 30 -19.03 -113.19 -4.25
CA CYS B 30 -18.47 -112.43 -5.35
C CYS B 30 -16.96 -112.37 -5.18
N PHE B 31 -16.22 -112.82 -6.19
CA PHE B 31 -14.78 -113.00 -6.09
C PHE B 31 -14.09 -112.32 -7.26
N ILE B 32 -13.16 -111.43 -6.96
CA ILE B 32 -12.57 -110.52 -7.94
C ILE B 32 -11.06 -110.59 -7.84
N PHE B 33 -10.40 -110.90 -8.96
CA PHE B 33 -8.94 -110.93 -9.03
C PHE B 33 -8.46 -109.69 -9.78
N ASN B 34 -7.89 -108.74 -9.05
CA ASN B 34 -7.30 -107.56 -9.67
C ASN B 34 -5.87 -107.89 -10.10
N LYS B 35 -5.50 -107.45 -11.30
CA LYS B 35 -4.19 -107.80 -11.85
C LYS B 35 -3.12 -106.79 -11.44
N ASN B 36 -3.50 -105.53 -11.23
CA ASN B 36 -2.50 -104.48 -11.04
C ASN B 36 -1.83 -104.54 -9.68
N ASP B 37 -2.52 -105.04 -8.67
CA ASP B 37 -1.99 -105.05 -7.32
C ASP B 37 -1.17 -106.28 -7.00
N ILE B 38 -0.91 -107.16 -7.97
CA ILE B 38 -0.13 -108.35 -7.68
C ILE B 38 1.34 -107.95 -7.64
N GLY B 39 1.98 -108.18 -6.50
CA GLY B 39 3.38 -107.87 -6.37
C GLY B 39 4.20 -109.03 -5.84
N VAL B 40 5.35 -108.72 -5.26
CA VAL B 40 6.23 -109.75 -4.72
C VAL B 40 5.60 -110.38 -3.48
N ASP B 41 5.10 -109.55 -2.56
CA ASP B 41 4.55 -110.00 -1.29
C ASP B 41 3.05 -109.81 -1.22
N THR B 42 2.35 -109.97 -2.33
CA THR B 42 0.90 -109.82 -2.36
C THR B 42 0.26 -111.15 -1.95
N LYS B 43 -0.37 -111.16 -0.79
CA LYS B 43 -1.14 -112.33 -0.37
C LYS B 43 -2.40 -112.45 -1.22
N VAL B 44 -2.75 -113.68 -1.55
CA VAL B 44 -3.79 -113.95 -2.54
C VAL B 44 -4.74 -114.99 -1.99
N ASP B 45 -6.03 -114.71 -2.11
CA ASP B 45 -7.03 -115.60 -1.55
C ASP B 45 -7.65 -116.47 -2.64
N MET B 46 -8.25 -117.58 -2.22
CA MET B 46 -8.92 -118.48 -3.13
C MET B 46 -10.18 -119.05 -2.50
N TYR B 47 -11.12 -119.46 -3.34
CA TYR B 47 -12.42 -119.97 -2.92
C TYR B 47 -12.66 -121.34 -3.53
N THR B 48 -13.15 -122.25 -2.70
CA THR B 48 -13.70 -123.54 -3.09
C THR B 48 -15.00 -123.71 -2.32
N PRO B 49 -15.98 -124.40 -2.91
CA PRO B 49 -17.17 -124.80 -2.13
C PRO B 49 -16.80 -125.64 -0.91
N LYS B 50 -17.11 -125.08 0.27
CA LYS B 50 -16.79 -125.63 1.60
C LYS B 50 -15.29 -125.84 1.80
N SER B 51 -14.47 -125.02 1.12
CA SER B 51 -13.00 -125.01 1.19
C SER B 51 -12.41 -126.39 0.91
N ALA B 52 -12.96 -127.06 -0.10
CA ALA B 52 -12.55 -128.42 -0.40
C ALA B 52 -11.19 -128.44 -1.09
N GLY B 53 -10.52 -129.59 -1.00
CA GLY B 53 -9.21 -129.75 -1.60
C GLY B 53 -8.32 -130.68 -0.81
N ILE B 54 -7.45 -131.44 -1.49
CA ILE B 54 -6.62 -132.40 -0.80
C ILE B 54 -5.40 -131.70 -0.22
N LYS B 55 -4.82 -132.32 0.80
CA LYS B 55 -3.62 -131.82 1.44
C LYS B 55 -2.40 -132.57 0.92
N ASN B 56 -1.23 -132.00 1.19
CA ASN B 56 0.04 -132.59 0.79
C ASN B 56 0.54 -133.54 1.89
N GLU B 57 1.80 -133.95 1.80
CA GLU B 57 2.40 -134.79 2.82
C GLU B 57 2.68 -134.03 4.11
N GLU B 58 2.83 -132.71 4.04
CA GLU B 58 2.98 -131.87 5.23
C GLU B 58 1.66 -131.30 5.71
N GLY B 59 0.53 -131.78 5.18
CA GLY B 59 -0.76 -131.44 5.74
C GLY B 59 -1.27 -130.05 5.42
N GLU B 60 -0.85 -129.49 4.29
CA GLU B 60 -1.27 -128.16 3.90
C GLU B 60 -2.11 -128.22 2.64
N ASN B 61 -3.12 -127.36 2.56
CA ASN B 61 -3.92 -127.24 1.35
C ASN B 61 -3.19 -126.33 0.37
N LEU B 62 -3.87 -125.91 -0.69
CA LEU B 62 -3.23 -125.07 -1.69
C LEU B 62 -2.99 -123.65 -1.17
N TRP B 63 -3.73 -123.24 -0.13
CA TRP B 63 -3.63 -121.88 0.36
C TRP B 63 -2.33 -121.64 1.11
N GLN B 64 -1.83 -122.65 1.83
CA GLN B 64 -0.52 -122.48 2.47
C GLN B 64 0.60 -122.43 1.44
N VAL B 65 0.63 -123.38 0.50
CA VAL B 65 1.76 -123.49 -0.41
C VAL B 65 1.79 -122.33 -1.40
N LEU B 66 0.63 -121.83 -1.82
CA LEU B 66 0.62 -120.69 -2.73
C LEU B 66 0.97 -119.37 -2.06
N ASN B 67 1.09 -119.33 -0.73
CA ASN B 67 1.23 -118.07 -0.03
C ASN B 67 2.50 -117.93 0.81
N LYS B 68 3.41 -118.91 0.79
CA LYS B 68 4.72 -118.70 1.41
C LYS B 68 5.78 -118.68 0.32
N ALA B 69 6.88 -117.98 0.62
CA ALA B 69 8.06 -117.82 -0.25
C ALA B 69 7.71 -117.21 -1.59
N ASN B 70 6.66 -116.39 -1.62
CA ASN B 70 6.16 -115.68 -2.82
C ASN B 70 5.88 -116.66 -3.96
N MET B 71 5.25 -117.78 -3.64
CA MET B 71 5.02 -118.83 -4.63
C MET B 71 3.98 -118.41 -5.66
N PHE B 72 2.97 -117.64 -5.24
CA PHE B 72 1.97 -117.18 -6.20
C PHE B 72 2.56 -116.19 -7.19
N TYR B 73 3.50 -115.35 -6.74
CA TYR B 73 4.18 -114.48 -7.69
C TYR B 73 5.16 -115.26 -8.56
N ARG B 74 5.68 -116.37 -8.06
CA ARG B 74 6.59 -117.20 -8.85
C ARG B 74 5.84 -117.91 -9.97
N ILE B 75 4.64 -118.42 -9.69
CA ILE B 75 3.80 -118.98 -10.73
C ILE B 75 3.25 -117.87 -11.62
N TYR B 76 3.01 -116.69 -11.04
CA TYR B 76 2.50 -115.55 -11.79
C TYR B 76 3.52 -114.98 -12.78
N SER B 77 4.81 -114.97 -12.41
CA SER B 77 5.85 -114.53 -13.35
C SER B 77 6.44 -115.68 -14.16
N GLY B 78 5.98 -116.90 -13.93
CA GLY B 78 6.37 -118.04 -14.74
C GLY B 78 7.79 -118.51 -14.59
N GLU B 79 8.32 -118.49 -13.37
CA GLU B 79 9.59 -119.13 -13.12
C GLU B 79 9.47 -120.64 -13.05
N LEU B 80 8.25 -121.16 -12.84
CA LEU B 80 7.99 -122.59 -12.79
C LEU B 80 7.25 -123.11 -14.01
N GLY B 81 7.11 -122.29 -15.05
CA GLY B 81 6.52 -122.77 -16.28
C GLY B 81 5.36 -121.95 -16.82
N GLU B 82 5.31 -121.77 -18.14
CA GLU B 82 4.24 -121.00 -18.76
C GLU B 82 2.94 -121.79 -18.86
N GLU B 83 3.01 -123.12 -18.87
CA GLU B 83 1.77 -123.88 -18.85
C GLU B 83 1.17 -123.85 -17.46
N LEU B 84 2.02 -123.73 -16.44
CA LEU B 84 1.52 -123.46 -15.09
C LEU B 84 0.94 -122.05 -14.97
N GLN B 85 1.49 -121.09 -15.71
CA GLN B 85 0.91 -119.75 -15.71
C GLN B 85 -0.53 -119.89 -16.18
N TYR B 86 -0.74 -120.71 -17.21
CA TYR B 86 -2.08 -120.92 -17.74
C TYR B 86 -2.99 -121.53 -16.68
N LEU B 87 -2.50 -122.56 -15.98
CA LEU B 87 -3.31 -123.23 -14.97
C LEU B 87 -3.71 -122.26 -13.89
N LEU B 88 -2.76 -121.44 -13.45
CA LEU B 88 -3.05 -120.44 -12.44
C LEU B 88 -4.11 -119.49 -12.94
N LYS B 89 -3.93 -118.97 -14.15
CA LYS B 89 -4.87 -117.98 -14.68
C LYS B 89 -6.23 -118.58 -15.02
N SER B 90 -6.30 -119.90 -15.18
CA SER B 90 -7.58 -120.55 -15.42
C SER B 90 -8.39 -120.50 -14.14
N CYS B 91 -7.72 -120.44 -13.00
CA CYS B 91 -8.43 -120.30 -11.74
C CYS B 91 -8.64 -118.82 -11.40
N CYS B 92 -7.80 -117.94 -11.93
CA CYS B 92 -7.93 -116.51 -11.68
C CYS B 92 -9.03 -115.86 -12.52
N THR B 93 -10.28 -115.94 -12.06
CA THR B 93 -11.39 -115.33 -12.80
C THR B 93 -12.12 -114.26 -11.99
N ALA B 94 -12.98 -113.49 -12.64
CA ALA B 94 -13.76 -112.49 -11.92
C ALA B 94 -15.22 -112.92 -11.94
N LYS B 95 -15.71 -113.43 -10.81
CA LYS B 95 -17.10 -113.78 -10.63
C LYS B 95 -17.78 -112.68 -9.84
N GLU B 96 -18.99 -112.32 -10.24
CA GLU B 96 -19.64 -111.12 -9.76
C GLU B 96 -21.00 -111.44 -9.16
N ASP B 97 -21.27 -110.89 -7.97
CA ASP B 97 -22.59 -110.92 -7.39
C ASP B 97 -22.71 -109.70 -6.49
N VAL B 98 -23.82 -108.97 -6.63
CA VAL B 98 -24.01 -107.73 -5.89
C VAL B 98 -25.03 -107.87 -4.78
N THR B 99 -25.68 -109.03 -4.66
CA THR B 99 -26.64 -109.24 -3.58
C THR B 99 -25.92 -109.42 -2.24
N THR B 100 -26.58 -108.96 -1.18
CA THR B 100 -26.06 -108.91 0.20
C THR B 100 -24.70 -108.20 0.26
N LEU B 101 -24.58 -107.11 -0.48
CA LEU B 101 -23.39 -106.27 -0.46
C LEU B 101 -23.80 -104.81 -0.36
N PRO B 102 -22.99 -103.98 0.28
CA PRO B 102 -23.31 -102.55 0.37
C PRO B 102 -23.18 -101.86 -0.98
N GLN B 103 -24.10 -100.94 -1.24
CA GLN B 103 -24.13 -100.17 -2.48
C GLN B 103 -24.30 -98.70 -2.12
N ILE B 104 -23.24 -97.92 -2.27
CA ILE B 104 -23.27 -96.51 -1.90
C ILE B 104 -23.07 -95.67 -3.14
N TYR B 105 -23.32 -94.37 -3.00
CA TYR B 105 -23.12 -93.42 -4.08
C TYR B 105 -21.86 -92.62 -3.79
N PHE B 106 -20.98 -92.52 -4.78
CA PHE B 106 -19.78 -91.71 -4.68
C PHE B 106 -19.81 -90.67 -5.80
N LYS B 107 -19.54 -89.42 -5.44
CA LYS B 107 -19.60 -88.34 -6.41
C LYS B 107 -18.39 -88.41 -7.35
N ASN B 108 -18.67 -88.44 -8.66
CA ASN B 108 -17.64 -88.51 -9.68
C ASN B 108 -17.56 -87.23 -10.51
N GLY B 109 -18.14 -86.13 -10.02
CA GLY B 109 -18.20 -84.91 -10.78
C GLY B 109 -19.47 -84.86 -11.60
N GLU B 110 -20.37 -83.91 -11.26
CA GLU B 110 -21.72 -83.70 -11.80
C GLU B 110 -22.53 -84.99 -11.97
N GLY B 111 -22.31 -85.96 -11.09
CA GLY B 111 -22.95 -87.25 -11.19
C GLY B 111 -22.41 -88.17 -10.12
N TYR B 112 -23.00 -89.36 -10.04
CA TYR B 112 -22.64 -90.30 -8.99
C TYR B 112 -22.42 -91.67 -9.61
N ASP B 113 -21.55 -92.45 -8.97
CA ASP B 113 -21.33 -93.86 -9.30
C ASP B 113 -21.76 -94.71 -8.11
N ILE B 114 -22.48 -95.79 -8.40
CA ILE B 114 -22.85 -96.74 -7.35
C ILE B 114 -21.65 -97.65 -7.10
N LEU B 115 -20.91 -97.38 -6.05
CA LEU B 115 -19.78 -98.21 -5.69
C LEU B 115 -20.23 -99.31 -4.74
N VAL B 116 -19.80 -100.54 -5.04
CA VAL B 116 -20.03 -101.69 -4.18
C VAL B 116 -18.69 -102.03 -3.55
N PRO B 117 -18.45 -101.65 -2.30
CA PRO B 117 -17.13 -101.88 -1.69
C PRO B 117 -16.95 -103.33 -1.28
N ILE B 118 -15.95 -103.98 -1.87
CA ILE B 118 -15.55 -105.33 -1.49
C ILE B 118 -14.16 -105.26 -0.87
N GLY B 119 -13.90 -106.14 0.08
CA GLY B 119 -12.68 -106.04 0.86
C GLY B 119 -11.49 -106.68 0.17
N ASN B 120 -10.33 -106.06 0.35
CA ASN B 120 -9.09 -106.58 -0.20
C ASN B 120 -8.61 -107.76 0.61
N ALA B 121 -8.32 -108.86 -0.07
CA ALA B 121 -7.89 -110.08 0.60
C ALA B 121 -6.44 -109.98 1.07
N HIS B 122 -5.59 -109.32 0.27
CA HIS B 122 -4.20 -109.10 0.65
C HIS B 122 -4.12 -108.26 1.91
N ASN B 123 -5.00 -107.26 2.03
CA ASN B 123 -5.06 -106.44 3.23
C ASN B 123 -5.38 -107.28 4.45
N LEU B 124 -6.37 -108.17 4.35
CA LEU B 124 -6.76 -109.01 5.48
C LEU B 124 -5.64 -109.97 5.89
N ILE B 125 -5.13 -110.75 4.93
CA ILE B 125 -4.16 -111.80 5.27
C ILE B 125 -2.82 -111.19 5.68
N SER B 126 -2.29 -110.28 4.86
CA SER B 126 -1.01 -109.66 5.15
C SER B 126 -1.08 -108.76 6.37
N GLY B 127 -2.22 -108.11 6.62
CA GLY B 127 -2.36 -107.31 7.81
C GLY B 127 -2.42 -108.13 9.07
N THR B 128 -3.12 -109.28 9.03
CA THR B 128 -3.14 -110.16 10.18
C THR B 128 -1.75 -110.69 10.48
N GLU B 129 -1.03 -111.16 9.44
CA GLU B 129 0.32 -111.67 9.63
C GLU B 129 1.29 -110.59 10.10
N TYR B 130 1.18 -109.39 9.55
CA TYR B 130 2.13 -108.33 9.89
C TYR B 130 1.85 -107.75 11.28
N LEU B 131 0.58 -107.47 11.58
CA LEU B 131 0.26 -106.87 12.87
C LEU B 131 0.35 -107.87 14.01
N TRP B 132 0.29 -109.17 13.72
CA TRP B 132 0.72 -110.13 14.73
C TRP B 132 2.24 -110.23 14.79
N GLU B 133 2.92 -110.02 13.67
CA GLU B 133 4.38 -110.05 13.66
C GLU B 133 4.99 -108.80 14.27
N HIS B 134 4.45 -107.62 13.97
CA HIS B 134 5.02 -106.36 14.44
C HIS B 134 4.41 -105.87 15.74
N LYS B 135 3.68 -106.74 16.44
CA LYS B 135 3.17 -106.51 17.80
C LYS B 135 2.26 -105.27 17.89
N TYR B 136 1.43 -105.06 16.87
CA TYR B 136 0.50 -103.94 16.85
C TYR B 136 -0.82 -104.40 17.43
N TYR B 137 -1.11 -103.98 18.65
CA TYR B 137 -2.22 -104.49 19.45
C TYR B 137 -3.34 -103.47 19.59
N ASN B 138 -3.35 -102.43 18.76
CA ASN B 138 -4.45 -101.48 18.68
C ASN B 138 -5.43 -101.92 17.59
N THR B 139 -6.05 -103.08 17.83
CA THR B 139 -6.72 -103.83 16.79
C THR B 139 -7.93 -104.57 17.36
N PHE B 140 -8.80 -104.98 16.46
CA PHE B 140 -9.88 -105.92 16.71
C PHE B 140 -9.58 -107.22 15.96
N THR B 141 -10.13 -108.32 16.45
CA THR B 141 -9.97 -109.62 15.82
C THR B 141 -11.35 -110.20 15.55
N GLN B 142 -11.59 -110.59 14.30
CA GLN B 142 -12.91 -111.09 13.91
C GLN B 142 -12.78 -112.37 13.09
N LYS B 143 -13.40 -113.44 13.56
CA LYS B 143 -13.56 -114.65 12.77
C LYS B 143 -14.69 -114.43 11.78
N LEU B 144 -14.39 -114.58 10.49
CA LEU B 144 -15.30 -114.08 9.46
C LEU B 144 -16.41 -115.05 9.13
N GLY B 145 -16.08 -116.33 8.94
CA GLY B 145 -17.06 -117.27 8.43
C GLY B 145 -18.12 -117.67 9.44
N GLY B 146 -17.81 -117.57 10.73
CA GLY B 146 -18.74 -117.91 11.78
C GLY B 146 -18.24 -119.08 12.61
N SER B 147 -19.14 -120.03 12.86
CA SER B 147 -18.77 -121.22 13.63
C SER B 147 -17.82 -122.11 12.85
N ASN B 148 -18.10 -122.32 11.57
CA ASN B 148 -17.26 -123.14 10.70
C ASN B 148 -16.97 -122.36 9.43
N PRO B 149 -15.83 -121.66 9.38
CA PRO B 149 -15.57 -120.72 8.28
C PRO B 149 -15.11 -121.34 6.97
N GLN B 150 -15.17 -122.67 6.83
CA GLN B 150 -14.75 -123.26 5.57
C GLN B 150 -15.76 -123.03 4.45
N ASN B 151 -17.01 -122.74 4.77
CA ASN B 151 -17.96 -122.35 3.73
C ASN B 151 -17.73 -120.94 3.22
N CYS B 152 -16.95 -120.14 3.94
CA CYS B 152 -16.69 -118.77 3.51
C CYS B 152 -15.56 -118.71 2.49
N THR B 153 -14.35 -119.06 2.91
CA THR B 153 -13.13 -118.64 2.24
C THR B 153 -11.98 -119.50 2.78
N HIS B 154 -11.03 -119.86 1.91
CA HIS B 154 -9.90 -120.69 2.31
C HIS B 154 -9.06 -120.04 3.40
N ALA B 155 -8.88 -118.71 3.35
CA ALA B 155 -8.15 -118.04 4.41
C ALA B 155 -8.93 -118.03 5.72
N CYS B 156 -10.24 -117.88 5.65
CA CYS B 156 -11.06 -118.03 6.85
C CYS B 156 -11.08 -119.48 7.32
N ASN B 157 -10.97 -120.43 6.39
CA ASN B 157 -10.88 -121.83 6.77
C ASN B 157 -9.59 -122.15 7.51
N LYS B 158 -8.48 -121.56 7.07
CA LYS B 158 -7.20 -121.90 7.69
C LYS B 158 -6.85 -120.98 8.86
N MET B 159 -6.90 -119.66 8.66
CA MET B 159 -6.70 -118.73 9.77
C MET B 159 -7.99 -118.65 10.58
N ARG B 160 -8.18 -119.67 11.43
CA ARG B 160 -9.36 -119.76 12.27
C ARG B 160 -9.32 -118.82 13.47
N GLY B 161 -8.15 -118.26 13.79
CA GLY B 161 -8.04 -117.36 14.93
C GLY B 161 -8.67 -116.00 14.71
N GLY B 162 -9.06 -115.68 13.50
CA GLY B 162 -9.69 -114.42 13.20
C GLY B 162 -8.73 -113.47 12.51
N PHE B 163 -9.28 -112.58 11.70
CA PHE B 163 -8.49 -111.58 11.01
C PHE B 163 -8.34 -110.35 11.87
N LYS B 164 -7.19 -109.70 11.73
CA LYS B 164 -6.85 -108.47 12.43
C LYS B 164 -7.37 -107.29 11.63
N GLN B 165 -8.24 -106.48 12.23
CA GLN B 165 -8.62 -105.20 11.65
C GLN B 165 -8.27 -104.08 12.61
N PHE B 166 -8.17 -102.87 12.07
CA PHE B 166 -7.69 -101.75 12.86
C PHE B 166 -8.77 -101.25 13.81
N ASN B 167 -8.42 -101.11 15.08
CA ASN B 167 -9.29 -100.45 16.06
C ASN B 167 -9.29 -98.98 15.73
N CYS B 168 -10.33 -98.54 15.04
CA CYS B 168 -10.40 -97.15 14.57
C CYS B 168 -11.19 -96.25 15.51
N THR B 169 -11.11 -96.49 16.82
CA THR B 169 -11.73 -95.61 17.78
C THR B 169 -10.94 -94.31 17.92
N PRO B 170 -11.58 -93.16 17.88
CA PRO B 170 -10.88 -91.89 18.11
C PRO B 170 -10.70 -91.65 19.60
N PRO B 171 -9.83 -90.71 19.99
CA PRO B 171 -9.76 -90.31 21.40
C PRO B 171 -11.05 -89.62 21.84
N GLN B 172 -11.41 -89.85 23.10
CA GLN B 172 -12.61 -89.29 23.67
C GLN B 172 -12.34 -87.90 24.20
N VAL B 173 -13.41 -87.13 24.36
CA VAL B 173 -13.36 -85.85 25.04
C VAL B 173 -13.83 -86.06 26.47
N GLU B 174 -12.98 -85.75 27.44
CA GLU B 174 -13.36 -85.84 28.84
C GLU B 174 -14.40 -84.78 29.16
N ASP B 175 -15.51 -85.20 29.76
CA ASP B 175 -16.61 -84.27 30.03
C ASP B 175 -16.26 -83.32 31.16
N ASN B 176 -15.58 -83.80 32.19
CA ASN B 176 -15.20 -82.96 33.31
C ASN B 176 -13.92 -82.21 32.94
N TYR B 177 -14.05 -80.93 32.62
CA TYR B 177 -12.91 -80.10 32.29
C TYR B 177 -13.13 -78.65 32.72
N MET C 1 -14.63 -66.06 0.41
CA MET C 1 -15.58 -65.77 1.48
C MET C 1 -16.40 -67.05 1.71
N ARG C 2 -16.36 -67.55 2.94
CA ARG C 2 -16.77 -68.92 3.26
C ARG C 2 -17.91 -68.88 4.28
N LYS C 3 -18.86 -69.81 4.15
CA LYS C 3 -19.99 -69.91 5.08
C LYS C 3 -20.11 -71.34 5.59
N PHE C 4 -20.41 -71.49 6.89
CA PHE C 4 -20.46 -72.78 7.54
C PHE C 4 -21.71 -72.87 8.41
N ILE C 5 -22.23 -74.08 8.56
CA ILE C 5 -23.25 -74.35 9.57
C ILE C 5 -22.79 -75.54 10.41
N ILE C 6 -22.81 -75.39 11.72
CA ILE C 6 -22.25 -76.35 12.67
C ILE C 6 -23.38 -76.97 13.46
N VAL C 7 -23.42 -78.30 13.47
CA VAL C 7 -24.30 -79.07 14.34
C VAL C 7 -23.40 -79.69 15.41
N LYS C 8 -23.53 -79.21 16.63
CA LYS C 8 -22.67 -79.65 17.74
C LYS C 8 -23.37 -80.74 18.53
N ASN C 9 -22.55 -81.67 19.06
CA ASN C 9 -22.99 -82.76 19.94
C ASN C 9 -24.06 -83.62 19.29
N VAL C 10 -23.72 -84.20 18.14
CA VAL C 10 -24.64 -85.06 17.41
C VAL C 10 -24.51 -86.46 17.98
N LYS C 11 -25.26 -86.75 19.04
CA LYS C 11 -25.30 -88.08 19.63
C LYS C 11 -26.01 -89.03 18.68
N VAL C 12 -25.23 -89.99 18.14
CA VAL C 12 -25.70 -90.99 17.20
C VAL C 12 -25.33 -92.36 17.76
N ASP C 13 -26.29 -93.28 17.74
CA ASP C 13 -26.05 -94.64 18.21
C ASP C 13 -26.55 -95.64 17.18
N GLY C 14 -25.91 -96.81 17.15
CA GLY C 14 -26.17 -97.77 16.10
C GLY C 14 -25.35 -97.56 14.85
N ILE C 15 -24.24 -96.82 14.97
CA ILE C 15 -23.35 -96.56 13.85
C ILE C 15 -22.75 -97.86 13.35
N ASN C 16 -22.82 -98.08 12.04
CA ASN C 16 -22.14 -99.21 11.43
C ASN C 16 -20.64 -98.97 11.50
N ALA C 17 -20.00 -99.53 12.53
CA ALA C 17 -18.58 -99.28 12.77
C ALA C 17 -17.67 -99.93 11.74
N LYS C 18 -18.18 -100.85 10.93
CA LYS C 18 -17.36 -101.49 9.90
C LYS C 18 -17.09 -100.50 8.78
N SER C 19 -16.03 -99.71 8.94
CA SER C 19 -15.63 -98.77 7.91
C SER C 19 -15.17 -99.49 6.65
N SER C 20 -14.44 -100.59 6.82
CA SER C 20 -14.02 -101.45 5.72
C SER C 20 -13.75 -102.83 6.30
N ASP C 21 -13.08 -103.67 5.53
CA ASP C 21 -12.69 -104.99 6.01
C ASP C 21 -11.63 -104.92 7.08
N ILE C 22 -10.70 -103.97 6.98
CA ILE C 22 -9.58 -103.89 7.91
C ILE C 22 -9.67 -102.69 8.84
N THR C 23 -10.75 -101.90 8.76
CA THR C 23 -10.94 -100.77 9.66
C THR C 23 -12.31 -100.87 10.31
N VAL C 24 -12.34 -100.92 11.64
CA VAL C 24 -13.57 -100.89 12.41
C VAL C 24 -13.42 -99.84 13.50
N GLY C 25 -14.37 -98.90 13.56
CA GLY C 25 -14.31 -97.83 14.52
C GLY C 25 -15.03 -96.60 14.03
N MET C 26 -14.34 -95.47 14.03
CA MET C 26 -14.92 -94.21 13.59
C MET C 26 -15.24 -94.28 12.10
N PRO C 27 -16.42 -93.82 11.68
CA PRO C 27 -16.75 -93.76 10.25
C PRO C 27 -15.80 -92.82 9.53
N PRO C 28 -15.40 -93.16 8.31
CA PRO C 28 -14.40 -92.38 7.60
C PRO C 28 -15.01 -91.11 7.00
N ALA C 29 -14.17 -90.35 6.30
CA ALA C 29 -14.64 -89.11 5.69
C ALA C 29 -15.51 -89.35 4.47
N THR C 30 -15.47 -90.55 3.89
CA THR C 30 -16.40 -90.89 2.82
C THR C 30 -17.83 -90.93 3.35
N THR C 31 -18.01 -91.36 4.60
CA THR C 31 -19.33 -91.38 5.22
C THR C 31 -19.88 -89.96 5.39
N PHE C 32 -19.07 -89.06 5.91
CA PHE C 32 -19.54 -87.70 6.16
C PHE C 32 -19.63 -86.88 4.89
N CYS C 33 -18.80 -87.17 3.88
CA CYS C 33 -18.99 -86.57 2.58
C CYS C 33 -20.25 -87.09 1.91
N GLY C 34 -20.59 -88.37 2.14
CA GLY C 34 -21.86 -88.91 1.69
C GLY C 34 -23.04 -88.27 2.38
N LEU C 35 -22.90 -87.98 3.67
CA LEU C 35 -23.93 -87.24 4.40
C LEU C 35 -24.08 -85.82 3.86
N GLY C 36 -22.96 -85.19 3.51
CA GLY C 36 -23.02 -83.85 2.92
C GLY C 36 -23.70 -83.83 1.57
N GLU C 37 -23.39 -84.79 0.69
CA GLU C 37 -24.08 -84.83 -0.59
C GLU C 37 -25.52 -85.33 -0.43
N THR C 38 -25.83 -86.02 0.65
CA THR C 38 -27.22 -86.43 0.89
C THR C 38 -28.05 -85.18 1.13
N MET C 39 -27.56 -84.22 1.92
CA MET C 39 -28.33 -82.97 2.07
C MET C 39 -28.29 -82.14 0.81
N SER C 40 -27.22 -82.23 0.03
CA SER C 40 -27.20 -81.53 -1.25
C SER C 40 -28.35 -82.04 -2.11
N ILE C 41 -28.75 -83.29 -1.89
CA ILE C 41 -29.87 -83.85 -2.61
C ILE C 41 -31.21 -83.54 -1.94
N LYS C 42 -31.36 -83.82 -0.63
CA LYS C 42 -32.69 -83.60 -0.05
C LYS C 42 -33.00 -82.13 0.15
N THR C 43 -32.10 -81.36 0.75
CA THR C 43 -32.40 -79.97 1.05
C THR C 43 -32.05 -79.01 -0.07
N GLY C 44 -31.20 -79.42 -1.01
CA GLY C 44 -30.81 -78.56 -2.11
C GLY C 44 -29.68 -77.61 -1.80
N ILE C 45 -29.22 -77.54 -0.56
CA ILE C 45 -28.08 -76.69 -0.23
C ILE C 45 -26.82 -77.46 -0.63
N VAL C 46 -26.11 -76.95 -1.62
CA VAL C 46 -25.00 -77.75 -2.16
C VAL C 46 -23.76 -77.54 -1.31
N VAL C 47 -23.16 -78.65 -0.89
CA VAL C 47 -22.15 -78.67 0.17
C VAL C 47 -20.80 -78.97 -0.47
N LYS C 48 -19.82 -78.11 -0.21
CA LYS C 48 -18.47 -78.39 -0.71
C LYS C 48 -17.74 -79.35 0.22
N ALA C 49 -17.55 -78.95 1.47
CA ALA C 49 -16.76 -79.73 2.41
C ALA C 49 -17.49 -79.91 3.72
N VAL C 50 -17.08 -80.92 4.47
CA VAL C 50 -17.58 -81.19 5.82
C VAL C 50 -16.37 -81.45 6.73
N SER C 51 -16.32 -80.76 7.85
CA SER C 51 -15.34 -81.02 8.88
C SER C 51 -16.07 -81.66 10.06
N TYR C 52 -15.70 -82.89 10.38
CA TYR C 52 -16.37 -83.65 11.41
C TYR C 52 -15.38 -83.99 12.51
N GLY C 53 -15.84 -83.87 13.75
CA GLY C 53 -15.03 -84.25 14.89
C GLY C 53 -15.80 -85.17 15.79
N SER C 54 -15.06 -85.95 16.57
CA SER C 54 -15.67 -86.91 17.48
C SER C 54 -15.59 -86.35 18.90
N VAL C 55 -16.74 -86.02 19.47
CA VAL C 55 -16.79 -85.74 20.89
C VAL C 55 -16.61 -87.03 21.68
N LYS C 56 -17.53 -87.97 21.50
CA LYS C 56 -17.45 -89.28 22.14
C LYS C 56 -17.57 -90.34 21.06
N PHE C 57 -16.92 -91.48 21.27
CA PHE C 57 -17.09 -92.61 20.36
C PHE C 57 -16.68 -93.90 21.06
N GLU C 58 -17.61 -94.83 21.18
CA GLU C 58 -17.31 -96.16 21.72
C GLU C 58 -17.78 -97.22 20.74
N VAL C 59 -16.87 -98.09 20.32
CA VAL C 59 -17.26 -99.28 19.59
C VAL C 59 -17.81 -100.30 20.57
N ARG C 60 -18.97 -100.86 20.25
CA ARG C 60 -19.61 -101.84 21.12
C ARG C 60 -18.82 -103.15 21.09
N GLY C 61 -18.33 -103.56 22.25
CA GLY C 61 -17.56 -104.77 22.38
C GLY C 61 -16.46 -104.58 23.40
N SER C 62 -15.51 -105.51 23.39
CA SER C 62 -14.38 -105.48 24.29
C SER C 62 -13.26 -104.67 23.66
N ARG C 63 -12.07 -104.72 24.27
CA ARG C 63 -10.94 -103.99 23.73
C ARG C 63 -10.29 -104.69 22.56
N PHE C 64 -10.60 -105.97 22.34
CA PHE C 64 -10.06 -106.73 21.22
C PHE C 64 -11.11 -107.34 20.32
N ASN C 65 -12.38 -107.35 20.73
CA ASN C 65 -13.45 -107.89 19.89
C ASN C 65 -14.64 -106.97 19.95
N THR C 66 -15.28 -106.78 18.80
CA THR C 66 -16.49 -105.99 18.74
C THR C 66 -17.71 -106.86 19.03
N SER C 67 -18.74 -106.24 19.56
CA SER C 67 -19.98 -106.94 19.85
C SER C 67 -20.74 -107.16 18.56
N VAL C 68 -20.90 -108.42 18.16
CA VAL C 68 -21.60 -108.70 16.92
C VAL C 68 -23.10 -108.53 17.14
N THR C 69 -23.81 -108.35 16.03
CA THR C 69 -25.24 -108.08 16.06
C THR C 69 -26.00 -109.38 15.87
N LYS C 70 -26.98 -109.63 16.74
CA LYS C 70 -27.83 -110.81 16.61
C LYS C 70 -28.70 -110.66 15.37
N PHE C 71 -28.35 -111.41 14.31
CA PHE C 71 -29.03 -111.27 13.03
C PHE C 71 -30.46 -111.81 13.12
N ALA C 72 -31.32 -111.26 12.27
CA ALA C 72 -32.70 -111.69 12.18
C ALA C 72 -32.92 -112.43 10.87
N TRP C 73 -33.77 -113.44 10.91
CA TRP C 73 -34.08 -114.21 9.72
C TRP C 73 -34.94 -113.40 8.77
N GLN C 74 -34.30 -112.70 7.84
CA GLN C 74 -35.01 -111.81 6.93
C GLN C 74 -34.86 -112.19 5.46
N ASP C 75 -34.01 -113.16 5.13
CA ASP C 75 -33.94 -113.60 3.74
C ASP C 75 -35.14 -114.47 3.40
N ARG C 76 -35.37 -114.65 2.12
CA ARG C 76 -36.52 -115.39 1.63
C ARG C 76 -36.12 -116.82 1.29
N GLY C 77 -36.93 -117.77 1.73
CA GLY C 77 -36.76 -119.16 1.37
C GLY C 77 -36.09 -120.01 2.43
N ASN C 78 -35.58 -119.42 3.51
CA ASN C 78 -34.96 -120.18 4.58
C ASN C 78 -35.89 -120.32 5.78
N GLY C 79 -37.20 -120.43 5.54
CA GLY C 79 -38.09 -120.86 6.59
C GLY C 79 -37.85 -122.32 6.96
N GLY C 80 -38.12 -122.64 8.22
CA GLY C 80 -37.77 -123.96 8.71
C GLY C 80 -36.46 -123.92 9.47
N LYS C 81 -35.51 -123.13 8.95
CA LYS C 81 -34.30 -122.78 9.68
C LYS C 81 -34.49 -121.54 10.54
N ALA C 82 -35.68 -120.93 10.51
CA ALA C 82 -35.91 -119.69 11.24
C ALA C 82 -36.00 -119.89 12.74
N ASN C 83 -36.33 -121.09 13.20
CA ASN C 83 -36.39 -121.35 14.63
C ASN C 83 -35.00 -121.29 15.27
N ASN C 84 -33.98 -121.76 14.57
CA ASN C 84 -32.62 -121.63 15.07
C ASN C 84 -32.12 -120.19 14.91
N ASN C 85 -30.98 -119.93 15.53
CA ASN C 85 -30.38 -118.60 15.49
C ASN C 85 -29.88 -118.28 14.08
N SER C 86 -30.10 -117.04 13.66
CA SER C 86 -29.63 -116.62 12.35
C SER C 86 -28.12 -116.50 12.35
N PRO C 87 -27.47 -116.88 11.25
CA PRO C 87 -26.01 -116.74 11.17
C PRO C 87 -25.60 -115.27 11.13
N ILE C 88 -24.44 -114.99 11.71
CA ILE C 88 -24.00 -113.62 11.94
C ILE C 88 -22.96 -113.25 10.89
N GLN C 89 -23.29 -112.31 10.08
CA GLN C 89 -22.25 -111.70 9.27
C GLN C 89 -21.61 -110.57 10.06
N PRO C 90 -20.31 -110.32 9.88
CA PRO C 90 -19.64 -109.31 10.70
C PRO C 90 -20.05 -107.88 10.38
N LYS C 91 -20.78 -107.25 11.30
CA LYS C 91 -21.03 -105.81 11.26
C LYS C 91 -20.95 -105.27 12.67
N PRO C 92 -19.79 -104.72 13.06
CA PRO C 92 -19.69 -104.06 14.36
C PRO C 92 -20.55 -102.82 14.43
N LEU C 93 -21.09 -102.56 15.62
CA LEU C 93 -21.88 -101.38 15.89
C LEU C 93 -21.15 -100.50 16.89
N ALA C 94 -21.49 -99.22 16.89
CA ALA C 94 -20.82 -98.26 17.74
C ALA C 94 -21.77 -97.12 18.08
N ASP C 95 -21.46 -96.40 19.15
CA ASP C 95 -22.13 -95.14 19.45
C ASP C 95 -21.13 -93.99 19.33
N GLY C 96 -21.64 -92.83 18.98
CA GLY C 96 -20.78 -91.68 18.79
C GLY C 96 -21.53 -90.37 18.90
N VAL C 97 -20.97 -89.46 19.68
CA VAL C 97 -21.38 -88.07 19.73
C VAL C 97 -20.40 -87.32 18.85
N PHE C 98 -20.91 -86.70 17.78
CA PHE C 98 -20.11 -86.02 16.79
C PHE C 98 -20.39 -84.52 16.79
N THR C 99 -19.52 -83.77 16.14
CA THR C 99 -19.74 -82.36 15.84
C THR C 99 -19.42 -82.16 14.36
N LEU C 100 -20.44 -81.76 13.59
CA LEU C 100 -20.30 -81.61 12.15
C LEU C 100 -20.29 -80.13 11.80
N CYS C 101 -19.53 -79.79 10.76
CA CYS C 101 -19.43 -78.41 10.29
C CYS C 101 -19.41 -78.42 8.77
N PHE C 102 -20.51 -78.02 8.15
CA PHE C 102 -20.67 -78.10 6.71
C PHE C 102 -20.37 -76.74 6.09
N GLU C 103 -19.43 -76.72 5.14
CA GLU C 103 -19.25 -75.60 4.23
C GLU C 103 -20.46 -75.56 3.31
N VAL C 104 -21.27 -74.52 3.43
CA VAL C 104 -22.39 -74.33 2.52
C VAL C 104 -22.25 -72.94 1.91
N GLU C 105 -22.85 -72.77 0.74
CA GLU C 105 -23.08 -71.43 0.20
C GLU C 105 -24.58 -71.20 0.10
N TRP C 106 -25.03 -70.13 0.76
CA TRP C 106 -26.42 -69.84 1.02
C TRP C 106 -26.67 -68.36 0.70
N GLU C 107 -27.90 -68.07 0.31
CA GLU C 107 -28.23 -66.71 -0.14
C GLU C 107 -29.44 -66.17 0.61
N ASP C 108 -29.97 -66.93 1.54
CA ASP C 108 -31.16 -66.54 2.30
C ASP C 108 -30.74 -66.32 3.76
N CYS C 109 -31.73 -66.15 4.62
CA CYS C 109 -31.45 -65.90 6.02
C CYS C 109 -30.92 -67.16 6.69
N ALA C 110 -30.26 -66.96 7.83
CA ALA C 110 -29.67 -68.09 8.54
C ALA C 110 -30.74 -68.96 9.19
N GLU C 111 -31.93 -68.42 9.46
CA GLU C 111 -32.98 -69.20 10.11
C GLU C 111 -33.51 -70.31 9.21
N VAL C 112 -33.72 -70.02 7.92
CA VAL C 112 -34.21 -71.07 7.03
C VAL C 112 -33.11 -72.07 6.70
N LEU C 113 -31.84 -71.64 6.74
CA LEU C 113 -30.72 -72.58 6.58
C LEU C 113 -30.63 -73.53 7.77
N VAL C 114 -30.78 -72.99 8.98
CA VAL C 114 -30.78 -73.80 10.19
C VAL C 114 -31.97 -74.76 10.19
N ASP C 115 -33.14 -74.27 9.77
CA ASP C 115 -34.33 -75.11 9.69
C ASP C 115 -34.19 -76.22 8.65
N LYS C 116 -33.56 -75.92 7.51
CA LYS C 116 -33.36 -76.94 6.49
C LYS C 116 -32.37 -78.01 6.95
N VAL C 117 -31.29 -77.59 7.62
CA VAL C 117 -30.32 -78.56 8.12
C VAL C 117 -30.92 -79.39 9.26
N THR C 118 -31.74 -78.76 10.10
CA THR C 118 -32.43 -79.48 11.18
C THR C 118 -33.43 -80.49 10.62
N ASN C 119 -34.15 -80.11 9.57
CA ASN C 119 -35.10 -81.02 8.95
C ASN C 119 -34.40 -82.15 8.21
N PHE C 120 -33.19 -81.91 7.70
CA PHE C 120 -32.40 -83.00 7.16
C PHE C 120 -31.93 -83.94 8.25
N ILE C 121 -31.35 -83.39 9.32
CA ILE C 121 -30.73 -84.17 10.38
C ILE C 121 -31.77 -84.98 11.14
N ASN C 122 -32.98 -84.46 11.28
CA ASN C 122 -34.09 -85.22 11.84
C ASN C 122 -34.47 -86.43 11.00
N THR C 123 -34.17 -86.41 9.69
CA THR C 123 -34.38 -87.57 8.83
C THR C 123 -33.06 -88.17 8.33
N ALA C 124 -31.93 -87.81 8.94
CA ALA C 124 -30.64 -88.31 8.51
C ALA C 124 -30.25 -89.55 9.32
N ARG C 125 -29.08 -90.09 9.00
CA ARG C 125 -28.60 -91.33 9.61
C ARG C 125 -27.09 -91.33 9.46
N ILE C 126 -26.38 -91.00 10.54
CA ILE C 126 -24.92 -90.92 10.50
C ILE C 126 -24.36 -92.35 10.54
N ALA C 127 -23.77 -92.78 9.43
CA ALA C 127 -23.08 -94.07 9.28
C ALA C 127 -23.97 -95.26 9.63
N GLY C 128 -25.23 -95.17 9.23
CA GLY C 128 -26.17 -96.22 9.57
C GLY C 128 -26.70 -96.17 10.98
N GLY C 129 -26.42 -95.09 11.71
CA GLY C 129 -26.86 -94.96 13.09
C GLY C 129 -27.94 -93.90 13.21
N THR C 130 -28.93 -94.19 14.06
CA THR C 130 -29.98 -93.24 14.32
C THR C 130 -29.43 -92.06 15.11
N ILE C 131 -29.71 -90.84 14.65
CA ILE C 131 -29.26 -89.65 15.34
C ILE C 131 -30.12 -89.50 16.59
N ALA C 132 -29.53 -89.81 17.75
CA ALA C 132 -30.29 -89.80 18.99
C ALA C 132 -30.63 -88.37 19.41
N SER C 133 -29.66 -87.47 19.34
CA SER C 133 -29.89 -86.09 19.71
C SER C 133 -28.86 -85.22 19.00
N PHE C 134 -29.16 -83.92 18.93
CA PHE C 134 -28.26 -82.95 18.34
C PHE C 134 -28.67 -81.56 18.81
N ASN C 135 -27.69 -80.71 19.05
CA ASN C 135 -27.99 -79.33 19.39
C ASN C 135 -28.51 -78.59 18.16
N LYS C 136 -29.10 -77.43 18.39
CA LYS C 136 -29.58 -76.58 17.31
C LYS C 136 -28.39 -76.10 16.50
N PRO C 137 -28.34 -76.35 15.20
CA PRO C 137 -27.20 -75.92 14.39
C PRO C 137 -27.14 -74.40 14.31
N PHE C 138 -25.92 -73.89 14.23
CA PHE C 138 -25.71 -72.45 14.19
C PHE C 138 -24.81 -72.13 13.01
N VAL C 139 -25.07 -70.98 12.39
CA VAL C 139 -24.36 -70.55 11.20
C VAL C 139 -23.22 -69.64 11.62
N LYS C 140 -22.03 -69.90 11.11
CA LYS C 140 -20.91 -69.01 11.31
C LYS C 140 -20.17 -68.85 10.00
N VAL C 141 -19.63 -67.66 9.77
CA VAL C 141 -19.00 -67.37 8.48
C VAL C 141 -17.50 -67.13 8.58
N ALA C 142 -16.75 -67.58 7.57
CA ALA C 142 -15.31 -67.35 7.55
C ALA C 142 -14.96 -66.31 6.49
N LYS C 143 -15.11 -65.04 6.83
CA LYS C 143 -14.73 -63.98 5.90
C LYS C 143 -13.23 -64.03 5.66
N ASP C 144 -12.44 -63.97 6.73
CA ASP C 144 -11.00 -64.04 6.59
C ASP C 144 -10.48 -65.32 7.22
N ALA C 145 -9.18 -65.37 7.49
CA ALA C 145 -8.58 -66.56 8.10
C ALA C 145 -8.79 -66.57 9.60
N GLU C 146 -8.87 -65.39 10.22
CA GLU C 146 -9.16 -65.34 11.64
C GLU C 146 -10.60 -65.74 11.86
N GLU C 147 -11.46 -65.42 10.89
CA GLU C 147 -12.86 -65.82 10.97
C GLU C 147 -12.98 -67.30 10.67
N LEU C 148 -12.04 -67.84 9.90
CA LEU C 148 -12.04 -69.28 9.63
C LEU C 148 -11.71 -70.00 10.91
N ALA C 149 -10.80 -69.43 11.68
CA ALA C 149 -10.44 -70.02 12.96
C ALA C 149 -11.54 -69.84 13.99
N SER C 150 -12.37 -68.83 13.81
CA SER C 150 -13.50 -68.66 14.71
C SER C 150 -14.44 -69.82 14.51
N VAL C 151 -14.74 -70.14 13.25
CA VAL C 151 -15.59 -71.29 12.94
C VAL C 151 -14.92 -72.55 13.45
N LYS C 152 -13.62 -72.67 13.22
CA LYS C 152 -12.88 -73.83 13.70
C LYS C 152 -13.07 -74.03 15.20
N ASN C 153 -12.86 -72.98 15.98
CA ASN C 153 -12.96 -73.11 17.43
C ASN C 153 -14.40 -73.18 17.92
N ALA C 154 -15.37 -72.97 17.03
CA ALA C 154 -16.76 -73.12 17.42
C ALA C 154 -17.21 -74.58 17.49
N MET C 155 -16.39 -75.52 17.05
CA MET C 155 -16.69 -76.94 17.15
C MET C 155 -16.17 -77.57 18.43
N MET C 156 -15.63 -76.76 19.33
CA MET C 156 -15.11 -77.24 20.60
C MET C 156 -16.24 -77.78 21.48
N PRO C 157 -16.05 -78.95 22.09
CA PRO C 157 -14.92 -79.87 21.97
C PRO C 157 -15.12 -81.05 21.03
N CYS C 158 -14.20 -81.25 20.09
CA CYS C 158 -14.25 -82.39 19.17
C CYS C 158 -12.86 -82.67 18.63
N TYR C 159 -12.62 -83.92 18.27
CA TYR C 159 -11.36 -84.37 17.68
C TYR C 159 -11.57 -84.55 16.18
N VAL C 160 -11.10 -83.60 15.39
CA VAL C 160 -11.33 -83.66 13.94
C VAL C 160 -10.28 -84.54 13.28
N VAL C 161 -10.50 -84.85 12.01
CA VAL C 161 -9.67 -85.77 11.24
C VAL C 161 -8.76 -84.94 10.35
N VAL C 162 -7.46 -85.16 10.46
CA VAL C 162 -6.49 -84.52 9.56
C VAL C 162 -5.73 -85.60 8.80
N ASP C 163 -5.50 -85.34 7.52
CA ASP C 163 -4.88 -86.30 6.63
C ASP C 163 -3.36 -86.20 6.76
N CYS C 164 -2.70 -87.34 6.95
CA CYS C 164 -1.26 -87.37 7.05
C CYS C 164 -0.59 -88.16 5.93
N GLY C 165 -1.36 -88.74 5.02
CA GLY C 165 -0.78 -89.30 3.80
C GLY C 165 -0.22 -90.69 3.92
N VAL C 166 0.04 -91.33 2.78
CA VAL C 166 0.57 -92.68 2.73
C VAL C 166 2.03 -92.60 2.28
N GLU C 167 2.94 -93.16 3.07
CA GLU C 167 4.34 -93.24 2.67
C GLU C 167 4.61 -94.48 1.84
N VAL C 168 4.42 -95.66 2.43
CA VAL C 168 4.62 -96.91 1.70
C VAL C 168 3.31 -97.68 1.59
N ASN C 169 2.69 -97.99 2.72
CA ASN C 169 1.38 -98.65 2.74
C ASN C 169 0.72 -98.36 4.07
N ILE C 170 -0.35 -99.10 4.35
CA ILE C 170 -1.13 -98.86 5.57
C ILE C 170 -0.61 -99.53 6.84
N PHE C 171 -0.28 -100.81 6.76
CA PHE C 171 0.14 -101.54 7.97
C PHE C 171 1.48 -101.06 8.46
N GLU C 172 2.44 -100.92 7.56
CA GLU C 172 3.76 -100.49 7.95
C GLU C 172 3.74 -99.21 8.76
N ASP C 173 3.21 -98.14 8.20
CA ASP C 173 3.22 -96.86 8.89
C ASP C 173 2.27 -96.77 10.10
N ALA C 174 1.26 -97.63 10.15
CA ALA C 174 0.39 -97.63 11.32
C ALA C 174 1.15 -98.15 12.52
N VAL C 175 2.13 -99.03 12.31
CA VAL C 175 2.96 -99.47 13.41
C VAL C 175 4.04 -98.44 13.62
N ASN C 176 4.77 -98.10 12.57
CA ASN C 176 5.88 -97.17 12.68
C ASN C 176 5.47 -95.79 13.20
N ARG C 177 4.80 -95.01 12.36
CA ARG C 177 4.45 -93.66 12.77
C ARG C 177 3.17 -93.59 13.58
N LYS C 178 2.53 -94.74 13.85
CA LYS C 178 1.36 -94.74 14.75
C LYS C 178 0.26 -93.78 14.44
N LEU C 179 -0.27 -93.86 13.23
CA LEU C 179 -1.35 -92.99 12.85
C LEU C 179 -2.50 -93.90 12.54
N GLN C 180 -3.69 -93.35 12.45
CA GLN C 180 -4.85 -94.19 12.23
C GLN C 180 -5.25 -94.37 10.77
N PRO C 181 -5.56 -95.61 10.30
CA PRO C 181 -5.96 -95.62 8.88
C PRO C 181 -7.46 -95.53 8.66
N MET C 182 -7.91 -94.84 7.61
CA MET C 182 -9.34 -94.79 7.30
C MET C 182 -9.60 -94.66 5.81
N VAL C 183 -10.84 -94.97 5.41
CA VAL C 183 -11.20 -94.90 4.00
C VAL C 183 -11.29 -93.49 3.43
N ASN C 184 -10.30 -93.07 2.64
CA ASN C 184 -10.37 -91.78 1.96
C ASN C 184 -11.04 -91.89 0.60
N GLY C 185 -11.58 -93.04 0.25
CA GLY C 185 -12.17 -93.24 -1.04
C GLY C 185 -12.08 -94.69 -1.44
N TYR C 186 -12.34 -94.93 -2.72
CA TYR C 186 -12.41 -96.30 -3.23
C TYR C 186 -11.66 -96.37 -4.55
N LYS C 187 -11.32 -97.60 -4.93
CA LYS C 187 -10.67 -97.90 -6.20
C LYS C 187 -11.62 -98.77 -7.01
N LYS C 188 -11.83 -98.39 -8.26
CA LYS C 188 -12.75 -99.10 -9.14
C LYS C 188 -12.04 -100.32 -9.71
N LEU C 189 -12.67 -101.49 -9.60
CA LEU C 189 -12.08 -102.70 -10.14
C LEU C 189 -12.69 -103.08 -11.50
N GLU C 190 -13.97 -103.42 -11.53
CA GLU C 190 -14.67 -103.79 -12.74
C GLU C 190 -15.99 -103.04 -12.88
N LYS C 191 -16.32 -102.73 -14.13
CA LYS C 191 -17.66 -102.30 -14.50
C LYS C 191 -18.67 -103.37 -14.17
N ILE C 192 -19.83 -102.95 -13.69
CA ILE C 192 -20.91 -103.85 -13.31
C ILE C 192 -21.92 -103.92 -14.44
N VAL C 193 -22.11 -105.11 -14.99
CA VAL C 193 -22.97 -105.29 -16.15
C VAL C 193 -24.42 -105.60 -15.78
N ASP C 194 -24.71 -105.85 -14.51
CA ASP C 194 -26.05 -106.22 -14.07
C ASP C 194 -26.58 -105.13 -13.15
N ASN C 195 -27.48 -104.31 -13.67
CA ASN C 195 -28.10 -103.22 -12.91
C ASN C 195 -29.48 -103.57 -12.39
N LYS C 196 -29.87 -104.85 -12.47
CA LYS C 196 -31.20 -105.26 -12.04
C LYS C 196 -31.32 -105.24 -10.53
N HIS C 197 -30.28 -105.69 -9.83
CA HIS C 197 -30.30 -105.79 -8.38
C HIS C 197 -29.73 -104.57 -7.68
N MET C 198 -29.86 -103.38 -8.26
CA MET C 198 -29.28 -102.18 -7.70
C MET C 198 -30.34 -101.13 -7.38
N ARG C 199 -29.86 -100.05 -6.76
CA ARG C 199 -30.72 -98.95 -6.36
C ARG C 199 -31.26 -98.21 -7.58
N ASP C 200 -30.38 -97.82 -8.50
CA ASP C 200 -30.79 -97.27 -9.79
C ASP C 200 -30.35 -98.22 -10.89
N LYS C 201 -31.11 -98.23 -11.99
CA LYS C 201 -30.75 -98.96 -13.18
C LYS C 201 -29.94 -98.13 -14.16
N PHE C 202 -29.94 -96.81 -14.03
CA PHE C 202 -29.26 -95.92 -14.96
C PHE C 202 -27.94 -95.37 -14.43
N THR C 203 -27.78 -95.31 -13.12
CA THR C 203 -26.54 -94.84 -12.53
C THR C 203 -25.45 -95.89 -12.75
N PRO C 204 -24.31 -95.53 -13.32
CA PRO C 204 -23.28 -96.55 -13.60
C PRO C 204 -22.61 -97.04 -12.32
N ALA C 205 -22.36 -98.34 -12.26
CA ALA C 205 -21.96 -99.01 -11.05
C ALA C 205 -20.63 -99.71 -11.22
N TYR C 206 -19.81 -99.67 -10.18
CA TYR C 206 -18.51 -100.32 -10.18
C TYR C 206 -18.31 -101.06 -8.88
N LEU C 207 -17.72 -102.24 -8.97
CA LEU C 207 -17.15 -102.90 -7.80
C LEU C 207 -15.95 -102.11 -7.34
N ALA C 208 -15.80 -101.96 -6.03
CA ALA C 208 -14.77 -101.09 -5.48
C ALA C 208 -14.04 -101.77 -4.34
N THR C 209 -12.77 -101.45 -4.21
CA THR C 209 -11.97 -101.82 -3.06
C THR C 209 -11.51 -100.55 -2.37
N PRO C 210 -11.77 -100.38 -1.08
CA PRO C 210 -11.52 -99.08 -0.42
C PRO C 210 -10.03 -98.77 -0.34
N THR C 211 -9.64 -97.67 -0.96
CA THR C 211 -8.34 -97.09 -0.69
C THR C 211 -8.37 -96.40 0.67
N TYR C 212 -7.22 -96.36 1.32
CA TYR C 212 -7.10 -95.75 2.63
C TYR C 212 -5.96 -94.74 2.65
N THR C 213 -6.11 -93.74 3.49
CA THR C 213 -5.03 -92.79 3.69
C THR C 213 -4.77 -92.92 5.18
N MET C 214 -3.69 -92.33 5.65
CA MET C 214 -3.41 -92.38 7.07
C MET C 214 -3.75 -91.06 7.70
N ILE C 215 -4.47 -91.09 8.80
CA ILE C 215 -4.91 -89.86 9.43
C ILE C 215 -4.61 -89.76 10.89
N GLY C 216 -4.64 -88.55 11.44
CA GLY C 216 -4.47 -88.38 12.87
C GLY C 216 -5.66 -87.62 13.42
N TYR C 217 -5.88 -87.81 14.71
CA TYR C 217 -6.89 -87.06 15.46
C TYR C 217 -6.20 -85.93 16.20
N LYS C 218 -6.62 -84.70 15.90
CA LYS C 218 -6.13 -83.55 16.65
C LYS C 218 -7.37 -82.77 17.09
N MET C 219 -7.35 -82.15 18.25
CA MET C 219 -8.48 -81.32 18.69
C MET C 219 -8.62 -80.17 17.74
N VAL C 220 -9.84 -79.78 17.45
CA VAL C 220 -10.06 -78.73 16.46
C VAL C 220 -9.32 -77.40 16.77
N SER C 221 -9.13 -77.03 18.05
CA SER C 221 -8.40 -75.80 18.33
C SER C 221 -6.90 -75.96 18.07
N ASN C 222 -6.37 -77.15 18.27
CA ASN C 222 -4.96 -77.40 18.03
C ASN C 222 -4.64 -77.58 16.56
N VAL C 223 -5.64 -77.65 15.70
CA VAL C 223 -5.41 -77.68 14.26
C VAL C 223 -5.13 -76.26 13.79
N ASP C 224 -3.98 -76.07 13.12
CA ASP C 224 -3.57 -74.73 12.71
C ASP C 224 -4.44 -74.20 11.58
N ASN C 225 -4.66 -75.02 10.55
CA ASN C 225 -5.43 -74.62 9.38
C ASN C 225 -6.70 -75.46 9.32
N PHE C 226 -7.85 -74.79 9.32
CA PHE C 226 -9.14 -75.48 9.28
C PHE C 226 -9.38 -76.18 7.95
N ASP C 227 -8.67 -75.77 6.88
CA ASP C 227 -8.77 -76.47 5.61
C ASP C 227 -8.19 -77.87 5.65
N GLN C 228 -7.32 -78.16 6.63
CA GLN C 228 -6.79 -79.50 6.78
C GLN C 228 -7.72 -80.43 7.54
N ALA C 229 -8.87 -79.93 8.01
CA ALA C 229 -9.88 -80.76 8.64
C ALA C 229 -11.17 -80.84 7.84
N LEU C 230 -11.32 -80.05 6.79
CA LEU C 230 -12.53 -80.06 5.97
C LEU C 230 -12.34 -81.04 4.83
N TRP C 231 -13.03 -82.17 4.90
CA TRP C 231 -12.96 -83.20 3.87
C TRP C 231 -14.00 -82.94 2.80
N GLN C 232 -13.64 -83.22 1.55
CA GLN C 232 -14.49 -82.96 0.41
C GLN C 232 -14.20 -83.98 -0.68
N TYR C 233 -15.14 -84.13 -1.60
CA TYR C 233 -15.03 -85.12 -2.67
C TYR C 233 -13.97 -84.68 -3.67
N GLY C 234 -12.84 -85.36 -3.69
CA GLY C 234 -11.82 -85.11 -4.70
C GLY C 234 -12.14 -85.83 -5.98
N GLU C 235 -11.51 -85.37 -7.06
CA GLU C 235 -11.73 -85.92 -8.39
C GLU C 235 -10.66 -86.98 -8.66
N ASN C 236 -10.65 -87.99 -7.79
CA ASN C 236 -9.91 -89.22 -8.03
C ASN C 236 -10.69 -90.41 -7.52
N THR C 237 -12.03 -90.34 -7.58
CA THR C 237 -13.03 -91.12 -6.84
C THR C 237 -12.63 -91.38 -5.38
N LYS C 238 -12.08 -90.34 -4.75
CA LYS C 238 -11.64 -90.34 -3.37
C LYS C 238 -12.15 -89.09 -2.68
N VAL C 239 -11.87 -88.96 -1.39
CA VAL C 239 -12.09 -87.71 -0.67
C VAL C 239 -10.74 -87.22 -0.16
N LYS C 240 -10.68 -85.92 0.10
CA LYS C 240 -9.42 -85.28 0.44
C LYS C 240 -9.71 -84.01 1.24
N THR C 241 -8.70 -83.54 1.95
CA THR C 241 -8.81 -82.28 2.67
C THR C 241 -8.51 -81.12 1.74
N ILE C 242 -9.06 -79.95 2.08
CA ILE C 242 -8.77 -78.74 1.32
C ILE C 242 -7.34 -78.30 1.56
N GLY C 243 -6.86 -78.41 2.79
CA GLY C 243 -5.51 -78.05 3.13
C GLY C 243 -4.45 -79.08 2.83
N GLY C 244 -4.85 -80.24 2.29
CA GLY C 244 -3.89 -81.26 1.95
C GLY C 244 -3.40 -82.05 3.15
N ILE C 245 -2.16 -82.49 3.07
CA ILE C 245 -1.57 -83.33 4.11
C ILE C 245 -1.23 -82.48 5.32
N TYR C 246 -1.67 -82.94 6.49
CA TYR C 246 -1.32 -82.27 7.74
C TYR C 246 0.16 -82.49 8.05
N ASN C 247 0.86 -81.41 8.39
CA ASN C 247 2.29 -81.49 8.67
C ASN C 247 2.56 -81.32 10.16
N MET D 1 -7.48 -10.66 30.05
CA MET D 1 -6.98 -9.32 29.77
C MET D 1 -5.75 -9.46 28.88
N GLN D 2 -5.28 -10.70 28.73
CA GLN D 2 -4.28 -11.14 27.76
C GLN D 2 -2.91 -10.48 27.97
N LYS D 3 -2.00 -10.64 27.00
CA LYS D 3 -0.60 -10.30 27.24
C LYS D 3 -0.31 -8.81 27.06
N GLN D 4 -1.28 -8.01 26.61
CA GLN D 4 -1.30 -6.55 26.69
C GLN D 4 -0.26 -5.90 25.75
N ILE D 5 0.32 -6.72 24.85
CA ILE D 5 1.38 -6.39 23.88
C ILE D 5 2.66 -5.97 24.59
N LEU D 6 3.74 -6.73 24.39
CA LEU D 6 5.03 -6.38 24.95
C LEU D 6 5.61 -5.16 24.22
N THR D 7 6.37 -4.37 24.97
CA THR D 7 6.80 -3.04 24.53
C THR D 7 7.82 -3.11 23.39
N SER D 8 8.70 -4.11 23.40
CA SER D 8 9.75 -4.19 22.39
C SER D 8 9.21 -4.50 21.00
N GLN D 9 8.04 -5.12 20.91
CA GLN D 9 7.39 -5.39 19.63
C GLN D 9 6.28 -4.40 19.31
N LYS D 10 6.14 -3.34 20.09
CA LYS D 10 5.26 -2.24 19.70
C LYS D 10 5.88 -1.50 18.52
N ARG D 11 5.04 -1.07 17.58
CA ARG D 11 5.60 -0.64 16.31
C ARG D 11 5.29 0.80 15.92
N ASN D 12 4.10 1.30 16.26
CA ASN D 12 3.72 2.64 15.81
C ASN D 12 4.46 3.72 16.57
N MET D 13 4.54 4.90 15.96
CA MET D 13 5.55 5.88 16.32
C MET D 13 5.16 7.26 15.80
N TYR D 14 4.80 8.20 16.67
CA TYR D 14 4.37 9.51 16.19
C TYR D 14 4.91 10.64 17.05
N ILE D 15 4.95 11.82 16.45
CA ILE D 15 5.09 13.10 17.13
C ILE D 15 3.99 13.99 16.54
N LEU D 16 2.98 14.28 17.34
CA LEU D 16 1.81 15.00 16.84
C LEU D 16 2.04 16.50 16.90
N SER D 17 1.67 17.18 15.82
CA SER D 17 1.98 18.61 15.65
C SER D 17 0.72 19.36 15.28
N ARG D 18 0.41 20.41 16.07
CA ARG D 18 -0.66 21.37 15.84
C ARG D 18 -2.02 20.66 15.73
N CYS D 19 -2.35 19.97 16.82
CA CYS D 19 -3.59 19.20 16.92
C CYS D 19 -3.86 18.91 18.39
N LYS D 20 -5.13 18.97 18.76
CA LYS D 20 -5.53 18.66 20.12
C LYS D 20 -5.87 17.17 20.15
N VAL D 21 -5.23 16.45 21.05
CA VAL D 21 -5.35 15.00 21.10
C VAL D 21 -6.46 14.62 22.09
N LEU D 22 -7.41 13.81 21.62
CA LEU D 22 -8.64 13.54 22.33
C LEU D 22 -9.03 12.07 22.14
N VAL D 23 -10.21 11.70 22.63
CA VAL D 23 -10.78 10.36 22.41
C VAL D 23 -12.14 10.55 21.77
N LYS D 24 -12.36 9.93 20.62
CA LYS D 24 -13.70 9.81 20.08
C LYS D 24 -14.10 8.35 20.11
N ASN D 25 -15.31 8.10 20.65
CA ASN D 25 -16.08 6.85 20.52
C ASN D 25 -15.29 5.58 20.86
N GLY D 26 -14.26 5.71 21.69
CA GLY D 26 -13.44 4.56 22.02
C GLY D 26 -11.97 4.74 21.76
N GLN D 27 -11.59 5.33 20.63
CA GLN D 27 -10.17 5.39 20.27
C GLN D 27 -9.58 6.77 20.52
N VAL D 28 -8.28 6.77 20.84
CA VAL D 28 -7.48 7.97 20.94
C VAL D 28 -7.19 8.48 19.54
N CYS D 29 -7.35 9.78 19.33
CA CYS D 29 -7.19 10.39 18.02
C CYS D 29 -6.61 11.78 18.24
N HIS D 30 -6.27 12.46 17.15
CA HIS D 30 -5.87 13.86 17.24
C HIS D 30 -6.65 14.66 16.21
N LEU D 31 -7.13 15.82 16.63
CA LEU D 31 -7.95 16.71 15.82
C LEU D 31 -7.16 17.99 15.54
N HIS D 32 -6.82 18.21 14.27
CA HIS D 32 -6.11 19.41 13.88
C HIS D 32 -7.05 20.61 13.82
N GLU D 33 -6.47 21.78 13.52
CA GLU D 33 -7.26 23.00 13.42
C GLU D 33 -7.78 23.22 12.01
N ASP D 34 -8.37 22.18 11.43
CA ASP D 34 -9.18 22.29 10.23
C ASP D 34 -10.34 21.32 10.25
N GLY D 35 -10.53 20.56 11.32
CA GLY D 35 -11.59 19.59 11.42
C GLY D 35 -11.18 18.15 11.18
N ASN D 36 -9.89 17.89 10.94
CA ASN D 36 -9.46 16.55 10.59
C ASN D 36 -9.13 15.74 11.84
N VAL D 37 -9.77 14.58 11.98
CA VAL D 37 -9.60 13.70 13.14
C VAL D 37 -8.90 12.43 12.66
N TYR D 38 -7.63 12.26 13.04
CA TYR D 38 -6.86 11.08 12.69
C TYR D 38 -6.65 10.20 13.92
N THR D 39 -7.01 8.93 13.80
CA THR D 39 -6.96 8.02 14.95
C THR D 39 -5.53 7.59 15.26
N VAL D 40 -5.25 7.39 16.54
CA VAL D 40 -3.95 6.90 17.00
C VAL D 40 -4.12 5.44 17.40
N PRO D 41 -3.34 4.53 16.83
CA PRO D 41 -3.40 3.14 17.30
C PRO D 41 -2.69 2.96 18.62
N TYR D 42 -3.40 3.22 19.73
CA TYR D 42 -2.77 3.26 21.04
C TYR D 42 -2.28 1.91 21.53
N ALA D 43 -2.83 0.80 21.03
CA ALA D 43 -2.34 -0.51 21.46
C ALA D 43 -1.00 -0.87 20.85
N ASN D 44 -0.61 -0.22 19.76
CA ASN D 44 0.67 -0.52 19.10
C ASN D 44 1.59 0.69 19.06
N THR D 45 1.20 1.81 19.67
CA THR D 45 2.05 2.99 19.68
C THR D 45 3.17 2.83 20.70
N VAL D 46 4.39 3.15 20.27
CA VAL D 46 5.52 3.21 21.20
C VAL D 46 5.51 4.52 21.97
N PHE D 47 5.52 5.64 21.26
CA PHE D 47 5.40 6.93 21.91
C PHE D 47 4.62 7.89 21.02
N ILE D 48 4.04 8.90 21.66
CA ILE D 48 3.54 10.06 20.94
C ILE D 48 4.31 11.28 21.41
N GLY D 49 4.37 12.30 20.56
CA GLY D 49 5.00 13.54 20.90
C GLY D 49 4.05 14.69 20.65
N LEU D 50 4.31 15.81 21.31
CA LEU D 50 3.40 16.95 21.26
C LEU D 50 4.22 18.21 20.97
N ALA D 51 4.02 18.75 19.78
CA ALA D 51 4.73 19.93 19.31
C ALA D 51 3.97 21.18 19.72
N GLU D 52 4.31 22.33 19.11
CA GLU D 52 3.64 23.58 19.43
C GLU D 52 2.18 23.54 19.00
N GLY D 53 1.31 24.11 19.83
CA GLY D 53 -0.11 24.12 19.54
C GLY D 53 -0.82 22.81 19.75
N THR D 54 -0.26 21.90 20.56
CA THR D 54 -0.87 20.62 20.83
C THR D 54 -1.49 20.61 22.22
N SER D 55 -2.53 19.79 22.39
CA SER D 55 -3.20 19.72 23.68
C SER D 55 -3.86 18.37 23.91
N ILE D 56 -3.32 17.56 24.81
CA ILE D 56 -3.88 16.24 25.07
C ILE D 56 -4.80 16.33 26.30
N THR D 57 -5.76 15.42 26.39
CA THR D 57 -6.75 15.42 27.47
C THR D 57 -6.43 14.31 28.46
N ASN D 58 -7.33 14.13 29.42
CA ASN D 58 -7.03 13.26 30.57
C ASN D 58 -7.21 11.80 30.20
N GLU D 59 -8.38 11.43 29.69
CA GLU D 59 -8.67 10.04 29.39
C GLU D 59 -7.90 9.54 28.17
N ALA D 60 -7.52 10.45 27.26
CA ALA D 60 -6.57 10.09 26.21
C ALA D 60 -5.21 9.73 26.79
N MET D 61 -4.75 10.49 27.79
CA MET D 61 -3.46 10.21 28.40
C MET D 61 -3.55 8.90 29.19
N SER D 62 -4.72 8.66 29.79
CA SER D 62 -4.97 7.43 30.53
C SER D 62 -4.97 6.22 29.61
N MET D 63 -5.58 6.34 28.43
CA MET D 63 -5.62 5.22 27.51
C MET D 63 -4.27 4.97 26.88
N LEU D 64 -3.43 6.01 26.80
CA LEU D 64 -2.06 5.79 26.37
C LEU D 64 -1.23 5.14 27.47
N ALA D 65 -1.41 5.58 28.71
CA ALA D 65 -0.56 5.13 29.82
C ALA D 65 -0.92 3.72 30.28
N ALA D 66 -2.21 3.42 30.37
CA ALA D 66 -2.64 2.10 30.80
C ALA D 66 -2.30 1.04 29.76
N ASN D 67 -2.36 1.43 28.49
CA ASN D 67 -1.81 0.57 27.45
C ASN D 67 -0.28 0.57 27.46
N GLY D 68 0.34 1.62 27.96
CA GLY D 68 1.78 1.64 28.09
C GLY D 68 2.49 2.41 27.00
N VAL D 69 1.99 3.61 26.69
CA VAL D 69 2.58 4.48 25.68
C VAL D 69 3.20 5.67 26.39
N ILE D 70 4.51 5.82 26.27
CA ILE D 70 5.22 6.91 26.91
C ILE D 70 4.95 8.19 26.12
N VAL D 71 4.62 9.28 26.80
CA VAL D 71 4.20 10.51 26.15
C VAL D 71 5.10 11.65 26.62
N PHE D 72 5.68 12.38 25.66
CA PHE D 72 6.50 13.54 26.00
C PHE D 72 5.98 14.77 25.25
N TRP D 73 6.61 15.90 25.55
CA TRP D 73 6.28 17.19 24.96
C TRP D 73 7.57 17.78 24.40
N THR D 74 7.55 18.11 23.11
CA THR D 74 8.79 18.36 22.36
C THR D 74 9.45 19.67 22.77
N LYS D 75 8.66 20.72 22.97
CA LYS D 75 9.24 22.01 23.29
C LYS D 75 9.68 22.07 24.76
N GLY D 76 10.49 23.08 25.05
CA GLY D 76 11.12 23.25 26.35
C GLY D 76 12.58 23.61 26.29
N GLY D 77 13.22 23.43 25.13
CA GLY D 77 14.61 23.82 24.96
C GLY D 77 14.79 25.32 24.88
N GLY D 78 15.60 25.87 25.78
CA GLY D 78 15.76 27.32 25.84
C GLY D 78 17.18 27.81 25.91
N TYR D 79 18.15 26.89 25.86
CA TYR D 79 19.55 27.29 25.87
C TYR D 79 20.04 27.47 24.44
N ASP D 80 21.35 27.71 24.28
CA ASP D 80 21.92 28.03 22.98
C ASP D 80 22.59 26.84 22.30
N MET D 81 22.88 25.77 23.06
CA MET D 81 23.66 24.66 22.54
C MET D 81 22.96 23.33 22.87
N PHE D 82 22.11 23.32 23.89
CA PHE D 82 21.60 22.07 24.45
C PHE D 82 20.11 21.94 24.18
N ALA D 83 19.67 20.70 23.95
CA ALA D 83 18.26 20.35 24.06
C ALA D 83 17.93 20.27 25.55
N ALA D 84 17.32 21.34 26.07
CA ALA D 84 17.34 21.61 27.51
C ALA D 84 16.45 20.68 28.33
N ASP D 85 15.13 20.74 28.11
CA ASP D 85 14.20 20.08 29.01
C ASP D 85 13.03 19.52 28.19
N ILE D 86 12.82 18.22 28.28
CA ILE D 86 11.70 17.55 27.63
C ILE D 86 10.90 16.86 28.73
N ILE D 87 9.60 17.15 28.78
CA ILE D 87 8.75 16.75 29.89
C ILE D 87 8.03 15.48 29.49
N CYS D 88 8.16 14.42 30.31
CA CYS D 88 7.85 13.06 29.87
C CYS D 88 7.01 12.29 30.89
N HIS D 89 5.78 11.93 30.51
CA HIS D 89 4.87 11.22 31.41
C HIS D 89 5.05 9.72 31.30
N LEU D 90 5.59 9.12 32.35
CA LEU D 90 5.84 7.71 32.56
C LEU D 90 4.57 6.99 32.99
N PRO D 91 4.23 5.89 32.34
CA PRO D 91 3.12 5.07 32.85
C PRO D 91 3.50 4.20 34.06
N GLN D 92 3.45 4.77 35.27
CA GLN D 92 3.86 3.97 36.43
C GLN D 92 2.73 3.16 37.04
N ALA D 93 1.49 3.30 36.57
CA ALA D 93 0.40 2.49 37.11
C ALA D 93 0.57 1.02 36.77
N ASP D 94 1.17 0.71 35.62
CA ASP D 94 1.66 -0.63 35.35
C ASP D 94 2.88 -0.90 36.23
N TYR D 95 2.75 -1.84 37.18
CA TYR D 95 3.85 -2.13 38.08
C TYR D 95 4.94 -2.89 37.36
N ARG D 96 6.17 -2.40 37.47
CA ARG D 96 7.24 -2.79 36.57
C ARG D 96 8.01 -3.99 37.11
N PRO D 97 8.71 -4.72 36.22
CA PRO D 97 9.71 -5.69 36.69
C PRO D 97 10.79 -4.99 37.50
N THR D 98 11.23 -5.66 38.55
CA THR D 98 11.96 -5.00 39.63
C THR D 98 13.46 -5.20 39.58
N LYS D 99 13.93 -6.45 39.42
CA LYS D 99 15.34 -6.77 39.61
C LYS D 99 16.26 -6.12 38.59
N TYR D 100 15.71 -5.61 37.48
CA TYR D 100 16.53 -4.90 36.50
C TYR D 100 16.90 -3.52 37.04
N MET D 101 15.96 -2.87 37.73
CA MET D 101 16.23 -1.67 38.51
C MET D 101 17.21 -1.92 39.65
N GLN D 102 17.10 -3.04 40.35
CA GLN D 102 18.09 -3.38 41.38
C GLN D 102 19.48 -3.55 40.79
N ASN D 103 19.58 -4.21 39.62
CA ASN D 103 20.88 -4.37 38.98
C ASN D 103 21.44 -3.02 38.52
N TRP D 104 20.57 -2.16 37.98
CA TRP D 104 21.00 -0.83 37.56
C TRP D 104 21.45 0.02 38.75
N VAL D 105 20.77 -0.12 39.89
CA VAL D 105 21.18 0.56 41.11
C VAL D 105 22.51 0.04 41.64
N ARG D 106 22.71 -1.27 41.67
CA ARG D 106 23.96 -1.84 42.16
C ARG D 106 25.13 -1.52 41.24
N LEU D 107 24.87 -1.24 39.96
CA LEU D 107 25.96 -0.71 39.14
C LEU D 107 26.09 0.80 39.25
N TRP D 108 25.01 1.51 39.56
CA TRP D 108 25.07 2.98 39.63
C TRP D 108 25.77 3.47 40.89
N LEU D 109 25.53 2.81 42.02
CA LEU D 109 26.08 3.29 43.29
C LEU D 109 27.57 3.03 43.38
N ASP D 110 28.02 1.88 42.89
CA ASP D 110 29.45 1.60 42.84
C ASP D 110 30.09 2.43 41.73
N GLU D 111 31.07 3.25 42.10
CA GLU D 111 31.65 4.20 41.15
C GLU D 111 32.47 3.50 40.07
N GLU D 112 33.22 2.48 40.46
CA GLU D 112 34.01 1.72 39.50
C GLU D 112 33.11 0.87 38.62
N LYS D 113 31.90 0.58 39.06
CA LYS D 113 30.99 -0.22 38.25
C LYS D 113 30.27 0.67 37.28
N LYS D 114 30.08 1.91 37.66
CA LYS D 114 29.41 2.85 36.78
C LYS D 114 30.36 3.20 35.68
N LEU D 115 31.64 3.27 36.02
CA LEU D 115 32.68 3.57 35.03
C LEU D 115 32.83 2.41 34.08
N SER D 116 32.64 1.19 34.59
CA SER D 116 32.75 0.01 33.74
C SER D 116 31.57 -0.06 32.80
N ALA D 117 30.39 0.33 33.28
CA ALA D 117 29.22 0.36 32.42
C ALA D 117 29.36 1.51 31.46
N ALA D 118 29.98 2.60 31.90
CA ALA D 118 30.21 3.74 31.01
C ALA D 118 31.11 3.30 29.87
N LYS D 119 32.07 2.44 30.18
CA LYS D 119 32.98 1.97 29.15
C LYS D 119 32.22 1.18 28.11
N GLU D 120 31.51 0.13 28.52
CA GLU D 120 30.82 -0.72 27.55
C GLU D 120 29.76 0.00 26.74
N ILE D 121 29.11 1.01 27.33
CA ILE D 121 28.08 1.75 26.62
C ILE D 121 28.68 2.74 25.62
N LEU D 122 29.96 3.09 25.80
CA LEU D 122 30.60 3.97 24.84
C LEU D 122 31.03 3.17 23.63
N LYS D 123 31.36 1.90 23.82
CA LYS D 123 31.66 1.06 22.65
C LYS D 123 30.39 0.45 22.10
N MET D 124 29.26 0.68 22.77
CA MET D 124 27.99 0.17 22.26
C MET D 124 27.58 0.99 21.05
N ARG D 125 27.92 2.28 21.04
CA ARG D 125 27.63 3.10 19.87
C ARG D 125 28.55 2.68 18.74
N VAL D 126 29.76 2.23 19.09
CA VAL D 126 30.69 1.76 18.07
C VAL D 126 30.15 0.48 17.41
N ASP D 127 29.65 -0.45 18.21
CA ASP D 127 29.06 -1.64 17.60
C ASP D 127 27.70 -1.38 16.97
N SER D 128 27.03 -0.30 17.38
CA SER D 128 25.77 0.05 16.75
C SER D 128 26.10 0.41 15.32
N LEU D 129 27.14 1.21 15.12
CA LEU D 129 27.56 1.57 13.78
C LEU D 129 27.79 0.31 12.97
N SER D 130 28.54 -0.63 13.52
CA SER D 130 28.86 -1.86 12.80
C SER D 130 27.64 -2.72 12.44
N THR D 131 26.64 -2.76 13.30
CA THR D 131 25.48 -3.59 13.04
C THR D 131 24.51 -2.88 12.12
N HIS D 132 24.09 -1.69 12.50
CA HIS D 132 23.11 -0.96 11.70
C HIS D 132 23.77 -0.14 10.63
N VAL D 133 23.91 -0.73 9.44
CA VAL D 133 24.57 -0.06 8.32
C VAL D 133 23.48 0.33 7.33
N HIS D 134 23.44 1.60 6.96
CA HIS D 134 22.45 2.04 5.99
C HIS D 134 22.93 1.73 4.57
N ASP D 135 21.98 1.77 3.63
CA ASP D 135 22.30 1.62 2.23
C ASP D 135 22.82 2.90 1.60
N PHE D 136 22.62 4.04 2.26
CA PHE D 136 23.02 5.33 1.73
C PHE D 136 24.06 5.99 2.61
N GLY D 137 24.43 7.23 2.28
CA GLY D 137 25.35 7.96 3.13
C GLY D 137 26.78 7.43 3.03
N VAL D 138 27.41 7.27 4.18
CA VAL D 138 28.76 6.73 4.23
C VAL D 138 28.71 5.21 4.28
N ASP D 139 29.85 4.59 4.01
CA ASP D 139 30.07 3.21 4.41
C ASP D 139 30.82 3.23 5.74
N VAL D 140 30.39 2.36 6.66
CA VAL D 140 30.97 2.33 8.00
C VAL D 140 32.41 1.81 7.99
N GLU D 141 32.72 0.84 7.14
CA GLU D 141 34.02 0.17 7.16
C GLU D 141 35.06 0.85 6.29
N ASN D 142 34.95 2.16 6.06
CA ASN D 142 36.00 2.86 5.33
C ASN D 142 37.17 3.15 6.26
N LYS D 143 38.23 3.77 5.75
CA LYS D 143 39.43 3.95 6.55
C LYS D 143 39.25 5.05 7.59
N ARG D 144 38.49 6.10 7.26
CA ARG D 144 38.36 7.24 8.16
C ARG D 144 37.48 6.91 9.35
N VAL D 145 36.33 6.28 9.11
CA VAL D 145 35.40 5.94 10.19
C VAL D 145 36.01 4.88 11.10
N SER D 146 36.69 3.88 10.51
CA SER D 146 37.35 2.86 11.32
C SER D 146 38.52 3.45 12.11
N SER D 147 39.26 4.40 11.53
CA SER D 147 40.35 5.04 12.25
C SER D 147 39.84 5.86 13.43
N ILE D 148 38.76 6.62 13.24
CA ILE D 148 38.22 7.41 14.34
C ILE D 148 37.54 6.54 15.41
N VAL D 149 36.84 5.47 15.04
CA VAL D 149 36.27 4.63 16.10
C VAL D 149 37.36 3.80 16.77
N ASN D 150 38.46 3.53 16.08
CA ASN D 150 39.59 2.84 16.72
CA ASN D 150 39.59 2.85 16.72
C ASN D 150 40.29 3.76 17.71
N LYS D 151 40.46 5.03 17.36
CA LYS D 151 41.02 6.01 18.29
C LYS D 151 40.08 6.21 19.47
N PHE D 152 38.77 6.21 19.19
CA PHE D 152 37.77 6.33 20.24
C PHE D 152 37.80 5.15 21.20
N ASP D 153 37.91 3.93 20.66
CA ASP D 153 37.96 2.74 21.52
C ASP D 153 39.27 2.67 22.30
N LYS D 154 40.39 3.06 21.68
CA LYS D 154 41.67 3.09 22.37
C LYS D 154 41.67 4.12 23.48
N GLY D 155 41.04 5.28 23.25
CA GLY D 155 40.98 6.29 24.27
C GLY D 155 39.99 5.98 25.38
N VAL D 156 38.88 5.34 25.05
CA VAL D 156 37.89 5.03 26.08
C VAL D 156 38.30 3.77 26.85
N THR D 157 39.18 2.93 26.30
CA THR D 157 39.74 1.82 27.05
C THR D 157 40.68 2.29 28.16
N GLN D 158 41.56 3.26 27.87
CA GLN D 158 42.49 3.77 28.85
C GLN D 158 41.91 4.90 29.69
N ALA D 159 40.63 5.23 29.51
CA ALA D 159 40.00 6.28 30.30
C ALA D 159 39.81 5.83 31.74
N THR D 160 39.87 6.80 32.66
CA THR D 160 39.71 6.52 34.08
C THR D 160 38.80 7.50 34.79
N SER D 161 38.35 8.58 34.14
CA SER D 161 37.51 9.58 34.76
C SER D 161 36.36 9.93 33.83
N PHE D 162 35.26 10.40 34.42
CA PHE D 162 34.09 10.73 33.61
C PHE D 162 34.29 11.99 32.80
N GLU D 163 35.17 12.90 33.23
CA GLU D 163 35.48 14.07 32.42
C GLU D 163 36.28 13.71 31.19
N SER D 164 37.14 12.69 31.30
CA SER D 164 37.80 12.14 30.10
C SER D 164 36.79 11.52 29.16
N LEU D 165 35.76 10.86 29.72
CA LEU D 165 34.68 10.32 28.90
C LEU D 165 33.90 11.43 28.21
N LEU D 166 33.69 12.56 28.89
CA LEU D 166 33.01 13.70 28.28
C LEU D 166 33.84 14.33 27.17
N GLY D 167 35.15 14.46 27.38
CA GLY D 167 36.01 14.97 26.32
C GLY D 167 36.04 14.06 25.10
N HIS D 168 36.17 12.75 25.33
CA HIS D 168 36.22 11.80 24.23
C HIS D 168 34.86 11.71 23.54
N GLU D 169 33.79 11.93 24.32
CA GLU D 169 32.44 12.06 23.80
C GLU D 169 32.35 13.22 22.83
N GLY D 170 32.93 14.36 23.20
CA GLY D 170 32.94 15.53 22.33
C GLY D 170 33.71 15.32 21.05
N THR D 171 34.90 14.69 21.14
CA THR D 171 35.66 14.41 19.92
C THR D 171 34.95 13.39 19.03
N PHE D 172 34.25 12.41 19.63
CA PHE D 172 33.47 11.47 18.83
C PHE D 172 32.33 12.14 18.09
N VAL D 173 31.60 13.03 18.77
CA VAL D 173 30.46 13.69 18.14
C VAL D 173 30.94 14.64 17.05
N LYS D 174 32.01 15.40 17.32
CA LYS D 174 32.61 16.24 16.28
C LYS D 174 33.11 15.43 15.08
N SER D 175 33.73 14.28 15.33
CA SER D 175 34.26 13.46 14.24
C SER D 175 33.16 12.93 13.35
N LEU D 176 32.11 12.31 13.94
CA LEU D 176 31.03 11.78 13.11
C LEU D 176 30.25 12.87 12.41
N TYR D 177 29.85 13.91 13.13
CA TYR D 177 29.00 14.91 12.51
C TYR D 177 29.68 15.53 11.33
N LYS D 178 31.00 15.71 11.43
CA LYS D 178 31.74 16.36 10.35
C LYS D 178 32.06 15.44 9.20
N GLU D 179 32.15 14.15 9.46
CA GLU D 179 32.41 13.22 8.39
C GLU D 179 31.15 13.05 7.58
N TYR D 180 30.00 13.13 8.23
CA TYR D 180 28.75 13.03 7.51
C TYR D 180 28.59 14.29 6.71
N ALA D 181 29.06 15.39 7.26
CA ALA D 181 28.96 16.65 6.56
C ALA D 181 29.80 16.59 5.31
N LEU D 182 30.95 15.94 5.40
CA LEU D 182 31.83 15.84 4.25
C LEU D 182 31.21 15.00 3.17
N GLU D 183 30.58 13.90 3.57
CA GLU D 183 29.97 13.01 2.61
C GLU D 183 28.84 13.68 1.88
N TYR D 184 28.04 14.43 2.62
CA TYR D 184 26.89 15.06 2.02
C TYR D 184 27.29 16.43 1.56
N GLU D 185 28.58 16.70 1.50
CA GLU D 185 29.10 17.95 0.99
C GLU D 185 28.47 19.20 1.53
N ILE D 186 28.26 19.26 2.83
CA ILE D 186 27.74 20.49 3.41
C ILE D 186 28.59 20.93 4.56
N GLU D 187 28.39 22.16 5.02
CA GLU D 187 29.11 22.63 6.17
C GLU D 187 28.16 22.41 7.31
N PHE D 188 28.58 21.71 8.35
CA PHE D 188 27.63 21.42 9.39
C PHE D 188 28.00 21.86 10.78
N LYS D 189 27.06 22.53 11.46
CA LYS D 189 27.28 22.91 12.84
C LYS D 189 26.00 22.57 13.54
N ARG D 190 26.08 21.84 14.64
CA ARG D 190 24.90 21.42 15.34
C ARG D 190 24.27 22.49 16.23
N ASP D 191 23.30 23.24 15.72
CA ASP D 191 22.59 24.25 16.51
C ASP D 191 21.13 23.81 16.48
N HIS D 192 20.51 23.71 17.65
CA HIS D 192 19.11 23.34 17.74
C HIS D 192 18.16 24.48 17.35
N LYS D 193 18.68 25.69 17.18
CA LYS D 193 17.88 26.86 16.84
C LYS D 193 18.21 27.35 15.44
N SER D 194 18.40 26.42 14.51
CA SER D 194 18.81 26.71 13.15
C SER D 194 17.71 26.34 12.16
N ALA D 195 17.61 27.11 11.09
CA ALA D 195 16.62 26.88 10.05
C ALA D 195 17.08 25.87 9.00
N ASP D 196 18.33 25.42 9.07
CA ASP D 196 18.85 24.46 8.11
C ASP D 196 18.29 23.07 8.37
N ASN D 197 17.94 22.35 7.29
CA ASN D 197 17.22 21.08 7.41
C ASN D 197 18.03 19.96 8.05
N TYR D 198 19.36 19.99 7.91
CA TYR D 198 20.21 19.03 8.60
C TYR D 198 20.15 19.21 10.12
N ASN D 199 19.78 20.40 10.59
CA ASN D 199 19.68 20.65 12.02
C ASN D 199 18.31 20.32 12.60
N LYS D 200 17.21 20.77 11.99
CA LYS D 200 15.92 20.46 12.62
C LYS D 200 15.48 19.03 12.33
N PHE D 201 15.98 18.42 11.25
CA PHE D 201 15.84 16.97 11.18
C PHE D 201 16.62 16.27 12.27
N LEU D 202 17.76 16.81 12.69
CA LEU D 202 18.48 16.22 13.81
C LEU D 202 17.74 16.44 15.13
N THR D 203 17.03 17.56 15.29
CA THR D 203 16.28 17.76 16.52
C THR D 203 15.01 16.90 16.55
N LEU D 204 14.41 16.69 15.38
CA LEU D 204 13.29 15.77 15.26
C LEU D 204 13.72 14.35 15.56
N GLY D 205 14.92 13.98 15.11
CA GLY D 205 15.47 12.69 15.49
C GLY D 205 15.92 12.62 16.93
N ASN D 206 16.29 13.77 17.51
CA ASN D 206 16.53 13.83 18.96
C ASN D 206 15.27 13.49 19.74
N TYR D 207 14.13 14.06 19.32
CA TYR D 207 12.86 13.75 19.95
C TYR D 207 12.46 12.29 19.73
N TYR D 208 12.73 11.77 18.53
CA TYR D 208 12.41 10.38 18.22
C TYR D 208 13.25 9.41 19.06
N ALA D 209 14.56 9.66 19.16
CA ALA D 209 15.43 8.81 19.96
C ALA D 209 15.14 8.98 21.45
N TYR D 210 14.69 10.17 21.87
CA TYR D 210 14.25 10.37 23.25
C TYR D 210 13.06 9.47 23.57
N GLY D 211 12.07 9.45 22.67
CA GLY D 211 10.90 8.61 22.89
C GLY D 211 11.23 7.14 22.89
N ILE D 212 12.11 6.73 21.97
CA ILE D 212 12.57 5.34 21.91
C ILE D 212 13.31 4.97 23.20
N ALA D 213 14.11 5.90 23.73
CA ALA D 213 14.90 5.61 24.92
C ALA D 213 14.03 5.52 26.18
N ARG D 214 13.03 6.41 26.34
CA ARG D 214 12.13 6.23 27.48
C ARG D 214 11.25 5.01 27.35
N SER D 215 10.87 4.61 26.13
CA SER D 215 10.12 3.36 26.04
C SER D 215 10.99 2.15 26.35
N SER D 216 12.27 2.19 25.97
CA SER D 216 13.20 1.11 26.31
C SER D 216 13.48 1.07 27.80
N LEU D 217 13.62 2.24 28.43
CA LEU D 217 13.92 2.28 29.87
C LEU D 217 12.68 1.92 30.70
N TRP D 218 11.51 2.39 30.28
CA TRP D 218 10.27 2.09 30.98
C TRP D 218 9.87 0.64 30.78
N ALA D 219 10.27 0.02 29.67
CA ALA D 219 9.96 -1.40 29.46
C ALA D 219 10.69 -2.29 30.46
N LEU D 220 11.84 -1.83 30.95
CA LEU D 220 12.54 -2.50 32.03
C LEU D 220 12.45 -1.75 33.35
N GLY D 221 11.60 -0.75 33.44
CA GLY D 221 11.40 -0.02 34.67
C GLY D 221 12.51 0.92 35.05
N ILE D 222 13.44 1.21 34.14
CA ILE D 222 14.58 2.05 34.48
C ILE D 222 14.19 3.51 34.40
N ASP D 223 14.51 4.26 35.45
CA ASP D 223 14.22 5.68 35.45
C ASP D 223 15.27 6.47 34.68
N ASN D 224 14.86 7.64 34.20
CA ASN D 224 15.79 8.59 33.60
C ASN D 224 16.68 9.25 34.63
N SER D 225 16.30 9.20 35.91
CA SER D 225 16.98 9.91 36.98
C SER D 225 18.17 9.15 37.55
N PHE D 226 18.76 8.24 36.78
CA PHE D 226 20.02 7.59 37.15
C PHE D 226 20.98 7.67 35.97
N PRO D 227 21.58 8.85 35.73
CA PRO D 227 22.48 9.02 34.59
C PRO D 227 23.87 8.45 34.91
N LEU D 228 24.24 7.39 34.21
CA LEU D 228 25.57 6.82 34.42
C LEU D 228 26.67 7.66 33.79
N LEU D 229 26.32 8.53 32.84
CA LEU D 229 27.22 9.57 32.34
C LEU D 229 26.66 10.92 32.77
N HIS D 230 27.49 11.72 33.44
CA HIS D 230 27.04 13.00 33.95
C HIS D 230 28.12 14.04 33.73
N GLY D 231 27.71 15.30 33.73
CA GLY D 231 28.63 16.40 33.56
C GLY D 231 27.89 17.71 33.47
N SER D 232 28.65 18.78 33.28
CA SER D 232 28.06 20.11 33.13
C SER D 232 27.34 20.22 31.79
N THR D 233 27.99 19.78 30.71
CA THR D 233 27.35 19.77 29.41
C THR D 233 26.32 18.65 29.31
N ARG D 234 26.59 17.51 29.94
CA ARG D 234 25.77 16.32 29.75
C ARG D 234 24.92 16.16 31.02
N ARG D 235 23.80 16.88 31.02
CA ARG D 235 22.84 16.83 32.12
C ARG D 235 21.45 16.72 31.52
N GLY D 236 21.06 15.49 31.17
CA GLY D 236 19.70 15.26 30.71
C GLY D 236 19.07 14.05 31.35
N GLY D 237 19.89 13.22 31.96
CA GLY D 237 19.45 11.95 32.51
C GLY D 237 19.98 10.79 31.70
N LEU D 238 19.41 9.62 31.97
CA LEU D 238 19.81 8.41 31.28
C LEU D 238 19.35 8.39 29.83
N VAL D 239 18.30 9.16 29.50
CA VAL D 239 17.89 9.36 28.12
C VAL D 239 18.97 10.01 27.25
N PHE D 240 19.86 10.81 27.82
CA PHE D 240 20.96 11.29 26.99
C PHE D 240 22.15 10.36 27.02
N ASP D 241 21.94 9.07 27.27
CA ASP D 241 22.91 8.04 26.92
C ASP D 241 22.30 6.95 26.07
N VAL D 242 21.07 6.54 26.40
CA VAL D 242 20.37 5.51 25.64
C VAL D 242 19.64 6.14 24.46
N ALA D 243 19.65 7.46 24.37
CA ALA D 243 19.13 8.11 23.17
C ALA D 243 20.25 8.35 22.15
N ASP D 244 21.44 8.73 22.60
CA ASP D 244 22.54 8.94 21.67
C ASP D 244 23.48 7.76 21.56
N ILE D 245 23.09 6.58 22.03
CA ILE D 245 23.69 5.36 21.48
C ILE D 245 23.36 5.24 19.99
N ILE D 246 22.18 5.71 19.58
CA ILE D 246 21.68 5.50 18.23
C ILE D 246 21.54 6.80 17.44
N LYS D 247 22.32 7.83 17.75
CA LYS D 247 22.40 8.97 16.83
C LYS D 247 23.20 8.63 15.59
N THR D 248 24.47 8.34 15.78
CA THR D 248 25.41 8.23 14.67
C THR D 248 25.28 6.92 13.92
N SER D 249 24.49 5.98 14.43
CA SER D 249 24.17 4.75 13.74
C SER D 249 22.85 4.82 12.99
N ILE D 250 21.83 5.43 13.59
CA ILE D 250 20.48 5.47 13.01
C ILE D 250 20.08 6.87 12.57
N ILE D 251 20.01 7.81 13.52
CA ILE D 251 19.29 9.05 13.28
C ILE D 251 20.07 9.98 12.38
N LEU D 252 21.35 10.23 12.74
CA LEU D 252 22.15 11.23 12.03
C LEU D 252 22.38 10.91 10.55
N PRO D 253 22.71 9.67 10.14
CA PRO D 253 22.65 9.39 8.69
C PRO D 253 21.26 9.47 8.11
N LEU D 254 20.23 9.09 8.86
CA LEU D 254 18.85 9.21 8.35
C LEU D 254 18.44 10.68 8.27
N ALA D 255 18.85 11.50 9.23
CA ALA D 255 18.57 12.93 9.18
C ALA D 255 19.29 13.60 8.02
N PHE D 256 20.55 13.21 7.79
CA PHE D 256 21.29 13.78 6.66
C PHE D 256 20.73 13.32 5.32
N HIS D 257 20.28 12.07 5.23
CA HIS D 257 19.64 11.59 4.01
C HIS D 257 18.31 12.29 3.76
N ALA D 258 17.55 12.53 4.83
CA ALA D 258 16.26 13.22 4.68
C ALA D 258 16.45 14.68 4.33
N ALA D 259 17.50 15.31 4.85
CA ALA D 259 17.81 16.69 4.50
C ALA D 259 18.52 16.80 3.16
N ASP D 260 19.01 15.70 2.61
CA ASP D 260 19.61 15.70 1.28
C ASP D 260 18.54 15.47 0.22
N GLN D 261 17.65 14.51 0.44
CA GLN D 261 16.56 14.27 -0.51
C GLN D 261 15.48 15.35 -0.45
N GLY D 262 15.24 15.95 0.71
CA GLY D 262 14.50 17.19 0.83
C GLY D 262 13.02 17.23 0.49
N MET D 263 12.26 16.20 0.89
CA MET D 263 10.82 16.38 1.03
C MET D 263 10.51 16.77 2.47
N SER D 264 9.23 16.72 2.86
CA SER D 264 8.75 17.30 4.09
C SER D 264 9.17 16.47 5.31
N ASN D 265 8.63 16.83 6.47
CA ASN D 265 9.01 16.15 7.70
C ASN D 265 8.38 14.76 7.81
N THR D 266 7.25 14.54 7.12
CA THR D 266 6.50 13.31 7.28
C THR D 266 7.24 12.10 6.72
N GLU D 267 8.04 12.31 5.66
CA GLU D 267 8.87 11.21 5.17
C GLU D 267 9.96 10.86 6.18
N PHE D 268 10.40 11.85 6.98
CA PHE D 268 11.39 11.55 8.01
C PHE D 268 10.75 10.81 9.18
N LYS D 269 9.52 11.19 9.57
CA LYS D 269 8.78 10.43 10.57
C LYS D 269 8.62 8.98 10.13
N ARG D 270 8.16 8.78 8.90
CA ARG D 270 7.92 7.44 8.39
C ARG D 270 9.20 6.65 8.18
N SER D 271 10.31 7.33 7.86
CA SER D 271 11.59 6.64 7.75
C SER D 271 12.12 6.22 9.11
N CYS D 272 11.89 7.05 10.14
CA CYS D 272 12.23 6.63 11.50
C CYS D 272 11.40 5.44 11.95
N VAL D 273 10.11 5.42 11.61
CA VAL D 273 9.28 4.24 11.89
C VAL D 273 9.83 3.02 11.15
N ALA D 274 10.18 3.18 9.87
CA ALA D 274 10.62 2.07 9.05
C ALA D 274 11.94 1.48 9.54
N TYR D 275 12.89 2.32 9.96
CA TYR D 275 14.15 1.76 10.41
C TYR D 275 14.08 1.29 11.86
N PHE D 276 13.27 1.93 12.71
CA PHE D 276 13.09 1.42 14.05
C PHE D 276 12.26 0.14 14.09
N ASP D 277 11.52 -0.14 13.02
CA ASP D 277 10.67 -1.33 12.90
C ASP D 277 11.36 -2.48 12.18
N LYS D 278 12.11 -2.19 11.12
CA LYS D 278 12.70 -3.24 10.30
C LYS D 278 13.86 -3.92 11.03
N ASN D 279 14.74 -3.13 11.64
CA ASN D 279 15.89 -3.68 12.35
C ASN D 279 15.61 -3.96 13.81
N ASP D 280 14.41 -3.63 14.28
CA ASP D 280 13.97 -3.81 15.68
C ASP D 280 14.91 -3.11 16.66
N ILE D 281 15.10 -1.80 16.42
CA ILE D 281 16.04 -1.00 17.22
C ILE D 281 15.58 -0.89 18.66
N LEU D 282 14.26 -0.85 18.90
CA LEU D 282 13.75 -0.83 20.26
C LEU D 282 14.07 -2.13 20.99
N ALA D 283 13.79 -3.28 20.37
CA ALA D 283 14.12 -4.56 20.98
C ALA D 283 15.63 -4.75 21.08
N TYR D 284 16.37 -4.16 20.15
CA TYR D 284 17.84 -4.22 20.19
C TYR D 284 18.36 -3.47 21.41
N LEU D 285 17.82 -2.28 21.67
CA LEU D 285 18.20 -1.48 22.85
C LEU D 285 17.80 -2.19 24.14
N ILE D 286 16.60 -2.76 24.17
CA ILE D 286 16.12 -3.47 25.35
C ILE D 286 16.99 -4.68 25.64
N ASN D 287 17.36 -5.44 24.60
CA ASN D 287 18.22 -6.61 24.79
CA ASN D 287 18.22 -6.62 24.79
C ASN D 287 19.64 -6.21 25.16
N ASN D 288 20.09 -5.04 24.71
CA ASN D 288 21.41 -4.58 25.13
C ASN D 288 21.42 -4.15 26.59
N ILE D 289 20.36 -3.49 27.06
CA ILE D 289 20.28 -3.17 28.49
C ILE D 289 20.05 -4.45 29.29
N LYS D 290 19.44 -5.47 28.67
CA LYS D 290 19.33 -6.79 29.29
C LYS D 290 20.68 -7.43 29.53
N ARG D 291 21.56 -7.43 28.52
CA ARG D 291 22.87 -8.03 28.73
C ARG D 291 23.78 -7.12 29.54
N LEU D 292 23.43 -5.83 29.66
CA LEU D 292 24.06 -4.96 30.65
C LEU D 292 23.67 -5.31 32.07
N CYS D 293 22.40 -5.60 32.34
CA CYS D 293 21.91 -5.63 33.72
C CYS D 293 22.40 -6.88 34.46
N MET D 294 22.41 -8.04 33.78
CA MET D 294 22.77 -9.26 34.48
C MET D 294 24.27 -9.56 34.45
N GLU D 295 25.09 -8.73 33.83
CA GLU D 295 26.54 -8.96 33.83
C GLU D 295 27.22 -8.18 34.94
N MET E 1 -14.24 20.30 39.44
CA MET E 1 -13.81 21.48 40.17
C MET E 1 -12.36 21.36 40.63
N GLN E 2 -11.87 22.39 41.32
CA GLN E 2 -10.51 22.38 41.83
C GLN E 2 -10.49 21.99 43.31
N LYS E 3 -9.33 21.54 43.78
CA LYS E 3 -9.14 21.13 45.17
C LYS E 3 -7.66 21.18 45.51
N GLN E 4 -7.37 21.12 46.81
CA GLN E 4 -6.01 21.32 47.31
C GLN E 4 -5.67 20.23 48.32
N ILE E 5 -4.50 19.62 48.16
CA ILE E 5 -4.02 18.62 49.12
C ILE E 5 -2.65 19.18 49.49
N LEU E 6 -2.00 18.60 50.50
CA LEU E 6 -0.66 19.04 50.87
C LEU E 6 0.25 17.82 50.96
N THR E 7 1.55 18.05 50.92
CA THR E 7 2.50 16.95 51.02
C THR E 7 3.36 17.07 52.28
N SER E 8 4.37 17.92 52.24
CA SER E 8 5.21 18.13 53.41
C SER E 8 4.39 18.84 54.47
N GLN E 9 4.02 20.08 54.18
CA GLN E 9 3.21 20.85 55.12
C GLN E 9 2.47 21.92 54.34
N LYS E 10 3.14 22.46 53.32
CA LYS E 10 2.52 23.52 52.52
C LYS E 10 1.51 22.96 51.56
N ARG E 11 0.43 23.73 51.31
CA ARG E 11 -0.57 23.30 50.35
C ARG E 11 0.01 23.42 48.96
N ASN E 12 0.43 22.30 48.38
CA ASN E 12 1.10 22.37 47.08
C ASN E 12 0.56 21.43 46.02
N MET E 13 -0.23 20.44 46.44
CA MET E 13 -0.78 19.50 45.48
C MET E 13 -2.15 19.97 45.03
N TYR E 14 -2.26 20.36 43.77
CA TYR E 14 -3.54 20.89 43.29
C TYR E 14 -4.17 20.03 42.21
N ILE E 15 -5.38 19.54 42.47
CA ILE E 15 -6.06 18.66 41.53
C ILE E 15 -7.13 19.47 40.82
N LEU E 16 -7.13 19.40 39.49
CA LEU E 16 -8.02 20.17 38.66
C LEU E 16 -8.94 19.22 37.91
N SER E 17 -10.24 19.43 38.04
CA SER E 17 -11.22 18.67 37.29
C SER E 17 -11.95 19.64 36.39
N ARG E 18 -12.53 19.13 35.32
CA ARG E 18 -13.53 19.78 34.48
C ARG E 18 -12.97 20.97 33.67
N CYS E 19 -11.76 21.43 33.91
CA CYS E 19 -11.30 22.70 33.38
C CYS E 19 -10.23 22.50 32.33
N LYS E 20 -10.46 23.04 31.14
CA LYS E 20 -9.43 23.03 30.11
C LYS E 20 -8.35 24.01 30.57
N VAL E 21 -7.10 23.56 30.53
CA VAL E 21 -5.98 24.34 31.04
C VAL E 21 -5.22 24.93 29.85
N LEU E 22 -5.13 26.26 29.81
CA LEU E 22 -4.52 26.97 28.71
C LEU E 22 -3.74 28.13 29.28
N VAL E 23 -3.36 29.07 28.43
CA VAL E 23 -2.61 30.25 28.84
C VAL E 23 -3.39 31.49 28.42
N LYS E 24 -3.65 32.37 29.39
CA LYS E 24 -4.24 33.68 29.12
C LYS E 24 -3.33 34.74 29.71
N ASN E 25 -3.01 35.75 28.89
CA ASN E 25 -2.18 36.90 29.27
C ASN E 25 -0.80 36.50 29.79
N GLY E 26 -0.26 35.42 29.22
CA GLY E 26 1.03 34.92 29.67
C GLY E 26 1.00 34.21 30.99
N GLN E 27 -0.17 33.72 31.43
CA GLN E 27 -0.29 33.01 32.68
C GLN E 27 -1.07 31.73 32.45
N VAL E 28 -0.69 30.66 33.16
CA VAL E 28 -1.44 29.41 33.06
C VAL E 28 -2.76 29.58 33.80
N CYS E 29 -3.86 29.24 33.15
CA CYS E 29 -5.16 29.32 33.78
C CYS E 29 -5.91 28.04 33.48
N HIS E 30 -7.11 27.87 34.03
CA HIS E 30 -7.93 26.68 33.77
C HIS E 30 -9.41 27.03 33.63
N LEU E 31 -10.14 26.44 32.69
CA LEU E 31 -11.51 26.87 32.42
C LEU E 31 -12.48 25.88 32.81
N HIS E 32 -12.99 25.90 34.02
CA HIS E 32 -13.97 24.93 34.30
C HIS E 32 -14.99 25.28 33.30
N GLU E 33 -15.23 24.40 32.34
CA GLU E 33 -16.10 24.72 31.24
C GLU E 33 -17.47 24.69 31.78
N ASP E 34 -17.59 24.19 32.98
CA ASP E 34 -18.86 24.21 33.59
C ASP E 34 -19.03 25.59 34.26
N GLY E 35 -18.14 26.54 33.96
CA GLY E 35 -18.24 27.87 34.53
C GLY E 35 -17.20 28.86 34.05
N ASN E 36 -16.31 29.29 34.93
CA ASN E 36 -15.35 30.32 34.57
C ASN E 36 -13.89 29.89 34.55
N VAL E 37 -13.00 30.84 34.34
CA VAL E 37 -11.57 30.53 34.24
C VAL E 37 -10.76 31.11 35.39
N TYR E 38 -10.01 30.26 36.07
CA TYR E 38 -9.25 30.72 37.23
C TYR E 38 -7.78 30.51 37.01
N THR E 39 -6.97 31.40 37.55
CA THR E 39 -5.53 31.25 37.43
C THR E 39 -5.02 30.32 38.52
N VAL E 40 -3.73 30.02 38.48
CA VAL E 40 -3.14 29.12 39.46
C VAL E 40 -1.97 29.83 40.14
N PRO E 41 -1.86 29.80 41.46
CA PRO E 41 -0.67 30.35 42.13
C PRO E 41 0.54 29.51 41.83
N TYR E 42 1.70 30.17 41.77
CA TYR E 42 2.93 29.54 41.33
C TYR E 42 3.95 29.34 42.44
N ALA E 43 4.05 30.30 43.36
CA ALA E 43 5.07 30.24 44.41
C ALA E 43 4.78 29.14 45.43
N ASN E 44 3.51 28.88 45.73
CA ASN E 44 3.14 27.90 46.73
C ASN E 44 2.81 26.52 46.15
N THR E 45 3.02 26.32 44.86
CA THR E 45 2.61 25.09 44.18
C THR E 45 3.83 24.39 43.59
N VAL E 46 3.84 23.07 43.68
CA VAL E 46 4.79 22.24 42.91
C VAL E 46 4.09 21.09 42.19
N PHE E 47 2.96 20.60 42.68
CA PHE E 47 2.30 19.44 42.10
C PHE E 47 0.95 19.87 41.51
N ILE E 48 0.71 19.53 40.25
CA ILE E 48 -0.60 19.75 39.65
C ILE E 48 -1.06 18.44 39.00
N GLY E 49 -2.30 18.07 39.27
CA GLY E 49 -2.90 16.86 38.74
C GLY E 49 -4.17 17.22 38.00
N LEU E 50 -4.54 16.39 37.03
CA LEU E 50 -5.67 16.67 36.15
C LEU E 50 -6.64 15.50 36.17
N ALA E 51 -7.88 15.75 36.60
CA ALA E 51 -8.90 14.74 36.70
C ALA E 51 -9.73 14.71 35.41
N GLU E 52 -10.92 14.11 35.45
CA GLU E 52 -11.69 13.91 34.24
C GLU E 52 -12.23 15.22 33.69
N GLY E 53 -12.43 15.25 32.38
CA GLY E 53 -12.89 16.44 31.72
C GLY E 53 -11.86 17.54 31.62
N THR E 54 -10.58 17.21 31.57
CA THR E 54 -9.53 18.21 31.68
C THR E 54 -8.51 18.01 30.55
N SER E 55 -8.19 19.10 29.85
CA SER E 55 -7.17 19.09 28.80
C SER E 55 -6.16 20.20 29.06
N ILE E 56 -4.88 19.87 28.96
CA ILE E 56 -3.80 20.84 29.07
C ILE E 56 -3.14 20.99 27.71
N THR E 57 -2.61 22.19 27.45
CA THR E 57 -1.94 22.50 26.19
C THR E 57 -0.44 22.45 26.36
N ASN E 58 0.28 22.51 25.24
CA ASN E 58 1.73 22.39 25.26
C ASN E 58 2.40 23.62 25.87
N GLU E 59 1.90 24.81 25.54
CA GLU E 59 2.52 26.04 26.01
C GLU E 59 2.27 26.21 27.51
N ALA E 60 1.07 25.85 27.96
CA ALA E 60 0.76 25.85 29.38
C ALA E 60 1.58 24.81 30.13
N MET E 61 1.79 23.65 29.53
CA MET E 61 2.63 22.61 30.13
C MET E 61 4.08 23.06 30.26
N SER E 62 4.58 23.74 29.23
CA SER E 62 5.95 24.24 29.25
C SER E 62 6.14 25.34 30.27
N MET E 63 5.15 26.24 30.41
CA MET E 63 5.28 27.29 31.43
C MET E 63 5.12 26.71 32.83
N LEU E 64 4.28 25.67 32.97
CA LEU E 64 4.09 25.04 34.28
C LEU E 64 5.36 24.34 34.73
N ALA E 65 5.94 23.52 33.85
CA ALA E 65 7.17 22.81 34.21
C ALA E 65 8.42 23.67 34.11
N ALA E 66 8.31 24.88 33.57
CA ALA E 66 9.41 25.83 33.57
C ALA E 66 9.45 26.69 34.82
N ASN E 67 8.44 26.60 35.69
CA ASN E 67 8.39 27.34 36.93
C ASN E 67 8.35 26.41 38.14
N GLY E 68 8.84 25.19 37.99
CA GLY E 68 8.96 24.27 39.10
C GLY E 68 7.71 23.51 39.43
N VAL E 69 6.63 23.66 38.67
CA VAL E 69 5.38 22.98 38.95
C VAL E 69 5.31 21.76 38.04
N ILE E 70 5.28 20.57 38.63
CA ILE E 70 5.33 19.35 37.85
C ILE E 70 3.93 18.73 37.78
N VAL E 71 3.66 18.08 36.66
CA VAL E 71 2.31 17.75 36.20
C VAL E 71 2.14 16.24 36.18
N PHE E 72 1.02 15.76 36.71
CA PHE E 72 0.71 14.34 36.64
C PHE E 72 -0.74 14.11 36.27
N TRP E 73 -1.04 12.93 35.74
CA TRP E 73 -2.39 12.58 35.31
C TRP E 73 -2.95 11.50 36.23
N THR E 74 -4.19 11.69 36.68
CA THR E 74 -4.76 10.87 37.72
C THR E 74 -6.25 10.65 37.49
N LYS E 75 -6.78 9.63 38.16
CA LYS E 75 -8.21 9.43 38.32
C LYS E 75 -8.74 10.49 39.29
N GLY E 76 -10.05 10.72 39.26
CA GLY E 76 -10.72 11.72 40.08
C GLY E 76 -10.49 11.63 41.58
N GLY E 77 -10.21 12.77 42.19
CA GLY E 77 -9.73 12.81 43.56
C GLY E 77 -8.24 12.96 43.70
N GLY E 78 -7.47 12.69 42.65
CA GLY E 78 -6.04 12.83 42.69
C GLY E 78 -5.33 11.79 43.54
N TYR E 79 -5.90 10.59 43.65
CA TYR E 79 -5.34 9.56 44.53
C TYR E 79 -5.15 8.25 43.77
N ASP E 80 -5.18 8.31 42.44
CA ASP E 80 -4.81 7.15 41.62
C ASP E 80 -4.23 7.72 40.33
N MET E 81 -2.91 7.82 40.29
CA MET E 81 -2.19 8.49 39.23
C MET E 81 -1.52 7.46 38.32
N PHE E 82 -1.64 7.68 37.01
CA PHE E 82 -1.08 6.75 36.04
C PHE E 82 -0.02 7.33 35.13
N ALA E 83 0.39 8.59 35.33
CA ALA E 83 1.24 9.26 34.36
C ALA E 83 1.90 10.48 35.00
N ALA E 84 3.23 10.49 35.06
CA ALA E 84 3.97 11.61 35.63
C ALA E 84 5.43 11.56 35.17
N ASP E 85 6.17 12.60 35.55
CA ASP E 85 7.61 12.64 35.34
C ASP E 85 8.30 11.99 36.54
N ILE E 86 9.60 12.21 36.66
CA ILE E 86 10.36 11.83 37.84
C ILE E 86 10.80 13.11 38.56
N ILE E 87 10.64 13.13 39.88
CA ILE E 87 11.05 14.28 40.68
C ILE E 87 12.56 14.35 40.72
N CYS E 88 13.10 15.54 40.40
CA CYS E 88 14.52 15.84 40.48
C CYS E 88 14.72 16.96 41.50
N HIS E 89 15.95 17.49 41.56
CA HIS E 89 16.27 18.62 42.42
C HIS E 89 15.47 19.86 42.00
N LEU E 90 15.73 20.34 40.79
CA LEU E 90 14.93 21.36 40.15
C LEU E 90 14.74 20.98 38.69
N PRO E 91 13.56 21.22 38.11
CA PRO E 91 13.28 20.68 36.77
C PRO E 91 13.85 21.49 35.61
N GLN E 92 14.72 22.47 35.86
CA GLN E 92 15.26 23.31 34.80
C GLN E 92 16.76 23.14 34.61
N ALA E 93 17.56 23.34 35.65
CA ALA E 93 19.01 23.42 35.52
C ALA E 93 19.74 22.17 35.96
N ASP E 94 19.03 21.13 36.39
CA ASP E 94 19.68 19.92 36.86
C ASP E 94 18.78 18.72 36.63
N TYR E 95 19.40 17.54 36.56
CA TYR E 95 18.67 16.27 36.47
C TYR E 95 19.47 15.24 37.29
N ARG E 96 19.10 15.10 38.55
CA ARG E 96 19.77 14.22 39.50
C ARG E 96 18.71 13.57 40.37
N PRO E 97 19.02 12.33 40.93
CA PRO E 97 17.94 11.76 41.75
C PRO E 97 17.70 12.48 43.03
N THR E 98 16.51 12.30 43.57
CA THR E 98 16.16 13.00 44.77
C THR E 98 16.94 12.51 45.95
N LYS E 99 17.11 13.36 46.95
CA LYS E 99 17.82 12.96 48.14
C LYS E 99 17.11 11.76 48.69
N TYR E 100 15.79 11.84 48.73
CA TYR E 100 15.00 10.78 49.29
C TYR E 100 15.26 9.48 48.57
N MET E 101 15.31 9.52 47.25
CA MET E 101 15.60 8.32 46.49
C MET E 101 16.98 7.77 46.83
N GLN E 102 17.98 8.63 46.84
CA GLN E 102 19.33 8.19 47.14
C GLN E 102 19.40 7.55 48.51
N ASN E 103 18.79 8.19 49.49
CA ASN E 103 18.80 7.65 50.84
C ASN E 103 18.10 6.32 50.84
N TRP E 104 17.00 6.21 50.13
CA TRP E 104 16.23 4.99 50.12
C TRP E 104 17.02 3.89 49.53
N VAL E 105 17.80 4.23 48.52
CA VAL E 105 18.51 3.20 47.83
C VAL E 105 19.69 2.70 48.65
N ARG E 106 20.26 3.56 49.49
CA ARG E 106 21.35 3.11 50.35
C ARG E 106 20.75 2.31 51.47
N LEU E 107 19.53 2.65 51.86
CA LEU E 107 18.84 1.91 52.89
C LEU E 107 18.59 0.56 52.31
N TRP E 108 18.19 0.52 51.05
CA TRP E 108 17.92 -0.73 50.37
C TRP E 108 19.12 -1.64 50.32
N LEU E 109 20.30 -1.06 50.16
CA LEU E 109 21.49 -1.87 49.99
C LEU E 109 21.81 -2.63 51.26
N ASP E 110 22.04 -1.91 52.33
CA ASP E 110 22.37 -2.55 53.59
C ASP E 110 21.19 -3.40 53.99
N GLU E 111 21.43 -4.68 54.15
CA GLU E 111 20.35 -5.57 54.53
C GLU E 111 19.97 -5.36 55.97
N GLU E 112 20.89 -4.79 56.73
CA GLU E 112 20.59 -4.51 58.12
C GLU E 112 19.72 -3.29 58.18
N LYS E 113 19.99 -2.31 57.33
CA LYS E 113 19.13 -1.15 57.28
C LYS E 113 17.82 -1.52 56.64
N LYS E 114 17.82 -2.54 55.81
CA LYS E 114 16.57 -3.00 55.23
C LYS E 114 15.72 -3.56 56.33
N LEU E 115 16.29 -4.44 57.14
CA LEU E 115 15.57 -5.02 58.27
C LEU E 115 15.10 -3.92 59.20
N SER E 116 15.94 -2.92 59.41
CA SER E 116 15.60 -1.87 60.35
C SER E 116 14.50 -0.99 59.82
N ALA E 117 14.49 -0.73 58.54
CA ALA E 117 13.50 0.16 58.01
C ALA E 117 12.25 -0.61 57.77
N ALA E 118 12.37 -1.91 57.58
CA ALA E 118 11.20 -2.73 57.45
C ALA E 118 10.49 -2.56 58.74
N LYS E 119 11.20 -2.74 59.84
CA LYS E 119 10.60 -2.60 61.15
C LYS E 119 9.92 -1.27 61.33
N GLU E 120 10.55 -0.20 60.86
CA GLU E 120 9.98 1.12 61.06
C GLU E 120 8.70 1.27 60.27
N ILE E 121 8.62 0.66 59.10
CA ILE E 121 7.40 0.72 58.30
C ILE E 121 6.25 -0.08 58.91
N LEU E 122 6.58 -1.05 59.74
CA LEU E 122 5.56 -1.88 60.35
C LEU E 122 5.11 -1.17 61.58
N LYS E 123 6.06 -0.50 62.21
CA LYS E 123 5.72 0.26 63.38
C LYS E 123 4.75 1.33 62.95
N MET E 124 4.97 1.92 61.77
CA MET E 124 4.10 3.02 61.40
C MET E 124 2.75 2.53 60.94
N ARG E 125 2.64 1.24 60.66
CA ARG E 125 1.34 0.70 60.33
C ARG E 125 0.54 0.74 61.61
N VAL E 126 1.17 0.36 62.71
CA VAL E 126 0.51 0.41 64.00
C VAL E 126 0.23 1.84 64.41
N ASP E 127 1.12 2.75 64.03
CA ASP E 127 0.92 4.15 64.37
C ASP E 127 -0.26 4.68 63.62
N SER E 128 -0.42 4.27 62.38
CA SER E 128 -1.53 4.74 61.58
C SER E 128 -2.82 4.27 62.19
N LEU E 129 -2.83 3.05 62.70
CA LEU E 129 -4.03 2.51 63.32
C LEU E 129 -4.54 3.47 64.34
N SER E 130 -3.65 3.94 65.20
CA SER E 130 -4.04 4.87 66.23
C SER E 130 -4.38 6.24 65.68
N THR E 131 -3.43 6.91 65.06
CA THR E 131 -3.63 8.27 64.56
C THR E 131 -4.93 8.46 63.82
N HIS E 132 -5.27 7.51 62.99
CA HIS E 132 -6.47 7.66 62.15
C HIS E 132 -7.62 6.85 62.74
N VAL E 133 -8.19 7.40 63.81
CA VAL E 133 -9.33 6.79 64.46
C VAL E 133 -10.59 7.08 63.65
N HIS E 134 -11.50 6.10 63.63
CA HIS E 134 -12.76 6.22 62.93
C HIS E 134 -13.91 6.24 63.94
N ASP E 135 -14.91 7.05 63.66
CA ASP E 135 -16.10 7.12 64.51
C ASP E 135 -16.96 5.87 64.36
N PHE E 136 -17.14 5.43 63.11
CA PHE E 136 -17.92 4.23 62.83
C PHE E 136 -17.17 2.95 63.16
N GLY E 137 -15.85 3.02 63.24
CA GLY E 137 -15.07 1.82 63.42
C GLY E 137 -14.94 1.43 64.88
N VAL E 138 -14.14 0.39 65.10
CA VAL E 138 -13.87 -0.06 66.46
C VAL E 138 -12.90 0.90 67.14
N ASP E 139 -12.88 0.87 68.46
CA ASP E 139 -11.91 1.67 69.20
C ASP E 139 -10.58 0.92 69.11
N VAL E 140 -9.49 1.66 68.95
CA VAL E 140 -8.18 1.03 68.92
C VAL E 140 -7.68 0.72 70.33
N GLU E 141 -8.01 1.58 71.30
CA GLU E 141 -7.50 1.45 72.66
C GLU E 141 -8.23 0.39 73.49
N ASN E 142 -9.16 -0.37 72.92
CA ASN E 142 -9.79 -1.42 73.70
C ASN E 142 -8.85 -2.61 73.84
N LYS E 143 -9.27 -3.60 74.63
CA LYS E 143 -8.36 -4.65 75.11
C LYS E 143 -7.89 -5.56 73.99
N ARG E 144 -8.80 -5.96 73.09
CA ARG E 144 -8.42 -6.92 72.04
C ARG E 144 -7.53 -6.28 70.99
N VAL E 145 -7.87 -5.06 70.54
CA VAL E 145 -7.09 -4.39 69.52
C VAL E 145 -5.73 -3.97 70.06
N SER E 146 -5.68 -3.51 71.31
CA SER E 146 -4.40 -3.17 71.90
C SER E 146 -3.56 -4.42 72.20
N SER E 147 -4.21 -5.54 72.50
CA SER E 147 -3.47 -6.79 72.65
C SER E 147 -2.84 -7.22 71.33
N ILE E 148 -3.58 -7.06 70.23
CA ILE E 148 -3.05 -7.32 68.89
C ILE E 148 -1.91 -6.37 68.57
N VAL E 149 -2.03 -5.09 68.98
CA VAL E 149 -1.02 -4.09 68.71
C VAL E 149 0.28 -4.38 69.46
N ASN E 150 0.18 -4.69 70.76
CA ASN E 150 1.40 -5.01 71.51
C ASN E 150 1.98 -6.36 71.11
N LYS E 151 1.14 -7.31 70.68
CA LYS E 151 1.67 -8.55 70.14
C LYS E 151 2.46 -8.31 68.86
N PHE E 152 1.93 -7.45 67.98
CA PHE E 152 2.63 -7.08 66.76
C PHE E 152 3.92 -6.32 67.05
N ASP E 153 3.89 -5.41 68.03
CA ASP E 153 5.08 -4.63 68.38
C ASP E 153 6.17 -5.51 68.99
N LYS E 154 5.78 -6.44 69.88
CA LYS E 154 6.73 -7.37 70.45
C LYS E 154 7.28 -8.33 69.39
N GLY E 155 6.44 -8.71 68.42
CA GLY E 155 6.92 -9.56 67.35
C GLY E 155 7.89 -8.85 66.42
N VAL E 156 7.61 -7.59 66.09
CA VAL E 156 8.47 -6.83 65.18
C VAL E 156 9.79 -6.48 65.87
N THR E 157 9.74 -6.08 67.15
CA THR E 157 10.95 -5.68 67.86
C THR E 157 11.91 -6.86 68.05
N GLN E 158 11.38 -8.02 68.40
CA GLN E 158 12.21 -9.20 68.61
C GLN E 158 12.57 -9.94 67.32
N ALA E 159 12.06 -9.50 66.18
CA ALA E 159 12.35 -10.16 64.91
C ALA E 159 13.77 -9.84 64.45
N THR E 160 14.43 -10.84 63.86
CA THR E 160 15.76 -10.67 63.31
C THR E 160 15.84 -11.07 61.84
N SER E 161 14.77 -11.57 61.25
CA SER E 161 14.78 -12.02 59.87
C SER E 161 13.50 -11.57 59.18
N PHE E 162 13.51 -11.65 57.86
CA PHE E 162 12.37 -11.19 57.06
C PHE E 162 11.20 -12.17 57.07
N GLU E 163 11.47 -13.48 57.14
CA GLU E 163 10.40 -14.47 57.09
C GLU E 163 9.53 -14.40 58.32
N SER E 164 10.14 -14.19 59.49
CA SER E 164 9.37 -13.97 60.71
C SER E 164 8.57 -12.68 60.63
N LEU E 165 9.11 -11.65 59.97
CA LEU E 165 8.38 -10.40 59.78
C LEU E 165 7.15 -10.59 58.91
N LEU E 166 7.27 -11.40 57.85
CA LEU E 166 6.11 -11.68 57.00
C LEU E 166 5.09 -12.58 57.70
N GLY E 167 5.56 -13.50 58.55
CA GLY E 167 4.62 -14.27 59.36
C GLY E 167 3.86 -13.41 60.35
N HIS E 168 4.56 -12.44 60.94
CA HIS E 168 3.93 -11.49 61.84
C HIS E 168 2.98 -10.57 61.08
N GLU E 169 3.31 -10.29 59.81
CA GLU E 169 2.42 -9.54 58.94
C GLU E 169 1.13 -10.29 58.68
N GLY E 170 1.25 -11.58 58.37
CA GLY E 170 0.07 -12.41 58.16
C GLY E 170 -0.81 -12.49 59.39
N THR E 171 -0.20 -12.69 60.57
CA THR E 171 -1.03 -12.82 61.76
C THR E 171 -1.62 -11.48 62.21
N PHE E 172 -0.91 -10.35 62.01
CA PHE E 172 -1.48 -9.04 62.34
C PHE E 172 -2.63 -8.69 61.43
N VAL E 173 -2.45 -8.91 60.13
CA VAL E 173 -3.48 -8.58 59.16
C VAL E 173 -4.71 -9.47 59.34
N LYS E 174 -4.52 -10.75 59.58
CA LYS E 174 -5.68 -11.57 59.81
C LYS E 174 -6.33 -11.17 61.10
N SER E 175 -5.54 -10.97 62.14
CA SER E 175 -6.12 -10.64 63.43
C SER E 175 -7.03 -9.42 63.33
N LEU E 176 -6.58 -8.39 62.60
CA LEU E 176 -7.44 -7.22 62.39
C LEU E 176 -8.64 -7.57 61.51
N TYR E 177 -8.45 -8.44 60.52
CA TYR E 177 -9.56 -8.88 59.67
C TYR E 177 -10.59 -9.67 60.46
N LYS E 178 -10.14 -10.59 61.31
CA LYS E 178 -11.06 -11.40 62.09
C LYS E 178 -11.71 -10.57 63.19
N GLU E 179 -11.05 -9.50 63.65
CA GLU E 179 -11.66 -8.68 64.68
C GLU E 179 -12.71 -7.75 64.08
N TYR E 180 -12.44 -7.20 62.89
CA TYR E 180 -13.46 -6.42 62.19
C TYR E 180 -14.59 -7.30 61.67
N ALA E 181 -14.34 -8.57 61.41
CA ALA E 181 -15.43 -9.50 61.13
C ALA E 181 -16.20 -9.85 62.40
N LEU E 182 -15.51 -9.87 63.55
CA LEU E 182 -16.15 -10.14 64.83
C LEU E 182 -17.14 -9.04 65.20
N GLU E 183 -16.76 -7.78 65.00
CA GLU E 183 -17.66 -6.72 65.45
C GLU E 183 -18.80 -6.51 64.45
N TYR E 184 -18.62 -6.93 63.20
CA TYR E 184 -19.66 -6.81 62.19
C TYR E 184 -20.48 -8.08 62.00
N GLU E 185 -20.32 -9.07 62.90
CA GLU E 185 -21.17 -10.26 62.99
C GLU E 185 -21.18 -11.09 61.71
N ILE E 186 -20.03 -11.19 61.06
CA ILE E 186 -19.89 -11.95 59.83
C ILE E 186 -18.76 -12.95 59.99
N GLU E 187 -18.70 -13.90 59.07
CA GLU E 187 -17.63 -14.89 59.00
C GLU E 187 -16.84 -14.58 57.74
N PHE E 188 -15.84 -13.71 57.89
CA PHE E 188 -15.12 -13.15 56.76
C PHE E 188 -13.72 -13.72 56.67
N LYS E 189 -13.34 -14.15 55.48
CA LYS E 189 -11.96 -14.50 55.16
C LYS E 189 -11.56 -13.67 53.94
N ARG E 190 -10.29 -13.31 53.87
CA ARG E 190 -9.83 -12.41 52.80
C ARG E 190 -9.47 -13.25 51.58
N ASP E 191 -10.34 -13.19 50.57
CA ASP E 191 -10.11 -13.86 49.30
C ASP E 191 -10.39 -12.81 48.23
N HIS E 192 -9.44 -12.66 47.30
CA HIS E 192 -9.63 -11.69 46.24
C HIS E 192 -10.62 -12.17 45.19
N LYS E 193 -10.84 -13.48 45.07
CA LYS E 193 -11.82 -14.02 44.13
C LYS E 193 -13.24 -13.98 44.68
N SER E 194 -13.42 -13.63 45.95
CA SER E 194 -14.72 -13.73 46.59
C SER E 194 -15.65 -12.63 46.09
N ALA E 195 -16.92 -12.99 45.93
CA ALA E 195 -17.91 -12.12 45.30
C ALA E 195 -18.79 -11.36 46.28
N ASP E 196 -18.55 -11.50 47.59
CA ASP E 196 -19.36 -10.75 48.54
C ASP E 196 -18.90 -9.31 48.61
N ASN E 197 -19.70 -8.48 49.29
CA ASN E 197 -19.49 -7.03 49.28
C ASN E 197 -18.22 -6.65 50.05
N TYR E 198 -17.94 -7.35 51.14
CA TYR E 198 -16.81 -7.00 52.01
C TYR E 198 -15.48 -7.20 51.31
N ASN E 199 -15.30 -8.36 50.65
CA ASN E 199 -14.02 -8.65 50.01
C ASN E 199 -13.75 -7.76 48.81
N LYS E 200 -14.76 -7.52 47.97
CA LYS E 200 -14.52 -6.73 46.78
C LYS E 200 -14.45 -5.24 47.10
N PHE E 201 -15.14 -4.79 48.14
CA PHE E 201 -14.92 -3.45 48.64
C PHE E 201 -13.54 -3.28 49.26
N LEU E 202 -13.04 -4.32 49.95
CA LEU E 202 -11.68 -4.29 50.47
C LEU E 202 -10.67 -4.28 49.33
N THR E 203 -10.95 -4.99 48.24
CA THR E 203 -10.05 -5.00 47.09
C THR E 203 -10.02 -3.64 46.40
N LEU E 204 -11.19 -3.01 46.25
CA LEU E 204 -11.23 -1.66 45.68
C LEU E 204 -10.50 -0.65 46.57
N GLY E 205 -10.70 -0.75 47.90
CA GLY E 205 -9.98 0.12 48.80
C GLY E 205 -8.48 -0.12 48.80
N ASN E 206 -8.08 -1.38 48.62
CA ASN E 206 -6.66 -1.70 48.46
C ASN E 206 -6.10 -1.08 47.20
N TYR E 207 -6.89 -1.06 46.12
CA TYR E 207 -6.45 -0.41 44.89
C TYR E 207 -6.31 1.10 45.06
N TYR E 208 -7.21 1.72 45.84
CA TYR E 208 -7.09 3.17 46.05
C TYR E 208 -5.92 3.49 46.99
N ALA E 209 -5.65 2.59 47.94
CA ALA E 209 -4.47 2.71 48.79
C ALA E 209 -3.19 2.57 47.97
N TYR E 210 -3.21 1.66 46.98
CA TYR E 210 -2.08 1.52 46.07
C TYR E 210 -1.87 2.79 45.27
N GLY E 211 -2.95 3.42 44.82
CA GLY E 211 -2.84 4.67 44.09
C GLY E 211 -2.29 5.81 44.92
N ILE E 212 -2.79 5.98 46.15
CA ILE E 212 -2.31 7.09 46.98
C ILE E 212 -0.88 6.81 47.48
N ALA E 213 -0.51 5.53 47.67
CA ALA E 213 0.86 5.20 47.98
C ALA E 213 1.78 5.45 46.80
N ARG E 214 1.29 5.24 45.58
CA ARG E 214 2.05 5.56 44.38
C ARG E 214 2.27 7.06 44.25
N SER E 215 1.24 7.85 44.57
CA SER E 215 1.39 9.31 44.57
C SER E 215 2.38 9.76 45.64
N SER E 216 2.35 9.12 46.82
CA SER E 216 3.27 9.49 47.89
C SER E 216 4.71 9.10 47.56
N LEU E 217 4.90 7.94 46.94
CA LEU E 217 6.25 7.55 46.55
C LEU E 217 6.77 8.39 45.40
N TRP E 218 5.90 8.74 44.45
CA TRP E 218 6.34 9.57 43.33
C TRP E 218 6.64 10.99 43.77
N ALA E 219 5.92 11.51 44.76
CA ALA E 219 6.06 12.90 45.19
C ALA E 219 7.44 13.21 45.77
N LEU E 220 8.19 12.18 46.18
CA LEU E 220 9.55 12.32 46.67
C LEU E 220 10.57 11.70 45.73
N GLY E 221 10.18 11.33 44.52
CA GLY E 221 11.11 10.79 43.55
C GLY E 221 11.61 9.40 43.85
N ILE E 222 10.85 8.60 44.60
CA ILE E 222 11.23 7.23 44.94
C ILE E 222 10.35 6.29 44.12
N ASP E 223 10.98 5.49 43.28
CA ASP E 223 10.24 4.52 42.49
C ASP E 223 9.78 3.37 43.38
N ASN E 224 8.69 2.73 42.97
CA ASN E 224 8.05 1.68 43.74
C ASN E 224 8.67 0.30 43.54
N SER E 225 9.89 0.23 42.99
CA SER E 225 10.54 -1.03 42.65
C SER E 225 11.47 -1.52 43.75
N PHE E 226 11.29 -1.04 44.98
CA PHE E 226 12.20 -1.36 46.09
C PHE E 226 11.42 -1.76 47.33
N PRO E 227 10.91 -2.99 47.38
CA PRO E 227 10.10 -3.41 48.52
C PRO E 227 10.93 -3.67 49.78
N LEU E 228 10.38 -3.23 50.91
CA LEU E 228 11.00 -3.53 52.18
C LEU E 228 10.63 -4.93 52.65
N LEU E 229 9.33 -5.22 52.74
CA LEU E 229 8.86 -6.51 53.20
C LEU E 229 8.72 -7.52 52.07
N HIS E 230 8.13 -7.10 50.94
CA HIS E 230 7.84 -8.03 49.86
C HIS E 230 9.12 -8.43 49.13
N GLY E 231 9.03 -9.52 48.37
CA GLY E 231 10.19 -10.07 47.72
C GLY E 231 10.67 -9.22 46.56
N SER E 232 11.91 -9.48 46.15
CA SER E 232 12.56 -8.69 45.11
C SER E 232 12.01 -8.97 43.72
N THR E 233 11.23 -10.04 43.54
CA THR E 233 10.58 -10.33 42.27
C THR E 233 9.13 -9.87 42.23
N ARG E 234 8.61 -9.32 43.33
CA ARG E 234 7.24 -8.84 43.37
C ARG E 234 7.17 -7.47 42.70
N ARG E 235 6.37 -7.36 41.64
CA ARG E 235 6.31 -6.13 40.85
C ARG E 235 5.61 -5.04 41.63
N GLY E 236 6.31 -3.92 41.84
CA GLY E 236 5.77 -2.83 42.64
C GLY E 236 5.57 -3.17 44.09
N GLY E 237 6.56 -3.79 44.73
CA GLY E 237 6.39 -4.19 46.12
C GLY E 237 6.46 -3.02 47.09
N LEU E 238 7.18 -1.96 46.72
CA LEU E 238 7.27 -0.80 47.60
C LEU E 238 5.95 -0.05 47.70
N VAL E 239 5.17 -0.01 46.62
CA VAL E 239 3.86 0.64 46.71
C VAL E 239 2.93 -0.19 47.58
N PHE E 240 3.11 -1.51 47.61
CA PHE E 240 2.33 -2.35 48.50
C PHE E 240 2.75 -2.14 49.95
N ASP E 241 4.05 -1.98 50.20
CA ASP E 241 4.55 -1.76 51.55
C ASP E 241 4.11 -0.41 52.09
N VAL E 242 4.11 0.63 51.24
CA VAL E 242 3.61 1.93 51.70
C VAL E 242 2.09 1.89 51.89
N ALA E 243 1.36 1.18 51.02
CA ALA E 243 -0.10 1.12 51.18
C ALA E 243 -0.52 0.26 52.36
N ASP E 244 0.34 -0.64 52.84
CA ASP E 244 0.03 -1.42 54.04
C ASP E 244 0.03 -0.58 55.31
N ILE E 245 0.62 0.61 55.30
CA ILE E 245 0.55 1.49 56.46
C ILE E 245 -0.89 1.95 56.71
N ILE E 246 -1.60 2.29 55.64
CA ILE E 246 -2.97 2.78 55.75
C ILE E 246 -4.01 1.72 55.42
N LYS E 247 -3.59 0.53 54.99
CA LYS E 247 -4.54 -0.49 54.57
C LYS E 247 -5.31 -1.07 55.75
N THR E 248 -4.63 -1.31 56.87
CA THR E 248 -5.27 -1.88 58.04
C THR E 248 -5.87 -0.82 58.96
N SER E 249 -5.67 0.46 58.68
CA SER E 249 -6.14 1.52 59.53
C SER E 249 -7.19 2.40 58.89
N ILE E 250 -7.16 2.57 57.58
CA ILE E 250 -8.05 3.48 56.86
C ILE E 250 -8.90 2.73 55.85
N ILE E 251 -8.28 1.87 55.05
CA ILE E 251 -8.98 1.14 54.00
C ILE E 251 -9.92 0.10 54.60
N LEU E 252 -9.43 -0.64 55.60
CA LEU E 252 -10.24 -1.67 56.25
C LEU E 252 -11.50 -1.15 56.96
N PRO E 253 -11.47 -0.10 57.81
CA PRO E 253 -12.74 0.34 58.42
C PRO E 253 -13.67 1.00 57.44
N LEU E 254 -13.15 1.78 56.49
CA LEU E 254 -13.98 2.39 55.46
C LEU E 254 -14.66 1.34 54.60
N ALA E 255 -13.91 0.31 54.19
CA ALA E 255 -14.47 -0.75 53.36
C ALA E 255 -15.49 -1.58 54.12
N PHE E 256 -15.23 -1.87 55.40
CA PHE E 256 -16.19 -2.66 56.17
C PHE E 256 -17.45 -1.86 56.50
N HIS E 257 -17.31 -0.56 56.76
CA HIS E 257 -18.48 0.29 56.97
C HIS E 257 -19.32 0.41 55.70
N ALA E 258 -18.64 0.60 54.56
CA ALA E 258 -19.34 0.78 53.31
C ALA E 258 -19.98 -0.51 52.82
N ALA E 259 -19.41 -1.66 53.18
CA ALA E 259 -20.10 -2.92 52.95
C ALA E 259 -21.18 -3.20 54.00
N ASP E 260 -21.08 -2.58 55.18
CA ASP E 260 -22.13 -2.74 56.19
C ASP E 260 -23.41 -2.04 55.78
N GLN E 261 -23.32 -0.80 55.32
CA GLN E 261 -24.53 -0.21 54.74
C GLN E 261 -24.77 -0.68 53.32
N GLY E 262 -23.74 -1.19 52.64
CA GLY E 262 -23.91 -1.81 51.35
C GLY E 262 -24.30 -0.90 50.21
N MET E 263 -23.72 0.29 50.13
CA MET E 263 -23.98 1.18 49.01
C MET E 263 -22.97 0.92 47.89
N SER E 264 -23.11 1.65 46.78
CA SER E 264 -22.37 1.35 45.56
C SER E 264 -20.94 1.87 45.63
N ASN E 265 -20.27 1.85 44.47
CA ASN E 265 -18.82 2.08 44.42
C ASN E 265 -18.47 3.56 44.34
N THR E 266 -19.35 4.38 43.76
CA THR E 266 -19.01 5.77 43.48
C THR E 266 -18.98 6.62 44.74
N GLU E 267 -19.93 6.43 45.65
CA GLU E 267 -19.85 7.14 46.91
C GLU E 267 -18.92 6.43 47.90
N PHE E 268 -18.48 5.22 47.58
CA PHE E 268 -17.34 4.65 48.31
C PHE E 268 -16.03 5.33 47.91
N LYS E 269 -15.88 5.61 46.60
CA LYS E 269 -14.85 6.54 46.13
C LYS E 269 -14.93 7.88 46.85
N ARG E 270 -16.14 8.43 46.95
CA ARG E 270 -16.32 9.74 47.58
C ARG E 270 -15.93 9.70 49.06
N SER E 271 -16.28 8.62 49.76
CA SER E 271 -15.88 8.46 51.16
C SER E 271 -14.37 8.33 51.32
N CYS E 272 -13.73 7.55 50.44
CA CYS E 272 -12.27 7.37 50.55
C CYS E 272 -11.52 8.65 50.25
N VAL E 273 -11.93 9.38 49.20
CA VAL E 273 -11.27 10.64 48.86
C VAL E 273 -11.55 11.70 49.94
N ALA E 274 -12.77 11.71 50.50
CA ALA E 274 -13.07 12.66 51.58
C ALA E 274 -12.25 12.37 52.82
N TYR E 275 -12.04 11.09 53.14
CA TYR E 275 -11.23 10.74 54.29
C TYR E 275 -9.75 11.04 54.04
N PHE E 276 -9.30 10.94 52.80
CA PHE E 276 -7.92 11.33 52.49
C PHE E 276 -7.75 12.84 52.53
N ASP E 277 -8.76 13.60 52.11
CA ASP E 277 -8.70 15.05 52.14
C ASP E 277 -8.73 15.62 53.55
N LYS E 278 -9.61 15.09 54.41
CA LYS E 278 -9.89 15.76 55.68
C LYS E 278 -8.72 15.60 56.65
N ASN E 279 -8.09 14.42 56.69
CA ASN E 279 -7.02 14.14 57.61
C ASN E 279 -5.63 14.19 56.99
N ASP E 280 -5.54 14.49 55.68
CA ASP E 280 -4.28 14.61 54.93
C ASP E 280 -3.45 13.33 55.02
N ILE E 281 -4.02 12.25 54.49
CA ILE E 281 -3.38 10.94 54.56
C ILE E 281 -2.14 10.88 53.66
N LEU E 282 -2.21 11.53 52.49
CA LEU E 282 -1.05 11.64 51.62
C LEU E 282 0.07 12.42 52.29
N ALA E 283 -0.27 13.48 53.03
CA ALA E 283 0.74 14.23 53.77
C ALA E 283 1.38 13.38 54.86
N TYR E 284 0.59 12.54 55.51
CA TYR E 284 1.14 11.69 56.56
C TYR E 284 2.03 10.60 55.96
N LEU E 285 1.69 10.10 54.78
CA LEU E 285 2.58 9.16 54.09
C LEU E 285 3.86 9.84 53.63
N ILE E 286 3.76 11.11 53.23
CA ILE E 286 4.93 11.87 52.82
C ILE E 286 5.88 12.05 54.00
N ASN E 287 5.34 12.45 55.15
CA ASN E 287 6.14 12.58 56.37
C ASN E 287 6.61 11.22 56.88
N ASN E 288 5.87 10.17 56.58
CA ASN E 288 6.33 8.81 56.90
C ASN E 288 7.60 8.47 56.16
N ILE E 289 7.64 8.73 54.85
CA ILE E 289 8.85 8.44 54.09
C ILE E 289 9.95 9.45 54.44
N LYS E 290 9.57 10.68 54.85
CA LYS E 290 10.52 11.64 55.41
C LYS E 290 11.28 11.06 56.60
N ARG E 291 10.55 10.55 57.59
CA ARG E 291 11.21 10.01 58.77
C ARG E 291 11.78 8.62 58.53
N LEU E 292 11.38 7.94 57.46
CA LEU E 292 12.00 6.67 57.11
C LEU E 292 13.37 6.88 56.48
N CYS E 293 13.50 7.84 55.57
CA CYS E 293 14.71 7.96 54.76
C CYS E 293 15.86 8.62 55.49
N MET E 294 15.61 9.74 56.18
CA MET E 294 16.71 10.53 56.72
C MET E 294 17.33 9.92 57.97
N GLU E 295 16.52 9.27 58.81
CA GLU E 295 16.92 8.65 60.09
C GLU E 295 17.66 9.61 61.04
N THR F 2 -2.46 -145.84 50.37
CA THR F 2 -3.67 -145.76 51.17
C THR F 2 -3.57 -144.62 52.19
N LYS F 3 -2.58 -143.74 51.99
CA LYS F 3 -2.40 -142.60 52.87
C LYS F 3 -3.49 -141.56 52.63
N LEU F 4 -4.05 -141.04 53.71
CA LEU F 4 -5.12 -140.04 53.63
C LEU F 4 -4.50 -138.66 53.51
N LYS F 5 -4.34 -138.21 52.27
CA LYS F 5 -3.70 -136.93 52.02
C LYS F 5 -4.63 -135.79 52.38
N ALA F 6 -4.05 -134.72 52.93
CA ALA F 6 -4.83 -133.54 53.27
C ALA F 6 -5.27 -132.82 52.00
N PRO F 7 -6.51 -132.36 51.93
CA PRO F 7 -6.94 -131.59 50.78
C PRO F 7 -6.25 -130.24 50.74
N ALA F 8 -6.10 -129.71 49.54
CA ALA F 8 -5.43 -128.42 49.38
C ALA F 8 -6.26 -127.28 49.94
N VAL F 9 -7.57 -127.47 50.05
CA VAL F 9 -8.52 -126.41 50.40
C VAL F 9 -8.82 -126.43 51.91
N LEU F 10 -8.09 -127.26 52.65
CA LEU F 10 -8.39 -127.43 54.07
C LEU F 10 -7.98 -126.20 54.88
N ALA F 11 -8.96 -125.55 55.50
CA ALA F 11 -8.72 -124.34 56.26
C ALA F 11 -9.66 -124.28 57.45
N TYR F 12 -9.11 -123.89 58.59
CA TYR F 12 -9.87 -123.76 59.82
C TYR F 12 -9.91 -122.29 60.22
N SER F 13 -10.99 -121.89 60.86
CA SER F 13 -11.17 -120.50 61.23
C SER F 13 -10.72 -120.25 62.66
N ARG F 14 -10.52 -118.97 62.99
CA ARG F 14 -10.14 -118.55 64.33
C ARG F 14 -11.34 -118.71 65.26
N LYS F 15 -11.17 -119.51 66.30
CA LYS F 15 -12.24 -119.73 67.27
C LYS F 15 -11.95 -119.11 68.62
N ILE F 16 -10.86 -118.36 68.74
CA ILE F 16 -10.61 -117.47 69.87
C ILE F 16 -10.47 -116.08 69.28
N ASN F 17 -11.56 -115.32 69.27
CA ASN F 17 -11.60 -114.01 68.62
C ASN F 17 -11.56 -112.92 69.68
N PRO F 18 -10.45 -112.20 69.84
CA PRO F 18 -10.45 -111.02 70.70
C PRO F 18 -10.75 -109.75 69.90
N THR F 19 -11.19 -108.73 70.61
CA THR F 19 -11.38 -107.43 70.00
C THR F 19 -10.09 -106.63 70.11
N ASN F 20 -10.09 -105.43 69.55
CA ASN F 20 -8.95 -104.53 69.70
C ASN F 20 -8.93 -103.99 71.13
N ALA F 21 -7.81 -104.22 71.81
CA ALA F 21 -7.71 -103.94 73.24
C ALA F 21 -7.51 -102.45 73.44
N LEU F 22 -8.60 -101.76 73.75
CA LEU F 22 -8.56 -100.33 73.99
C LEU F 22 -7.85 -100.02 75.31
N MET F 23 -7.04 -98.97 75.31
CA MET F 23 -6.19 -98.68 76.45
C MET F 23 -6.60 -97.32 77.04
N PHE F 24 -7.08 -97.35 78.27
CA PHE F 24 -7.56 -96.19 79.02
C PHE F 24 -6.63 -95.95 80.20
N ALA F 25 -6.88 -94.84 80.90
CA ALA F 25 -6.14 -94.50 82.11
C ALA F 25 -7.10 -94.34 83.27
N VAL F 26 -6.82 -95.03 84.37
CA VAL F 26 -7.59 -94.92 85.59
C VAL F 26 -6.61 -94.78 86.76
N ASN F 27 -7.15 -94.49 87.94
CA ASN F 27 -6.39 -94.64 89.16
C ASN F 27 -6.64 -96.03 89.73
N TRP F 28 -5.85 -96.39 90.74
CA TRP F 28 -6.01 -97.69 91.35
C TRP F 28 -7.27 -97.76 92.23
N SER F 29 -7.77 -96.60 92.66
CA SER F 29 -8.96 -96.53 93.49
C SER F 29 -10.24 -96.36 92.69
N ASP F 30 -10.33 -95.30 91.89
CA ASP F 30 -11.55 -95.02 91.12
C ASP F 30 -11.41 -95.49 89.66
N ARG F 31 -11.53 -96.81 89.50
CA ARG F 31 -11.46 -97.46 88.20
C ARG F 31 -12.63 -97.14 87.29
N ASP F 32 -13.71 -96.56 87.80
CA ASP F 32 -14.81 -96.09 86.99
C ASP F 32 -14.53 -94.76 86.30
N ASN F 33 -13.48 -94.05 86.72
CA ASN F 33 -13.08 -92.80 86.08
C ASN F 33 -12.21 -93.14 84.88
N THR F 34 -12.86 -93.64 83.84
CA THR F 34 -12.19 -94.23 82.68
C THR F 34 -11.89 -93.13 81.66
N THR F 35 -10.66 -92.65 81.67
CA THR F 35 -10.21 -91.65 80.71
C THR F 35 -9.27 -92.30 79.70
N ALA F 36 -9.53 -92.03 78.43
CA ALA F 36 -8.84 -92.73 77.35
C ALA F 36 -7.44 -92.20 77.15
N VAL F 37 -6.51 -93.09 76.79
CA VAL F 37 -5.12 -92.72 76.54
C VAL F 37 -4.99 -92.38 75.07
N MET F 38 -4.68 -91.12 74.78
CA MET F 38 -4.43 -90.67 73.42
C MET F 38 -3.04 -91.04 72.96
N VAL F 39 -2.92 -91.43 71.70
CA VAL F 39 -1.61 -91.56 71.08
C VAL F 39 -1.15 -90.17 70.64
N GLY F 40 -0.04 -89.73 71.19
CA GLY F 40 0.59 -88.51 70.74
C GLY F 40 1.73 -88.82 69.79
N THR F 41 2.20 -87.78 69.10
CA THR F 41 3.30 -87.90 68.17
C THR F 41 4.40 -86.95 68.62
N LYS F 42 5.60 -87.49 68.84
CA LYS F 42 6.73 -86.68 69.24
C LYS F 42 7.87 -86.92 68.27
N THR F 43 8.79 -85.97 68.22
CA THR F 43 9.95 -86.09 67.33
C THR F 43 11.19 -85.88 68.18
N VAL F 44 12.13 -86.82 68.11
CA VAL F 44 13.14 -87.00 69.13
C VAL F 44 14.51 -87.04 68.47
N ALA F 45 15.49 -86.39 69.09
CA ALA F 45 16.85 -86.28 68.57
C ALA F 45 17.79 -87.20 69.34
N GLY F 46 18.68 -87.85 68.61
CA GLY F 46 19.62 -88.79 69.20
C GLY F 46 20.75 -89.02 68.23
N THR F 47 21.37 -90.19 68.33
CA THR F 47 22.46 -90.58 67.45
C THR F 47 22.11 -91.87 66.73
N GLN F 48 22.67 -91.99 65.52
CA GLN F 48 22.49 -93.19 64.73
C GLN F 48 23.61 -94.10 65.09
N SER F 49 23.25 -95.27 65.60
CA SER F 49 24.24 -96.20 66.02
C SER F 49 24.00 -97.50 65.33
N VAL F 50 24.09 -97.48 64.01
CA VAL F 50 23.82 -98.67 63.25
C VAL F 50 25.04 -99.55 63.30
N ARG F 51 24.83 -100.87 63.36
CA ARG F 51 25.94 -101.80 63.49
C ARG F 51 27.09 -101.56 62.56
N GLY F 52 26.81 -101.38 61.28
CA GLY F 52 27.89 -101.23 60.35
C GLY F 52 28.22 -99.83 59.93
N ASN F 53 27.88 -98.86 60.77
CA ASN F 53 28.11 -97.49 60.39
C ASN F 53 28.79 -96.73 61.49
N PRO F 54 30.11 -96.87 61.59
CA PRO F 54 30.81 -96.08 62.59
C PRO F 54 31.18 -94.71 62.09
N ASN F 55 30.58 -94.27 61.00
CA ASN F 55 30.93 -93.00 60.42
C ASN F 55 29.79 -92.06 60.61
N ASP F 56 28.57 -92.59 60.49
CA ASP F 56 27.38 -91.78 60.68
C ASP F 56 27.17 -91.65 62.16
N ALA F 57 27.89 -92.45 62.94
CA ALA F 57 27.77 -92.44 64.40
C ALA F 57 27.36 -91.13 65.06
N ASP F 58 28.19 -90.10 64.91
CA ASP F 58 27.92 -88.83 65.59
C ASP F 58 27.07 -87.83 64.83
N LYS F 59 26.85 -88.05 63.55
CA LYS F 59 26.11 -87.09 62.72
C LYS F 59 24.76 -86.68 63.30
N GLY F 60 24.03 -87.62 63.89
CA GLY F 60 22.78 -87.29 64.52
C GLY F 60 21.61 -88.05 63.91
N ASN F 61 20.52 -88.14 64.65
CA ASN F 61 19.37 -88.91 64.17
C ASN F 61 18.06 -88.39 64.67
N ILE F 62 17.23 -87.87 63.77
CA ILE F 62 15.95 -87.37 64.16
C ILE F 62 14.89 -88.35 63.76
N GLN F 63 14.10 -88.78 64.72
CA GLN F 63 13.07 -89.78 64.50
C GLN F 63 11.71 -89.26 64.98
N THR F 64 10.68 -89.48 64.18
CA THR F 64 9.32 -89.13 64.55
C THR F 64 8.64 -90.41 65.03
N VAL F 65 8.27 -90.46 66.30
CA VAL F 65 7.71 -91.66 66.89
C VAL F 65 6.37 -91.33 67.51
N ASN F 66 5.41 -92.24 67.32
CA ASN F 66 4.18 -92.19 68.10
C ASN F 66 4.45 -92.74 69.49
N PHE F 67 4.01 -91.99 70.50
CA PHE F 67 4.19 -92.38 71.89
C PHE F 67 2.83 -92.35 72.57
N ALA F 68 2.68 -93.19 73.59
CA ALA F 68 1.49 -93.16 74.42
C ALA F 68 1.92 -93.31 75.87
N ASN F 69 1.38 -92.47 76.73
CA ASN F 69 1.77 -92.40 78.13
C ASN F 69 0.51 -92.30 78.99
N LEU F 70 0.64 -92.72 80.23
CA LEU F 70 -0.39 -92.39 81.22
C LEU F 70 -0.31 -90.90 81.53
N PRO F 71 -1.45 -90.26 81.75
CA PRO F 71 -1.42 -88.89 82.26
C PRO F 71 -0.89 -88.85 83.68
N HIS F 72 -0.38 -87.67 84.06
CA HIS F 72 0.30 -87.52 85.34
C HIS F 72 -0.65 -87.38 86.53
N ASN F 73 -1.95 -87.57 86.33
CA ASN F 73 -2.90 -87.69 87.43
C ASN F 73 -3.49 -89.09 87.55
N LYS F 74 -2.99 -90.06 86.78
CA LYS F 74 -3.49 -91.42 86.82
C LYS F 74 -2.34 -92.40 86.72
N ASN F 75 -2.28 -93.34 87.66
CA ASN F 75 -1.16 -94.26 87.75
C ASN F 75 -1.47 -95.65 87.21
N THR F 76 -2.67 -95.89 86.72
CA THR F 76 -3.11 -97.21 86.33
C THR F 76 -3.48 -97.22 84.85
N LEU F 77 -2.90 -98.16 84.11
CA LEU F 77 -3.35 -98.44 82.75
C LEU F 77 -4.49 -99.44 82.79
N LEU F 78 -5.52 -99.20 81.99
CA LEU F 78 -6.64 -100.12 81.85
C LEU F 78 -6.64 -100.60 80.41
N VAL F 79 -6.81 -101.89 80.22
CA VAL F 79 -6.90 -102.50 78.90
C VAL F 79 -8.21 -103.27 78.81
N LYS F 80 -9.09 -102.84 77.92
CA LYS F 80 -10.42 -103.38 77.79
C LYS F 80 -10.52 -104.10 76.45
N TYR F 81 -10.93 -105.36 76.51
CA TYR F 81 -11.15 -106.15 75.29
C TYR F 81 -12.10 -107.28 75.61
N ASN F 82 -12.53 -107.99 74.58
CA ASN F 82 -13.52 -109.05 74.71
C ASN F 82 -13.01 -110.27 73.96
N VAL F 83 -12.56 -111.29 74.69
CA VAL F 83 -12.25 -112.57 74.09
C VAL F 83 -13.56 -113.25 73.75
N LYS F 84 -13.57 -114.04 72.69
CA LYS F 84 -14.77 -114.68 72.20
C LYS F 84 -14.38 -116.09 71.82
N PHE F 85 -14.59 -117.04 72.72
CA PHE F 85 -14.30 -118.42 72.41
C PHE F 85 -15.49 -119.01 71.69
N VAL F 86 -15.24 -119.52 70.49
CA VAL F 86 -16.27 -120.07 69.62
C VAL F 86 -16.07 -121.57 69.59
N GLY F 87 -17.17 -122.31 69.72
CA GLY F 87 -17.15 -123.76 69.62
C GLY F 87 -17.15 -124.21 68.18
N ASP F 88 -17.64 -125.44 67.99
CA ASP F 88 -17.71 -126.12 66.68
C ASP F 88 -16.33 -126.19 66.03
N VAL F 89 -15.37 -126.66 66.82
CA VAL F 89 -13.96 -126.39 66.57
C VAL F 89 -13.34 -127.28 65.49
N PHE F 90 -14.00 -128.36 65.10
CA PHE F 90 -13.43 -129.24 64.09
C PHE F 90 -14.10 -129.13 62.73
N LYS F 91 -15.23 -128.43 62.64
CA LYS F 91 -15.84 -128.17 61.35
C LYS F 91 -15.01 -127.12 60.63
N ALA F 92 -14.19 -127.56 59.69
CA ALA F 92 -13.39 -126.65 58.87
C ALA F 92 -14.35 -125.97 57.88
N GLU F 93 -14.39 -124.64 57.93
CA GLU F 93 -15.34 -123.90 57.11
C GLU F 93 -14.95 -123.91 55.64
N LEU F 94 -13.69 -124.24 55.33
CA LEU F 94 -13.25 -124.41 53.96
C LEU F 94 -12.74 -125.82 53.69
N GLY F 95 -12.51 -126.62 54.71
CA GLY F 95 -11.97 -127.94 54.50
C GLY F 95 -12.95 -128.93 53.93
N GLY F 96 -12.42 -130.04 53.48
CA GLY F 96 -13.26 -131.14 53.04
C GLY F 96 -14.01 -131.76 54.20
N GLY F 97 -15.11 -132.43 53.86
CA GLY F 97 -15.91 -133.07 54.89
C GLY F 97 -15.22 -134.27 55.49
N GLU F 98 -14.62 -135.13 54.66
CA GLU F 98 -14.15 -136.43 55.13
C GLU F 98 -12.84 -136.29 55.91
N TYR F 99 -11.94 -135.43 55.45
CA TYR F 99 -10.67 -135.23 56.16
C TYR F 99 -10.86 -134.50 57.49
N SER F 100 -11.71 -133.48 57.51
CA SER F 100 -12.01 -132.83 58.78
C SER F 100 -12.79 -133.74 59.70
N ASN F 101 -13.63 -134.63 59.15
CA ASN F 101 -14.36 -135.57 59.99
C ASN F 101 -13.44 -136.61 60.59
N THR F 102 -12.47 -137.12 59.82
CA THR F 102 -11.54 -138.09 60.40
C THR F 102 -10.52 -137.41 61.31
N LEU F 103 -10.27 -136.11 61.14
CA LEU F 103 -9.47 -135.39 62.13
C LEU F 103 -10.28 -135.14 63.40
N GLN F 104 -11.59 -134.93 63.27
CA GLN F 104 -12.45 -134.76 64.44
C GLN F 104 -12.56 -136.06 65.24
N THR F 105 -12.77 -137.18 64.55
CA THR F 105 -12.82 -138.47 65.21
C THR F 105 -11.44 -139.07 65.42
N ALA F 106 -10.39 -138.35 65.07
CA ALA F 106 -9.05 -138.63 65.59
C ALA F 106 -8.71 -137.78 66.80
N LEU F 107 -9.44 -136.70 67.04
CA LEU F 107 -9.18 -135.77 68.13
C LEU F 107 -10.42 -135.51 68.99
N GLU F 108 -11.16 -136.56 69.36
CA GLU F 108 -12.29 -136.34 70.24
C GLU F 108 -11.86 -136.35 71.70
N ASN F 109 -10.74 -137.00 71.99
CA ASN F 109 -10.29 -137.30 73.33
C ASN F 109 -9.19 -136.34 73.80
N THR F 110 -9.01 -135.23 73.10
CA THR F 110 -8.07 -134.22 73.55
C THR F 110 -8.57 -133.56 74.81
N ASP F 111 -7.68 -133.36 75.76
CA ASP F 111 -8.05 -132.70 77.00
C ASP F 111 -8.28 -131.23 76.72
N PHE F 112 -9.55 -130.83 76.68
CA PHE F 112 -9.90 -129.43 76.47
C PHE F 112 -9.80 -128.62 77.75
N GLY F 113 -9.75 -129.30 78.91
CA GLY F 113 -9.79 -128.60 80.18
C GLY F 113 -8.56 -127.76 80.42
N THR F 114 -7.37 -128.35 80.26
CA THR F 114 -6.17 -127.58 80.48
C THR F 114 -5.78 -126.74 79.26
N LEU F 115 -6.32 -127.04 78.07
CA LEU F 115 -6.24 -126.09 76.98
C LEU F 115 -6.97 -124.79 77.31
N ALA F 116 -8.21 -124.92 77.78
CA ALA F 116 -8.97 -123.75 78.21
C ALA F 116 -8.35 -123.10 79.43
N TYR F 117 -7.73 -123.89 80.30
CA TYR F 117 -7.04 -123.33 81.46
C TYR F 117 -5.83 -122.50 81.03
N ARG F 118 -5.09 -122.97 80.03
CA ARG F 118 -3.94 -122.19 79.56
C ARG F 118 -4.38 -120.92 78.84
N TYR F 119 -5.50 -120.98 78.10
CA TYR F 119 -6.03 -119.77 77.49
C TYR F 119 -6.49 -118.75 78.52
N VAL F 120 -7.34 -119.18 79.46
CA VAL F 120 -7.85 -118.29 80.50
C VAL F 120 -6.74 -117.85 81.46
N TYR F 121 -5.71 -118.68 81.66
CA TYR F 121 -4.56 -118.26 82.45
C TYR F 121 -3.75 -117.20 81.74
N ASN F 122 -3.58 -117.33 80.42
CA ASN F 122 -2.90 -116.29 79.64
C ASN F 122 -3.70 -114.99 79.64
N ILE F 123 -5.02 -115.09 79.69
CA ILE F 123 -5.82 -113.89 79.90
C ILE F 123 -5.61 -113.33 81.30
N ALA F 124 -5.68 -114.19 82.32
CA ALA F 124 -5.75 -113.76 83.71
C ALA F 124 -4.39 -113.29 84.23
N ALA F 125 -3.31 -113.96 83.83
CA ALA F 125 -1.99 -113.54 84.24
C ALA F 125 -1.51 -112.30 83.50
N GLY F 126 -2.22 -111.88 82.45
CA GLY F 126 -1.90 -110.65 81.78
C GLY F 126 -0.88 -110.78 80.68
N ARG F 127 -0.84 -111.91 79.99
CA ARG F 127 0.05 -112.04 78.84
C ARG F 127 -0.41 -111.17 77.68
N THR F 128 -1.69 -110.82 77.63
CA THR F 128 -2.20 -109.90 76.62
C THR F 128 -1.65 -108.50 76.79
N LEU F 129 -1.15 -108.18 77.98
CA LEU F 129 -0.35 -106.98 78.17
C LEU F 129 1.06 -107.39 77.81
N TRP F 130 1.56 -106.93 76.67
CA TRP F 130 2.81 -107.49 76.17
C TRP F 130 4.01 -106.86 76.88
N ARG F 131 4.21 -105.58 76.67
CA ARG F 131 5.22 -104.84 77.42
C ARG F 131 4.58 -103.97 78.49
N ASN F 132 3.26 -103.96 78.57
CA ASN F 132 2.55 -103.20 79.60
C ASN F 132 2.61 -103.84 80.97
N ARG F 133 3.14 -105.05 81.09
CA ARG F 133 3.34 -105.63 82.41
C ARG F 133 4.71 -105.38 82.98
N VAL F 134 5.70 -105.03 82.17
CA VAL F 134 7.06 -104.87 82.67
C VAL F 134 7.13 -103.55 83.45
N GLY F 135 7.24 -103.69 84.76
CA GLY F 135 7.25 -102.58 85.68
C GLY F 135 5.84 -102.33 86.13
N ALA F 136 5.44 -102.92 87.26
CA ALA F 136 4.07 -102.86 87.75
C ALA F 136 4.01 -103.37 89.18
N GLU F 137 3.42 -102.59 90.08
CA GLU F 137 3.29 -103.03 91.47
C GLU F 137 2.35 -104.24 91.57
N SER F 138 1.23 -104.21 90.85
CA SER F 138 0.35 -105.35 90.75
C SER F 138 -0.49 -105.21 89.49
N ILE F 139 -0.94 -106.35 88.97
CA ILE F 139 -1.75 -106.41 87.76
C ILE F 139 -3.07 -107.06 88.11
N GLU F 140 -4.15 -106.30 88.02
CA GLU F 140 -5.48 -106.75 88.40
C GLU F 140 -6.28 -107.04 87.14
N THR F 141 -6.63 -108.30 86.93
CA THR F 141 -7.40 -108.72 85.78
C THR F 141 -8.83 -109.03 86.21
N VAL F 142 -9.80 -108.34 85.62
CA VAL F 142 -11.20 -108.53 85.93
C VAL F 142 -11.87 -109.06 84.68
N ILE F 143 -12.42 -110.28 84.76
CA ILE F 143 -13.04 -110.92 83.62
C ILE F 143 -14.52 -111.14 83.93
N THR F 144 -15.38 -110.59 83.09
CA THR F 144 -16.82 -110.81 83.17
C THR F 144 -17.17 -111.92 82.20
N VAL F 145 -17.61 -113.05 82.73
CA VAL F 145 -17.97 -114.22 81.94
C VAL F 145 -19.42 -114.54 82.25
N ASN F 146 -20.33 -114.11 81.37
CA ASN F 146 -21.79 -114.25 81.42
C ASN F 146 -22.37 -114.00 82.81
N ASP F 147 -22.27 -112.74 83.26
CA ASP F 147 -22.72 -112.25 84.57
C ASP F 147 -22.03 -112.99 85.71
N GLN F 148 -20.71 -113.12 85.61
CA GLN F 148 -19.91 -113.69 86.68
C GLN F 148 -18.55 -113.03 86.63
N THR F 149 -18.27 -112.18 87.62
CA THR F 149 -17.05 -111.39 87.68
C THR F 149 -15.95 -112.18 88.38
N PHE F 150 -14.77 -112.22 87.77
CA PHE F 150 -13.63 -112.93 88.31
C PHE F 150 -12.46 -111.96 88.44
N THR F 151 -11.72 -112.09 89.54
CA THR F 151 -10.72 -111.13 89.96
C THR F 151 -9.37 -111.84 90.10
N PHE F 152 -8.33 -111.26 89.53
CA PHE F 152 -7.01 -111.90 89.45
C PHE F 152 -5.92 -110.92 89.82
N SER F 153 -5.10 -111.26 90.81
CA SER F 153 -4.14 -110.32 91.36
C SER F 153 -2.70 -110.69 91.04
N ASP F 154 -2.27 -111.90 91.37
CA ASP F 154 -0.85 -112.26 91.24
C ASP F 154 -0.77 -113.66 90.62
N LEU F 155 -0.43 -113.72 89.34
CA LEU F 155 -0.29 -114.98 88.62
C LEU F 155 0.96 -114.89 87.76
N LEU F 156 1.94 -115.75 88.08
CA LEU F 156 3.16 -115.79 87.29
C LEU F 156 2.87 -116.36 85.91
N VAL F 157 3.28 -115.63 84.88
CA VAL F 157 2.81 -115.91 83.53
C VAL F 157 3.54 -117.09 82.89
N ASN F 158 4.71 -117.46 83.39
CA ASN F 158 5.52 -118.47 82.70
C ASN F 158 4.98 -119.88 82.91
N GLU F 159 4.54 -120.20 84.12
CA GLU F 159 3.98 -121.51 84.41
C GLU F 159 2.52 -121.36 84.84
N PHE F 160 1.74 -122.40 84.56
CA PHE F 160 0.29 -122.35 84.69
C PHE F 160 -0.09 -122.92 86.04
N ASP F 161 -0.19 -122.05 87.04
CA ASP F 161 -0.46 -122.48 88.41
C ASP F 161 -1.93 -122.84 88.57
N GLU F 162 -2.21 -123.66 89.58
CA GLU F 162 -3.56 -124.14 89.83
C GLU F 162 -4.30 -123.16 90.73
N ASP F 163 -5.43 -122.66 90.26
CA ASP F 163 -6.32 -121.85 91.08
C ASP F 163 -7.75 -122.05 90.59
N VAL F 164 -8.71 -121.76 91.46
CA VAL F 164 -10.08 -122.17 91.21
C VAL F 164 -10.83 -121.22 90.27
N ASP F 165 -10.35 -119.99 90.08
CA ASP F 165 -11.10 -119.05 89.25
C ASP F 165 -10.79 -119.24 87.77
N VAL F 166 -9.51 -119.45 87.44
CA VAL F 166 -9.13 -119.80 86.06
C VAL F 166 -9.77 -121.12 85.66
N ALA F 167 -9.79 -122.09 86.57
CA ALA F 167 -10.48 -123.35 86.31
C ALA F 167 -11.98 -123.18 86.18
N GLU F 168 -12.57 -122.26 86.95
CA GLU F 168 -14.00 -122.01 86.86
C GLU F 168 -14.38 -121.40 85.52
N ILE F 169 -13.61 -120.42 85.04
CA ILE F 169 -13.88 -119.84 83.73
C ILE F 169 -13.59 -120.85 82.62
N ALA F 170 -12.50 -121.60 82.77
CA ALA F 170 -12.11 -122.61 81.79
C ALA F 170 -13.08 -123.78 81.74
N ASP F 171 -13.91 -123.96 82.77
CA ASP F 171 -14.98 -124.96 82.70
C ASP F 171 -15.94 -124.67 81.55
N MET F 172 -16.52 -123.46 81.50
CA MET F 172 -17.38 -123.19 80.36
C MET F 172 -16.61 -122.85 79.09
N VAL F 173 -15.35 -122.41 79.19
CA VAL F 173 -14.56 -122.22 77.96
C VAL F 173 -14.27 -123.57 77.30
N ALA F 174 -13.93 -124.59 78.10
CA ALA F 174 -13.74 -125.93 77.56
C ALA F 174 -15.07 -126.57 77.17
N GLY F 175 -16.16 -126.21 77.84
CA GLY F 175 -17.47 -126.68 77.42
C GLY F 175 -17.87 -126.11 76.08
N VAL F 176 -17.47 -124.86 75.81
CA VAL F 176 -17.70 -124.28 74.49
C VAL F 176 -16.80 -124.94 73.45
N LEU F 177 -15.50 -125.08 73.77
CA LEU F 177 -14.54 -125.61 72.80
C LEU F 177 -14.75 -127.10 72.55
N SER F 178 -15.41 -127.81 73.45
CA SER F 178 -15.71 -129.21 73.23
C SER F 178 -16.94 -129.43 72.38
N GLY F 179 -17.80 -128.42 72.24
CA GLY F 179 -19.03 -128.59 71.50
C GLY F 179 -19.46 -127.36 70.74
N GLU F 180 -20.74 -127.00 70.86
CA GLU F 180 -21.31 -125.89 70.13
C GLU F 180 -21.21 -124.60 70.95
N GLY F 181 -21.86 -123.56 70.47
CA GLY F 181 -22.02 -122.35 71.23
C GLY F 181 -20.76 -121.49 71.27
N PHE F 182 -20.80 -120.51 72.16
CA PHE F 182 -19.71 -119.56 72.33
C PHE F 182 -19.76 -119.00 73.75
N VAL F 183 -18.66 -118.41 74.17
CA VAL F 183 -18.58 -117.72 75.46
C VAL F 183 -17.78 -116.44 75.28
N THR F 184 -18.25 -115.36 75.89
CA THR F 184 -17.63 -114.04 75.78
C THR F 184 -16.96 -113.70 77.12
N LEU F 185 -15.70 -113.32 77.07
CA LEU F 185 -14.93 -112.94 78.24
C LEU F 185 -14.61 -111.45 78.13
N LYS F 186 -15.27 -110.62 78.93
CA LYS F 186 -15.00 -109.20 78.93
C LYS F 186 -13.86 -108.93 79.90
N VAL F 187 -12.68 -108.62 79.36
CA VAL F 187 -11.45 -108.50 80.14
C VAL F 187 -11.10 -107.05 80.34
N GLU F 188 -10.80 -106.69 81.59
CA GLU F 188 -10.32 -105.38 81.99
C GLU F 188 -9.04 -105.58 82.76
N HIS F 189 -7.94 -105.04 82.27
CA HIS F 189 -6.66 -105.11 82.94
C HIS F 189 -6.33 -103.78 83.58
N TYR F 190 -5.89 -103.84 84.83
CA TYR F 190 -5.49 -102.67 85.61
C TYR F 190 -4.05 -102.90 86.03
N MET F 191 -3.11 -102.28 85.34
CA MET F 191 -1.71 -102.32 85.72
C MET F 191 -1.40 -101.05 86.48
N LEU F 192 -0.95 -101.19 87.73
CA LEU F 192 -0.48 -100.05 88.49
C LEU F 192 0.90 -99.66 87.95
N LEU F 193 0.92 -98.96 86.81
CA LEU F 193 2.18 -98.64 86.17
C LEU F 193 2.91 -97.52 86.90
N GLY F 194 2.19 -96.50 87.34
CA GLY F 194 2.84 -95.40 88.00
C GLY F 194 2.43 -94.06 87.43
N GLU F 195 2.75 -92.99 88.15
CA GLU F 195 2.25 -91.66 87.82
C GLU F 195 2.95 -91.15 86.57
N GLY F 196 2.20 -91.00 85.48
CA GLY F 196 2.78 -90.56 84.24
C GLY F 196 3.64 -91.58 83.54
N SER F 197 3.40 -92.86 83.81
CA SER F 197 4.20 -93.92 83.21
C SER F 197 3.85 -94.06 81.73
N GLU F 198 4.73 -94.74 81.00
CA GLU F 198 4.61 -94.85 79.56
C GLU F 198 4.00 -96.20 79.27
N VAL F 199 2.98 -96.22 78.40
CA VAL F 199 2.27 -97.44 78.07
C VAL F 199 2.70 -97.90 76.69
N PHE F 200 2.47 -99.19 76.40
CA PHE F 200 2.93 -99.81 75.17
C PHE F 200 1.74 -100.34 74.38
N PRO F 201 1.22 -99.55 73.45
CA PRO F 201 0.21 -100.08 72.53
C PRO F 201 0.85 -100.90 71.42
N SER F 202 0.04 -101.55 70.60
CA SER F 202 0.56 -102.20 69.42
C SER F 202 0.99 -101.17 68.41
N GLN F 203 1.99 -101.53 67.62
CA GLN F 203 2.52 -100.67 66.58
C GLN F 203 2.11 -101.21 65.22
N GLU F 204 1.69 -100.32 64.33
CA GLU F 204 1.31 -100.71 62.98
C GLU F 204 2.55 -100.69 62.09
N PHE F 205 2.47 -101.41 60.98
CA PHE F 205 3.56 -101.40 60.00
C PHE F 205 3.08 -100.44 58.92
N VAL F 206 3.82 -99.36 58.74
CA VAL F 206 3.66 -98.45 57.61
C VAL F 206 4.97 -98.38 56.86
N GLU F 207 4.89 -98.48 55.53
CA GLU F 207 6.09 -98.62 54.71
C GLU F 207 6.72 -97.28 54.35
N ASN F 208 6.00 -96.45 53.59
CA ASN F 208 6.50 -95.13 53.21
C ASN F 208 5.86 -94.06 54.09
N SER F 209 6.35 -93.97 55.32
CA SER F 209 5.84 -93.03 56.30
C SER F 209 6.98 -92.27 56.97
N LYS F 210 6.69 -91.02 57.33
CA LYS F 210 7.66 -90.21 58.06
C LYS F 210 7.76 -90.62 59.52
N LEU F 211 6.78 -91.35 60.04
CA LEU F 211 6.82 -91.83 61.41
C LEU F 211 7.76 -93.02 61.52
N SER F 212 8.73 -92.94 62.43
CA SER F 212 9.59 -94.07 62.70
C SER F 212 8.83 -95.20 63.39
N LYS F 213 7.98 -94.85 64.35
CA LYS F 213 7.11 -95.80 65.03
C LYS F 213 5.70 -95.22 65.03
N GLN F 214 4.74 -95.99 64.53
CA GLN F 214 3.36 -95.52 64.45
C GLN F 214 2.45 -96.48 65.19
N LEU F 215 1.91 -96.05 66.32
CA LEU F 215 1.09 -96.94 67.13
C LEU F 215 -0.33 -97.11 66.61
N PHE F 216 -0.99 -98.17 67.07
CA PHE F 216 -2.36 -98.43 66.67
C PHE F 216 -3.28 -97.52 67.45
N ASP F 217 -4.07 -96.73 66.74
CA ASP F 217 -4.98 -95.82 67.41
C ASP F 217 -6.43 -95.94 66.96
N LEU F 218 -7.33 -96.19 67.89
CA LEU F 218 -8.75 -96.24 67.57
C LEU F 218 -9.32 -94.88 67.85
N ASN F 219 -9.68 -94.13 66.81
CA ASN F 219 -10.14 -92.75 66.95
C ASN F 219 -9.20 -91.93 67.84
N GLY F 220 -7.90 -92.16 67.68
CA GLY F 220 -6.89 -91.48 68.45
C GLY F 220 -6.52 -92.15 69.75
N GLN F 221 -7.35 -93.05 70.26
CA GLN F 221 -7.07 -93.72 71.52
C GLN F 221 -6.09 -94.86 71.29
N ALA F 222 -5.13 -95.00 72.22
CA ALA F 222 -4.15 -96.07 72.16
C ALA F 222 -4.82 -97.43 72.28
N ALA F 223 -4.38 -98.37 71.45
CA ALA F 223 -5.03 -99.66 71.40
C ALA F 223 -4.01 -100.72 70.98
N MET F 224 -4.33 -101.96 71.34
CA MET F 224 -3.58 -103.12 70.88
C MET F 224 -4.33 -103.81 69.76
N HIS F 225 -3.59 -104.36 68.81
CA HIS F 225 -4.18 -105.14 67.74
C HIS F 225 -4.78 -106.42 68.31
N ASP F 226 -5.86 -106.89 67.67
CA ASP F 226 -6.49 -108.12 68.13
C ASP F 226 -5.63 -109.35 67.85
N GLN F 227 -4.78 -109.30 66.82
CA GLN F 227 -3.90 -110.42 66.56
C GLN F 227 -2.82 -110.54 67.63
N LYS F 228 -2.36 -109.42 68.20
CA LYS F 228 -1.40 -109.47 69.30
C LYS F 228 -2.01 -110.06 70.56
N ILE F 229 -3.26 -109.66 70.85
CA ILE F 229 -3.99 -110.22 71.98
C ILE F 229 -4.22 -111.70 71.79
N GLY F 230 -4.63 -112.12 70.58
CA GLY F 230 -4.86 -113.52 70.30
C GLY F 230 -3.61 -114.38 70.33
N ASN F 231 -2.48 -113.81 69.87
CA ASN F 231 -1.19 -114.46 70.03
C ASN F 231 -0.86 -114.67 71.48
N ALA F 232 -1.19 -113.68 72.32
CA ALA F 232 -0.98 -113.85 73.75
C ALA F 232 -1.96 -114.85 74.38
N ILE F 233 -3.17 -115.00 73.83
CA ILE F 233 -4.06 -116.07 74.29
C ILE F 233 -3.42 -117.43 74.00
N ARG F 234 -2.98 -117.62 72.77
CA ARG F 234 -2.56 -118.93 72.32
C ARG F 234 -1.09 -119.23 72.64
N THR F 235 -0.41 -118.37 73.39
CA THR F 235 0.95 -118.66 73.84
C THR F 235 0.94 -119.70 74.94
N ILE F 236 0.62 -120.95 74.58
CA ILE F 236 0.41 -122.03 75.54
C ILE F 236 1.32 -123.22 75.27
N ASP F 237 2.10 -123.20 74.19
CA ASP F 237 2.82 -124.38 73.72
C ASP F 237 4.05 -124.63 74.59
N THR F 238 3.95 -125.59 75.51
CA THR F 238 5.08 -126.09 76.27
C THR F 238 5.38 -127.55 75.95
N TRP F 239 4.94 -128.03 74.79
CA TRP F 239 4.96 -129.45 74.47
C TRP F 239 5.89 -129.78 73.31
N TYR F 240 6.67 -128.82 72.85
CA TYR F 240 7.60 -129.04 71.76
C TYR F 240 8.90 -129.63 72.30
N GLU F 241 9.88 -129.79 71.42
CA GLU F 241 11.14 -130.43 71.78
C GLU F 241 11.99 -129.49 72.61
N ASP F 242 12.34 -129.93 73.82
CA ASP F 242 13.14 -129.19 74.80
C ASP F 242 12.50 -127.84 75.13
N ALA F 243 11.28 -127.91 75.63
CA ALA F 243 10.50 -126.70 75.91
C ALA F 243 10.91 -126.10 77.25
N THR F 244 11.25 -124.81 77.23
CA THR F 244 11.57 -124.07 78.43
C THR F 244 10.56 -123.00 78.77
N THR F 245 9.96 -122.38 77.76
CA THR F 245 8.96 -121.33 77.94
C THR F 245 7.77 -121.62 77.03
N PRO F 246 6.58 -121.13 77.38
CA PRO F 246 5.45 -121.27 76.46
C PRO F 246 5.60 -120.36 75.25
N ILE F 247 5.46 -120.96 74.07
CA ILE F 247 5.48 -120.23 72.81
C ILE F 247 4.07 -120.24 72.22
N ALA F 248 3.87 -119.36 71.23
CA ALA F 248 2.58 -119.28 70.56
C ALA F 248 2.32 -120.54 69.73
N VAL F 249 1.07 -120.96 69.70
CA VAL F 249 0.69 -122.14 68.94
C VAL F 249 0.73 -121.79 67.46
N GLU F 250 1.65 -122.39 66.74
CA GLU F 250 1.85 -122.17 65.32
C GLU F 250 1.88 -123.52 64.62
N PRO F 251 1.53 -123.56 63.32
CA PRO F 251 1.63 -124.82 62.57
C PRO F 251 3.06 -125.36 62.49
N TYR F 252 4.06 -124.51 62.55
CA TYR F 252 5.45 -124.94 62.57
C TYR F 252 6.13 -124.66 63.91
N GLY F 253 5.37 -124.22 64.91
CA GLY F 253 5.94 -123.84 66.19
C GLY F 253 6.92 -122.70 66.09
N SER F 254 6.62 -121.72 65.25
CA SER F 254 7.60 -120.75 64.80
C SER F 254 7.41 -119.42 65.48
N VAL F 255 8.51 -118.81 65.91
CA VAL F 255 8.52 -117.43 66.34
C VAL F 255 9.42 -116.65 65.39
N VAL F 256 9.08 -115.40 65.17
CA VAL F 256 9.78 -114.58 64.18
C VAL F 256 10.95 -113.83 64.79
N ARG F 257 10.78 -113.30 66.01
CA ARG F 257 11.83 -112.50 66.64
C ARG F 257 13.05 -113.34 67.00
N ASN F 258 12.83 -114.53 67.56
CA ASN F 258 13.97 -115.39 67.84
C ASN F 258 14.56 -116.03 66.60
N GLY F 259 13.85 -115.99 65.47
CA GLY F 259 14.39 -116.49 64.23
C GLY F 259 14.50 -117.99 64.16
N VAL F 260 13.72 -118.71 64.96
CA VAL F 260 13.78 -120.16 65.02
C VAL F 260 12.36 -120.70 65.09
N ALA F 261 12.13 -121.79 64.37
CA ALA F 261 10.89 -122.55 64.45
C ALA F 261 11.13 -123.74 65.35
N TYR F 262 10.41 -123.80 66.47
CA TYR F 262 10.65 -124.84 67.47
C TYR F 262 10.07 -126.19 67.10
N ARG F 263 9.33 -126.30 66.01
CA ARG F 263 8.73 -127.57 65.63
C ARG F 263 9.02 -127.94 64.18
N ALA F 264 9.90 -127.21 63.51
CA ALA F 264 10.29 -127.54 62.14
C ALA F 264 11.56 -128.37 62.17
N GLY F 265 11.55 -129.48 61.44
CA GLY F 265 12.71 -130.34 61.33
C GLY F 265 12.84 -131.40 62.40
N ASN F 266 11.85 -131.53 63.29
CA ASN F 266 11.88 -132.57 64.32
C ASN F 266 10.64 -133.45 64.31
N LYS F 267 9.94 -133.53 63.18
CA LYS F 267 8.63 -134.18 62.96
C LYS F 267 7.64 -133.98 64.11
N THR F 268 7.57 -132.76 64.66
CA THR F 268 6.56 -132.38 65.63
C THR F 268 5.71 -131.22 65.12
N ASP F 269 5.84 -130.86 63.86
CA ASP F 269 5.03 -129.80 63.27
C ASP F 269 3.62 -130.31 63.02
N LEU F 270 2.68 -129.35 62.90
CA LEU F 270 1.25 -129.64 62.90
C LEU F 270 0.84 -130.57 61.76
N PHE F 271 1.44 -130.40 60.58
CA PHE F 271 1.00 -131.14 59.41
C PHE F 271 1.35 -132.61 59.50
N THR F 272 2.54 -132.93 60.05
CA THR F 272 2.92 -134.33 60.23
C THR F 272 2.03 -135.03 61.26
N LEU F 273 1.67 -134.34 62.34
CA LEU F 273 0.79 -134.95 63.33
C LEU F 273 -0.65 -135.03 62.84
N MET F 274 -1.07 -134.12 61.97
CA MET F 274 -2.39 -134.24 61.36
C MET F 274 -2.45 -135.42 60.39
N ASP F 275 -1.41 -135.59 59.57
CA ASP F 275 -1.35 -136.77 58.70
C ASP F 275 -1.21 -138.05 59.51
N GLY F 276 -0.56 -137.98 60.68
CA GLY F 276 -0.54 -139.12 61.57
C GLY F 276 -1.89 -139.43 62.19
N ALA F 277 -2.64 -138.38 62.57
CA ALA F 277 -3.96 -138.57 63.15
C ALA F 277 -4.94 -139.17 62.15
N VAL F 278 -4.87 -138.74 60.88
CA VAL F 278 -5.77 -139.28 59.88
C VAL F 278 -5.30 -140.59 59.29
N ASN F 279 -4.16 -141.13 59.74
CA ASN F 279 -3.64 -142.38 59.22
C ASN F 279 -3.33 -143.35 60.34
N GLY F 280 -4.02 -143.21 61.47
CA GLY F 280 -4.02 -144.22 62.50
C GLY F 280 -2.90 -144.16 63.51
N LYS F 281 -1.97 -143.21 63.36
CA LYS F 281 -0.95 -143.04 64.40
C LYS F 281 -1.58 -142.42 65.63
N SER F 282 -1.57 -143.16 66.74
CA SER F 282 -2.19 -142.70 67.98
C SER F 282 -1.36 -141.57 68.56
N LEU F 283 -2.00 -140.42 68.75
CA LEU F 283 -1.31 -139.22 69.18
C LEU F 283 -1.22 -139.16 70.69
N THR F 284 -0.26 -138.38 71.20
CA THR F 284 -0.18 -138.21 72.64
C THR F 284 -1.14 -137.11 73.08
N GLU F 285 -1.27 -136.94 74.40
CA GLU F 285 -2.19 -135.95 74.93
C GLU F 285 -1.71 -134.53 74.63
N GLU F 286 -0.41 -134.28 74.81
CA GLU F 286 0.17 -133.00 74.46
C GLU F 286 0.11 -132.77 72.95
N ASP F 287 0.28 -133.83 72.17
CA ASP F 287 0.33 -133.73 70.72
C ASP F 287 -1.07 -133.43 70.17
N GLN F 288 -2.09 -134.13 70.67
CA GLN F 288 -3.48 -133.83 70.36
C GLN F 288 -3.84 -132.42 70.78
N MET F 289 -3.35 -131.99 71.95
CA MET F 289 -3.71 -130.68 72.47
C MET F 289 -3.09 -129.57 71.62
N PHE F 290 -1.87 -129.81 71.11
CA PHE F 290 -1.23 -128.87 70.20
C PHE F 290 -1.97 -128.80 68.86
N VAL F 291 -2.39 -129.95 68.33
CA VAL F 291 -3.09 -129.96 67.04
C VAL F 291 -4.46 -129.28 67.17
N THR F 292 -5.18 -129.53 68.27
CA THR F 292 -6.45 -128.87 68.49
C THR F 292 -6.28 -127.37 68.76
N ALA F 293 -5.17 -126.98 69.41
CA ALA F 293 -4.88 -125.57 69.62
C ALA F 293 -4.61 -124.87 68.29
N ASN F 294 -3.98 -125.57 67.34
CA ASN F 294 -3.87 -125.02 65.99
C ASN F 294 -5.23 -124.94 65.29
N LEU F 295 -6.09 -125.94 65.51
CA LEU F 295 -7.39 -125.94 64.85
C LEU F 295 -8.28 -124.82 65.36
N ILE F 296 -8.10 -124.40 66.61
CA ILE F 296 -8.87 -123.26 67.11
C ILE F 296 -8.15 -121.94 66.94
N ARG F 297 -6.82 -121.96 66.78
CA ARG F 297 -6.13 -120.78 66.25
C ARG F 297 -6.57 -120.50 64.82
N GLY F 298 -6.70 -121.55 64.03
CA GLY F 298 -7.11 -121.43 62.64
C GLY F 298 -5.93 -121.46 61.70
N GLY F 299 -6.26 -121.42 60.41
CA GLY F 299 -5.23 -121.47 59.39
C GLY F 299 -5.59 -122.41 58.26
N VAL F 300 -5.04 -122.17 57.08
CA VAL F 300 -5.23 -123.06 55.95
C VAL F 300 -4.08 -124.06 55.92
N PHE F 301 -4.41 -125.34 55.90
CA PHE F 301 -3.45 -126.43 55.96
C PHE F 301 -3.70 -127.33 54.75
N GLY F 302 -3.07 -127.00 53.64
CA GLY F 302 -3.25 -127.78 52.43
C GLY F 302 -2.15 -127.50 51.43
N GLY F 303 -2.03 -128.41 50.47
CA GLY F 303 -1.02 -128.29 49.44
C GLY F 303 0.09 -129.31 49.60
N TYR G 2 -35.62 -1.60 67.95
CA TYR G 2 -35.07 -1.73 69.29
C TYR G 2 -33.55 -1.84 69.19
N ASN G 3 -32.84 -1.06 70.00
CA ASN G 3 -31.38 -1.14 69.98
C ASN G 3 -30.89 -2.43 70.62
N THR G 4 -29.71 -2.87 70.19
CA THR G 4 -29.26 -4.22 70.50
C THR G 4 -27.74 -4.23 70.59
N ILE G 5 -27.22 -5.29 71.22
CA ILE G 5 -25.79 -5.44 71.44
C ILE G 5 -25.40 -6.87 71.09
N SER G 6 -24.13 -7.06 70.78
CA SER G 6 -23.59 -8.32 70.31
C SER G 6 -22.57 -8.88 71.30
N ILE G 7 -22.65 -10.20 71.51
CA ILE G 7 -21.70 -10.94 72.32
C ILE G 7 -21.25 -12.13 71.50
N THR G 8 -20.09 -12.02 70.87
CA THR G 8 -19.60 -13.03 69.95
C THR G 8 -18.52 -13.85 70.63
N VAL G 9 -18.68 -15.17 70.58
CA VAL G 9 -17.70 -16.07 71.15
C VAL G 9 -16.53 -16.24 70.23
N VAL G 10 -15.34 -15.93 70.72
CA VAL G 10 -14.16 -16.00 69.91
C VAL G 10 -13.27 -17.05 70.50
N ASP G 11 -12.19 -17.41 69.83
CA ASP G 11 -11.21 -18.35 70.37
C ASP G 11 -11.71 -19.39 71.30
N ALA G 12 -12.66 -20.16 70.85
CA ALA G 12 -13.17 -21.22 71.65
C ALA G 12 -13.03 -22.36 70.72
N ASP G 13 -11.86 -22.92 70.66
CA ASP G 13 -11.64 -24.05 69.81
C ASP G 13 -11.21 -25.10 70.77
N ASP G 14 -10.42 -24.69 71.76
CA ASP G 14 -9.98 -25.64 72.77
C ASP G 14 -11.20 -26.14 73.47
N VAL G 15 -12.17 -25.27 73.68
CA VAL G 15 -13.43 -25.72 74.22
C VAL G 15 -14.35 -25.46 73.07
N GLY G 16 -15.35 -26.30 72.81
CA GLY G 16 -16.38 -26.04 71.84
C GLY G 16 -16.88 -24.61 71.93
N VAL G 17 -17.36 -24.11 70.80
CA VAL G 17 -17.96 -22.77 70.77
C VAL G 17 -19.27 -22.76 71.55
N ASN G 18 -20.03 -23.85 71.47
CA ASN G 18 -21.35 -23.88 72.08
C ASN G 18 -21.28 -23.99 73.58
N PHE G 19 -20.21 -24.57 74.12
CA PHE G 19 -20.02 -24.57 75.56
C PHE G 19 -19.80 -23.17 76.09
N VAL G 20 -19.03 -22.35 75.35
CA VAL G 20 -18.84 -20.96 75.72
C VAL G 20 -20.14 -20.19 75.57
N VAL G 21 -20.92 -20.51 74.53
CA VAL G 21 -22.23 -19.88 74.33
C VAL G 21 -23.18 -20.19 75.50
N SER G 22 -23.19 -21.45 75.93
CA SER G 22 -24.04 -21.86 77.05
C SER G 22 -23.56 -21.24 78.36
N LYS G 23 -22.25 -21.11 78.54
CA LYS G 23 -21.75 -20.45 79.74
C LYS G 23 -22.02 -18.95 79.72
N VAL G 24 -22.04 -18.34 78.53
CA VAL G 24 -22.46 -16.95 78.40
C VAL G 24 -23.92 -16.79 78.78
N LEU G 25 -24.78 -17.72 78.35
CA LEU G 25 -26.19 -17.71 78.76
C LEU G 25 -26.34 -17.89 80.27
N SER G 26 -25.57 -18.81 80.85
CA SER G 26 -25.66 -19.04 82.30
C SER G 26 -25.18 -17.85 83.10
N THR G 27 -24.09 -17.21 82.66
CA THR G 27 -23.57 -16.05 83.37
C THR G 27 -24.44 -14.83 83.15
N LEU G 28 -25.14 -14.75 82.01
CA LEU G 28 -26.09 -13.67 81.83
C LEU G 28 -27.34 -13.89 82.66
N HIS G 29 -27.72 -15.15 82.89
CA HIS G 29 -28.83 -15.45 83.77
C HIS G 29 -28.52 -15.17 85.23
N ASN G 30 -27.35 -15.61 85.70
CA ASN G 30 -27.10 -15.62 87.15
C ASN G 30 -26.81 -14.23 87.70
N LYS G 31 -26.29 -13.33 86.88
CA LYS G 31 -26.01 -11.97 87.32
C LYS G 31 -27.06 -11.00 86.80
N GLY G 32 -28.31 -11.43 86.78
CA GLY G 32 -29.42 -10.54 86.46
C GLY G 32 -29.66 -10.46 84.95
N ILE G 33 -29.38 -9.28 84.36
CA ILE G 33 -29.47 -8.97 82.94
C ILE G 33 -30.89 -9.17 82.41
N PHE G 34 -31.31 -10.42 82.26
CA PHE G 34 -32.65 -10.73 81.74
C PHE G 34 -33.63 -10.62 82.89
N ASN G 35 -34.06 -9.38 83.16
CA ASN G 35 -35.04 -9.20 84.23
C ASN G 35 -36.44 -9.61 83.77
N GLY G 36 -37.00 -8.90 82.79
CA GLY G 36 -38.17 -9.40 82.10
C GLY G 36 -38.28 -8.90 80.68
N GLU G 37 -37.26 -8.18 80.21
CA GLU G 37 -37.44 -7.36 79.03
C GLU G 37 -36.28 -7.50 78.05
N VAL G 38 -35.12 -7.94 78.53
CA VAL G 38 -33.99 -8.23 77.66
C VAL G 38 -34.17 -9.63 77.05
N GLY G 39 -34.03 -9.72 75.74
CA GLY G 39 -34.20 -10.97 75.05
C GLY G 39 -32.99 -11.32 74.20
N VAL G 40 -32.86 -12.61 73.90
CA VAL G 40 -31.74 -13.10 73.10
C VAL G 40 -32.21 -13.49 71.71
N THR G 41 -31.30 -13.41 70.76
CA THR G 41 -31.51 -13.96 69.43
C THR G 41 -30.15 -14.33 68.86
N PHE G 42 -30.18 -15.19 67.86
CA PHE G 42 -28.96 -15.77 67.34
C PHE G 42 -28.97 -15.63 65.82
N PRO G 43 -28.03 -14.91 65.23
CA PRO G 43 -28.03 -14.71 63.77
C PRO G 43 -27.70 -15.96 62.98
N ARG G 44 -27.06 -16.96 63.58
CA ARG G 44 -26.60 -18.11 62.83
C ARG G 44 -27.13 -19.45 63.31
N MET G 45 -28.45 -19.58 63.53
CA MET G 45 -29.00 -20.92 63.73
C MET G 45 -29.33 -21.53 62.38
N ASP G 46 -28.45 -22.42 61.91
CA ASP G 46 -28.77 -23.30 60.80
C ASP G 46 -28.90 -24.74 61.26
N LYS G 47 -27.87 -25.27 61.92
CA LYS G 47 -27.96 -26.51 62.68
C LYS G 47 -27.30 -26.38 64.04
N ASN G 48 -26.43 -25.40 64.21
CA ASN G 48 -25.81 -25.09 65.49
C ASN G 48 -26.55 -23.90 66.08
N VAL G 49 -26.33 -23.60 67.37
CA VAL G 49 -26.98 -22.44 67.98
C VAL G 49 -26.31 -21.14 67.59
N GLY G 50 -25.14 -21.19 66.96
CA GLY G 50 -24.41 -20.01 66.57
C GLY G 50 -23.46 -19.55 67.65
N ASP G 51 -22.63 -18.58 67.28
CA ASP G 51 -21.64 -18.04 68.20
C ASP G 51 -21.89 -16.60 68.60
N ILE G 52 -23.02 -16.02 68.20
CA ILE G 52 -23.36 -14.64 68.57
C ILE G 52 -24.64 -14.64 69.41
N ILE G 53 -24.53 -14.09 70.61
CA ILE G 53 -25.68 -13.78 71.45
C ILE G 53 -26.02 -12.32 71.15
N THR G 54 -27.29 -12.02 70.97
CA THR G 54 -27.68 -10.67 70.58
C THR G 54 -28.80 -10.20 71.49
N LEU G 55 -28.55 -9.14 72.25
CA LEU G 55 -29.48 -8.67 73.27
C LEU G 55 -30.19 -7.42 72.78
N PHE G 56 -31.52 -7.48 72.73
CA PHE G 56 -32.27 -6.39 72.10
C PHE G 56 -33.20 -5.69 73.06
N SER G 57 -32.67 -5.32 74.24
CA SER G 57 -33.45 -4.63 75.26
C SER G 57 -33.97 -3.29 74.76
N LYS G 58 -35.22 -2.99 75.08
CA LYS G 58 -35.86 -1.78 74.58
C LYS G 58 -35.31 -0.54 75.27
N THR G 59 -35.00 -0.63 76.56
CA THR G 59 -34.45 0.50 77.28
C THR G 59 -33.00 0.79 76.91
N GLY G 60 -32.26 -0.22 76.49
CA GLY G 60 -30.88 -0.01 76.06
C GLY G 60 -29.87 -0.71 76.95
N VAL G 61 -29.07 -1.58 76.37
CA VAL G 61 -28.00 -2.28 77.07
C VAL G 61 -26.68 -1.59 76.76
N ASP G 62 -25.93 -1.25 77.80
CA ASP G 62 -24.64 -0.62 77.64
C ASP G 62 -23.53 -1.69 77.66
N ARG G 63 -22.34 -1.28 77.23
CA ARG G 63 -21.22 -2.19 77.19
C ARG G 63 -20.67 -2.47 78.58
N LYS G 64 -20.74 -1.47 79.48
CA LYS G 64 -20.02 -1.55 80.74
C LYS G 64 -20.65 -2.56 81.70
N VAL G 65 -21.97 -2.56 81.79
CA VAL G 65 -22.68 -3.45 82.71
C VAL G 65 -22.48 -4.91 82.31
N LEU G 66 -22.65 -5.21 81.02
CA LEU G 66 -22.50 -6.59 80.59
C LEU G 66 -21.04 -7.04 80.49
N THR G 67 -20.09 -6.12 80.26
CA THR G 67 -18.70 -6.53 80.31
C THR G 67 -18.24 -6.76 81.75
N SER G 68 -18.84 -6.05 82.71
CA SER G 68 -18.62 -6.40 84.11
C SER G 68 -19.30 -7.71 84.47
N THR G 69 -20.44 -8.00 83.84
CA THR G 69 -21.14 -9.26 84.06
C THR G 69 -20.33 -10.45 83.53
N LEU G 70 -19.90 -10.37 82.28
CA LEU G 70 -19.07 -11.41 81.67
C LEU G 70 -17.59 -11.12 81.86
N ASN G 71 -17.19 -10.87 83.10
CA ASN G 71 -15.77 -10.76 83.42
C ASN G 71 -15.10 -12.13 83.40
N THR G 72 -15.89 -13.19 83.54
CA THR G 72 -15.36 -14.55 83.57
C THR G 72 -15.10 -15.11 82.18
N LEU G 73 -15.74 -14.58 81.14
CA LEU G 73 -15.59 -15.08 79.78
C LEU G 73 -14.72 -14.19 78.91
N THR G 74 -14.07 -13.17 79.48
CA THR G 74 -13.37 -12.13 78.73
C THR G 74 -12.18 -12.67 77.93
N ASP G 75 -11.65 -13.84 78.29
CA ASP G 75 -10.54 -14.44 77.56
C ASP G 75 -10.94 -14.82 76.14
N PHE G 76 -12.19 -15.22 75.94
CA PHE G 76 -12.68 -15.67 74.64
C PHE G 76 -14.06 -15.10 74.35
N ILE G 77 -14.21 -13.79 74.55
CA ILE G 77 -15.45 -13.11 74.19
C ILE G 77 -15.11 -11.82 73.46
N HIS G 78 -16.08 -11.32 72.70
CA HIS G 78 -15.98 -10.04 72.03
C HIS G 78 -17.32 -9.35 72.07
N ILE G 79 -17.32 -8.07 72.43
CA ILE G 79 -18.56 -7.32 72.57
C ILE G 79 -18.54 -6.18 71.57
N GLY G 80 -19.54 -6.14 70.69
CA GLY G 80 -19.67 -5.02 69.78
C GLY G 80 -20.39 -3.84 70.41
N LYS G 81 -20.23 -2.68 69.79
CA LYS G 81 -20.92 -1.49 70.26
C LYS G 81 -22.42 -1.61 70.02
N PRO G 82 -23.26 -0.96 70.86
CA PRO G 82 -24.72 -1.08 70.69
C PRO G 82 -25.24 -0.47 69.40
N LYS G 83 -25.77 -1.32 68.53
CA LYS G 83 -26.37 -0.91 67.28
C LYS G 83 -27.89 -0.99 67.40
N GLU G 84 -28.59 -0.68 66.31
CA GLU G 84 -30.04 -0.63 66.30
C GLU G 84 -30.58 -1.62 65.27
N ALA G 85 -31.78 -2.13 65.53
CA ALA G 85 -32.45 -3.02 64.61
C ALA G 85 -33.95 -2.84 64.76
N ASP G 86 -34.64 -2.61 63.65
CA ASP G 86 -36.08 -2.39 63.70
C ASP G 86 -36.85 -3.67 63.98
N LYS G 87 -36.28 -4.82 63.62
CA LYS G 87 -36.93 -6.10 63.85
C LYS G 87 -35.86 -7.13 64.21
N VAL G 88 -36.07 -7.80 65.33
CA VAL G 88 -35.20 -8.88 65.77
C VAL G 88 -35.98 -10.18 65.67
N LYS G 89 -35.26 -11.28 65.44
CA LYS G 89 -35.91 -12.55 65.12
C LYS G 89 -35.93 -13.33 66.44
N THR G 90 -37.07 -13.27 67.11
CA THR G 90 -37.16 -13.67 68.51
C THR G 90 -37.46 -15.16 68.64
N TYR G 91 -36.76 -15.82 69.55
CA TYR G 91 -36.87 -17.25 69.79
C TYR G 91 -37.54 -17.51 71.13
N ARG G 92 -38.08 -18.72 71.30
CA ARG G 92 -38.69 -19.09 72.57
C ARG G 92 -38.25 -20.48 72.98
N LYS G 93 -38.58 -20.83 74.21
CA LYS G 93 -38.19 -22.10 74.82
C LYS G 93 -39.22 -23.17 74.50
N VAL G 94 -38.77 -24.31 74.00
CA VAL G 94 -39.63 -25.48 73.80
C VAL G 94 -38.99 -26.65 74.55
N ASP G 95 -39.78 -27.33 75.37
CA ASP G 95 -39.28 -28.39 76.23
C ASP G 95 -39.80 -29.75 75.81
N THR G 96 -39.09 -30.79 76.21
CA THR G 96 -39.42 -32.15 75.86
C THR G 96 -39.80 -32.95 77.10
N LYS G 97 -40.69 -33.91 76.91
CA LYS G 97 -41.11 -34.84 77.94
C LYS G 97 -40.77 -36.25 77.49
N SER G 98 -40.40 -37.12 78.43
CA SER G 98 -40.01 -38.49 78.10
C SER G 98 -40.46 -39.45 79.20
N LYS G 99 -41.56 -40.17 78.94
CA LYS G 99 -42.07 -41.27 79.77
C LYS G 99 -42.34 -40.86 81.20
N GLY G 100 -41.34 -41.14 82.06
CA GLY G 100 -41.47 -41.10 83.51
C GLY G 100 -41.89 -39.76 84.06
N LYS G 101 -41.43 -38.68 83.41
CA LYS G 101 -41.89 -37.30 83.59
C LYS G 101 -43.40 -37.24 83.74
N LEU G 102 -44.11 -37.59 82.67
CA LEU G 102 -45.55 -37.53 82.71
C LEU G 102 -46.15 -38.61 83.59
N ILE G 103 -45.41 -39.71 83.79
CA ILE G 103 -45.86 -40.77 84.68
C ILE G 103 -45.99 -40.22 86.09
N ARG G 104 -45.00 -39.43 86.53
CA ARG G 104 -45.10 -38.85 87.86
C ARG G 104 -46.20 -37.81 87.92
N ARG G 105 -46.47 -37.16 86.78
CA ARG G 105 -47.61 -36.28 86.68
C ARG G 105 -48.90 -37.05 86.89
N CYS G 106 -48.98 -38.24 86.27
CA CYS G 106 -50.16 -39.09 86.44
C CYS G 106 -50.24 -39.66 87.85
N ILE G 107 -49.11 -39.67 88.57
CA ILE G 107 -49.17 -40.03 89.99
C ILE G 107 -49.83 -38.91 90.77
N LYS G 108 -49.49 -37.66 90.47
CA LYS G 108 -49.81 -36.59 91.40
C LYS G 108 -51.03 -35.79 90.97
N ARG G 109 -51.49 -35.94 89.73
CA ARG G 109 -52.69 -35.24 89.30
C ARG G 109 -53.93 -36.13 89.37
N LYS G 110 -53.89 -37.27 88.67
CA LYS G 110 -55.04 -38.16 88.63
C LYS G 110 -55.10 -39.10 89.82
N GLY G 111 -53.99 -39.29 90.53
CA GLY G 111 -53.99 -40.16 91.69
C GLY G 111 -54.06 -41.63 91.38
N VAL G 112 -53.77 -42.04 90.16
CA VAL G 112 -53.83 -43.43 89.77
C VAL G 112 -52.53 -44.13 90.19
N SER G 113 -52.55 -45.46 90.16
CA SER G 113 -51.40 -46.24 90.54
C SER G 113 -50.34 -46.23 89.44
N ALA G 114 -49.19 -46.82 89.74
CA ALA G 114 -48.06 -46.78 88.83
C ALA G 114 -48.28 -47.64 87.60
N GLU G 115 -48.87 -48.82 87.79
CA GLU G 115 -49.04 -49.76 86.68
C GLU G 115 -50.06 -49.25 85.67
N THR G 116 -51.17 -48.68 86.15
CA THR G 116 -52.12 -48.10 85.21
C THR G 116 -51.60 -46.82 84.58
N ALA G 117 -50.71 -46.09 85.28
CA ALA G 117 -50.04 -44.95 84.67
C ALA G 117 -49.10 -45.37 83.56
N GLU G 118 -48.46 -46.53 83.71
CA GLU G 118 -47.72 -47.11 82.59
C GLU G 118 -48.67 -47.56 81.50
N SER G 119 -49.86 -48.02 81.88
CA SER G 119 -50.82 -48.54 80.90
C SER G 119 -51.37 -47.45 80.00
N LEU G 120 -51.69 -46.26 80.52
CA LEU G 120 -52.21 -45.20 79.66
C LEU G 120 -51.14 -44.58 78.77
N TYR G 121 -49.86 -44.77 79.09
CA TYR G 121 -48.80 -44.05 78.41
C TYR G 121 -47.83 -44.99 77.69
N GLY G 122 -48.14 -46.29 77.66
CA GLY G 122 -47.23 -47.27 77.11
C GLY G 122 -46.95 -47.16 75.64
N ASN G 123 -48.00 -46.97 74.84
CA ASN G 123 -47.87 -46.86 73.39
C ASN G 123 -47.73 -45.42 72.93
N TYR G 124 -47.74 -44.46 73.86
CA TYR G 124 -47.71 -43.05 73.53
C TYR G 124 -46.34 -42.48 73.90
N LYS G 125 -46.21 -41.16 73.70
CA LYS G 125 -45.04 -40.34 74.04
C LYS G 125 -43.76 -40.76 73.32
N GLY G 126 -42.66 -40.07 73.63
CA GLY G 126 -41.39 -40.36 72.99
C GLY G 126 -41.09 -39.42 71.85
N GLU G 127 -41.47 -38.14 71.98
CA GLU G 127 -41.16 -37.17 70.95
C GLU G 127 -39.67 -36.85 70.98
N LYS G 128 -39.14 -36.38 69.86
CA LYS G 128 -37.70 -36.22 69.76
C LYS G 128 -37.49 -34.85 69.10
N CYS G 129 -36.96 -33.90 69.87
CA CYS G 129 -36.72 -32.56 69.36
C CYS G 129 -35.36 -32.49 68.66
N LYS G 130 -35.37 -32.08 67.39
CA LYS G 130 -34.16 -31.99 66.59
C LYS G 130 -33.75 -30.53 66.38
N LEU G 131 -34.37 -29.61 67.10
CA LEU G 131 -34.09 -28.19 66.98
C LEU G 131 -32.73 -27.84 67.57
N PRO G 132 -32.11 -26.76 67.09
CA PRO G 132 -30.87 -26.28 67.73
C PRO G 132 -31.13 -25.82 69.16
N TYR G 133 -30.12 -25.97 70.01
CA TYR G 133 -30.30 -26.00 71.45
C TYR G 133 -29.08 -25.42 72.15
N ILE G 134 -29.18 -25.31 73.47
CA ILE G 134 -28.05 -25.04 74.35
C ILE G 134 -28.13 -26.02 75.50
N VAL G 135 -27.04 -26.11 76.26
CA VAL G 135 -26.95 -27.03 77.40
C VAL G 135 -26.77 -26.18 78.65
N VAL G 136 -27.78 -26.18 79.52
CA VAL G 136 -27.88 -25.22 80.60
C VAL G 136 -27.68 -25.91 81.94
N ASN G 137 -26.80 -25.33 82.76
CA ASN G 137 -26.76 -25.58 84.20
C ASN G 137 -28.00 -24.90 84.79
N SER G 138 -28.87 -25.68 85.41
CA SER G 138 -29.89 -25.08 86.26
C SER G 138 -29.44 -25.13 87.70
N LYS G 139 -29.56 -23.99 88.39
CA LYS G 139 -29.05 -23.87 89.74
C LYS G 139 -30.10 -24.12 90.81
N SER G 140 -31.34 -23.68 90.59
CA SER G 140 -32.40 -23.92 91.57
C SER G 140 -32.78 -25.39 91.62
N THR G 141 -32.91 -26.04 90.48
CA THR G 141 -33.08 -27.48 90.40
C THR G 141 -31.73 -28.08 90.02
N GLY G 142 -31.16 -28.87 90.92
CA GLY G 142 -29.76 -29.26 90.77
C GLY G 142 -29.46 -30.33 89.74
N GLN G 143 -29.77 -30.05 88.47
CA GLN G 143 -29.34 -30.92 87.38
C GLN G 143 -29.22 -30.11 86.10
N ARG G 144 -28.36 -30.59 85.21
CA ARG G 144 -28.01 -29.91 83.96
C ARG G 144 -28.70 -30.57 82.78
N PHE G 145 -29.25 -29.74 81.89
CA PHE G 145 -30.17 -30.23 80.88
C PHE G 145 -29.93 -29.54 79.55
N SER G 146 -30.74 -29.86 78.56
CA SER G 146 -30.67 -29.26 77.23
C SER G 146 -31.96 -28.50 76.93
N MET G 147 -31.81 -27.25 76.54
CA MET G 147 -32.94 -26.37 76.28
C MET G 147 -33.02 -26.05 74.79
N PHE G 148 -34.20 -26.23 74.22
CA PHE G 148 -34.40 -26.12 72.78
C PHE G 148 -35.07 -24.80 72.44
N LEU G 149 -34.59 -24.16 71.37
CA LEU G 149 -35.03 -22.85 70.96
C LEU G 149 -35.56 -22.90 69.53
N GLU G 150 -36.69 -22.23 69.30
CA GLU G 150 -37.23 -22.13 67.95
C GLU G 150 -37.93 -20.80 67.75
N GLU G 151 -38.16 -20.50 66.47
CA GLU G 151 -38.68 -19.22 66.01
C GLU G 151 -40.16 -19.10 66.34
N CYS G 152 -40.53 -17.97 66.93
CA CYS G 152 -41.94 -17.69 67.23
C CYS G 152 -42.17 -16.19 67.10
N GLU G 153 -43.44 -15.81 67.10
CA GLU G 153 -43.83 -14.41 67.00
C GLU G 153 -43.37 -13.64 68.22
N ASN G 154 -43.08 -12.35 68.02
CA ASN G 154 -42.46 -11.54 69.04
C ASN G 154 -43.46 -11.27 70.17
N SER G 155 -42.98 -11.38 71.40
CA SER G 155 -43.77 -11.14 72.59
C SER G 155 -43.17 -9.96 73.35
N GLU G 156 -44.05 -9.22 74.03
CA GLU G 156 -43.62 -8.03 74.75
C GLU G 156 -42.76 -8.41 75.96
N LYS G 157 -43.13 -9.47 76.66
CA LYS G 157 -42.43 -9.87 77.87
C LYS G 157 -41.56 -11.09 77.61
N PHE G 158 -40.43 -11.16 78.33
CA PHE G 158 -39.47 -12.24 78.20
C PHE G 158 -39.22 -12.87 79.55
N ASN G 159 -38.59 -14.05 79.53
CA ASN G 159 -38.26 -14.76 80.76
C ASN G 159 -36.94 -14.23 81.32
N SER G 160 -36.40 -14.98 82.28
CA SER G 160 -35.08 -14.71 82.81
C SER G 160 -33.96 -15.28 81.95
N TYR G 161 -34.28 -15.79 80.76
CA TYR G 161 -33.27 -16.39 79.91
C TYR G 161 -33.12 -15.67 78.59
N GLY G 162 -34.07 -14.81 78.22
CA GLY G 162 -34.03 -14.13 76.95
C GLY G 162 -34.98 -14.64 75.90
N LEU G 163 -35.90 -15.53 76.26
CA LEU G 163 -36.84 -16.11 75.30
C LEU G 163 -38.24 -15.57 75.54
N CYS G 164 -39.11 -15.80 74.57
CA CYS G 164 -40.44 -15.22 74.57
C CYS G 164 -41.36 -15.92 75.58
N ILE G 165 -42.34 -15.17 76.07
CA ILE G 165 -43.39 -15.67 76.95
C ILE G 165 -44.70 -15.67 76.18
N VAL G 166 -45.35 -16.83 76.14
CA VAL G 166 -46.69 -17.05 75.56
C VAL G 166 -46.75 -16.66 74.09
N THR H 2 33.54 -118.38 68.80
CA THR H 2 32.40 -119.11 68.25
C THR H 2 32.06 -118.60 66.86
N LYS H 3 32.82 -117.62 66.37
CA LYS H 3 32.57 -117.05 65.04
C LYS H 3 31.10 -116.78 64.77
N LEU H 4 30.45 -116.06 65.68
CA LEU H 4 29.03 -115.78 65.51
C LEU H 4 28.77 -114.28 65.49
N LYS H 5 28.24 -113.79 64.39
CA LYS H 5 27.91 -112.37 64.30
C LYS H 5 26.47 -112.19 64.72
N ALA H 6 26.06 -110.95 64.94
CA ALA H 6 24.70 -110.69 65.40
C ALA H 6 23.66 -111.00 64.35
N PRO H 7 22.54 -111.58 64.77
CA PRO H 7 21.47 -111.81 63.80
C PRO H 7 20.92 -110.48 63.31
N ALA H 8 20.46 -110.43 62.07
CA ALA H 8 19.87 -109.21 61.51
C ALA H 8 18.86 -108.62 62.48
N VAL H 9 18.02 -109.48 63.04
CA VAL H 9 17.05 -109.02 64.03
C VAL H 9 17.66 -109.20 65.42
N LEU H 10 18.28 -108.17 65.99
CA LEU H 10 18.77 -108.25 67.35
C LEU H 10 18.57 -106.91 68.02
N ALA H 11 17.66 -106.87 68.98
CA ALA H 11 17.30 -105.61 69.64
C ALA H 11 16.97 -105.89 71.09
N TYR H 12 17.26 -104.90 71.94
CA TYR H 12 17.09 -105.03 73.37
C TYR H 12 16.16 -103.93 73.87
N SER H 13 15.43 -104.23 74.94
CA SER H 13 14.45 -103.29 75.44
C SER H 13 15.10 -102.25 76.35
N ARG H 14 14.36 -101.17 76.58
CA ARG H 14 14.80 -100.12 77.50
C ARG H 14 14.57 -100.59 78.93
N LYS H 15 15.66 -100.81 79.67
CA LYS H 15 15.55 -101.28 81.04
C LYS H 15 15.59 -100.16 82.07
N ILE H 16 15.87 -98.93 81.64
CA ILE H 16 15.78 -97.75 82.50
C ILE H 16 14.74 -96.85 81.85
N ASN H 17 13.52 -96.86 82.38
CA ASN H 17 12.40 -96.12 81.80
C ASN H 17 12.02 -94.98 82.72
N PRO H 18 12.45 -93.75 82.46
CA PRO H 18 11.96 -92.64 83.26
C PRO H 18 10.69 -92.07 82.67
N THR H 19 9.92 -91.39 83.52
CA THR H 19 8.74 -90.69 83.05
C THR H 19 9.13 -89.28 82.60
N ASN H 20 8.16 -88.54 82.08
CA ASN H 20 8.41 -87.17 81.68
C ASN H 20 8.57 -86.30 82.92
N ALA H 21 9.65 -85.53 82.96
CA ALA H 21 10.04 -84.78 84.16
C ALA H 21 9.16 -83.55 84.27
N LEU H 22 8.05 -83.69 85.00
CA LEU H 22 7.14 -82.59 85.23
C LEU H 22 7.76 -81.59 86.19
N MET H 23 7.73 -80.31 85.84
CA MET H 23 8.39 -79.28 86.65
C MET H 23 7.37 -78.37 87.31
N PHE H 24 7.53 -78.21 88.62
CA PHE H 24 6.70 -77.38 89.47
C PHE H 24 7.57 -76.29 90.07
N ALA H 25 6.92 -75.34 90.75
CA ALA H 25 7.63 -74.28 91.46
C ALA H 25 7.25 -74.36 92.93
N VAL H 26 8.26 -74.43 93.79
CA VAL H 26 8.08 -74.48 95.23
C VAL H 26 9.03 -73.48 95.87
N ASN H 27 8.92 -73.35 97.19
CA ASN H 27 9.92 -72.66 97.98
C ASN H 27 10.89 -73.69 98.56
N TRP H 28 11.98 -73.20 99.14
CA TRP H 28 12.96 -74.10 99.73
C TRP H 28 12.44 -74.72 101.03
N SER H 29 11.63 -73.99 101.79
CA SER H 29 11.08 -74.49 103.03
C SER H 29 9.58 -74.74 102.96
N ASP H 30 8.97 -74.59 101.79
CA ASP H 30 7.54 -74.77 101.61
C ASP H 30 7.27 -75.70 100.45
N ARG H 31 7.95 -76.85 100.45
CA ARG H 31 7.83 -77.82 99.37
C ARG H 31 6.54 -78.63 99.43
N ASP H 32 5.75 -78.49 100.49
CA ASP H 32 4.49 -79.22 100.60
C ASP H 32 3.47 -78.77 99.56
N ASN H 33 3.41 -77.47 99.27
CA ASN H 33 2.56 -76.96 98.20
C ASN H 33 3.38 -76.59 96.96
N THR H 34 2.82 -76.92 95.79
CA THR H 34 3.48 -76.70 94.51
C THR H 34 2.52 -75.95 93.59
N THR H 35 3.07 -75.16 92.67
CA THR H 35 2.33 -74.67 91.53
C THR H 35 3.04 -75.14 90.27
N ALA H 36 2.26 -75.31 89.21
CA ALA H 36 2.81 -75.86 87.98
C ALA H 36 3.43 -74.76 87.15
N VAL H 37 4.67 -74.98 86.70
CA VAL H 37 5.37 -74.01 85.87
C VAL H 37 4.76 -74.08 84.47
N MET H 38 4.06 -73.01 84.08
CA MET H 38 3.48 -72.94 82.76
C MET H 38 4.54 -72.70 81.69
N VAL H 39 4.23 -73.10 80.47
CA VAL H 39 4.97 -72.66 79.30
C VAL H 39 4.25 -71.43 78.75
N GLY H 40 4.98 -70.32 78.68
CA GLY H 40 4.46 -69.12 78.07
C GLY H 40 5.13 -68.89 76.73
N THR H 41 4.49 -68.06 75.91
CA THR H 41 5.02 -67.70 74.60
C THR H 41 5.32 -66.21 74.61
N LYS H 42 6.57 -65.84 74.36
CA LYS H 42 6.98 -64.45 74.37
C LYS H 42 7.76 -64.16 73.09
N THR H 43 7.68 -62.91 72.64
CA THR H 43 8.28 -62.49 71.39
C THR H 43 9.46 -61.58 71.68
N VAL H 44 10.54 -61.77 70.93
CA VAL H 44 11.85 -61.22 71.23
C VAL H 44 12.38 -60.53 69.98
N ALA H 45 12.79 -59.26 70.12
CA ALA H 45 13.38 -58.50 69.04
C ALA H 45 14.89 -58.51 69.20
N GLY H 46 15.52 -59.59 68.77
CA GLY H 46 16.96 -59.73 68.81
C GLY H 46 17.63 -59.15 67.58
N THR H 47 18.91 -59.44 67.44
CA THR H 47 19.69 -59.07 66.27
C THR H 47 20.07 -60.31 65.48
N GLN H 48 19.84 -60.27 64.17
CA GLN H 48 20.23 -61.39 63.30
C GLN H 48 21.71 -61.27 63.01
N SER H 49 22.51 -62.04 63.73
CA SER H 49 23.97 -62.02 63.61
C SER H 49 24.43 -63.46 63.37
N VAL H 50 24.44 -63.87 62.12
CA VAL H 50 24.81 -65.23 61.74
C VAL H 50 26.12 -65.21 60.98
N ARG H 51 26.76 -66.36 60.93
CA ARG H 51 28.02 -66.48 60.19
C ARG H 51 27.76 -66.50 58.69
N GLY H 52 28.65 -65.86 57.95
CA GLY H 52 28.56 -65.85 56.51
C GLY H 52 27.76 -64.71 55.91
N ASN H 53 27.08 -63.91 56.72
CA ASN H 53 26.46 -62.67 56.22
C ASN H 53 26.68 -61.55 57.23
N PRO H 54 27.49 -60.56 56.86
CA PRO H 54 27.49 -59.27 57.56
C PRO H 54 26.34 -58.36 57.17
N ASN H 55 25.71 -58.61 56.02
CA ASN H 55 24.88 -57.59 55.39
C ASN H 55 23.55 -57.42 56.12
N ASP H 56 22.96 -58.52 56.58
CA ASP H 56 21.68 -58.48 57.28
C ASP H 56 21.85 -58.33 58.78
N ALA H 57 22.99 -57.82 59.24
CA ALA H 57 23.22 -57.68 60.67
C ALA H 57 22.46 -56.50 61.25
N ASP H 58 22.35 -55.42 60.49
CA ASP H 58 21.86 -54.15 61.02
C ASP H 58 20.34 -54.08 61.14
N LYS H 59 19.61 -55.06 60.62
CA LYS H 59 18.15 -54.93 60.62
C LYS H 59 17.53 -55.50 61.89
N GLY H 60 18.05 -56.61 62.40
CA GLY H 60 17.51 -57.20 63.62
C GLY H 60 16.27 -58.03 63.37
N ASN H 61 16.19 -59.20 63.96
CA ASN H 61 15.14 -60.17 63.66
C ASN H 61 14.15 -60.28 64.81
N ILE H 62 13.02 -60.91 64.52
CA ILE H 62 11.94 -61.12 65.48
C ILE H 62 11.73 -62.62 65.62
N GLN H 63 11.86 -63.14 66.84
CA GLN H 63 11.60 -64.54 67.12
C GLN H 63 10.65 -64.67 68.29
N THR H 64 9.55 -65.38 68.09
CA THR H 64 8.70 -65.78 69.20
C THR H 64 9.17 -67.14 69.69
N VAL H 65 9.35 -67.26 71.00
CA VAL H 65 9.92 -68.43 71.63
C VAL H 65 9.07 -68.81 72.82
N ASN H 66 9.10 -70.09 73.18
CA ASN H 66 8.49 -70.55 74.41
C ASN H 66 9.47 -70.42 75.55
N PHE H 67 9.02 -69.82 76.64
CA PHE H 67 9.81 -69.61 77.83
C PHE H 67 9.07 -70.18 79.02
N ALA H 68 9.83 -70.62 80.01
CA ALA H 68 9.24 -71.07 81.26
C ALA H 68 10.07 -70.50 82.41
N ASN H 69 9.39 -69.90 83.38
CA ASN H 69 10.05 -69.20 84.45
C ASN H 69 9.47 -69.63 85.79
N LEU H 70 10.29 -69.53 86.83
CA LEU H 70 9.74 -69.57 88.17
C LEU H 70 8.92 -68.30 88.41
N PRO H 71 7.77 -68.41 89.06
CA PRO H 71 7.00 -67.22 89.40
C PRO H 71 7.73 -66.37 90.43
N HIS H 72 7.35 -65.10 90.51
CA HIS H 72 8.09 -64.15 91.33
C HIS H 72 7.72 -64.19 92.81
N ASN H 73 7.09 -65.27 93.28
CA ASN H 73 6.90 -65.47 94.71
C ASN H 73 7.64 -66.71 95.22
N LYS H 74 8.12 -67.58 94.33
CA LYS H 74 8.85 -68.78 94.73
C LYS H 74 10.21 -68.83 94.04
N ASN H 75 11.17 -69.45 94.71
CA ASN H 75 12.55 -69.44 94.28
C ASN H 75 13.10 -70.81 93.93
N THR H 76 12.34 -71.87 94.12
CA THR H 76 12.82 -73.24 93.95
C THR H 76 12.11 -73.89 92.78
N LEU H 77 12.88 -74.49 91.89
CA LEU H 77 12.33 -75.30 90.82
C LEU H 77 12.33 -76.75 91.27
N LEU H 78 11.18 -77.40 91.18
CA LEU H 78 11.01 -78.80 91.54
C LEU H 78 10.83 -79.59 90.24
N VAL H 79 11.55 -80.70 90.14
CA VAL H 79 11.45 -81.59 88.99
C VAL H 79 11.06 -82.98 89.49
N LYS H 80 9.91 -83.46 89.06
CA LYS H 80 9.36 -84.73 89.50
C LYS H 80 9.35 -85.70 88.34
N TYR H 81 9.89 -86.90 88.57
CA TYR H 81 9.73 -87.98 87.60
C TYR H 81 9.84 -89.30 88.34
N ASN H 82 9.53 -90.38 87.62
CA ASN H 82 9.64 -91.73 88.14
C ASN H 82 10.53 -92.54 87.21
N VAL H 83 11.64 -93.05 87.74
CA VAL H 83 12.53 -93.90 86.96
C VAL H 83 12.27 -95.35 87.34
N LYS H 84 11.91 -96.15 86.35
CA LYS H 84 11.65 -97.55 86.58
C LYS H 84 12.79 -98.37 86.07
N PHE H 85 13.64 -98.85 86.95
CA PHE H 85 14.70 -99.73 86.53
C PHE H 85 14.10 -101.10 86.41
N VAL H 86 14.09 -101.69 85.23
CA VAL H 86 13.47 -102.98 85.00
C VAL H 86 14.57 -103.97 84.74
N GLY H 87 14.35 -105.22 85.11
CA GLY H 87 15.35 -106.24 84.94
C GLY H 87 15.19 -107.06 83.69
N ASP H 88 15.75 -108.27 83.66
CA ASP H 88 15.74 -109.11 82.45
C ASP H 88 16.46 -108.31 81.43
N VAL H 89 17.72 -108.01 81.70
CA VAL H 89 18.46 -107.12 80.84
C VAL H 89 19.21 -107.77 79.71
N PHE H 90 19.29 -109.07 79.72
CA PHE H 90 20.01 -109.77 78.70
C PHE H 90 19.00 -110.46 77.80
N LYS H 91 17.73 -110.27 78.08
CA LYS H 91 16.70 -110.87 77.26
C LYS H 91 16.56 -110.06 76.00
N ALA H 92 16.75 -110.70 74.85
CA ALA H 92 16.58 -109.99 73.60
C ALA H 92 15.17 -110.29 73.14
N GLU H 93 14.22 -109.47 73.55
CA GLU H 93 12.83 -109.66 73.19
C GLU H 93 12.61 -109.67 71.68
N LEU H 94 13.45 -108.96 70.94
CA LEU H 94 13.31 -108.89 69.51
C LEU H 94 14.41 -109.73 68.86
N GLY H 95 15.51 -109.95 69.57
CA GLY H 95 16.60 -110.67 68.96
C GLY H 95 16.45 -112.18 69.04
N GLY H 96 17.51 -112.85 68.62
CA GLY H 96 17.51 -114.29 68.50
C GLY H 96 17.69 -114.98 69.84
N GLY H 97 18.00 -116.27 69.74
CA GLY H 97 18.19 -117.09 70.93
C GLY H 97 19.64 -117.40 71.25
N GLU H 98 20.45 -117.71 70.24
CA GLU H 98 21.80 -118.19 70.48
C GLU H 98 22.72 -117.06 70.90
N TYR H 99 22.73 -115.97 70.12
CA TYR H 99 23.63 -114.85 70.35
C TYR H 99 23.34 -114.15 71.68
N SER H 100 22.06 -113.96 72.00
CA SER H 100 21.69 -113.32 73.25
C SER H 100 22.01 -114.19 74.46
N ASN H 101 21.88 -115.51 74.32
CA ASN H 101 22.17 -116.39 75.45
C ASN H 101 23.66 -116.53 75.69
N THR H 102 24.47 -116.60 74.63
CA THR H 102 25.91 -116.61 74.86
C THR H 102 26.42 -115.24 75.30
N LEU H 103 25.69 -114.17 74.98
CA LEU H 103 26.01 -112.87 75.56
C LEU H 103 25.62 -112.81 77.03
N GLN H 104 24.56 -113.55 77.42
CA GLN H 104 24.23 -113.70 78.84
C GLN H 104 25.33 -114.41 79.60
N THR H 105 25.81 -115.55 79.09
CA THR H 105 26.91 -116.22 79.75
C THR H 105 28.24 -115.50 79.59
N ALA H 106 28.33 -114.53 78.67
CA ALA H 106 29.54 -113.73 78.54
C ALA H 106 29.50 -112.44 79.36
N LEU H 107 28.34 -112.08 79.95
CA LEU H 107 28.24 -110.85 80.72
C LEU H 107 27.71 -111.11 82.13
N GLU H 108 27.73 -112.37 82.60
CA GLU H 108 27.17 -112.66 83.91
C GLU H 108 28.14 -112.36 85.04
N ASN H 109 29.39 -112.02 84.74
CA ASN H 109 30.36 -111.58 85.73
C ASN H 109 30.44 -110.07 85.84
N THR H 110 29.50 -109.36 85.21
CA THR H 110 29.50 -107.91 85.21
C THR H 110 29.17 -107.35 86.58
N ASP H 111 29.92 -106.35 87.00
CA ASP H 111 29.66 -105.70 88.28
C ASP H 111 28.46 -104.79 88.08
N PHE H 112 27.28 -105.28 88.44
CA PHE H 112 26.07 -104.46 88.37
C PHE H 112 26.02 -103.40 89.46
N GLY H 113 26.80 -103.57 90.52
CA GLY H 113 26.81 -102.58 91.58
C GLY H 113 27.38 -101.25 91.14
N THR H 114 28.45 -101.28 90.34
CA THR H 114 29.05 -100.04 89.86
C THR H 114 28.18 -99.37 88.81
N LEU H 115 27.54 -100.16 87.93
CA LEU H 115 26.56 -99.62 86.98
C LEU H 115 25.40 -98.95 87.71
N ALA H 116 24.85 -99.63 88.71
CA ALA H 116 23.72 -99.09 89.45
C ALA H 116 24.11 -97.88 90.28
N TYR H 117 25.34 -97.87 90.82
CA TYR H 117 25.80 -96.71 91.58
C TYR H 117 25.97 -95.52 90.64
N ARG H 118 26.47 -95.75 89.43
CA ARG H 118 26.62 -94.66 88.48
C ARG H 118 25.25 -94.13 88.02
N TYR H 119 24.27 -95.02 87.82
CA TYR H 119 22.93 -94.59 87.45
C TYR H 119 22.25 -93.80 88.56
N VAL H 120 22.24 -94.35 89.77
CA VAL H 120 21.58 -93.72 90.89
C VAL H 120 22.32 -92.46 91.32
N TYR H 121 23.63 -92.39 91.06
CA TYR H 121 24.38 -91.17 91.30
C TYR H 121 24.03 -90.12 90.26
N ASN H 122 23.82 -90.53 89.00
CA ASN H 122 23.40 -89.59 87.98
C ASN H 122 22.00 -89.05 88.24
N ILE H 123 21.14 -89.87 88.85
CA ILE H 123 19.87 -89.37 89.36
C ILE H 123 20.10 -88.45 90.55
N ALA H 124 20.93 -88.88 91.49
CA ALA H 124 21.03 -88.24 92.80
C ALA H 124 21.81 -86.94 92.76
N ALA H 125 22.84 -86.86 91.92
CA ALA H 125 23.56 -85.61 91.77
C ALA H 125 22.72 -84.54 91.07
N GLY H 126 21.78 -84.95 90.22
CA GLY H 126 20.96 -83.99 89.52
C GLY H 126 21.49 -83.70 88.14
N ARG H 127 22.12 -84.71 87.52
CA ARG H 127 22.55 -84.58 86.14
C ARG H 127 21.36 -84.56 85.19
N THR H 128 20.22 -85.14 85.62
CA THR H 128 18.98 -85.06 84.85
C THR H 128 18.44 -83.64 84.75
N LEU H 129 18.91 -82.75 85.60
CA LEU H 129 18.64 -81.31 85.50
C LEU H 129 19.75 -80.72 84.65
N TRP H 130 19.55 -80.65 83.33
CA TRP H 130 20.67 -80.39 82.43
C TRP H 130 21.13 -78.93 82.49
N ARG H 131 20.29 -78.01 82.03
CA ARG H 131 20.57 -76.60 82.24
C ARG H 131 19.85 -76.06 83.45
N ASN H 132 18.88 -76.81 83.99
CA ASN H 132 18.19 -76.41 85.21
C ASN H 132 19.11 -76.38 86.41
N ARG H 133 20.19 -77.17 86.41
CA ARG H 133 21.10 -77.12 87.54
C ARG H 133 22.08 -75.97 87.49
N VAL H 134 22.26 -75.30 86.36
CA VAL H 134 23.36 -74.33 86.26
C VAL H 134 22.91 -73.05 86.95
N GLY H 135 23.61 -72.73 88.03
CA GLY H 135 23.25 -71.60 88.86
C GLY H 135 22.27 -72.08 89.91
N ALA H 136 22.73 -72.35 91.13
CA ALA H 136 21.89 -72.91 92.17
C ALA H 136 22.60 -72.82 93.52
N GLU H 137 21.93 -72.28 94.53
CA GLU H 137 22.49 -72.26 95.87
C GLU H 137 22.63 -73.67 96.42
N SER H 138 21.64 -74.52 96.17
CA SER H 138 21.69 -75.91 96.61
C SER H 138 20.74 -76.72 95.74
N ILE H 139 21.13 -77.96 95.45
CA ILE H 139 20.32 -78.89 94.66
C ILE H 139 20.04 -80.09 95.53
N GLU H 140 18.82 -80.19 96.05
CA GLU H 140 18.44 -81.26 96.97
C GLU H 140 17.57 -82.25 96.21
N THR H 141 18.06 -83.47 96.07
CA THR H 141 17.35 -84.54 95.37
C THR H 141 16.76 -85.48 96.43
N VAL H 142 15.45 -85.71 96.33
CA VAL H 142 14.74 -86.62 97.21
C VAL H 142 14.30 -87.80 96.38
N ILE H 143 14.79 -88.99 96.73
CA ILE H 143 14.44 -90.22 96.03
C ILE H 143 13.63 -91.09 96.99
N THR H 144 12.41 -91.40 96.60
CA THR H 144 11.55 -92.31 97.34
C THR H 144 11.53 -93.63 96.59
N VAL H 145 12.00 -94.69 97.23
CA VAL H 145 12.02 -96.02 96.63
C VAL H 145 11.60 -97.04 97.69
N ASN H 146 10.70 -97.95 97.30
CA ASN H 146 9.98 -99.00 98.08
C ASN H 146 9.76 -98.62 99.54
N ASP H 147 9.11 -97.45 99.71
CA ASP H 147 8.86 -96.80 101.00
C ASP H 147 10.15 -96.58 101.78
N GLN H 148 11.04 -95.76 101.20
CA GLN H 148 12.28 -95.34 101.85
C GLN H 148 12.73 -94.05 101.20
N THR H 149 12.89 -93.00 101.98
CA THR H 149 13.21 -91.67 101.48
C THR H 149 14.69 -91.39 101.65
N PHE H 150 15.30 -90.83 100.61
CA PHE H 150 16.72 -90.50 100.60
C PHE H 150 16.90 -89.07 100.13
N THR H 151 17.85 -88.37 100.75
CA THR H 151 18.05 -86.95 100.50
C THR H 151 19.52 -86.71 100.17
N PHE H 152 19.76 -86.00 99.08
CA PHE H 152 21.11 -85.68 98.61
C PHE H 152 21.22 -84.19 98.41
N SER H 153 22.29 -83.59 98.92
CA SER H 153 22.43 -82.14 98.93
C SER H 153 23.58 -81.65 98.07
N ASP H 154 24.78 -82.19 98.24
CA ASP H 154 25.96 -81.70 97.54
C ASP H 154 26.74 -82.89 97.00
N LEU H 155 26.44 -83.27 95.77
CA LEU H 155 27.18 -84.31 95.06
C LEU H 155 27.76 -83.68 93.79
N LEU H 156 29.08 -83.70 93.67
CA LEU H 156 29.70 -83.24 92.44
C LEU H 156 29.43 -84.25 91.34
N VAL H 157 29.22 -83.73 90.12
CA VAL H 157 28.54 -84.52 89.10
C VAL H 157 29.54 -85.25 88.21
N ASN H 158 30.68 -84.62 87.89
CA ASN H 158 31.61 -85.21 86.93
C ASN H 158 32.38 -86.39 87.48
N GLU H 159 32.37 -86.59 88.79
CA GLU H 159 32.94 -87.80 89.38
C GLU H 159 31.94 -88.40 90.36
N PHE H 160 32.09 -89.70 90.60
CA PHE H 160 31.15 -90.47 91.40
C PHE H 160 31.76 -90.67 92.78
N ASP H 161 31.33 -89.84 93.74
CA ASP H 161 31.87 -89.88 95.08
C ASP H 161 31.32 -91.07 95.87
N GLU H 162 31.93 -91.32 97.02
CA GLU H 162 31.54 -92.40 97.90
C GLU H 162 30.58 -91.86 98.97
N ASP H 163 29.34 -92.34 98.94
CA ASP H 163 28.38 -92.02 99.98
C ASP H 163 27.41 -93.19 100.12
N VAL H 164 26.72 -93.21 101.27
CA VAL H 164 26.05 -94.44 101.70
C VAL H 164 24.66 -94.56 101.08
N ASP H 165 23.98 -93.44 100.85
CA ASP H 165 22.58 -93.51 100.41
C ASP H 165 22.46 -93.87 98.93
N VAL H 166 23.35 -93.32 98.09
CA VAL H 166 23.39 -93.70 96.68
C VAL H 166 23.76 -95.17 96.54
N ALA H 167 24.68 -95.64 97.38
CA ALA H 167 25.02 -97.06 97.39
C ALA H 167 23.86 -97.91 97.90
N GLU H 168 23.09 -97.40 98.86
CA GLU H 168 21.97 -98.17 99.40
C GLU H 168 20.87 -98.36 98.38
N ILE H 169 20.59 -97.32 97.58
CA ILE H 169 19.69 -97.48 96.45
C ILE H 169 20.34 -98.33 95.35
N ALA H 170 21.67 -98.27 95.24
CA ALA H 170 22.38 -99.01 94.22
C ALA H 170 22.34 -100.52 94.42
N ASP H 171 22.32 -100.99 95.67
CA ASP H 171 22.11 -102.44 95.90
C ASP H 171 20.79 -102.94 95.35
N MET H 172 19.68 -102.22 95.60
CA MET H 172 18.41 -102.73 95.07
C MET H 172 18.27 -102.51 93.57
N VAL H 173 18.85 -101.42 93.03
CA VAL H 173 18.83 -101.22 91.59
C VAL H 173 19.71 -102.26 90.88
N ALA H 174 20.85 -102.62 91.48
CA ALA H 174 21.70 -103.67 90.92
C ALA H 174 21.06 -105.04 91.04
N GLY H 175 20.37 -105.31 92.15
CA GLY H 175 19.67 -106.56 92.30
C GLY H 175 18.52 -106.71 91.34
N VAL H 176 17.89 -105.59 90.97
CA VAL H 176 16.93 -105.63 89.87
C VAL H 176 17.65 -105.87 88.55
N LEU H 177 18.74 -105.14 88.30
CA LEU H 177 19.40 -105.16 87.00
C LEU H 177 20.14 -106.47 86.75
N SER H 178 20.63 -107.11 87.80
CA SER H 178 21.29 -108.40 87.64
C SER H 178 20.30 -109.54 87.45
N GLY H 179 19.02 -109.32 87.72
CA GLY H 179 18.05 -110.39 87.60
C GLY H 179 16.66 -109.98 87.18
N GLU H 180 15.67 -110.51 87.88
CA GLU H 180 14.26 -110.38 87.54
C GLU H 180 13.63 -109.27 88.38
N GLY H 181 12.59 -108.65 87.82
CA GLY H 181 11.82 -107.69 88.56
C GLY H 181 11.99 -106.27 88.06
N PHE H 182 11.65 -105.34 88.94
CA PHE H 182 11.73 -103.92 88.63
C PHE H 182 11.82 -103.16 89.93
N VAL H 183 12.16 -101.87 89.81
CA VAL H 183 12.18 -100.97 90.96
C VAL H 183 11.85 -99.57 90.45
N THR H 184 11.19 -98.77 91.28
CA THR H 184 10.72 -97.46 90.88
C THR H 184 11.26 -96.41 91.84
N LEU H 185 11.99 -95.45 91.30
CA LEU H 185 12.57 -94.34 92.04
C LEU H 185 11.73 -93.12 91.75
N LYS H 186 10.95 -92.66 92.73
CA LYS H 186 10.21 -91.42 92.61
C LYS H 186 11.16 -90.29 92.98
N VAL H 187 11.56 -89.49 92.00
CA VAL H 187 12.62 -88.50 92.16
C VAL H 187 12.00 -87.11 92.14
N GLU H 188 12.33 -86.32 93.16
CA GLU H 188 11.93 -84.93 93.27
C GLU H 188 13.18 -84.09 93.49
N HIS H 189 13.54 -83.30 92.50
CA HIS H 189 14.67 -82.39 92.58
C HIS H 189 14.18 -81.01 93.01
N TYR H 190 14.96 -80.38 93.89
CA TYR H 190 14.63 -79.05 94.40
C TYR H 190 15.88 -78.18 94.22
N MET H 191 15.83 -77.22 93.31
CA MET H 191 16.95 -76.32 93.07
C MET H 191 16.57 -74.91 93.45
N LEU H 192 17.38 -74.29 94.31
CA LEU H 192 17.20 -72.89 94.69
C LEU H 192 17.75 -72.03 93.55
N LEU H 193 16.93 -71.90 92.50
CA LEU H 193 17.33 -71.15 91.33
C LEU H 193 17.34 -69.65 91.57
N GLY H 194 16.64 -69.19 92.59
CA GLY H 194 16.46 -67.78 92.79
C GLY H 194 15.04 -67.34 92.46
N GLU H 195 14.70 -66.15 92.94
CA GLU H 195 13.32 -65.68 92.87
C GLU H 195 13.01 -65.21 91.45
N GLY H 196 12.18 -65.97 90.76
CA GLY H 196 11.82 -65.62 89.40
C GLY H 196 12.83 -66.04 88.34
N SER H 197 13.73 -66.95 88.65
CA SER H 197 14.73 -67.40 87.68
C SER H 197 14.09 -68.23 86.58
N GLU H 198 14.64 -68.13 85.39
CA GLU H 198 14.06 -68.79 84.23
C GLU H 198 14.56 -70.22 84.14
N VAL H 199 13.62 -71.18 84.13
CA VAL H 199 13.94 -72.60 84.11
C VAL H 199 14.12 -73.06 82.67
N PHE H 200 14.67 -74.27 82.49
CA PHE H 200 15.04 -74.79 81.17
C PHE H 200 14.37 -76.14 80.94
N PRO H 201 13.18 -76.17 80.37
CA PRO H 201 12.58 -77.44 79.97
C PRO H 201 13.19 -77.94 78.67
N SER H 202 12.85 -79.16 78.26
CA SER H 202 13.37 -79.69 77.01
C SER H 202 12.61 -79.05 75.86
N GLN H 203 13.30 -78.78 74.76
CA GLN H 203 12.62 -78.23 73.59
C GLN H 203 12.24 -79.38 72.68
N GLU H 204 11.08 -79.30 72.04
CA GLU H 204 10.70 -80.33 71.09
C GLU H 204 11.23 -79.97 69.71
N PHE H 205 11.61 -80.96 68.92
CA PHE H 205 12.04 -80.70 67.56
C PHE H 205 10.87 -80.15 66.77
N VAL H 206 11.03 -78.98 66.17
CA VAL H 206 9.97 -78.46 65.31
C VAL H 206 10.52 -78.00 63.98
N GLU H 207 9.63 -77.86 62.99
CA GLU H 207 10.04 -77.39 61.68
C GLU H 207 9.19 -76.18 61.35
N ASN H 208 8.16 -76.38 60.56
CA ASN H 208 7.25 -75.28 60.21
C ASN H 208 6.32 -75.03 61.37
N SER H 209 6.67 -74.09 62.24
CA SER H 209 5.85 -73.82 63.42
C SER H 209 5.60 -72.34 63.67
N LYS H 210 6.13 -71.44 62.83
CA LYS H 210 6.19 -69.97 63.00
C LYS H 210 6.57 -69.55 64.43
N LEU H 211 7.49 -70.30 65.04
CA LEU H 211 7.91 -70.07 66.42
C LEU H 211 9.27 -70.71 66.58
N SER H 212 10.25 -69.94 67.07
CA SER H 212 11.65 -70.33 66.98
C SER H 212 11.98 -71.46 67.94
N LYS H 213 11.53 -71.36 69.18
CA LYS H 213 11.86 -72.35 70.22
C LYS H 213 10.59 -72.72 70.94
N GLN H 214 10.22 -73.99 70.86
CA GLN H 214 9.10 -74.50 71.64
C GLN H 214 9.62 -75.08 72.95
N LEU H 215 8.73 -75.55 73.81
CA LEU H 215 9.16 -76.22 75.02
C LEU H 215 8.22 -77.38 75.16
N PHE H 216 8.68 -78.45 75.80
CA PHE H 216 7.79 -79.57 76.02
C PHE H 216 6.75 -79.16 77.04
N ASP H 217 5.52 -78.97 76.59
CA ASP H 217 4.46 -78.54 77.49
C ASP H 217 3.46 -79.65 77.73
N LEU H 218 3.73 -80.50 78.71
CA LEU H 218 2.75 -81.53 79.05
C LEU H 218 1.51 -80.84 79.59
N ASN H 219 0.44 -80.80 78.79
CA ASN H 219 -0.79 -80.10 79.18
C ASN H 219 -0.54 -78.68 79.67
N GLY H 220 0.31 -77.94 78.96
CA GLY H 220 0.63 -76.57 79.36
C GLY H 220 1.78 -76.49 80.34
N GLN H 221 1.78 -77.37 81.34
CA GLN H 221 2.84 -77.36 82.34
C GLN H 221 4.20 -77.66 81.73
N ALA H 222 5.20 -76.84 82.04
CA ALA H 222 6.53 -77.06 81.50
C ALA H 222 7.13 -78.35 82.03
N ALA H 223 7.62 -79.18 81.12
CA ALA H 223 8.18 -80.46 81.47
C ALA H 223 9.36 -80.75 80.56
N MET H 224 10.17 -81.73 80.93
CA MET H 224 11.29 -82.15 80.12
C MET H 224 11.10 -83.60 79.67
N HIS H 225 11.67 -83.93 78.52
CA HIS H 225 11.46 -85.26 77.96
C HIS H 225 12.02 -86.41 78.77
N ASP H 226 11.40 -87.58 78.64
CA ASP H 226 11.90 -88.75 79.33
C ASP H 226 13.23 -89.19 78.74
N GLN H 227 13.41 -88.98 77.44
CA GLN H 227 14.68 -89.32 76.81
C GLN H 227 15.79 -88.43 77.33
N LYS H 228 15.49 -87.16 77.64
CA LYS H 228 16.49 -86.28 78.22
C LYS H 228 16.92 -86.84 79.54
N ILE H 229 15.96 -87.25 80.36
CA ILE H 229 16.28 -87.83 81.66
C ILE H 229 17.03 -89.13 81.48
N GLY H 230 16.53 -90.03 80.64
CA GLY H 230 17.14 -91.33 80.45
C GLY H 230 18.52 -91.28 79.82
N ASN H 231 18.78 -90.25 79.01
CA ASN H 231 20.14 -90.01 78.55
C ASN H 231 21.03 -89.60 79.71
N ALA H 232 20.48 -88.78 80.62
CA ALA H 232 21.26 -88.38 81.79
C ALA H 232 21.45 -89.51 82.80
N ILE H 233 20.61 -90.54 82.78
CA ILE H 233 20.88 -91.71 83.62
C ILE H 233 22.12 -92.42 83.09
N ARG H 234 22.16 -92.67 81.79
CA ARG H 234 23.21 -93.46 81.17
C ARG H 234 24.44 -92.65 80.79
N THR H 235 24.62 -91.47 81.38
CA THR H 235 25.85 -90.70 81.19
C THR H 235 26.88 -91.18 82.22
N ILE H 236 27.26 -92.44 82.07
CA ILE H 236 28.17 -93.11 82.98
C ILE H 236 29.43 -93.59 82.30
N ASP H 237 29.52 -93.50 80.98
CA ASP H 237 30.65 -94.03 80.22
C ASP H 237 31.89 -93.17 80.42
N THR H 238 32.71 -93.55 81.39
CA THR H 238 34.03 -92.96 81.59
C THR H 238 35.15 -93.91 81.20
N TRP H 239 34.86 -94.86 80.31
CA TRP H 239 35.78 -95.95 80.03
C TRP H 239 36.17 -96.01 78.55
N TYR H 240 36.03 -94.91 77.83
CA TYR H 240 36.49 -94.82 76.45
C TYR H 240 37.95 -94.37 76.45
N GLU H 241 38.46 -93.97 75.27
CA GLU H 241 39.89 -93.74 75.11
C GLU H 241 40.35 -92.46 75.80
N ASP H 242 39.83 -91.32 75.37
CA ASP H 242 40.22 -90.03 75.96
C ASP H 242 39.27 -89.68 77.11
N ALA H 243 39.23 -90.57 78.09
CA ALA H 243 38.23 -90.55 79.15
C ALA H 243 38.54 -89.44 80.13
N THR H 244 37.92 -88.27 79.93
CA THR H 244 38.02 -87.15 80.85
C THR H 244 36.69 -86.89 81.57
N THR H 245 35.58 -87.00 80.86
CA THR H 245 34.25 -86.75 81.40
C THR H 245 33.34 -87.91 81.03
N PRO H 246 32.32 -88.18 81.86
CA PRO H 246 31.32 -89.19 81.47
C PRO H 246 30.53 -88.75 80.26
N ILE H 247 30.33 -89.69 79.34
CA ILE H 247 29.46 -89.47 78.18
C ILE H 247 28.31 -90.45 78.28
N ALA H 248 27.28 -90.19 77.49
CA ALA H 248 26.09 -91.04 77.48
C ALA H 248 26.44 -92.41 76.91
N VAL H 249 25.87 -93.45 77.51
CA VAL H 249 26.11 -94.81 77.03
C VAL H 249 25.40 -94.98 75.70
N GLU H 250 26.20 -95.18 74.65
CA GLU H 250 25.73 -95.29 73.28
C GLU H 250 26.53 -96.43 72.66
N PRO H 251 26.02 -97.04 71.58
CA PRO H 251 26.80 -98.10 70.92
C PRO H 251 28.08 -97.61 70.28
N TYR H 252 28.23 -96.31 70.05
CA TYR H 252 29.41 -95.76 69.41
C TYR H 252 30.10 -94.70 70.27
N GLY H 253 29.61 -94.45 71.47
CA GLY H 253 30.12 -93.36 72.29
C GLY H 253 29.85 -92.01 71.65
N SER H 254 28.71 -91.88 70.97
CA SER H 254 28.46 -90.74 70.10
C SER H 254 27.73 -89.64 70.88
N VAL H 255 28.13 -88.39 70.62
CA VAL H 255 27.42 -87.23 71.11
C VAL H 255 27.12 -86.32 69.93
N VAL H 256 25.88 -85.82 69.88
CA VAL H 256 25.48 -84.89 68.85
C VAL H 256 26.20 -83.56 69.00
N ARG H 257 26.38 -83.11 70.24
CA ARG H 257 26.90 -81.77 70.51
C ARG H 257 28.37 -81.63 70.10
N ASN H 258 29.23 -82.51 70.61
CA ASN H 258 30.64 -82.42 70.27
C ASN H 258 30.95 -82.87 68.86
N GLY H 259 30.01 -83.53 68.18
CA GLY H 259 30.20 -83.91 66.80
C GLY H 259 31.15 -85.06 66.59
N VAL H 260 31.49 -85.78 67.66
CA VAL H 260 32.43 -86.88 67.59
C VAL H 260 31.82 -88.08 68.30
N ALA H 261 32.27 -89.26 67.90
CA ALA H 261 31.92 -90.50 68.58
C ALA H 261 33.19 -91.02 69.24
N TYR H 262 33.16 -91.17 70.56
CA TYR H 262 34.36 -91.49 71.31
C TYR H 262 34.75 -92.96 71.22
N ARG H 263 33.92 -93.80 70.62
CA ARG H 263 34.20 -95.21 70.48
C ARG H 263 34.00 -95.67 69.05
N ALA H 264 34.43 -94.86 68.08
CA ALA H 264 34.26 -95.21 66.67
C ALA H 264 35.61 -95.22 65.98
N GLY H 265 35.86 -96.27 65.19
CA GLY H 265 37.08 -96.38 64.43
C GLY H 265 38.28 -96.88 65.21
N ASN H 266 38.12 -97.22 66.48
CA ASN H 266 39.22 -97.63 67.34
C ASN H 266 38.88 -98.90 68.12
N LYS H 267 37.96 -99.71 67.58
CA LYS H 267 37.69 -101.09 68.01
C LYS H 267 37.22 -101.20 69.46
N THR H 268 36.49 -100.19 69.95
CA THR H 268 35.88 -100.29 71.27
C THR H 268 34.40 -99.93 71.23
N ASP H 269 33.79 -99.95 70.05
CA ASP H 269 32.34 -99.81 69.97
C ASP H 269 31.66 -101.06 70.51
N LEU H 270 30.35 -100.92 70.76
CA LEU H 270 29.59 -101.99 71.42
C LEU H 270 29.50 -103.24 70.56
N PHE H 271 29.49 -103.08 69.23
CA PHE H 271 29.29 -104.23 68.35
C PHE H 271 30.51 -105.14 68.32
N THR H 272 31.71 -104.58 68.30
CA THR H 272 32.91 -105.41 68.29
C THR H 272 33.12 -106.09 69.65
N LEU H 273 32.82 -105.40 70.75
CA LEU H 273 32.94 -106.04 72.06
C LEU H 273 31.85 -107.08 72.27
N MET H 274 30.65 -106.87 71.72
CA MET H 274 29.60 -107.87 71.77
C MET H 274 29.98 -109.11 70.95
N ASP H 275 30.53 -108.91 69.76
CA ASP H 275 30.95 -110.04 68.94
C ASP H 275 32.04 -110.77 69.70
N GLY H 276 32.98 -110.02 70.25
CA GLY H 276 34.08 -110.63 70.97
C GLY H 276 33.62 -111.46 72.16
N ALA H 277 32.82 -110.86 73.03
CA ALA H 277 32.29 -111.60 74.19
C ALA H 277 31.57 -112.85 73.75
N VAL H 278 30.67 -112.72 72.79
CA VAL H 278 29.91 -113.87 72.28
C VAL H 278 30.85 -114.97 71.82
N ASN H 279 31.89 -114.60 71.08
CA ASN H 279 32.82 -115.60 70.57
C ASN H 279 33.64 -116.25 71.68
N GLY H 280 34.14 -115.45 72.61
CA GLY H 280 34.91 -116.00 73.71
C GLY H 280 35.93 -115.04 74.27
N LYS H 281 36.20 -113.95 73.54
CA LYS H 281 37.15 -112.95 74.00
C LYS H 281 36.72 -112.41 75.36
N SER H 282 37.57 -112.61 76.37
CA SER H 282 37.26 -112.13 77.70
C SER H 282 37.17 -110.62 77.70
N LEU H 283 35.99 -110.11 78.04
CA LEU H 283 35.81 -108.67 78.07
C LEU H 283 36.33 -108.13 79.39
N THR H 284 37.09 -107.05 79.34
CA THR H 284 37.59 -106.42 80.57
C THR H 284 36.40 -105.90 81.34
N GLU H 285 36.50 -105.80 82.66
CA GLU H 285 35.35 -105.39 83.45
C GLU H 285 34.70 -104.08 82.96
N GLU H 286 35.50 -103.09 82.60
CA GLU H 286 34.95 -101.84 82.10
C GLU H 286 34.25 -102.01 80.75
N ASP H 287 34.81 -102.84 79.88
CA ASP H 287 34.22 -103.08 78.57
C ASP H 287 32.96 -103.89 78.81
N GLN H 288 33.05 -104.88 79.70
CA GLN H 288 31.89 -105.68 80.07
C GLN H 288 30.78 -104.82 80.63
N MET H 289 31.13 -103.85 81.47
CA MET H 289 30.13 -102.96 82.07
C MET H 289 29.54 -102.03 81.01
N PHE H 290 30.35 -101.64 80.02
CA PHE H 290 29.85 -100.82 78.91
C PHE H 290 28.86 -101.58 78.04
N VAL H 291 29.17 -102.85 77.73
CA VAL H 291 28.26 -103.68 76.92
C VAL H 291 26.95 -103.93 77.68
N THR H 292 27.05 -104.20 78.98
CA THR H 292 25.85 -104.37 79.80
C THR H 292 25.05 -103.08 79.90
N ALA H 293 25.73 -101.93 80.00
CA ALA H 293 25.06 -100.64 80.05
C ALA H 293 24.33 -100.33 78.75
N ASN H 294 24.91 -100.71 77.61
CA ASN H 294 24.20 -100.53 76.34
C ASN H 294 23.05 -101.50 76.21
N LEU H 295 23.16 -102.70 76.80
CA LEU H 295 22.04 -103.63 76.77
C LEU H 295 20.86 -103.12 77.58
N ILE H 296 21.11 -102.53 78.74
CA ILE H 296 20.01 -101.96 79.51
C ILE H 296 19.59 -100.60 78.99
N ARG H 297 20.42 -99.96 78.17
CA ARG H 297 19.94 -98.82 77.39
C ARG H 297 18.97 -99.29 76.32
N GLY H 298 19.35 -100.33 75.58
CA GLY H 298 18.54 -100.88 74.51
C GLY H 298 19.00 -100.41 73.14
N GLY H 299 18.34 -100.94 72.12
CA GLY H 299 18.67 -100.58 70.75
C GLY H 299 18.81 -101.79 69.85
N VAL H 300 18.60 -101.60 68.55
CA VAL H 300 18.79 -102.69 67.60
C VAL H 300 20.29 -102.82 67.33
N PHE H 301 20.81 -104.03 67.53
CA PHE H 301 22.24 -104.31 67.40
C PHE H 301 22.48 -105.36 66.33
N GLY H 302 21.68 -105.33 65.28
CA GLY H 302 21.78 -106.31 64.21
C GLY H 302 22.12 -105.63 62.89
N GLY H 303 22.84 -106.37 62.04
CA GLY H 303 23.25 -105.86 60.75
C GLY H 303 24.63 -106.33 60.34
N THR I 2 -38.35 -140.31 20.93
CA THR I 2 -39.33 -140.34 22.01
C THR I 2 -38.83 -139.53 23.21
N LYS I 3 -37.52 -139.55 23.43
CA LYS I 3 -36.90 -138.80 24.50
C LYS I 3 -36.87 -137.32 24.14
N LEU I 4 -37.55 -136.49 24.91
CA LEU I 4 -37.52 -135.04 24.69
C LEU I 4 -36.22 -134.49 25.25
N LYS I 5 -35.27 -134.22 24.37
CA LYS I 5 -34.02 -133.59 24.80
C LYS I 5 -34.28 -132.14 25.18
N ALA I 6 -33.51 -131.66 26.15
CA ALA I 6 -33.58 -130.27 26.56
C ALA I 6 -33.07 -129.35 25.44
N PRO I 7 -33.56 -128.11 25.39
CA PRO I 7 -32.98 -127.15 24.44
C PRO I 7 -31.53 -126.85 24.78
N ALA I 8 -30.76 -126.54 23.74
CA ALA I 8 -29.33 -126.28 23.93
C ALA I 8 -29.10 -125.01 24.73
N VAL I 9 -29.98 -124.03 24.61
CA VAL I 9 -29.83 -122.76 25.31
C VAL I 9 -30.94 -122.57 26.36
N LEU I 10 -31.45 -123.65 26.94
CA LEU I 10 -32.50 -123.54 27.93
C LEU I 10 -31.93 -122.95 29.22
N ALA I 11 -32.39 -121.75 29.57
CA ALA I 11 -31.90 -121.06 30.75
C ALA I 11 -33.08 -120.45 31.50
N TYR I 12 -32.92 -120.36 32.82
CA TYR I 12 -33.93 -119.79 33.69
C TYR I 12 -33.35 -118.61 34.44
N SER I 13 -34.08 -117.51 34.49
CA SER I 13 -33.65 -116.36 35.24
C SER I 13 -33.81 -116.62 36.73
N ARG I 14 -33.03 -115.90 37.53
CA ARG I 14 -33.14 -116.01 38.98
C ARG I 14 -34.43 -115.36 39.46
N LYS I 15 -34.98 -115.93 40.52
CA LYS I 15 -36.24 -115.44 41.09
C LYS I 15 -36.09 -114.90 42.49
N ILE I 16 -35.04 -115.26 43.22
CA ILE I 16 -34.69 -114.64 44.48
C ILE I 16 -33.59 -113.64 44.18
N ASN I 17 -33.89 -112.35 44.33
CA ASN I 17 -32.97 -111.27 44.00
C ASN I 17 -32.70 -110.47 45.27
N PRO I 18 -31.69 -110.84 46.05
CA PRO I 18 -31.29 -110.00 47.17
C PRO I 18 -30.40 -108.87 46.68
N THR I 19 -30.40 -107.79 47.44
CA THR I 19 -29.50 -106.68 47.18
C THR I 19 -28.21 -106.88 47.95
N ASN I 20 -27.25 -105.98 47.74
CA ASN I 20 -26.02 -106.02 48.53
C ASN I 20 -26.31 -105.56 49.95
N ALA I 21 -25.92 -106.38 50.91
CA ALA I 21 -26.34 -106.19 52.31
C ALA I 21 -25.38 -105.24 52.99
N LEU I 22 -25.78 -103.97 53.11
CA LEU I 22 -24.95 -103.00 53.79
C LEU I 22 -24.95 -103.27 55.29
N MET I 23 -23.76 -103.22 55.91
CA MET I 23 -23.67 -103.36 57.35
C MET I 23 -23.47 -102.01 58.01
N PHE I 24 -24.31 -101.74 58.99
CA PHE I 24 -24.24 -100.59 59.86
C PHE I 24 -23.92 -101.06 61.28
N ALA I 25 -23.64 -100.10 62.14
CA ALA I 25 -23.41 -100.38 63.56
C ALA I 25 -24.51 -99.70 64.36
N VAL I 26 -25.19 -100.47 65.20
CA VAL I 26 -26.24 -99.96 66.07
C VAL I 26 -26.00 -100.52 67.47
N ASN I 27 -26.87 -100.14 68.39
CA ASN I 27 -26.94 -100.76 69.70
C ASN I 27 -28.19 -101.62 69.77
N TRP I 28 -28.28 -102.46 70.80
CA TRP I 28 -29.47 -103.28 70.97
C TRP I 28 -30.63 -102.38 71.35
N SER I 29 -30.32 -101.18 71.79
CA SER I 29 -31.35 -100.22 72.16
C SER I 29 -31.42 -99.14 71.10
N ASP I 30 -30.27 -98.57 70.77
CA ASP I 30 -30.23 -97.51 69.76
C ASP I 30 -30.11 -98.10 68.36
N ARG I 31 -31.21 -98.63 67.85
CA ARG I 31 -31.21 -99.19 66.51
C ARG I 31 -31.49 -98.11 65.49
N ASP I 32 -31.75 -96.91 65.96
CA ASP I 32 -32.00 -95.79 65.07
C ASP I 32 -30.70 -95.09 64.77
N ASN I 33 -29.72 -95.25 65.66
CA ASN I 33 -28.41 -94.65 65.43
C ASN I 33 -27.57 -95.58 64.59
N THR I 34 -27.64 -95.44 63.27
CA THR I 34 -26.90 -96.32 62.39
C THR I 34 -25.65 -95.66 61.81
N THR I 35 -24.47 -96.17 62.14
CA THR I 35 -23.26 -95.64 61.53
C THR I 35 -22.67 -96.71 60.65
N ALA I 36 -22.26 -96.35 59.44
CA ALA I 36 -21.77 -97.33 58.49
C ALA I 36 -20.50 -98.00 59.01
N VAL I 37 -20.44 -99.32 58.86
CA VAL I 37 -19.23 -100.07 59.21
C VAL I 37 -18.22 -99.85 58.09
N MET I 38 -17.15 -99.13 58.40
CA MET I 38 -16.16 -98.78 57.40
C MET I 38 -15.19 -99.94 57.21
N VAL I 39 -14.75 -100.15 55.97
CA VAL I 39 -13.71 -101.13 55.70
C VAL I 39 -12.37 -100.43 55.87
N GLY I 40 -11.61 -100.85 56.87
CA GLY I 40 -10.26 -100.36 57.06
C GLY I 40 -9.26 -101.33 56.50
N THR I 41 -7.99 -100.92 56.55
CA THR I 41 -6.90 -101.71 55.97
C THR I 41 -5.76 -101.75 56.96
N LYS I 42 -5.40 -102.95 57.43
CA LYS I 42 -4.37 -103.10 58.43
C LYS I 42 -3.29 -104.07 57.96
N THR I 43 -2.04 -103.72 58.24
CA THR I 43 -0.90 -104.54 57.85
C THR I 43 -0.53 -105.41 59.04
N VAL I 44 -0.52 -106.72 58.82
CA VAL I 44 -0.54 -107.72 59.88
C VAL I 44 0.61 -108.68 59.64
N ALA I 45 1.45 -108.88 60.65
CA ALA I 45 2.61 -109.75 60.55
C ALA I 45 2.44 -110.98 61.41
N GLY I 46 2.69 -112.14 60.82
CA GLY I 46 2.63 -113.39 61.54
C GLY I 46 3.66 -114.38 61.04
N THR I 47 3.38 -115.66 61.22
CA THR I 47 4.28 -116.72 60.79
C THR I 47 3.96 -117.13 59.36
N GLN I 48 4.93 -117.81 58.74
CA GLN I 48 4.78 -118.17 57.33
C GLN I 48 3.79 -119.31 57.15
N SER I 49 3.75 -120.26 58.10
CA SER I 49 2.92 -121.47 58.08
C SER I 49 3.26 -122.26 56.82
N VAL I 50 2.30 -122.52 55.90
CA VAL I 50 2.38 -123.38 54.72
C VAL I 50 2.64 -124.84 55.08
N ARG I 51 1.90 -125.76 54.42
CA ARG I 51 2.03 -127.19 54.71
C ARG I 51 3.42 -127.71 54.35
N GLY I 52 3.95 -127.30 53.21
CA GLY I 52 5.31 -127.63 52.86
C GLY I 52 6.28 -126.61 53.43
N ASN I 53 7.48 -126.57 52.82
CA ASN I 53 8.59 -125.63 53.02
C ASN I 53 8.89 -125.19 54.47
N PRO I 54 9.21 -126.14 55.36
CA PRO I 54 9.45 -125.78 56.77
C PRO I 54 10.75 -125.03 57.03
N ASN I 55 11.61 -124.86 56.02
CA ASN I 55 12.84 -124.11 56.19
C ASN I 55 12.58 -122.61 56.37
N ASP I 56 11.57 -122.07 55.69
CA ASP I 56 11.22 -120.67 55.82
C ASP I 56 10.14 -120.42 56.87
N ALA I 57 10.02 -121.33 57.84
CA ALA I 57 9.08 -121.12 58.94
C ALA I 57 9.52 -120.00 59.86
N ASP I 58 10.84 -119.83 60.05
CA ASP I 58 11.35 -118.81 60.93
C ASP I 58 11.17 -117.40 60.37
N LYS I 59 11.00 -117.27 59.06
CA LYS I 59 10.78 -115.97 58.46
C LYS I 59 9.38 -115.46 58.78
N GLY I 60 9.23 -114.14 58.76
CA GLY I 60 7.96 -113.51 59.03
C GLY I 60 7.02 -113.56 57.85
N ASN I 61 5.84 -112.98 58.05
CA ASN I 61 4.83 -112.96 57.00
C ASN I 61 4.05 -111.65 57.14
N ILE I 62 4.25 -110.74 56.20
CA ILE I 62 3.64 -109.42 56.22
C ILE I 62 2.50 -109.41 55.20
N GLN I 63 1.26 -109.36 55.67
CA GLN I 63 0.16 -109.23 54.72
C GLN I 63 -0.76 -108.09 55.10
N THR I 64 -1.18 -107.34 54.08
CA THR I 64 -2.07 -106.21 54.24
C THR I 64 -3.48 -106.71 53.98
N VAL I 65 -4.37 -106.51 54.95
CA VAL I 65 -5.67 -107.18 54.98
C VAL I 65 -6.73 -106.12 55.26
N ASN I 66 -7.79 -106.12 54.44
CA ASN I 66 -8.96 -105.31 54.76
C ASN I 66 -9.71 -105.94 55.92
N PHE I 67 -9.99 -105.12 56.94
CA PHE I 67 -10.76 -105.55 58.10
C PHE I 67 -12.01 -104.70 58.21
N ALA I 68 -12.99 -105.23 58.94
CA ALA I 68 -14.23 -104.52 59.24
C ALA I 68 -14.63 -104.87 60.66
N ASN I 69 -14.68 -103.86 61.52
CA ASN I 69 -14.95 -104.06 62.94
C ASN I 69 -16.08 -103.13 63.37
N LEU I 70 -16.81 -103.58 64.38
CA LEU I 70 -17.73 -102.67 65.05
C LEU I 70 -16.94 -101.64 65.83
N PRO I 71 -17.45 -100.41 65.94
CA PRO I 71 -16.82 -99.44 66.83
C PRO I 71 -17.05 -99.81 68.28
N HIS I 72 -16.21 -99.24 69.15
CA HIS I 72 -16.24 -99.58 70.57
C HIS I 72 -17.30 -98.80 71.35
N ASN I 73 -18.22 -98.13 70.66
CA ASN I 73 -19.38 -97.54 71.31
C ASN I 73 -20.69 -98.22 70.92
N LYS I 74 -20.70 -99.05 69.88
CA LYS I 74 -21.89 -99.77 69.45
C LYS I 74 -21.60 -101.26 69.42
N ASN I 75 -22.45 -102.04 70.08
CA ASN I 75 -22.23 -103.46 70.27
C ASN I 75 -23.03 -104.34 69.33
N THR I 76 -23.78 -103.77 68.40
CA THR I 76 -24.70 -104.51 67.55
C THR I 76 -24.32 -104.29 66.09
N LEU I 77 -24.21 -105.39 65.34
CA LEU I 77 -24.02 -105.32 63.91
C LEU I 77 -25.38 -105.42 63.22
N LEU I 78 -25.66 -104.44 62.37
CA LEU I 78 -26.89 -104.42 61.58
C LEU I 78 -26.56 -104.73 60.12
N VAL I 79 -27.35 -105.62 59.53
CA VAL I 79 -27.21 -106.00 58.13
C VAL I 79 -28.52 -105.71 57.43
N LYS I 80 -28.47 -104.83 56.43
CA LYS I 80 -29.64 -104.46 55.63
C LYS I 80 -29.52 -105.08 54.25
N TYR I 81 -30.61 -105.70 53.78
CA TYR I 81 -30.73 -106.07 52.38
C TYR I 81 -32.20 -106.14 52.02
N ASN I 82 -32.47 -106.22 50.72
CA ASN I 82 -33.82 -106.30 50.20
C ASN I 82 -33.91 -107.54 49.34
N VAL I 83 -34.66 -108.55 49.78
CA VAL I 83 -34.87 -109.76 48.98
C VAL I 83 -36.11 -109.63 48.10
N LYS I 84 -35.93 -109.74 46.79
CA LYS I 84 -37.07 -109.67 45.89
C LYS I 84 -37.45 -111.03 45.33
N PHE I 85 -38.50 -111.63 45.87
CA PHE I 85 -38.97 -112.90 45.32
C PHE I 85 -39.84 -112.55 44.14
N VAL I 86 -39.42 -112.94 42.94
CA VAL I 86 -40.23 -112.71 41.75
C VAL I 86 -40.95 -114.00 41.38
N GLY I 87 -42.10 -113.89 40.72
CA GLY I 87 -42.87 -115.06 40.36
C GLY I 87 -42.50 -115.64 39.01
N ASP I 88 -43.48 -116.14 38.26
CA ASP I 88 -43.23 -116.79 36.96
C ASP I 88 -41.94 -117.60 36.94
N VAL I 89 -41.79 -118.53 37.88
CA VAL I 89 -40.55 -119.29 37.99
C VAL I 89 -40.41 -120.39 36.95
N PHE I 90 -41.45 -120.61 36.16
CA PHE I 90 -41.43 -121.69 35.19
C PHE I 90 -41.24 -121.21 33.76
N LYS I 91 -41.39 -119.90 33.54
CA LYS I 91 -41.20 -119.38 32.19
C LYS I 91 -39.71 -119.18 31.97
N ALA I 92 -39.09 -120.10 31.22
CA ALA I 92 -37.70 -119.94 30.85
C ALA I 92 -37.55 -118.81 29.86
N GLU I 93 -36.62 -117.88 30.13
CA GLU I 93 -36.48 -116.72 29.26
C GLU I 93 -35.76 -117.07 27.97
N LEU I 94 -35.10 -118.24 27.95
CA LEU I 94 -34.32 -118.64 26.78
C LEU I 94 -34.67 -120.02 26.30
N GLY I 95 -35.69 -120.63 26.88
CA GLY I 95 -36.03 -121.98 26.50
C GLY I 95 -37.51 -122.22 26.44
N GLY I 96 -38.30 -121.15 26.59
CA GLY I 96 -39.75 -121.27 26.57
C GLY I 96 -40.25 -122.08 25.40
N GLY I 97 -40.78 -123.26 25.67
CA GLY I 97 -41.25 -124.14 24.61
C GLY I 97 -41.03 -125.58 24.95
N GLU I 98 -42.00 -126.45 24.61
CA GLU I 98 -41.89 -127.88 24.89
C GLU I 98 -41.29 -128.22 26.23
N TYR I 99 -40.03 -128.65 26.26
CA TYR I 99 -39.34 -128.97 27.49
C TYR I 99 -39.68 -128.08 28.65
N SER I 100 -39.45 -126.79 28.50
CA SER I 100 -39.69 -125.87 29.58
C SER I 100 -41.12 -125.90 30.03
N ASN I 101 -42.04 -125.95 29.08
CA ASN I 101 -43.45 -125.91 29.43
C ASN I 101 -43.96 -127.25 29.92
N THR I 102 -43.30 -128.34 29.57
CA THR I 102 -43.70 -129.64 30.08
C THR I 102 -43.14 -129.78 31.47
N LEU I 103 -42.06 -129.07 31.77
CA LEU I 103 -41.53 -129.09 33.11
C LEU I 103 -42.52 -128.34 33.96
N GLN I 104 -43.05 -127.24 33.47
CA GLN I 104 -44.08 -126.52 34.21
C GLN I 104 -45.26 -127.44 34.57
N THR I 105 -45.85 -128.12 33.59
CA THR I 105 -47.00 -128.98 33.87
C THR I 105 -46.64 -130.19 34.72
N ALA I 106 -45.37 -130.59 34.76
CA ALA I 106 -44.92 -131.65 35.65
C ALA I 106 -44.54 -131.13 37.03
N LEU I 107 -44.62 -129.81 37.25
CA LEU I 107 -44.25 -129.20 38.51
C LEU I 107 -45.34 -128.30 39.07
N GLU I 108 -46.59 -128.45 38.62
CA GLU I 108 -47.67 -127.59 39.08
C GLU I 108 -48.08 -127.91 40.51
N ASN I 109 -48.06 -129.19 40.90
CA ASN I 109 -48.46 -129.61 42.24
C ASN I 109 -47.27 -129.65 43.20
N THR I 110 -46.22 -128.89 42.92
CA THR I 110 -45.09 -128.80 43.84
C THR I 110 -45.50 -128.05 45.11
N ASP I 111 -44.98 -128.51 46.24
CA ASP I 111 -45.24 -127.83 47.51
C ASP I 111 -44.44 -126.55 47.55
N PHE I 112 -45.01 -125.47 47.01
CA PHE I 112 -44.37 -124.16 47.08
C PHE I 112 -44.37 -123.60 48.49
N GLY I 113 -45.29 -124.07 49.34
CA GLY I 113 -45.30 -123.64 50.73
C GLY I 113 -44.04 -124.02 51.48
N THR I 114 -43.54 -125.24 51.25
CA THR I 114 -42.33 -125.69 51.93
C THR I 114 -41.09 -124.98 51.38
N LEU I 115 -41.03 -124.76 50.07
CA LEU I 115 -39.92 -124.03 49.48
C LEU I 115 -39.87 -122.59 49.96
N ALA I 116 -41.02 -121.92 49.95
CA ALA I 116 -41.12 -120.56 50.46
C ALA I 116 -40.85 -120.50 51.96
N TYR I 117 -41.28 -121.52 52.69
CA TYR I 117 -41.01 -121.59 54.13
C TYR I 117 -39.53 -121.70 54.41
N ARG I 118 -38.83 -122.53 53.65
CA ARG I 118 -37.39 -122.69 53.87
C ARG I 118 -36.62 -121.46 53.42
N TYR I 119 -37.07 -120.80 52.34
CA TYR I 119 -36.45 -119.55 51.92
C TYR I 119 -36.60 -118.45 52.96
N VAL I 120 -37.84 -118.23 53.42
CA VAL I 120 -38.11 -117.17 54.39
C VAL I 120 -37.52 -117.53 55.75
N TYR I 121 -37.38 -118.81 56.05
CA TYR I 121 -36.70 -119.22 57.27
C TYR I 121 -35.19 -118.96 57.19
N ASN I 122 -34.59 -119.19 56.02
CA ASN I 122 -33.17 -118.89 55.84
C ASN I 122 -32.91 -117.40 55.94
N ILE I 123 -33.85 -116.59 55.47
CA ILE I 123 -33.76 -115.15 55.71
C ILE I 123 -33.98 -114.83 57.19
N ALA I 124 -34.90 -115.54 57.83
CA ALA I 124 -35.36 -115.17 59.17
C ALA I 124 -34.44 -115.70 60.26
N ALA I 125 -33.88 -116.89 60.08
CA ALA I 125 -32.95 -117.42 61.05
C ALA I 125 -31.58 -116.77 60.98
N GLY I 126 -31.32 -115.96 59.96
CA GLY I 126 -30.06 -115.27 59.86
C GLY I 126 -28.97 -116.07 59.18
N ARG I 127 -29.32 -116.95 58.25
CA ARG I 127 -28.29 -117.69 57.55
C ARG I 127 -27.55 -116.83 56.53
N THR I 128 -28.16 -115.72 56.09
CA THR I 128 -27.49 -114.77 55.21
C THR I 128 -26.30 -114.11 55.89
N LEU I 129 -26.38 -113.94 57.19
CA LEU I 129 -25.19 -113.76 58.02
C LEU I 129 -24.42 -115.07 57.99
N TRP I 130 -23.19 -115.06 57.52
CA TRP I 130 -22.49 -116.31 57.28
C TRP I 130 -21.51 -116.68 58.40
N ARG I 131 -20.50 -115.86 58.62
CA ARG I 131 -19.60 -116.03 59.75
C ARG I 131 -19.81 -114.98 60.81
N ASN I 132 -20.77 -114.08 60.60
CA ASN I 132 -21.05 -113.08 61.63
C ASN I 132 -21.81 -113.70 62.80
N ARG I 133 -22.53 -114.81 62.57
CA ARG I 133 -23.41 -115.37 63.59
C ARG I 133 -22.66 -115.91 64.79
N VAL I 134 -21.44 -116.41 64.59
CA VAL I 134 -20.68 -116.93 65.72
C VAL I 134 -20.22 -115.76 66.59
N GLY I 135 -20.45 -115.87 67.89
CA GLY I 135 -20.20 -114.78 68.80
C GLY I 135 -21.35 -113.83 68.99
N ALA I 136 -22.45 -113.99 68.25
CA ALA I 136 -23.61 -113.14 68.42
C ALA I 136 -24.49 -113.71 69.52
N GLU I 137 -24.82 -112.88 70.51
CA GLU I 137 -25.57 -113.37 71.66
C GLU I 137 -27.04 -113.55 71.30
N SER I 138 -27.58 -112.68 70.45
CA SER I 138 -28.92 -112.85 69.92
C SER I 138 -28.98 -112.24 68.53
N ILE I 139 -29.66 -112.92 67.62
CA ILE I 139 -29.83 -112.45 66.25
C ILE I 139 -31.30 -112.16 66.05
N GLU I 140 -31.65 -110.88 65.96
CA GLU I 140 -33.02 -110.43 65.80
C GLU I 140 -33.21 -109.98 64.36
N THR I 141 -34.11 -110.64 63.65
CA THR I 141 -34.37 -110.35 62.24
C THR I 141 -35.70 -109.62 62.13
N VAL I 142 -35.68 -108.43 61.54
CA VAL I 142 -36.91 -107.69 61.30
C VAL I 142 -37.15 -107.70 59.80
N ILE I 143 -38.11 -108.51 59.36
CA ILE I 143 -38.44 -108.55 57.95
C ILE I 143 -39.67 -107.70 57.70
N THR I 144 -39.55 -106.67 56.89
CA THR I 144 -40.72 -105.88 56.54
C THR I 144 -41.17 -106.31 55.15
N VAL I 145 -42.27 -107.04 55.08
CA VAL I 145 -42.78 -107.52 53.80
C VAL I 145 -43.51 -106.42 53.06
N ASN I 146 -44.84 -106.41 53.13
CA ASN I 146 -45.60 -105.33 52.52
C ASN I 146 -45.95 -104.44 53.68
N ASP I 147 -45.01 -103.60 54.11
CA ASP I 147 -45.21 -102.76 55.31
C ASP I 147 -45.66 -103.65 56.44
N GLN I 148 -44.98 -104.77 56.63
CA GLN I 148 -45.38 -105.73 57.65
C GLN I 148 -44.20 -106.11 58.50
N THR I 149 -44.05 -105.48 59.66
CA THR I 149 -42.94 -105.79 60.56
C THR I 149 -43.06 -107.22 61.10
N PHE I 150 -42.02 -108.02 60.88
CA PHE I 150 -42.03 -109.39 61.38
C PHE I 150 -40.76 -109.64 62.17
N THR I 151 -40.90 -109.84 63.47
CA THR I 151 -39.71 -110.00 64.31
C THR I 151 -39.37 -111.43 64.66
N PHE I 152 -38.12 -111.84 64.44
CA PHE I 152 -37.68 -113.17 64.80
C PHE I 152 -36.49 -113.04 65.75
N SER I 153 -36.46 -113.86 66.80
CA SER I 153 -35.45 -113.75 67.83
C SER I 153 -34.55 -114.97 67.92
N ASP I 154 -35.12 -116.17 68.04
CA ASP I 154 -34.32 -117.37 68.27
C ASP I 154 -34.85 -118.48 67.35
N LEU I 155 -34.16 -118.67 66.22
CA LEU I 155 -34.48 -119.75 65.29
C LEU I 155 -33.19 -120.52 65.03
N LEU I 156 -33.17 -121.80 65.38
CA LEU I 156 -32.04 -122.65 65.04
C LEU I 156 -32.01 -122.88 63.53
N VAL I 157 -30.80 -122.99 63.00
CA VAL I 157 -30.58 -122.80 61.57
C VAL I 157 -30.51 -124.12 60.82
N ASN I 158 -29.95 -125.16 61.45
CA ASN I 158 -29.76 -126.44 60.77
C ASN I 158 -31.07 -127.17 60.52
N GLU I 159 -32.12 -126.86 61.27
CA GLU I 159 -33.44 -127.44 61.04
C GLU I 159 -34.48 -126.34 60.96
N PHE I 160 -35.57 -126.64 60.26
CA PHE I 160 -36.64 -125.67 60.00
C PHE I 160 -37.80 -126.00 60.91
N ASP I 161 -37.74 -125.53 62.16
CA ASP I 161 -38.82 -125.77 63.09
C ASP I 161 -40.01 -124.89 62.75
N GLU I 162 -41.21 -125.41 62.98
CA GLU I 162 -42.44 -124.76 62.54
C GLU I 162 -42.76 -123.59 63.46
N ASP I 163 -42.90 -122.40 62.88
CA ASP I 163 -43.42 -121.24 63.59
C ASP I 163 -44.47 -120.59 62.70
N VAL I 164 -45.08 -119.52 63.20
CA VAL I 164 -46.26 -118.95 62.54
C VAL I 164 -45.91 -117.69 61.75
N ASP I 165 -44.79 -117.06 62.08
CA ASP I 165 -44.47 -115.80 61.42
C ASP I 165 -43.71 -116.03 60.12
N VAL I 166 -42.76 -116.98 60.12
CA VAL I 166 -42.10 -117.41 58.89
C VAL I 166 -43.10 -118.00 57.92
N ALA I 167 -44.03 -118.82 58.45
CA ALA I 167 -45.10 -119.36 57.61
C ALA I 167 -46.05 -118.28 57.14
N GLU I 168 -46.27 -117.24 57.95
CA GLU I 168 -47.15 -116.15 57.54
C GLU I 168 -46.55 -115.36 56.38
N ILE I 169 -45.26 -115.08 56.42
CA ILE I 169 -44.60 -114.45 55.28
C ILE I 169 -44.57 -115.41 54.08
N ALA I 170 -44.28 -116.68 54.35
CA ALA I 170 -44.13 -117.67 53.30
C ALA I 170 -45.43 -118.01 52.60
N ASP I 171 -46.59 -117.69 53.20
CA ASP I 171 -47.85 -117.84 52.50
C ASP I 171 -47.91 -116.96 51.25
N MET I 172 -47.63 -115.66 51.39
CA MET I 172 -47.65 -114.84 50.19
C MET I 172 -46.36 -114.96 49.38
N VAL I 173 -45.26 -115.42 49.99
CA VAL I 173 -44.08 -115.72 49.18
C VAL I 173 -44.34 -116.92 48.27
N ALA I 174 -45.03 -117.94 48.77
CA ALA I 174 -45.44 -119.07 47.95
C ALA I 174 -46.52 -118.67 46.95
N GLY I 175 -47.39 -117.73 47.33
CA GLY I 175 -48.35 -117.20 46.36
C GLY I 175 -47.70 -116.46 45.22
N VAL I 176 -46.59 -115.76 45.50
CA VAL I 176 -45.82 -115.12 44.43
C VAL I 176 -45.11 -116.17 43.58
N LEU I 177 -44.46 -117.14 44.24
CA LEU I 177 -43.60 -118.10 43.53
C LEU I 177 -44.41 -119.06 42.68
N SER I 178 -45.52 -119.56 43.21
CA SER I 178 -46.39 -120.44 42.44
C SER I 178 -47.21 -119.69 41.39
N GLY I 179 -47.34 -118.37 41.54
CA GLY I 179 -48.09 -117.58 40.60
C GLY I 179 -47.24 -116.53 39.90
N GLU I 180 -47.76 -115.31 39.84
CA GLU I 180 -47.13 -114.21 39.13
C GLU I 180 -46.75 -113.13 40.13
N GLY I 181 -46.32 -111.99 39.61
CA GLY I 181 -46.02 -110.86 40.46
C GLY I 181 -44.69 -110.97 41.16
N PHE I 182 -44.59 -110.27 42.29
CA PHE I 182 -43.35 -110.21 43.05
C PHE I 182 -43.68 -109.81 44.48
N VAL I 183 -42.72 -110.01 45.36
CA VAL I 183 -42.81 -109.53 46.74
C VAL I 183 -41.41 -109.12 47.19
N THR I 184 -41.34 -108.06 48.00
CA THR I 184 -40.09 -107.51 48.47
C THR I 184 -40.02 -107.66 49.97
N LEU I 185 -38.90 -108.20 50.46
CA LEU I 185 -38.68 -108.38 51.88
C LEU I 185 -37.58 -107.41 52.28
N LYS I 186 -37.92 -106.41 53.08
CA LYS I 186 -36.93 -105.46 53.59
C LYS I 186 -36.36 -106.04 54.88
N VAL I 187 -35.15 -106.59 54.83
CA VAL I 187 -34.62 -107.40 55.91
C VAL I 187 -33.52 -106.63 56.63
N GLU I 188 -33.64 -106.55 57.95
CA GLU I 188 -32.66 -105.97 58.85
C GLU I 188 -32.26 -107.04 59.86
N HIS I 189 -30.96 -107.18 60.09
CA HIS I 189 -30.43 -108.14 61.05
C HIS I 189 -29.70 -107.38 62.14
N TYR I 190 -30.21 -107.45 63.36
CA TYR I 190 -29.59 -106.86 64.55
C TYR I 190 -28.92 -107.99 65.32
N MET I 191 -27.60 -107.95 65.42
CA MET I 191 -26.86 -109.02 66.07
C MET I 191 -26.02 -108.44 67.20
N LEU I 192 -26.28 -108.86 68.43
CA LEU I 192 -25.50 -108.42 69.58
C LEU I 192 -24.17 -109.15 69.56
N LEU I 193 -23.25 -108.63 68.74
CA LEU I 193 -21.92 -109.21 68.61
C LEU I 193 -20.98 -108.79 69.72
N GLY I 194 -21.33 -107.78 70.51
CA GLY I 194 -20.44 -107.28 71.52
C GLY I 194 -19.71 -106.02 71.08
N GLU I 195 -19.07 -105.39 72.06
CA GLU I 195 -18.41 -104.11 71.86
C GLU I 195 -17.13 -104.32 71.07
N GLY I 196 -17.04 -103.67 69.89
CA GLY I 196 -15.84 -103.74 69.10
C GLY I 196 -15.60 -105.07 68.43
N SER I 197 -16.64 -105.86 68.22
CA SER I 197 -16.48 -107.17 67.59
C SER I 197 -16.21 -107.01 66.10
N GLU I 198 -15.39 -107.92 65.58
CA GLU I 198 -14.99 -107.85 64.18
C GLU I 198 -16.04 -108.55 63.33
N VAL I 199 -16.55 -107.85 62.32
CA VAL I 199 -17.59 -108.36 61.47
C VAL I 199 -16.96 -108.88 60.19
N PHE I 200 -17.70 -109.72 59.47
CA PHE I 200 -17.14 -110.49 58.36
C PHE I 200 -17.97 -110.24 57.10
N PRO I 201 -17.58 -109.27 56.28
CA PRO I 201 -18.27 -109.04 55.02
C PRO I 201 -17.80 -110.02 53.95
N SER I 202 -18.41 -109.91 52.78
CA SER I 202 -17.92 -110.62 51.61
C SER I 202 -16.55 -110.09 51.23
N GLN I 203 -15.73 -110.97 50.69
CA GLN I 203 -14.40 -110.58 50.25
C GLN I 203 -14.36 -110.70 48.73
N GLU I 204 -13.82 -109.68 48.07
CA GLU I 204 -13.68 -109.71 46.63
C GLU I 204 -12.69 -110.79 46.19
N PHE I 205 -12.93 -111.30 44.98
CA PHE I 205 -11.94 -112.11 44.28
C PHE I 205 -11.05 -111.16 43.50
N VAL I 206 -9.76 -111.16 43.83
CA VAL I 206 -8.78 -110.30 43.18
C VAL I 206 -7.59 -111.14 42.75
N GLU I 207 -7.13 -110.94 41.52
CA GLU I 207 -5.96 -111.66 41.01
C GLU I 207 -4.70 -110.80 40.98
N ASN I 208 -4.84 -109.48 41.05
CA ASN I 208 -3.67 -108.61 41.03
C ASN I 208 -2.96 -108.56 42.38
N SER I 209 -3.54 -109.16 43.40
CA SER I 209 -2.98 -109.35 44.75
C SER I 209 -2.81 -107.96 45.39
N LYS I 210 -1.64 -107.66 45.97
CA LYS I 210 -1.20 -106.41 46.64
C LYS I 210 -1.89 -106.26 48.00
N LEU I 211 -2.85 -107.12 48.30
CA LEU I 211 -3.64 -107.04 49.52
C LEU I 211 -4.28 -108.41 49.71
N SER I 212 -4.01 -109.04 50.86
CA SER I 212 -4.35 -110.46 51.04
C SER I 212 -5.84 -110.68 51.12
N LYS I 213 -6.53 -109.90 51.96
CA LYS I 213 -7.98 -109.97 52.08
C LYS I 213 -8.54 -108.61 51.68
N GLN I 214 -9.42 -108.59 50.68
CA GLN I 214 -10.01 -107.35 50.19
C GLN I 214 -11.52 -107.49 50.33
N LEU I 215 -12.09 -106.80 51.31
CA LEU I 215 -13.50 -106.96 51.62
C LEU I 215 -14.38 -106.22 50.62
N PHE I 216 -15.61 -106.71 50.45
CA PHE I 216 -16.56 -106.04 49.58
C PHE I 216 -17.04 -104.76 50.24
N ASP I 217 -16.97 -103.66 49.49
CA ASP I 217 -17.39 -102.36 50.00
C ASP I 217 -18.30 -101.65 49.02
N LEU I 218 -19.23 -100.88 49.55
CA LEU I 218 -20.07 -99.98 48.76
C LEU I 218 -19.87 -98.58 49.29
N ASN I 219 -19.11 -97.78 48.54
CA ASN I 219 -18.63 -96.45 48.94
C ASN I 219 -17.88 -96.51 50.27
N GLY I 220 -17.10 -97.57 50.45
CA GLY I 220 -16.32 -97.77 51.65
C GLY I 220 -17.01 -98.56 52.74
N GLN I 221 -18.34 -98.52 52.79
CA GLN I 221 -19.09 -99.23 53.81
C GLN I 221 -19.04 -100.74 53.57
N ALA I 222 -18.77 -101.48 54.64
CA ALA I 222 -18.72 -102.95 54.56
C ALA I 222 -20.06 -103.52 54.15
N ALA I 223 -20.03 -104.42 53.17
CA ALA I 223 -21.25 -104.95 52.58
C ALA I 223 -21.05 -106.40 52.20
N MET I 224 -22.16 -107.09 51.95
CA MET I 224 -22.10 -108.49 51.54
C MET I 224 -22.60 -108.66 50.10
N HIS I 225 -21.94 -109.54 49.33
CA HIS I 225 -22.35 -109.79 47.95
C HIS I 225 -23.74 -110.36 47.89
N ASP I 226 -24.52 -109.95 46.91
CA ASP I 226 -25.86 -110.50 46.74
C ASP I 226 -25.81 -112.02 46.54
N GLN I 227 -24.77 -112.51 45.89
CA GLN I 227 -24.64 -113.96 45.66
C GLN I 227 -24.49 -114.76 46.95
N LYS I 228 -23.80 -114.21 47.95
CA LYS I 228 -23.67 -114.89 49.23
C LYS I 228 -25.02 -115.00 49.90
N ILE I 229 -25.79 -113.91 49.92
CA ILE I 229 -27.13 -113.92 50.49
C ILE I 229 -28.03 -114.87 49.71
N GLY I 230 -27.93 -114.86 48.38
CA GLY I 230 -28.72 -115.76 47.57
C GLY I 230 -28.34 -117.23 47.75
N ASN I 231 -27.07 -117.50 48.04
CA ASN I 231 -26.66 -118.84 48.40
C ASN I 231 -27.26 -119.26 49.73
N ALA I 232 -27.29 -118.33 50.69
CA ALA I 232 -27.79 -118.68 52.01
C ALA I 232 -29.31 -118.82 52.04
N ILE I 233 -30.01 -118.08 51.18
CA ILE I 233 -31.47 -118.18 51.11
C ILE I 233 -31.87 -119.54 50.57
N ARG I 234 -31.20 -120.00 49.50
CA ARG I 234 -31.53 -121.27 48.89
C ARG I 234 -30.83 -122.46 49.55
N THR I 235 -30.20 -122.27 50.71
CA THR I 235 -29.65 -123.37 51.50
C THR I 235 -30.80 -124.11 52.17
N ILE I 236 -31.53 -124.87 51.35
CA ILE I 236 -32.79 -125.49 51.73
C ILE I 236 -32.74 -126.97 51.40
N ASP I 237 -31.69 -127.39 50.69
CA ASP I 237 -31.62 -128.74 50.12
C ASP I 237 -31.27 -129.73 51.22
N THR I 238 -32.31 -130.31 51.82
CA THR I 238 -32.17 -131.44 52.74
C THR I 238 -32.60 -132.74 52.08
N TRP I 239 -32.55 -132.81 50.76
CA TRP I 239 -33.13 -133.92 50.00
C TRP I 239 -32.11 -134.67 49.16
N TYR I 240 -30.83 -134.49 49.41
CA TYR I 240 -29.81 -135.28 48.73
C TYR I 240 -29.63 -136.62 49.43
N GLU I 241 -28.75 -137.45 48.86
CA GLU I 241 -28.44 -138.75 49.45
C GLU I 241 -27.59 -138.55 50.69
N ASP I 242 -27.97 -139.22 51.78
CA ASP I 242 -27.38 -139.08 53.12
C ASP I 242 -27.37 -137.62 53.58
N ALA I 243 -28.55 -137.01 53.57
CA ALA I 243 -28.69 -135.61 53.89
C ALA I 243 -28.61 -135.40 55.38
N THR I 244 -27.59 -134.67 55.84
CA THR I 244 -27.43 -134.34 57.24
C THR I 244 -27.68 -132.86 57.52
N THR I 245 -27.00 -131.99 56.79
CA THR I 245 -27.19 -130.54 56.89
C THR I 245 -27.79 -130.01 55.59
N PRO I 246 -28.57 -128.94 55.66
CA PRO I 246 -29.03 -128.30 54.43
C PRO I 246 -27.89 -127.67 53.66
N ILE I 247 -27.89 -127.88 52.35
CA ILE I 247 -26.92 -127.29 51.46
C ILE I 247 -27.66 -126.36 50.50
N ALA I 248 -26.89 -125.55 49.80
CA ALA I 248 -27.47 -124.65 48.81
C ALA I 248 -28.03 -125.45 47.64
N VAL I 249 -28.95 -124.84 46.89
CA VAL I 249 -29.50 -125.53 45.73
C VAL I 249 -28.63 -125.19 44.52
N GLU I 250 -27.86 -126.16 44.07
CA GLU I 250 -27.20 -126.16 42.77
C GLU I 250 -27.86 -127.21 41.90
N PRO I 251 -27.66 -127.15 40.58
CA PRO I 251 -28.03 -128.29 39.73
C PRO I 251 -27.35 -129.60 40.08
N TYR I 252 -26.15 -129.57 40.65
CA TYR I 252 -25.43 -130.79 41.00
C TYR I 252 -25.39 -131.05 42.49
N GLY I 253 -26.06 -130.22 43.30
CA GLY I 253 -25.97 -130.32 44.75
C GLY I 253 -24.56 -130.13 45.27
N SER I 254 -23.80 -129.27 44.63
CA SER I 254 -22.36 -129.21 44.83
C SER I 254 -22.01 -127.98 45.65
N VAL I 255 -21.33 -128.20 46.76
CA VAL I 255 -20.66 -127.14 47.50
C VAL I 255 -19.16 -127.30 47.25
N VAL I 256 -18.46 -126.17 47.17
CA VAL I 256 -17.08 -126.21 46.69
C VAL I 256 -16.05 -126.12 47.80
N ARG I 257 -16.45 -125.78 49.03
CA ARG I 257 -15.51 -125.84 50.13
C ARG I 257 -15.15 -127.29 50.47
N ASN I 258 -16.15 -128.16 50.59
CA ASN I 258 -15.83 -129.55 50.86
C ASN I 258 -15.29 -130.29 49.64
N GLY I 259 -15.34 -129.69 48.46
CA GLY I 259 -14.78 -130.32 47.28
C GLY I 259 -15.54 -131.51 46.79
N VAL I 260 -16.83 -131.57 47.10
CA VAL I 260 -17.70 -132.70 46.78
C VAL I 260 -18.88 -132.21 45.96
N ALA I 261 -19.65 -133.17 45.46
CA ALA I 261 -20.95 -132.93 44.84
C ALA I 261 -21.93 -133.94 45.41
N TYR I 262 -22.83 -133.47 46.27
CA TYR I 262 -23.83 -134.30 46.94
C TYR I 262 -24.91 -134.87 46.05
N ARG I 263 -25.04 -134.43 44.81
CA ARG I 263 -26.09 -134.96 43.94
C ARG I 263 -25.58 -135.42 42.59
N ALA I 264 -24.29 -135.34 42.32
CA ALA I 264 -23.73 -135.81 41.07
C ALA I 264 -23.21 -137.23 41.20
N GLY I 265 -23.33 -138.00 40.12
CA GLY I 265 -22.85 -139.36 40.09
C GLY I 265 -23.80 -140.40 40.63
N ASN I 266 -24.98 -139.99 41.11
CA ASN I 266 -25.95 -140.95 41.66
C ASN I 266 -27.39 -140.64 41.27
N LYS I 267 -27.60 -140.02 40.09
CA LYS I 267 -28.89 -139.93 39.40
C LYS I 267 -29.94 -139.14 40.19
N THR I 268 -29.51 -138.15 40.98
CA THR I 268 -30.44 -137.14 41.49
C THR I 268 -29.89 -135.73 41.31
N ASP I 269 -28.96 -135.53 40.39
CA ASP I 269 -28.69 -134.17 39.93
C ASP I 269 -29.85 -133.67 39.09
N LEU I 270 -29.92 -132.34 38.94
CA LEU I 270 -31.14 -131.68 38.47
C LEU I 270 -31.48 -132.04 37.03
N PHE I 271 -30.46 -132.19 36.18
CA PHE I 271 -30.69 -132.48 34.76
C PHE I 271 -31.36 -133.82 34.56
N THR I 272 -30.94 -134.84 35.32
CA THR I 272 -31.60 -136.14 35.26
C THR I 272 -33.04 -136.06 35.77
N LEU I 273 -33.29 -135.26 36.80
CA LEU I 273 -34.64 -135.19 37.35
C LEU I 273 -35.58 -134.42 36.45
N MET I 274 -35.10 -133.35 35.81
CA MET I 274 -35.96 -132.62 34.89
C MET I 274 -36.14 -133.39 33.59
N ASP I 275 -35.15 -134.20 33.19
CA ASP I 275 -35.34 -135.09 32.06
C ASP I 275 -36.36 -136.17 32.36
N GLY I 276 -36.37 -136.68 33.60
CA GLY I 276 -37.39 -137.63 33.99
C GLY I 276 -38.78 -137.01 34.07
N ALA I 277 -38.86 -135.81 34.67
CA ALA I 277 -40.16 -135.15 34.85
C ALA I 277 -40.74 -134.70 33.51
N VAL I 278 -39.90 -134.29 32.57
CA VAL I 278 -40.38 -133.95 31.24
C VAL I 278 -40.84 -135.20 30.49
N ASN I 279 -40.07 -136.29 30.58
CA ASN I 279 -40.38 -137.52 29.87
C ASN I 279 -41.35 -138.42 30.62
N GLY I 280 -42.18 -137.86 31.49
CA GLY I 280 -43.27 -138.60 32.09
C GLY I 280 -42.86 -139.61 33.14
N LYS I 281 -41.76 -139.36 33.84
CA LYS I 281 -41.38 -140.15 35.00
C LYS I 281 -41.77 -139.35 36.24
N SER I 282 -42.63 -139.93 37.06
CA SER I 282 -43.18 -139.21 38.20
C SER I 282 -42.14 -139.05 39.29
N LEU I 283 -41.78 -137.81 39.59
CA LEU I 283 -40.87 -137.52 40.67
C LEU I 283 -41.60 -137.59 42.01
N THR I 284 -40.83 -137.74 43.08
CA THR I 284 -41.37 -137.63 44.41
C THR I 284 -41.49 -136.15 44.79
N GLU I 285 -42.04 -135.89 45.98
CA GLU I 285 -42.41 -134.53 46.36
C GLU I 285 -41.18 -133.64 46.56
N GLU I 286 -40.22 -134.09 47.35
CA GLU I 286 -38.99 -133.32 47.56
C GLU I 286 -38.13 -133.27 46.31
N ASP I 287 -38.28 -134.24 45.41
CA ASP I 287 -37.65 -134.15 44.09
C ASP I 287 -38.18 -132.98 43.28
N GLN I 288 -39.51 -132.82 43.23
CA GLN I 288 -40.12 -131.68 42.55
C GLN I 288 -39.75 -130.38 43.24
N MET I 289 -39.64 -130.40 44.56
CA MET I 289 -39.23 -129.20 45.30
C MET I 289 -37.79 -128.83 44.99
N PHE I 290 -36.91 -129.83 44.79
CA PHE I 290 -35.53 -129.55 44.40
C PHE I 290 -35.46 -128.95 42.99
N VAL I 291 -36.21 -129.51 42.04
CA VAL I 291 -36.19 -128.99 40.67
C VAL I 291 -36.79 -127.58 40.61
N THR I 292 -37.87 -127.34 41.35
CA THR I 292 -38.46 -126.02 41.39
C THR I 292 -37.59 -125.03 42.13
N ALA I 293 -36.84 -125.47 43.14
CA ALA I 293 -35.88 -124.60 43.80
C ALA I 293 -34.72 -124.25 42.89
N ASN I 294 -34.35 -125.16 41.99
CA ASN I 294 -33.36 -124.83 40.96
C ASN I 294 -33.91 -123.79 40.00
N LEU I 295 -35.18 -123.93 39.60
CA LEU I 295 -35.77 -122.96 38.68
C LEU I 295 -35.95 -121.60 39.34
N ILE I 296 -36.21 -121.58 40.66
CA ILE I 296 -36.27 -120.33 41.40
C ILE I 296 -34.87 -119.72 41.52
N ARG I 297 -33.86 -120.56 41.79
CA ARG I 297 -32.48 -120.10 41.77
C ARG I 297 -32.08 -119.64 40.38
N GLY I 298 -32.51 -120.36 39.36
CA GLY I 298 -32.15 -120.04 38.00
C GLY I 298 -31.00 -120.88 37.52
N GLY I 299 -30.38 -120.41 36.45
CA GLY I 299 -29.30 -121.11 35.81
C GLY I 299 -29.66 -121.50 34.38
N VAL I 300 -28.73 -122.21 33.77
CA VAL I 300 -28.88 -122.67 32.39
C VAL I 300 -28.66 -124.18 32.35
N PHE I 301 -29.61 -124.89 31.75
CA PHE I 301 -29.64 -126.34 31.75
C PHE I 301 -29.82 -126.81 30.31
N GLY I 302 -28.71 -126.92 29.59
CA GLY I 302 -28.76 -127.35 28.20
C GLY I 302 -27.41 -127.69 27.62
N GLY I 303 -27.40 -128.52 26.58
CA GLY I 303 -26.16 -128.90 25.92
C GLY I 303 -25.59 -130.20 26.44
N THR J 2 -49.34 -111.33 -14.65
CA THR J 2 -49.57 -112.48 -13.79
C THR J 2 -48.27 -112.96 -13.15
N LYS J 3 -48.35 -113.30 -11.85
CA LYS J 3 -47.25 -113.82 -11.05
C LYS J 3 -46.06 -112.85 -11.02
N LEU J 4 -46.31 -111.68 -10.45
CA LEU J 4 -45.28 -110.65 -10.30
C LEU J 4 -44.31 -111.10 -9.21
N LYS J 5 -43.11 -111.48 -9.61
CA LYS J 5 -42.14 -112.03 -8.67
C LYS J 5 -41.47 -110.92 -7.86
N ALA J 6 -40.98 -111.30 -6.68
CA ALA J 6 -40.31 -110.37 -5.80
C ALA J 6 -38.89 -110.08 -6.32
N PRO J 7 -38.34 -108.91 -5.98
CA PRO J 7 -36.94 -108.65 -6.31
C PRO J 7 -36.03 -109.53 -5.47
N ALA J 8 -34.83 -109.76 -6.00
CA ALA J 8 -33.89 -110.66 -5.32
C ALA J 8 -33.36 -110.05 -4.04
N VAL J 9 -33.23 -108.72 -3.99
CA VAL J 9 -32.54 -108.07 -2.89
C VAL J 9 -33.40 -106.89 -2.38
N LEU J 10 -34.72 -107.06 -2.45
CA LEU J 10 -35.68 -106.04 -2.01
C LEU J 10 -35.48 -105.67 -0.54
N ALA J 11 -35.38 -104.37 -0.26
CA ALA J 11 -35.01 -103.91 1.06
C ALA J 11 -35.89 -102.75 1.49
N TYR J 12 -36.10 -102.64 2.80
CA TYR J 12 -36.85 -101.55 3.39
C TYR J 12 -36.08 -100.99 4.56
N SER J 13 -36.21 -99.69 4.79
CA SER J 13 -35.50 -99.03 5.87
C SER J 13 -36.28 -99.15 7.17
N ARG J 14 -35.56 -99.02 8.28
CA ARG J 14 -36.19 -99.06 9.60
C ARG J 14 -36.93 -97.76 9.86
N LYS J 15 -38.21 -97.85 10.23
CA LYS J 15 -39.02 -96.67 10.45
C LYS J 15 -39.26 -96.34 11.91
N ILE J 16 -39.14 -97.31 12.81
CA ILE J 16 -39.11 -97.06 14.24
C ILE J 16 -37.65 -97.07 14.65
N ASN J 17 -37.06 -95.89 14.82
CA ASN J 17 -35.65 -95.76 15.19
C ASN J 17 -35.57 -95.32 16.64
N PRO J 18 -35.27 -96.22 17.57
CA PRO J 18 -35.07 -95.80 18.96
C PRO J 18 -33.61 -95.53 19.25
N THR J 19 -33.39 -94.77 20.31
CA THR J 19 -32.05 -94.46 20.76
C THR J 19 -31.67 -95.40 21.90
N ASN J 20 -30.42 -95.31 22.34
CA ASN J 20 -29.94 -96.16 23.42
C ASN J 20 -30.53 -95.70 24.75
N ALA J 21 -30.98 -96.66 25.54
CA ALA J 21 -31.68 -96.39 26.79
C ALA J 21 -30.67 -96.22 27.91
N LEU J 22 -30.25 -94.97 28.13
CA LEU J 22 -29.35 -94.64 29.22
C LEU J 22 -30.06 -94.87 30.55
N MET J 23 -29.41 -95.60 31.45
CA MET J 23 -30.00 -95.90 32.75
C MET J 23 -29.45 -94.94 33.80
N PHE J 24 -30.36 -94.22 34.45
CA PHE J 24 -30.03 -93.31 35.53
C PHE J 24 -30.66 -93.80 36.83
N ALA J 25 -30.19 -93.27 37.95
CA ALA J 25 -30.72 -93.60 39.25
C ALA J 25 -31.37 -92.36 39.84
N VAL J 26 -32.65 -92.48 40.19
CA VAL J 26 -33.41 -91.38 40.77
C VAL J 26 -34.17 -91.92 41.98
N ASN J 27 -34.78 -91.01 42.72
CA ASN J 27 -35.72 -91.36 43.77
C ASN J 27 -37.13 -91.14 43.27
N TRP J 28 -38.08 -91.85 43.87
CA TRP J 28 -39.47 -91.67 43.50
C TRP J 28 -39.86 -90.28 43.92
N SER J 29 -39.18 -89.76 44.92
CA SER J 29 -39.44 -88.40 45.37
C SER J 29 -38.77 -87.44 44.40
N ASP J 30 -37.44 -87.48 44.35
CA ASP J 30 -36.72 -86.61 43.45
C ASP J 30 -36.36 -87.34 42.18
N ARG J 31 -37.25 -87.29 41.19
CA ARG J 31 -37.00 -87.95 39.91
C ARG J 31 -36.23 -87.02 38.99
N ASP J 32 -35.58 -86.01 39.56
CA ASP J 32 -34.80 -85.07 38.77
C ASP J 32 -33.36 -85.21 39.20
N ASN J 33 -33.10 -86.14 40.10
CA ASN J 33 -31.74 -86.36 40.59
C ASN J 33 -31.05 -87.43 39.76
N THR J 34 -31.06 -87.27 38.43
CA THR J 34 -30.48 -88.28 37.55
C THR J 34 -29.02 -88.59 37.84
N THR J 35 -28.73 -89.85 38.13
CA THR J 35 -27.36 -90.24 38.41
C THR J 35 -26.97 -91.48 37.61
N ALA J 36 -26.04 -91.31 36.69
CA ALA J 36 -25.61 -92.42 35.84
C ALA J 36 -25.38 -93.73 36.59
N VAL J 37 -26.21 -94.74 36.34
CA VAL J 37 -25.98 -96.04 36.95
C VAL J 37 -24.71 -96.54 36.31
N MET J 38 -23.66 -96.73 37.10
CA MET J 38 -22.38 -97.12 36.52
C MET J 38 -22.26 -98.63 36.34
N VAL J 39 -21.72 -99.06 35.20
CA VAL J 39 -21.47 -100.49 35.02
C VAL J 39 -20.25 -100.85 35.86
N GLY J 40 -20.47 -101.61 36.92
CA GLY J 40 -19.37 -102.10 37.70
C GLY J 40 -18.91 -103.47 37.23
N THR J 41 -17.76 -103.89 37.75
CA THR J 41 -17.17 -105.18 37.41
C THR J 41 -16.90 -105.92 38.70
N LYS J 42 -17.56 -107.06 38.89
CA LYS J 42 -17.32 -107.88 40.06
C LYS J 42 -16.76 -109.22 39.61
N THR J 43 -16.27 -110.00 40.57
CA THR J 43 -15.80 -111.35 40.31
C THR J 43 -16.57 -112.31 41.18
N VAL J 44 -16.93 -113.45 40.62
CA VAL J 44 -18.00 -114.31 41.12
C VAL J 44 -17.40 -115.68 41.35
N ALA J 45 -17.58 -116.21 42.55
CA ALA J 45 -17.27 -117.60 42.85
C ALA J 45 -18.56 -118.39 42.91
N GLY J 46 -18.64 -119.46 42.14
CA GLY J 46 -19.80 -120.32 42.15
C GLY J 46 -19.40 -121.74 41.83
N THR J 47 -20.36 -122.60 41.54
CA THR J 47 -20.09 -123.98 41.16
C THR J 47 -20.42 -124.16 39.69
N GLN J 48 -19.50 -124.80 38.96
CA GLN J 48 -19.76 -125.07 37.55
C GLN J 48 -20.76 -126.20 37.43
N SER J 49 -21.91 -125.92 36.82
CA SER J 49 -23.00 -126.88 36.71
C SER J 49 -23.47 -126.87 35.27
N VAL J 50 -22.78 -127.60 34.40
CA VAL J 50 -23.16 -127.64 32.99
C VAL J 50 -23.80 -128.99 32.78
N ARG J 51 -24.69 -129.11 31.81
CA ARG J 51 -25.40 -130.37 31.58
C ARG J 51 -24.50 -131.60 31.67
N GLY J 52 -23.36 -131.57 30.99
CA GLY J 52 -22.42 -132.67 31.05
C GLY J 52 -21.20 -132.42 31.90
N ASN J 53 -21.38 -132.04 33.16
CA ASN J 53 -20.24 -131.86 34.05
C ASN J 53 -20.37 -132.41 35.47
N PRO J 54 -20.73 -133.71 35.63
CA PRO J 54 -20.80 -134.17 37.02
C PRO J 54 -19.41 -134.42 37.58
N ASN J 55 -18.45 -134.72 36.71
CA ASN J 55 -17.08 -134.97 37.14
C ASN J 55 -16.42 -133.71 37.65
N ASP J 56 -16.84 -132.56 37.12
CA ASP J 56 -16.22 -131.31 37.52
C ASP J 56 -17.17 -130.44 38.34
N ALA J 57 -18.26 -131.04 38.82
CA ALA J 57 -19.20 -130.30 39.65
C ALA J 57 -18.53 -129.92 40.95
N ASP J 58 -17.77 -130.85 41.51
CA ASP J 58 -17.10 -130.62 42.78
C ASP J 58 -16.25 -129.35 42.84
N LYS J 59 -15.52 -129.04 41.77
CA LYS J 59 -14.63 -127.89 41.80
C LYS J 59 -15.40 -126.60 41.55
N GLY J 60 -14.74 -125.48 41.84
CA GLY J 60 -15.37 -124.18 41.76
C GLY J 60 -15.41 -123.64 40.35
N ASN J 61 -15.84 -122.39 40.26
CA ASN J 61 -15.98 -121.72 38.97
C ASN J 61 -15.93 -120.21 39.22
N ILE J 62 -14.92 -119.55 38.67
CA ILE J 62 -14.66 -118.14 38.95
C ILE J 62 -14.89 -117.36 37.66
N GLN J 63 -15.83 -116.42 37.69
CA GLN J 63 -16.19 -115.63 36.52
C GLN J 63 -16.20 -114.15 36.84
N THR J 64 -15.53 -113.35 36.03
CA THR J 64 -15.61 -111.90 36.15
C THR J 64 -16.81 -111.43 35.33
N VAL J 65 -17.70 -110.68 35.98
CA VAL J 65 -19.00 -110.34 35.40
C VAL J 65 -19.23 -108.85 35.60
N ASN J 66 -19.63 -108.16 34.52
CA ASN J 66 -20.11 -106.80 34.63
C ASN J 66 -21.51 -106.79 35.24
N PHE J 67 -21.69 -106.04 36.32
CA PHE J 67 -22.98 -105.89 36.97
C PHE J 67 -23.40 -104.43 36.88
N ALA J 68 -24.68 -104.20 37.15
CA ALA J 68 -25.22 -102.84 37.23
C ALA J 68 -26.32 -102.83 38.27
N ASN J 69 -26.07 -102.15 39.38
CA ASN J 69 -27.02 -102.05 40.48
C ASN J 69 -27.35 -100.59 40.73
N LEU J 70 -28.52 -100.36 41.31
CA LEU J 70 -28.84 -99.04 41.80
C LEU J 70 -27.97 -98.71 43.01
N PRO J 71 -27.58 -97.45 43.19
CA PRO J 71 -26.97 -97.05 44.46
C PRO J 71 -27.98 -97.11 45.59
N HIS J 72 -27.47 -97.27 46.80
CA HIS J 72 -28.32 -97.53 47.95
C HIS J 72 -28.98 -96.28 48.54
N ASN J 73 -28.91 -95.14 47.85
CA ASN J 73 -29.67 -93.97 48.25
C ASN J 73 -30.77 -93.61 47.25
N LYS J 74 -30.82 -94.28 46.10
CA LYS J 74 -31.88 -94.08 45.11
C LYS J 74 -32.57 -95.40 44.83
N ASN J 75 -33.90 -95.38 44.88
CA ASN J 75 -34.72 -96.59 44.78
C ASN J 75 -35.44 -96.70 43.45
N THR J 76 -35.12 -95.84 42.48
CA THR J 76 -35.84 -95.79 41.22
C THR J 76 -34.85 -95.84 40.07
N LEU J 77 -35.13 -96.70 39.09
CA LEU J 77 -34.37 -96.74 37.86
C LEU J 77 -35.06 -95.90 36.81
N LEU J 78 -34.35 -94.93 36.25
CA LEU J 78 -34.82 -94.11 35.16
C LEU J 78 -34.21 -94.64 33.86
N VAL J 79 -35.02 -94.73 32.82
CA VAL J 79 -34.59 -95.16 31.50
C VAL J 79 -34.86 -94.04 30.52
N LYS J 80 -33.81 -93.60 29.82
CA LYS J 80 -33.85 -92.55 28.81
C LYS J 80 -33.71 -93.19 27.43
N TYR J 81 -34.67 -92.90 26.55
CA TYR J 81 -34.48 -93.07 25.11
C TYR J 81 -35.49 -92.19 24.41
N ASN J 82 -35.25 -91.98 23.12
CA ASN J 82 -36.23 -91.36 22.23
C ASN J 82 -36.60 -92.40 21.19
N VAL J 83 -37.82 -92.29 20.65
CA VAL J 83 -38.27 -93.16 19.58
C VAL J 83 -38.72 -92.27 18.44
N LYS J 84 -38.08 -92.41 17.29
CA LYS J 84 -38.41 -91.63 16.11
C LYS J 84 -39.17 -92.52 15.14
N PHE J 85 -40.46 -92.26 14.99
CA PHE J 85 -41.26 -92.92 13.97
C PHE J 85 -41.11 -92.12 12.68
N VAL J 86 -40.70 -92.80 11.61
CA VAL J 86 -40.40 -92.17 10.34
C VAL J 86 -41.42 -92.63 9.32
N GLY J 87 -41.88 -91.71 8.48
CA GLY J 87 -42.81 -92.03 7.42
C GLY J 87 -42.13 -92.68 6.23
N ASP J 88 -42.86 -92.71 5.11
CA ASP J 88 -42.46 -93.39 3.87
C ASP J 88 -42.13 -94.85 4.11
N VAL J 89 -43.05 -95.55 4.78
CA VAL J 89 -42.83 -96.94 5.14
C VAL J 89 -42.92 -97.90 3.96
N PHE J 90 -43.38 -97.42 2.80
CA PHE J 90 -43.49 -98.25 1.62
C PHE J 90 -42.40 -97.95 0.59
N LYS J 91 -41.57 -96.94 0.84
CA LYS J 91 -40.51 -96.58 -0.10
C LYS J 91 -39.34 -97.53 0.08
N ALA J 92 -39.28 -98.54 -0.76
CA ALA J 92 -38.11 -99.41 -0.80
C ALA J 92 -36.93 -98.67 -1.40
N GLU J 93 -35.75 -98.90 -0.83
CA GLU J 93 -34.54 -98.25 -1.30
C GLU J 93 -33.67 -99.14 -2.19
N LEU J 94 -33.91 -100.45 -2.17
CA LEU J 94 -33.20 -101.35 -3.07
C LEU J 94 -34.13 -102.12 -4.01
N GLY J 95 -35.34 -102.44 -3.57
CA GLY J 95 -36.28 -103.08 -4.46
C GLY J 95 -36.80 -102.14 -5.52
N GLY J 96 -37.21 -102.72 -6.65
CA GLY J 96 -37.63 -101.95 -7.79
C GLY J 96 -39.00 -101.31 -7.59
N GLY J 97 -39.37 -100.50 -8.57
CA GLY J 97 -40.61 -99.76 -8.52
C GLY J 97 -41.82 -100.51 -9.03
N GLU J 98 -41.72 -101.81 -9.25
CA GLU J 98 -42.85 -102.59 -9.75
C GLU J 98 -43.45 -103.47 -8.66
N TYR J 99 -42.63 -104.30 -8.02
CA TYR J 99 -43.12 -105.11 -6.91
C TYR J 99 -43.40 -104.27 -5.68
N SER J 100 -42.55 -103.28 -5.39
CA SER J 100 -42.73 -102.49 -4.17
C SER J 100 -43.91 -101.54 -4.28
N ASN J 101 -44.16 -101.00 -5.47
CA ASN J 101 -45.30 -100.08 -5.62
C ASN J 101 -46.63 -100.82 -5.62
N THR J 102 -46.70 -101.99 -6.26
CA THR J 102 -47.89 -102.81 -6.13
C THR J 102 -48.04 -103.40 -4.75
N LEU J 103 -46.94 -103.60 -4.03
CA LEU J 103 -47.00 -103.92 -2.61
C LEU J 103 -47.60 -102.77 -1.83
N GLN J 104 -47.19 -101.54 -2.17
CA GLN J 104 -47.67 -100.36 -1.47
C GLN J 104 -49.16 -100.17 -1.67
N THR J 105 -49.62 -100.23 -2.93
CA THR J 105 -51.01 -99.95 -3.28
C THR J 105 -51.98 -101.03 -2.80
N ALA J 106 -51.47 -102.17 -2.35
CA ALA J 106 -52.25 -103.15 -1.61
C ALA J 106 -52.25 -102.89 -0.12
N LEU J 107 -51.58 -101.82 0.34
CA LEU J 107 -51.39 -101.61 1.77
C LEU J 107 -51.87 -100.23 2.26
N GLU J 108 -52.59 -99.45 1.45
CA GLU J 108 -53.28 -98.30 2.02
C GLU J 108 -54.43 -98.69 2.94
N ASN J 109 -55.01 -99.88 2.76
CA ASN J 109 -56.09 -100.34 3.62
C ASN J 109 -55.59 -100.95 4.92
N THR J 110 -54.30 -100.81 5.21
CA THR J 110 -53.78 -101.16 6.53
C THR J 110 -54.32 -100.17 7.55
N ASP J 111 -54.93 -100.70 8.60
CA ASP J 111 -55.36 -99.85 9.70
C ASP J 111 -54.08 -99.54 10.47
N PHE J 112 -53.52 -98.36 10.24
CA PHE J 112 -52.31 -97.95 10.93
C PHE J 112 -52.56 -97.59 12.39
N GLY J 113 -53.83 -97.40 12.77
CA GLY J 113 -54.14 -97.05 14.14
C GLY J 113 -53.80 -98.14 15.13
N THR J 114 -54.08 -99.40 14.76
CA THR J 114 -53.75 -100.51 15.65
C THR J 114 -52.24 -100.74 15.72
N LEU J 115 -51.54 -100.57 14.59
CA LEU J 115 -50.08 -100.66 14.59
C LEU J 115 -49.46 -99.60 15.48
N ALA J 116 -49.93 -98.36 15.34
CA ALA J 116 -49.40 -97.26 16.16
C ALA J 116 -49.78 -97.43 17.61
N TYR J 117 -50.98 -97.95 17.89
CA TYR J 117 -51.41 -98.18 19.27
C TYR J 117 -50.54 -99.24 19.93
N ARG J 118 -50.23 -100.31 19.21
CA ARG J 118 -49.39 -101.34 19.78
C ARG J 118 -47.93 -100.90 19.91
N TYR J 119 -47.45 -100.05 18.98
CA TYR J 119 -46.09 -99.51 19.09
C TYR J 119 -45.95 -98.60 20.30
N VAL J 120 -46.85 -97.63 20.43
CA VAL J 120 -46.81 -96.71 21.57
C VAL J 120 -47.15 -97.44 22.87
N TYR J 121 -47.95 -98.51 22.82
CA TYR J 121 -48.24 -99.26 24.04
C TYR J 121 -47.03 -100.09 24.46
N ASN J 122 -46.26 -100.60 23.50
CA ASN J 122 -45.00 -101.24 23.86
C ASN J 122 -44.00 -100.24 24.40
N ILE J 123 -44.05 -99.00 23.93
CA ILE J 123 -43.22 -97.95 24.51
C ILE J 123 -43.67 -97.63 25.94
N ALA J 124 -44.98 -97.49 26.15
CA ALA J 124 -45.54 -96.92 27.37
C ALA J 124 -45.72 -97.94 28.49
N ALA J 125 -46.05 -99.18 28.15
CA ALA J 125 -46.25 -100.20 29.18
C ALA J 125 -44.94 -100.68 29.79
N GLY J 126 -43.82 -100.41 29.14
CA GLY J 126 -42.53 -100.78 29.68
C GLY J 126 -42.04 -102.09 29.15
N ARG J 127 -42.38 -102.39 27.89
CA ARG J 127 -41.92 -103.62 27.26
C ARG J 127 -40.42 -103.59 26.99
N THR J 128 -39.84 -102.39 26.86
CA THR J 128 -38.42 -102.19 26.63
C THR J 128 -37.58 -102.36 27.88
N LEU J 129 -38.12 -102.95 28.95
CA LEU J 129 -37.50 -103.04 30.27
C LEU J 129 -37.64 -104.44 30.84
N TRP J 130 -37.19 -105.45 30.07
CA TRP J 130 -37.59 -106.86 30.23
C TRP J 130 -37.43 -107.40 31.65
N ARG J 131 -36.20 -107.45 32.16
CA ARG J 131 -35.98 -108.08 33.44
C ARG J 131 -36.06 -107.11 34.61
N ASN J 132 -36.17 -105.80 34.36
CA ASN J 132 -36.33 -104.87 35.46
C ASN J 132 -37.72 -104.27 35.55
N ARG J 133 -38.63 -104.58 34.62
CA ARG J 133 -40.03 -104.27 34.89
C ARG J 133 -40.64 -105.24 35.89
N VAL J 134 -40.06 -106.42 36.06
CA VAL J 134 -40.48 -107.31 37.13
C VAL J 134 -39.69 -106.96 38.39
N GLY J 135 -40.36 -107.06 39.53
CA GLY J 135 -39.78 -106.58 40.76
C GLY J 135 -39.93 -105.09 41.00
N ALA J 136 -40.57 -104.37 40.08
CA ALA J 136 -40.79 -102.93 40.24
C ALA J 136 -42.08 -102.71 41.01
N GLU J 137 -42.01 -101.90 42.06
CA GLU J 137 -43.20 -101.59 42.85
C GLU J 137 -44.19 -100.77 42.05
N SER J 138 -43.70 -99.81 41.26
CA SER J 138 -44.57 -98.99 40.43
C SER J 138 -43.75 -98.47 39.26
N ILE J 139 -44.24 -98.71 38.07
CA ILE J 139 -43.65 -98.16 36.86
C ILE J 139 -44.38 -96.87 36.52
N GLU J 140 -43.70 -95.98 35.80
CA GLU J 140 -44.30 -94.71 35.40
C GLU J 140 -43.60 -94.24 34.13
N THR J 141 -44.33 -94.20 33.03
CA THR J 141 -43.77 -93.80 31.75
C THR J 141 -44.23 -92.39 31.42
N VAL J 142 -43.26 -91.52 31.15
CA VAL J 142 -43.53 -90.13 30.77
C VAL J 142 -43.11 -89.98 29.32
N ILE J 143 -44.06 -89.72 28.44
CA ILE J 143 -43.80 -89.57 27.02
C ILE J 143 -43.98 -88.09 26.68
N THR J 144 -42.93 -87.48 26.14
CA THR J 144 -42.95 -86.09 25.71
C THR J 144 -42.86 -86.06 24.19
N VAL J 145 -43.86 -85.45 23.54
CA VAL J 145 -43.86 -85.29 22.10
C VAL J 145 -44.51 -83.94 21.79
N ASN J 146 -43.91 -83.23 20.84
CA ASN J 146 -44.24 -81.86 20.34
C ASN J 146 -44.69 -80.93 21.47
N ASP J 147 -43.78 -80.75 22.42
CA ASP J 147 -43.94 -80.03 23.70
C ASP J 147 -45.27 -80.31 24.38
N GLN J 148 -45.56 -81.61 24.56
CA GLN J 148 -46.75 -82.02 25.29
C GLN J 148 -46.49 -83.39 25.89
N THR J 149 -46.88 -83.57 27.15
CA THR J 149 -46.35 -84.61 28.02
C THR J 149 -47.46 -85.47 28.62
N PHE J 150 -47.28 -86.78 28.56
CA PHE J 150 -48.24 -87.74 29.12
C PHE J 150 -47.55 -88.66 30.11
N THR J 151 -48.36 -89.22 31.01
CA THR J 151 -47.88 -90.08 32.08
C THR J 151 -48.76 -91.33 32.16
N PHE J 152 -48.12 -92.49 32.28
CA PHE J 152 -48.82 -93.77 32.38
C PHE J 152 -48.29 -94.51 33.60
N SER J 153 -49.20 -94.94 34.48
CA SER J 153 -48.80 -95.63 35.71
C SER J 153 -48.83 -97.15 35.56
N ASP J 154 -50.00 -97.72 35.28
CA ASP J 154 -50.18 -99.17 35.30
C ASP J 154 -50.77 -99.62 33.97
N LEU J 155 -49.91 -100.12 33.09
CA LEU J 155 -50.34 -100.73 31.84
C LEU J 155 -49.81 -102.16 31.80
N LEU J 156 -50.72 -103.12 31.74
CA LEU J 156 -50.33 -104.52 31.64
C LEU J 156 -49.75 -104.79 30.25
N VAL J 157 -48.59 -105.43 30.23
CA VAL J 157 -47.79 -105.45 28.99
C VAL J 157 -48.15 -106.59 28.05
N ASN J 158 -48.80 -107.64 28.54
CA ASN J 158 -49.04 -108.80 27.67
C ASN J 158 -50.35 -108.71 26.89
N GLU J 159 -51.18 -107.72 27.14
CA GLU J 159 -52.32 -107.44 26.26
C GLU J 159 -52.46 -105.94 26.08
N PHE J 160 -53.13 -105.55 25.01
CA PHE J 160 -53.27 -104.15 24.63
C PHE J 160 -54.68 -103.69 24.99
N ASP J 161 -54.87 -103.28 26.24
CA ASP J 161 -56.18 -102.75 26.62
C ASP J 161 -56.32 -101.30 26.15
N GLU J 162 -57.57 -100.84 26.09
CA GLU J 162 -57.89 -99.56 25.47
C GLU J 162 -57.78 -98.44 26.49
N ASP J 163 -56.95 -97.45 26.18
CA ASP J 163 -56.91 -96.19 26.93
C ASP J 163 -56.74 -95.04 25.96
N VAL J 164 -57.26 -93.88 26.34
CA VAL J 164 -57.35 -92.76 25.42
C VAL J 164 -56.00 -92.06 25.22
N ASP J 165 -55.05 -92.25 26.13
CA ASP J 165 -53.79 -91.51 26.04
C ASP J 165 -52.85 -92.14 25.03
N VAL J 166 -52.67 -93.46 25.10
CA VAL J 166 -51.84 -94.17 24.12
C VAL J 166 -52.46 -94.08 22.73
N ALA J 167 -53.80 -94.12 22.66
CA ALA J 167 -54.47 -93.91 21.38
C ALA J 167 -54.31 -92.49 20.87
N GLU J 168 -54.22 -91.52 21.77
CA GLU J 168 -54.02 -90.13 21.36
C GLU J 168 -52.61 -89.93 20.80
N ILE J 169 -51.60 -90.57 21.39
CA ILE J 169 -50.27 -90.57 20.78
C ILE J 169 -50.28 -91.33 19.47
N ALA J 170 -51.01 -92.45 19.43
CA ALA J 170 -51.09 -93.30 18.25
C ALA J 170 -51.77 -92.62 17.08
N ASP J 171 -52.60 -91.59 17.33
CA ASP J 171 -53.16 -90.79 16.26
C ASP J 171 -52.06 -90.11 15.45
N MET J 172 -51.14 -89.40 16.13
CA MET J 172 -50.05 -88.75 15.39
C MET J 172 -49.00 -89.75 14.92
N VAL J 173 -48.81 -90.88 15.62
CA VAL J 173 -47.86 -91.88 15.15
C VAL J 173 -48.37 -92.56 13.89
N ALA J 174 -49.67 -92.87 13.84
CA ALA J 174 -50.27 -93.43 12.63
C ALA J 174 -50.36 -92.39 11.52
N GLY J 175 -50.50 -91.12 11.87
CA GLY J 175 -50.43 -90.08 10.85
C GLY J 175 -49.06 -89.96 10.22
N VAL J 176 -48.01 -90.14 11.01
CA VAL J 176 -46.65 -90.13 10.47
C VAL J 176 -46.39 -91.39 9.66
N LEU J 177 -46.77 -92.56 10.20
CA LEU J 177 -46.45 -93.83 9.55
C LEU J 177 -47.24 -94.03 8.26
N SER J 178 -48.54 -93.72 8.28
CA SER J 178 -49.35 -93.78 7.08
C SER J 178 -49.05 -92.64 6.12
N GLY J 179 -48.49 -91.55 6.60
CA GLY J 179 -48.20 -90.41 5.76
C GLY J 179 -46.72 -90.15 5.62
N GLU J 180 -46.31 -88.92 5.86
CA GLU J 180 -44.94 -88.48 5.67
C GLU J 180 -44.37 -87.90 6.96
N GLY J 181 -43.17 -87.37 6.87
CA GLY J 181 -42.54 -86.71 7.98
C GLY J 181 -42.04 -87.68 9.03
N PHE J 182 -41.96 -87.18 10.27
CA PHE J 182 -41.45 -87.94 11.38
C PHE J 182 -42.09 -87.43 12.66
N VAL J 183 -42.02 -88.25 13.71
CA VAL J 183 -42.44 -87.85 15.04
C VAL J 183 -41.50 -88.51 16.02
N THR J 184 -41.26 -87.85 17.16
CA THR J 184 -40.29 -88.32 18.13
C THR J 184 -40.90 -88.28 19.52
N LEU J 185 -40.89 -89.41 20.20
CA LEU J 185 -41.37 -89.52 21.57
C LEU J 185 -40.16 -89.68 22.49
N LYS J 186 -39.94 -88.70 23.36
CA LYS J 186 -38.90 -88.80 24.39
C LYS J 186 -39.52 -89.53 25.58
N VAL J 187 -38.97 -90.69 25.92
CA VAL J 187 -39.55 -91.60 26.89
C VAL J 187 -38.74 -91.57 28.16
N GLU J 188 -39.43 -91.48 29.29
CA GLU J 188 -38.84 -91.40 30.63
C GLU J 188 -39.46 -92.54 31.43
N HIS J 189 -38.69 -93.58 31.71
CA HIS J 189 -39.22 -94.68 32.51
C HIS J 189 -38.74 -94.55 33.95
N TYR J 190 -39.69 -94.44 34.87
CA TYR J 190 -39.45 -94.31 36.31
C TYR J 190 -39.92 -95.61 36.94
N MET J 191 -38.98 -96.46 37.34
CA MET J 191 -39.29 -97.82 37.77
C MET J 191 -38.87 -97.96 39.22
N LEU J 192 -39.85 -98.11 40.12
CA LEU J 192 -39.57 -98.17 41.56
C LEU J 192 -39.11 -99.58 41.89
N LEU J 193 -37.84 -99.84 41.60
CA LEU J 193 -37.27 -101.17 41.84
C LEU J 193 -36.98 -101.40 43.31
N GLY J 194 -36.49 -100.37 44.01
CA GLY J 194 -36.13 -100.49 45.40
C GLY J 194 -34.69 -100.09 45.65
N GLU J 195 -34.34 -100.12 46.93
CA GLU J 195 -33.04 -99.62 47.38
C GLU J 195 -31.95 -100.61 46.98
N GLY J 196 -31.07 -100.18 46.08
CA GLY J 196 -29.96 -101.02 45.67
C GLY J 196 -30.33 -102.20 44.81
N SER J 197 -31.49 -102.15 44.14
CA SER J 197 -31.91 -103.25 43.30
C SER J 197 -31.08 -103.29 42.02
N GLU J 198 -30.76 -104.50 41.58
CA GLU J 198 -29.92 -104.67 40.39
C GLU J 198 -30.74 -104.36 39.15
N VAL J 199 -30.18 -103.52 38.28
CA VAL J 199 -30.83 -103.18 37.02
C VAL J 199 -30.23 -104.03 35.93
N PHE J 200 -30.92 -104.09 34.80
CA PHE J 200 -30.59 -105.04 33.73
C PHE J 200 -30.41 -104.29 32.43
N PRO J 201 -29.20 -103.85 32.13
CA PRO J 201 -28.94 -103.24 30.82
C PRO J 201 -28.74 -104.30 29.75
N SER J 202 -28.41 -103.89 28.54
CA SER J 202 -28.17 -104.85 27.48
C SER J 202 -26.87 -105.56 27.69
N GLN J 203 -26.85 -106.87 27.50
CA GLN J 203 -25.60 -107.58 27.58
C GLN J 203 -25.10 -107.64 26.15
N GLU J 204 -23.81 -107.79 25.94
CA GLU J 204 -23.29 -107.75 24.59
C GLU J 204 -22.89 -109.10 24.03
N PHE J 205 -23.05 -109.29 22.73
CA PHE J 205 -22.65 -110.54 22.08
C PHE J 205 -21.20 -110.32 21.70
N VAL J 206 -20.29 -110.48 22.65
CA VAL J 206 -18.88 -110.20 22.38
C VAL J 206 -17.95 -111.28 22.91
N GLU J 207 -16.95 -111.67 22.13
CA GLU J 207 -15.97 -112.63 22.63
C GLU J 207 -15.07 -111.87 23.59
N ASN J 208 -15.25 -112.10 24.88
CA ASN J 208 -14.45 -111.40 25.87
C ASN J 208 -13.77 -112.39 26.81
N SER J 209 -12.44 -112.45 26.73
CA SER J 209 -11.70 -113.35 27.60
C SER J 209 -11.71 -112.83 29.03
N LYS J 210 -11.68 -111.51 29.18
CA LYS J 210 -11.66 -110.92 30.51
C LYS J 210 -12.99 -111.02 31.22
N LEU J 211 -14.07 -110.66 30.53
CA LEU J 211 -15.38 -110.66 31.16
C LEU J 211 -16.31 -111.73 30.63
N SER J 212 -16.72 -112.65 31.49
CA SER J 212 -17.67 -113.68 31.08
C SER J 212 -18.95 -112.98 30.64
N LYS J 213 -19.46 -112.09 31.49
CA LYS J 213 -20.63 -111.33 31.11
C LYS J 213 -20.18 -109.89 30.95
N GLN J 214 -20.40 -109.32 29.78
CA GLN J 214 -20.03 -107.94 29.55
C GLN J 214 -21.26 -107.12 29.20
N LEU J 215 -21.57 -106.13 30.03
CA LEU J 215 -22.75 -105.32 29.78
C LEU J 215 -22.46 -104.18 28.82
N PHE J 216 -23.52 -103.48 28.43
CA PHE J 216 -23.38 -102.38 27.51
C PHE J 216 -23.28 -101.12 28.30
N ASP J 217 -22.26 -100.35 28.01
CA ASP J 217 -22.08 -99.11 28.70
C ASP J 217 -21.95 -98.01 27.69
N LEU J 218 -22.17 -96.80 28.13
CA LEU J 218 -22.02 -95.67 27.27
C LEU J 218 -21.34 -94.71 28.20
N ASN J 219 -20.03 -94.58 28.11
CA ASN J 219 -19.24 -93.75 29.04
C ASN J 219 -19.33 -94.36 30.39
N GLY J 220 -19.38 -95.69 30.43
CA GLY J 220 -19.49 -96.38 31.68
C GLY J 220 -20.91 -96.49 32.15
N GLN J 221 -21.76 -95.59 31.69
CA GLN J 221 -23.10 -95.59 32.17
C GLN J 221 -23.87 -96.69 31.56
N ALA J 222 -24.54 -97.47 32.38
CA ALA J 222 -25.35 -98.53 31.89
C ALA J 222 -26.29 -98.02 30.86
N ALA J 223 -26.45 -98.80 29.81
CA ALA J 223 -27.29 -98.42 28.70
C ALA J 223 -27.82 -99.70 28.06
N MET J 224 -28.89 -99.55 27.29
CA MET J 224 -29.46 -100.66 26.56
C MET J 224 -29.30 -100.41 25.07
N HIS J 225 -29.19 -101.50 24.31
CA HIS J 225 -28.99 -101.41 22.87
C HIS J 225 -30.21 -100.82 22.21
N ASP J 226 -29.99 -100.03 21.15
CA ASP J 226 -31.11 -99.41 20.45
C ASP J 226 -31.94 -100.43 19.69
N GLN J 227 -31.29 -101.44 19.11
CA GLN J 227 -32.04 -102.48 18.41
C GLN J 227 -32.80 -103.38 19.37
N LYS J 228 -32.39 -103.43 20.64
CA LYS J 228 -33.17 -104.11 21.67
C LYS J 228 -34.52 -103.43 21.88
N ILE J 229 -34.51 -102.10 22.03
CA ILE J 229 -35.75 -101.35 22.17
C ILE J 229 -36.56 -101.40 20.88
N GLY J 230 -35.88 -101.44 19.73
CA GLY J 230 -36.58 -101.61 18.48
C GLY J 230 -37.28 -102.95 18.37
N ASN J 231 -36.67 -104.00 18.92
CA ASN J 231 -37.35 -105.29 19.04
C ASN J 231 -38.52 -105.21 20.02
N ALA J 232 -38.39 -104.38 21.06
CA ALA J 232 -39.48 -104.25 22.03
C ALA J 232 -40.69 -103.56 21.44
N ILE J 233 -40.48 -102.48 20.67
CA ILE J 233 -41.58 -101.68 20.16
C ILE J 233 -42.39 -102.47 19.15
N ARG J 234 -41.72 -103.24 18.30
CA ARG J 234 -42.40 -104.04 17.30
C ARG J 234 -42.92 -105.37 17.84
N THR J 235 -42.77 -105.65 19.13
CA THR J 235 -43.33 -106.86 19.72
C THR J 235 -44.85 -106.73 19.84
N ILE J 236 -45.54 -106.81 18.69
CA ILE J 236 -46.96 -106.48 18.59
C ILE J 236 -47.70 -107.66 17.97
N ASP J 237 -46.96 -108.65 17.49
CA ASP J 237 -47.51 -109.72 16.67
C ASP J 237 -48.30 -110.65 17.58
N THR J 238 -49.61 -110.43 17.66
CA THR J 238 -50.53 -111.37 18.29
C THR J 238 -51.42 -112.06 17.26
N TRP J 239 -50.94 -112.19 16.02
CA TRP J 239 -51.78 -112.63 14.92
C TRP J 239 -51.25 -113.87 14.22
N TYR J 240 -50.26 -114.54 14.79
CA TYR J 240 -49.76 -115.77 14.22
C TYR J 240 -50.68 -116.93 14.60
N GLU J 241 -50.34 -118.13 14.13
CA GLU J 241 -51.16 -119.30 14.40
C GLU J 241 -51.00 -119.73 15.85
N ASP J 242 -52.13 -120.01 16.51
CA ASP J 242 -52.24 -120.26 17.95
C ASP J 242 -51.55 -119.16 18.76
N ALA J 243 -52.09 -117.96 18.62
CA ALA J 243 -51.47 -116.77 19.20
C ALA J 243 -51.87 -116.62 20.66
N THR J 244 -50.88 -116.61 21.54
CA THR J 244 -51.11 -116.37 22.97
C THR J 244 -50.44 -115.09 23.45
N THR J 245 -49.13 -114.94 23.23
CA THR J 245 -48.38 -113.77 23.66
C THR J 245 -47.89 -112.98 22.44
N PRO J 246 -47.72 -111.67 22.56
CA PRO J 246 -47.11 -110.90 21.46
C PRO J 246 -45.65 -111.26 21.26
N ILE J 247 -45.29 -111.57 20.02
CA ILE J 247 -43.91 -111.79 19.63
C ILE J 247 -43.47 -110.62 18.77
N ALA J 248 -42.16 -110.54 18.54
CA ALA J 248 -41.62 -109.47 17.70
C ALA J 248 -41.99 -109.68 16.26
N VAL J 249 -42.20 -108.58 15.54
CA VAL J 249 -42.51 -108.66 14.12
C VAL J 249 -41.24 -109.06 13.38
N GLU J 250 -41.19 -110.30 12.95
CA GLU J 250 -40.11 -110.89 12.17
C GLU J 250 -40.68 -111.28 10.83
N PRO J 251 -39.84 -111.43 9.81
CA PRO J 251 -40.33 -111.98 8.53
C PRO J 251 -40.88 -113.39 8.64
N TYR J 252 -40.34 -114.21 9.56
CA TYR J 252 -40.86 -115.55 9.79
C TYR J 252 -41.52 -115.70 11.15
N GLY J 253 -41.75 -114.61 11.87
CA GLY J 253 -42.30 -114.67 13.22
C GLY J 253 -41.41 -115.42 14.19
N SER J 254 -40.11 -115.29 14.04
CA SER J 254 -39.16 -116.22 14.63
C SER J 254 -38.49 -115.59 15.85
N VAL J 255 -38.75 -116.15 17.02
CA VAL J 255 -37.94 -115.87 18.20
C VAL J 255 -36.88 -116.96 18.27
N VAL J 256 -35.65 -116.58 17.92
CA VAL J 256 -34.52 -117.47 18.05
C VAL J 256 -34.06 -117.58 19.50
N ARG J 257 -34.55 -116.67 20.35
CA ARG J 257 -34.32 -116.76 21.78
C ARG J 257 -35.00 -117.98 22.37
N ASN J 258 -36.25 -118.24 21.96
CA ASN J 258 -36.98 -119.40 22.41
C ASN J 258 -36.84 -120.60 21.47
N GLY J 259 -36.17 -120.43 20.34
CA GLY J 259 -35.98 -121.54 19.43
C GLY J 259 -37.22 -121.96 18.67
N VAL J 260 -38.19 -121.07 18.51
CA VAL J 260 -39.44 -121.38 17.83
C VAL J 260 -39.78 -120.26 16.86
N ALA J 261 -40.17 -120.64 15.64
CA ALA J 261 -40.61 -119.71 14.60
C ALA J 261 -42.09 -119.94 14.36
N TYR J 262 -42.92 -119.01 14.79
CA TYR J 262 -44.36 -119.25 14.77
C TYR J 262 -45.00 -119.03 13.41
N ARG J 263 -44.33 -118.34 12.50
CA ARG J 263 -44.92 -118.07 11.18
C ARG J 263 -44.14 -118.76 10.06
N ALA J 264 -43.33 -119.76 10.39
CA ALA J 264 -42.54 -120.48 9.40
C ALA J 264 -43.21 -121.82 9.09
N GLY J 265 -43.48 -122.06 7.82
CA GLY J 265 -44.00 -123.33 7.36
C GLY J 265 -45.50 -123.44 7.29
N ASN J 266 -46.24 -122.49 7.87
CA ASN J 266 -47.69 -122.52 7.84
C ASN J 266 -48.28 -121.43 6.95
N LYS J 267 -47.49 -120.96 5.98
CA LYS J 267 -47.91 -120.03 4.92
C LYS J 267 -48.44 -118.72 5.47
N THR J 268 -47.84 -118.24 6.57
CA THR J 268 -48.22 -116.97 7.16
C THR J 268 -47.00 -116.12 7.47
N ASP J 269 -45.87 -116.38 6.81
CA ASP J 269 -44.70 -115.54 6.96
C ASP J 269 -44.88 -114.25 6.15
N LEU J 270 -43.85 -113.41 6.16
CA LEU J 270 -43.95 -112.12 5.46
C LEU J 270 -43.94 -112.33 3.95
N PHE J 271 -43.19 -113.31 3.46
CA PHE J 271 -43.00 -113.44 2.01
C PHE J 271 -44.23 -114.00 1.32
N THR J 272 -44.90 -114.99 1.92
CA THR J 272 -46.11 -115.54 1.32
C THR J 272 -47.24 -114.52 1.33
N LEU J 273 -47.42 -113.80 2.44
CA LEU J 273 -48.43 -112.76 2.49
C LEU J 273 -48.07 -111.57 1.61
N MET J 274 -46.78 -111.29 1.45
CA MET J 274 -46.33 -110.21 0.57
C MET J 274 -46.61 -110.53 -0.89
N ASP J 275 -46.33 -111.78 -1.29
CA ASP J 275 -46.66 -112.22 -2.64
C ASP J 275 -48.17 -112.28 -2.86
N GLY J 276 -48.93 -112.66 -1.83
CA GLY J 276 -50.38 -112.64 -1.96
C GLY J 276 -50.94 -111.24 -2.08
N ALA J 277 -50.34 -110.28 -1.38
CA ALA J 277 -50.77 -108.89 -1.49
C ALA J 277 -50.41 -108.30 -2.84
N VAL J 278 -49.24 -108.66 -3.37
CA VAL J 278 -48.83 -108.14 -4.67
C VAL J 278 -49.66 -108.78 -5.80
N ASN J 279 -49.83 -110.10 -5.76
CA ASN J 279 -50.49 -110.82 -6.84
C ASN J 279 -52.01 -110.81 -6.73
N GLY J 280 -52.59 -109.88 -5.98
CA GLY J 280 -54.03 -109.68 -6.00
C GLY J 280 -54.83 -110.61 -5.13
N LYS J 281 -54.19 -111.49 -4.38
CA LYS J 281 -54.92 -112.32 -3.43
C LYS J 281 -55.42 -111.47 -2.29
N SER J 282 -56.69 -111.67 -1.91
CA SER J 282 -57.33 -110.85 -0.89
C SER J 282 -56.69 -111.12 0.47
N LEU J 283 -55.81 -110.23 0.89
CA LEU J 283 -55.10 -110.34 2.15
C LEU J 283 -56.03 -109.96 3.28
N THR J 284 -55.95 -110.70 4.39
CA THR J 284 -56.72 -110.37 5.57
C THR J 284 -56.19 -109.09 6.20
N GLU J 285 -57.02 -108.49 7.06
CA GLU J 285 -56.65 -107.26 7.73
C GLU J 285 -55.45 -107.47 8.63
N GLU J 286 -55.40 -108.62 9.31
CA GLU J 286 -54.35 -108.83 10.29
C GLU J 286 -53.03 -109.16 9.59
N ASP J 287 -53.10 -109.92 8.49
CA ASP J 287 -51.93 -110.18 7.67
C ASP J 287 -51.44 -108.90 6.99
N GLN J 288 -52.38 -108.02 6.62
CA GLN J 288 -52.04 -106.70 6.09
C GLN J 288 -51.24 -105.90 7.11
N MET J 289 -51.68 -105.92 8.37
CA MET J 289 -50.98 -105.18 9.41
C MET J 289 -49.63 -105.81 9.73
N PHE J 290 -49.53 -107.14 9.59
CA PHE J 290 -48.25 -107.82 9.79
C PHE J 290 -47.23 -107.45 8.72
N VAL J 291 -47.67 -107.43 7.45
CA VAL J 291 -46.77 -107.05 6.36
C VAL J 291 -46.36 -105.58 6.48
N THR J 292 -47.31 -104.72 6.87
CA THR J 292 -46.98 -103.31 7.09
C THR J 292 -46.03 -103.14 8.26
N ALA J 293 -46.18 -103.94 9.32
CA ALA J 293 -45.26 -103.88 10.45
C ALA J 293 -43.86 -104.35 10.07
N ASN J 294 -43.76 -105.35 9.18
CA ASN J 294 -42.45 -105.75 8.69
C ASN J 294 -41.82 -104.65 7.84
N LEU J 295 -42.62 -103.96 7.03
CA LEU J 295 -42.11 -102.86 6.23
C LEU J 295 -41.70 -101.68 7.10
N ILE J 296 -42.40 -101.47 8.21
CA ILE J 296 -41.99 -100.47 9.20
C ILE J 296 -40.67 -100.86 9.85
N ARG J 297 -40.53 -102.14 10.23
CA ARG J 297 -39.27 -102.64 10.76
C ARG J 297 -38.17 -102.61 9.71
N GLY J 298 -38.50 -102.94 8.48
CA GLY J 298 -37.52 -102.96 7.43
C GLY J 298 -36.75 -104.26 7.38
N GLY J 299 -35.82 -104.32 6.44
CA GLY J 299 -35.04 -105.52 6.24
C GLY J 299 -34.72 -105.75 4.79
N VAL J 300 -33.67 -106.52 4.52
CA VAL J 300 -33.44 -106.98 3.16
C VAL J 300 -33.98 -108.41 3.04
N PHE J 301 -34.44 -108.75 1.84
CA PHE J 301 -35.17 -110.00 1.64
C PHE J 301 -34.51 -110.73 0.46
N GLY J 302 -33.65 -111.69 0.79
CA GLY J 302 -32.89 -112.39 -0.22
C GLY J 302 -33.65 -113.51 -0.91
N GLY J 303 -34.05 -113.29 -2.14
CA GLY J 303 -34.77 -114.29 -2.91
C GLY J 303 -35.53 -113.71 -4.08
N THR K 2 24.44 -34.74 49.49
CA THR K 2 23.07 -34.25 49.42
C THR K 2 22.08 -35.42 49.39
N LYS K 3 20.82 -35.08 49.09
CA LYS K 3 19.63 -35.97 49.06
C LYS K 3 19.60 -36.96 50.23
N LEU K 4 19.79 -36.42 51.43
CA LEU K 4 19.84 -37.23 52.65
C LEU K 4 18.45 -37.71 53.00
N LYS K 5 18.15 -38.96 52.65
CA LYS K 5 16.79 -39.47 52.73
C LYS K 5 16.52 -39.95 54.15
N ALA K 6 15.31 -39.66 54.64
CA ALA K 6 15.00 -39.84 56.05
C ALA K 6 14.85 -41.32 56.40
N PRO K 7 15.35 -41.74 57.57
CA PRO K 7 15.22 -43.14 57.97
C PRO K 7 13.77 -43.52 58.25
N ALA K 8 13.46 -44.77 57.95
CA ALA K 8 12.10 -45.28 58.12
C ALA K 8 11.77 -45.60 59.56
N VAL K 9 12.76 -45.68 60.43
CA VAL K 9 12.57 -46.05 61.82
C VAL K 9 12.68 -44.81 62.72
N LEU K 10 12.84 -43.64 62.10
CA LEU K 10 13.20 -42.40 62.80
C LEU K 10 12.08 -41.94 63.72
N ALA K 11 12.37 -41.86 65.01
CA ALA K 11 11.41 -41.46 66.02
C ALA K 11 12.11 -40.66 67.10
N TYR K 12 11.33 -39.85 67.82
CA TYR K 12 11.85 -39.07 68.93
C TYR K 12 10.97 -39.30 70.14
N SER K 13 11.61 -39.26 71.32
CA SER K 13 10.89 -39.47 72.56
C SER K 13 10.18 -38.20 72.99
N ARG K 14 9.14 -38.36 73.81
CA ARG K 14 8.45 -37.22 74.37
C ARG K 14 9.34 -36.59 75.44
N LYS K 15 9.51 -35.27 75.37
CA LYS K 15 10.40 -34.56 76.28
C LYS K 15 9.67 -33.72 77.31
N ILE K 16 8.41 -33.39 77.08
CA ILE K 16 7.54 -32.79 78.08
C ILE K 16 6.63 -33.91 78.58
N ASN K 17 6.93 -34.47 79.74
CA ASN K 17 6.14 -35.55 80.31
C ASN K 17 5.34 -35.02 81.49
N PRO K 18 4.05 -34.76 81.33
CA PRO K 18 3.22 -34.42 82.48
C PRO K 18 2.55 -35.65 83.09
N THR K 19 2.28 -35.56 84.38
CA THR K 19 1.53 -36.60 85.05
C THR K 19 0.04 -36.37 84.84
N ASN K 20 -0.76 -37.31 85.31
CA ASN K 20 -2.21 -37.14 85.27
C ASN K 20 -2.62 -36.06 86.25
N ALA K 21 -3.53 -35.19 85.82
CA ALA K 21 -3.86 -33.99 86.57
C ALA K 21 -4.95 -34.33 87.58
N LEU K 22 -4.53 -34.68 88.80
CA LEU K 22 -5.48 -35.07 89.82
C LEU K 22 -6.22 -33.85 90.36
N MET K 23 -7.50 -34.02 90.65
CA MET K 23 -8.41 -32.92 90.87
C MET K 23 -9.01 -33.01 92.27
N PHE K 24 -8.93 -31.92 93.01
CA PHE K 24 -9.29 -31.86 94.41
C PHE K 24 -10.19 -30.66 94.66
N ALA K 25 -10.88 -30.67 95.80
CA ALA K 25 -11.77 -29.57 96.17
C ALA K 25 -11.18 -28.83 97.37
N VAL K 26 -10.95 -27.53 97.21
CA VAL K 26 -10.45 -26.68 98.27
C VAL K 26 -11.33 -25.44 98.33
N ASN K 27 -11.06 -24.60 99.33
CA ASN K 27 -11.61 -23.26 99.38
C ASN K 27 -10.54 -22.27 98.95
N TRP K 28 -10.94 -21.01 98.78
CA TRP K 28 -10.00 -20.01 98.30
C TRP K 28 -9.05 -19.55 99.41
N SER K 29 -9.50 -19.53 100.66
CA SER K 29 -8.67 -19.12 101.78
C SER K 29 -8.32 -20.30 102.68
N ASP K 30 -8.66 -21.51 102.29
CA ASP K 30 -8.46 -22.73 103.07
C ASP K 30 -7.78 -23.75 102.14
N ARG K 31 -6.65 -23.31 101.58
CA ARG K 31 -6.03 -23.99 100.45
C ARG K 31 -5.37 -25.30 100.83
N ASP K 32 -5.19 -25.57 102.13
CA ASP K 32 -4.47 -26.77 102.55
C ASP K 32 -5.39 -27.98 102.69
N ASN K 33 -6.68 -27.75 102.95
CA ASN K 33 -7.63 -28.85 103.13
C ASN K 33 -8.09 -29.33 101.75
N THR K 34 -7.37 -30.31 101.21
CA THR K 34 -7.64 -30.85 99.89
C THR K 34 -8.49 -32.11 100.04
N THR K 35 -9.73 -32.04 99.60
CA THR K 35 -10.60 -33.20 99.51
C THR K 35 -10.74 -33.60 98.05
N ALA K 36 -10.59 -34.89 97.78
CA ALA K 36 -10.57 -35.39 96.42
C ALA K 36 -11.95 -35.30 95.79
N VAL K 37 -12.01 -34.78 94.56
CA VAL K 37 -13.26 -34.68 93.82
C VAL K 37 -13.64 -36.08 93.34
N MET K 38 -14.80 -36.55 93.79
CA MET K 38 -15.28 -37.89 93.45
C MET K 38 -16.14 -37.82 92.19
N VAL K 39 -15.90 -38.75 91.27
CA VAL K 39 -16.81 -38.89 90.14
C VAL K 39 -18.04 -39.65 90.58
N GLY K 40 -19.16 -38.95 90.69
CA GLY K 40 -20.43 -39.62 90.86
C GLY K 40 -20.90 -40.23 89.56
N THR K 41 -21.92 -41.07 89.63
CA THR K 41 -22.43 -41.74 88.43
C THR K 41 -23.92 -42.00 88.61
N LYS K 42 -24.73 -41.37 87.78
CA LYS K 42 -26.18 -41.52 87.85
C LYS K 42 -26.68 -42.46 86.77
N THR K 43 -27.65 -43.30 87.12
CA THR K 43 -28.25 -44.22 86.16
C THR K 43 -29.33 -43.50 85.35
N VAL K 44 -29.45 -43.90 84.09
CA VAL K 44 -30.45 -43.34 83.17
C VAL K 44 -31.13 -44.52 82.47
N ALA K 45 -32.46 -44.55 82.53
CA ALA K 45 -33.24 -45.61 81.91
C ALA K 45 -33.62 -45.20 80.49
N GLY K 46 -33.32 -46.07 79.53
CA GLY K 46 -33.63 -45.79 78.13
C GLY K 46 -33.39 -46.98 77.22
N THR K 47 -34.25 -47.14 76.22
CA THR K 47 -34.11 -48.24 75.28
C THR K 47 -32.98 -47.99 74.30
N GLN K 48 -32.39 -49.08 73.80
CA GLN K 48 -31.31 -49.00 72.84
C GLN K 48 -31.85 -48.72 71.44
N SER K 49 -31.14 -47.88 70.70
CA SER K 49 -31.46 -47.55 69.31
C SER K 49 -30.17 -47.64 68.50
N VAL K 50 -29.99 -48.75 67.79
CA VAL K 50 -28.79 -48.98 67.00
C VAL K 50 -29.19 -49.31 65.57
N ARG K 51 -28.26 -49.04 64.65
CA ARG K 51 -28.52 -49.26 63.22
C ARG K 51 -28.47 -50.73 62.84
N GLY K 52 -27.60 -51.51 63.49
CA GLY K 52 -27.39 -52.89 63.08
C GLY K 52 -28.34 -53.90 63.70
N ASN K 53 -29.00 -53.52 64.80
CA ASN K 53 -29.88 -54.44 65.52
C ASN K 53 -31.24 -53.79 65.76
N PRO K 54 -32.15 -53.85 64.77
CA PRO K 54 -33.52 -53.38 65.01
C PRO K 54 -34.33 -54.32 65.88
N ASN K 55 -33.92 -55.58 66.01
CA ASN K 55 -34.68 -56.55 66.81
C ASN K 55 -34.42 -56.40 68.30
N ASP K 56 -33.35 -55.70 68.69
CA ASP K 56 -32.97 -55.57 70.09
C ASP K 56 -33.43 -54.26 70.71
N ALA K 57 -34.22 -53.46 69.99
CA ALA K 57 -34.63 -52.15 70.46
C ALA K 57 -35.78 -52.21 71.46
N ASP K 58 -36.36 -53.39 71.72
CA ASP K 58 -37.51 -53.48 72.60
C ASP K 58 -37.13 -53.34 74.08
N LYS K 59 -36.00 -53.91 74.49
CA LYS K 59 -35.65 -53.92 75.91
C LYS K 59 -34.14 -54.03 76.05
N GLY K 60 -33.57 -53.22 76.96
CA GLY K 60 -32.17 -53.29 77.29
C GLY K 60 -31.58 -51.92 77.49
N ASN K 61 -30.23 -51.89 77.50
CA ASN K 61 -29.41 -50.68 77.58
C ASN K 61 -29.68 -49.89 78.87
N ILE K 62 -29.41 -50.54 80.00
CA ILE K 62 -29.41 -49.85 81.29
C ILE K 62 -28.04 -49.18 81.41
N GLN K 63 -28.00 -47.88 81.15
CA GLN K 63 -26.75 -47.13 81.12
C GLN K 63 -26.64 -46.27 82.37
N THR K 64 -25.40 -45.99 82.76
CA THR K 64 -25.09 -45.35 84.04
C THR K 64 -23.97 -44.35 83.78
N VAL K 65 -24.34 -43.08 83.55
CA VAL K 65 -23.41 -42.08 83.05
C VAL K 65 -22.74 -41.35 84.21
N ASN K 66 -21.43 -41.13 84.10
CA ASN K 66 -20.65 -40.47 85.12
C ASN K 66 -20.80 -38.94 85.05
N PHE K 67 -20.47 -38.30 86.17
CA PHE K 67 -20.44 -36.84 86.28
C PHE K 67 -19.49 -36.49 87.42
N ALA K 68 -19.07 -35.23 87.45
CA ALA K 68 -18.14 -34.77 88.47
C ALA K 68 -18.44 -33.31 88.77
N ASN K 69 -18.96 -33.04 89.97
CA ASN K 69 -19.16 -31.68 90.45
C ASN K 69 -18.28 -31.43 91.66
N LEU K 70 -18.12 -30.17 92.00
CA LEU K 70 -17.54 -29.81 93.29
C LEU K 70 -18.53 -30.12 94.40
N PRO K 71 -18.05 -30.45 95.60
CA PRO K 71 -18.95 -30.59 96.74
C PRO K 71 -19.54 -29.24 97.15
N HIS K 72 -20.67 -29.30 97.85
CA HIS K 72 -21.43 -28.10 98.18
C HIS K 72 -20.89 -27.35 99.40
N ASN K 73 -19.66 -27.62 99.82
CA ASN K 73 -19.00 -26.82 100.83
C ASN K 73 -17.67 -26.24 100.37
N LYS K 74 -17.18 -26.62 99.19
CA LYS K 74 -15.93 -26.13 98.63
C LYS K 74 -16.20 -25.46 97.29
N ASN K 75 -15.63 -24.28 97.10
CA ASN K 75 -15.90 -23.49 95.91
C ASN K 75 -14.71 -23.39 94.96
N THR K 76 -13.60 -24.03 95.27
CA THR K 76 -12.39 -23.91 94.46
C THR K 76 -11.95 -25.28 93.99
N LEU K 77 -11.67 -25.41 92.69
CA LEU K 77 -11.16 -26.65 92.16
C LEU K 77 -9.64 -26.53 92.04
N LEU K 78 -8.94 -27.55 92.52
CA LEU K 78 -7.49 -27.59 92.57
C LEU K 78 -7.04 -28.70 91.64
N VAL K 79 -6.12 -28.39 90.74
CA VAL K 79 -5.63 -29.34 89.74
C VAL K 79 -4.12 -29.47 89.94
N LYS K 80 -3.67 -30.67 90.28
CA LYS K 80 -2.27 -30.92 90.58
C LYS K 80 -1.69 -31.86 89.52
N TYR K 81 -0.55 -31.45 88.95
CA TYR K 81 0.19 -32.32 88.03
C TYR K 81 1.63 -31.86 88.00
N ASN K 82 2.54 -32.80 87.75
CA ASN K 82 3.96 -32.49 87.62
C ASN K 82 4.35 -32.59 86.16
N VAL K 83 4.83 -31.48 85.61
CA VAL K 83 5.34 -31.43 84.24
C VAL K 83 6.85 -31.59 84.30
N LYS K 84 7.36 -32.57 83.57
CA LYS K 84 8.77 -32.90 83.57
C LYS K 84 9.34 -32.55 82.21
N PHE K 85 10.16 -31.49 82.14
CA PHE K 85 10.83 -31.16 80.89
C PHE K 85 12.16 -31.89 80.89
N VAL K 86 12.50 -32.55 79.80
CA VAL K 86 13.76 -33.32 79.72
C VAL K 86 14.62 -32.78 78.57
N GLY K 87 15.94 -32.84 78.70
CA GLY K 87 16.83 -32.30 77.68
C GLY K 87 17.18 -33.23 76.53
N ASP K 88 18.22 -32.87 75.77
CA ASP K 88 18.65 -33.67 74.60
C ASP K 88 17.50 -34.10 73.71
N VAL K 89 16.73 -33.08 73.32
CA VAL K 89 15.57 -33.32 72.51
C VAL K 89 15.98 -33.71 71.14
N PHE K 90 17.27 -33.63 70.86
CA PHE K 90 17.73 -33.92 69.54
C PHE K 90 18.18 -35.34 69.42
N LYS K 91 18.15 -36.07 70.51
CA LYS K 91 18.49 -37.47 70.43
C LYS K 91 17.33 -38.27 69.98
N ALA K 92 17.54 -39.04 68.93
CA ALA K 92 16.50 -39.89 68.44
C ALA K 92 16.61 -41.17 69.17
N GLU K 93 15.48 -41.74 69.55
CA GLU K 93 15.54 -42.94 70.34
C GLU K 93 15.51 -44.15 69.44
N LEU K 94 14.93 -44.00 68.27
CA LEU K 94 14.80 -45.15 67.40
C LEU K 94 15.39 -44.80 66.09
N GLY K 95 15.81 -43.56 65.96
CA GLY K 95 16.28 -43.13 64.66
C GLY K 95 17.68 -43.54 64.37
N GLY K 96 18.61 -42.80 64.92
CA GLY K 96 19.99 -43.09 64.63
C GLY K 96 20.79 -41.84 64.71
N GLY K 97 21.64 -41.62 63.73
CA GLY K 97 22.51 -40.46 63.77
C GLY K 97 23.16 -40.12 62.46
N GLU K 98 22.43 -40.29 61.36
CA GLU K 98 22.95 -39.93 60.05
C GLU K 98 22.03 -38.80 59.70
N TYR K 99 20.90 -38.77 60.37
CA TYR K 99 19.90 -37.77 60.09
C TYR K 99 19.68 -36.97 61.34
N SER K 100 19.66 -37.67 62.49
CA SER K 100 19.44 -37.00 63.76
C SER K 100 20.62 -36.15 64.18
N ASN K 101 21.82 -36.53 63.75
CA ASN K 101 23.00 -35.74 64.06
C ASN K 101 23.04 -34.52 63.17
N THR K 102 22.48 -34.62 61.97
CA THR K 102 22.39 -33.45 61.12
C THR K 102 21.35 -32.52 61.69
N LEU K 103 20.30 -33.07 62.29
CA LEU K 103 19.29 -32.25 62.93
C LEU K 103 19.89 -31.56 64.14
N GLN K 104 20.75 -32.23 64.87
CA GLN K 104 21.39 -31.57 65.99
C GLN K 104 22.13 -30.36 65.45
N THR K 105 22.92 -30.57 64.41
CA THR K 105 23.72 -29.46 63.89
C THR K 105 22.98 -28.54 62.93
N ALA K 106 21.65 -28.57 62.97
CA ALA K 106 20.88 -27.65 62.13
C ALA K 106 19.91 -26.91 63.03
N LEU K 107 19.67 -27.47 64.21
CA LEU K 107 18.77 -26.83 65.15
C LEU K 107 19.50 -26.42 66.41
N GLU K 108 20.79 -26.17 66.30
CA GLU K 108 21.54 -25.71 67.46
C GLU K 108 21.33 -24.22 67.66
N ASN K 109 20.88 -23.53 66.62
CA ASN K 109 20.65 -22.09 66.71
C ASN K 109 19.21 -21.81 67.14
N THR K 110 18.54 -22.83 67.67
CA THR K 110 17.16 -22.65 68.10
C THR K 110 17.12 -21.83 69.36
N ASP K 111 16.33 -20.76 69.38
CA ASP K 111 16.17 -19.99 70.59
C ASP K 111 15.24 -20.78 71.48
N PHE K 112 15.80 -21.49 72.44
CA PHE K 112 14.98 -22.29 73.33
C PHE K 112 14.28 -21.41 74.33
N GLY K 113 14.78 -20.20 74.52
CA GLY K 113 14.15 -19.27 75.44
C GLY K 113 12.68 -19.07 75.14
N THR K 114 12.37 -18.75 73.88
CA THR K 114 10.99 -18.53 73.49
C THR K 114 10.18 -19.81 73.55
N LEU K 115 10.77 -20.92 73.10
CA LEU K 115 10.09 -22.21 73.16
C LEU K 115 9.67 -22.49 74.59
N ALA K 116 10.61 -22.38 75.51
CA ALA K 116 10.33 -22.64 76.91
C ALA K 116 9.35 -21.64 77.51
N TYR K 117 9.46 -20.37 77.10
CA TYR K 117 8.53 -19.37 77.60
C TYR K 117 7.14 -19.84 77.29
N ARG K 118 6.88 -20.17 76.03
CA ARG K 118 5.52 -20.52 75.64
C ARG K 118 5.06 -21.81 76.32
N TYR K 119 5.98 -22.73 76.61
CA TYR K 119 5.64 -23.93 77.38
C TYR K 119 5.19 -23.57 78.79
N VAL K 120 6.00 -22.78 79.50
CA VAL K 120 5.66 -22.39 80.87
C VAL K 120 4.46 -21.44 80.89
N TYR K 121 4.25 -20.67 79.82
CA TYR K 121 3.07 -19.83 79.76
C TYR K 121 1.80 -20.65 79.54
N ASN K 122 1.88 -21.72 78.73
CA ASN K 122 0.75 -22.63 78.62
C ASN K 122 0.54 -23.40 79.91
N ILE K 123 1.61 -23.62 80.67
CA ILE K 123 1.49 -24.24 81.98
C ILE K 123 0.73 -23.31 82.93
N ALA K 124 1.11 -22.04 82.94
CA ALA K 124 0.72 -21.13 84.02
C ALA K 124 -0.59 -20.40 83.73
N ALA K 125 -0.82 -19.99 82.48
CA ALA K 125 -1.97 -19.17 82.15
C ALA K 125 -3.28 -19.93 82.21
N GLY K 126 -3.23 -21.26 82.05
CA GLY K 126 -4.43 -22.05 82.20
C GLY K 126 -4.90 -22.73 80.93
N ARG K 127 -3.98 -22.98 79.99
CA ARG K 127 -4.31 -23.77 78.81
C ARG K 127 -4.59 -25.22 79.17
N THR K 128 -4.07 -25.71 80.28
CA THR K 128 -4.29 -27.05 80.78
C THR K 128 -5.59 -27.20 81.57
N LEU K 129 -6.50 -26.24 81.48
CA LEU K 129 -7.73 -26.22 82.27
C LEU K 129 -8.93 -25.87 81.40
N TRP K 130 -9.09 -26.60 80.28
CA TRP K 130 -9.93 -26.26 79.13
C TRP K 130 -11.35 -25.77 79.43
N ARG K 131 -12.16 -26.65 80.02
CA ARG K 131 -13.56 -26.33 80.24
C ARG K 131 -13.85 -25.90 81.67
N ASN K 132 -12.88 -26.02 82.58
CA ASN K 132 -13.10 -25.59 83.95
C ASN K 132 -12.38 -24.29 84.30
N ARG K 133 -11.65 -23.69 83.37
CA ARG K 133 -11.32 -22.29 83.53
C ARG K 133 -12.39 -21.37 82.97
N VAL K 134 -13.35 -21.95 82.25
CA VAL K 134 -14.45 -21.19 81.68
C VAL K 134 -15.43 -20.83 82.78
N GLY K 135 -15.71 -19.54 82.92
CA GLY K 135 -16.66 -19.13 83.93
C GLY K 135 -16.12 -19.05 85.35
N ALA K 136 -14.80 -19.10 85.52
CA ALA K 136 -14.19 -18.97 86.84
C ALA K 136 -13.87 -17.51 87.11
N GLU K 137 -14.32 -17.00 88.27
CA GLU K 137 -14.11 -15.60 88.56
C GLU K 137 -12.69 -15.32 89.03
N SER K 138 -11.93 -16.36 89.35
CA SER K 138 -10.56 -16.18 89.79
C SER K 138 -9.71 -17.39 89.40
N ILE K 139 -8.58 -17.11 88.75
CA ILE K 139 -7.66 -18.12 88.25
C ILE K 139 -6.36 -17.93 89.00
N GLU K 140 -5.78 -19.01 89.52
CA GLU K 140 -4.49 -18.94 90.17
C GLU K 140 -3.66 -20.17 89.81
N THR K 141 -2.36 -19.96 89.62
CA THR K 141 -1.42 -21.04 89.33
C THR K 141 -0.23 -20.90 90.25
N VAL K 142 0.11 -21.99 90.95
CA VAL K 142 1.31 -22.07 91.76
C VAL K 142 2.22 -23.09 91.10
N ILE K 143 3.43 -22.67 90.78
CA ILE K 143 4.47 -23.54 90.23
C ILE K 143 5.56 -23.70 91.25
N THR K 144 5.84 -24.94 91.65
CA THR K 144 6.97 -25.26 92.52
C THR K 144 8.04 -25.90 91.65
N VAL K 145 9.21 -25.26 91.59
CA VAL K 145 10.33 -25.74 90.79
C VAL K 145 11.63 -25.48 91.54
N ASN K 146 12.40 -26.55 91.75
CA ASN K 146 13.67 -26.65 92.50
C ASN K 146 13.71 -25.78 93.76
N ASP K 147 12.65 -25.96 94.58
CA ASP K 147 12.38 -25.21 95.81
C ASP K 147 12.35 -23.71 95.46
N GLN K 148 11.39 -23.36 94.60
CA GLN K 148 11.04 -22.00 94.23
C GLN K 148 9.55 -22.00 93.94
N THR K 149 8.82 -21.05 94.52
CA THR K 149 7.37 -20.98 94.35
C THR K 149 7.03 -19.76 93.51
N PHE K 150 6.17 -19.96 92.51
CA PHE K 150 5.76 -18.90 91.61
C PHE K 150 4.25 -18.81 91.58
N THR K 151 3.76 -17.58 91.61
CA THR K 151 2.34 -17.27 91.72
C THR K 151 1.88 -16.52 90.48
N PHE K 152 0.80 -16.99 89.87
CA PHE K 152 0.23 -16.35 88.69
C PHE K 152 -1.27 -16.16 88.89
N SER K 153 -1.76 -14.95 88.64
CA SER K 153 -3.16 -14.63 88.84
C SER K 153 -3.87 -14.29 87.53
N ASP K 154 -3.38 -13.29 86.80
CA ASP K 154 -4.06 -12.78 85.61
C ASP K 154 -3.12 -12.87 84.41
N LEU K 155 -3.16 -14.01 83.73
CA LEU K 155 -2.45 -14.19 82.47
C LEU K 155 -3.45 -14.62 81.41
N LEU K 156 -3.65 -13.78 80.40
CA LEU K 156 -4.51 -14.15 79.29
C LEU K 156 -3.81 -15.22 78.45
N VAL K 157 -4.52 -16.32 78.22
CA VAL K 157 -3.86 -17.53 77.73
C VAL K 157 -3.58 -17.47 76.23
N ASN K 158 -4.32 -16.66 75.47
CA ASN K 158 -4.22 -16.67 74.03
C ASN K 158 -2.94 -16.03 73.50
N GLU K 159 -2.53 -14.92 74.10
CA GLU K 159 -1.29 -14.26 73.67
C GLU K 159 -0.26 -14.54 74.74
N PHE K 160 1.01 -14.59 74.35
CA PHE K 160 2.05 -14.90 75.31
C PHE K 160 2.71 -13.62 75.77
N ASP K 161 2.02 -12.88 76.65
CA ASP K 161 2.54 -11.58 77.10
C ASP K 161 3.71 -11.67 78.07
N GLU K 162 4.35 -10.55 78.34
CA GLU K 162 5.54 -10.58 79.19
C GLU K 162 5.32 -10.47 80.69
N ASP K 163 5.73 -11.50 81.41
CA ASP K 163 5.67 -11.44 82.86
C ASP K 163 6.96 -12.07 83.34
N VAL K 164 7.62 -11.45 84.30
CA VAL K 164 8.93 -11.94 84.74
C VAL K 164 8.87 -13.24 85.52
N ASP K 165 7.70 -13.62 85.98
CA ASP K 165 7.55 -14.85 86.75
C ASP K 165 7.65 -16.06 85.84
N VAL K 166 6.90 -16.08 84.75
CA VAL K 166 7.00 -17.18 83.78
C VAL K 166 8.41 -17.17 83.22
N ALA K 167 8.93 -15.98 82.89
CA ALA K 167 10.29 -15.87 82.37
C ALA K 167 11.33 -16.49 83.28
N GLU K 168 11.18 -16.30 84.59
CA GLU K 168 12.16 -16.86 85.53
C GLU K 168 12.24 -18.37 85.40
N ILE K 169 11.10 -19.04 85.33
CA ILE K 169 11.09 -20.48 85.18
C ILE K 169 11.56 -20.87 83.79
N ALA K 170 11.12 -20.12 82.78
CA ALA K 170 11.53 -20.39 81.41
C ALA K 170 13.04 -20.45 81.24
N ASP K 171 13.78 -19.69 82.05
CA ASP K 171 15.24 -19.75 82.00
C ASP K 171 15.75 -21.16 82.26
N MET K 172 15.39 -21.73 83.41
CA MET K 172 15.87 -23.07 83.75
C MET K 172 15.27 -24.13 82.83
N VAL K 173 14.09 -23.88 82.30
CA VAL K 173 13.46 -24.82 81.37
C VAL K 173 14.19 -24.81 80.02
N ALA K 174 14.59 -23.63 79.54
CA ALA K 174 15.37 -23.55 78.31
C ALA K 174 16.79 -24.07 78.51
N GLY K 175 17.35 -23.90 79.70
CA GLY K 175 18.66 -24.47 79.98
C GLY K 175 18.64 -25.98 80.03
N VAL K 176 17.52 -26.56 80.47
CA VAL K 176 17.34 -28.00 80.37
C VAL K 176 17.20 -28.42 78.90
N LEU K 177 16.28 -27.75 78.18
CA LEU K 177 15.91 -28.21 76.84
C LEU K 177 17.04 -28.03 75.84
N SER K 178 17.83 -26.98 75.98
CA SER K 178 18.98 -26.77 75.12
C SER K 178 20.14 -27.67 75.48
N GLY K 179 20.24 -28.09 76.73
CA GLY K 179 21.38 -28.88 77.18
C GLY K 179 21.01 -30.29 77.57
N GLU K 180 21.45 -30.72 78.75
CA GLU K 180 21.29 -32.09 79.21
C GLU K 180 20.68 -32.03 80.61
N GLY K 181 19.73 -32.92 80.89
CA GLY K 181 19.16 -32.99 82.21
C GLY K 181 17.63 -32.98 82.18
N PHE K 182 17.05 -32.50 83.27
CA PHE K 182 15.61 -32.45 83.42
C PHE K 182 15.27 -31.38 84.44
N VAL K 183 14.00 -30.96 84.43
CA VAL K 183 13.45 -30.06 85.42
C VAL K 183 11.99 -30.44 85.64
N THR K 184 11.51 -30.30 86.87
CA THR K 184 10.16 -30.71 87.24
C THR K 184 9.42 -29.53 87.83
N LEU K 185 8.26 -29.22 87.25
CA LEU K 185 7.39 -28.17 87.72
C LEU K 185 6.14 -28.82 88.31
N LYS K 186 5.99 -28.72 89.63
CA LYS K 186 4.75 -29.13 90.28
C LYS K 186 3.77 -27.98 90.10
N VAL K 187 2.73 -28.20 89.31
CA VAL K 187 1.77 -27.17 88.96
C VAL K 187 0.46 -27.48 89.66
N GLU K 188 0.04 -26.56 90.53
CA GLU K 188 -1.27 -26.63 91.15
C GLU K 188 -2.08 -25.40 90.75
N HIS K 189 -3.22 -25.65 90.13
CA HIS K 189 -4.14 -24.63 89.64
C HIS K 189 -5.30 -24.54 90.62
N TYR K 190 -5.57 -23.35 91.12
CA TYR K 190 -6.72 -23.14 91.97
C TYR K 190 -7.65 -22.17 91.23
N MET K 191 -8.80 -22.67 90.81
CA MET K 191 -9.78 -21.85 90.13
C MET K 191 -11.06 -21.80 90.94
N LEU K 192 -11.51 -20.58 91.25
CA LEU K 192 -12.73 -20.36 92.02
C LEU K 192 -13.88 -20.32 91.03
N LEU K 193 -14.56 -21.46 90.89
CA LEU K 193 -15.70 -21.54 90.00
C LEU K 193 -16.99 -21.16 90.69
N GLY K 194 -17.12 -21.46 91.98
CA GLY K 194 -18.34 -21.25 92.72
C GLY K 194 -18.71 -22.48 93.52
N GLU K 195 -19.73 -22.30 94.35
CA GLU K 195 -20.13 -23.33 95.30
C GLU K 195 -20.85 -24.47 94.55
N GLY K 196 -20.22 -25.64 94.53
CA GLY K 196 -20.82 -26.79 93.87
C GLY K 196 -20.86 -26.73 92.37
N SER K 197 -19.96 -25.96 91.76
CA SER K 197 -19.93 -25.87 90.30
C SER K 197 -19.39 -27.17 89.71
N GLU K 198 -19.96 -27.57 88.57
CA GLU K 198 -19.61 -28.84 87.97
C GLU K 198 -18.28 -28.73 87.25
N VAL K 199 -17.40 -29.68 87.50
CA VAL K 199 -16.04 -29.66 86.98
C VAL K 199 -15.93 -30.58 85.77
N PHE K 200 -14.81 -30.47 85.07
CA PHE K 200 -14.63 -31.15 83.78
C PHE K 200 -13.37 -32.00 83.77
N PRO K 201 -13.47 -33.28 84.11
CA PRO K 201 -12.35 -34.20 83.87
C PRO K 201 -12.25 -34.56 82.39
N SER K 202 -11.13 -35.18 82.04
CA SER K 202 -10.94 -35.63 80.68
C SER K 202 -11.80 -36.86 80.40
N GLN K 203 -11.99 -37.18 79.13
CA GLN K 203 -12.94 -38.20 78.73
C GLN K 203 -12.22 -39.42 78.18
N GLU K 204 -12.55 -40.61 78.68
CA GLU K 204 -12.15 -41.83 77.99
C GLU K 204 -12.98 -41.99 76.72
N PHE K 205 -12.36 -42.57 75.71
CA PHE K 205 -13.06 -42.94 74.48
C PHE K 205 -14.04 -44.06 74.77
N VAL K 206 -15.32 -43.78 74.50
CA VAL K 206 -16.36 -44.79 74.53
C VAL K 206 -16.67 -45.17 73.08
N GLU K 207 -17.41 -46.26 72.89
CA GLU K 207 -17.80 -46.66 71.56
C GLU K 207 -19.00 -45.84 71.11
N ASN K 208 -19.45 -46.09 69.88
CA ASN K 208 -20.63 -45.40 69.36
C ASN K 208 -21.77 -45.74 70.28
N SER K 209 -21.70 -46.89 70.93
CA SER K 209 -22.73 -47.28 71.87
C SER K 209 -22.20 -47.12 73.28
N LYS K 210 -21.82 -48.24 73.91
CA LYS K 210 -21.30 -48.21 75.29
C LYS K 210 -22.14 -47.34 76.21
N LEU K 211 -21.49 -46.40 76.89
CA LEU K 211 -22.24 -45.47 77.75
C LEU K 211 -22.07 -44.08 77.16
N SER K 212 -22.67 -43.09 77.81
CA SER K 212 -22.60 -41.74 77.28
C SER K 212 -21.23 -41.12 77.44
N LYS K 213 -20.71 -41.10 78.66
CA LYS K 213 -19.42 -40.44 78.89
C LYS K 213 -18.63 -40.95 80.07
N GLN K 214 -17.38 -41.36 79.85
CA GLN K 214 -16.51 -41.77 80.94
C GLN K 214 -15.64 -40.59 81.31
N LEU K 215 -15.63 -40.23 82.58
CA LEU K 215 -14.64 -39.27 83.06
C LEU K 215 -13.41 -40.01 83.59
N PHE K 216 -12.27 -39.34 83.52
CA PHE K 216 -11.01 -40.01 83.79
C PHE K 216 -10.81 -40.18 85.30
N ASP K 217 -10.66 -41.44 85.71
CA ASP K 217 -10.50 -41.81 87.12
C ASP K 217 -9.12 -42.40 87.34
N LEU K 218 -8.37 -41.83 88.27
CA LEU K 218 -7.35 -42.56 89.01
C LEU K 218 -7.93 -42.83 90.38
N ASN K 219 -7.87 -44.12 90.79
CA ASN K 219 -8.34 -44.73 92.05
C ASN K 219 -9.65 -44.10 92.59
N GLY K 220 -10.59 -43.85 91.69
CA GLY K 220 -11.88 -43.29 92.02
C GLY K 220 -11.96 -41.79 91.93
N GLN K 221 -10.84 -41.08 91.89
CA GLN K 221 -10.87 -39.63 91.92
C GLN K 221 -10.76 -39.08 90.51
N ALA K 222 -11.52 -38.01 90.24
CA ALA K 222 -11.53 -37.36 88.94
C ALA K 222 -10.16 -36.81 88.59
N ALA K 223 -9.74 -37.01 87.34
CA ALA K 223 -8.46 -36.55 86.87
C ALA K 223 -8.55 -36.25 85.38
N MET K 224 -7.45 -35.76 84.81
CA MET K 224 -7.37 -35.48 83.40
C MET K 224 -6.11 -36.14 82.83
N HIS K 225 -6.19 -36.47 81.53
CA HIS K 225 -5.20 -37.31 80.87
C HIS K 225 -3.84 -36.62 80.80
N ASP K 226 -2.79 -37.44 80.86
CA ASP K 226 -1.43 -36.92 80.75
C ASP K 226 -1.14 -36.41 79.34
N GLN K 227 -1.61 -37.13 78.33
CA GLN K 227 -1.40 -36.68 76.95
C GLN K 227 -2.26 -35.46 76.64
N LYS K 228 -3.31 -35.23 77.42
CA LYS K 228 -4.19 -34.10 77.15
C LYS K 228 -3.51 -32.82 77.67
N ILE K 229 -2.87 -32.94 78.85
CA ILE K 229 -1.99 -31.89 79.34
C ILE K 229 -0.80 -31.68 78.41
N GLY K 230 -0.25 -32.77 77.87
CA GLY K 230 0.83 -32.63 76.89
C GLY K 230 0.39 -31.92 75.62
N ASN K 231 -0.88 -32.08 75.24
CA ASN K 231 -1.47 -31.24 74.19
C ASN K 231 -1.48 -29.78 74.61
N ALA K 232 -1.81 -29.51 75.87
CA ALA K 232 -1.86 -28.12 76.35
C ALA K 232 -0.49 -27.46 76.32
N ILE K 233 0.56 -28.18 76.72
CA ILE K 233 1.85 -27.54 76.94
C ILE K 233 2.45 -27.12 75.61
N ARG K 234 2.38 -27.98 74.60
CA ARG K 234 2.93 -27.72 73.29
C ARG K 234 2.00 -26.89 72.40
N THR K 235 0.91 -26.36 72.93
CA THR K 235 0.00 -25.50 72.17
C THR K 235 0.63 -24.11 71.99
N ILE K 236 1.70 -24.04 71.20
CA ILE K 236 2.55 -22.86 71.13
C ILE K 236 2.69 -22.42 69.68
N ASP K 237 2.11 -23.18 68.76
CA ASP K 237 2.29 -22.98 67.32
C ASP K 237 1.52 -21.75 66.86
N THR K 238 2.23 -20.63 66.76
CA THR K 238 1.70 -19.41 66.14
C THR K 238 2.49 -19.04 64.90
N TRP K 239 3.15 -20.00 64.26
CA TRP K 239 4.11 -19.70 63.19
C TRP K 239 3.76 -20.36 61.87
N TYR K 240 2.58 -20.96 61.75
CA TYR K 240 2.13 -21.46 60.46
C TYR K 240 1.55 -20.28 59.67
N GLU K 241 1.32 -20.46 58.38
CA GLU K 241 0.69 -19.40 57.61
C GLU K 241 -0.78 -19.33 57.98
N ASP K 242 -1.30 -18.09 58.06
CA ASP K 242 -2.61 -17.77 58.60
C ASP K 242 -2.75 -18.31 60.04
N ALA K 243 -1.85 -17.83 60.89
CA ALA K 243 -1.83 -18.21 62.30
C ALA K 243 -2.65 -17.22 63.12
N THR K 244 -3.79 -17.67 63.62
CA THR K 244 -4.69 -16.83 64.39
C THR K 244 -4.56 -17.09 65.88
N THR K 245 -4.61 -18.36 66.27
CA THR K 245 -4.51 -18.80 67.64
C THR K 245 -3.41 -19.85 67.76
N PRO K 246 -2.76 -19.97 68.92
CA PRO K 246 -1.80 -21.07 69.10
C PRO K 246 -2.49 -22.43 69.05
N ILE K 247 -2.00 -23.29 68.16
CA ILE K 247 -2.46 -24.66 68.07
C ILE K 247 -1.39 -25.56 68.66
N ALA K 248 -1.78 -26.81 68.93
CA ALA K 248 -0.83 -27.81 69.39
C ALA K 248 0.18 -28.12 68.29
N VAL K 249 1.45 -28.19 68.66
CA VAL K 249 2.50 -28.44 67.69
C VAL K 249 2.39 -29.89 67.26
N GLU K 250 1.93 -30.10 66.03
CA GLU K 250 1.78 -31.40 65.42
C GLU K 250 2.76 -31.48 64.26
N PRO K 251 3.13 -32.69 63.85
CA PRO K 251 3.95 -32.82 62.63
C PRO K 251 3.25 -32.33 61.36
N TYR K 252 1.92 -32.24 61.37
CA TYR K 252 1.18 -31.71 60.23
C TYR K 252 0.43 -30.44 60.58
N GLY K 253 0.59 -29.92 61.81
CA GLY K 253 -0.19 -28.79 62.26
C GLY K 253 -1.67 -29.05 62.28
N SER K 254 -2.08 -30.25 62.66
CA SER K 254 -3.44 -30.72 62.46
C SER K 254 -4.20 -30.76 63.77
N VAL K 255 -5.36 -30.14 63.79
CA VAL K 255 -6.30 -30.28 64.89
C VAL K 255 -7.46 -31.15 64.43
N VAL K 256 -7.79 -32.15 65.24
CA VAL K 256 -8.84 -33.08 64.89
C VAL K 256 -10.23 -32.46 65.03
N ARG K 257 -10.44 -31.68 66.11
CA ARG K 257 -11.76 -31.18 66.45
C ARG K 257 -12.25 -30.07 65.53
N ASN K 258 -11.37 -29.48 64.73
CA ASN K 258 -11.79 -28.47 63.76
C ASN K 258 -11.96 -29.01 62.36
N GLY K 259 -11.50 -30.23 62.09
CA GLY K 259 -11.64 -30.80 60.77
C GLY K 259 -10.79 -30.17 59.71
N VAL K 260 -9.66 -29.56 60.09
CA VAL K 260 -8.74 -28.95 59.14
C VAL K 260 -7.33 -29.14 59.69
N ALA K 261 -6.35 -29.17 58.78
CA ALA K 261 -4.95 -29.23 59.13
C ALA K 261 -4.26 -27.98 58.59
N TYR K 262 -3.59 -27.25 59.47
CA TYR K 262 -3.03 -25.95 59.10
C TYR K 262 -1.68 -26.02 58.43
N ARG K 263 -0.92 -27.07 58.65
CA ARG K 263 0.43 -27.09 58.09
C ARG K 263 0.61 -28.21 57.14
N ALA K 264 -0.49 -28.89 56.84
CA ALA K 264 -0.39 -30.00 55.93
C ALA K 264 -0.73 -29.53 54.58
N GLY K 265 0.09 -29.91 53.62
CA GLY K 265 -0.20 -29.57 52.25
C GLY K 265 0.17 -28.17 51.84
N ASN K 266 1.04 -27.53 52.61
CA ASN K 266 1.50 -26.21 52.22
C ASN K 266 2.95 -26.03 52.56
N LYS K 267 3.75 -27.06 52.35
CA LYS K 267 5.19 -27.00 52.59
C LYS K 267 5.64 -26.32 53.86
N THR K 268 5.02 -26.66 54.98
CA THR K 268 5.42 -26.10 56.24
C THR K 268 5.22 -27.20 57.23
N ASP K 269 5.06 -28.41 56.72
CA ASP K 269 4.92 -29.52 57.61
C ASP K 269 6.29 -29.87 58.11
N LEU K 270 6.34 -30.54 59.24
CA LEU K 270 7.60 -30.83 59.84
C LEU K 270 8.52 -31.60 58.95
N PHE K 271 8.02 -32.57 58.21
CA PHE K 271 8.89 -33.47 57.45
C PHE K 271 9.66 -32.74 56.36
N THR K 272 9.00 -31.83 55.63
CA THR K 272 9.72 -31.05 54.62
C THR K 272 10.74 -30.12 55.28
N LEU K 273 10.45 -29.62 56.47
CA LEU K 273 11.41 -28.75 57.14
C LEU K 273 12.61 -29.52 57.69
N MET K 274 12.44 -30.75 58.18
CA MET K 274 13.62 -31.52 58.59
C MET K 274 14.43 -32.00 57.39
N ASP K 275 13.77 -32.38 56.28
CA ASP K 275 14.54 -32.68 55.09
C ASP K 275 15.27 -31.44 54.54
N GLY K 276 14.67 -30.26 54.68
CA GLY K 276 15.38 -29.05 54.33
C GLY K 276 16.54 -28.75 55.26
N ALA K 277 16.41 -29.14 56.53
CA ALA K 277 17.48 -28.91 57.49
C ALA K 277 18.65 -29.85 57.24
N VAL K 278 18.39 -31.12 56.93
CA VAL K 278 19.50 -32.04 56.67
C VAL K 278 20.02 -31.89 55.24
N ASN K 279 19.25 -31.26 54.34
CA ASN K 279 19.86 -30.81 53.10
C ASN K 279 20.39 -29.39 53.18
N GLY K 280 20.13 -28.69 54.27
CA GLY K 280 20.89 -27.50 54.60
C GLY K 280 20.43 -26.19 53.99
N LYS K 281 19.17 -26.09 53.56
CA LYS K 281 18.69 -24.78 53.16
C LYS K 281 18.41 -23.94 54.39
N SER K 282 18.39 -22.62 54.19
CA SER K 282 18.29 -21.68 55.30
C SER K 282 16.87 -21.67 55.86
N LEU K 283 16.72 -22.08 57.11
CA LEU K 283 15.46 -22.00 57.83
C LEU K 283 15.36 -20.65 58.52
N THR K 284 14.12 -20.20 58.73
CA THR K 284 13.92 -19.04 59.58
C THR K 284 13.91 -19.49 61.03
N GLU K 285 13.71 -18.55 61.95
CA GLU K 285 13.75 -18.92 63.36
C GLU K 285 12.48 -19.63 63.78
N GLU K 286 11.34 -19.23 63.21
CA GLU K 286 10.04 -19.73 63.68
C GLU K 286 9.81 -21.18 63.27
N ASP K 287 10.10 -21.54 62.02
CA ASP K 287 9.88 -22.92 61.60
C ASP K 287 10.92 -23.87 62.20
N GLN K 288 12.14 -23.39 62.42
CA GLN K 288 13.14 -24.17 63.14
C GLN K 288 12.71 -24.39 64.59
N MET K 289 12.11 -23.36 65.20
CA MET K 289 11.55 -23.51 66.54
C MET K 289 10.38 -24.49 66.55
N PHE K 290 9.59 -24.51 65.48
CA PHE K 290 8.51 -25.48 65.33
C PHE K 290 9.04 -26.90 65.21
N VAL K 291 10.13 -27.09 64.45
CA VAL K 291 10.76 -28.40 64.30
C VAL K 291 11.32 -28.89 65.63
N THR K 292 11.97 -27.99 66.37
CA THR K 292 12.50 -28.35 67.68
C THR K 292 11.37 -28.64 68.67
N ALA K 293 10.24 -27.94 68.53
CA ALA K 293 9.08 -28.24 69.35
C ALA K 293 8.48 -29.60 69.02
N ASN K 294 8.52 -30.01 67.74
CA ASN K 294 8.08 -31.36 67.39
C ASN K 294 9.03 -32.41 67.95
N LEU K 295 10.34 -32.16 67.87
CA LEU K 295 11.31 -33.10 68.41
C LEU K 295 11.20 -33.21 69.93
N ILE K 296 10.83 -32.11 70.58
CA ILE K 296 10.47 -32.15 72.00
C ILE K 296 9.20 -32.98 72.20
N ARG K 297 8.20 -32.78 71.34
CA ARG K 297 7.00 -33.61 71.39
C ARG K 297 7.31 -35.06 71.02
N GLY K 298 8.11 -35.26 69.98
CA GLY K 298 8.48 -36.58 69.57
C GLY K 298 7.42 -37.25 68.71
N GLY K 299 7.72 -38.47 68.30
CA GLY K 299 6.86 -39.23 67.42
C GLY K 299 7.68 -39.81 66.29
N VAL K 300 7.16 -40.88 65.71
CA VAL K 300 7.87 -41.57 64.65
C VAL K 300 7.65 -40.84 63.32
N PHE K 301 8.75 -40.51 62.65
CA PHE K 301 8.74 -39.80 61.37
C PHE K 301 9.50 -40.67 60.38
N GLY K 302 8.78 -41.62 59.76
CA GLY K 302 9.41 -42.54 58.84
C GLY K 302 8.56 -42.83 57.62
N GLY K 303 9.20 -42.93 56.46
CA GLY K 303 8.49 -43.21 55.23
C GLY K 303 9.38 -43.19 54.01
N THR L 2 46.03 -77.28 58.64
CA THR L 2 45.53 -76.53 59.79
C THR L 2 44.19 -75.87 59.47
N LYS L 3 44.02 -74.64 59.97
CA LYS L 3 42.84 -73.81 59.76
C LYS L 3 41.55 -74.47 60.22
N LEU L 4 41.41 -74.69 61.53
CA LEU L 4 40.14 -75.16 62.10
C LEU L 4 39.07 -74.10 61.87
N LYS L 5 38.06 -74.46 61.08
CA LYS L 5 37.14 -73.45 60.57
C LYS L 5 36.14 -73.02 61.63
N ALA L 6 35.23 -73.94 61.99
CA ALA L 6 34.23 -73.90 63.05
C ALA L 6 33.45 -75.21 62.98
N PRO L 7 32.82 -75.64 64.06
CA PRO L 7 31.66 -76.53 63.90
C PRO L 7 30.52 -75.73 63.27
N ALA L 8 29.75 -76.40 62.43
CA ALA L 8 28.58 -75.75 61.82
C ALA L 8 27.48 -75.63 62.86
N VAL L 9 27.55 -76.47 63.88
CA VAL L 9 26.56 -76.55 64.95
C VAL L 9 26.95 -75.68 66.13
N LEU L 10 28.09 -74.99 66.06
CA LEU L 10 28.73 -74.39 67.24
C LEU L 10 27.90 -73.28 67.86
N ALA L 11 27.62 -73.43 69.15
CA ALA L 11 26.80 -72.47 69.89
C ALA L 11 27.32 -72.36 71.32
N TYR L 12 27.09 -71.20 71.90
CA TYR L 12 27.42 -70.95 73.30
C TYR L 12 26.16 -70.49 74.01
N SER L 13 26.12 -70.73 75.32
CA SER L 13 24.92 -70.41 76.08
C SER L 13 25.10 -69.07 76.80
N ARG L 14 24.01 -68.61 77.40
CA ARG L 14 23.98 -67.34 78.10
C ARG L 14 24.64 -67.50 79.46
N LYS L 15 25.75 -66.80 79.68
CA LYS L 15 26.44 -66.86 80.95
C LYS L 15 26.01 -65.76 81.91
N ILE L 16 25.27 -64.76 81.43
CA ILE L 16 24.73 -63.69 82.27
C ILE L 16 23.21 -63.78 82.14
N ASN L 17 22.56 -64.39 83.12
CA ASN L 17 21.12 -64.62 83.06
C ASN L 17 20.41 -63.70 84.04
N PRO L 18 19.73 -62.65 83.58
CA PRO L 18 18.91 -61.85 84.48
C PRO L 18 17.47 -62.36 84.52
N THR L 19 16.80 -62.00 85.59
CA THR L 19 15.38 -62.32 85.73
C THR L 19 14.55 -61.21 85.11
N ASN L 20 13.24 -61.39 85.08
CA ASN L 20 12.35 -60.34 84.62
C ASN L 20 12.29 -59.24 85.66
N ALA L 21 12.62 -58.01 85.25
CA ALA L 21 12.79 -56.90 86.17
C ALA L 21 11.42 -56.35 86.55
N LEU L 22 10.93 -56.75 87.72
CA LEU L 22 9.63 -56.34 88.21
C LEU L 22 9.67 -54.89 88.67
N MET L 23 8.58 -54.16 88.45
CA MET L 23 8.50 -52.75 88.83
C MET L 23 7.53 -52.57 89.99
N PHE L 24 7.96 -51.82 91.00
CA PHE L 24 7.19 -51.53 92.19
C PHE L 24 7.21 -50.04 92.45
N ALA L 25 6.23 -49.57 93.22
CA ALA L 25 6.17 -48.17 93.63
C ALA L 25 6.54 -48.07 95.10
N VAL L 26 7.54 -47.24 95.40
CA VAL L 26 8.00 -47.01 96.76
C VAL L 26 8.16 -45.51 96.96
N ASN L 27 8.45 -45.12 98.19
CA ASN L 27 8.89 -43.78 98.49
C ASN L 27 10.40 -43.76 98.64
N TRP L 28 10.98 -42.57 98.54
CA TRP L 28 12.42 -42.45 98.64
C TRP L 28 12.90 -42.67 100.08
N SER L 29 12.06 -42.32 101.06
CA SER L 29 12.39 -42.59 102.45
C SER L 29 11.86 -43.93 102.92
N ASP L 30 10.68 -44.33 102.44
CA ASP L 30 10.04 -45.59 102.81
C ASP L 30 10.17 -46.51 101.60
N ARG L 31 11.29 -47.23 101.54
CA ARG L 31 11.57 -48.14 100.44
C ARG L 31 11.09 -49.56 100.72
N ASP L 32 10.50 -49.81 101.88
CA ASP L 32 10.04 -51.15 102.23
C ASP L 32 8.58 -51.37 101.88
N ASN L 33 7.77 -50.33 101.82
CA ASN L 33 6.36 -50.46 101.47
C ASN L 33 6.27 -50.45 99.94
N THR L 34 6.46 -51.62 99.35
CA THR L 34 6.41 -51.74 97.88
C THR L 34 5.01 -52.08 97.40
N THR L 35 4.53 -51.38 96.38
CA THR L 35 3.23 -51.69 95.81
C THR L 35 3.37 -51.98 94.34
N ALA L 36 2.71 -53.02 93.86
CA ALA L 36 2.84 -53.40 92.46
C ALA L 36 2.39 -52.32 91.49
N VAL L 37 3.31 -51.82 90.66
CA VAL L 37 2.91 -50.86 89.63
C VAL L 37 2.16 -51.70 88.61
N MET L 38 0.93 -51.32 88.26
CA MET L 38 0.14 -52.13 87.37
C MET L 38 0.13 -51.65 85.93
N VAL L 39 0.06 -52.58 84.99
CA VAL L 39 -0.06 -52.19 83.59
C VAL L 39 -1.52 -52.05 83.23
N GLY L 40 -2.02 -50.82 83.16
CA GLY L 40 -3.37 -50.61 82.72
C GLY L 40 -3.38 -50.31 81.24
N THR L 41 -4.58 -50.10 80.71
CA THR L 41 -4.75 -49.64 79.34
C THR L 41 -5.44 -48.28 79.34
N LYS L 42 -4.96 -47.38 78.49
CA LYS L 42 -5.65 -46.11 78.29
C LYS L 42 -5.88 -45.93 76.81
N THR L 43 -6.94 -45.21 76.48
CA THR L 43 -7.23 -44.85 75.11
C THR L 43 -6.75 -43.44 74.84
N VAL L 44 -6.53 -43.15 73.56
CA VAL L 44 -5.70 -42.04 73.12
C VAL L 44 -6.26 -41.50 71.81
N ALA L 45 -6.43 -40.18 71.73
CA ALA L 45 -6.84 -39.53 70.49
C ALA L 45 -5.68 -38.74 69.93
N GLY L 46 -5.05 -39.26 68.87
CA GLY L 46 -3.96 -38.57 68.22
C GLY L 46 -4.44 -37.77 67.01
N THR L 47 -3.47 -37.43 66.14
CA THR L 47 -3.73 -36.55 65.02
C THR L 47 -3.43 -37.17 63.65
N GLN L 48 -3.04 -38.45 63.60
CA GLN L 48 -2.65 -39.16 62.37
C GLN L 48 -1.54 -38.43 61.62
N SER L 49 -0.38 -38.34 62.25
CA SER L 49 0.77 -37.62 61.70
C SER L 49 1.82 -38.64 61.26
N VAL L 50 1.72 -39.08 60.01
CA VAL L 50 2.71 -39.96 59.41
C VAL L 50 3.56 -39.13 58.47
N ARG L 51 4.73 -39.68 58.11
CA ARG L 51 5.67 -38.92 57.28
C ARG L 51 5.17 -38.72 55.85
N GLY L 52 4.29 -39.60 55.38
CA GLY L 52 3.94 -39.58 53.98
C GLY L 52 2.82 -38.62 53.67
N ASN L 53 1.65 -39.15 53.32
CA ASN L 53 0.51 -38.39 52.84
C ASN L 53 0.02 -37.39 53.89
N PRO L 54 -0.11 -36.12 53.52
CA PRO L 54 -0.62 -35.11 54.47
C PRO L 54 -2.12 -34.93 54.44
N ASN L 55 -2.83 -35.56 53.50
CA ASN L 55 -4.26 -35.33 53.35
C ASN L 55 -5.11 -36.20 54.27
N ASP L 56 -4.49 -37.08 55.06
CA ASP L 56 -5.16 -37.76 56.16
C ASP L 56 -4.71 -37.23 57.51
N ALA L 57 -4.17 -36.00 57.54
CA ALA L 57 -3.87 -35.34 58.81
C ALA L 57 -5.14 -34.99 59.57
N ASP L 58 -6.26 -34.88 58.85
CA ASP L 58 -7.55 -34.73 59.47
C ASP L 58 -7.97 -36.03 60.14
N LYS L 59 -8.99 -35.90 61.02
CA LYS L 59 -9.70 -36.90 61.82
C LYS L 59 -8.79 -37.66 62.79
N GLY L 60 -9.40 -38.33 63.76
CA GLY L 60 -8.65 -38.86 64.89
C GLY L 60 -7.84 -40.10 64.57
N ASN L 61 -6.78 -40.27 65.35
CA ASN L 61 -5.97 -41.48 65.34
C ASN L 61 -6.53 -42.54 66.27
N ILE L 62 -7.09 -42.09 67.40
CA ILE L 62 -7.93 -42.77 68.39
C ILE L 62 -7.76 -44.30 68.53
N GLN L 63 -6.85 -44.70 69.40
CA GLN L 63 -6.58 -46.12 69.63
C GLN L 63 -6.19 -46.30 71.09
N THR L 64 -6.19 -47.56 71.53
CA THR L 64 -5.84 -47.90 72.89
C THR L 64 -4.40 -48.41 72.97
N VAL L 65 -3.71 -48.03 74.04
CA VAL L 65 -2.35 -48.47 74.32
C VAL L 65 -2.30 -48.90 75.78
N ASN L 66 -1.17 -49.50 76.16
CA ASN L 66 -0.93 -49.87 77.55
C ASN L 66 -0.04 -48.83 78.20
N PHE L 67 -0.33 -48.55 79.47
CA PHE L 67 0.40 -47.55 80.24
C PHE L 67 0.71 -48.09 81.63
N ALA L 68 1.76 -47.55 82.23
CA ALA L 68 2.13 -47.88 83.60
C ALA L 68 2.67 -46.62 84.26
N ASN L 69 1.95 -46.13 85.26
CA ASN L 69 2.33 -44.95 86.01
C ASN L 69 2.55 -45.32 87.47
N LEU L 70 3.37 -44.54 88.14
CA LEU L 70 3.41 -44.60 89.59
C LEU L 70 2.11 -44.02 90.14
N PRO L 71 1.58 -44.58 91.23
CA PRO L 71 0.47 -43.93 91.91
C PRO L 71 0.93 -42.63 92.55
N HIS L 72 -0.01 -41.71 92.72
CA HIS L 72 0.31 -40.34 93.12
C HIS L 72 0.50 -40.18 94.62
N ASN L 73 0.70 -41.27 95.36
CA ASN L 73 1.11 -41.20 96.75
C ASN L 73 2.56 -41.62 96.97
N LYS L 74 3.19 -42.25 95.97
CA LYS L 74 4.59 -42.64 96.04
C LYS L 74 5.33 -42.09 94.83
N ASN L 75 6.58 -41.69 95.06
CA ASN L 75 7.33 -40.93 94.07
C ASN L 75 8.58 -41.65 93.56
N THR L 76 8.78 -42.90 93.93
CA THR L 76 10.00 -43.62 93.59
C THR L 76 9.62 -44.91 92.87
N LEU L 77 10.31 -45.21 91.78
CA LEU L 77 10.15 -46.48 91.09
C LEU L 77 11.25 -47.43 91.55
N LEU L 78 10.86 -48.62 91.99
CA LEU L 78 11.78 -49.68 92.34
C LEU L 78 11.76 -50.71 91.22
N VAL L 79 12.94 -51.16 90.81
CA VAL L 79 13.09 -52.24 89.85
C VAL L 79 13.85 -53.38 90.50
N LYS L 80 13.19 -54.53 90.61
CA LYS L 80 13.72 -55.74 91.21
C LYS L 80 14.19 -56.68 90.11
N TYR L 81 15.44 -57.13 90.15
CA TYR L 81 15.79 -58.29 89.34
C TYR L 81 16.97 -59.01 89.99
N ASN L 82 17.26 -60.21 89.47
CA ASN L 82 18.38 -61.01 89.90
C ASN L 82 19.21 -61.37 88.68
N VAL L 83 20.47 -60.95 88.67
CA VAL L 83 21.39 -61.26 87.58
C VAL L 83 22.33 -62.36 88.07
N LYS L 84 22.31 -63.49 87.35
CA LYS L 84 23.14 -64.62 87.72
C LYS L 84 24.29 -64.82 86.76
N PHE L 85 25.49 -64.48 87.18
CA PHE L 85 26.65 -64.71 86.33
C PHE L 85 26.99 -66.18 86.48
N VAL L 86 27.36 -66.83 85.38
CA VAL L 86 27.60 -68.28 85.42
C VAL L 86 28.98 -68.57 84.82
N GLY L 87 29.70 -69.53 85.39
CA GLY L 87 31.03 -69.88 84.89
C GLY L 87 31.07 -70.89 83.75
N ASP L 88 32.19 -71.58 83.57
CA ASP L 88 32.36 -72.51 82.44
C ASP L 88 32.03 -71.77 81.16
N VAL L 89 32.60 -70.57 81.01
CA VAL L 89 32.25 -69.73 79.87
C VAL L 89 32.90 -70.07 78.55
N PHE L 90 33.97 -70.86 78.59
CA PHE L 90 34.69 -71.15 77.37
C PHE L 90 34.27 -72.48 76.79
N LYS L 91 33.56 -73.30 77.58
CA LYS L 91 33.07 -74.54 77.01
C LYS L 91 31.89 -74.23 76.10
N ALA L 92 31.81 -74.94 74.99
CA ALA L 92 30.64 -74.85 74.13
C ALA L 92 29.55 -75.73 74.70
N GLU L 93 28.35 -75.16 74.83
CA GLU L 93 27.23 -75.93 75.35
C GLU L 93 26.85 -77.04 74.39
N LEU L 94 26.89 -76.77 73.09
CA LEU L 94 26.50 -77.75 72.10
C LEU L 94 27.39 -77.74 70.87
N GLY L 95 28.47 -76.97 70.87
CA GLY L 95 29.43 -77.01 69.80
C GLY L 95 30.47 -78.10 70.00
N GLY L 96 31.53 -78.01 69.19
CA GLY L 96 32.53 -79.05 69.13
C GLY L 96 33.51 -79.03 70.29
N GLY L 97 34.62 -79.74 70.09
CA GLY L 97 35.60 -79.92 71.15
C GLY L 97 37.04 -79.70 70.72
N GLU L 98 37.25 -79.27 69.47
CA GLU L 98 38.58 -78.86 69.03
C GLU L 98 38.65 -77.34 68.92
N TYR L 99 37.72 -76.77 68.16
CA TYR L 99 37.63 -75.33 67.95
C TYR L 99 37.34 -74.62 69.27
N SER L 100 36.50 -75.23 70.11
CA SER L 100 36.13 -74.63 71.39
C SER L 100 37.31 -74.59 72.35
N ASN L 101 38.12 -75.66 72.41
CA ASN L 101 39.26 -75.62 73.32
C ASN L 101 40.41 -74.77 72.77
N THR L 102 40.56 -74.66 71.45
CA THR L 102 41.54 -73.71 70.95
C THR L 102 41.11 -72.27 71.20
N LEU L 103 39.81 -72.00 71.16
CA LEU L 103 39.31 -70.69 71.57
C LEU L 103 39.47 -70.47 73.08
N GLN L 104 39.34 -71.55 73.87
CA GLN L 104 39.57 -71.47 75.31
C GLN L 104 41.01 -71.10 75.61
N THR L 105 41.96 -71.75 74.94
CA THR L 105 43.37 -71.42 75.13
C THR L 105 43.72 -70.07 74.53
N ALA L 106 42.95 -69.61 73.54
CA ALA L 106 43.21 -68.29 72.95
C ALA L 106 42.81 -67.18 73.90
N LEU L 107 41.68 -67.32 74.59
CA LEU L 107 41.18 -66.29 75.47
C LEU L 107 41.46 -66.58 76.94
N GLU L 108 42.42 -67.48 77.22
CA GLU L 108 42.73 -67.81 78.62
C GLU L 108 43.49 -66.69 79.32
N ASN L 109 44.07 -65.75 78.57
CA ASN L 109 44.79 -64.62 79.14
C ASN L 109 44.04 -63.31 78.95
N THR L 110 42.73 -63.37 78.69
CA THR L 110 41.96 -62.16 78.52
C THR L 110 41.75 -61.48 79.88
N ASP L 111 41.44 -60.19 79.83
CA ASP L 111 41.28 -59.39 81.04
C ASP L 111 39.82 -59.50 81.47
N PHE L 112 39.56 -60.47 82.35
CA PHE L 112 38.22 -60.65 82.88
C PHE L 112 37.84 -59.55 83.87
N GLY L 113 38.82 -58.85 84.42
CA GLY L 113 38.52 -57.79 85.38
C GLY L 113 37.80 -56.61 84.76
N THR L 114 38.26 -56.17 83.58
CA THR L 114 37.60 -55.08 82.87
C THR L 114 36.22 -55.52 82.39
N LEU L 115 36.10 -56.76 81.94
CA LEU L 115 34.83 -57.34 81.51
C LEU L 115 33.80 -57.33 82.64
N ALA L 116 34.19 -57.87 83.79
CA ALA L 116 33.31 -57.94 84.95
C ALA L 116 33.02 -56.55 85.51
N TYR L 117 33.99 -55.63 85.45
CA TYR L 117 33.75 -54.28 85.94
C TYR L 117 32.76 -53.56 85.06
N ARG L 118 32.82 -53.75 83.74
CA ARG L 118 31.86 -53.11 82.86
C ARG L 118 30.47 -53.70 83.03
N TYR L 119 30.38 -55.01 83.29
CA TYR L 119 29.07 -55.62 83.56
C TYR L 119 28.47 -55.11 84.86
N VAL L 120 29.25 -55.14 85.95
CA VAL L 120 28.76 -54.70 87.25
C VAL L 120 28.53 -53.18 87.24
N TYR L 121 29.25 -52.44 86.39
CA TYR L 121 29.00 -51.02 86.26
C TYR L 121 27.69 -50.76 85.52
N ASN L 122 27.40 -51.54 84.47
CA ASN L 122 26.12 -51.42 83.79
C ASN L 122 24.96 -51.80 84.70
N ILE L 123 25.19 -52.73 85.62
CA ILE L 123 24.17 -53.02 86.63
C ILE L 123 24.06 -51.87 87.63
N ALA L 124 25.19 -51.35 88.09
CA ALA L 124 25.20 -50.44 89.24
C ALA L 124 24.91 -49.00 88.84
N ALA L 125 25.27 -48.59 87.63
CA ALA L 125 24.89 -47.27 87.16
C ALA L 125 23.45 -47.20 86.69
N GLY L 126 22.76 -48.33 86.66
CA GLY L 126 21.37 -48.36 86.29
C GLY L 126 21.09 -48.37 84.82
N ARG L 127 22.03 -48.86 84.00
CA ARG L 127 21.80 -48.91 82.56
C ARG L 127 20.73 -49.94 82.20
N THR L 128 20.43 -50.88 83.10
CA THR L 128 19.32 -51.79 82.91
C THR L 128 17.98 -51.06 82.90
N LEU L 129 17.89 -49.94 83.60
CA LEU L 129 16.81 -48.98 83.37
C LEU L 129 17.08 -48.28 82.04
N TRP L 130 16.07 -48.18 81.20
CA TRP L 130 16.30 -47.70 79.83
C TRP L 130 15.74 -46.32 79.58
N ARG L 131 14.44 -46.13 79.68
CA ARG L 131 13.86 -44.81 79.65
C ARG L 131 13.33 -44.41 81.01
N ASN L 132 13.43 -45.30 81.99
CA ASN L 132 13.03 -44.97 83.35
C ASN L 132 14.00 -44.03 84.05
N ARG L 133 15.20 -43.84 83.49
CA ARG L 133 16.13 -42.87 84.02
C ARG L 133 15.82 -41.45 83.59
N VAL L 134 14.95 -41.30 82.59
CA VAL L 134 14.62 -40.00 82.04
C VAL L 134 13.85 -39.22 83.09
N GLY L 135 14.43 -38.09 83.51
CA GLY L 135 13.86 -37.29 84.58
C GLY L 135 13.84 -37.93 85.94
N ALA L 136 14.98 -38.45 86.38
CA ALA L 136 15.12 -39.03 87.71
C ALA L 136 15.96 -38.10 88.57
N GLU L 137 15.46 -37.81 89.79
CA GLU L 137 16.20 -36.96 90.72
C GLU L 137 17.49 -37.65 91.16
N SER L 138 17.40 -38.93 91.51
CA SER L 138 18.53 -39.67 92.05
C SER L 138 18.30 -41.15 91.83
N ILE L 139 19.34 -41.84 91.37
CA ILE L 139 19.26 -43.27 91.07
C ILE L 139 20.14 -43.99 92.08
N GLU L 140 19.51 -44.75 92.97
CA GLU L 140 20.18 -45.49 94.02
C GLU L 140 20.05 -46.97 93.71
N THR L 141 21.18 -47.63 93.52
CA THR L 141 21.21 -49.04 93.15
C THR L 141 21.72 -49.85 94.34
N VAL L 142 20.91 -50.81 94.79
CA VAL L 142 21.27 -51.69 95.88
C VAL L 142 21.53 -53.08 95.30
N ILE L 143 22.79 -53.51 95.34
CA ILE L 143 23.19 -54.82 94.85
C ILE L 143 23.53 -55.68 96.04
N THR L 144 22.77 -56.74 96.26
CA THR L 144 23.08 -57.70 97.31
C THR L 144 23.69 -58.91 96.62
N VAL L 145 24.94 -59.21 96.96
CA VAL L 145 25.66 -60.33 96.37
C VAL L 145 26.39 -61.08 97.50
N ASN L 146 26.11 -62.39 97.59
CA ASN L 146 26.51 -63.33 98.66
C ASN L 146 26.49 -62.70 100.06
N ASP L 147 25.31 -62.14 100.39
CA ASP L 147 25.03 -61.45 101.66
C ASP L 147 26.01 -60.29 101.87
N GLN L 148 26.03 -59.37 100.91
CA GLN L 148 26.82 -58.14 101.00
C GLN L 148 26.09 -57.07 100.22
N THR L 149 25.63 -56.03 100.90
CA THR L 149 24.82 -54.99 100.28
C THR L 149 25.71 -53.83 99.86
N PHE L 150 25.66 -53.49 98.58
CA PHE L 150 26.42 -52.40 98.00
C PHE L 150 25.44 -51.36 97.50
N THR L 151 25.59 -50.12 97.97
CA THR L 151 24.71 -49.03 97.60
C THR L 151 25.46 -48.07 96.69
N PHE L 152 24.83 -47.72 95.56
CA PHE L 152 25.43 -46.88 94.55
C PHE L 152 24.56 -45.66 94.29
N SER L 153 25.17 -44.50 94.28
CA SER L 153 24.51 -43.25 93.92
C SER L 153 24.56 -43.07 92.41
N ASP L 154 24.31 -41.85 91.95
CA ASP L 154 24.30 -41.55 90.52
C ASP L 154 25.73 -41.62 89.98
N LEU L 155 26.04 -42.68 89.24
CA LEU L 155 27.32 -42.78 88.54
C LEU L 155 27.12 -42.42 87.08
N LEU L 156 28.15 -41.82 86.49
CA LEU L 156 28.12 -41.51 85.07
C LEU L 156 28.24 -42.80 84.27
N VAL L 157 27.30 -43.04 83.36
CA VAL L 157 27.06 -44.38 82.87
C VAL L 157 27.93 -44.69 81.65
N ASN L 158 28.08 -43.72 80.74
CA ASN L 158 28.76 -44.01 79.47
C ASN L 158 30.26 -44.17 79.65
N GLU L 159 30.81 -43.68 80.75
CA GLU L 159 32.23 -43.87 81.07
C GLU L 159 32.32 -44.78 82.29
N PHE L 160 33.17 -45.80 82.21
CA PHE L 160 33.33 -46.77 83.28
C PHE L 160 34.42 -46.29 84.23
N ASP L 161 34.07 -45.27 85.00
CA ASP L 161 35.03 -44.67 85.93
C ASP L 161 35.26 -45.59 87.13
N GLU L 162 36.40 -45.38 87.77
CA GLU L 162 36.86 -46.29 88.81
C GLU L 162 36.06 -46.08 90.09
N ASP L 163 35.38 -47.14 90.54
CA ASP L 163 34.67 -47.14 91.81
C ASP L 163 35.06 -48.40 92.55
N VAL L 164 35.26 -48.28 93.86
CA VAL L 164 35.81 -49.40 94.62
C VAL L 164 34.75 -50.45 94.94
N ASP L 165 33.46 -50.10 94.95
CA ASP L 165 32.45 -51.10 95.24
C ASP L 165 32.07 -51.87 93.98
N VAL L 166 32.07 -51.19 92.83
CA VAL L 166 31.90 -51.87 91.55
C VAL L 166 33.05 -52.84 91.31
N ALA L 167 34.27 -52.42 91.64
CA ALA L 167 35.43 -53.31 91.55
C ALA L 167 35.34 -54.44 92.58
N GLU L 168 34.74 -54.15 93.75
CA GLU L 168 34.57 -55.18 94.76
C GLU L 168 33.64 -56.29 94.29
N ILE L 169 32.48 -55.93 93.74
CA ILE L 169 31.57 -56.95 93.21
C ILE L 169 32.17 -57.61 91.97
N ALA L 170 32.87 -56.84 91.14
CA ALA L 170 33.50 -57.37 89.95
C ALA L 170 34.64 -58.34 90.25
N ASP L 171 35.20 -58.30 91.46
CA ASP L 171 36.17 -59.31 91.87
C ASP L 171 35.57 -60.71 91.87
N MET L 172 34.43 -60.90 92.56
CA MET L 172 33.81 -62.22 92.50
C MET L 172 33.14 -62.49 91.15
N VAL L 173 32.69 -61.45 90.44
CA VAL L 173 32.10 -61.69 89.13
C VAL L 173 33.18 -62.15 88.13
N ALA L 174 34.37 -61.56 88.21
CA ALA L 174 35.48 -62.01 87.37
C ALA L 174 36.01 -63.37 87.81
N GLY L 175 35.97 -63.65 89.12
CA GLY L 175 36.36 -64.98 89.58
C GLY L 175 35.40 -66.06 89.11
N VAL L 176 34.11 -65.72 89.02
CA VAL L 176 33.13 -66.64 88.46
C VAL L 176 33.33 -66.80 86.97
N LEU L 177 33.49 -65.70 86.24
CA LEU L 177 33.52 -65.76 84.78
C LEU L 177 34.83 -66.35 84.27
N SER L 178 35.92 -66.21 85.02
CA SER L 178 37.19 -66.77 84.58
C SER L 178 37.24 -68.29 84.75
N GLY L 179 36.51 -68.82 85.73
CA GLY L 179 36.53 -70.24 86.01
C GLY L 179 35.12 -70.81 86.05
N GLU L 180 34.90 -71.70 87.01
CA GLU L 180 33.63 -72.38 87.18
C GLU L 180 32.79 -71.64 88.22
N GLY L 181 31.68 -72.25 88.62
CA GLY L 181 30.83 -71.68 89.63
C GLY L 181 29.85 -70.68 89.06
N PHE L 182 29.25 -69.91 89.97
CA PHE L 182 28.24 -68.92 89.62
C PHE L 182 28.16 -67.91 90.75
N VAL L 183 27.47 -66.81 90.48
CA VAL L 183 27.19 -65.80 91.50
C VAL L 183 25.85 -65.15 91.17
N THR L 184 25.17 -64.66 92.19
CA THR L 184 23.84 -64.08 92.05
C THR L 184 23.84 -62.67 92.62
N LEU L 185 23.27 -61.73 91.88
CA LEU L 185 23.23 -60.33 92.23
C LEU L 185 21.76 -59.92 92.29
N LYS L 186 21.23 -59.72 93.49
CA LYS L 186 19.88 -59.20 93.65
C LYS L 186 19.95 -57.68 93.61
N VAL L 187 19.43 -57.09 92.55
CA VAL L 187 19.61 -55.67 92.24
C VAL L 187 18.28 -54.95 92.35
N GLU L 188 18.26 -53.91 93.17
CA GLU L 188 17.06 -53.13 93.47
C GLU L 188 17.37 -51.69 93.07
N HIS L 189 16.63 -51.16 92.11
CA HIS L 189 16.82 -49.79 91.70
C HIS L 189 15.76 -48.88 92.30
N TYR L 190 16.21 -47.74 92.83
CA TYR L 190 15.34 -46.73 93.43
C TYR L 190 15.61 -45.43 92.67
N MET L 191 14.67 -45.01 91.84
CA MET L 191 14.75 -43.75 91.13
C MET L 191 13.59 -42.84 91.51
N LEU L 192 13.92 -41.64 91.97
CA LEU L 192 12.95 -40.63 92.39
C LEU L 192 12.35 -40.00 91.15
N LEU L 193 11.39 -40.71 90.56
CA LEU L 193 10.76 -40.21 89.33
C LEU L 193 9.71 -39.14 89.56
N GLY L 194 9.31 -38.94 90.81
CA GLY L 194 8.25 -37.97 91.07
C GLY L 194 6.91 -38.62 91.27
N GLU L 195 6.02 -37.97 92.01
CA GLU L 195 4.73 -38.57 92.32
C GLU L 195 3.81 -38.70 91.12
N GLY L 196 3.58 -39.93 90.68
CA GLY L 196 2.68 -40.15 89.57
C GLY L 196 3.31 -40.21 88.20
N SER L 197 4.64 -40.24 88.16
CA SER L 197 5.32 -40.22 86.87
C SER L 197 5.12 -41.49 86.06
N GLU L 198 4.95 -41.33 84.76
CA GLU L 198 4.81 -42.49 83.90
C GLU L 198 6.12 -43.26 83.82
N VAL L 199 6.07 -44.57 84.02
CA VAL L 199 7.27 -45.38 83.93
C VAL L 199 7.27 -46.11 82.60
N PHE L 200 8.39 -46.71 82.23
CA PHE L 200 8.49 -47.36 80.93
C PHE L 200 8.91 -48.83 81.03
N PRO L 201 7.94 -49.74 81.20
CA PRO L 201 8.26 -51.17 81.24
C PRO L 201 8.51 -51.69 79.83
N SER L 202 8.94 -52.93 79.70
CA SER L 202 9.26 -53.42 78.37
C SER L 202 7.99 -53.53 77.55
N GLN L 203 8.04 -53.04 76.32
CA GLN L 203 6.91 -53.17 75.42
C GLN L 203 6.92 -54.56 74.79
N GLU L 204 5.77 -55.00 74.32
CA GLU L 204 5.64 -56.33 73.74
C GLU L 204 5.52 -56.23 72.21
N PHE L 205 5.83 -57.34 71.56
CA PHE L 205 5.62 -57.51 70.14
C PHE L 205 4.30 -58.25 69.96
N VAL L 206 3.36 -57.63 69.26
CA VAL L 206 2.07 -58.23 68.95
C VAL L 206 1.72 -57.94 67.50
N GLU L 207 0.82 -58.76 66.96
CA GLU L 207 0.38 -58.63 65.58
C GLU L 207 -1.11 -58.29 65.45
N ASN L 208 -1.98 -59.10 66.07
CA ASN L 208 -3.42 -58.94 65.90
C ASN L 208 -4.08 -58.30 67.11
N SER L 209 -3.32 -57.73 68.03
CA SER L 209 -3.89 -57.16 69.24
C SER L 209 -4.56 -55.82 68.94
N LYS L 210 -5.55 -55.48 69.78
CA LYS L 210 -6.19 -54.18 69.66
C LYS L 210 -5.31 -53.07 70.21
N LEU L 211 -4.40 -53.40 71.13
CA LEU L 211 -3.51 -52.40 71.69
C LEU L 211 -2.43 -52.03 70.69
N SER L 212 -2.24 -50.73 70.47
CA SER L 212 -1.15 -50.29 69.62
C SER L 212 0.19 -50.49 70.30
N LYS L 213 0.25 -50.19 71.60
CA LYS L 213 1.43 -50.49 72.41
C LYS L 213 0.96 -51.31 73.60
N GLN L 214 1.63 -52.43 73.84
CA GLN L 214 1.33 -53.30 74.97
C GLN L 214 2.58 -53.53 75.78
N LEU L 215 2.50 -53.24 77.08
CA LEU L 215 3.64 -53.36 77.96
C LEU L 215 3.71 -54.77 78.54
N PHE L 216 4.92 -55.21 78.84
CA PHE L 216 5.11 -56.54 79.41
C PHE L 216 4.64 -56.56 80.85
N ASP L 217 3.87 -57.58 81.20
CA ASP L 217 3.34 -57.72 82.54
C ASP L 217 3.47 -59.16 83.03
N LEU L 218 3.53 -59.30 84.35
CA LEU L 218 3.46 -60.60 85.03
C LEU L 218 2.40 -60.48 86.12
N ASN L 219 1.26 -61.13 85.90
CA ASN L 219 0.05 -60.99 86.72
C ASN L 219 -0.38 -59.52 86.84
N GLY L 220 -0.26 -58.78 85.73
CA GLY L 220 -0.64 -57.39 85.67
C GLY L 220 0.42 -56.41 86.15
N GLN L 221 1.40 -56.87 86.92
CA GLN L 221 2.45 -56.01 87.42
C GLN L 221 3.39 -55.62 86.30
N ALA L 222 3.72 -54.33 86.23
CA ALA L 222 4.67 -53.83 85.25
C ALA L 222 6.04 -54.48 85.43
N ALA L 223 6.62 -54.92 84.32
CA ALA L 223 7.89 -55.63 84.38
C ALA L 223 8.67 -55.36 83.11
N MET L 224 9.98 -55.50 83.21
CA MET L 224 10.87 -55.43 82.07
C MET L 224 11.25 -56.83 81.65
N HIS L 225 11.51 -56.99 80.35
CA HIS L 225 11.97 -58.25 79.80
C HIS L 225 13.35 -58.58 80.36
N ASP L 226 13.59 -59.87 80.58
CA ASP L 226 14.92 -60.30 80.98
C ASP L 226 15.92 -60.14 79.84
N GLN L 227 15.45 -60.23 78.59
CA GLN L 227 16.35 -60.00 77.47
C GLN L 227 16.72 -58.53 77.34
N LYS L 228 15.83 -57.62 77.75
CA LYS L 228 16.13 -56.19 77.73
C LYS L 228 17.18 -55.85 78.79
N ILE L 229 17.01 -56.39 80.00
CA ILE L 229 17.99 -56.21 81.06
C ILE L 229 19.33 -56.81 80.66
N GLY L 230 19.30 -58.02 80.11
CA GLY L 230 20.52 -58.68 79.67
C GLY L 230 21.21 -57.99 78.51
N ASN L 231 20.43 -57.35 77.64
CA ASN L 231 21.02 -56.50 76.61
C ASN L 231 21.70 -55.30 77.23
N ALA L 232 21.13 -54.74 78.29
CA ALA L 232 21.76 -53.63 78.95
C ALA L 232 22.92 -54.04 79.87
N ILE L 233 23.06 -55.34 80.18
CA ILE L 233 24.27 -55.78 80.86
C ILE L 233 25.48 -55.65 79.94
N ARG L 234 25.34 -56.13 78.71
CA ARG L 234 26.46 -56.20 77.78
C ARG L 234 26.58 -54.98 76.89
N THR L 235 26.11 -53.82 77.35
CA THR L 235 26.34 -52.57 76.62
C THR L 235 27.68 -51.99 77.07
N ILE L 236 28.73 -52.76 76.76
CA ILE L 236 30.09 -52.47 77.21
C ILE L 236 31.05 -52.25 76.06
N ASP L 237 30.62 -52.47 74.82
CA ASP L 237 31.48 -52.44 73.65
C ASP L 237 31.92 -51.01 73.37
N THR L 238 33.14 -50.67 73.78
CA THR L 238 33.79 -49.43 73.40
C THR L 238 35.05 -49.68 72.59
N TRP L 239 35.13 -50.83 71.92
CA TRP L 239 36.34 -51.25 71.23
C TRP L 239 36.13 -51.42 69.73
N TYR L 240 35.06 -50.86 69.17
CA TYR L 240 34.85 -50.92 67.74
C TYR L 240 35.54 -49.74 67.06
N GLU L 241 35.30 -49.59 65.76
CA GLU L 241 35.91 -48.50 64.99
C GLU L 241 35.17 -47.20 65.27
N ASP L 242 35.95 -46.16 65.61
CA ASP L 242 35.46 -44.83 65.99
C ASP L 242 34.48 -44.93 67.17
N ALA L 243 35.01 -45.38 68.31
CA ALA L 243 34.20 -45.63 69.49
C ALA L 243 33.87 -44.30 70.17
N THR L 244 32.57 -44.03 70.31
CA THR L 244 32.10 -42.85 71.02
C THR L 244 31.29 -43.23 72.25
N THR L 245 30.30 -44.10 72.10
CA THR L 245 29.45 -44.57 73.18
C THR L 245 29.48 -46.10 73.25
N PRO L 246 29.33 -46.68 74.44
CA PRO L 246 29.24 -48.15 74.54
C PRO L 246 27.97 -48.67 73.90
N ILE L 247 28.12 -49.66 73.03
CA ILE L 247 27.00 -50.33 72.39
C ILE L 247 26.93 -51.76 72.95
N ALA L 248 25.84 -52.44 72.63
CA ALA L 248 25.62 -53.79 73.12
C ALA L 248 26.60 -54.76 72.48
N VAL L 249 26.98 -55.77 73.25
CA VAL L 249 27.88 -56.81 72.73
C VAL L 249 27.07 -57.69 71.78
N GLU L 250 27.47 -57.70 70.52
CA GLU L 250 26.84 -58.46 69.45
C GLU L 250 27.94 -59.09 68.63
N PRO L 251 27.64 -60.16 67.89
CA PRO L 251 28.65 -60.72 66.97
C PRO L 251 29.05 -59.79 65.85
N TYR L 252 28.22 -58.80 65.50
CA TYR L 252 28.53 -57.84 64.45
C TYR L 252 28.55 -56.41 64.96
N GLY L 253 28.46 -56.22 66.28
CA GLY L 253 28.33 -54.88 66.85
C GLY L 253 27.06 -54.19 66.41
N SER L 254 26.00 -54.95 66.21
CA SER L 254 24.82 -54.48 65.50
C SER L 254 23.82 -53.89 66.48
N VAL L 255 23.49 -52.62 66.28
CA VAL L 255 22.37 -51.99 66.98
C VAL L 255 21.19 -51.95 66.03
N VAL L 256 20.06 -52.49 66.49
CA VAL L 256 18.84 -52.49 65.70
C VAL L 256 18.31 -51.07 65.54
N ARG L 257 18.47 -50.24 66.57
CA ARG L 257 17.80 -48.95 66.63
C ARG L 257 18.42 -47.96 65.64
N ASN L 258 19.75 -47.87 65.61
CA ASN L 258 20.41 -46.99 64.66
C ASN L 258 20.43 -47.55 63.25
N GLY L 259 20.18 -48.85 63.09
CA GLY L 259 20.09 -49.44 61.76
C GLY L 259 21.42 -49.63 61.08
N VAL L 260 22.52 -49.58 61.81
CA VAL L 260 23.85 -49.79 61.24
C VAL L 260 24.65 -50.66 62.21
N ALA L 261 25.28 -51.70 61.68
CA ALA L 261 26.13 -52.59 62.47
C ALA L 261 27.51 -51.95 62.60
N TYR L 262 28.02 -51.89 63.81
CA TYR L 262 29.23 -51.12 64.10
C TYR L 262 30.50 -51.93 63.95
N ARG L 263 30.42 -53.23 63.69
CA ARG L 263 31.60 -54.06 63.53
C ARG L 263 31.52 -54.93 62.27
N ALA L 264 30.58 -54.65 61.38
CA ALA L 264 30.41 -55.44 60.17
C ALA L 264 31.03 -54.70 58.99
N GLY L 265 31.81 -55.41 58.19
CA GLY L 265 32.42 -54.85 57.01
C GLY L 265 33.80 -54.25 57.19
N ASN L 266 34.30 -54.19 58.43
CA ASN L 266 35.63 -53.65 58.69
C ASN L 266 36.54 -54.65 59.38
N LYS L 267 36.18 -55.94 59.29
CA LYS L 267 36.97 -57.07 59.82
C LYS L 267 37.20 -56.97 61.32
N THR L 268 36.24 -56.37 62.02
CA THR L 268 36.29 -56.25 63.47
C THR L 268 35.12 -56.96 64.14
N ASP L 269 34.45 -57.84 63.39
CA ASP L 269 33.33 -58.60 63.95
C ASP L 269 33.85 -59.76 64.80
N LEU L 270 32.91 -60.51 65.37
CA LEU L 270 33.30 -61.59 66.28
C LEU L 270 33.89 -62.78 65.53
N PHE L 271 33.34 -63.10 64.35
CA PHE L 271 33.66 -64.36 63.70
C PHE L 271 35.06 -64.35 63.11
N THR L 272 35.49 -63.23 62.51
CA THR L 272 36.84 -63.14 61.97
C THR L 272 37.89 -63.18 63.08
N LEU L 273 37.66 -62.45 64.16
CA LEU L 273 38.59 -62.47 65.30
C LEU L 273 38.57 -63.82 66.00
N MET L 274 37.43 -64.50 65.99
CA MET L 274 37.30 -65.80 66.64
C MET L 274 38.04 -66.88 65.85
N ASP L 275 37.90 -66.85 64.52
CA ASP L 275 38.67 -67.74 63.67
C ASP L 275 40.16 -67.43 63.73
N GLY L 276 40.52 -66.15 63.84
CA GLY L 276 41.92 -65.79 63.99
C GLY L 276 42.50 -66.24 65.32
N ALA L 277 41.72 -66.11 66.40
CA ALA L 277 42.18 -66.54 67.72
C ALA L 277 42.34 -68.05 67.79
N VAL L 278 41.47 -68.80 67.12
CA VAL L 278 41.67 -70.25 67.06
C VAL L 278 42.88 -70.60 66.20
N ASN L 279 43.02 -69.95 65.03
CA ASN L 279 44.10 -70.28 64.11
C ASN L 279 45.45 -69.72 64.50
N GLY L 280 45.54 -68.99 65.61
CA GLY L 280 46.83 -68.76 66.24
C GLY L 280 47.44 -67.39 66.05
N LYS L 281 46.75 -66.44 65.41
CA LYS L 281 47.31 -65.11 65.40
C LYS L 281 46.94 -64.38 66.69
N SER L 282 47.83 -63.49 67.11
CA SER L 282 47.73 -62.84 68.41
C SER L 282 46.62 -61.81 68.41
N LEU L 283 45.73 -61.91 69.40
CA LEU L 283 44.65 -60.95 69.57
C LEU L 283 45.06 -59.86 70.55
N THR L 284 44.62 -58.64 70.27
CA THR L 284 44.81 -57.55 71.21
C THR L 284 43.82 -57.69 72.36
N GLU L 285 44.03 -56.92 73.43
CA GLU L 285 43.29 -57.14 74.68
C GLU L 285 41.82 -56.76 74.55
N GLU L 286 41.52 -55.66 73.84
CA GLU L 286 40.14 -55.20 73.77
C GLU L 286 39.29 -56.11 72.87
N ASP L 287 39.86 -56.62 71.77
CA ASP L 287 39.08 -57.55 70.96
C ASP L 287 39.03 -58.95 71.58
N GLN L 288 40.04 -59.31 72.37
CA GLN L 288 39.96 -60.54 73.17
C GLN L 288 38.82 -60.46 74.18
N MET L 289 38.69 -59.30 74.84
CA MET L 289 37.58 -59.06 75.75
C MET L 289 36.25 -59.03 75.01
N PHE L 290 36.24 -58.52 73.78
CA PHE L 290 35.01 -58.53 72.96
C PHE L 290 34.58 -59.95 72.60
N VAL L 291 35.54 -60.79 72.21
CA VAL L 291 35.23 -62.17 71.85
C VAL L 291 34.78 -62.96 73.07
N THR L 292 35.41 -62.72 74.23
CA THR L 292 34.97 -63.35 75.47
C THR L 292 33.58 -62.85 75.88
N ALA L 293 33.30 -61.56 75.64
CA ALA L 293 31.99 -61.01 75.94
C ALA L 293 30.90 -61.61 75.05
N ASN L 294 31.24 -61.92 73.80
CA ASN L 294 30.27 -62.60 72.94
C ASN L 294 30.11 -64.06 73.34
N LEU L 295 31.18 -64.69 73.82
CA LEU L 295 31.08 -66.08 74.29
C LEU L 295 30.16 -66.17 75.51
N ILE L 296 30.28 -65.21 76.42
CA ILE L 296 29.42 -65.22 77.60
C ILE L 296 28.07 -64.57 77.35
N ARG L 297 27.92 -63.87 76.23
CA ARG L 297 26.60 -63.47 75.77
C ARG L 297 25.81 -64.68 75.30
N GLY L 298 26.46 -65.57 74.56
CA GLY L 298 25.82 -66.70 73.94
C GLY L 298 25.45 -66.42 72.50
N GLY L 299 25.19 -67.50 71.77
CA GLY L 299 24.83 -67.40 70.37
C GLY L 299 25.39 -68.55 69.58
N VAL L 300 24.66 -68.96 68.54
CA VAL L 300 25.16 -69.94 67.60
C VAL L 300 26.15 -69.27 66.64
N PHE L 301 27.42 -69.61 66.82
CA PHE L 301 28.48 -69.13 65.92
C PHE L 301 28.84 -70.22 64.91
N GLY L 302 27.82 -70.64 64.16
CA GLY L 302 27.95 -71.74 63.23
C GLY L 302 28.10 -71.31 61.79
N GLY L 303 27.01 -71.37 61.04
CA GLY L 303 27.01 -70.95 59.66
C GLY L 303 27.69 -71.92 58.71
N MET P 1 54.01 120.39 -3.41
CA MET P 1 54.26 119.90 -2.06
C MET P 1 53.12 119.01 -1.60
N ILE P 2 53.37 118.14 -0.63
CA ILE P 2 52.34 117.19 -0.23
C ILE P 2 51.78 117.56 1.13
N LYS P 3 52.62 118.06 2.02
CA LYS P 3 52.14 118.35 3.36
C LYS P 3 51.34 119.57 3.23
N GLU P 4 51.75 120.44 2.32
CA GLU P 4 51.01 121.65 2.07
C GLU P 4 49.61 121.26 1.66
N MET P 5 49.51 120.24 0.82
CA MET P 5 48.22 119.82 0.34
C MET P 5 47.38 119.15 1.40
N ILE P 6 47.98 118.35 2.26
CA ILE P 6 47.20 117.64 3.25
C ILE P 6 46.63 118.66 4.21
N GLU P 7 47.37 119.75 4.44
CA GLU P 7 46.89 120.75 5.36
C GLU P 7 45.93 121.68 4.69
N ASP P 8 46.02 121.79 3.37
CA ASP P 8 45.06 122.60 2.63
C ASP P 8 43.76 121.88 2.80
N PHE P 9 43.81 120.57 2.69
CA PHE P 9 42.62 119.77 2.87
C PHE P 9 42.06 119.91 4.27
N ILE P 10 42.90 119.95 5.28
CA ILE P 10 42.41 119.97 6.65
C ILE P 10 41.79 121.32 7.06
N SER P 11 42.31 122.46 6.60
CA SER P 11 41.66 123.74 6.82
C SER P 11 40.21 123.74 6.33
N LYS P 12 39.92 122.92 5.34
CA LYS P 12 38.56 122.72 4.83
C LYS P 12 37.93 121.54 5.56
N GLY P 13 36.84 121.00 5.00
CA GLY P 13 36.07 119.97 5.70
C GLY P 13 36.85 118.71 5.99
N GLY P 14 37.68 118.29 5.04
CA GLY P 14 38.77 117.39 5.35
C GLY P 14 38.45 115.91 5.52
N LEU P 15 37.79 115.30 4.54
CA LEU P 15 37.35 113.92 4.64
C LEU P 15 37.99 113.08 3.55
N ILE P 16 38.59 111.96 3.94
CA ILE P 16 39.15 110.97 3.04
C ILE P 16 38.40 109.66 3.28
N PHE P 17 37.90 109.05 2.20
CA PHE P 17 36.99 107.92 2.33
C PHE P 17 37.21 106.92 1.22
N THR P 18 36.83 105.68 1.49
CA THR P 18 36.83 104.62 0.49
C THR P 18 35.43 104.19 0.08
N HIS P 19 34.41 104.57 0.84
CA HIS P 19 33.03 104.29 0.51
C HIS P 19 32.20 105.52 0.83
N SER P 20 31.17 105.77 0.01
CA SER P 20 30.31 106.92 0.26
C SER P 20 28.95 106.72 -0.37
N GLY P 21 27.94 107.32 0.24
CA GLY P 21 26.64 107.49 -0.35
C GLY P 21 26.49 108.75 -1.16
N ARG P 22 27.60 109.50 -1.32
CA ARG P 22 27.58 110.71 -2.12
C ARG P 22 27.36 110.41 -3.59
N TYR P 23 27.81 109.24 -4.06
CA TYR P 23 27.58 108.85 -5.43
C TYR P 23 26.12 108.50 -5.69
N THR P 24 25.44 107.92 -4.69
CA THR P 24 24.03 107.61 -4.84
C THR P 24 23.19 108.87 -4.89
N ASN P 25 23.47 109.83 -4.01
CA ASN P 25 22.78 111.10 -3.97
C ASN P 25 23.78 112.17 -3.60
N THR P 26 23.79 113.26 -4.38
CA THR P 26 24.76 114.32 -4.13
C THR P 26 24.37 115.14 -2.90
N ASN P 27 23.10 115.12 -2.51
CA ASN P 27 22.64 115.79 -1.30
C ASN P 27 22.93 115.00 -0.03
N ASN P 28 23.49 113.79 -0.14
CA ASN P 28 23.60 112.90 1.00
C ASN P 28 24.74 113.33 1.94
N SER P 29 25.97 113.32 1.43
CA SER P 29 27.20 113.64 2.17
C SER P 29 27.40 112.71 3.38
N CYS P 30 27.59 111.44 3.09
CA CYS P 30 28.07 110.45 4.05
C CYS P 30 29.34 109.84 3.50
N PHE P 31 30.43 109.92 4.26
CA PHE P 31 31.75 109.54 3.78
C PHE P 31 32.40 108.59 4.78
N ILE P 32 32.81 107.41 4.29
CA ILE P 32 33.24 106.31 5.14
C ILE P 32 34.58 105.79 4.64
N PHE P 33 35.57 105.76 5.54
CA PHE P 33 36.90 105.24 5.23
C PHE P 33 37.03 103.87 5.89
N ASN P 34 37.00 102.81 5.10
CA ASN P 34 37.23 101.46 5.61
C ASN P 34 38.72 101.19 5.64
N LYS P 35 39.20 100.59 6.73
CA LYS P 35 40.63 100.37 6.89
C LYS P 35 41.09 99.06 6.29
N ASN P 36 40.21 98.05 6.23
CA ASN P 36 40.65 96.71 5.86
C ASN P 36 40.93 96.58 4.37
N ASP P 37 40.24 97.37 3.55
CA ASP P 37 40.36 97.23 2.10
C ASP P 37 41.49 98.08 1.52
N ILE P 38 42.29 98.74 2.35
CA ILE P 38 43.38 99.55 1.80
C ILE P 38 44.52 98.62 1.41
N GLY P 39 44.88 98.64 0.14
CA GLY P 39 45.97 97.83 -0.33
C GLY P 39 47.00 98.62 -1.11
N VAL P 40 47.76 97.92 -1.96
CA VAL P 40 48.79 98.56 -2.76
C VAL P 40 48.16 99.44 -3.83
N ASP P 41 47.17 98.91 -4.54
CA ASP P 41 46.53 99.62 -5.65
C ASP P 41 45.09 100.01 -5.32
N THR P 42 44.82 100.38 -4.08
CA THR P 42 43.49 100.79 -3.67
C THR P 42 43.33 102.27 -3.96
N LYS P 43 42.48 102.60 -4.93
CA LYS P 43 42.14 103.99 -5.20
C LYS P 43 41.28 104.54 -4.06
N VAL P 44 41.52 105.79 -3.72
CA VAL P 44 40.96 106.38 -2.51
C VAL P 44 40.38 107.73 -2.85
N ASP P 45 39.15 107.97 -2.39
CA ASP P 45 38.46 109.21 -2.72
C ASP P 45 38.53 110.18 -1.55
N MET P 46 38.31 111.45 -1.86
CA MET P 46 38.29 112.49 -0.84
C MET P 46 37.23 113.54 -1.18
N TYR P 47 36.77 114.22 -0.14
CA TYR P 47 35.70 115.22 -0.24
C TYR P 47 36.17 116.55 0.33
N THR P 48 35.87 117.62 -0.38
CA THR P 48 35.98 119.00 0.06
C THR P 48 34.69 119.70 -0.35
N PRO P 49 34.24 120.68 0.43
CA PRO P 49 33.13 121.54 -0.04
C PRO P 49 33.47 122.23 -1.35
N LYS P 50 32.68 121.91 -2.38
CA LYS P 50 32.84 122.36 -3.78
C LYS P 50 34.20 121.99 -4.36
N SER P 51 34.78 120.87 -3.86
CA SER P 51 36.06 120.32 -4.32
C SER P 51 37.19 121.34 -4.26
N ALA P 52 37.22 122.12 -3.18
CA ALA P 52 38.18 123.20 -3.08
C ALA P 52 39.57 122.66 -2.76
N GLY P 53 40.58 123.46 -3.08
CA GLY P 53 41.97 123.08 -2.84
C GLY P 53 42.91 123.64 -3.87
N ILE P 54 44.14 123.97 -3.48
CA ILE P 54 45.08 124.58 -4.41
C ILE P 54 45.74 123.49 -5.25
N LYS P 55 46.23 123.89 -6.42
CA LYS P 55 46.93 123.01 -7.33
C LYS P 55 48.43 123.20 -7.17
N ASN P 56 49.19 122.24 -7.71
CA ASN P 56 50.64 122.29 -7.67
C ASN P 56 51.17 123.02 -8.91
N GLU P 57 52.47 122.91 -9.16
CA GLU P 57 53.06 123.51 -10.35
C GLU P 57 52.68 122.77 -11.63
N GLU P 58 52.34 121.49 -11.52
CA GLU P 58 51.84 120.73 -12.66
C GLU P 58 50.32 120.73 -12.77
N GLY P 59 49.64 121.57 -11.99
CA GLY P 59 48.22 121.78 -12.18
C GLY P 59 47.32 120.68 -11.68
N GLU P 60 47.76 119.95 -10.67
CA GLU P 60 46.99 118.85 -10.11
C GLU P 60 46.59 119.18 -8.67
N ASN P 61 45.39 118.77 -8.29
CA ASN P 61 44.94 118.89 -6.92
C ASN P 61 45.49 117.71 -6.11
N LEU P 62 44.99 117.54 -4.90
CA LEU P 62 45.50 116.47 -4.05
C LEU P 62 45.04 115.09 -4.54
N TRP P 63 43.96 115.06 -5.32
CA TRP P 63 43.39 113.79 -5.77
C TRP P 63 44.26 113.11 -6.81
N GLN P 64 44.91 113.88 -7.68
CA GLN P 64 45.85 113.26 -8.62
C GLN P 64 47.08 112.73 -7.91
N VAL P 65 47.72 113.55 -7.07
CA VAL P 65 48.99 113.16 -6.48
C VAL P 65 48.83 112.04 -5.48
N LEU P 66 47.71 111.99 -4.75
CA LEU P 66 47.51 110.90 -3.79
C LEU P 66 47.14 109.58 -4.48
N ASN P 67 46.89 109.57 -5.78
CA ASN P 67 46.34 108.39 -6.43
C ASN P 67 47.21 107.83 -7.55
N LYS P 68 48.39 108.37 -7.83
CA LYS P 68 49.32 107.71 -8.74
C LYS P 68 50.53 107.23 -7.97
N ALA P 69 51.16 106.17 -8.51
CA ALA P 69 52.37 105.54 -7.97
C ALA P 69 52.18 105.04 -6.53
N ASN P 70 50.93 104.67 -6.20
CA ASN P 70 50.52 104.16 -4.89
C ASN P 70 50.94 105.10 -3.75
N MET P 71 50.73 106.39 -3.97
CA MET P 71 51.18 107.40 -3.00
C MET P 71 50.37 107.35 -1.72
N PHE P 72 49.07 107.06 -1.81
CA PHE P 72 48.24 106.96 -0.61
C PHE P 72 48.64 105.78 0.23
N TYR P 73 49.03 104.66 -0.39
CA TYR P 73 49.55 103.55 0.39
C TYR P 73 50.94 103.85 0.94
N ARG P 74 51.70 104.70 0.26
CA ARG P 74 53.02 105.08 0.75
C ARG P 74 52.92 105.95 1.99
N ILE P 75 51.98 106.90 2.00
CA ILE P 75 51.72 107.69 3.20
C ILE P 75 51.04 106.83 4.25
N TYR P 76 50.23 105.86 3.81
CA TYR P 76 49.52 104.96 4.72
C TYR P 76 50.46 104.00 5.44
N SER P 77 51.51 103.51 4.77
CA SER P 77 52.50 102.66 5.43
C SER P 77 53.67 103.45 6.00
N GLY P 78 53.68 104.77 5.83
CA GLY P 78 54.66 105.63 6.45
C GLY P 78 56.07 105.52 5.91
N GLU P 79 56.22 105.36 4.60
CA GLU P 79 57.53 105.48 4.00
C GLU P 79 57.97 106.93 3.89
N LEU P 80 57.04 107.88 3.98
CA LEU P 80 57.35 109.30 3.91
C LEU P 80 57.21 110.00 5.25
N GLY P 81 57.03 109.24 6.34
CA GLY P 81 57.02 109.85 7.66
C GLY P 81 55.81 109.52 8.52
N GLU P 82 56.03 109.30 9.80
CA GLU P 82 54.95 108.97 10.73
C GLU P 82 54.12 110.19 11.11
N GLU P 83 54.69 111.38 11.03
CA GLU P 83 53.87 112.56 11.31
C GLU P 83 52.97 112.84 10.10
N LEU P 84 53.42 112.45 8.91
CA LEU P 84 52.54 112.46 7.75
C LEU P 84 51.44 111.39 7.86
N GLN P 85 51.75 110.26 8.48
CA GLN P 85 50.71 109.24 8.70
C GLN P 85 49.62 109.90 9.52
N TYR P 86 50.02 110.68 10.51
CA TYR P 86 49.05 111.36 11.36
C TYR P 86 48.21 112.33 10.54
N LEU P 87 48.85 113.13 9.70
CA LEU P 87 48.13 114.12 8.90
C LEU P 87 47.12 113.42 8.00
N LEU P 88 47.54 112.33 7.38
CA LEU P 88 46.64 111.57 6.53
C LEU P 88 45.46 111.07 7.32
N LYS P 89 45.73 110.46 8.47
CA LYS P 89 44.66 109.89 9.29
C LYS P 89 43.77 110.94 9.93
N SER P 90 44.25 112.17 10.03
CA SER P 90 43.43 113.25 10.55
C SER P 90 42.35 113.58 9.54
N CYS P 91 42.64 113.33 8.27
CA CYS P 91 41.63 113.53 7.24
C CYS P 91 40.80 112.27 7.03
N CYS P 92 41.34 111.11 7.38
CA CYS P 92 40.60 109.85 7.24
C CYS P 92 39.60 109.63 8.37
N THR P 93 38.40 110.21 8.25
CA THR P 93 37.38 110.03 9.28
C THR P 93 36.12 109.38 8.73
N ALA P 94 35.22 108.95 9.62
CA ALA P 94 33.96 108.37 9.17
C ALA P 94 32.82 109.32 9.55
N LYS P 95 32.31 110.04 8.56
CA LYS P 95 31.16 110.90 8.73
C LYS P 95 29.93 110.20 8.19
N GLU P 96 28.83 110.30 8.91
CA GLU P 96 27.66 109.47 8.68
C GLU P 96 26.43 110.32 8.42
N ASP P 97 25.67 109.97 7.38
CA ASP P 97 24.35 110.54 7.14
C ASP P 97 23.54 109.50 6.39
N VAL P 98 22.33 109.25 6.84
CA VAL P 98 21.49 108.22 6.23
C VAL P 98 20.36 108.80 5.41
N THR P 99 20.19 110.12 5.40
CA THR P 99 19.15 110.74 4.60
C THR P 99 19.51 110.70 3.12
N THR P 100 18.47 110.59 2.28
CA THR P 100 18.57 110.41 0.83
C THR P 100 19.47 109.24 0.46
N LEU P 101 19.35 108.14 1.20
CA LEU P 101 20.09 106.92 0.91
C LEU P 101 19.14 105.74 1.00
N PRO P 102 19.38 104.69 0.21
CA PRO P 102 18.52 103.50 0.29
C PRO P 102 18.72 102.75 1.59
N GLN P 103 17.61 102.23 2.12
CA GLN P 103 17.61 101.47 3.37
C GLN P 103 16.81 100.21 3.14
N ILE P 104 17.49 99.07 3.05
CA ILE P 104 16.83 97.80 2.77
C ILE P 104 16.99 96.88 3.97
N TYR P 105 16.23 95.79 3.97
CA TYR P 105 16.33 94.78 5.01
C TYR P 105 17.07 93.56 4.45
N PHE P 106 18.07 93.10 5.18
CA PHE P 106 18.79 91.88 4.82
C PHE P 106 18.66 90.88 5.95
N LYS P 107 18.33 89.64 5.61
CA LYS P 107 18.11 88.62 6.62
C LYS P 107 19.44 88.18 7.21
N ASN P 108 19.54 88.24 8.53
CA ASN P 108 20.75 87.85 9.25
C ASN P 108 20.53 86.61 10.10
N GLY P 109 19.48 85.85 9.84
CA GLY P 109 19.15 84.69 10.65
C GLY P 109 18.22 85.09 11.77
N GLU P 110 16.98 84.58 11.71
CA GLU P 110 15.84 84.88 12.60
C GLU P 110 15.65 86.37 12.91
N GLY P 111 15.99 87.22 11.94
CA GLY P 111 15.94 88.66 12.14
C GLY P 111 16.50 89.34 10.92
N TYR P 112 16.42 90.67 10.93
CA TYR P 112 16.82 91.45 9.78
C TYR P 112 17.70 92.61 10.24
N ASP P 113 18.61 93.03 9.37
CA ASP P 113 19.43 94.21 9.56
C ASP P 113 19.07 95.23 8.49
N ILE P 114 18.92 96.49 8.88
CA ILE P 114 18.67 97.57 7.91
C ILE P 114 20.02 97.96 7.33
N LEU P 115 20.32 97.48 6.13
CA LEU P 115 21.54 97.83 5.45
C LEU P 115 21.33 99.07 4.60
N VAL P 116 22.26 100.01 4.72
CA VAL P 116 22.27 101.21 3.88
C VAL P 116 23.44 101.05 2.91
N PRO P 117 23.18 100.68 1.66
CA PRO P 117 24.27 100.40 0.72
C PRO P 117 24.89 101.70 0.21
N ILE P 118 26.18 101.88 0.49
CA ILE P 118 26.95 102.99 -0.05
C ILE P 118 27.99 102.43 -1.00
N GLY P 119 28.32 103.19 -2.04
CA GLY P 119 29.17 102.68 -3.10
C GLY P 119 30.65 102.77 -2.77
N ASN P 120 31.38 101.76 -3.22
CA ASN P 120 32.83 101.73 -3.02
C ASN P 120 33.50 102.69 -3.99
N ALA P 121 34.36 103.56 -3.47
CA ALA P 121 35.04 104.55 -4.29
C ALA P 121 36.16 103.93 -5.10
N HIS P 122 36.86 102.95 -4.51
CA HIS P 122 37.92 102.24 -5.22
C HIS P 122 37.35 101.50 -6.42
N ASN P 123 36.15 100.92 -6.26
CA ASN P 123 35.48 100.25 -7.36
C ASN P 123 35.20 101.21 -8.50
N LEU P 124 34.69 102.41 -8.19
CA LEU P 124 34.38 103.39 -9.23
C LEU P 124 35.62 103.87 -9.96
N ILE P 125 36.63 104.34 -9.21
CA ILE P 125 37.80 104.96 -9.84
C ILE P 125 38.66 103.90 -10.54
N SER P 126 38.98 102.81 -9.84
CA SER P 126 39.81 101.77 -10.43
C SER P 126 39.09 101.02 -11.53
N GLY P 127 37.77 100.87 -11.43
CA GLY P 127 37.02 100.25 -12.51
C GLY P 127 36.96 101.11 -13.76
N THR P 128 36.80 102.42 -13.60
CA THR P 128 36.82 103.31 -14.75
C THR P 128 38.18 103.28 -15.43
N GLU P 129 39.26 103.37 -14.63
CA GLU P 129 40.61 103.34 -15.19
C GLU P 129 40.94 102.00 -15.84
N TYR P 130 40.52 100.90 -15.21
CA TYR P 130 40.87 99.58 -15.73
C TYR P 130 40.05 99.23 -16.97
N LEU P 131 38.73 99.47 -16.92
CA LEU P 131 37.88 99.10 -18.05
C LEU P 131 38.05 100.06 -19.23
N TRP P 132 38.58 101.27 -18.99
CA TRP P 132 39.06 102.04 -20.12
C TRP P 132 40.44 101.55 -20.58
N GLU P 133 41.25 101.03 -19.67
CA GLU P 133 42.56 100.51 -20.03
C GLU P 133 42.46 99.15 -20.72
N HIS P 134 41.61 98.25 -20.23
CA HIS P 134 41.52 96.89 -20.76
C HIS P 134 40.45 96.75 -21.83
N LYS P 135 39.95 97.87 -22.37
CA LYS P 135 39.06 97.91 -23.53
C LYS P 135 37.76 97.13 -23.33
N TYR P 136 37.20 97.21 -22.12
CA TYR P 136 35.96 96.52 -21.80
C TYR P 136 34.81 97.49 -22.05
N TYR P 137 34.07 97.27 -23.13
CA TYR P 137 33.08 98.21 -23.65
C TYR P 137 31.66 97.71 -23.44
N ASN P 138 31.48 96.70 -22.58
CA ASN P 138 30.15 96.24 -22.17
C ASN P 138 29.73 96.97 -20.89
N THR P 139 29.57 98.29 -21.02
CA THR P 139 29.52 99.18 -19.88
C THR P 139 28.60 100.36 -20.17
N PHE P 140 28.20 101.03 -19.09
CA PHE P 140 27.55 102.32 -19.11
C PHE P 140 28.50 103.35 -18.52
N THR P 141 28.31 104.61 -18.92
CA THR P 141 29.11 105.72 -18.42
C THR P 141 28.17 106.77 -17.83
N GLN P 142 28.43 107.16 -16.59
CA GLN P 142 27.55 108.11 -15.90
C GLN P 142 28.37 109.18 -15.21
N LYS P 143 28.10 110.43 -15.55
CA LYS P 143 28.63 111.58 -14.82
C LYS P 143 27.80 111.76 -13.55
N LEU P 144 28.45 111.71 -12.40
CA LEU P 144 27.72 111.53 -11.14
C LEU P 144 27.20 112.85 -10.59
N GLY P 145 28.02 113.89 -10.56
CA GLY P 145 27.64 115.11 -9.86
C GLY P 145 26.60 115.94 -10.58
N GLY P 146 26.50 115.79 -11.90
CA GLY P 146 25.53 116.51 -12.70
C GLY P 146 26.21 117.44 -13.69
N SER P 147 25.72 118.68 -13.75
CA SER P 147 26.30 119.66 -14.65
C SER P 147 27.68 120.09 -14.19
N ASN P 148 27.84 120.32 -12.89
CA ASN P 148 29.12 120.71 -12.31
C ASN P 148 29.42 119.82 -11.11
N PRO P 149 30.17 118.73 -11.32
CA PRO P 149 30.32 117.70 -10.28
C PRO P 149 31.30 118.03 -9.17
N GLN P 150 31.79 119.27 -9.07
CA GLN P 150 32.72 119.60 -8.00
C GLN P 150 32.03 119.70 -6.65
N ASN P 151 30.72 119.94 -6.62
CA ASN P 151 30.00 119.89 -5.35
C ASN P 151 29.79 118.47 -4.85
N CYS P 152 29.99 117.47 -5.71
CA CYS P 152 29.81 116.09 -5.29
C CYS P 152 31.04 115.54 -4.59
N THR P 153 32.15 115.42 -5.32
CA THR P 153 33.25 114.53 -4.97
C THR P 153 34.44 114.93 -5.82
N HIS P 154 35.66 114.83 -5.25
CA HIS P 154 36.88 115.19 -5.96
C HIS P 154 37.09 114.33 -7.21
N ALA P 155 36.75 113.04 -7.13
CA ALA P 155 36.87 112.19 -8.31
C ALA P 155 35.85 112.56 -9.37
N CYS P 156 34.64 112.91 -8.96
CA CYS P 156 33.66 113.42 -9.91
C CYS P 156 34.08 114.79 -10.44
N ASN P 157 34.78 115.58 -9.62
CA ASN P 157 35.30 116.86 -10.08
C ASN P 157 36.37 116.69 -11.14
N LYS P 158 37.25 115.71 -10.98
CA LYS P 158 38.35 115.56 -11.92
C LYS P 158 38.01 114.64 -13.08
N MET P 159 37.51 113.43 -12.82
CA MET P 159 37.05 112.55 -13.89
C MET P 159 35.67 113.02 -14.34
N ARG P 160 35.66 114.06 -15.16
CA ARG P 160 34.44 114.65 -15.67
C ARG P 160 33.81 113.83 -16.78
N GLY P 161 34.55 112.89 -17.36
CA GLY P 161 34.01 112.07 -18.44
C GLY P 161 32.99 111.05 -18.01
N GLY P 162 32.83 110.84 -16.71
CA GLY P 162 31.87 109.90 -16.21
C GLY P 162 32.53 108.62 -15.74
N PHE P 163 31.91 107.98 -14.76
CA PHE P 163 32.40 106.71 -14.26
C PHE P 163 31.84 105.55 -15.06
N LYS P 164 32.65 104.52 -15.18
CA LYS P 164 32.31 103.29 -15.89
C LYS P 164 31.59 102.36 -14.92
N GLN P 165 30.37 101.98 -15.23
CA GLN P 165 29.69 100.91 -14.51
C GLN P 165 29.32 99.79 -15.46
N PHE P 166 29.08 98.61 -14.91
CA PHE P 166 28.87 97.43 -15.74
C PHE P 166 27.47 97.43 -16.35
N ASN P 167 27.41 97.24 -17.66
CA ASN P 167 26.15 97.01 -18.35
C ASN P 167 25.66 95.64 -17.95
N CYS P 168 24.74 95.60 -16.99
CA CYS P 168 24.26 94.32 -16.45
C CYS P 168 22.98 93.85 -17.11
N THR P 169 22.81 94.10 -18.40
CA THR P 169 21.67 93.57 -19.14
C THR P 169 21.85 92.09 -19.41
N PRO P 170 20.84 91.26 -19.13
CA PRO P 170 20.92 89.84 -19.49
C PRO P 170 20.60 89.62 -20.95
N PRO P 171 20.91 88.44 -21.50
CA PRO P 171 20.46 88.12 -22.85
C PRO P 171 18.94 88.00 -22.91
N GLN P 172 18.39 88.42 -24.04
CA GLN P 172 16.96 88.40 -24.26
C GLN P 172 16.53 87.03 -24.77
N VAL P 173 15.25 86.74 -24.61
CA VAL P 173 14.63 85.58 -25.21
C VAL P 173 13.92 86.04 -26.49
N GLU P 174 14.31 85.46 -27.62
CA GLU P 174 13.64 85.77 -28.88
C GLU P 174 12.24 85.20 -28.86
N ASP P 175 11.26 86.05 -29.18
CA ASP P 175 9.86 85.64 -29.12
C ASP P 175 9.51 84.67 -30.24
N ASN P 176 10.03 84.91 -31.44
CA ASN P 176 9.76 84.04 -32.58
C ASN P 176 10.70 82.84 -32.51
N TYR P 177 10.18 81.70 -32.10
CA TYR P 177 10.96 80.48 -32.02
C TYR P 177 10.10 79.26 -32.31
N MET Q 1 12.23 66.53 -0.09
CA MET Q 1 11.00 66.68 -0.86
C MET Q 1 10.71 68.18 -0.94
N ARG Q 2 10.62 68.69 -2.17
CA ARG Q 2 10.70 70.13 -2.44
C ARG Q 2 9.41 70.59 -3.12
N LYS Q 3 8.95 71.79 -2.81
CA LYS Q 3 7.76 72.37 -3.42
C LYS Q 3 8.07 73.76 -3.96
N PHE Q 4 7.52 74.09 -5.14
CA PHE Q 4 7.79 75.33 -5.82
C PHE Q 4 6.51 75.93 -6.35
N ILE Q 5 6.47 77.26 -6.42
CA ILE Q 5 5.42 77.96 -7.14
C ILE Q 5 6.07 78.92 -8.13
N ILE Q 6 5.64 78.85 -9.40
CA ILE Q 6 6.27 79.58 -10.49
C ILE Q 6 5.30 80.63 -11.00
N VAL Q 7 5.77 81.86 -11.08
CA VAL Q 7 5.07 82.96 -11.73
C VAL Q 7 5.83 83.24 -13.02
N LYS Q 8 5.21 82.91 -14.15
CA LYS Q 8 5.86 83.04 -15.45
C LYS Q 8 5.46 84.36 -16.10
N ASN Q 9 6.40 84.93 -16.87
CA ASN Q 9 6.21 86.14 -17.66
C ASN Q 9 5.75 87.32 -16.80
N VAL Q 10 6.57 87.67 -15.82
CA VAL Q 10 6.27 88.78 -14.91
C VAL Q 10 6.79 90.05 -15.57
N LYS Q 11 5.95 90.65 -16.41
CA LYS Q 11 6.27 91.92 -17.05
C LYS Q 11 6.26 93.03 -15.99
N VAL Q 12 7.43 93.58 -15.73
CA VAL Q 12 7.66 94.64 -14.75
C VAL Q 12 8.36 95.79 -15.45
N ASP Q 13 7.88 97.00 -15.24
CA ASP Q 13 8.48 98.20 -15.82
C ASP Q 13 8.69 99.25 -14.76
N GLY Q 14 9.71 100.08 -14.95
CA GLY Q 14 10.12 101.02 -13.92
C GLY Q 14 11.08 100.43 -12.91
N ILE Q 15 11.76 99.34 -13.26
CA ILE Q 15 12.73 98.70 -12.41
C ILE Q 15 13.90 99.64 -12.15
N ASN Q 16 14.26 99.80 -10.87
CA ASN Q 16 15.45 100.55 -10.52
C ASN Q 16 16.67 99.76 -10.95
N ALA Q 17 17.19 100.08 -12.14
CA ALA Q 17 18.28 99.32 -12.73
C ALA Q 17 19.61 99.52 -12.00
N LYS Q 18 19.72 100.52 -11.14
CA LYS Q 18 20.94 100.75 -10.38
C LYS Q 18 21.10 99.67 -9.32
N SER Q 19 21.70 98.54 -9.70
CA SER Q 19 21.96 97.46 -8.76
C SER Q 19 22.97 97.89 -7.70
N SER Q 20 23.99 98.63 -8.11
CA SER Q 20 24.97 99.20 -7.20
C SER Q 20 25.59 100.41 -7.90
N ASP Q 21 26.71 100.88 -7.37
CA ASP Q 21 27.43 101.99 -8.00
C ASP Q 21 28.07 101.56 -9.31
N ILE Q 22 28.56 100.32 -9.41
CA ILE Q 22 29.29 99.86 -10.58
C ILE Q 22 28.50 98.85 -11.39
N THR Q 23 27.27 98.53 -11.01
CA THR Q 23 26.43 97.61 -11.76
C THR Q 23 25.09 98.26 -12.04
N VAL Q 24 24.74 98.39 -13.32
CA VAL Q 24 23.45 98.87 -13.75
C VAL Q 24 22.89 97.90 -14.78
N GLY Q 25 21.68 97.40 -14.55
CA GLY Q 25 21.08 96.44 -15.44
C GLY Q 25 20.09 95.56 -14.72
N MET Q 26 20.27 94.25 -14.83
CA MET Q 26 19.38 93.29 -14.19
C MET Q 26 19.51 93.40 -12.67
N PRO Q 27 18.39 93.40 -11.95
CA PRO Q 27 18.45 93.40 -10.48
C PRO Q 27 19.11 92.13 -9.97
N PRO Q 28 19.91 92.22 -8.93
CA PRO Q 28 20.68 91.08 -8.46
C PRO Q 28 19.80 90.12 -7.66
N ALA Q 29 20.43 89.06 -7.15
CA ALA Q 29 19.70 88.07 -6.38
C ALA Q 29 19.33 88.56 -4.99
N THR Q 30 19.98 89.62 -4.50
CA THR Q 30 19.55 90.23 -3.25
C THR Q 30 18.17 90.84 -3.40
N THR Q 31 17.85 91.37 -4.58
CA THR Q 31 16.52 91.93 -4.85
C THR Q 31 15.45 90.84 -4.79
N PHE Q 32 15.70 89.72 -5.45
CA PHE Q 32 14.69 88.67 -5.50
C PHE Q 32 14.62 87.87 -4.21
N CYS Q 33 15.73 87.77 -3.47
CA CYS Q 33 15.67 87.23 -2.12
C CYS Q 33 14.91 88.16 -1.18
N GLY Q 34 15.06 89.48 -1.38
CA GLY Q 34 14.25 90.43 -0.64
C GLY Q 34 12.77 90.34 -0.98
N LEU Q 35 12.46 90.08 -2.26
CA LEU Q 35 11.06 89.83 -2.65
C LEU Q 35 10.53 88.55 -2.01
N GLY Q 36 11.37 87.52 -1.94
CA GLY Q 36 10.96 86.28 -1.29
C GLY Q 36 10.69 86.45 0.20
N GLU Q 37 11.56 87.16 0.91
CA GLU Q 37 11.29 87.40 2.32
C GLU Q 37 10.18 88.42 2.53
N THR Q 38 9.89 89.24 1.52
CA THR Q 38 8.75 90.15 1.62
C THR Q 38 7.46 89.33 1.67
N MET Q 39 7.33 88.31 0.83
CA MET Q 39 6.13 87.46 0.95
C MET Q 39 6.17 86.62 2.20
N SER Q 40 7.35 86.24 2.67
CA SER Q 40 7.42 85.52 3.94
C SER Q 40 6.83 86.39 5.04
N ILE Q 41 6.90 87.71 4.86
CA ILE Q 41 6.30 88.62 5.82
C ILE Q 41 4.82 88.88 5.52
N LYS Q 42 4.45 89.27 4.29
CA LYS Q 42 3.04 89.60 4.08
C LYS Q 42 2.15 88.37 4.05
N THR Q 43 2.50 87.35 3.27
CA THR Q 43 1.63 86.19 3.12
C THR Q 43 1.86 85.12 4.17
N GLY Q 44 3.01 85.12 4.83
CA GLY Q 44 3.30 84.12 5.84
C GLY Q 44 3.87 82.83 5.31
N ILE Q 45 3.93 82.65 3.99
CA ILE Q 45 4.53 81.45 3.43
C ILE Q 45 6.04 81.65 3.45
N VAL Q 46 6.74 80.86 4.25
CA VAL Q 46 8.16 81.14 4.45
C VAL Q 46 8.97 80.52 3.32
N VAL Q 47 9.82 81.33 2.69
CA VAL Q 47 10.45 81.02 1.41
C VAL Q 47 11.92 80.76 1.67
N LYS Q 48 12.41 79.59 1.22
CA LYS Q 48 13.83 79.32 1.34
C LYS Q 48 14.62 79.96 0.20
N ALA Q 49 14.31 79.58 -1.04
CA ALA Q 49 15.07 80.05 -2.18
C ALA Q 49 14.14 80.56 -3.27
N VAL Q 50 14.71 81.38 -4.16
CA VAL Q 50 14.03 81.89 -5.34
C VAL Q 50 14.96 81.72 -6.53
N SER Q 51 14.46 81.11 -7.60
CA SER Q 51 15.17 81.04 -8.86
C SER Q 51 14.46 81.97 -9.84
N TYR Q 52 15.18 82.97 -10.31
CA TYR Q 52 14.60 83.99 -11.18
C TYR Q 52 15.33 83.97 -12.51
N GLY Q 53 14.56 84.11 -13.58
CA GLY Q 53 15.13 84.20 -14.91
C GLY Q 53 14.57 85.41 -15.62
N SER Q 54 15.33 85.88 -16.60
CA SER Q 54 14.92 87.04 -17.39
C SER Q 54 14.42 86.58 -18.73
N VAL Q 55 13.12 86.74 -18.97
CA VAL Q 55 12.60 86.57 -20.33
C VAL Q 55 13.06 87.73 -21.19
N LYS Q 56 12.64 88.95 -20.84
CA LYS Q 56 13.06 90.15 -21.54
C LYS Q 56 13.63 91.13 -20.53
N PHE Q 57 14.60 91.94 -20.95
CA PHE Q 57 15.10 93.00 -20.09
C PHE Q 57 15.78 94.06 -20.93
N GLU Q 58 15.29 95.29 -20.86
CA GLU Q 58 15.93 96.42 -21.53
C GLU Q 58 16.16 97.52 -20.52
N VAL Q 59 17.41 97.97 -20.39
CA VAL Q 59 17.71 99.17 -19.64
C VAL Q 59 17.37 100.38 -20.50
N ARG Q 60 16.63 101.32 -19.92
CA ARG Q 60 16.21 102.51 -20.66
C ARG Q 60 17.43 103.42 -20.90
N GLY Q 61 17.72 103.67 -22.16
CA GLY Q 61 18.83 104.49 -22.55
C GLY Q 61 19.48 103.95 -23.81
N SER Q 62 20.67 104.45 -24.09
CA SER Q 62 21.44 104.03 -25.25
C SER Q 62 22.28 102.82 -24.89
N ARG Q 63 23.20 102.44 -25.78
CA ARG Q 63 24.06 101.31 -25.51
C ARG Q 63 25.21 101.65 -24.57
N PHE Q 64 25.47 102.94 -24.36
CA PHE Q 64 26.54 103.37 -23.46
C PHE Q 64 26.06 104.28 -22.34
N ASN Q 65 24.84 104.80 -22.42
CA ASN Q 65 24.31 105.67 -21.37
C ASN Q 65 22.89 105.28 -21.07
N THR Q 66 22.55 105.29 -19.78
CA THR Q 66 21.18 105.02 -19.37
C THR Q 66 20.37 106.31 -19.38
N SER Q 67 19.06 106.15 -19.60
CA SER Q 67 18.16 107.30 -19.60
C SER Q 67 17.91 107.72 -18.17
N VAL Q 68 18.35 108.92 -17.80
CA VAL Q 68 18.15 109.39 -16.45
C VAL Q 68 16.70 109.81 -16.26
N THR Q 69 16.28 109.86 -15.00
CA THR Q 69 14.90 110.16 -14.65
C THR Q 69 14.78 111.64 -14.35
N LYS Q 70 13.78 112.29 -14.94
CA LYS Q 70 13.51 113.69 -14.65
C LYS Q 70 13.01 113.83 -13.23
N PHE Q 71 13.86 114.33 -12.34
CA PHE Q 71 13.54 114.40 -10.92
C PHE Q 71 12.46 115.45 -10.66
N ALA Q 72 11.70 115.23 -9.60
CA ALA Q 72 10.66 116.15 -9.18
C ALA Q 72 11.09 116.84 -7.90
N TRP Q 73 10.69 118.11 -7.77
CA TRP Q 73 11.04 118.87 -6.58
C TRP Q 73 10.20 118.40 -5.40
N GLN Q 74 10.74 117.46 -4.63
CA GLN Q 74 10.01 116.87 -3.53
C GLN Q 74 10.66 117.09 -2.17
N ASP Q 75 11.87 117.63 -2.11
CA ASP Q 75 12.46 117.94 -0.83
C ASP Q 75 11.81 119.19 -0.23
N ARG Q 76 12.01 119.37 1.07
CA ARG Q 76 11.39 120.47 1.79
C ARG Q 76 12.39 121.62 1.94
N GLY Q 77 11.91 122.84 1.68
CA GLY Q 77 12.70 124.02 1.91
C GLY Q 77 13.35 124.60 0.67
N ASN Q 78 13.29 123.92 -0.47
CA ASN Q 78 13.85 124.44 -1.71
C ASN Q 78 12.78 125.00 -2.64
N GLY Q 79 11.73 125.59 -2.07
CA GLY Q 79 10.82 126.38 -2.88
C GLY Q 79 11.50 127.65 -3.36
N GLY Q 80 11.07 128.12 -4.52
CA GLY Q 80 11.76 129.22 -5.16
C GLY Q 80 12.71 128.71 -6.23
N LYS Q 81 13.38 127.61 -5.93
CA LYS Q 81 14.13 126.86 -6.93
C LYS Q 81 13.27 125.83 -7.65
N ALA Q 82 11.99 125.72 -7.28
CA ALA Q 82 11.12 124.69 -7.86
C ALA Q 82 10.73 125.00 -9.29
N ASN Q 83 10.79 126.26 -9.71
CA ASN Q 83 10.46 126.60 -11.11
C ASN Q 83 11.50 126.03 -12.06
N ASN Q 84 12.77 126.05 -11.68
CA ASN Q 84 13.81 125.43 -12.51
C ASN Q 84 13.73 123.91 -12.41
N ASN Q 85 14.49 123.26 -13.28
CA ASN Q 85 14.52 121.80 -13.32
C ASN Q 85 15.20 121.25 -12.08
N SER Q 86 14.64 120.16 -11.56
CA SER Q 86 15.23 119.53 -10.39
C SER Q 86 16.53 118.83 -10.77
N PRO Q 87 17.54 118.87 -9.89
CA PRO Q 87 18.79 118.18 -10.18
C PRO Q 87 18.61 116.68 -10.18
N ILE Q 88 19.38 116.00 -11.02
CA ILE Q 88 19.19 114.58 -11.28
C ILE Q 88 20.23 113.79 -10.51
N GLN Q 89 19.79 113.00 -9.59
CA GLN Q 89 20.70 112.00 -9.06
C GLN Q 89 20.61 110.75 -9.92
N PRO Q 90 21.72 110.01 -10.07
CA PRO Q 90 21.72 108.86 -10.97
C PRO Q 90 20.88 107.70 -10.48
N LYS Q 91 19.76 107.44 -11.16
CA LYS Q 91 19.00 106.20 -10.97
C LYS Q 91 18.51 105.74 -12.34
N PRO Q 92 19.22 104.82 -12.97
CA PRO Q 92 18.73 104.24 -14.22
C PRO Q 92 17.46 103.43 -14.01
N LEU Q 93 16.59 103.46 -15.01
CA LEU Q 93 15.36 102.70 -15.00
C LEU Q 93 15.41 101.65 -16.11
N ALA Q 94 14.62 100.59 -15.95
CA ALA Q 94 14.63 99.50 -16.90
C ALA Q 94 13.27 98.83 -16.92
N ASP Q 95 13.00 98.11 -17.99
CA ASP Q 95 11.84 97.21 -18.06
C ASP Q 95 12.32 95.78 -18.13
N GLY Q 96 11.51 94.87 -17.60
CA GLY Q 96 11.87 93.47 -17.58
C GLY Q 96 10.68 92.55 -17.42
N VAL Q 97 10.64 91.54 -18.28
CA VAL Q 97 9.73 90.42 -18.14
C VAL Q 97 10.53 89.30 -17.51
N PHE Q 98 10.11 88.87 -16.32
CA PHE Q 98 10.81 87.89 -15.53
C PHE Q 98 9.99 86.62 -15.39
N THR Q 99 10.65 85.55 -14.94
CA THR Q 99 9.99 84.32 -14.51
C THR Q 99 10.56 83.94 -13.16
N LEU Q 100 9.72 83.92 -12.14
CA LEU Q 100 10.15 83.65 -10.78
C LEU Q 100 9.69 82.26 -10.36
N CYS Q 101 10.48 81.61 -9.52
CA CYS Q 101 10.17 80.28 -9.03
C CYS Q 101 10.58 80.20 -7.57
N PHE Q 102 9.60 80.21 -6.68
CA PHE Q 102 9.86 80.27 -5.25
C PHE Q 102 9.77 78.87 -4.65
N GLU Q 103 10.85 78.44 -3.98
CA GLU Q 103 10.81 77.30 -3.08
C GLU Q 103 9.95 77.68 -1.88
N VAL Q 104 8.81 77.03 -1.74
CA VAL Q 104 7.98 77.23 -0.56
C VAL Q 104 7.73 75.87 0.06
N GLU Q 105 7.43 75.88 1.35
CA GLU Q 105 6.84 74.71 2.00
C GLU Q 105 5.45 75.06 2.50
N TRP Q 106 4.48 74.28 2.03
CA TRP Q 106 3.06 74.56 2.15
C TRP Q 106 2.36 73.28 2.60
N GLU Q 107 1.25 73.45 3.31
CA GLU Q 107 0.56 72.32 3.89
C GLU Q 107 -0.92 72.31 3.51
N ASP Q 108 -1.35 73.28 2.71
CA ASP Q 108 -2.73 73.41 2.30
C ASP Q 108 -2.83 73.13 0.80
N CYS Q 109 -4.00 73.38 0.23
CA CYS Q 109 -4.20 73.11 -1.18
C CYS Q 109 -3.41 74.11 -2.03
N ALA Q 110 -3.19 73.73 -3.28
CA ALA Q 110 -2.43 74.59 -4.18
C ALA Q 110 -3.20 75.83 -4.59
N GLU Q 111 -4.53 75.80 -4.50
CA GLU Q 111 -5.34 76.96 -4.91
C GLU Q 111 -5.15 78.14 -3.96
N VAL Q 112 -5.11 77.88 -2.65
CA VAL Q 112 -4.93 78.99 -1.72
C VAL Q 112 -3.47 79.48 -1.74
N LEU Q 113 -2.52 78.61 -2.08
CA LEU Q 113 -1.14 79.03 -2.25
C LEU Q 113 -0.99 79.92 -3.48
N VAL Q 114 -1.64 79.55 -4.57
CA VAL Q 114 -1.65 80.37 -5.79
C VAL Q 114 -2.33 81.70 -5.54
N ASP Q 115 -3.45 81.68 -4.79
CA ASP Q 115 -4.16 82.91 -4.47
C ASP Q 115 -3.35 83.82 -3.56
N LYS Q 116 -2.62 83.25 -2.60
CA LYS Q 116 -1.78 84.06 -1.72
C LYS Q 116 -0.61 84.69 -2.47
N VAL Q 117 0.02 83.92 -3.37
CA VAL Q 117 1.12 84.46 -4.16
C VAL Q 117 0.62 85.52 -5.14
N THR Q 118 -0.58 85.30 -5.72
CA THR Q 118 -1.18 86.28 -6.60
C THR Q 118 -1.54 87.57 -5.86
N ASN Q 119 -2.06 87.44 -4.64
CA ASN Q 119 -2.40 88.62 -3.86
C ASN Q 119 -1.14 89.35 -3.38
N PHE Q 120 -0.04 88.63 -3.19
CA PHE Q 120 1.23 89.31 -2.91
C PHE Q 120 1.73 90.06 -4.15
N ILE Q 121 1.74 89.38 -5.30
CA ILE Q 121 2.33 89.92 -6.52
C ILE Q 121 1.53 91.11 -7.04
N ASN Q 122 0.21 91.09 -6.83
CA ASN Q 122 -0.62 92.26 -7.13
C ASN Q 122 -0.28 93.47 -6.28
N THR Q 123 0.30 93.27 -5.10
CA THR Q 123 0.79 94.36 -4.27
C THR Q 123 2.31 94.39 -4.16
N ALA Q 124 3.03 93.66 -5.01
CA ALA Q 124 4.48 93.61 -4.95
C ALA Q 124 5.08 94.64 -5.91
N ARG Q 125 6.42 94.67 -5.92
CA ARG Q 125 7.15 95.66 -6.70
C ARG Q 125 8.54 95.08 -6.95
N ILE Q 126 8.76 94.56 -8.15
CA ILE Q 126 10.04 93.92 -8.47
C ILE Q 126 11.06 95.02 -8.74
N ALA Q 127 12.05 95.15 -7.83
CA ALA Q 127 13.20 96.06 -7.94
C ALA Q 127 12.77 97.51 -8.10
N GLY Q 128 11.72 97.89 -7.40
CA GLY Q 128 11.20 99.23 -7.53
C GLY Q 128 10.35 99.46 -8.76
N GLY Q 129 9.99 98.41 -9.48
CA GLY Q 129 9.20 98.52 -10.70
C GLY Q 129 7.80 97.97 -10.48
N THR Q 130 6.82 98.66 -11.06
CA THR Q 130 5.45 98.20 -10.99
C THR Q 130 5.29 96.94 -11.83
N ILE Q 131 4.70 95.91 -11.25
CA ILE Q 131 4.46 94.66 -11.97
C ILE Q 131 3.32 94.92 -12.94
N ALA Q 132 3.66 95.05 -14.22
CA ALA Q 132 2.67 95.39 -15.24
C ALA Q 132 1.71 94.24 -15.47
N SER Q 133 2.25 93.03 -15.62
CA SER Q 133 1.42 91.85 -15.84
C SER Q 133 2.18 90.62 -15.37
N PHE Q 134 1.43 89.53 -15.17
CA PHE Q 134 2.01 88.26 -14.77
C PHE Q 134 1.00 87.17 -15.04
N ASN Q 135 1.47 86.02 -15.49
CA ASN Q 135 0.59 84.87 -15.66
C ASN Q 135 0.17 84.33 -14.30
N LYS Q 136 -0.86 83.50 -14.32
CA LYS Q 136 -1.34 82.85 -13.11
C LYS Q 136 -0.26 81.89 -12.61
N PRO Q 137 0.22 82.05 -11.38
CA PRO Q 137 1.26 81.17 -10.87
C PRO Q 137 0.76 79.74 -10.73
N PHE Q 138 1.67 78.79 -10.94
CA PHE Q 138 1.32 77.39 -10.88
C PHE Q 138 2.29 76.68 -9.95
N VAL Q 139 1.78 75.70 -9.23
CA VAL Q 139 2.55 74.96 -8.24
C VAL Q 139 3.10 73.70 -8.89
N LYS Q 140 4.39 73.46 -8.72
CA LYS Q 140 5.00 72.22 -9.16
C LYS Q 140 5.93 71.72 -8.07
N VAL Q 141 6.01 70.41 -7.91
CA VAL Q 141 6.79 69.82 -6.82
C VAL Q 141 8.01 69.05 -7.29
N ALA Q 142 9.09 69.12 -6.53
CA ALA Q 142 10.29 68.35 -6.86
C ALA Q 142 10.48 67.20 -5.89
N LYS Q 143 9.76 66.10 -6.11
CA LYS Q 143 9.93 64.94 -5.25
C LYS Q 143 11.34 64.39 -5.40
N ASP Q 144 11.74 64.09 -6.64
CA ASP Q 144 13.10 63.59 -6.88
C ASP Q 144 13.89 64.60 -7.69
N ALA Q 145 14.99 64.17 -8.29
CA ALA Q 145 15.81 65.07 -9.08
C ALA Q 145 15.25 65.24 -10.49
N GLU Q 146 14.56 64.22 -11.00
CA GLU Q 146 13.93 64.36 -12.30
C GLU Q 146 12.75 65.29 -12.15
N GLU Q 147 12.11 65.27 -10.99
CA GLU Q 147 11.00 66.18 -10.72
C GLU Q 147 11.55 67.57 -10.48
N LEU Q 148 12.78 67.67 -10.00
CA LEU Q 148 13.41 68.98 -9.81
C LEU Q 148 13.64 69.58 -11.17
N ALA Q 149 14.03 68.75 -12.13
CA ALA Q 149 14.25 69.23 -13.49
C ALA Q 149 12.94 69.54 -14.18
N SER Q 150 11.86 68.91 -13.75
CA SER Q 150 10.56 69.23 -14.32
C SER Q 150 10.23 70.65 -13.94
N VAL Q 151 10.41 71.00 -12.67
CA VAL Q 151 10.17 72.37 -12.21
C VAL Q 151 11.12 73.31 -12.93
N LYS Q 152 12.37 72.91 -13.06
CA LYS Q 152 13.36 73.73 -13.76
C LYS Q 152 12.88 74.07 -15.17
N ASN Q 153 12.46 73.06 -15.93
CA ASN Q 153 12.05 73.29 -17.31
C ASN Q 153 10.68 73.93 -17.41
N ALA Q 154 9.96 74.04 -16.30
CA ALA Q 154 8.68 74.74 -16.33
C ALA Q 154 8.83 76.26 -16.35
N MET Q 155 10.03 76.80 -16.18
CA MET Q 155 10.29 78.23 -16.28
C MET Q 155 10.66 78.67 -17.69
N MET Q 156 10.59 77.77 -18.65
CA MET Q 156 10.92 78.07 -20.04
C MET Q 156 9.89 79.06 -20.63
N PRO Q 157 10.35 80.11 -21.31
CA PRO Q 157 11.74 80.50 -21.54
C PRO Q 157 12.26 81.62 -20.64
N CYS Q 158 13.39 81.41 -19.98
CA CYS Q 158 14.01 82.43 -19.15
C CYS Q 158 15.49 82.13 -18.99
N TYR Q 159 16.28 83.16 -18.76
CA TYR Q 159 17.72 83.07 -18.54
C TYR Q 159 17.99 83.24 -17.05
N VAL Q 160 18.24 82.14 -16.36
CA VAL Q 160 18.43 82.21 -14.92
C VAL Q 160 19.87 82.58 -14.58
N VAL Q 161 20.12 82.88 -13.32
CA VAL Q 161 21.41 83.36 -12.84
C VAL Q 161 22.12 82.21 -12.16
N VAL Q 162 23.34 81.91 -12.61
CA VAL Q 162 24.18 80.91 -11.96
C VAL Q 162 25.46 81.58 -11.49
N ASP Q 163 25.89 81.18 -10.30
CA ASP Q 163 27.05 81.78 -9.63
C ASP Q 163 28.32 81.12 -10.15
N CYS Q 164 29.29 81.92 -10.57
CA CYS Q 164 30.56 81.39 -11.02
C CYS Q 164 31.74 81.82 -10.17
N GLY Q 165 31.52 82.60 -9.11
CA GLY Q 165 32.55 82.82 -8.13
C GLY Q 165 33.56 83.91 -8.45
N VAL Q 166 34.32 84.34 -7.45
CA VAL Q 166 35.33 85.38 -7.61
C VAL Q 166 36.69 84.72 -7.54
N GLU Q 167 37.51 84.94 -8.57
CA GLU Q 167 38.89 84.44 -8.56
C GLU Q 167 39.83 85.44 -7.88
N VAL Q 168 39.95 86.63 -8.46
CA VAL Q 168 40.80 87.66 -7.87
C VAL Q 168 39.97 88.88 -7.47
N ASN Q 169 39.24 89.46 -8.41
CA ASN Q 169 38.34 90.56 -8.13
C ASN Q 169 37.29 90.63 -9.24
N ILE Q 170 36.55 91.73 -9.28
CA ILE Q 170 35.45 91.87 -10.23
C ILE Q 170 35.85 92.36 -11.62
N PHE Q 171 36.66 93.41 -11.71
CA PHE Q 171 36.99 93.97 -13.01
C PHE Q 171 37.87 93.05 -13.82
N GLU Q 172 38.89 92.51 -13.18
CA GLU Q 172 39.81 91.62 -13.87
C GLU Q 172 39.09 90.49 -14.58
N ASP Q 173 38.36 89.68 -13.84
CA ASP Q 173 37.70 88.53 -14.46
C ASP Q 173 36.51 88.87 -15.37
N ALA Q 174 35.93 90.06 -15.20
CA ALA Q 174 34.86 90.46 -16.11
C ALA Q 174 35.42 90.71 -17.49
N VAL Q 175 36.68 91.12 -17.57
CA VAL Q 175 37.31 91.28 -18.88
C VAL Q 175 37.82 89.93 -19.31
N ASN Q 176 38.61 89.28 -18.46
CA ASN Q 176 39.20 88.00 -18.81
C ASN Q 176 38.18 86.91 -19.13
N ARG Q 177 37.50 86.41 -18.10
CA ARG Q 177 36.57 85.31 -18.35
C ARG Q 177 35.20 85.79 -18.80
N LYS Q 178 35.00 87.11 -18.95
CA LYS Q 178 33.74 87.60 -19.52
C LYS Q 178 32.47 87.12 -18.88
N LEU Q 179 32.34 87.33 -17.59
CA LEU Q 179 31.14 86.93 -16.89
C LEU Q 179 30.55 88.19 -16.35
N GLN Q 180 29.31 88.13 -15.93
CA GLN Q 180 28.66 89.34 -15.46
C GLN Q 180 28.75 89.57 -13.95
N PRO Q 181 29.06 90.82 -13.50
CA PRO Q 181 29.07 90.90 -12.02
C PRO Q 181 27.77 91.39 -11.41
N MET Q 182 27.38 90.87 -10.25
CA MET Q 182 26.18 91.36 -9.59
C MET Q 182 26.26 91.26 -8.08
N VAL Q 183 25.40 91.99 -7.38
CA VAL Q 183 25.41 92.00 -5.93
C VAL Q 183 24.94 90.70 -5.28
N ASN Q 184 25.85 89.89 -4.76
CA ASN Q 184 25.47 88.70 -4.01
C ASN Q 184 25.27 88.98 -2.54
N GLY Q 185 25.32 90.23 -2.13
CA GLY Q 185 25.19 90.58 -0.73
C GLY Q 185 25.94 91.85 -0.44
N TYR Q 186 26.13 92.12 0.85
CA TYR Q 186 26.72 93.36 1.28
C TYR Q 186 27.75 93.09 2.36
N LYS Q 187 28.62 94.07 2.58
CA LYS Q 187 29.63 94.02 3.62
C LYS Q 187 29.35 95.15 4.60
N LYS Q 188 29.33 94.81 5.89
CA LYS Q 188 29.00 95.78 6.93
C LYS Q 188 30.24 96.60 7.24
N LEU Q 189 30.11 97.92 7.24
CA LEU Q 189 31.25 98.79 7.54
C LEU Q 189 31.19 99.29 8.98
N GLU Q 190 30.19 100.11 9.32
CA GLU Q 190 30.02 100.65 10.66
C GLU Q 190 28.60 100.45 11.17
N LYS Q 191 28.51 100.23 12.48
CA LYS Q 191 27.26 100.32 13.21
C LYS Q 191 26.68 101.72 13.09
N ILE Q 192 25.37 101.81 12.95
CA ILE Q 192 24.66 103.07 12.80
C ILE Q 192 24.08 103.45 14.15
N VAL Q 193 24.51 104.60 14.67
CA VAL Q 193 24.10 105.04 16.00
C VAL Q 193 22.85 105.90 16.01
N ASP Q 194 22.36 106.30 14.83
CA ASP Q 194 21.19 107.18 14.73
C ASP Q 194 20.08 106.42 14.03
N ASN Q 195 19.09 105.98 14.82
CA ASN Q 195 17.94 105.26 14.29
C ASN Q 195 16.71 106.15 14.13
N LYS Q 196 16.88 107.46 14.25
CA LYS Q 196 15.73 108.37 14.15
C LYS Q 196 15.24 108.48 12.71
N HIS Q 197 16.16 108.52 11.75
CA HIS Q 197 15.81 108.71 10.34
C HIS Q 197 15.67 107.40 9.59
N MET Q 198 15.24 106.33 10.25
CA MET Q 198 15.15 105.02 9.63
C MET Q 198 13.73 104.48 9.63
N ARG Q 199 13.58 103.33 8.97
CA ARG Q 199 12.29 102.67 8.87
C ARG Q 199 11.84 102.13 10.21
N ASP Q 200 12.70 101.38 10.90
CA ASP Q 200 12.47 100.97 12.27
C ASP Q 200 13.51 101.61 13.19
N LYS Q 201 13.11 101.85 14.43
CA LYS Q 201 14.02 102.34 15.46
C LYS Q 201 14.68 101.21 16.24
N PHE Q 202 14.13 100.00 16.17
CA PHE Q 202 14.64 98.87 16.95
C PHE Q 202 15.45 97.88 16.14
N THR Q 203 15.24 97.83 14.83
CA THR Q 203 16.01 96.95 13.96
C THR Q 203 17.43 97.50 13.83
N PRO Q 204 18.47 96.70 14.12
CA PRO Q 204 19.83 97.23 14.06
C PRO Q 204 20.28 97.49 12.64
N ALA Q 205 20.99 98.60 12.46
CA ALA Q 205 21.29 99.12 11.14
C ALA Q 205 22.79 99.25 10.93
N TYR Q 206 23.23 98.95 9.71
CA TYR Q 206 24.64 99.05 9.36
C TYR Q 206 24.76 99.72 8.01
N LEU Q 207 25.77 100.59 7.87
CA LEU Q 207 26.21 101.04 6.58
C LEU Q 207 26.86 99.86 5.85
N ALA Q 208 26.61 99.75 4.56
CA ALA Q 208 27.04 98.58 3.82
C ALA Q 208 27.67 98.99 2.49
N THR Q 209 28.63 98.21 2.05
CA THR Q 209 29.19 98.31 0.72
C THR Q 209 28.93 96.99 0.01
N PRO Q 210 28.31 97.00 -1.18
CA PRO Q 210 27.86 95.75 -1.80
C PRO Q 210 29.03 94.89 -2.25
N THR Q 211 29.12 93.69 -1.68
CA THR Q 211 29.98 92.68 -2.25
C THR Q 211 29.35 92.13 -3.52
N TYR Q 212 30.19 91.68 -4.44
CA TYR Q 212 29.72 91.14 -5.70
C TYR Q 212 30.35 89.78 -5.96
N THR Q 213 29.61 88.95 -6.69
CA THR Q 213 30.16 87.67 -7.10
C THR Q 213 30.05 87.76 -8.61
N MET Q 214 30.67 86.84 -9.31
CA MET Q 214 30.56 86.85 -10.76
C MET Q 214 29.60 85.80 -11.21
N ILE Q 215 28.69 86.16 -12.09
CA ILE Q 215 27.66 85.23 -12.52
C ILE Q 215 27.52 85.09 -14.01
N GLY Q 216 26.89 84.02 -14.47
CA GLY Q 216 26.61 83.87 -15.88
C GLY Q 216 25.12 83.65 -16.07
N TYR Q 217 24.66 83.98 -17.26
CA TYR Q 217 23.30 83.71 -17.69
C TYR Q 217 23.27 82.45 -18.52
N LYS Q 218 22.50 81.46 -18.07
CA LYS Q 218 22.31 80.25 -18.85
C LYS Q 218 20.79 80.03 -18.91
N MET Q 219 20.28 79.51 -20.02
CA MET Q 219 18.85 79.20 -20.10
C MET Q 219 18.53 78.14 -19.08
N VAL Q 220 17.36 78.23 -18.47
CA VAL Q 220 17.02 77.29 -17.41
C VAL Q 220 17.09 75.80 -17.83
N SER Q 221 16.80 75.46 -19.08
CA SER Q 221 16.90 74.06 -19.49
C SER Q 221 18.35 73.61 -19.63
N ASN Q 222 19.24 74.53 -20.03
CA ASN Q 222 20.64 74.20 -20.16
C ASN Q 222 21.37 74.17 -18.83
N VAL Q 223 20.73 74.58 -17.75
CA VAL Q 223 21.31 74.44 -16.42
C VAL Q 223 21.14 72.98 -15.97
N ASP Q 224 22.25 72.35 -15.61
CA ASP Q 224 22.21 70.93 -15.24
C ASP Q 224 21.53 70.72 -13.90
N ASN Q 225 21.92 71.50 -12.89
CA ASN Q 225 21.37 71.36 -11.55
C ASN Q 225 20.58 72.62 -11.22
N PHE Q 226 19.30 72.44 -10.89
CA PHE Q 226 18.44 73.57 -10.55
C PHE Q 226 18.83 74.24 -9.24
N ASP Q 227 19.58 73.54 -8.37
CA ASP Q 227 20.08 74.15 -7.15
C ASP Q 227 21.12 75.22 -7.42
N GLN Q 228 21.75 75.21 -8.59
CA GLN Q 228 22.71 76.25 -8.95
C GLN Q 228 22.04 77.51 -9.49
N ALA Q 229 20.71 77.51 -9.61
CA ALA Q 229 19.96 78.69 -10.01
C ALA Q 229 19.05 79.22 -8.92
N LEU Q 230 18.89 78.50 -7.82
CA LEU Q 230 18.03 78.93 -6.72
C LEU Q 230 18.87 79.69 -5.72
N TRP Q 231 18.68 81.01 -5.66
CA TRP Q 231 19.39 81.87 -4.75
C TRP Q 231 18.64 81.98 -3.42
N GLN Q 232 19.40 82.03 -2.34
CA GLN Q 232 18.83 82.06 -1.00
C GLN Q 232 19.76 82.83 -0.08
N TYR Q 233 19.21 83.28 1.04
CA TYR Q 233 19.97 84.09 1.99
C TYR Q 233 20.99 83.23 2.73
N GLY Q 234 22.27 83.41 2.40
CA GLY Q 234 23.33 82.76 3.13
C GLY Q 234 23.66 83.47 4.42
N GLU Q 235 24.32 82.74 5.32
CA GLU Q 235 24.67 83.27 6.64
C GLU Q 235 26.10 83.83 6.55
N ASN Q 236 26.27 84.80 5.66
CA ASN Q 236 27.46 85.63 5.65
C ASN Q 236 27.10 87.07 5.29
N THR Q 237 25.89 87.50 5.69
CA THR Q 237 25.11 88.65 5.20
C THR Q 237 25.19 88.81 3.67
N LYS Q 238 25.13 87.68 2.98
CA LYS Q 238 25.17 87.58 1.52
C LYS Q 238 24.04 86.66 1.07
N VAL Q 239 23.92 86.50 -0.25
CA VAL Q 239 23.06 85.47 -0.81
C VAL Q 239 23.93 84.53 -1.63
N LYS Q 240 23.42 83.31 -1.84
CA LYS Q 240 24.21 82.25 -2.46
C LYS Q 240 23.26 81.24 -3.07
N THR Q 241 23.80 80.45 -4.00
CA THR Q 241 23.04 79.38 -4.60
C THR Q 241 23.09 78.14 -3.71
N ILE Q 242 22.07 77.29 -3.85
CA ILE Q 242 22.05 76.02 -3.13
C ILE Q 242 23.10 75.08 -3.70
N GLY Q 243 23.25 75.06 -5.02
CA GLY Q 243 24.22 74.23 -5.68
C GLY Q 243 25.63 74.77 -5.70
N GLY Q 244 25.85 75.96 -5.15
CA GLY Q 244 27.19 76.51 -5.12
C GLY Q 244 27.61 77.12 -6.45
N ILE Q 245 28.92 77.03 -6.71
CA ILE Q 245 29.50 77.65 -7.90
C ILE Q 245 29.15 76.80 -9.12
N TYR Q 246 28.63 77.44 -10.16
CA TYR Q 246 28.37 76.75 -11.41
C TYR Q 246 29.69 76.41 -12.10
N ASN Q 247 29.81 75.17 -12.56
CA ASN Q 247 31.03 74.71 -13.20
C ASN Q 247 30.82 74.53 -14.70
N MET R 1 -10.42 13.69 -26.41
CA MET R 1 -9.87 12.44 -26.91
C MET R 1 -8.52 12.17 -26.24
N GLN R 2 -7.69 13.22 -26.19
CA GLN R 2 -6.39 13.25 -25.50
C GLN R 2 -5.40 12.23 -26.05
N LYS R 3 -4.25 12.08 -25.36
CA LYS R 3 -3.23 11.15 -25.82
C LYS R 3 -3.61 9.70 -25.56
N GLN R 4 -4.51 9.46 -24.60
CA GLN R 4 -5.19 8.18 -24.36
C GLN R 4 -4.19 7.08 -23.93
N ILE R 5 -3.04 7.52 -23.38
CA ILE R 5 -1.90 6.73 -22.91
C ILE R 5 -1.22 5.97 -24.04
N LEU R 6 0.09 6.18 -24.20
CA LEU R 6 0.87 5.33 -25.10
C LEU R 6 0.87 3.90 -24.60
N THR R 7 0.76 2.97 -25.54
CA THR R 7 0.61 1.56 -25.18
C THR R 7 1.89 0.98 -24.59
N SER R 8 3.04 1.62 -24.82
CA SER R 8 4.24 1.27 -24.08
C SER R 8 4.16 1.74 -22.63
N GLN R 9 3.34 2.74 -22.34
CA GLN R 9 3.22 3.31 -21.01
C GLN R 9 1.99 2.77 -20.26
N LYS R 10 1.41 1.68 -20.74
CA LYS R 10 0.40 0.97 -19.98
C LYS R 10 1.08 -0.06 -19.09
N ARG R 11 0.65 -0.15 -17.83
CA ARG R 11 1.35 -0.98 -16.86
C ARG R 11 0.55 -2.19 -16.39
N ASN R 12 -0.77 -2.14 -16.46
CA ASN R 12 -1.61 -3.24 -15.97
C ASN R 12 -1.74 -4.31 -17.04
N MET R 13 -1.58 -5.57 -16.62
CA MET R 13 -1.82 -6.73 -17.47
C MET R 13 -2.54 -7.78 -16.65
N TYR R 14 -3.47 -8.49 -17.29
CA TYR R 14 -4.28 -9.48 -16.60
C TYR R 14 -4.44 -10.72 -17.45
N ILE R 15 -4.55 -11.87 -16.77
CA ILE R 15 -5.07 -13.10 -17.36
C ILE R 15 -6.15 -13.60 -16.41
N LEU R 16 -7.40 -13.38 -16.79
CA LEU R 16 -8.53 -13.71 -15.93
C LEU R 16 -8.89 -15.18 -16.04
N SER R 17 -9.37 -15.76 -14.95
CA SER R 17 -9.69 -17.17 -14.89
C SER R 17 -11.02 -17.39 -14.18
N ARG R 18 -11.90 -18.16 -14.82
CA ARG R 18 -13.19 -18.61 -14.28
C ARG R 18 -14.08 -17.42 -13.88
N CYS R 19 -14.46 -16.66 -14.90
CA CYS R 19 -15.22 -15.44 -14.67
C CYS R 19 -16.02 -15.08 -15.91
N LYS R 20 -16.98 -14.18 -15.73
CA LYS R 20 -17.79 -13.64 -16.81
C LYS R 20 -17.45 -12.16 -16.92
N VAL R 21 -16.79 -11.79 -18.01
CA VAL R 21 -16.35 -10.41 -18.19
C VAL R 21 -17.44 -9.62 -18.89
N LEU R 22 -17.77 -8.45 -18.36
CA LEU R 22 -18.91 -7.72 -18.86
C LEU R 22 -18.70 -6.23 -18.63
N VAL R 23 -19.74 -5.47 -18.95
CA VAL R 23 -19.78 -4.03 -18.75
C VAL R 23 -20.92 -3.74 -17.78
N LYS R 24 -20.58 -3.16 -16.63
CA LYS R 24 -21.57 -2.74 -15.64
C LYS R 24 -21.30 -1.28 -15.34
N ASN R 25 -22.20 -0.40 -15.81
CA ASN R 25 -22.05 1.05 -15.75
C ASN R 25 -20.73 1.49 -16.38
N GLY R 26 -20.51 1.04 -17.61
CA GLY R 26 -19.33 1.42 -18.37
C GLY R 26 -18.03 0.90 -17.84
N GLN R 27 -18.05 -0.18 -17.06
CA GLN R 27 -16.86 -0.68 -16.40
C GLN R 27 -16.51 -2.04 -16.97
N VAL R 28 -15.27 -2.22 -17.42
CA VAL R 28 -14.81 -3.57 -17.75
C VAL R 28 -14.60 -4.31 -16.45
N CYS R 29 -15.50 -5.25 -16.16
CA CYS R 29 -15.36 -5.96 -14.89
C CYS R 29 -15.70 -7.42 -15.08
N HIS R 30 -14.94 -8.28 -14.41
CA HIS R 30 -15.18 -9.70 -14.44
C HIS R 30 -15.88 -10.12 -13.16
N LEU R 31 -16.95 -10.89 -13.31
CA LEU R 31 -17.80 -11.33 -12.22
C LEU R 31 -17.61 -12.84 -12.03
N HIS R 32 -17.32 -13.25 -10.80
CA HIS R 32 -17.19 -14.66 -10.50
C HIS R 32 -18.53 -15.22 -10.03
N GLU R 33 -18.57 -16.53 -9.80
CA GLU R 33 -19.81 -17.16 -9.40
C GLU R 33 -20.16 -16.90 -7.93
N ASP R 34 -19.26 -16.31 -7.16
CA ASP R 34 -19.55 -15.95 -5.77
C ASP R 34 -20.19 -14.57 -5.65
N GLY R 35 -20.45 -13.90 -6.76
CA GLY R 35 -21.08 -12.60 -6.75
C GLY R 35 -20.13 -11.43 -6.65
N ASN R 36 -18.85 -11.63 -6.96
CA ASN R 36 -17.83 -10.60 -6.83
C ASN R 36 -17.49 -10.02 -8.19
N VAL R 37 -17.63 -8.71 -8.32
CA VAL R 37 -17.41 -8.03 -9.59
C VAL R 37 -16.14 -7.20 -9.43
N TYR R 38 -15.05 -7.65 -10.04
CA TYR R 38 -13.78 -6.93 -9.97
C TYR R 38 -13.57 -6.16 -11.26
N THR R 39 -13.32 -4.85 -11.13
CA THR R 39 -13.12 -4.00 -12.29
C THR R 39 -11.73 -4.20 -12.88
N VAL R 40 -11.56 -3.76 -14.12
CA VAL R 40 -10.29 -3.82 -14.83
C VAL R 40 -9.96 -2.42 -15.32
N PRO R 41 -8.74 -1.92 -15.10
CA PRO R 41 -8.36 -0.62 -15.67
C PRO R 41 -8.14 -0.70 -17.17
N TYR R 42 -9.22 -0.58 -17.95
CA TYR R 42 -9.16 -0.89 -19.37
C TYR R 42 -8.37 0.14 -20.17
N ALA R 43 -8.31 1.38 -19.70
CA ALA R 43 -7.47 2.37 -20.38
C ALA R 43 -6.00 2.25 -20.01
N ASN R 44 -5.67 1.38 -19.04
CA ASN R 44 -4.29 1.14 -18.66
C ASN R 44 -3.89 -0.32 -18.84
N THR R 45 -4.76 -1.16 -19.40
CA THR R 45 -4.47 -2.58 -19.54
C THR R 45 -3.64 -2.83 -20.79
N VAL R 46 -2.59 -3.64 -20.63
CA VAL R 46 -1.81 -4.08 -21.79
C VAL R 46 -2.53 -5.22 -22.50
N PHE R 47 -2.83 -6.29 -21.77
CA PHE R 47 -3.58 -7.40 -22.33
C PHE R 47 -4.46 -8.03 -21.27
N ILE R 48 -5.52 -8.71 -21.74
CA ILE R 48 -6.34 -9.57 -20.91
C ILE R 48 -6.39 -10.93 -21.55
N GLY R 49 -5.64 -11.87 -21.00
CA GLY R 49 -5.81 -13.26 -21.34
C GLY R 49 -7.05 -13.82 -20.68
N LEU R 50 -7.62 -14.86 -21.28
CA LEU R 50 -8.81 -15.51 -20.73
C LEU R 50 -8.54 -16.99 -20.62
N ALA R 51 -8.58 -17.51 -19.39
CA ALA R 51 -8.25 -18.89 -19.09
C ALA R 51 -9.50 -19.75 -19.26
N GLU R 52 -9.47 -21.00 -18.78
CA GLU R 52 -10.62 -21.88 -18.93
C GLU R 52 -11.75 -21.45 -17.99
N GLY R 53 -12.97 -21.61 -18.46
CA GLY R 53 -14.13 -21.17 -17.70
C GLY R 53 -14.41 -19.69 -17.79
N THR R 54 -13.83 -19.00 -18.77
CA THR R 54 -14.01 -17.56 -18.90
C THR R 54 -15.01 -17.24 -20.01
N SER R 55 -15.55 -16.03 -19.94
CA SER R 55 -16.52 -15.55 -20.90
C SER R 55 -16.54 -14.03 -20.88
N ILE R 56 -16.75 -13.42 -22.04
CA ILE R 56 -16.69 -11.97 -22.18
C ILE R 56 -17.79 -11.53 -23.14
N THR R 57 -18.42 -10.39 -22.83
CA THR R 57 -19.51 -9.91 -23.66
C THR R 57 -18.96 -9.16 -24.87
N ASN R 58 -19.84 -8.63 -25.69
CA ASN R 58 -19.43 -7.78 -26.80
C ASN R 58 -18.93 -6.43 -26.34
N GLU R 59 -19.64 -5.78 -25.41
CA GLU R 59 -19.32 -4.41 -25.04
C GLU R 59 -17.99 -4.33 -24.32
N ALA R 60 -17.64 -5.38 -23.59
CA ALA R 60 -16.35 -5.44 -22.93
C ALA R 60 -15.22 -5.48 -23.96
N MET R 61 -15.37 -6.29 -25.02
CA MET R 61 -14.42 -6.26 -26.12
C MET R 61 -14.45 -4.93 -26.86
N SER R 62 -15.61 -4.27 -26.91
CA SER R 62 -15.74 -3.01 -27.62
C SER R 62 -14.95 -1.90 -26.94
N MET R 63 -15.04 -1.81 -25.63
CA MET R 63 -14.28 -0.79 -24.92
C MET R 63 -12.93 -1.28 -24.40
N LEU R 64 -12.56 -2.54 -24.66
CA LEU R 64 -11.15 -2.91 -24.53
C LEU R 64 -10.39 -2.66 -25.82
N ALA R 65 -11.02 -2.90 -26.96
CA ALA R 65 -10.38 -2.67 -28.25
C ALA R 65 -10.28 -1.17 -28.56
N ALA R 66 -11.24 -0.38 -28.08
CA ALA R 66 -11.13 1.07 -28.25
C ALA R 66 -10.01 1.64 -27.39
N ASN R 67 -9.70 0.99 -26.28
CA ASN R 67 -8.60 1.39 -25.41
C ASN R 67 -7.33 0.62 -25.71
N GLY R 68 -7.30 -0.16 -26.79
CA GLY R 68 -6.10 -0.83 -27.23
C GLY R 68 -5.63 -1.98 -26.37
N VAL R 69 -6.54 -2.87 -25.96
CA VAL R 69 -6.20 -4.01 -25.14
C VAL R 69 -6.34 -5.27 -25.98
N ILE R 70 -5.29 -6.08 -26.00
CA ILE R 70 -5.24 -7.32 -26.77
C ILE R 70 -5.83 -8.43 -25.92
N VAL R 71 -6.77 -9.18 -26.47
CA VAL R 71 -7.49 -10.20 -25.71
C VAL R 71 -7.20 -11.56 -26.34
N PHE R 72 -6.59 -12.45 -25.57
CA PHE R 72 -6.35 -13.79 -26.07
C PHE R 72 -6.94 -14.83 -25.12
N TRP R 73 -6.99 -16.06 -25.62
CA TRP R 73 -7.56 -17.20 -24.92
C TRP R 73 -6.52 -18.29 -24.84
N THR R 74 -6.42 -18.93 -23.68
CA THR R 74 -5.33 -19.85 -23.40
C THR R 74 -5.63 -21.29 -23.81
N LYS R 75 -6.75 -21.55 -24.47
CA LYS R 75 -7.09 -22.88 -24.92
C LYS R 75 -7.26 -22.90 -26.44
N GLY R 76 -7.59 -24.07 -26.98
CA GLY R 76 -7.60 -24.27 -28.42
C GLY R 76 -6.31 -24.91 -28.87
N GLY R 77 -5.40 -24.09 -29.40
CA GLY R 77 -4.04 -24.51 -29.63
C GLY R 77 -3.15 -24.03 -28.50
N GLY R 78 -3.75 -23.79 -27.34
CA GLY R 78 -3.06 -23.24 -26.19
C GLY R 78 -2.48 -24.29 -25.27
N TYR R 79 -2.32 -25.51 -25.77
CA TYR R 79 -1.63 -26.54 -25.01
C TYR R 79 -0.12 -26.34 -25.00
N ASP R 80 0.39 -25.43 -25.85
CA ASP R 80 1.74 -24.88 -25.87
C ASP R 80 2.80 -25.87 -26.37
N MET R 81 2.42 -27.13 -26.63
CA MET R 81 3.34 -28.08 -27.21
C MET R 81 3.46 -27.88 -28.72
N PHE R 82 2.34 -27.89 -29.43
CA PHE R 82 2.34 -27.50 -30.83
C PHE R 82 2.46 -25.99 -30.97
N ALA R 83 1.83 -25.24 -30.04
CA ALA R 83 1.77 -23.77 -30.02
C ALA R 83 1.25 -23.21 -31.34
N ALA R 84 0.22 -23.86 -31.87
CA ALA R 84 -0.29 -23.52 -33.20
C ALA R 84 -1.15 -22.26 -33.19
N ASP R 85 -2.26 -22.28 -32.47
CA ASP R 85 -3.23 -21.19 -32.48
C ASP R 85 -3.67 -20.85 -31.06
N ILE R 86 -2.95 -19.95 -30.41
CA ILE R 86 -3.49 -19.28 -29.23
C ILE R 86 -4.35 -18.14 -29.74
N ILE R 87 -5.65 -18.21 -29.45
CA ILE R 87 -6.65 -17.39 -30.11
C ILE R 87 -6.55 -15.96 -29.60
N CYS R 88 -6.03 -15.05 -30.42
CA CYS R 88 -5.57 -13.76 -29.95
C CYS R 88 -6.15 -12.64 -30.79
N HIS R 89 -7.23 -12.04 -30.30
CA HIS R 89 -7.87 -10.91 -30.95
C HIS R 89 -7.15 -9.61 -30.62
N LEU R 90 -6.92 -8.80 -31.65
CA LEU R 90 -6.22 -7.54 -31.62
C LEU R 90 -7.21 -6.42 -31.96
N PRO R 91 -6.94 -5.20 -31.51
CA PRO R 91 -7.78 -4.07 -31.92
C PRO R 91 -7.39 -3.46 -33.26
N GLN R 92 -7.88 -3.97 -34.39
CA GLN R 92 -7.48 -3.35 -35.64
C GLN R 92 -8.43 -2.25 -36.10
N ALA R 93 -9.42 -1.89 -35.27
CA ALA R 93 -10.28 -0.75 -35.59
C ALA R 93 -9.48 0.55 -35.58
N ASP R 94 -8.54 0.67 -34.64
CA ASP R 94 -7.57 1.74 -34.69
C ASP R 94 -6.63 1.52 -35.86
N TYR R 95 -6.46 2.55 -36.69
CA TYR R 95 -5.61 2.44 -37.87
C TYR R 95 -4.17 2.70 -37.45
N ARG R 96 -3.36 1.65 -37.45
CA ARG R 96 -2.03 1.67 -36.86
C ARG R 96 -1.03 2.42 -37.75
N PRO R 97 0.07 2.89 -37.15
CA PRO R 97 1.19 3.38 -37.96
C PRO R 97 1.74 2.29 -38.86
N THR R 98 2.13 2.69 -40.07
CA THR R 98 2.38 1.75 -41.15
C THR R 98 3.83 1.46 -41.43
N LYS R 99 4.75 2.39 -41.07
CA LYS R 99 6.13 2.33 -41.56
C LYS R 99 6.90 1.12 -41.03
N TYR R 100 6.50 0.61 -39.86
CA TYR R 100 7.14 -0.58 -39.31
C TYR R 100 6.76 -1.84 -40.10
N MET R 101 5.51 -1.94 -40.56
CA MET R 101 5.17 -2.92 -41.61
C MET R 101 6.00 -2.78 -42.86
N GLN R 102 6.25 -1.55 -43.33
CA GLN R 102 6.97 -1.40 -44.58
C GLN R 102 8.42 -1.86 -44.44
N ASN R 103 9.13 -1.38 -43.42
CA ASN R 103 10.52 -1.81 -43.23
C ASN R 103 10.60 -3.28 -42.84
N TRP R 104 9.59 -3.79 -42.11
CA TRP R 104 9.56 -5.20 -41.73
C TRP R 104 9.37 -6.09 -42.96
N VAL R 105 8.53 -5.68 -43.90
CA VAL R 105 8.30 -6.60 -45.00
C VAL R 105 9.38 -6.45 -46.08
N ARG R 106 10.03 -5.29 -46.12
CA ARG R 106 11.14 -5.11 -47.06
C ARG R 106 12.23 -6.10 -46.66
N LEU R 107 12.42 -6.28 -45.35
CA LEU R 107 13.43 -7.23 -44.88
C LEU R 107 12.91 -8.66 -44.85
N TRP R 108 11.60 -8.83 -44.86
CA TRP R 108 11.04 -10.16 -44.83
C TRP R 108 11.19 -10.83 -46.18
N LEU R 109 10.68 -10.16 -47.21
CA LEU R 109 10.76 -10.71 -48.56
C LEU R 109 12.20 -11.03 -48.92
N ASP R 110 13.10 -10.08 -48.68
CA ASP R 110 14.51 -10.33 -48.92
C ASP R 110 14.99 -11.37 -47.91
N GLU R 111 15.28 -12.57 -48.37
CA GLU R 111 15.66 -13.63 -47.43
C GLU R 111 16.99 -13.43 -46.73
N GLU R 112 17.93 -12.74 -47.37
CA GLU R 112 19.20 -12.47 -46.73
C GLU R 112 19.02 -11.40 -45.66
N LYS R 113 18.10 -10.47 -45.89
CA LYS R 113 17.82 -9.44 -44.90
C LYS R 113 17.00 -10.05 -43.78
N LYS R 114 16.27 -11.12 -44.07
CA LYS R 114 15.50 -11.80 -43.03
C LYS R 114 16.45 -12.59 -42.16
N LEU R 115 17.45 -13.20 -42.77
CA LEU R 115 18.43 -13.96 -42.01
C LEU R 115 19.21 -13.04 -41.08
N SER R 116 19.60 -11.88 -41.57
CA SER R 116 20.32 -10.92 -40.74
C SER R 116 19.44 -10.38 -39.62
N ALA R 117 18.16 -10.19 -39.89
CA ALA R 117 17.24 -9.71 -38.87
C ALA R 117 17.02 -10.79 -37.83
N ALA R 118 17.01 -12.05 -38.25
CA ALA R 118 16.87 -13.15 -37.32
C ALA R 118 18.07 -13.17 -36.39
N LYS R 119 19.26 -12.95 -36.95
CA LYS R 119 20.46 -12.91 -36.12
C LYS R 119 20.42 -11.76 -35.11
N GLU R 120 19.86 -10.62 -35.50
CA GLU R 120 19.74 -9.49 -34.57
C GLU R 120 18.78 -9.81 -33.45
N ILE R 121 17.68 -10.49 -33.77
CA ILE R 121 16.71 -10.86 -32.73
C ILE R 121 17.23 -12.01 -31.87
N LEU R 122 18.20 -12.76 -32.38
CA LEU R 122 18.79 -13.84 -31.60
C LEU R 122 19.82 -13.23 -30.68
N LYS R 123 20.42 -12.12 -31.11
CA LYS R 123 21.38 -11.43 -30.26
C LYS R 123 20.63 -10.61 -29.22
N MET R 124 19.35 -10.37 -29.46
CA MET R 124 18.54 -9.62 -28.52
C MET R 124 18.28 -10.48 -27.31
N ARG R 125 18.44 -11.79 -27.45
CA ARG R 125 18.27 -12.68 -26.32
C ARG R 125 19.34 -12.39 -25.29
N VAL R 126 20.60 -12.36 -25.73
CA VAL R 126 21.70 -12.09 -24.83
C VAL R 126 21.74 -10.61 -24.43
N ASP R 127 21.14 -9.75 -25.24
CA ASP R 127 21.07 -8.34 -24.89
C ASP R 127 20.09 -8.22 -23.75
N SER R 128 18.97 -8.93 -23.85
CA SER R 128 17.98 -8.92 -22.78
C SER R 128 18.61 -9.45 -21.51
N LEU R 129 19.38 -10.53 -21.62
CA LEU R 129 20.05 -11.10 -20.45
C LEU R 129 20.89 -10.07 -19.74
N SER R 130 21.73 -9.35 -20.49
CA SER R 130 22.60 -8.36 -19.89
C SER R 130 21.84 -7.16 -19.31
N THR R 131 20.82 -6.70 -20.02
CA THR R 131 20.08 -5.53 -19.56
C THR R 131 19.22 -5.84 -18.34
N HIS R 132 18.49 -6.94 -18.40
CA HIS R 132 17.59 -7.28 -17.29
C HIS R 132 18.21 -8.32 -16.39
N VAL R 133 18.88 -7.86 -15.33
CA VAL R 133 19.53 -8.76 -14.38
C VAL R 133 18.59 -8.99 -13.21
N HIS R 134 18.74 -10.14 -12.57
CA HIS R 134 17.94 -10.51 -11.41
C HIS R 134 18.85 -10.75 -10.22
N ASP R 135 18.41 -10.33 -9.04
CA ASP R 135 19.19 -10.45 -7.83
C ASP R 135 18.74 -11.60 -6.93
N PHE R 136 17.93 -12.53 -7.47
CA PHE R 136 17.48 -13.67 -6.70
C PHE R 136 17.73 -14.98 -7.44
N GLY R 137 18.69 -15.00 -8.34
CA GLY R 137 18.87 -16.16 -9.19
C GLY R 137 20.25 -16.27 -9.82
N VAL R 138 20.27 -16.62 -11.11
CA VAL R 138 21.52 -16.79 -11.83
C VAL R 138 22.17 -15.43 -12.06
N ASP R 139 23.44 -15.31 -11.65
CA ASP R 139 24.24 -14.18 -12.06
C ASP R 139 24.64 -14.34 -13.53
N VAL R 140 24.43 -13.29 -14.32
CA VAL R 140 24.73 -13.37 -15.75
C VAL R 140 26.23 -13.41 -15.99
N GLU R 141 27.02 -12.87 -15.06
CA GLU R 141 28.45 -12.73 -15.27
C GLU R 141 29.27 -13.94 -14.82
N ASN R 142 28.64 -15.03 -14.40
CA ASN R 142 29.42 -16.20 -14.02
C ASN R 142 29.91 -16.94 -15.26
N LYS R 143 30.74 -17.96 -15.03
CA LYS R 143 31.52 -18.55 -16.12
C LYS R 143 30.66 -19.37 -17.07
N ARG R 144 29.62 -20.04 -16.56
CA ARG R 144 28.78 -20.89 -17.39
C ARG R 144 27.91 -20.06 -18.33
N VAL R 145 27.27 -19.01 -17.81
CA VAL R 145 26.40 -18.18 -18.62
C VAL R 145 27.20 -17.35 -19.61
N SER R 146 28.36 -16.84 -19.19
CA SER R 146 29.22 -16.10 -20.11
C SER R 146 29.76 -17.01 -21.21
N SER R 147 30.11 -18.25 -20.86
CA SER R 147 30.60 -19.21 -21.85
C SER R 147 29.50 -19.58 -22.84
N ILE R 148 28.27 -19.77 -22.37
CA ILE R 148 27.21 -20.20 -23.27
C ILE R 148 26.69 -19.03 -24.09
N VAL R 149 26.78 -17.80 -23.57
CA VAL R 149 26.45 -16.62 -24.36
C VAL R 149 27.51 -16.41 -25.44
N ASN R 150 28.79 -16.60 -25.12
CA ASN R 150 29.84 -16.49 -26.12
CA ASN R 150 29.84 -16.49 -26.12
C ASN R 150 29.70 -17.56 -27.19
N LYS R 151 29.35 -18.79 -26.79
CA LYS R 151 29.14 -19.87 -27.75
C LYS R 151 27.94 -19.56 -28.64
N PHE R 152 26.87 -19.00 -28.05
CA PHE R 152 25.69 -18.64 -28.81
C PHE R 152 25.97 -17.54 -29.83
N ASP R 153 26.74 -16.52 -29.43
CA ASP R 153 27.06 -15.44 -30.36
C ASP R 153 28.01 -15.91 -31.45
N LYS R 154 29.01 -16.74 -31.12
CA LYS R 154 29.92 -17.21 -32.16
C LYS R 154 29.27 -18.26 -33.06
N GLY R 155 28.18 -18.89 -32.60
CA GLY R 155 27.43 -19.78 -33.46
C GLY R 155 26.46 -19.05 -34.36
N VAL R 156 25.82 -18.01 -33.82
CA VAL R 156 24.85 -17.25 -34.61
C VAL R 156 25.55 -16.27 -35.56
N THR R 157 26.83 -15.96 -35.32
CA THR R 157 27.59 -15.15 -36.27
C THR R 157 27.88 -15.93 -37.54
N GLN R 158 28.29 -17.19 -37.41
CA GLN R 158 28.68 -18.02 -38.53
C GLN R 158 27.52 -18.83 -39.09
N ALA R 159 26.30 -18.54 -38.62
CA ALA R 159 25.11 -19.26 -39.07
C ALA R 159 24.81 -19.03 -40.55
N THR R 160 24.24 -20.05 -41.20
CA THR R 160 23.99 -19.94 -42.63
C THR R 160 22.52 -19.97 -42.98
N SER R 161 21.73 -20.74 -42.23
CA SER R 161 20.32 -20.89 -42.56
C SER R 161 19.41 -20.75 -41.35
N PHE R 162 18.12 -21.06 -41.53
CA PHE R 162 17.18 -21.02 -40.42
C PHE R 162 17.17 -22.36 -39.75
N GLU R 163 17.69 -23.38 -40.43
CA GLU R 163 17.78 -24.69 -39.83
C GLU R 163 18.96 -24.67 -38.89
N SER R 164 19.99 -23.91 -39.25
CA SER R 164 21.12 -23.76 -38.35
C SER R 164 20.67 -22.92 -37.17
N LEU R 165 19.81 -21.92 -37.45
CA LEU R 165 19.27 -21.09 -36.37
C LEU R 165 18.42 -21.93 -35.45
N LEU R 166 17.57 -22.79 -35.97
CA LEU R 166 16.68 -23.53 -35.11
C LEU R 166 17.50 -24.28 -34.10
N GLY R 167 18.69 -24.71 -34.52
CA GLY R 167 19.52 -25.50 -33.64
C GLY R 167 20.16 -24.69 -32.54
N HIS R 168 20.56 -23.48 -32.87
CA HIS R 168 21.14 -22.62 -31.87
C HIS R 168 20.10 -22.31 -30.81
N GLU R 169 18.84 -22.25 -31.19
CA GLU R 169 17.80 -22.01 -30.21
C GLU R 169 17.71 -23.15 -29.28
N GLY R 170 17.72 -24.35 -29.83
CA GLY R 170 17.72 -25.53 -29.00
C GLY R 170 18.78 -25.36 -27.95
N THR R 171 20.01 -25.09 -28.36
CA THR R 171 21.06 -24.99 -27.39
C THR R 171 20.79 -23.92 -26.34
N PHE R 172 20.61 -22.67 -26.74
CA PHE R 172 20.46 -21.62 -25.75
C PHE R 172 19.37 -21.92 -24.76
N VAL R 173 18.14 -22.04 -25.25
CA VAL R 173 17.02 -22.23 -24.35
C VAL R 173 17.14 -23.48 -23.54
N LYS R 174 17.44 -24.61 -24.16
CA LYS R 174 17.45 -25.85 -23.40
C LYS R 174 18.54 -25.84 -22.36
N SER R 175 19.67 -25.23 -22.67
CA SER R 175 20.73 -25.29 -21.72
C SER R 175 20.58 -24.21 -20.67
N LEU R 176 19.78 -23.19 -20.95
CA LEU R 176 19.55 -22.19 -19.93
C LEU R 176 18.47 -22.73 -19.04
N TYR R 177 17.57 -23.52 -19.60
CA TYR R 177 16.55 -24.16 -18.79
C TYR R 177 17.33 -25.00 -17.83
N LYS R 178 18.22 -25.80 -18.36
CA LYS R 178 19.00 -26.71 -17.52
C LYS R 178 19.91 -26.02 -16.54
N GLU R 179 20.57 -24.95 -16.95
CA GLU R 179 21.51 -24.35 -16.04
C GLU R 179 20.79 -23.78 -14.83
N TYR R 180 19.58 -23.30 -15.02
CA TYR R 180 18.83 -22.78 -13.90
C TYR R 180 18.46 -23.94 -13.04
N ALA R 181 17.95 -24.99 -13.65
CA ALA R 181 17.54 -26.15 -12.90
C ALA R 181 18.61 -26.74 -12.01
N LEU R 182 19.85 -26.85 -12.51
CA LEU R 182 20.92 -27.34 -11.65
C LEU R 182 21.30 -26.37 -10.52
N GLU R 183 21.11 -25.07 -10.73
CA GLU R 183 21.39 -24.09 -9.69
C GLU R 183 20.21 -23.98 -8.71
N TYR R 184 19.03 -24.40 -9.15
CA TYR R 184 17.86 -24.38 -8.28
C TYR R 184 17.68 -25.77 -7.72
N GLU R 185 18.70 -26.62 -7.88
CA GLU R 185 18.67 -28.00 -7.38
C GLU R 185 17.38 -28.75 -7.68
N ILE R 186 17.02 -28.82 -8.96
CA ILE R 186 15.80 -29.51 -9.35
C ILE R 186 16.02 -30.24 -10.68
N GLU R 187 15.71 -31.53 -10.72
CA GLU R 187 15.81 -32.24 -11.99
C GLU R 187 14.64 -31.69 -12.78
N PHE R 188 14.92 -30.98 -13.86
CA PHE R 188 13.83 -30.34 -14.58
C PHE R 188 13.74 -30.67 -16.05
N LYS R 189 12.59 -31.13 -16.51
CA LYS R 189 12.39 -31.32 -17.94
C LYS R 189 11.26 -30.41 -18.36
N ARG R 190 11.53 -29.50 -19.27
CA ARG R 190 10.50 -28.58 -19.73
C ARG R 190 9.35 -29.33 -20.34
N ASP R 191 8.18 -29.18 -19.75
CA ASP R 191 7.01 -29.83 -20.30
C ASP R 191 5.83 -28.94 -20.07
N HIS R 192 5.16 -28.54 -21.13
CA HIS R 192 4.01 -27.67 -21.01
C HIS R 192 2.88 -28.39 -20.33
N LYS R 193 2.89 -29.71 -20.40
CA LYS R 193 1.82 -30.49 -19.79
C LYS R 193 2.17 -30.97 -18.38
N SER R 194 3.31 -30.55 -17.86
CA SER R 194 3.72 -31.03 -16.54
C SER R 194 3.01 -30.30 -15.43
N ALA R 195 2.86 -30.97 -14.30
CA ALA R 195 2.10 -30.37 -13.20
C ALA R 195 2.93 -29.60 -12.21
N ASP R 196 4.25 -29.79 -12.21
CA ASP R 196 5.06 -29.14 -11.20
C ASP R 196 5.06 -27.66 -11.41
N ASN R 197 5.35 -26.93 -10.35
CA ASN R 197 5.28 -25.50 -10.44
C ASN R 197 6.29 -24.96 -11.40
N TYR R 198 7.40 -25.66 -11.52
CA TYR R 198 8.44 -25.18 -12.39
C TYR R 198 7.93 -25.19 -13.82
N ASN R 199 6.82 -25.90 -14.09
CA ASN R 199 6.29 -25.81 -15.45
C ASN R 199 5.00 -25.01 -15.53
N LYS R 200 4.16 -25.00 -14.48
CA LYS R 200 2.93 -24.24 -14.57
C LYS R 200 3.22 -22.75 -14.48
N PHE R 201 4.18 -22.36 -13.64
CA PHE R 201 4.64 -20.98 -13.62
C PHE R 201 5.32 -20.59 -14.93
N LEU R 202 6.02 -21.54 -15.55
CA LEU R 202 6.65 -21.26 -16.84
C LEU R 202 5.61 -21.06 -17.94
N THR R 203 4.52 -21.83 -17.92
CA THR R 203 3.47 -21.64 -18.92
C THR R 203 2.69 -20.34 -18.68
N LEU R 204 2.50 -19.98 -17.39
CA LEU R 204 1.88 -18.71 -17.07
C LEU R 204 2.74 -17.54 -17.55
N GLY R 205 4.05 -17.63 -17.34
CA GLY R 205 4.95 -16.62 -17.88
C GLY R 205 5.04 -16.66 -19.39
N ASN R 206 4.82 -17.83 -19.99
CA ASN R 206 4.73 -17.93 -21.45
C ASN R 206 3.56 -17.13 -21.98
N TYR R 207 2.41 -17.26 -21.31
CA TYR R 207 1.24 -16.45 -21.69
C TYR R 207 1.46 -14.97 -21.44
N TYR R 208 2.18 -14.63 -20.37
CA TYR R 208 2.45 -13.22 -20.06
C TYR R 208 3.39 -12.59 -21.09
N ALA R 209 4.46 -13.30 -21.46
CA ALA R 209 5.36 -12.79 -22.48
C ALA R 209 4.72 -12.85 -23.86
N TYR R 210 3.77 -13.77 -24.07
CA TYR R 210 2.95 -13.76 -25.28
C TYR R 210 2.15 -12.48 -25.38
N GLY R 211 1.53 -12.08 -24.27
CA GLY R 211 0.77 -10.84 -24.27
C GLY R 211 1.62 -9.61 -24.47
N ILE R 212 2.77 -9.54 -23.79
CA ILE R 212 3.70 -8.42 -23.97
C ILE R 212 4.23 -8.37 -25.40
N ALA R 213 4.62 -9.51 -25.97
CA ALA R 213 5.15 -9.55 -27.33
C ALA R 213 4.08 -9.18 -28.35
N ARG R 214 2.85 -9.66 -28.16
CA ARG R 214 1.79 -9.36 -29.11
C ARG R 214 1.35 -7.91 -29.01
N SER R 215 1.37 -7.34 -27.80
CA SER R 215 1.07 -5.91 -27.66
C SER R 215 2.16 -5.04 -28.26
N SER R 216 3.42 -5.48 -28.14
CA SER R 216 4.52 -4.75 -28.77
C SER R 216 4.45 -4.84 -30.29
N LEU R 217 3.99 -5.96 -30.81
CA LEU R 217 3.86 -6.13 -32.26
C LEU R 217 2.75 -5.24 -32.77
N TRP R 218 1.55 -5.43 -32.23
CA TRP R 218 0.40 -4.65 -32.65
C TRP R 218 0.62 -3.14 -32.52
N ALA R 219 1.35 -2.72 -31.49
CA ALA R 219 1.65 -1.30 -31.32
C ALA R 219 2.26 -0.71 -32.57
N LEU R 220 3.22 -1.41 -33.14
CA LEU R 220 3.91 -0.90 -34.32
C LEU R 220 3.14 -1.22 -35.60
N GLY R 221 2.11 -2.04 -35.49
CA GLY R 221 1.35 -2.42 -36.66
C GLY R 221 1.80 -3.77 -37.14
N ILE R 222 2.94 -4.24 -36.63
CA ILE R 222 3.45 -5.55 -37.05
C ILE R 222 2.49 -6.66 -36.67
N ASP R 223 2.29 -7.56 -37.61
CA ASP R 223 1.42 -8.68 -37.39
C ASP R 223 2.16 -9.85 -36.84
N ASN R 224 1.73 -11.03 -37.20
CA ASN R 224 2.32 -12.20 -36.62
C ASN R 224 2.63 -13.11 -37.74
N SER R 225 2.03 -12.82 -38.88
CA SER R 225 2.22 -13.70 -40.02
C SER R 225 3.52 -13.40 -40.70
N PHE R 226 4.31 -12.50 -40.16
CA PHE R 226 5.62 -12.27 -40.73
C PHE R 226 6.74 -12.70 -39.73
N PRO R 227 6.88 -14.03 -39.40
CA PRO R 227 7.94 -14.32 -38.43
C PRO R 227 9.31 -14.33 -39.08
N LEU R 228 10.34 -14.16 -38.23
CA LEU R 228 11.72 -14.25 -38.70
C LEU R 228 12.28 -15.66 -38.60
N LEU R 229 11.72 -16.51 -37.73
CA LEU R 229 12.23 -17.85 -37.51
C LEU R 229 11.27 -18.85 -38.13
N HIS R 230 11.77 -19.66 -39.05
CA HIS R 230 10.97 -20.69 -39.71
C HIS R 230 11.54 -22.06 -39.33
N GLY R 231 10.68 -22.95 -38.85
CA GLY R 231 11.14 -24.26 -38.45
C GLY R 231 9.96 -25.19 -38.25
N SER R 232 10.29 -26.45 -37.95
CA SER R 232 9.25 -27.45 -37.74
C SER R 232 8.57 -27.26 -36.40
N THR R 233 9.34 -26.95 -35.35
CA THR R 233 8.80 -26.77 -34.01
C THR R 233 8.54 -25.31 -33.68
N ARG R 234 8.74 -24.40 -34.64
CA ARG R 234 8.57 -22.97 -34.40
C ARG R 234 7.23 -22.47 -34.94
N ARG R 235 6.20 -23.29 -34.86
CA ARG R 235 4.86 -22.85 -35.22
C ARG R 235 4.33 -21.88 -34.16
N GLY R 236 3.72 -20.79 -34.62
CA GLY R 236 3.20 -19.79 -33.69
C GLY R 236 3.43 -18.38 -34.18
N GLY R 237 4.42 -18.19 -35.03
CA GLY R 237 4.61 -16.92 -35.68
C GLY R 237 5.54 -15.98 -34.96
N LEU R 238 5.34 -14.69 -35.24
CA LEU R 238 6.26 -13.66 -34.78
C LEU R 238 6.11 -13.35 -33.30
N VAL R 239 4.95 -13.64 -32.71
CA VAL R 239 4.72 -13.31 -31.30
C VAL R 239 5.63 -14.15 -30.40
N PHE R 240 5.88 -15.41 -30.77
CA PHE R 240 6.83 -16.20 -30.02
C PHE R 240 8.27 -15.80 -30.31
N ASP R 241 8.54 -15.29 -31.50
CA ASP R 241 9.88 -14.80 -31.83
C ASP R 241 10.22 -13.57 -30.98
N VAL R 242 9.25 -12.68 -30.77
CA VAL R 242 9.46 -11.54 -29.89
C VAL R 242 9.46 -11.99 -28.42
N ALA R 243 8.62 -12.96 -28.08
CA ALA R 243 8.45 -13.38 -26.69
C ALA R 243 9.68 -14.12 -26.16
N ASP R 244 10.34 -14.93 -27.00
CA ASP R 244 11.50 -15.66 -26.51
C ASP R 244 12.77 -14.82 -26.45
N ILE R 245 12.68 -13.52 -26.71
CA ILE R 245 13.72 -12.61 -26.27
C ILE R 245 13.78 -12.59 -24.75
N ILE R 246 12.61 -12.65 -24.09
CA ILE R 246 12.53 -12.44 -22.65
C ILE R 246 12.00 -13.66 -21.91
N LYS R 247 12.29 -14.87 -22.40
CA LYS R 247 12.07 -16.03 -21.54
C LYS R 247 13.18 -16.10 -20.49
N THR R 248 14.41 -16.32 -20.96
CA THR R 248 15.54 -16.66 -20.10
C THR R 248 16.07 -15.46 -19.33
N SER R 249 15.66 -14.26 -19.68
CA SER R 249 16.05 -13.07 -18.93
C SER R 249 15.01 -12.70 -17.89
N ILE R 250 13.72 -12.89 -18.19
CA ILE R 250 12.65 -12.39 -17.34
C ILE R 250 11.75 -13.52 -16.89
N ILE R 251 11.11 -14.18 -17.85
CA ILE R 251 10.02 -15.11 -17.56
C ILE R 251 10.54 -16.34 -16.83
N LEU R 252 11.62 -16.92 -17.34
CA LEU R 252 12.25 -18.08 -16.69
C LEU R 252 12.84 -17.79 -15.31
N PRO R 253 13.59 -16.69 -15.06
CA PRO R 253 14.02 -16.43 -13.66
C PRO R 253 12.87 -16.18 -12.70
N LEU R 254 11.83 -15.48 -13.15
CA LEU R 254 10.68 -15.21 -12.30
C LEU R 254 9.92 -16.50 -11.99
N ALA R 255 9.75 -17.36 -13.00
CA ALA R 255 9.06 -18.63 -12.80
C ALA R 255 9.86 -19.56 -11.90
N PHE R 256 11.18 -19.62 -12.08
CA PHE R 256 12.02 -20.48 -11.23
C PHE R 256 12.07 -19.98 -9.80
N HIS R 257 12.14 -18.66 -9.63
CA HIS R 257 12.17 -18.07 -8.30
C HIS R 257 10.84 -18.32 -7.67
N ALA R 258 9.78 -18.18 -8.44
CA ALA R 258 8.46 -18.34 -7.86
C ALA R 258 8.29 -19.72 -7.35
N ALA R 259 8.71 -20.69 -8.14
CA ALA R 259 8.50 -22.06 -7.74
C ALA R 259 9.36 -22.40 -6.56
N ASP R 260 10.57 -21.87 -6.54
CA ASP R 260 11.50 -22.19 -5.47
C ASP R 260 11.14 -21.48 -4.20
N GLN R 261 10.65 -20.26 -4.31
CA GLN R 261 10.28 -19.50 -3.13
C GLN R 261 8.81 -19.67 -2.89
N GLY R 262 8.24 -20.77 -3.36
CA GLY R 262 6.85 -21.06 -3.12
C GLY R 262 5.85 -19.94 -3.26
N MET R 263 5.84 -19.28 -4.40
CA MET R 263 4.87 -18.24 -4.61
C MET R 263 3.61 -18.88 -5.11
N SER R 264 2.50 -18.17 -5.04
CA SER R 264 1.26 -18.69 -5.56
C SER R 264 1.11 -18.12 -6.93
N ASN R 265 0.14 -18.63 -7.68
CA ASN R 265 -0.02 -18.17 -9.05
C ASN R 265 -0.27 -16.68 -9.07
N THR R 266 -1.04 -16.18 -8.12
CA THR R 266 -1.36 -14.77 -8.09
C THR R 266 -0.14 -13.90 -7.89
N GLU R 267 0.77 -14.33 -7.04
CA GLU R 267 1.93 -13.50 -6.76
C GLU R 267 2.96 -13.64 -7.85
N PHE R 268 2.96 -14.75 -8.56
CA PHE R 268 3.87 -14.88 -9.68
C PHE R 268 3.36 -13.95 -10.75
N LYS R 269 2.06 -13.92 -10.94
CA LYS R 269 1.47 -13.03 -11.91
C LYS R 269 1.85 -11.62 -11.58
N ARG R 270 1.86 -11.27 -10.30
CA ARG R 270 2.17 -9.91 -9.91
C ARG R 270 3.64 -9.62 -10.03
N SER R 271 4.47 -10.62 -9.77
CA SER R 271 5.91 -10.43 -9.89
C SER R 271 6.20 -10.15 -11.33
N CYS R 272 5.34 -10.67 -12.20
CA CYS R 272 5.51 -10.45 -13.62
C CYS R 272 5.13 -9.02 -14.01
N VAL R 273 4.07 -8.47 -13.41
CA VAL R 273 3.75 -7.06 -13.60
C VAL R 273 4.85 -6.15 -13.07
N ALA R 274 5.42 -6.50 -11.91
CA ALA R 274 6.46 -5.68 -11.29
C ALA R 274 7.72 -5.65 -12.15
N TYR R 275 8.11 -6.79 -12.72
CA TYR R 275 9.28 -6.76 -13.59
C TYR R 275 8.97 -6.14 -14.94
N PHE R 276 7.75 -6.31 -15.46
CA PHE R 276 7.42 -5.74 -16.76
C PHE R 276 7.18 -4.24 -16.71
N ASP R 277 6.93 -3.67 -15.53
CA ASP R 277 6.79 -2.21 -15.47
C ASP R 277 7.95 -1.51 -14.79
N LYS R 278 8.73 -2.19 -13.95
CA LYS R 278 9.84 -1.53 -13.27
C LYS R 278 11.01 -1.29 -14.23
N ASN R 279 11.29 -2.26 -15.10
CA ASN R 279 12.30 -2.10 -16.12
C ASN R 279 11.74 -1.61 -17.46
N ASP R 280 10.41 -1.48 -17.54
CA ASP R 280 9.67 -1.00 -18.72
C ASP R 280 9.97 -1.87 -19.94
N ILE R 281 9.57 -3.13 -19.84
CA ILE R 281 9.88 -4.13 -20.86
C ILE R 281 9.08 -3.92 -22.15
N LEU R 282 7.86 -3.39 -22.04
CA LEU R 282 7.06 -3.15 -23.24
C LEU R 282 7.69 -2.07 -24.13
N ALA R 283 8.13 -0.96 -23.52
CA ALA R 283 8.83 0.06 -24.28
C ALA R 283 10.19 -0.44 -24.77
N TYR R 284 10.82 -1.34 -24.01
CA TYR R 284 12.06 -1.99 -24.44
C TYR R 284 11.85 -2.78 -25.73
N LEU R 285 10.83 -3.64 -25.76
CA LEU R 285 10.56 -4.44 -26.95
C LEU R 285 10.10 -3.58 -28.11
N ILE R 286 9.32 -2.54 -27.83
CA ILE R 286 8.81 -1.66 -28.88
C ILE R 286 9.94 -0.87 -29.54
N ASN R 287 10.83 -0.28 -28.73
CA ASN R 287 11.98 0.43 -29.26
CA ASN R 287 11.97 0.44 -29.25
C ASN R 287 12.95 -0.50 -29.96
N ASN R 288 13.14 -1.70 -29.43
CA ASN R 288 14.06 -2.65 -30.03
C ASN R 288 13.54 -3.18 -31.36
N ILE R 289 12.21 -3.32 -31.49
CA ILE R 289 11.68 -3.74 -32.79
C ILE R 289 11.71 -2.58 -33.79
N LYS R 290 11.59 -1.32 -33.30
CA LYS R 290 11.96 -0.19 -34.17
C LYS R 290 13.41 -0.25 -34.64
N ARG R 291 14.32 -0.66 -33.77
CA ARG R 291 15.69 -0.88 -34.22
C ARG R 291 15.78 -2.01 -35.23
N LEU R 292 14.92 -3.03 -35.08
CA LEU R 292 14.94 -4.16 -36.00
C LEU R 292 14.47 -3.78 -37.40
N CYS R 293 13.34 -3.05 -37.51
CA CYS R 293 12.87 -2.70 -38.84
C CYS R 293 13.69 -1.55 -39.40
N MET R 294 13.60 -0.38 -38.74
CA MET R 294 14.34 0.86 -39.06
C MET R 294 14.24 1.27 -40.52
N GLU R 295 15.20 0.84 -41.33
CA GLU R 295 15.23 1.17 -42.75
C GLU R 295 14.32 0.25 -43.55
N MET S 1 -30.08 -10.71 -34.77
CA MET S 1 -30.34 -12.14 -34.69
C MET S 1 -29.28 -12.91 -35.48
N GLN S 2 -29.66 -14.06 -36.02
CA GLN S 2 -28.78 -14.85 -36.87
C GLN S 2 -28.76 -14.25 -38.27
N LYS S 3 -27.56 -14.01 -38.79
CA LYS S 3 -27.39 -13.32 -40.06
C LYS S 3 -26.30 -13.99 -40.87
N GLN S 4 -26.60 -14.24 -42.15
CA GLN S 4 -25.68 -14.91 -43.07
C GLN S 4 -25.09 -13.90 -44.02
N ILE S 5 -23.77 -13.94 -44.20
CA ILE S 5 -23.07 -13.12 -45.17
C ILE S 5 -22.18 -14.03 -46.01
N LEU S 6 -22.47 -14.10 -47.31
CA LEU S 6 -21.58 -14.79 -48.23
C LEU S 6 -20.35 -13.92 -48.45
N THR S 7 -19.16 -14.51 -48.34
CA THR S 7 -17.94 -13.73 -48.50
C THR S 7 -17.10 -14.12 -49.71
N SER S 8 -16.64 -15.36 -49.84
CA SER S 8 -15.81 -15.74 -50.99
C SER S 8 -16.58 -16.57 -52.01
N GLN S 9 -16.88 -17.84 -51.71
CA GLN S 9 -17.76 -18.63 -52.56
C GLN S 9 -18.74 -19.49 -51.76
N LYS S 10 -18.24 -20.11 -50.69
CA LYS S 10 -19.02 -21.13 -49.99
C LYS S 10 -19.01 -20.91 -48.48
N ARG S 11 -17.93 -20.35 -47.95
CA ARG S 11 -17.89 -20.03 -46.53
C ARG S 11 -18.75 -18.80 -46.26
N ASN S 12 -19.35 -18.78 -45.08
CA ASN S 12 -20.35 -17.77 -44.75
C ASN S 12 -19.95 -17.05 -43.47
N MET S 13 -19.98 -15.72 -43.53
CA MET S 13 -19.70 -14.90 -42.35
C MET S 13 -20.96 -14.78 -41.52
N TYR S 14 -21.07 -15.64 -40.52
CA TYR S 14 -22.22 -15.63 -39.63
C TYR S 14 -22.12 -14.44 -38.68
N ILE S 15 -23.24 -13.75 -38.48
CA ILE S 15 -23.33 -12.64 -37.53
C ILE S 15 -24.37 -13.00 -36.50
N LEU S 16 -23.97 -12.98 -35.23
CA LEU S 16 -24.84 -13.37 -34.12
C LEU S 16 -25.08 -12.17 -33.21
N SER S 17 -26.34 -11.89 -32.92
CA SER S 17 -26.73 -10.73 -32.13
C SER S 17 -27.69 -11.14 -31.03
N ARG S 18 -27.52 -10.50 -29.87
CA ARG S 18 -28.34 -10.70 -28.65
C ARG S 18 -28.38 -12.16 -28.22
N CYS S 19 -27.24 -12.84 -28.25
CA CYS S 19 -27.19 -14.27 -27.96
C CYS S 19 -25.95 -14.59 -27.14
N LYS S 20 -26.01 -15.71 -26.42
CA LYS S 20 -24.94 -16.19 -25.56
C LYS S 20 -24.40 -17.46 -26.20
N VAL S 21 -23.16 -17.41 -26.67
CA VAL S 21 -22.55 -18.54 -27.38
C VAL S 21 -21.74 -19.37 -26.41
N LEU S 22 -22.04 -20.66 -26.35
CA LEU S 22 -21.34 -21.57 -25.45
C LEU S 22 -21.34 -22.95 -26.09
N VAL S 23 -20.97 -23.97 -25.30
CA VAL S 23 -20.93 -25.35 -25.76
C VAL S 23 -22.05 -26.10 -25.07
N LYS S 24 -22.96 -26.68 -25.85
CA LYS S 24 -24.02 -27.53 -25.35
C LYS S 24 -23.81 -28.92 -25.94
N ASN S 25 -23.88 -29.94 -25.07
CA ASN S 25 -23.75 -31.38 -25.38
C ASN S 25 -22.55 -31.72 -26.28
N GLY S 26 -21.49 -30.93 -26.18
CA GLY S 26 -20.28 -31.18 -26.91
C GLY S 26 -20.10 -30.41 -28.21
N GLN S 27 -20.98 -29.47 -28.52
CA GLN S 27 -20.82 -28.67 -29.73
C GLN S 27 -21.33 -27.26 -29.49
N VAL S 28 -20.85 -26.33 -30.32
CA VAL S 28 -21.08 -24.91 -30.09
C VAL S 28 -22.51 -24.55 -30.47
N CYS S 29 -23.23 -23.98 -29.52
CA CYS S 29 -24.57 -23.44 -29.74
C CYS S 29 -24.63 -22.03 -29.17
N HIS S 30 -25.81 -21.42 -29.25
CA HIS S 30 -26.04 -20.14 -28.61
C HIS S 30 -27.50 -19.98 -28.24
N LEU S 31 -27.73 -19.54 -27.00
CA LEU S 31 -29.06 -19.17 -26.55
C LEU S 31 -29.39 -17.78 -27.04
N HIS S 32 -30.54 -17.62 -27.66
CA HIS S 32 -30.91 -16.33 -28.22
C HIS S 32 -31.79 -15.55 -27.24
N GLU S 33 -32.31 -14.42 -27.73
CA GLU S 33 -33.12 -13.55 -26.89
C GLU S 33 -34.45 -14.20 -26.53
N ASP S 34 -35.01 -14.98 -27.46
CA ASP S 34 -36.31 -15.61 -27.25
C ASP S 34 -36.23 -16.88 -26.41
N GLY S 35 -35.04 -17.20 -25.90
CA GLY S 35 -34.87 -18.35 -25.04
C GLY S 35 -34.79 -19.65 -25.78
N ASN S 36 -34.56 -19.58 -27.09
CA ASN S 36 -34.43 -20.76 -27.93
C ASN S 36 -32.97 -20.90 -28.37
N VAL S 37 -32.44 -22.10 -28.22
CA VAL S 37 -31.05 -22.38 -28.56
C VAL S 37 -30.96 -22.67 -30.05
N TYR S 38 -29.85 -22.23 -30.65
CA TYR S 38 -29.55 -22.51 -32.04
C TYR S 38 -28.12 -22.99 -32.15
N THR S 39 -27.92 -24.11 -32.84
CA THR S 39 -26.59 -24.64 -33.06
C THR S 39 -25.97 -24.01 -34.30
N VAL S 40 -24.71 -24.33 -34.57
CA VAL S 40 -24.04 -23.83 -35.76
C VAL S 40 -23.32 -24.98 -36.46
N PRO S 41 -23.50 -25.15 -37.77
CA PRO S 41 -22.75 -26.18 -38.49
C PRO S 41 -21.32 -25.71 -38.74
N TYR S 42 -20.35 -26.58 -38.44
CA TYR S 42 -18.95 -26.19 -38.55
C TYR S 42 -18.49 -26.15 -40.00
N ALA S 43 -19.15 -26.90 -40.87
CA ALA S 43 -18.67 -27.09 -42.24
C ALA S 43 -18.89 -25.86 -43.12
N ASN S 44 -20.03 -25.19 -42.98
CA ASN S 44 -20.40 -24.15 -43.92
C ASN S 44 -19.93 -22.75 -43.54
N THR S 45 -19.31 -22.57 -42.36
CA THR S 45 -18.87 -21.25 -41.94
C THR S 45 -17.40 -21.27 -41.59
N VAL S 46 -16.72 -20.16 -41.91
CA VAL S 46 -15.35 -19.91 -41.49
C VAL S 46 -15.26 -18.67 -40.62
N PHE S 47 -15.95 -17.61 -41.01
CA PHE S 47 -16.03 -16.39 -40.23
C PHE S 47 -17.32 -16.44 -39.42
N ILE S 48 -17.22 -16.23 -38.12
CA ILE S 48 -18.40 -16.06 -37.27
C ILE S 48 -18.22 -14.76 -36.48
N GLY S 49 -19.27 -13.97 -36.44
CA GLY S 49 -19.20 -12.62 -35.89
C GLY S 49 -20.08 -12.48 -34.66
N LEU S 50 -19.63 -11.65 -33.73
CA LEU S 50 -20.33 -11.41 -32.48
C LEU S 50 -20.72 -9.94 -32.45
N ALA S 51 -22.00 -9.67 -32.71
CA ALA S 51 -22.54 -8.31 -32.74
C ALA S 51 -22.88 -7.84 -31.34
N GLU S 52 -23.68 -6.78 -31.23
CA GLU S 52 -24.03 -6.22 -29.92
C GLU S 52 -24.89 -7.19 -29.12
N GLY S 53 -24.78 -7.11 -27.80
CA GLY S 53 -25.49 -7.98 -26.90
C GLY S 53 -25.02 -9.42 -26.89
N THR S 54 -23.79 -9.70 -27.31
CA THR S 54 -23.32 -11.06 -27.51
C THR S 54 -22.14 -11.37 -26.61
N SER S 55 -22.20 -12.51 -25.93
CA SER S 55 -21.08 -13.03 -25.16
C SER S 55 -20.70 -14.41 -25.66
N ILE S 56 -19.40 -14.70 -25.67
CA ILE S 56 -18.89 -16.02 -26.01
C ILE S 56 -18.07 -16.51 -24.83
N THR S 57 -17.93 -17.83 -24.73
CA THR S 57 -17.20 -18.45 -23.63
C THR S 57 -15.91 -19.06 -24.15
N ASN S 58 -15.09 -19.56 -23.21
CA ASN S 58 -13.72 -19.96 -23.55
C ASN S 58 -13.67 -21.27 -24.33
N GLU S 59 -14.43 -22.29 -23.89
CA GLU S 59 -14.37 -23.56 -24.60
C GLU S 59 -15.12 -23.48 -25.92
N ALA S 60 -16.13 -22.61 -26.00
CA ALA S 60 -16.75 -22.33 -27.29
C ALA S 60 -15.77 -21.65 -28.24
N MET S 61 -14.98 -20.71 -27.72
CA MET S 61 -13.93 -20.05 -28.51
C MET S 61 -12.91 -21.07 -29.01
N SER S 62 -12.49 -21.97 -28.12
CA SER S 62 -11.47 -22.97 -28.46
C SER S 62 -11.98 -23.97 -29.48
N MET S 63 -13.22 -24.43 -29.30
CA MET S 63 -13.75 -25.43 -30.23
C MET S 63 -14.12 -24.81 -31.57
N LEU S 64 -14.53 -23.53 -31.58
CA LEU S 64 -14.73 -22.82 -32.84
C LEU S 64 -13.42 -22.65 -33.59
N ALA S 65 -12.35 -22.28 -32.89
CA ALA S 65 -11.06 -22.13 -33.56
C ALA S 65 -10.43 -23.45 -33.94
N ALA S 66 -10.79 -24.55 -33.27
CA ALA S 66 -10.28 -25.87 -33.65
C ALA S 66 -11.03 -26.47 -34.82
N ASN S 67 -12.18 -25.90 -35.19
CA ASN S 67 -12.95 -26.36 -36.34
C ASN S 67 -12.74 -25.48 -37.55
N GLY S 68 -11.76 -24.59 -37.51
CA GLY S 68 -11.54 -23.66 -38.60
C GLY S 68 -12.49 -22.49 -38.65
N VAL S 69 -13.31 -22.30 -37.63
CA VAL S 69 -14.30 -21.23 -37.59
C VAL S 69 -13.69 -20.08 -36.79
N ILE S 70 -13.12 -19.12 -37.49
CA ILE S 70 -12.35 -18.07 -36.82
C ILE S 70 -13.25 -16.88 -36.52
N VAL S 71 -13.22 -16.43 -35.27
CA VAL S 71 -14.23 -15.56 -34.69
C VAL S 71 -13.72 -14.13 -34.67
N PHE S 72 -14.64 -13.18 -34.86
CA PHE S 72 -14.35 -11.76 -34.75
C PHE S 72 -15.48 -11.05 -33.99
N TRP S 73 -15.10 -9.98 -33.30
CA TRP S 73 -16.02 -9.13 -32.56
C TRP S 73 -16.30 -7.86 -33.35
N THR S 74 -17.59 -7.58 -33.54
CA THR S 74 -18.07 -6.49 -34.38
C THR S 74 -19.17 -5.71 -33.67
N LYS S 75 -19.33 -4.45 -34.06
CA LYS S 75 -20.48 -3.66 -33.67
C LYS S 75 -21.68 -4.20 -34.46
N GLY S 76 -22.87 -4.17 -33.84
CA GLY S 76 -24.11 -4.66 -34.41
C GLY S 76 -24.46 -4.17 -35.79
N GLY S 77 -24.52 -5.10 -36.74
CA GLY S 77 -24.63 -4.80 -38.15
C GLY S 77 -23.75 -5.71 -38.97
N GLY S 78 -22.64 -6.13 -38.37
CA GLY S 78 -21.73 -7.09 -38.99
C GLY S 78 -20.66 -6.48 -39.86
N TYR S 79 -20.65 -5.17 -40.06
CA TYR S 79 -19.68 -4.52 -40.93
C TYR S 79 -18.94 -3.40 -40.20
N ASP S 80 -18.79 -3.54 -38.88
CA ASP S 80 -18.07 -2.56 -38.08
C ASP S 80 -17.18 -3.29 -37.08
N MET S 81 -16.38 -4.22 -37.60
CA MET S 81 -15.60 -5.11 -36.76
C MET S 81 -14.42 -4.39 -36.11
N PHE S 82 -14.25 -4.62 -34.80
CA PHE S 82 -13.14 -4.03 -34.08
C PHE S 82 -12.15 -5.05 -33.53
N ALA S 83 -12.46 -6.34 -33.52
CA ALA S 83 -11.49 -7.27 -32.93
C ALA S 83 -11.44 -8.57 -33.72
N ALA S 84 -10.25 -9.00 -34.12
CA ALA S 84 -10.05 -10.31 -34.74
C ALA S 84 -8.58 -10.68 -34.68
N ASP S 85 -8.30 -11.91 -35.07
CA ASP S 85 -6.97 -12.40 -35.38
C ASP S 85 -6.80 -12.56 -36.89
N ILE S 86 -5.58 -12.89 -37.28
CA ILE S 86 -5.15 -12.86 -38.67
C ILE S 86 -5.41 -14.21 -39.32
N ILE S 87 -5.97 -14.18 -40.53
CA ILE S 87 -6.17 -15.40 -41.32
C ILE S 87 -4.82 -16.01 -41.68
N CYS S 88 -4.70 -17.31 -41.47
CA CYS S 88 -3.57 -18.10 -41.94
C CYS S 88 -4.03 -18.99 -43.08
N HIS S 89 -3.11 -19.82 -43.59
CA HIS S 89 -3.47 -20.82 -44.59
C HIS S 89 -4.35 -21.89 -43.97
N LEU S 90 -3.97 -22.39 -42.80
CA LEU S 90 -4.78 -23.29 -42.00
C LEU S 90 -4.71 -22.79 -40.55
N PRO S 91 -5.76 -22.99 -39.77
CA PRO S 91 -5.75 -22.47 -38.39
C PRO S 91 -4.99 -23.34 -37.41
N GLN S 92 -4.81 -24.63 -37.71
CA GLN S 92 -4.21 -25.56 -36.76
C GLN S 92 -2.93 -26.20 -37.30
N ALA S 93 -2.90 -26.56 -38.58
CA ALA S 93 -1.79 -27.32 -39.15
C ALA S 93 -0.52 -26.51 -39.30
N ASP S 94 -0.60 -25.22 -39.60
CA ASP S 94 0.58 -24.40 -39.82
C ASP S 94 0.22 -22.95 -39.58
N TYR S 95 1.22 -22.08 -39.70
CA TYR S 95 1.03 -20.64 -39.59
C TYR S 95 1.85 -19.97 -40.70
N ARG S 96 1.16 -19.61 -41.79
CA ARG S 96 1.74 -18.97 -42.94
C ARG S 96 0.82 -17.83 -43.35
N PRO S 97 1.38 -16.70 -43.90
CA PRO S 97 0.38 -15.70 -44.34
C PRO S 97 -0.36 -16.23 -45.56
N THR S 98 -1.59 -15.76 -45.77
CA THR S 98 -2.38 -16.24 -46.90
C THR S 98 -1.74 -15.91 -48.23
N LYS S 99 -2.08 -16.68 -49.26
CA LYS S 99 -1.54 -16.42 -50.58
C LYS S 99 -1.92 -15.01 -51.03
N TYR S 100 -3.16 -14.61 -50.74
CA TYR S 100 -3.60 -13.26 -51.09
C TYR S 100 -2.71 -12.21 -50.46
N MET S 101 -2.42 -12.36 -49.18
CA MET S 101 -1.55 -11.40 -48.49
C MET S 101 -0.19 -11.33 -49.16
N GLN S 102 0.44 -12.48 -49.38
CA GLN S 102 1.77 -12.49 -49.98
C GLN S 102 1.74 -11.89 -51.38
N ASN S 103 0.72 -12.23 -52.16
CA ASN S 103 0.58 -11.68 -53.49
C ASN S 103 0.46 -10.17 -53.43
N TRP S 104 -0.36 -9.67 -52.50
CA TRP S 104 -0.50 -8.23 -52.35
C TRP S 104 0.85 -7.60 -52.05
N VAL S 105 1.60 -8.15 -51.10
CA VAL S 105 2.90 -7.61 -50.76
C VAL S 105 3.81 -7.53 -51.98
N ARG S 106 3.93 -8.63 -52.72
CA ARG S 106 4.80 -8.64 -53.90
C ARG S 106 4.35 -7.62 -54.93
N LEU S 107 3.04 -7.53 -55.15
CA LEU S 107 2.50 -6.58 -56.11
C LEU S 107 2.79 -5.16 -55.66
N TRP S 108 2.63 -4.90 -54.37
CA TRP S 108 2.91 -3.57 -53.83
C TRP S 108 4.38 -3.21 -53.98
N LEU S 109 5.27 -4.17 -53.74
CA LEU S 109 6.70 -3.89 -53.79
C LEU S 109 7.21 -3.40 -55.14
N ASP S 110 7.09 -4.24 -56.18
CA ASP S 110 7.58 -3.86 -57.50
C ASP S 110 6.68 -2.72 -57.97
N GLU S 111 7.29 -1.68 -58.51
CA GLU S 111 6.61 -0.41 -58.73
C GLU S 111 5.56 -0.54 -59.83
N GLU S 112 5.82 -1.43 -60.80
CA GLU S 112 4.94 -1.59 -61.95
C GLU S 112 3.63 -2.27 -61.58
N LYS S 113 3.67 -3.33 -60.77
CA LYS S 113 2.43 -3.95 -60.31
C LYS S 113 1.65 -3.05 -59.37
N LYS S 114 2.35 -2.19 -58.62
CA LYS S 114 1.65 -1.23 -57.76
C LYS S 114 0.91 -0.19 -58.59
N LEU S 115 1.54 0.30 -59.66
CA LEU S 115 0.86 1.23 -60.57
C LEU S 115 -0.29 0.55 -61.31
N SER S 116 -0.08 -0.69 -61.76
CA SER S 116 -1.13 -1.43 -62.46
C SER S 116 -2.29 -1.73 -61.53
N ALA S 117 -2.01 -2.02 -60.26
CA ALA S 117 -3.07 -2.31 -59.30
C ALA S 117 -3.81 -1.04 -58.91
N ALA S 118 -3.11 0.10 -58.87
CA ALA S 118 -3.80 1.37 -58.64
C ALA S 118 -4.73 1.69 -59.80
N LYS S 119 -4.30 1.45 -61.03
CA LYS S 119 -5.19 1.65 -62.16
C LYS S 119 -6.37 0.70 -62.05
N GLU S 120 -6.11 -0.55 -61.66
CA GLU S 120 -7.18 -1.55 -61.58
C GLU S 120 -8.20 -1.29 -60.47
N ILE S 121 -7.76 -0.76 -59.34
CA ILE S 121 -8.71 -0.44 -58.27
C ILE S 121 -9.67 0.67 -58.71
N LEU S 122 -9.21 1.55 -59.60
CA LEU S 122 -10.08 2.61 -60.08
C LEU S 122 -10.95 2.10 -61.21
N LYS S 123 -10.48 1.07 -61.91
CA LYS S 123 -11.29 0.45 -62.96
C LYS S 123 -12.47 -0.22 -62.31
N MET S 124 -12.22 -0.93 -61.21
CA MET S 124 -13.29 -1.65 -60.53
C MET S 124 -14.16 -0.71 -59.71
N ARG S 125 -13.69 0.51 -59.48
CA ARG S 125 -14.52 1.49 -58.78
C ARG S 125 -15.56 1.98 -59.77
N VAL S 126 -15.16 2.13 -61.03
CA VAL S 126 -16.11 2.55 -62.06
C VAL S 126 -17.07 1.38 -62.31
N ASP S 127 -16.55 0.16 -62.22
CA ASP S 127 -17.42 -1.00 -62.38
C ASP S 127 -18.44 -1.01 -61.27
N SER S 128 -17.99 -0.81 -60.02
CA SER S 128 -18.90 -0.76 -58.88
C SER S 128 -20.03 0.21 -59.09
N LEU S 129 -19.72 1.39 -59.61
CA LEU S 129 -20.74 2.39 -59.88
C LEU S 129 -21.87 1.82 -60.72
N SER S 130 -21.52 1.22 -61.86
CA SER S 130 -22.53 0.62 -62.72
C SER S 130 -23.18 -0.60 -62.09
N THR S 131 -22.38 -1.51 -61.55
CA THR S 131 -22.89 -2.73 -60.94
C THR S 131 -23.99 -2.46 -59.92
N HIS S 132 -23.68 -1.64 -58.92
CA HIS S 132 -24.64 -1.37 -57.88
C HIS S 132 -25.52 -0.20 -58.24
N VAL S 133 -26.56 -0.46 -59.02
CA VAL S 133 -27.47 0.60 -59.43
C VAL S 133 -28.54 0.80 -58.36
N HIS S 134 -28.71 2.04 -57.94
CA HIS S 134 -29.71 2.42 -56.95
C HIS S 134 -30.99 2.85 -57.68
N ASP S 135 -32.00 3.18 -56.89
CA ASP S 135 -33.27 3.66 -57.42
C ASP S 135 -33.44 5.16 -57.22
N PHE S 136 -33.17 5.66 -56.02
CA PHE S 136 -33.30 7.08 -55.73
C PHE S 136 -32.16 7.91 -56.30
N GLY S 137 -31.01 7.31 -56.54
CA GLY S 137 -29.85 8.05 -56.98
C GLY S 137 -29.92 8.42 -58.45
N VAL S 138 -28.83 9.05 -58.92
CA VAL S 138 -28.76 9.44 -60.32
C VAL S 138 -28.55 8.21 -61.21
N ASP S 139 -28.90 8.36 -62.48
CA ASP S 139 -28.69 7.29 -63.44
C ASP S 139 -27.21 7.20 -63.77
N VAL S 140 -26.65 6.00 -63.65
CA VAL S 140 -25.26 5.79 -64.04
C VAL S 140 -25.14 5.82 -65.56
N GLU S 141 -26.20 5.44 -66.27
CA GLU S 141 -26.23 5.48 -67.72
C GLU S 141 -26.58 6.85 -68.27
N ASN S 142 -26.78 7.85 -67.42
CA ASN S 142 -27.03 9.21 -67.87
C ASN S 142 -25.79 9.78 -68.54
N LYS S 143 -26.01 10.74 -69.45
CA LYS S 143 -24.94 11.23 -70.33
C LYS S 143 -23.87 11.97 -69.55
N ARG S 144 -24.26 12.77 -68.54
CA ARG S 144 -23.29 13.48 -67.73
C ARG S 144 -22.47 12.52 -66.88
N VAL S 145 -23.14 11.55 -66.25
CA VAL S 145 -22.45 10.58 -65.40
C VAL S 145 -21.56 9.67 -66.24
N SER S 146 -22.03 9.28 -67.43
CA SER S 146 -21.19 8.49 -68.33
C SER S 146 -20.02 9.29 -68.86
N SER S 147 -20.19 10.60 -69.06
CA SER S 147 -19.07 11.44 -69.47
C SER S 147 -18.03 11.55 -68.37
N ILE S 148 -18.48 11.65 -67.11
CA ILE S 148 -17.58 11.63 -65.97
C ILE S 148 -16.85 10.29 -65.87
N VAL S 149 -17.58 9.19 -66.13
CA VAL S 149 -17.00 7.85 -66.09
C VAL S 149 -15.94 7.67 -67.17
N ASN S 150 -16.22 8.13 -68.40
CA ASN S 150 -15.24 8.02 -69.47
C ASN S 150 -14.07 8.96 -69.28
N LYS S 151 -14.29 10.13 -68.67
CA LYS S 151 -13.19 11.02 -68.32
C LYS S 151 -12.26 10.37 -67.31
N PHE S 152 -12.84 9.71 -66.29
CA PHE S 152 -12.04 9.00 -65.31
C PHE S 152 -11.31 7.82 -65.93
N ASP S 153 -11.96 7.11 -66.85
CA ASP S 153 -11.35 5.96 -67.52
C ASP S 153 -10.18 6.38 -68.40
N LYS S 154 -10.35 7.44 -69.17
CA LYS S 154 -9.25 8.00 -69.96
C LYS S 154 -8.12 8.48 -69.08
N GLY S 155 -8.46 9.17 -67.98
CA GLY S 155 -7.42 9.72 -67.13
C GLY S 155 -6.62 8.67 -66.39
N VAL S 156 -7.29 7.59 -65.96
CA VAL S 156 -6.58 6.51 -65.28
C VAL S 156 -5.72 5.74 -66.28
N THR S 157 -6.27 5.46 -67.48
CA THR S 157 -5.54 4.68 -68.47
C THR S 157 -4.31 5.41 -69.01
N GLN S 158 -4.40 6.73 -69.15
CA GLN S 158 -3.28 7.51 -69.71
C GLN S 158 -2.28 7.98 -68.66
N ALA S 159 -2.55 7.76 -67.37
CA ALA S 159 -1.64 8.24 -66.34
C ALA S 159 -0.49 7.28 -66.13
N THR S 160 0.66 7.84 -65.77
CA THR S 160 1.85 7.06 -65.47
C THR S 160 2.42 7.32 -64.07
N SER S 161 1.68 8.04 -63.22
CA SER S 161 2.19 8.40 -61.91
C SER S 161 1.03 8.46 -60.93
N PHE S 162 1.36 8.39 -59.64
CA PHE S 162 0.34 8.30 -58.61
C PHE S 162 -0.33 9.63 -58.30
N GLU S 163 0.40 10.75 -58.34
CA GLU S 163 -0.22 12.03 -58.02
C GLU S 163 -1.19 12.48 -59.11
N SER S 164 -0.93 12.08 -60.36
CA SER S 164 -1.93 12.22 -61.40
C SER S 164 -3.19 11.40 -61.10
N LEU S 165 -3.00 10.19 -60.58
CA LEU S 165 -4.14 9.35 -60.22
C LEU S 165 -4.90 9.92 -59.04
N LEU S 166 -4.20 10.57 -58.10
CA LEU S 166 -4.86 11.23 -56.98
C LEU S 166 -5.69 12.42 -57.43
N GLY S 167 -5.14 13.24 -58.34
CA GLY S 167 -5.90 14.35 -58.89
C GLY S 167 -7.12 13.90 -59.67
N HIS S 168 -6.96 12.83 -60.46
CA HIS S 168 -8.06 12.29 -61.24
C HIS S 168 -9.11 11.62 -60.36
N GLU S 169 -8.67 10.95 -59.29
CA GLU S 169 -9.59 10.35 -58.34
C GLU S 169 -10.40 11.40 -57.59
N GLY S 170 -9.73 12.48 -57.18
CA GLY S 170 -10.44 13.57 -56.52
C GLY S 170 -11.42 14.26 -57.46
N THR S 171 -11.02 14.42 -58.73
CA THR S 171 -11.91 14.99 -59.73
C THR S 171 -13.14 14.13 -59.94
N PHE S 172 -12.96 12.81 -60.05
CA PHE S 172 -14.09 11.90 -60.22
C PHE S 172 -15.00 11.85 -59.01
N VAL S 173 -14.42 11.81 -57.80
CA VAL S 173 -15.21 11.68 -56.58
C VAL S 173 -16.02 12.94 -56.34
N LYS S 174 -15.39 14.11 -56.46
CA LYS S 174 -16.11 15.35 -56.22
C LYS S 174 -17.01 15.69 -57.41
N SER S 175 -16.72 15.15 -58.60
CA SER S 175 -17.65 15.32 -59.72
C SER S 175 -18.91 14.52 -59.51
N LEU S 176 -18.80 13.32 -58.93
CA LEU S 176 -20.00 12.60 -58.54
C LEU S 176 -20.72 13.28 -57.39
N TYR S 177 -19.96 13.91 -56.49
CA TYR S 177 -20.56 14.73 -55.44
C TYR S 177 -21.35 15.90 -56.03
N LYS S 178 -20.80 16.53 -57.06
CA LYS S 178 -21.43 17.65 -57.73
C LYS S 178 -22.67 17.18 -58.48
N GLU S 179 -22.61 15.99 -59.08
CA GLU S 179 -23.76 15.42 -59.77
C GLU S 179 -24.90 15.12 -58.81
N TYR S 180 -24.58 14.53 -57.66
CA TYR S 180 -25.61 14.26 -56.67
C TYR S 180 -26.11 15.53 -56.00
N ALA S 181 -25.29 16.57 -55.95
CA ALA S 181 -25.76 17.87 -55.48
C ALA S 181 -26.71 18.50 -56.49
N LEU S 182 -26.43 18.30 -57.78
CA LEU S 182 -27.32 18.80 -58.82
C LEU S 182 -28.64 18.05 -58.82
N GLU S 183 -28.62 16.77 -58.42
CA GLU S 183 -29.87 16.05 -58.21
C GLU S 183 -30.69 16.62 -57.06
N TYR S 184 -30.07 16.81 -55.89
CA TYR S 184 -30.82 17.06 -54.68
C TYR S 184 -30.86 18.53 -54.30
N GLU S 185 -30.66 19.42 -55.28
CA GLU S 185 -31.05 20.83 -55.23
C GLU S 185 -30.32 21.61 -54.14
N ILE S 186 -29.07 21.28 -53.88
CA ILE S 186 -28.32 21.87 -52.77
C ILE S 186 -26.94 22.28 -53.24
N GLU S 187 -26.36 23.26 -52.56
CA GLU S 187 -24.95 23.58 -52.69
C GLU S 187 -24.21 22.64 -51.75
N PHE S 188 -23.60 21.59 -52.29
CA PHE S 188 -22.87 20.63 -51.48
C PHE S 188 -21.39 20.73 -51.79
N LYS S 189 -20.60 21.01 -50.75
CA LYS S 189 -19.15 20.98 -50.83
C LYS S 189 -18.64 20.09 -49.71
N ARG S 190 -17.80 19.11 -50.07
CA ARG S 190 -17.41 18.05 -49.15
C ARG S 190 -16.45 18.57 -48.10
N ASP S 191 -16.92 18.68 -46.86
CA ASP S 191 -16.10 19.00 -45.71
C ASP S 191 -16.54 18.15 -44.53
N HIS S 192 -15.57 17.64 -43.77
CA HIS S 192 -15.89 16.76 -42.65
C HIS S 192 -16.43 17.53 -41.46
N LYS S 193 -16.11 18.82 -41.36
CA LYS S 193 -16.43 19.62 -40.18
C LYS S 193 -17.84 20.19 -40.21
N SER S 194 -18.55 20.09 -41.33
CA SER S 194 -19.87 20.68 -41.42
C SER S 194 -20.90 19.84 -40.67
N ALA S 195 -21.90 20.51 -40.11
CA ALA S 195 -22.95 19.86 -39.34
C ALA S 195 -24.26 19.71 -40.10
N ASP S 196 -24.24 19.92 -41.42
CA ASP S 196 -25.44 19.71 -42.21
C ASP S 196 -25.71 18.21 -42.39
N ASN S 197 -26.88 17.90 -42.92
CA ASN S 197 -27.31 16.51 -43.02
C ASN S 197 -26.50 15.73 -44.05
N TYR S 198 -26.23 16.35 -45.21
CA TYR S 198 -25.55 15.65 -46.29
C TYR S 198 -24.11 15.32 -45.94
N ASN S 199 -23.38 16.30 -45.38
CA ASN S 199 -21.96 16.09 -45.09
C ASN S 199 -21.76 15.10 -43.94
N LYS S 200 -22.53 15.23 -42.85
CA LYS S 200 -22.34 14.33 -41.72
C LYS S 200 -22.91 12.94 -42.02
N PHE S 201 -23.94 12.86 -42.86
CA PHE S 201 -24.46 11.56 -43.27
C PHE S 201 -23.48 10.86 -44.18
N LEU S 202 -22.83 11.60 -45.09
CA LEU S 202 -21.77 11.04 -45.92
C LEU S 202 -20.56 10.64 -45.07
N THR S 203 -20.30 11.38 -43.99
CA THR S 203 -19.17 11.06 -43.13
C THR S 203 -19.38 9.75 -42.38
N LEU S 204 -20.56 9.57 -41.79
CA LEU S 204 -20.80 8.32 -41.07
C LEU S 204 -21.06 7.15 -42.02
N GLY S 205 -21.58 7.41 -43.22
CA GLY S 205 -21.61 6.39 -44.24
C GLY S 205 -20.22 5.99 -44.72
N ASN S 206 -19.30 6.96 -44.81
CA ASN S 206 -17.91 6.66 -45.13
C ASN S 206 -17.26 5.85 -44.03
N TYR S 207 -17.63 6.09 -42.77
CA TYR S 207 -17.11 5.28 -41.68
C TYR S 207 -17.64 3.86 -41.75
N TYR S 208 -18.91 3.70 -42.19
CA TYR S 208 -19.44 2.35 -42.44
C TYR S 208 -18.71 1.67 -43.60
N ALA S 209 -18.37 2.45 -44.64
CA ALA S 209 -17.60 1.93 -45.77
C ALA S 209 -16.21 1.51 -45.33
N TYR S 210 -15.59 2.28 -44.44
CA TYR S 210 -14.29 1.91 -43.88
C TYR S 210 -14.39 0.62 -43.08
N GLY S 211 -15.50 0.45 -42.34
CA GLY S 211 -15.69 -0.78 -41.59
C GLY S 211 -15.86 -2.01 -42.47
N ILE S 212 -16.68 -1.90 -43.51
CA ILE S 212 -16.89 -3.06 -44.38
C ILE S 212 -15.65 -3.35 -45.23
N ALA S 213 -14.90 -2.31 -45.62
CA ALA S 213 -13.64 -2.53 -46.33
C ALA S 213 -12.60 -3.14 -45.40
N ARG S 214 -12.62 -2.78 -44.12
CA ARG S 214 -11.74 -3.40 -43.14
C ARG S 214 -12.06 -4.87 -42.94
N SER S 215 -13.35 -5.21 -42.92
CA SER S 215 -13.75 -6.61 -42.85
C SER S 215 -13.32 -7.38 -44.10
N SER S 216 -13.46 -6.76 -45.27
CA SER S 216 -13.08 -7.43 -46.52
C SER S 216 -11.56 -7.59 -46.62
N LEU S 217 -10.80 -6.63 -46.13
CA LEU S 217 -9.35 -6.77 -46.12
C LEU S 217 -8.88 -7.79 -45.11
N TRP S 218 -9.56 -7.86 -43.96
CA TRP S 218 -9.21 -8.86 -42.96
C TRP S 218 -9.51 -10.27 -43.42
N ALA S 219 -10.63 -10.44 -44.13
CA ALA S 219 -11.14 -11.77 -44.43
C ALA S 219 -10.26 -12.53 -45.43
N LEU S 220 -9.43 -11.83 -46.20
CA LEU S 220 -8.39 -12.47 -46.98
C LEU S 220 -7.00 -12.29 -46.38
N GLY S 221 -6.93 -11.78 -45.15
CA GLY S 221 -5.66 -11.61 -44.49
C GLY S 221 -4.85 -10.43 -44.98
N ILE S 222 -5.45 -9.48 -45.68
CA ILE S 222 -4.72 -8.33 -46.18
C ILE S 222 -4.54 -7.34 -45.04
N ASP S 223 -3.29 -6.94 -44.81
CA ASP S 223 -2.95 -6.05 -43.71
C ASP S 223 -3.28 -4.62 -44.08
N ASN S 224 -3.39 -3.78 -43.05
CA ASN S 224 -3.84 -2.40 -43.18
C ASN S 224 -2.70 -1.41 -43.35
N SER S 225 -1.62 -1.80 -44.01
CA SER S 225 -0.49 -0.88 -44.14
C SER S 225 0.10 -0.87 -45.54
N PHE S 226 -0.66 -1.23 -46.56
CA PHE S 226 -0.19 -1.21 -47.94
C PHE S 226 -1.20 -0.49 -48.84
N PRO S 227 -1.29 0.83 -48.74
CA PRO S 227 -2.24 1.55 -49.59
C PRO S 227 -1.74 1.66 -51.01
N LEU S 228 -2.69 1.72 -51.94
CA LEU S 228 -2.35 1.88 -53.36
C LEU S 228 -2.27 3.35 -53.75
N LEU S 229 -3.34 4.10 -53.53
CA LEU S 229 -3.35 5.51 -53.90
C LEU S 229 -2.70 6.36 -52.81
N HIS S 230 -3.14 6.19 -51.57
CA HIS S 230 -2.70 7.05 -50.48
C HIS S 230 -1.26 6.74 -50.09
N GLY S 231 -0.66 7.68 -49.37
CA GLY S 231 0.76 7.62 -49.07
C GLY S 231 1.10 6.54 -48.05
N SER S 232 2.40 6.32 -47.91
CA SER S 232 2.90 5.31 -46.97
C SER S 232 2.74 5.73 -45.52
N THR S 233 2.62 7.02 -45.24
CA THR S 233 2.45 7.51 -43.88
C THR S 233 0.99 7.62 -43.47
N ARG S 234 0.05 7.27 -44.36
CA ARG S 234 -1.37 7.35 -44.03
C ARG S 234 -1.77 6.10 -43.26
N ARG S 235 -2.23 6.29 -42.02
CA ARG S 235 -2.55 5.18 -41.14
C ARG S 235 -3.83 4.50 -41.60
N GLY S 236 -3.74 3.21 -41.92
CA GLY S 236 -4.86 2.46 -42.44
C GLY S 236 -5.33 2.92 -43.81
N GLY S 237 -4.38 3.24 -44.70
CA GLY S 237 -4.75 3.79 -46.00
C GLY S 237 -5.36 2.77 -46.94
N LEU S 238 -5.09 1.48 -46.72
CA LEU S 238 -5.67 0.46 -47.58
C LEU S 238 -7.15 0.29 -47.33
N VAL S 239 -7.60 0.51 -46.08
CA VAL S 239 -9.02 0.52 -45.77
C VAL S 239 -9.73 1.63 -46.54
N PHE S 240 -9.11 2.81 -46.60
CA PHE S 240 -9.67 3.92 -47.36
C PHE S 240 -9.64 3.65 -48.86
N ASP S 241 -8.58 3.01 -49.36
CA ASP S 241 -8.48 2.71 -50.79
C ASP S 241 -9.50 1.68 -51.23
N VAL S 242 -9.73 0.64 -50.41
CA VAL S 242 -10.75 -0.35 -50.74
C VAL S 242 -12.15 0.22 -50.55
N ALA S 243 -12.37 1.05 -49.52
CA ALA S 243 -13.67 1.66 -49.31
C ALA S 243 -13.99 2.72 -50.34
N ASP S 244 -12.97 3.24 -51.05
CA ASP S 244 -13.19 4.18 -52.14
C ASP S 244 -14.03 3.57 -53.26
N ILE S 245 -13.94 2.24 -53.44
CA ILE S 245 -14.66 1.54 -54.50
C ILE S 245 -16.17 1.67 -54.31
N ILE S 246 -16.63 1.63 -53.06
CA ILE S 246 -18.04 1.70 -52.75
C ILE S 246 -18.45 3.00 -52.08
N LYS S 247 -17.53 3.96 -51.92
CA LYS S 247 -17.91 5.25 -51.35
C LYS S 247 -18.78 6.06 -52.29
N THR S 248 -18.41 6.10 -53.57
CA THR S 248 -19.14 6.90 -54.54
C THR S 248 -20.20 6.11 -55.30
N SER S 249 -20.28 4.80 -55.09
CA SER S 249 -21.28 3.98 -55.76
C SER S 249 -22.45 3.61 -54.86
N ILE S 250 -22.19 3.45 -53.57
CA ILE S 250 -23.18 2.94 -52.62
C ILE S 250 -23.41 3.91 -51.47
N ILE S 251 -22.32 4.40 -50.87
CA ILE S 251 -22.42 5.26 -49.70
C ILE S 251 -22.97 6.64 -50.08
N LEU S 252 -22.47 7.18 -51.19
CA LEU S 252 -22.92 8.50 -51.65
C LEU S 252 -24.41 8.57 -52.03
N PRO S 253 -24.99 7.65 -52.85
CA PRO S 253 -26.43 7.77 -53.10
C PRO S 253 -27.30 7.46 -51.90
N LEU S 254 -26.89 6.50 -51.05
CA LEU S 254 -27.64 6.22 -49.83
C LEU S 254 -27.60 7.39 -48.87
N ALA S 255 -26.45 8.05 -48.75
CA ALA S 255 -26.32 9.19 -47.86
C ALA S 255 -27.11 10.39 -48.38
N PHE S 256 -27.10 10.62 -49.69
CA PHE S 256 -27.87 11.75 -50.22
C PHE S 256 -29.36 11.48 -50.15
N HIS S 257 -29.80 10.23 -50.35
CA HIS S 257 -31.19 9.86 -50.13
C HIS S 257 -31.58 10.02 -48.66
N ALA S 258 -30.66 9.65 -47.76
CA ALA S 258 -30.94 9.75 -46.34
C ALA S 258 -31.05 11.20 -45.87
N ALA S 259 -30.23 12.08 -46.43
CA ALA S 259 -30.34 13.49 -46.09
C ALA S 259 -31.53 14.14 -46.79
N ASP S 260 -31.93 13.61 -47.95
CA ASP S 260 -33.10 14.15 -48.63
C ASP S 260 -34.38 13.82 -47.87
N GLN S 261 -34.57 12.56 -47.48
CA GLN S 261 -35.72 12.22 -46.67
C GLN S 261 -35.55 12.59 -45.20
N GLY S 262 -34.31 12.79 -44.74
CA GLY S 262 -34.07 13.32 -43.43
C GLY S 262 -34.37 12.40 -42.27
N MET S 263 -34.21 11.09 -42.45
CA MET S 263 -34.45 10.23 -41.31
C MET S 263 -33.19 10.13 -40.45
N SER S 264 -33.31 9.46 -39.32
CA SER S 264 -32.25 9.45 -38.32
C SER S 264 -31.13 8.47 -38.68
N ASN S 265 -30.13 8.42 -37.80
CA ASN S 265 -28.87 7.74 -38.12
C ASN S 265 -28.96 6.22 -38.03
N THR S 266 -29.72 5.68 -37.07
CA THR S 266 -29.79 4.23 -36.89
C THR S 266 -30.51 3.56 -38.06
N GLU S 267 -31.51 4.23 -38.62
CA GLU S 267 -32.19 3.69 -39.79
C GLU S 267 -31.39 3.91 -41.08
N PHE S 268 -30.49 4.90 -41.10
CA PHE S 268 -29.47 4.91 -42.16
C PHE S 268 -28.48 3.76 -42.01
N LYS S 269 -28.11 3.41 -40.79
CA LYS S 269 -27.29 2.23 -40.54
C LYS S 269 -27.98 0.96 -41.02
N ARG S 270 -29.29 0.84 -40.75
CA ARG S 270 -30.00 -0.35 -41.20
C ARG S 270 -30.19 -0.35 -42.71
N SER S 271 -30.28 0.83 -43.34
CA SER S 271 -30.32 0.88 -44.81
C SER S 271 -28.98 0.50 -45.42
N CYS S 272 -27.88 0.94 -44.81
CA CYS S 272 -26.55 0.58 -45.30
C CYS S 272 -26.28 -0.91 -45.16
N VAL S 273 -26.62 -1.50 -44.01
CA VAL S 273 -26.38 -2.93 -43.86
C VAL S 273 -27.39 -3.74 -44.66
N ALA S 274 -28.58 -3.19 -44.95
CA ALA S 274 -29.51 -3.87 -45.82
C ALA S 274 -29.00 -3.89 -47.26
N TYR S 275 -28.41 -2.78 -47.71
CA TYR S 275 -27.78 -2.78 -49.04
C TYR S 275 -26.55 -3.67 -49.08
N PHE S 276 -25.84 -3.79 -47.96
CA PHE S 276 -24.68 -4.68 -47.92
C PHE S 276 -25.11 -6.15 -47.96
N ASP S 277 -26.21 -6.49 -47.27
CA ASP S 277 -26.68 -7.88 -47.25
C ASP S 277 -27.36 -8.26 -48.56
N LYS S 278 -28.10 -7.34 -49.17
CA LYS S 278 -28.92 -7.69 -50.32
C LYS S 278 -28.09 -7.94 -51.57
N ASN S 279 -27.11 -7.09 -51.84
CA ASN S 279 -26.34 -7.19 -53.07
C ASN S 279 -24.97 -7.82 -52.86
N ASP S 280 -24.67 -8.27 -51.63
CA ASP S 280 -23.40 -8.89 -51.24
C ASP S 280 -22.21 -7.99 -51.56
N ILE S 281 -22.22 -6.82 -50.92
CA ILE S 281 -21.19 -5.81 -51.17
C ILE S 281 -19.85 -6.26 -50.61
N LEU S 282 -19.86 -6.92 -49.45
CA LEU S 282 -18.62 -7.46 -48.91
C LEU S 282 -18.07 -8.56 -49.80
N ALA S 283 -18.93 -9.41 -50.36
CA ALA S 283 -18.49 -10.45 -51.29
C ALA S 283 -17.93 -9.83 -52.57
N TYR S 284 -18.51 -8.71 -52.99
CA TYR S 284 -17.97 -7.96 -54.12
C TYR S 284 -16.58 -7.44 -53.82
N LEU S 285 -16.36 -6.92 -52.61
CA LEU S 285 -15.04 -6.43 -52.23
C LEU S 285 -14.04 -7.57 -52.09
N ILE S 286 -14.51 -8.74 -51.61
CA ILE S 286 -13.63 -9.90 -51.46
C ILE S 286 -13.17 -10.39 -52.82
N ASN S 287 -14.09 -10.51 -53.78
CA ASN S 287 -13.73 -10.90 -55.14
C ASN S 287 -12.90 -9.82 -55.83
N ASN S 288 -13.15 -8.56 -55.49
CA ASN S 288 -12.35 -7.45 -56.01
C ASN S 288 -10.91 -7.55 -55.57
N ILE S 289 -10.70 -7.85 -54.29
CA ILE S 289 -9.34 -7.95 -53.77
C ILE S 289 -8.66 -9.21 -54.28
N LYS S 290 -9.42 -10.31 -54.47
CA LYS S 290 -8.83 -11.50 -55.10
C LYS S 290 -8.38 -11.22 -56.52
N ARG S 291 -9.19 -10.51 -57.30
CA ARG S 291 -8.80 -10.23 -58.68
C ARG S 291 -7.68 -9.20 -58.74
N LEU S 292 -7.61 -8.28 -57.78
CA LEU S 292 -6.50 -7.35 -57.70
C LEU S 292 -5.19 -8.05 -57.36
N CYS S 293 -5.20 -8.87 -56.30
CA CYS S 293 -3.98 -9.48 -55.80
C CYS S 293 -3.51 -10.67 -56.64
N MET S 294 -4.45 -11.44 -57.19
CA MET S 294 -4.09 -12.58 -58.04
C MET S 294 -3.46 -12.13 -59.35
N GLU S 295 -4.03 -11.07 -59.95
CA GLU S 295 -3.59 -10.46 -61.22
C GLU S 295 -3.54 -11.45 -62.38
N THR T 2 40.79 138.05 -55.57
CA THR T 2 39.47 138.48 -56.03
C THR T 2 38.87 137.45 -56.97
N LYS T 3 39.46 136.24 -56.99
CA LYS T 3 38.96 135.17 -57.83
C LYS T 3 37.66 134.62 -57.26
N LEU T 4 36.69 134.40 -58.14
CA LEU T 4 35.37 133.90 -57.73
C LEU T 4 35.43 132.38 -57.70
N LYS T 5 35.72 131.83 -56.52
CA LYS T 5 35.86 130.39 -56.37
C LYS T 5 34.50 129.71 -56.42
N ALA T 6 34.46 128.53 -57.05
CA ALA T 6 33.24 127.77 -57.12
C ALA T 6 32.89 127.20 -55.75
N PRO T 7 31.62 127.26 -55.34
CA PRO T 7 31.25 126.64 -54.07
C PRO T 7 31.35 125.14 -54.15
N ALA T 8 31.59 124.52 -52.99
CA ALA T 8 31.73 123.07 -52.94
C ALA T 8 30.41 122.37 -53.23
N VAL T 9 29.29 123.06 -53.00
CA VAL T 9 27.97 122.45 -53.04
C VAL T 9 27.32 122.67 -54.41
N LEU T 10 28.09 123.19 -55.37
CA LEU T 10 27.53 123.54 -56.67
C LEU T 10 27.21 122.29 -57.48
N ALA T 11 25.93 122.10 -57.80
CA ALA T 11 25.48 120.93 -58.53
C ALA T 11 24.32 121.30 -59.43
N TYR T 12 24.37 120.78 -60.65
CA TYR T 12 23.33 121.02 -61.65
C TYR T 12 22.63 119.70 -61.95
N SER T 13 21.35 119.78 -62.26
CA SER T 13 20.56 118.58 -62.49
C SER T 13 20.50 118.26 -63.98
N ARG T 14 20.11 117.02 -64.28
CA ARG T 14 19.94 116.56 -65.65
C ARG T 14 18.70 117.21 -66.26
N LYS T 15 18.89 117.94 -67.34
CA LYS T 15 17.78 118.59 -68.01
C LYS T 15 17.45 117.99 -69.36
N ILE T 16 18.09 116.88 -69.71
CA ILE T 16 17.69 116.04 -70.83
C ILE T 16 17.43 114.66 -70.22
N ASN T 17 16.17 114.38 -69.89
CA ASN T 17 15.80 113.15 -69.19
C ASN T 17 15.15 112.18 -70.16
N PRO T 18 15.82 111.11 -70.57
CA PRO T 18 15.14 110.06 -71.33
C PRO T 18 14.60 108.97 -70.41
N THR T 19 13.64 108.23 -70.94
CA THR T 19 13.12 107.07 -70.23
C THR T 19 13.94 105.84 -70.63
N ASN T 20 13.61 104.71 -70.03
CA ASN T 20 14.24 103.45 -70.41
C ASN T 20 13.69 103.02 -71.77
N ALA T 21 14.59 102.84 -72.73
CA ALA T 21 14.22 102.61 -74.12
C ALA T 21 13.76 101.18 -74.29
N LEU T 22 12.44 100.97 -74.27
CA LEU T 22 11.88 99.65 -74.43
C LEU T 22 12.05 99.17 -75.87
N MET T 23 12.37 97.89 -76.03
CA MET T 23 12.72 97.34 -77.34
C MET T 23 11.69 96.28 -77.73
N PHE T 24 10.95 96.56 -78.79
CA PHE T 24 9.89 95.71 -79.34
C PHE T 24 10.32 95.19 -80.70
N ALA T 25 9.50 94.30 -81.25
CA ALA T 25 9.72 93.77 -82.59
C ALA T 25 8.50 94.05 -83.45
N VAL T 26 8.73 94.64 -84.63
CA VAL T 26 7.69 94.89 -85.61
C VAL T 26 8.21 94.45 -86.97
N ASN T 27 7.32 94.45 -87.95
CA ASN T 27 7.73 94.37 -89.34
C ASN T 27 7.90 95.78 -89.90
N TRP T 28 8.49 95.85 -91.10
CA TRP T 28 8.68 97.16 -91.71
C TRP T 28 7.37 97.73 -92.23
N SER T 29 6.37 96.89 -92.47
CA SER T 29 5.07 97.32 -92.97
C SER T 29 4.08 97.61 -91.85
N ASP T 30 3.79 96.63 -91.00
CA ASP T 30 2.81 96.80 -89.93
C ASP T 30 3.48 97.10 -88.59
N ARG T 31 3.92 98.35 -88.46
CA ARG T 31 4.56 98.85 -87.26
C ARG T 31 3.64 98.96 -86.05
N ASP T 32 2.32 98.86 -86.26
CA ASP T 32 1.37 98.81 -85.16
C ASP T 32 1.30 97.44 -84.50
N ASN T 33 1.84 96.40 -85.14
CA ASN T 33 1.89 95.06 -84.56
C ASN T 33 3.10 94.99 -83.64
N THR T 34 2.97 95.64 -82.49
CA THR T 34 4.09 95.88 -81.58
C THR T 34 4.20 94.69 -80.62
N THR T 35 5.11 93.78 -80.92
CA THR T 35 5.37 92.62 -80.05
C THR T 35 6.71 92.81 -79.35
N ALA T 36 6.71 92.60 -78.04
CA ALA T 36 7.85 92.93 -77.22
C ALA T 36 8.95 91.88 -77.35
N VAL T 37 10.20 92.33 -77.30
CA VAL T 37 11.36 91.45 -77.39
C VAL T 37 11.73 91.01 -75.98
N MET T 38 11.60 89.71 -75.71
CA MET T 38 11.99 89.13 -74.45
C MET T 38 13.49 88.91 -74.39
N VAL T 39 14.07 89.16 -73.22
CA VAL T 39 15.44 88.74 -72.96
C VAL T 39 15.42 87.28 -72.58
N GLY T 40 16.10 86.46 -73.37
CA GLY T 40 16.31 85.07 -73.04
C GLY T 40 17.68 84.87 -72.43
N THR T 41 17.87 83.70 -71.83
CA THR T 41 19.14 83.34 -71.22
C THR T 41 19.63 82.07 -71.88
N LYS T 42 20.85 82.11 -72.43
CA LYS T 42 21.44 80.96 -73.07
C LYS T 42 22.78 80.68 -72.43
N THR T 43 23.26 79.46 -72.57
CA THR T 43 24.56 79.08 -72.02
C THR T 43 25.36 78.45 -73.15
N VAL T 44 26.56 78.96 -73.37
CA VAL T 44 27.28 78.79 -74.63
C VAL T 44 28.68 78.27 -74.33
N ALA T 45 29.14 77.32 -75.15
CA ALA T 45 30.43 76.68 -75.00
C ALA T 45 31.42 77.20 -76.03
N GLY T 46 32.64 77.43 -75.59
CA GLY T 46 33.69 77.95 -76.43
C GLY T 46 35.03 77.69 -75.81
N THR T 47 36.00 78.54 -76.13
CA THR T 47 37.34 78.44 -75.57
C THR T 47 37.71 79.73 -74.85
N GLN T 48 38.57 79.55 -73.84
CA GLN T 48 39.08 80.69 -73.09
C GLN T 48 40.32 81.12 -73.78
N SER T 49 40.32 82.36 -74.23
CA SER T 49 41.45 82.85 -74.95
C SER T 49 41.91 84.12 -74.28
N VAL T 50 42.32 84.00 -73.04
CA VAL T 50 42.74 85.14 -72.30
C VAL T 50 44.14 85.51 -72.70
N ARG T 51 44.44 86.79 -72.77
CA ARG T 51 45.75 87.24 -73.23
C ARG T 51 46.92 86.52 -72.62
N GLY T 52 46.92 86.40 -71.31
CA GLY T 52 48.08 85.81 -70.67
C GLY T 52 47.93 84.36 -70.28
N ASN T 53 47.04 83.64 -70.94
CA ASN T 53 46.81 82.26 -70.57
C ASN T 53 46.85 81.37 -71.76
N PRO T 54 48.04 81.00 -72.21
CA PRO T 54 48.11 80.06 -73.31
C PRO T 54 48.05 78.62 -72.85
N ASN T 55 47.62 78.39 -71.63
CA ASN T 55 47.60 77.05 -71.09
C ASN T 55 46.17 76.64 -70.93
N ASP T 56 45.32 77.59 -70.53
CA ASP T 56 43.91 77.30 -70.37
C ASP T 56 43.29 77.33 -71.74
N ALA T 57 44.04 77.85 -72.71
CA ALA T 57 43.55 77.96 -74.09
C ALA T 57 42.52 76.94 -74.56
N ASP T 58 42.89 75.67 -74.58
CA ASP T 58 42.01 74.64 -75.09
C ASP T 58 41.05 74.00 -74.10
N LYS T 59 41.28 74.21 -72.80
CA LYS T 59 40.46 73.56 -71.77
C LYS T 59 38.96 73.74 -71.96
N GLY T 60 38.53 74.92 -72.39
CA GLY T 60 37.12 75.13 -72.66
C GLY T 60 36.54 76.24 -71.82
N ASN T 61 35.41 76.79 -72.25
CA ASN T 61 34.81 77.90 -71.54
C ASN T 61 33.30 77.95 -71.65
N ILE T 62 32.62 77.75 -70.54
CA ILE T 62 31.19 77.79 -70.57
C ILE T 62 30.73 79.08 -69.96
N GLN T 63 29.95 79.84 -70.70
CA GLN T 63 29.46 81.15 -70.27
C GLN T 63 27.94 81.21 -70.37
N THR T 64 27.32 81.75 -69.34
CA THR T 64 25.88 81.98 -69.33
C THR T 64 25.65 83.44 -69.69
N VAL T 65 25.01 83.70 -70.82
CA VAL T 65 24.82 85.05 -71.32
C VAL T 65 23.34 85.30 -71.54
N ASN T 66 22.88 86.49 -71.16
CA ASN T 66 21.58 86.96 -71.59
C ASN T 66 21.66 87.43 -73.04
N PHE T 67 20.74 86.96 -73.86
CA PHE T 67 20.69 87.32 -75.26
C PHE T 67 19.29 87.85 -75.58
N ALA T 68 19.22 88.74 -76.56
CA ALA T 68 17.94 89.22 -77.06
C ALA T 68 18.00 89.26 -78.57
N ASN T 69 16.98 88.73 -79.23
CA ASN T 69 16.94 88.60 -80.67
C ASN T 69 15.57 89.02 -81.18
N LEU T 70 15.53 89.44 -82.44
CA LEU T 70 14.24 89.58 -83.09
C LEU T 70 13.66 88.20 -83.35
N PRO T 71 12.35 88.04 -83.23
CA PRO T 71 11.71 86.79 -83.66
C PRO T 71 11.81 86.62 -85.17
N HIS T 72 11.71 85.38 -85.61
CA HIS T 72 11.92 85.03 -87.00
C HIS T 72 10.72 85.34 -87.90
N ASN T 73 9.69 86.00 -87.39
CA ASN T 73 8.62 86.53 -88.22
C ASN T 73 8.60 88.04 -88.24
N LYS T 74 9.60 88.71 -87.68
CA LYS T 74 9.67 90.16 -87.66
C LYS T 74 11.10 90.62 -87.90
N ASN T 75 11.27 91.51 -88.88
CA ASN T 75 12.60 91.94 -89.31
C ASN T 75 12.99 93.31 -88.78
N THR T 76 12.14 93.96 -88.00
CA THR T 76 12.36 95.34 -87.58
C THR T 76 12.42 95.41 -86.06
N LEU T 77 13.48 96.02 -85.54
CA LEU T 77 13.53 96.37 -84.14
C LEU T 77 12.90 97.73 -83.93
N LEU T 78 12.10 97.86 -82.89
CA LEU T 78 11.48 99.13 -82.50
C LEU T 78 12.04 99.50 -81.13
N VAL T 79 12.43 100.76 -80.98
CA VAL T 79 12.92 101.27 -79.72
C VAL T 79 12.08 102.48 -79.34
N LYS T 80 11.36 102.37 -78.23
CA LYS T 80 10.43 103.38 -77.78
C LYS T 80 10.95 104.01 -76.51
N TYR T 81 11.07 105.33 -76.52
CA TYR T 81 11.48 106.07 -75.34
C TYR T 81 10.99 107.50 -75.45
N ASN T 82 11.15 108.27 -74.38
CA ASN T 82 10.64 109.63 -74.31
C ASN T 82 11.75 110.53 -73.78
N VAL T 83 12.35 111.32 -74.66
CA VAL T 83 13.27 112.36 -74.22
C VAL T 83 12.46 113.47 -73.60
N LYS T 84 13.02 114.14 -72.61
CA LYS T 84 12.33 115.17 -71.86
C LYS T 84 13.31 116.30 -71.66
N PHE T 85 13.25 117.30 -72.54
CA PHE T 85 14.12 118.45 -72.39
C PHE T 85 13.48 119.41 -71.40
N VAL T 86 14.21 119.72 -70.34
CA VAL T 86 13.72 120.58 -69.27
C VAL T 86 14.48 121.89 -69.37
N GLY T 87 13.76 123.00 -69.25
CA GLY T 87 14.35 124.32 -69.24
C GLY T 87 14.90 124.67 -67.87
N ASP T 88 14.98 125.97 -67.61
CA ASP T 88 15.51 126.55 -66.37
C ASP T 88 16.94 126.06 -66.11
N VAL T 89 17.77 126.17 -67.14
CA VAL T 89 18.98 125.37 -67.24
C VAL T 89 20.14 125.89 -66.42
N PHE T 90 20.07 127.11 -65.91
CA PHE T 90 21.17 127.66 -65.14
C PHE T 90 20.88 127.76 -63.64
N LYS T 91 19.64 127.53 -63.24
CA LYS T 91 19.34 127.45 -61.81
C LYS T 91 19.85 126.13 -61.28
N ALA T 92 20.99 126.17 -60.60
CA ALA T 92 21.55 124.99 -59.97
C ALA T 92 20.69 124.67 -58.75
N GLU T 93 20.13 123.47 -58.71
CA GLU T 93 19.23 123.10 -57.62
C GLU T 93 19.96 122.89 -56.31
N LEU T 94 21.27 122.69 -56.35
CA LEU T 94 22.09 122.61 -55.15
C LEU T 94 23.15 123.70 -55.09
N GLY T 95 23.39 124.41 -56.19
CA GLY T 95 24.44 125.39 -56.19
C GLY T 95 24.08 126.66 -55.43
N GLY T 96 25.11 127.47 -55.20
CA GLY T 96 24.89 128.76 -54.62
C GLY T 96 24.17 129.70 -55.57
N GLY T 97 23.53 130.71 -54.99
CA GLY T 97 22.81 131.66 -55.81
C GLY T 97 23.73 132.54 -56.65
N GLU T 98 24.80 133.04 -56.04
CA GLU T 98 25.59 134.09 -56.68
C GLU T 98 26.50 133.51 -57.75
N TYR T 99 27.09 132.33 -57.51
CA TYR T 99 27.96 131.71 -58.50
C TYR T 99 27.17 131.18 -59.69
N SER T 100 26.02 130.58 -59.44
CA SER T 100 25.17 130.15 -60.56
C SER T 100 24.58 131.34 -61.30
N ASN T 101 24.34 132.45 -60.59
CA ASN T 101 23.83 133.64 -61.26
C ASN T 101 24.89 134.29 -62.14
N THR T 102 26.14 134.34 -61.67
CA THR T 102 27.19 134.90 -62.52
C THR T 102 27.60 133.93 -63.62
N LEU T 103 27.37 132.63 -63.45
CA LEU T 103 27.55 131.72 -64.58
C LEU T 103 26.41 131.85 -65.58
N GLN T 104 25.20 132.17 -65.11
CA GLN T 104 24.07 132.40 -66.01
C GLN T 104 24.26 133.67 -66.81
N THR T 105 24.68 134.76 -66.16
CA THR T 105 24.96 136.01 -66.85
C THR T 105 26.37 136.04 -67.44
N ALA T 106 27.12 134.95 -67.33
CA ALA T 106 28.27 134.73 -68.20
C ALA T 106 27.94 133.87 -69.40
N LEU T 107 26.81 133.16 -69.39
CA LEU T 107 26.42 132.27 -70.46
C LEU T 107 24.99 132.55 -70.96
N GLU T 108 24.64 133.81 -71.18
CA GLU T 108 23.33 134.10 -71.73
C GLU T 108 23.34 134.02 -73.25
N ASN T 109 24.52 134.20 -73.85
CA ASN T 109 24.68 134.37 -75.28
C ASN T 109 25.17 133.10 -75.96
N THR T 110 25.08 131.97 -75.28
CA THR T 110 25.42 130.70 -75.90
C THR T 110 24.39 130.35 -76.95
N ASP T 111 24.86 129.88 -78.09
CA ASP T 111 23.97 129.47 -79.16
C ASP T 111 23.27 128.18 -78.74
N PHE T 112 22.00 128.30 -78.36
CA PHE T 112 21.22 127.13 -78.00
C PHE T 112 20.66 126.41 -79.22
N GLY T 113 20.67 127.08 -80.38
CA GLY T 113 20.03 126.51 -81.56
C GLY T 113 20.75 125.28 -82.07
N THR T 114 22.06 125.37 -82.24
CA THR T 114 22.79 124.20 -82.73
C THR T 114 23.11 123.22 -81.61
N LEU T 115 23.05 123.64 -80.34
CA LEU T 115 23.04 122.66 -79.25
C LEU T 115 21.81 121.77 -79.33
N ALA T 116 20.64 122.39 -79.46
CA ALA T 116 19.41 121.63 -79.62
C ALA T 116 19.40 120.85 -80.92
N TYR T 117 20.03 121.39 -81.96
CA TYR T 117 20.12 120.66 -83.22
C TYR T 117 20.99 119.42 -83.08
N ARG T 118 22.10 119.52 -82.33
CA ARG T 118 22.93 118.33 -82.13
C ARG T 118 22.24 117.30 -81.26
N TYR T 119 21.46 117.73 -80.27
CA TYR T 119 20.68 116.78 -79.47
C TYR T 119 19.61 116.09 -80.30
N VAL T 120 18.79 116.86 -81.01
CA VAL T 120 17.72 116.28 -81.83
C VAL T 120 18.30 115.50 -83.02
N TYR T 121 19.47 115.88 -83.52
CA TYR T 121 20.13 115.10 -84.56
C TYR T 121 20.62 113.77 -84.03
N ASN T 122 21.16 113.76 -82.81
CA ASN T 122 21.57 112.49 -82.18
C ASN T 122 20.37 111.61 -81.89
N ILE T 123 19.22 112.20 -81.62
CA ILE T 123 17.99 111.42 -81.54
C ILE T 123 17.60 110.89 -82.92
N ALA T 124 17.61 111.77 -83.93
CA ALA T 124 17.03 111.46 -85.24
C ALA T 124 17.92 110.55 -86.07
N ALA T 125 19.24 110.73 -85.99
CA ALA T 125 20.15 109.84 -86.71
C ALA T 125 20.28 108.48 -86.05
N GLY T 126 19.76 108.32 -84.83
CA GLY T 126 19.75 107.02 -84.20
C GLY T 126 20.99 106.69 -83.42
N ARG T 127 21.63 107.69 -82.81
CA ARG T 127 22.76 107.41 -81.94
C ARG T 127 22.33 106.72 -80.65
N THR T 128 21.06 106.88 -80.26
CA THR T 128 20.52 106.18 -79.11
C THR T 128 20.42 104.68 -79.34
N LEU T 129 20.44 104.26 -80.59
CA LEU T 129 20.64 102.85 -80.93
C LEU T 129 22.14 102.68 -80.95
N TRP T 130 22.70 102.00 -79.97
CA TRP T 130 24.16 102.01 -79.84
C TRP T 130 24.80 101.01 -80.78
N ARG T 131 24.54 99.73 -80.58
CA ARG T 131 24.96 98.71 -81.52
C ARG T 131 23.78 98.21 -82.34
N ASN T 132 22.58 98.71 -82.09
CA ASN T 132 21.40 98.33 -82.84
C ASN T 132 21.35 98.98 -84.22
N ARG T 133 22.25 99.89 -84.54
CA ARG T 133 22.31 100.42 -85.89
C ARG T 133 23.30 99.70 -86.78
N VAL T 134 24.24 98.95 -86.23
CA VAL T 134 25.25 98.30 -87.06
C VAL T 134 24.62 97.11 -87.76
N GLY T 135 24.44 97.26 -89.07
CA GLY T 135 23.79 96.27 -89.90
C GLY T 135 22.31 96.62 -89.97
N ALA T 136 21.90 97.37 -90.97
CA ALA T 136 20.53 97.86 -91.09
C ALA T 136 20.30 98.43 -92.47
N GLU T 137 19.25 97.98 -93.16
CA GLU T 137 18.95 98.53 -94.49
C GLU T 137 18.56 100.00 -94.41
N SER T 138 17.73 100.36 -93.43
CA SER T 138 17.41 101.75 -93.16
C SER T 138 16.94 101.86 -91.72
N ILE T 139 17.11 103.07 -91.16
CA ILE T 139 16.73 103.37 -89.80
C ILE T 139 15.71 104.49 -89.82
N GLU T 140 14.48 104.20 -89.43
CA GLU T 140 13.39 105.15 -89.47
C GLU T 140 13.10 105.65 -88.06
N THR T 141 13.33 106.94 -87.84
CA THR T 141 13.10 107.57 -86.55
C THR T 141 11.84 108.42 -86.63
N VAL T 142 10.87 108.12 -85.77
CA VAL T 142 9.61 108.84 -85.71
C VAL T 142 9.55 109.54 -84.35
N ILE T 143 9.50 110.86 -84.37
CA ILE T 143 9.49 111.65 -83.14
C ILE T 143 8.19 112.42 -83.06
N THR T 144 7.43 112.20 -82.00
CA THR T 144 6.21 112.96 -81.74
C THR T 144 6.58 114.07 -80.75
N VAL T 145 6.48 115.31 -81.21
CA VAL T 145 6.82 116.48 -80.42
C VAL T 145 5.57 117.36 -80.36
N ASN T 146 4.83 117.25 -79.25
CA ASN T 146 3.57 117.95 -78.94
C ASN T 146 2.60 118.01 -80.11
N ASP T 147 2.09 116.84 -80.51
CA ASP T 147 1.17 116.62 -81.63
C ASP T 147 1.77 117.10 -82.95
N GLN T 148 3.02 116.71 -83.20
CA GLN T 148 3.67 116.99 -84.48
C GLN T 148 4.64 115.84 -84.74
N THR T 149 4.31 115.01 -85.72
CA THR T 149 5.08 113.82 -86.04
C THR T 149 6.18 114.17 -87.05
N PHE T 150 7.39 113.72 -86.76
CA PHE T 150 8.55 113.96 -87.61
C PHE T 150 9.18 112.62 -87.98
N THR T 151 9.59 112.52 -89.24
CA THR T 151 10.02 111.27 -89.86
C THR T 151 11.44 111.42 -90.37
N PHE T 152 12.29 110.45 -90.06
CA PHE T 152 13.72 110.54 -90.36
C PHE T 152 14.22 109.23 -90.94
N SER T 153 14.82 109.29 -92.13
CA SER T 153 15.18 108.08 -92.85
C SER T 153 16.68 107.84 -92.94
N ASP T 154 17.45 108.82 -93.42
CA ASP T 154 18.87 108.61 -93.68
C ASP T 154 19.63 109.82 -93.18
N LEU T 155 20.30 109.68 -92.03
CA LEU T 155 21.08 110.75 -91.44
C LEU T 155 22.39 110.15 -90.93
N LEU T 156 23.49 110.58 -91.53
CA LEU T 156 24.80 110.11 -91.08
C LEU T 156 25.11 110.67 -89.70
N VAL T 157 25.47 109.79 -88.78
CA VAL T 157 25.50 110.16 -87.37
C VAL T 157 26.75 110.94 -87.00
N ASN T 158 27.82 110.85 -87.80
CA ASN T 158 29.09 111.44 -87.39
C ASN T 158 29.11 112.96 -87.53
N GLU T 159 28.52 113.49 -88.60
CA GLU T 159 28.45 114.92 -88.81
C GLU T 159 26.99 115.36 -88.84
N PHE T 160 26.76 116.61 -88.43
CA PHE T 160 25.42 117.13 -88.18
C PHE T 160 24.96 117.87 -89.41
N ASP T 161 24.29 117.15 -90.31
CA ASP T 161 23.86 117.73 -91.58
C ASP T 161 22.65 118.63 -91.38
N GLU T 162 22.46 119.55 -92.32
CA GLU T 162 21.38 120.53 -92.25
C GLU T 162 20.12 119.94 -92.88
N ASP T 163 19.04 119.90 -92.10
CA ASP T 163 17.73 119.53 -92.62
C ASP T 163 16.67 120.24 -91.79
N VAL T 164 15.48 120.38 -92.38
CA VAL T 164 14.48 121.27 -91.80
C VAL T 164 13.70 120.64 -90.66
N ASP T 165 13.70 119.31 -90.53
CA ASP T 165 12.89 118.70 -89.49
C ASP T 165 13.62 118.66 -88.14
N VAL T 166 14.92 118.35 -88.16
CA VAL T 166 15.74 118.46 -86.96
C VAL T 166 15.78 119.90 -86.46
N ALA T 167 15.90 120.85 -87.40
CA ALA T 167 15.84 122.26 -87.03
C ALA T 167 14.48 122.67 -86.52
N GLU T 168 13.40 122.09 -87.06
CA GLU T 168 12.06 122.40 -86.59
C GLU T 168 11.84 121.93 -85.17
N ILE T 169 12.26 120.69 -84.85
CA ILE T 169 12.14 120.19 -83.48
C ILE T 169 13.07 120.96 -82.54
N ALA T 170 14.29 121.23 -83.00
CA ALA T 170 15.27 121.96 -82.22
C ALA T 170 14.87 123.41 -81.98
N ASP T 171 13.93 123.95 -82.77
CA ASP T 171 13.39 125.28 -82.48
C ASP T 171 12.72 125.32 -81.11
N MET T 172 11.77 124.41 -80.85
CA MET T 172 11.18 124.44 -79.51
C MET T 172 12.06 123.77 -78.46
N VAL T 173 12.99 122.88 -78.87
CA VAL T 173 13.92 122.35 -77.87
C VAL T 173 14.87 123.44 -77.37
N ALA T 174 15.36 124.30 -78.28
CA ALA T 174 16.18 125.44 -77.88
C ALA T 174 15.34 126.51 -77.21
N GLY T 175 14.06 126.63 -77.55
CA GLY T 175 13.19 127.54 -76.83
C GLY T 175 12.96 127.10 -75.40
N VAL T 176 12.91 125.78 -75.18
CA VAL T 176 12.82 125.26 -73.82
C VAL T 176 14.14 125.47 -73.09
N LEU T 177 15.27 125.12 -73.73
CA LEU T 177 16.57 125.20 -73.07
C LEU T 177 17.02 126.64 -72.85
N SER T 178 16.47 127.59 -73.59
CA SER T 178 16.80 128.99 -73.38
C SER T 178 16.01 129.61 -72.24
N GLY T 179 14.89 129.00 -71.84
CA GLY T 179 14.06 129.59 -70.83
C GLY T 179 13.39 128.59 -69.91
N GLU T 180 12.10 128.75 -69.68
CA GLU T 180 11.35 127.91 -68.77
C GLU T 180 10.74 126.73 -69.52
N GLY T 181 9.88 125.99 -68.83
CA GLY T 181 9.09 124.96 -69.47
C GLY T 181 9.86 123.70 -69.78
N PHE T 182 9.22 122.85 -70.58
CA PHE T 182 9.78 121.57 -70.97
C PHE T 182 9.16 121.15 -72.30
N VAL T 183 9.80 120.20 -72.96
CA VAL T 183 9.28 119.61 -74.18
C VAL T 183 9.54 118.11 -74.15
N THR T 184 8.56 117.32 -74.56
CA THR T 184 8.63 115.87 -74.55
C THR T 184 8.75 115.37 -75.99
N LEU T 185 9.73 114.52 -76.26
CA LEU T 185 9.97 113.93 -77.57
C LEU T 185 9.72 112.44 -77.45
N LYS T 186 8.61 111.98 -78.02
CA LYS T 186 8.30 110.55 -78.02
C LYS T 186 8.96 109.91 -79.23
N VAL T 187 10.02 109.15 -79.00
CA VAL T 187 10.87 108.63 -80.06
C VAL T 187 10.58 107.15 -80.27
N GLU T 188 10.38 106.78 -81.52
CA GLU T 188 10.21 105.40 -81.96
C GLU T 188 11.22 105.14 -83.07
N HIS T 189 12.12 104.19 -82.83
CA HIS T 189 13.11 103.80 -83.81
C HIS T 189 12.72 102.48 -84.45
N TYR T 190 12.81 102.43 -85.77
CA TYR T 190 12.52 101.24 -86.56
C TYR T 190 13.78 100.92 -87.36
N MET T 191 14.55 99.95 -86.89
CA MET T 191 15.72 99.48 -87.62
C MET T 191 15.31 98.22 -88.38
N LEU T 192 15.46 98.26 -89.70
CA LEU T 192 15.24 97.05 -90.49
C LEU T 192 16.43 96.13 -90.30
N LEU T 193 16.48 95.42 -89.17
CA LEU T 193 17.64 94.61 -88.86
C LEU T 193 17.67 93.35 -89.70
N GLY T 194 16.53 92.70 -89.88
CA GLY T 194 16.51 91.47 -90.63
C GLY T 194 15.78 90.37 -89.90
N GLU T 195 15.47 89.29 -90.63
CA GLU T 195 14.61 88.24 -90.11
C GLU T 195 15.35 87.43 -89.06
N GLY T 196 14.90 87.53 -87.81
CA GLY T 196 15.57 86.83 -86.73
C GLY T 196 16.90 87.41 -86.34
N SER T 197 17.12 88.69 -86.59
CA SER T 197 18.38 89.33 -86.28
C SER T 197 18.51 89.52 -84.76
N GLU T 198 19.73 89.77 -84.33
CA GLU T 198 20.04 89.84 -82.91
C GLU T 198 20.10 91.32 -82.54
N VAL T 199 19.42 91.67 -81.45
CA VAL T 199 19.34 93.05 -81.00
C VAL T 199 20.25 93.24 -79.80
N PHE T 200 20.61 94.49 -79.54
CA PHE T 200 21.57 94.83 -78.50
C PHE T 200 20.93 95.73 -77.46
N PRO T 201 20.40 95.15 -76.38
CA PRO T 201 19.94 95.98 -75.26
C PRO T 201 21.11 96.44 -74.41
N SER T 202 20.84 97.31 -73.44
CA SER T 202 21.86 97.65 -72.47
C SER T 202 22.11 96.47 -71.54
N GLN T 203 23.34 96.39 -71.05
CA GLN T 203 23.75 95.33 -70.14
C GLN T 203 23.94 95.92 -68.75
N GLU T 204 23.45 95.21 -67.75
CA GLU T 204 23.61 95.64 -66.36
C GLU T 204 24.93 95.10 -65.82
N PHE T 205 25.43 95.75 -64.76
CA PHE T 205 26.63 95.27 -64.10
C PHE T 205 26.11 94.51 -62.88
N VAL T 206 26.41 93.22 -62.83
CA VAL T 206 26.19 92.38 -61.67
C VAL T 206 27.53 91.77 -61.28
N GLU T 207 27.84 91.82 -59.98
CA GLU T 207 29.16 91.46 -59.50
C GLU T 207 29.31 89.96 -59.25
N ASN T 208 28.55 89.43 -58.29
CA ASN T 208 28.59 88.00 -57.98
C ASN T 208 27.37 87.31 -58.60
N SER T 209 27.47 87.09 -59.91
CA SER T 209 26.40 86.47 -60.67
C SER T 209 26.94 85.38 -61.57
N LYS T 210 26.11 84.35 -61.79
CA LYS T 210 26.48 83.27 -62.70
C LYS T 210 26.35 83.68 -64.16
N LEU T 211 25.62 84.77 -64.45
CA LEU T 211 25.50 85.26 -65.80
C LEU T 211 26.77 86.00 -66.20
N SER T 212 27.35 85.60 -67.33
CA SER T 212 28.49 86.34 -67.87
C SER T 212 28.06 87.70 -68.40
N LYS T 213 26.93 87.76 -69.09
CA LYS T 213 26.35 89.00 -69.57
C LYS T 213 24.88 89.01 -69.18
N GLN T 214 24.44 90.05 -68.50
CA GLN T 214 23.06 90.15 -68.04
C GLN T 214 22.44 91.42 -68.57
N LEU T 215 21.50 91.29 -69.50
CA LEU T 215 20.90 92.47 -70.11
C LEU T 215 19.84 93.14 -69.26
N PHE T 216 19.55 94.40 -69.58
CA PHE T 216 18.53 95.13 -68.87
C PHE T 216 17.17 94.68 -69.34
N ASP T 217 16.35 94.22 -68.41
CA ASP T 217 15.01 93.77 -68.77
C ASP T 217 13.89 94.42 -67.97
N LEU T 218 12.95 95.04 -68.66
CA LEU T 218 11.80 95.62 -67.98
C LEU T 218 10.69 94.60 -68.04
N ASN T 219 10.36 93.99 -66.91
CA ASN T 219 9.38 92.89 -66.84
C ASN T 219 9.67 91.83 -67.90
N GLY T 220 10.95 91.54 -68.10
CA GLY T 220 11.39 90.56 -69.06
C GLY T 220 11.65 91.10 -70.45
N GLN T 221 11.12 92.28 -70.77
CA GLN T 221 11.31 92.85 -72.09
C GLN T 221 12.66 93.53 -72.19
N ALA T 222 13.32 93.33 -73.33
CA ALA T 222 14.63 93.93 -73.58
C ALA T 222 14.52 95.46 -73.59
N ALA T 223 15.48 96.11 -72.96
CA ALA T 223 15.43 97.55 -72.81
C ALA T 223 16.84 98.11 -72.73
N MET T 224 16.94 99.40 -73.05
CA MET T 224 18.17 100.15 -72.87
C MET T 224 18.05 101.02 -71.62
N HIS T 225 19.17 101.19 -70.93
CA HIS T 225 19.22 102.09 -69.78
C HIS T 225 19.03 103.53 -70.24
N ASP T 226 18.41 104.33 -69.38
CA ASP T 226 18.20 105.74 -69.72
C ASP T 226 19.51 106.51 -69.73
N GLN T 227 20.51 106.09 -68.96
CA GLN T 227 21.79 106.78 -68.99
C GLN T 227 22.52 106.54 -70.30
N LYS T 228 22.34 105.36 -70.91
CA LYS T 228 22.94 105.09 -72.22
C LYS T 228 22.30 105.94 -73.30
N ILE T 229 20.96 106.06 -73.25
CA ILE T 229 20.24 106.91 -74.19
C ILE T 229 20.66 108.36 -74.02
N GLY T 230 20.76 108.84 -72.77
CA GLY T 230 21.16 110.21 -72.52
C GLY T 230 22.60 110.52 -72.90
N ASN T 231 23.50 109.54 -72.72
CA ASN T 231 24.86 109.66 -73.24
C ASN T 231 24.85 109.79 -74.75
N ALA T 232 23.97 109.06 -75.41
CA ALA T 232 23.85 109.21 -76.85
C ALA T 232 23.20 110.53 -77.26
N ILE T 233 22.33 111.11 -76.43
CA ILE T 233 21.83 112.46 -76.71
C ILE T 233 22.99 113.45 -76.65
N ARG T 234 23.77 113.39 -75.58
CA ARG T 234 24.77 114.42 -75.33
C ARG T 234 26.10 114.15 -76.03
N THR T 235 26.18 113.14 -76.88
CA THR T 235 27.38 112.91 -77.68
C THR T 235 27.49 113.93 -78.79
N ILE T 236 27.77 115.18 -78.43
CA ILE T 236 27.76 116.31 -79.36
C ILE T 236 29.09 117.04 -79.40
N ASP T 237 30.05 116.67 -78.56
CA ASP T 237 31.26 117.46 -78.35
C ASP T 237 32.23 117.26 -79.51
N THR T 238 32.27 118.24 -80.42
CA THR T 238 33.27 118.30 -81.46
C THR T 238 34.18 119.52 -81.31
N TRP T 239 34.27 120.06 -80.11
CA TRP T 239 34.91 121.35 -79.88
C TRP T 239 36.16 121.24 -79.01
N TYR T 240 36.60 120.03 -78.72
CA TYR T 240 37.79 119.82 -77.91
C TYR T 240 39.03 119.89 -78.79
N GLU T 241 40.19 119.63 -78.21
CA GLU T 241 41.46 119.75 -78.92
C GLU T 241 41.64 118.60 -79.89
N ASP T 242 41.82 118.93 -81.18
CA ASP T 242 41.99 117.99 -82.29
C ASP T 242 40.83 117.01 -82.37
N ALA T 243 39.63 117.57 -82.54
CA ALA T 243 38.41 116.77 -82.55
C ALA T 243 38.20 116.12 -83.91
N THR T 244 38.01 114.81 -83.91
CA THR T 244 37.70 114.07 -85.12
C THR T 244 36.31 113.47 -85.12
N THR T 245 35.79 113.08 -83.97
CA THR T 245 34.46 112.52 -83.84
C THR T 245 33.75 113.19 -82.67
N PRO T 246 32.42 113.21 -82.67
CA PRO T 246 31.70 113.72 -81.50
C PRO T 246 31.80 112.77 -80.33
N ILE T 247 32.21 113.31 -79.19
CA ILE T 247 32.27 112.57 -77.94
C ILE T 247 31.17 113.08 -77.00
N ALA T 248 30.91 112.30 -75.95
CA ALA T 248 29.91 112.69 -74.97
C ALA T 248 30.38 113.89 -74.17
N VAL T 249 29.42 114.77 -73.83
CA VAL T 249 29.75 115.96 -73.07
C VAL T 249 30.02 115.54 -71.64
N GLU T 250 31.26 115.71 -71.20
CA GLU T 250 31.71 115.35 -69.87
C GLU T 250 32.42 116.54 -69.27
N PRO T 251 32.47 116.65 -67.93
CA PRO T 251 33.24 117.73 -67.31
C PRO T 251 34.73 117.69 -67.61
N TYR T 252 35.28 116.51 -67.88
CA TYR T 252 36.67 116.38 -68.29
C TYR T 252 36.83 115.93 -69.73
N GLY T 253 35.72 115.86 -70.49
CA GLY T 253 35.76 115.37 -71.85
C GLY T 253 36.21 113.94 -71.95
N SER T 254 35.79 113.10 -71.01
CA SER T 254 36.41 111.81 -70.77
C SER T 254 35.54 110.68 -71.31
N VAL T 255 36.18 109.74 -71.98
CA VAL T 255 35.55 108.48 -72.32
C VAL T 255 36.30 107.37 -71.59
N VAL T 256 35.56 106.32 -71.22
CA VAL T 256 36.13 105.26 -70.42
C VAL T 256 36.73 104.15 -71.27
N ARG T 257 36.06 103.79 -72.37
CA ARG T 257 36.53 102.67 -73.20
C ARG T 257 37.83 103.00 -73.92
N ASN T 258 37.95 104.21 -74.46
CA ASN T 258 39.22 104.58 -75.07
C ASN T 258 40.31 104.89 -74.05
N GLY T 259 39.95 105.05 -72.77
CA GLY T 259 40.94 105.25 -71.74
C GLY T 259 41.63 106.59 -71.78
N VAL T 260 41.01 107.59 -72.38
CA VAL T 260 41.61 108.91 -72.54
C VAL T 260 40.53 109.96 -72.27
N ALA T 261 40.93 111.01 -71.57
CA ALA T 261 40.10 112.19 -71.39
C ALA T 261 40.54 113.25 -72.37
N TYR T 262 39.63 113.64 -73.26
CA TYR T 262 39.99 114.55 -74.34
C TYR T 262 40.09 116.00 -73.91
N ARG T 263 39.75 116.32 -72.67
CA ARG T 263 39.81 117.71 -72.22
C ARG T 263 40.58 117.87 -70.91
N ALA T 264 41.25 116.82 -70.45
CA ALA T 264 42.07 116.90 -69.25
C ALA T 264 43.52 117.18 -69.64
N GLY T 265 44.11 118.17 -69.00
CA GLY T 265 45.50 118.51 -69.24
C GLY T 265 45.74 119.50 -70.35
N ASN T 266 44.69 120.05 -70.97
CA ASN T 266 44.85 121.04 -72.02
C ASN T 266 44.09 122.32 -71.74
N LYS T 267 43.79 122.61 -70.47
CA LYS T 267 42.93 123.71 -69.95
C LYS T 267 41.69 123.95 -70.80
N THR T 268 41.02 122.88 -71.25
CA THR T 268 39.72 122.98 -71.91
C THR T 268 38.65 122.21 -71.14
N ASP T 269 38.96 121.76 -69.93
CA ASP T 269 37.98 121.06 -69.11
C ASP T 269 36.99 122.05 -68.53
N LEU T 270 35.82 121.52 -68.12
CA LEU T 270 34.66 122.34 -67.77
C LEU T 270 34.94 123.31 -66.61
N PHE T 271 35.71 122.85 -65.63
CA PHE T 271 35.91 123.64 -64.41
C PHE T 271 36.77 124.87 -64.67
N THR T 272 37.80 124.73 -65.52
CA THR T 272 38.62 125.89 -65.86
C THR T 272 37.84 126.93 -66.66
N LEU T 273 36.98 126.48 -67.58
CA LEU T 273 36.18 127.44 -68.34
C LEU T 273 35.06 128.04 -67.51
N MET T 274 34.56 127.31 -66.51
CA MET T 274 33.59 127.90 -65.59
C MET T 274 34.23 128.96 -64.69
N ASP T 275 35.43 128.67 -64.18
CA ASP T 275 36.16 129.68 -63.43
C ASP T 275 36.57 130.86 -64.31
N GLY T 276 36.82 130.61 -65.59
CA GLY T 276 37.05 131.69 -66.52
C GLY T 276 35.81 132.53 -66.79
N ALA T 277 34.64 131.89 -66.91
CA ALA T 277 33.40 132.59 -67.14
C ALA T 277 33.01 133.46 -65.96
N VAL T 278 33.24 132.98 -64.73
CA VAL T 278 32.89 133.76 -63.55
C VAL T 278 33.98 134.77 -63.18
N ASN T 279 35.07 134.84 -63.93
CA ASN T 279 36.15 135.77 -63.62
C ASN T 279 36.51 136.61 -64.84
N GLY T 280 35.55 136.80 -65.75
CA GLY T 280 35.68 137.80 -66.79
C GLY T 280 36.38 137.35 -68.05
N LYS T 281 36.89 136.12 -68.10
CA LYS T 281 37.46 135.63 -69.34
C LYS T 281 36.34 135.36 -70.34
N SER T 282 36.35 136.10 -71.45
CA SER T 282 35.32 135.97 -72.46
C SER T 282 35.46 134.65 -73.19
N LEU T 283 34.41 133.84 -73.15
CA LEU T 283 34.45 132.48 -73.66
C LEU T 283 34.12 132.48 -75.16
N THR T 284 34.54 131.42 -75.85
CA THR T 284 34.18 131.30 -77.25
C THR T 284 32.80 130.67 -77.37
N GLU T 285 32.29 130.64 -78.60
CA GLU T 285 30.94 130.11 -78.83
C GLU T 285 30.90 128.61 -78.59
N GLU T 286 31.91 127.89 -79.08
CA GLU T 286 32.02 126.45 -78.82
C GLU T 286 32.27 126.19 -77.34
N ASP T 287 33.03 127.07 -76.69
CA ASP T 287 33.40 126.88 -75.30
C ASP T 287 32.19 127.10 -74.39
N GLN T 288 31.43 128.18 -74.65
CA GLN T 288 30.16 128.41 -73.98
C GLN T 288 29.18 127.27 -74.22
N MET T 289 29.16 126.75 -75.45
CA MET T 289 28.21 125.70 -75.79
C MET T 289 28.55 124.40 -75.07
N PHE T 290 29.85 124.13 -74.90
CA PHE T 290 30.30 122.97 -74.14
C PHE T 290 29.95 123.11 -72.65
N VAL T 291 30.17 124.30 -72.09
CA VAL T 291 29.87 124.52 -70.67
C VAL T 291 28.36 124.41 -70.41
N THR T 292 27.54 124.98 -71.29
CA THR T 292 26.10 124.87 -71.15
C THR T 292 25.61 123.45 -71.38
N ALA T 293 26.28 122.70 -72.27
CA ALA T 293 25.94 121.29 -72.47
C ALA T 293 26.25 120.47 -71.23
N ASN T 294 27.32 120.83 -70.50
CA ASN T 294 27.56 120.21 -69.20
C ASN T 294 26.50 120.61 -68.18
N LEU T 295 26.06 121.87 -68.22
CA LEU T 295 25.08 122.35 -67.25
C LEU T 295 23.72 121.68 -67.45
N ILE T 296 23.41 121.29 -68.68
CA ILE T 296 22.16 120.56 -68.91
C ILE T 296 22.33 119.05 -68.86
N ARG T 297 23.56 118.56 -69.05
CA ARG T 297 23.85 117.18 -68.66
C ARG T 297 23.73 117.01 -67.15
N GLY T 298 24.22 117.99 -66.40
CA GLY T 298 24.17 117.96 -64.96
C GLY T 298 25.47 117.49 -64.34
N GLY T 299 25.49 117.50 -63.02
CA GLY T 299 26.68 117.11 -62.30
C GLY T 299 27.01 118.06 -61.17
N VAL T 300 27.70 117.56 -60.15
CA VAL T 300 28.18 118.40 -59.07
C VAL T 300 29.59 118.87 -59.38
N PHE T 301 29.78 120.18 -59.34
CA PHE T 301 31.04 120.82 -59.70
C PHE T 301 31.48 121.68 -58.53
N GLY T 302 32.19 121.07 -57.58
CA GLY T 302 32.65 121.80 -56.41
C GLY T 302 33.76 121.07 -55.71
N GLY T 303 34.46 121.82 -54.87
CA GLY T 303 35.58 121.26 -54.13
C GLY T 303 36.92 121.78 -54.62
N TYR U 2 -48.42 18.66 -56.55
CA TYR U 2 -48.21 18.64 -58.00
C TYR U 2 -46.80 18.16 -58.29
N ASN U 3 -46.68 17.19 -59.21
CA ASN U 3 -45.35 16.71 -59.57
C ASN U 3 -44.58 17.75 -60.38
N THR U 4 -43.26 17.68 -60.30
CA THR U 4 -42.41 18.76 -60.77
C THR U 4 -41.09 18.20 -61.26
N ILE U 5 -40.38 19.01 -62.05
CA ILE U 5 -39.12 18.61 -62.64
C ILE U 5 -38.14 19.76 -62.46
N SER U 6 -36.85 19.44 -62.52
CA SER U 6 -35.76 20.36 -62.26
C SER U 6 -34.91 20.55 -63.50
N ILE U 7 -34.51 21.80 -63.76
CA ILE U 7 -33.60 22.16 -64.83
C ILE U 7 -32.54 23.04 -64.20
N THR U 8 -31.38 22.46 -63.89
CA THR U 8 -30.33 23.16 -63.17
C THR U 8 -29.22 23.53 -64.16
N VAL U 9 -28.85 24.82 -64.13
CA VAL U 9 -27.78 25.31 -64.98
C VAL U 9 -26.45 24.97 -64.40
N VAL U 10 -25.64 24.24 -65.16
CA VAL U 10 -24.35 23.82 -64.69
C VAL U 10 -23.32 24.47 -65.54
N ASP U 11 -22.05 24.36 -65.19
CA ASP U 11 -20.96 24.87 -66.01
C ASP U 11 -21.23 26.08 -66.83
N ALA U 12 -21.67 27.12 -66.19
CA ALA U 12 -21.92 28.34 -66.90
C ALA U 12 -21.13 29.29 -66.09
N ASP U 13 -19.85 29.35 -66.37
CA ASP U 13 -19.00 30.27 -65.66
C ASP U 13 -18.46 31.12 -66.75
N ASP U 14 -18.18 30.50 -67.89
CA ASP U 14 -17.69 31.25 -69.02
C ASP U 14 -18.76 32.22 -69.41
N VAL U 15 -20.01 31.79 -69.32
CA VAL U 15 -21.08 32.71 -69.53
C VAL U 15 -21.72 32.78 -68.18
N GLY U 16 -22.22 33.92 -67.73
CA GLY U 16 -22.97 34.03 -66.50
C GLY U 16 -23.98 32.90 -66.38
N VAL U 17 -24.32 32.57 -65.14
CA VAL U 17 -25.35 31.56 -64.89
C VAL U 17 -26.71 32.10 -65.31
N ASN U 18 -26.96 33.39 -65.09
CA ASN U 18 -28.28 33.95 -65.34
C ASN U 18 -28.55 34.10 -66.83
N PHE U 19 -27.52 34.26 -67.64
CA PHE U 19 -27.72 34.26 -69.09
C PHE U 19 -28.19 32.90 -69.59
N VAL U 20 -27.64 31.82 -69.03
CA VAL U 20 -28.10 30.48 -69.36
C VAL U 20 -29.51 30.27 -68.83
N VAL U 21 -29.82 30.81 -67.65
CA VAL U 21 -31.17 30.72 -67.08
C VAL U 21 -32.18 31.42 -67.99
N SER U 22 -31.83 32.61 -68.47
CA SER U 22 -32.70 33.37 -69.36
C SER U 22 -32.86 32.69 -70.70
N LYS U 23 -31.79 32.08 -71.22
CA LYS U 23 -31.90 31.34 -72.47
C LYS U 23 -32.72 30.06 -72.29
N VAL U 24 -32.66 29.44 -71.11
CA VAL U 24 -33.53 28.31 -70.80
C VAL U 24 -35.00 28.75 -70.80
N LEU U 25 -35.29 29.91 -70.20
CA LEU U 25 -36.64 30.46 -70.24
C LEU U 25 -37.09 30.76 -71.66
N SER U 26 -36.21 31.34 -72.47
CA SER U 26 -36.57 31.68 -73.85
C SER U 26 -36.80 30.42 -74.69
N THR U 27 -35.97 29.40 -74.52
CA THR U 27 -36.14 28.18 -75.27
C THR U 27 -37.32 27.36 -74.77
N LEU U 28 -37.68 27.49 -73.50
CA LEU U 28 -38.89 26.85 -73.01
C LEU U 28 -40.13 27.58 -73.51
N HIS U 29 -40.03 28.89 -73.70
CA HIS U 29 -41.14 29.65 -74.27
C HIS U 29 -41.34 29.35 -75.74
N ASN U 30 -40.26 29.34 -76.54
CA ASN U 30 -40.40 29.33 -77.99
C ASN U 30 -40.83 27.97 -78.52
N LYS U 31 -40.50 26.89 -77.82
CA LYS U 31 -40.88 25.55 -78.24
C LYS U 31 -42.05 25.02 -77.43
N GLY U 32 -42.99 25.90 -77.11
CA GLY U 32 -44.24 25.49 -76.45
C GLY U 32 -44.09 25.43 -74.93
N ILE U 33 -44.15 24.21 -74.39
CA ILE U 33 -43.97 23.87 -72.97
C ILE U 33 -45.02 24.57 -72.11
N PHE U 34 -44.87 25.89 -71.92
CA PHE U 34 -45.81 26.65 -71.10
C PHE U 34 -47.03 26.98 -71.95
N ASN U 35 -47.95 26.03 -72.03
CA ASN U 35 -49.16 26.28 -72.80
C ASN U 35 -50.12 27.18 -72.02
N GLY U 36 -50.64 26.70 -70.90
CA GLY U 36 -51.33 27.56 -69.96
C GLY U 36 -51.24 27.07 -68.53
N GLU U 37 -50.49 25.99 -68.30
CA GLU U 37 -50.66 25.23 -67.07
C GLU U 37 -49.32 24.88 -66.43
N VAL U 38 -48.26 24.87 -67.22
CA VAL U 38 -46.92 24.66 -66.68
C VAL U 38 -46.39 25.97 -66.12
N GLY U 39 -45.88 25.93 -64.89
CA GLY U 39 -45.38 27.13 -64.24
C GLY U 39 -43.96 26.93 -63.76
N VAL U 40 -43.27 28.06 -63.57
CA VAL U 40 -41.88 28.03 -63.11
C VAL U 40 -41.80 28.51 -61.67
N THR U 41 -40.78 28.03 -60.98
CA THR U 41 -40.41 28.55 -59.67
C THR U 41 -38.91 28.35 -59.48
N PHE U 42 -38.36 29.10 -58.55
CA PHE U 42 -36.92 29.14 -58.39
C PHE U 42 -36.59 28.94 -56.93
N PRO U 43 -35.87 27.87 -56.57
CA PRO U 43 -35.59 27.62 -55.15
C PRO U 43 -34.62 28.60 -54.53
N ARG U 44 -33.82 29.31 -55.32
CA ARG U 44 -32.77 30.16 -54.77
C ARG U 44 -32.85 31.63 -55.16
N MET U 45 -34.02 32.26 -55.05
CA MET U 45 -34.06 33.71 -55.18
C MET U 45 -33.77 34.33 -53.81
N ASP U 46 -32.53 34.79 -53.63
CA ASP U 46 -32.18 35.66 -52.52
C ASP U 46 -31.87 37.07 -53.01
N LYS U 47 -30.93 37.20 -53.95
CA LYS U 47 -30.72 38.41 -54.72
C LYS U 47 -30.53 38.12 -56.20
N ASN U 48 -30.18 36.88 -56.54
CA ASN U 48 -30.07 36.43 -57.91
C ASN U 48 -31.34 35.65 -58.23
N VAL U 49 -31.59 35.36 -59.51
CA VAL U 49 -32.76 34.57 -59.87
C VAL U 49 -32.56 33.08 -59.60
N GLY U 50 -31.34 32.66 -59.30
CA GLY U 50 -31.05 31.26 -59.04
C GLY U 50 -30.67 30.53 -60.31
N ASP U 51 -30.21 29.30 -60.12
CA ASP U 51 -29.77 28.47 -61.22
C ASP U 51 -30.65 27.26 -61.48
N ILE U 52 -31.78 27.13 -60.78
CA ILE U 52 -32.70 26.02 -60.96
C ILE U 52 -34.04 26.55 -61.45
N ILE U 53 -34.47 26.07 -62.61
CA ILE U 53 -35.82 26.25 -63.11
C ILE U 53 -36.60 25.04 -62.65
N THR U 54 -37.80 25.23 -62.13
CA THR U 54 -38.56 24.11 -61.60
C THR U 54 -39.97 24.16 -62.16
N LEU U 55 -40.35 23.12 -62.91
CA LEU U 55 -41.61 23.09 -63.62
C LEU U 55 -42.60 22.19 -62.90
N PHE U 56 -43.74 22.75 -62.51
CA PHE U 56 -44.67 22.00 -61.66
C PHE U 56 -46.02 21.77 -62.32
N SER U 57 -45.99 21.28 -63.56
CA SER U 57 -47.21 21.00 -64.31
C SER U 57 -48.05 19.93 -63.63
N LYS U 58 -49.36 20.16 -63.61
CA LYS U 58 -50.26 19.25 -62.90
C LYS U 58 -50.41 17.93 -63.64
N THR U 59 -50.43 17.97 -64.97
CA THR U 59 -50.57 16.75 -65.75
C THR U 59 -49.30 15.91 -65.75
N GLY U 60 -48.14 16.54 -65.57
CA GLY U 60 -46.90 15.80 -65.51
C GLY U 60 -45.97 16.10 -66.66
N VAL U 61 -44.76 16.56 -66.35
CA VAL U 61 -43.73 16.84 -67.35
C VAL U 61 -42.74 15.67 -67.34
N ASP U 62 -42.47 15.13 -68.53
CA ASP U 62 -41.52 14.06 -68.67
C ASP U 62 -40.15 14.61 -69.02
N ARG U 63 -39.14 13.75 -68.88
CA ARG U 63 -37.77 14.17 -69.19
C ARG U 63 -37.55 14.29 -70.69
N LYS U 64 -38.21 13.43 -71.47
CA LYS U 64 -37.86 13.29 -72.90
C LYS U 64 -38.28 14.51 -73.70
N VAL U 65 -39.49 15.04 -73.45
CA VAL U 65 -40.01 16.17 -74.21
C VAL U 65 -39.18 17.42 -73.95
N LEU U 66 -38.87 17.69 -72.69
CA LEU U 66 -38.10 18.89 -72.37
C LEU U 66 -36.61 18.73 -72.67
N THR U 67 -36.06 17.52 -72.64
CA THR U 67 -34.67 17.37 -73.08
C THR U 67 -34.56 17.48 -74.59
N SER U 68 -35.60 17.10 -75.33
CA SER U 68 -35.63 17.41 -76.75
C SER U 68 -35.82 18.91 -76.99
N THR U 69 -36.56 19.58 -76.10
CA THR U 69 -36.76 21.02 -76.22
C THR U 69 -35.46 21.77 -75.97
N LEU U 70 -34.77 21.47 -74.86
CA LEU U 70 -33.48 22.07 -74.55
C LEU U 70 -32.34 21.25 -75.09
N ASN U 71 -32.39 20.92 -76.39
CA ASN U 71 -31.26 20.30 -77.04
C ASN U 71 -30.14 21.30 -77.27
N THR U 72 -30.46 22.59 -77.25
CA THR U 72 -29.49 23.64 -77.49
C THR U 72 -28.67 23.99 -76.24
N LEU U 73 -29.19 23.69 -75.05
CA LEU U 73 -28.50 24.03 -73.80
C LEU U 73 -27.85 22.83 -73.13
N THR U 74 -27.80 21.68 -73.81
CA THR U 74 -27.39 20.40 -73.21
C THR U 74 -25.93 20.39 -72.77
N ASP U 75 -25.10 21.30 -73.30
CA ASP U 75 -23.70 21.38 -72.92
C ASP U 75 -23.54 21.82 -71.46
N PHE U 76 -24.46 22.66 -70.97
CA PHE U 76 -24.38 23.19 -69.62
C PHE U 76 -25.75 23.17 -68.95
N ILE U 77 -26.44 22.04 -69.03
CA ILE U 77 -27.71 21.86 -68.35
C ILE U 77 -27.71 20.51 -67.65
N HIS U 78 -28.57 20.38 -66.65
CA HIS U 78 -28.79 19.12 -65.96
C HIS U 78 -30.27 19.00 -65.63
N ILE U 79 -30.85 17.84 -65.90
CA ILE U 79 -32.27 17.63 -65.68
C ILE U 79 -32.43 16.52 -64.66
N GLY U 80 -33.11 16.81 -63.55
CA GLY U 80 -33.42 15.79 -62.59
C GLY U 80 -34.68 15.02 -62.94
N LYS U 81 -34.82 13.85 -62.32
CA LYS U 81 -36.00 13.03 -62.55
C LYS U 81 -37.23 13.71 -61.94
N PRO U 82 -38.44 13.47 -62.49
CA PRO U 82 -39.63 14.14 -61.96
C PRO U 82 -40.01 13.71 -60.55
N LYS U 83 -39.93 14.65 -59.62
CA LYS U 83 -40.30 14.43 -58.24
C LYS U 83 -41.65 15.10 -57.96
N GLU U 84 -42.11 15.03 -56.72
CA GLU U 84 -43.40 15.53 -56.33
C GLU U 84 -43.23 16.60 -55.25
N ALA U 85 -44.18 17.54 -55.23
CA ALA U 85 -44.19 18.58 -54.21
C ALA U 85 -45.64 18.99 -53.97
N ASP U 86 -46.06 18.98 -52.70
CA ASP U 86 -47.42 19.33 -52.37
C ASP U 86 -47.69 20.82 -52.51
N LYS U 87 -46.66 21.65 -52.37
CA LYS U 87 -46.80 23.09 -52.48
C LYS U 87 -45.55 23.65 -53.16
N VAL U 88 -45.77 24.42 -54.22
CA VAL U 88 -44.69 25.09 -54.93
C VAL U 88 -44.86 26.59 -54.70
N LYS U 89 -43.75 27.31 -54.72
CA LYS U 89 -43.74 28.72 -54.31
C LYS U 89 -43.81 29.51 -55.61
N THR U 90 -45.02 29.92 -55.98
CA THR U 90 -45.30 30.40 -57.32
C THR U 90 -45.03 31.89 -57.45
N TYR U 91 -44.39 32.28 -58.54
CA TYR U 91 -44.00 33.66 -58.81
C TYR U 91 -44.84 34.22 -59.95
N ARG U 92 -44.89 35.56 -60.03
CA ARG U 92 -45.62 36.20 -61.13
C ARG U 92 -44.79 37.33 -61.71
N LYS U 93 -45.28 37.86 -62.83
CA LYS U 93 -44.60 38.90 -63.58
C LYS U 93 -45.03 40.27 -63.07
N VAL U 94 -44.06 41.12 -62.75
CA VAL U 94 -44.32 42.52 -62.41
C VAL U 94 -43.50 43.39 -63.35
N ASP U 95 -44.15 44.36 -63.97
CA ASP U 95 -43.52 45.19 -65.00
C ASP U 95 -43.36 46.63 -64.52
N THR U 96 -42.43 47.33 -65.15
CA THR U 96 -42.11 48.70 -64.79
C THR U 96 -42.45 49.64 -65.94
N LYS U 97 -42.83 50.86 -65.57
CA LYS U 97 -43.11 51.94 -66.52
C LYS U 97 -42.15 53.08 -66.23
N SER U 98 -41.74 53.79 -67.28
CA SER U 98 -40.77 54.89 -67.13
C SER U 98 -41.08 56.00 -68.13
N LYS U 99 -41.73 57.07 -67.63
CA LYS U 99 -41.96 58.32 -68.36
C LYS U 99 -42.72 58.12 -69.65
N GLY U 100 -41.96 58.04 -70.75
CA GLY U 100 -42.46 58.14 -72.11
C GLY U 100 -43.48 57.08 -72.46
N LYS U 101 -43.32 55.88 -71.90
CA LYS U 101 -44.31 54.80 -71.89
C LYS U 101 -45.71 55.32 -71.65
N LEU U 102 -45.93 55.86 -70.44
CA LEU U 102 -47.24 56.36 -70.10
C LEU U 102 -47.58 57.63 -70.86
N ILE U 103 -46.55 58.38 -71.30
CA ILE U 103 -46.78 59.57 -72.11
C ILE U 103 -47.46 59.19 -73.41
N ARG U 104 -47.00 58.10 -74.04
CA ARG U 104 -47.65 57.68 -75.27
C ARG U 104 -49.04 57.14 -74.98
N ARG U 105 -49.24 56.58 -73.78
CA ARG U 105 -50.57 56.20 -73.35
C ARG U 105 -51.47 57.43 -73.25
N CYS U 106 -50.93 58.52 -72.70
CA CYS U 106 -51.70 59.76 -72.61
C CYS U 106 -51.90 60.39 -73.98
N ILE U 107 -51.08 60.00 -74.96
CA ILE U 107 -51.36 60.43 -76.33
C ILE U 107 -52.59 59.70 -76.86
N LYS U 108 -52.67 58.40 -76.59
CA LYS U 108 -53.61 57.58 -77.35
C LYS U 108 -54.90 57.30 -76.59
N ARG U 109 -54.92 57.54 -75.28
CA ARG U 109 -56.15 57.33 -74.52
C ARG U 109 -56.91 58.63 -74.31
N LYS U 110 -56.27 59.63 -73.71
CA LYS U 110 -56.95 60.89 -73.43
C LYS U 110 -56.94 61.85 -74.60
N GLY U 111 -56.07 61.63 -75.58
CA GLY U 111 -56.02 62.49 -76.75
C GLY U 111 -55.45 63.86 -76.51
N VAL U 112 -54.72 64.05 -75.42
CA VAL U 112 -54.14 65.35 -75.11
C VAL U 112 -52.84 65.51 -75.89
N SER U 113 -52.32 66.74 -75.91
CA SER U 113 -51.10 67.05 -76.62
C SER U 113 -49.89 66.57 -75.83
N ALA U 114 -48.71 66.69 -76.45
CA ALA U 114 -47.49 66.17 -75.85
C ALA U 114 -47.04 66.98 -74.66
N GLU U 115 -47.16 68.32 -74.75
CA GLU U 115 -46.67 69.18 -73.69
C GLU U 115 -47.51 69.06 -72.42
N THR U 116 -48.83 68.97 -72.56
CA THR U 116 -49.66 68.77 -71.39
C THR U 116 -49.53 67.34 -70.85
N ALA U 117 -49.19 66.37 -71.71
CA ALA U 117 -48.89 65.02 -71.23
C ALA U 117 -47.60 65.00 -70.42
N GLU U 118 -46.63 65.83 -70.79
CA GLU U 118 -45.46 66.02 -69.94
C GLU U 118 -45.85 66.75 -68.66
N SER U 119 -46.84 67.65 -68.75
CA SER U 119 -47.24 68.44 -67.59
C SER U 119 -47.92 67.60 -66.50
N LEU U 120 -48.79 66.65 -66.88
CA LEU U 120 -49.43 65.83 -65.86
C LEU U 120 -48.49 64.80 -65.25
N TYR U 121 -47.37 64.50 -65.90
CA TYR U 121 -46.52 63.39 -65.46
C TYR U 121 -45.13 63.85 -65.07
N GLY U 122 -44.89 65.17 -65.03
CA GLY U 122 -43.57 65.70 -64.78
C GLY U 122 -42.98 65.41 -63.42
N ASN U 123 -43.78 65.60 -62.37
CA ASN U 123 -43.33 65.37 -61.01
C ASN U 123 -43.65 63.97 -60.52
N TYR U 124 -44.26 63.13 -61.36
CA TYR U 124 -44.69 61.81 -60.98
C TYR U 124 -43.80 60.76 -61.65
N LYS U 125 -44.12 59.49 -61.43
CA LYS U 125 -43.48 58.30 -62.02
C LYS U 125 -42.01 58.16 -61.67
N GLY U 126 -41.38 57.12 -62.22
CA GLY U 126 -39.97 56.87 -61.94
C GLY U 126 -39.77 55.83 -60.87
N GLU U 127 -40.63 54.81 -60.83
CA GLU U 127 -40.46 53.73 -59.87
C GLU U 127 -39.28 52.87 -60.27
N LYS U 128 -38.69 52.17 -59.30
CA LYS U 128 -37.45 51.46 -59.55
C LYS U 128 -37.63 50.09 -58.91
N CYS U 129 -37.72 49.05 -59.74
CA CYS U 129 -37.88 47.70 -59.23
C CYS U 129 -36.53 47.08 -58.89
N LYS U 130 -36.37 46.63 -57.65
CA LYS U 130 -35.12 46.05 -57.19
C LYS U 130 -35.26 44.54 -57.01
N LEU U 131 -36.36 43.96 -57.51
CA LEU U 131 -36.62 42.54 -57.38
C LEU U 131 -35.69 41.73 -58.28
N PRO U 132 -35.43 40.46 -57.93
CA PRO U 132 -34.69 39.58 -58.84
C PRO U 132 -35.46 39.33 -60.12
N TYR U 133 -34.71 39.13 -61.21
CA TYR U 133 -35.24 39.30 -62.55
C TYR U 133 -34.56 38.33 -63.51
N ILE U 134 -35.04 38.34 -64.75
CA ILE U 134 -34.35 37.71 -65.88
C ILE U 134 -34.35 38.70 -67.03
N VAL U 135 -33.54 38.41 -68.04
CA VAL U 135 -33.41 39.27 -69.21
C VAL U 135 -33.88 38.49 -70.41
N VAL U 136 -35.00 38.93 -71.00
CA VAL U 136 -35.73 38.12 -71.97
C VAL U 136 -35.64 38.76 -73.35
N ASN U 137 -35.29 37.93 -74.34
CA ASN U 137 -35.54 38.22 -75.74
C ASN U 137 -37.03 38.10 -75.97
N SER U 138 -37.67 39.18 -76.38
CA SER U 138 -39.03 39.07 -76.90
C SER U 138 -38.98 39.02 -78.41
N LYS U 139 -39.69 38.06 -78.99
CA LYS U 139 -39.63 37.80 -80.43
C LYS U 139 -40.75 38.50 -81.19
N SER U 140 -41.96 38.56 -80.65
CA SER U 140 -43.06 39.23 -81.33
C SER U 140 -42.84 40.74 -81.37
N THR U 141 -42.42 41.32 -80.25
CA THR U 141 -42.00 42.71 -80.21
C THR U 141 -40.47 42.73 -80.23
N GLY U 142 -39.89 43.29 -81.27
CA GLY U 142 -38.47 43.11 -81.52
C GLY U 142 -37.53 43.92 -80.64
N GLN U 143 -37.57 43.72 -79.32
CA GLN U 143 -36.58 44.30 -78.44
C GLN U 143 -36.47 43.44 -77.19
N ARG U 144 -35.30 43.51 -76.57
CA ARG U 144 -34.93 42.68 -75.43
C ARG U 144 -34.97 43.49 -74.14
N PHE U 145 -35.56 42.89 -73.10
CA PHE U 145 -35.93 43.65 -71.91
C PHE U 145 -35.63 42.84 -70.65
N SER U 146 -35.98 43.40 -69.50
CA SER U 146 -35.80 42.75 -68.21
C SER U 146 -37.15 42.52 -67.56
N MET U 147 -37.41 41.29 -67.14
CA MET U 147 -38.69 40.90 -66.56
C MET U 147 -38.48 40.56 -65.09
N PHE U 148 -39.32 41.15 -64.24
CA PHE U 148 -39.18 41.06 -62.79
C PHE U 148 -40.19 40.07 -62.23
N LEU U 149 -39.72 39.25 -61.29
CA LEU U 149 -40.51 38.17 -60.71
C LEU U 149 -40.61 38.37 -59.20
N GLU U 150 -41.80 38.16 -58.65
CA GLU U 150 -41.97 38.19 -57.21
C GLU U 150 -43.05 37.23 -56.76
N GLU U 151 -43.04 36.98 -55.45
CA GLU U 151 -43.87 35.98 -54.82
C GLU U 151 -45.32 36.45 -54.75
N CYS U 152 -46.24 35.58 -55.15
CA CYS U 152 -47.67 35.87 -55.07
C CYS U 152 -48.42 34.57 -54.80
N GLU U 153 -49.69 34.71 -54.45
CA GLU U 153 -50.55 33.57 -54.18
C GLU U 153 -50.75 32.74 -55.45
N ASN U 154 -50.93 31.44 -55.25
CA ASN U 154 -50.96 30.51 -56.37
C ASN U 154 -52.23 30.68 -57.18
N SER U 155 -52.07 30.67 -58.50
CA SER U 155 -53.18 30.81 -59.43
C SER U 155 -53.30 29.54 -60.25
N GLU U 156 -54.54 29.22 -60.64
CA GLU U 156 -54.80 28.01 -61.40
C GLU U 156 -54.20 28.08 -62.80
N LYS U 157 -54.29 29.24 -63.44
CA LYS U 157 -53.82 29.41 -64.81
C LYS U 157 -52.52 30.18 -64.84
N PHE U 158 -51.69 29.86 -65.82
CA PHE U 158 -50.38 30.47 -65.99
C PHE U 158 -50.26 31.03 -67.41
N ASN U 159 -49.25 31.88 -67.61
CA ASN U 159 -49.00 32.47 -68.91
C ASN U 159 -48.18 31.52 -69.77
N SER U 160 -47.65 32.04 -70.87
CA SER U 160 -46.72 31.31 -71.71
C SER U 160 -45.30 31.37 -71.19
N TYR U 161 -45.07 31.90 -69.99
CA TYR U 161 -43.73 32.01 -69.46
C TYR U 161 -43.53 31.23 -68.18
N GLY U 162 -44.61 30.78 -67.55
CA GLY U 162 -44.51 30.06 -66.30
C GLY U 162 -44.89 30.84 -65.06
N LEU U 163 -45.46 32.03 -65.22
CA LEU U 163 -45.81 32.88 -64.09
C LEU U 163 -47.33 32.93 -63.92
N CYS U 164 -47.77 33.44 -62.77
CA CYS U 164 -49.17 33.41 -62.42
C CYS U 164 -49.97 34.46 -63.18
N ILE U 165 -51.26 34.17 -63.35
CA ILE U 165 -52.23 35.07 -63.97
C ILE U 165 -53.18 35.54 -62.89
N VAL U 166 -53.32 36.86 -62.75
CA VAL U 166 -54.26 37.53 -61.85
C VAL U 166 -54.10 37.13 -60.40
N THR V 2 57.49 99.90 -81.17
CA THR V 2 56.90 100.98 -80.38
C THR V 2 56.75 100.57 -78.93
N LYS V 3 57.18 99.36 -78.59
CA LYS V 3 57.08 98.84 -77.22
C LYS V 3 55.74 99.14 -76.56
N LEU V 4 54.65 98.77 -77.24
CA LEU V 4 53.33 99.05 -76.70
C LEU V 4 52.54 97.77 -76.54
N LYS V 5 52.16 97.46 -75.31
CA LYS V 5 51.34 96.28 -75.06
C LYS V 5 49.89 96.68 -75.09
N ALA V 6 48.99 95.71 -75.14
CA ALA V 6 47.57 96.00 -75.22
C ALA V 6 47.04 96.63 -73.95
N PRO V 7 46.16 97.63 -74.10
CA PRO V 7 45.53 98.19 -72.90
C PRO V 7 44.67 97.15 -72.22
N ALA V 8 44.56 97.22 -70.90
CA ALA V 8 43.72 96.29 -70.15
C ALA V 8 42.34 96.19 -70.79
N VAL V 9 41.77 97.33 -71.17
CA VAL V 9 40.50 97.33 -71.84
C VAL V 9 40.75 97.35 -73.35
N LEU V 10 40.75 96.18 -74.00
CA LEU V 10 40.88 96.14 -75.45
C LEU V 10 40.01 95.01 -75.98
N ALA V 11 38.93 95.37 -76.67
CA ALA V 11 37.97 94.39 -77.14
C ALA V 11 37.41 94.84 -78.48
N TYR V 12 37.07 93.87 -79.32
CA TYR V 12 36.60 94.13 -80.66
C TYR V 12 35.23 93.50 -80.85
N SER V 13 34.42 94.11 -81.71
CA SER V 13 33.06 93.64 -81.90
C SER V 13 33.01 92.49 -82.89
N ARG V 14 31.88 91.78 -82.86
CA ARG V 14 31.63 90.70 -83.80
C ARG V 14 31.24 91.29 -85.15
N LYS V 15 32.10 91.12 -86.15
CA LYS V 15 31.83 91.66 -87.48
C LYS V 15 31.18 90.66 -88.42
N ILE V 16 31.05 89.39 -88.02
CA ILE V 16 30.31 88.39 -88.76
C ILE V 16 29.21 87.92 -87.83
N ASN V 17 28.00 88.43 -88.01
CA ASN V 17 26.87 88.15 -87.13
C ASN V 17 25.85 87.30 -87.87
N PRO V 18 25.83 85.99 -87.66
CA PRO V 18 24.76 85.18 -88.25
C PRO V 18 23.57 85.11 -87.32
N THR V 19 22.41 84.83 -87.92
CA THR V 19 21.22 84.60 -87.13
C THR V 19 21.14 83.14 -86.72
N ASN V 20 20.13 82.81 -85.92
CA ASN V 20 19.92 81.42 -85.54
C ASN V 20 19.41 80.62 -86.73
N ALA V 21 20.07 79.49 -87.00
CA ALA V 21 19.82 78.72 -88.21
C ALA V 21 18.54 77.92 -88.04
N LEU V 22 17.44 78.53 -88.46
CA LEU V 22 16.14 77.87 -88.39
C LEU V 22 16.06 76.75 -89.43
N MET V 23 15.63 75.57 -89.02
CA MET V 23 15.61 74.42 -89.91
C MET V 23 14.19 73.99 -90.24
N PHE V 24 13.94 73.85 -91.55
CA PHE V 24 12.66 73.45 -92.10
C PHE V 24 12.85 72.14 -92.85
N ALA V 25 11.75 71.55 -93.29
CA ALA V 25 11.79 70.35 -94.10
C ALA V 25 11.11 70.64 -95.42
N VAL V 26 11.81 70.36 -96.52
CA VAL V 26 11.29 70.55 -97.87
C VAL V 26 11.59 69.29 -98.68
N ASN V 27 11.11 69.28 -99.90
CA ASN V 27 11.54 68.31 -100.90
C ASN V 27 12.64 68.92 -101.76
N TRP V 28 13.26 68.07 -102.57
CA TRP V 28 14.32 68.57 -103.45
C TRP V 28 13.78 69.41 -104.59
N SER V 29 12.59 69.08 -105.08
CA SER V 29 11.96 69.82 -106.17
C SER V 29 10.74 70.62 -105.73
N ASP V 30 10.44 70.64 -104.43
CA ASP V 30 9.29 71.35 -103.90
C ASP V 30 9.71 72.26 -102.75
N ARG V 31 10.75 73.06 -102.99
CA ARG V 31 11.29 73.94 -101.98
C ARG V 31 10.44 75.18 -101.74
N ASP V 32 9.41 75.41 -102.55
CA ASP V 32 8.55 76.58 -102.37
C ASP V 32 7.74 76.50 -101.08
N ASN V 33 7.26 75.31 -100.72
CA ASN V 33 6.59 75.11 -99.44
C ASN V 33 7.49 74.39 -98.44
N THR V 34 7.42 74.85 -97.19
CA THR V 34 8.24 74.32 -96.11
C THR V 34 7.35 73.95 -94.94
N THR V 35 7.77 72.97 -94.15
CA THR V 35 7.21 72.74 -92.83
C THR V 35 8.35 72.83 -91.82
N ALA V 36 8.00 73.23 -90.61
CA ALA V 36 9.01 73.47 -89.59
C ALA V 36 9.35 72.16 -88.88
N VAL V 37 10.64 71.87 -88.79
CA VAL V 37 11.11 70.66 -88.11
C VAL V 37 10.96 70.88 -86.61
N MET V 38 10.03 70.15 -86.00
CA MET V 38 9.82 70.23 -84.56
C MET V 38 10.94 69.55 -83.80
N VAL V 39 11.13 69.97 -82.55
CA VAL V 39 11.92 69.23 -81.59
C VAL V 39 10.96 68.34 -80.82
N GLY V 40 11.19 67.04 -80.88
CA GLY V 40 10.44 66.09 -80.09
C GLY V 40 11.27 65.55 -78.96
N THR V 41 10.61 64.99 -77.96
CA THR V 41 11.27 64.39 -76.82
C THR V 41 10.96 62.90 -76.83
N LYS V 42 12.00 62.08 -76.89
CA LYS V 42 11.83 60.63 -76.93
C LYS V 42 12.73 59.99 -75.88
N THR V 43 12.30 58.86 -75.36
CA THR V 43 13.00 58.17 -74.29
C THR V 43 13.62 56.90 -74.82
N VAL V 44 14.85 56.61 -74.39
CA VAL V 44 15.72 55.62 -74.97
C VAL V 44 16.23 54.71 -73.88
N ALA V 45 16.08 53.40 -74.06
CA ALA V 45 16.60 52.41 -73.11
C ALA V 45 17.90 51.85 -73.66
N GLY V 46 18.98 52.58 -73.46
CA GLY V 46 20.30 52.15 -73.88
C GLY V 46 20.98 51.31 -72.83
N THR V 47 22.28 51.07 -73.04
CA THR V 47 23.13 50.37 -72.09
C THR V 47 24.13 51.33 -71.49
N GLN V 48 24.26 51.32 -70.17
CA GLN V 48 25.24 52.16 -69.49
C GLN V 48 26.59 51.46 -69.57
N SER V 49 27.42 51.90 -70.52
CA SER V 49 28.73 51.32 -70.78
C SER V 49 29.75 52.45 -70.74
N VAL V 50 30.24 52.77 -69.55
CA VAL V 50 31.18 53.86 -69.36
C VAL V 50 32.54 53.29 -68.96
N ARG V 51 33.56 54.11 -69.13
CA ARG V 51 34.91 53.70 -68.76
C ARG V 51 35.06 53.74 -67.24
N GLY V 52 35.80 52.77 -66.71
CA GLY V 52 36.09 52.72 -65.30
C GLY V 52 35.11 51.94 -64.46
N ASN V 53 33.98 51.51 -65.02
CA ASN V 53 33.09 50.58 -64.32
C ASN V 53 32.59 49.51 -65.29
N PRO V 54 33.03 48.27 -65.09
CA PRO V 54 32.35 47.12 -65.70
C PRO V 54 31.08 46.69 -64.97
N ASN V 55 30.91 47.11 -63.72
CA ASN V 55 29.94 46.46 -62.84
C ASN V 55 28.51 46.84 -63.19
N ASP V 56 28.28 48.10 -63.55
CA ASP V 56 26.97 48.59 -63.89
C ASP V 56 26.67 48.47 -65.39
N ALA V 57 27.37 47.59 -66.10
CA ALA V 57 27.15 47.45 -67.52
C ALA V 57 25.87 46.68 -67.83
N ASP V 58 25.55 45.69 -67.01
CA ASP V 58 24.50 44.73 -67.33
C ASP V 58 23.10 45.25 -67.06
N LYS V 59 22.95 46.41 -66.42
CA LYS V 59 21.62 46.86 -66.04
C LYS V 59 20.95 47.68 -67.13
N GLY V 60 21.71 48.53 -67.81
CA GLY V 60 21.15 49.34 -68.87
C GLY V 60 20.42 50.57 -68.37
N ASN V 61 20.66 51.72 -68.98
CA ASN V 61 20.17 52.99 -68.47
C ASN V 61 19.05 53.53 -69.34
N ILE V 62 18.35 54.53 -68.79
CA ILE V 62 17.24 55.19 -69.45
C ILE V 62 17.59 56.66 -69.61
N GLN V 63 17.59 57.15 -70.85
CA GLN V 63 17.82 58.57 -71.12
C GLN V 63 16.72 59.10 -72.01
N THR V 64 16.07 60.18 -71.58
CA THR V 64 15.19 60.93 -72.45
C THR V 64 16.01 62.03 -73.12
N VAL V 65 15.87 62.12 -74.44
CA VAL V 65 16.66 63.03 -75.25
C VAL V 65 15.74 63.77 -76.20
N ASN V 66 16.18 64.95 -76.61
CA ASN V 66 15.48 65.68 -77.66
C ASN V 66 16.02 65.24 -79.02
N PHE V 67 15.11 64.91 -79.92
CA PHE V 67 15.43 64.48 -81.26
C PHE V 67 14.68 65.36 -82.25
N ALA V 68 15.26 65.52 -83.42
CA ALA V 68 14.60 66.23 -84.51
C ALA V 68 14.82 65.45 -85.79
N ASN V 69 13.75 65.21 -86.53
CA ASN V 69 13.79 64.36 -87.70
C ASN V 69 13.09 65.04 -88.85
N LEU V 70 13.52 64.71 -90.07
CA LEU V 70 12.70 65.01 -91.23
C LEU V 70 11.43 64.18 -91.17
N PRO V 71 10.28 64.75 -91.52
CA PRO V 71 9.05 63.95 -91.59
C PRO V 71 9.11 62.96 -92.73
N HIS V 72 8.27 61.93 -92.63
CA HIS V 72 8.35 60.81 -93.57
C HIS V 72 7.64 61.07 -94.90
N ASN V 73 7.38 62.32 -95.26
CA ASN V 73 6.93 62.67 -96.59
C ASN V 73 7.93 63.55 -97.34
N LYS V 74 8.92 64.12 -96.65
CA LYS V 74 9.92 64.97 -97.28
C LYS V 74 11.32 64.46 -96.96
N ASN V 75 12.24 64.70 -97.89
CA ASN V 75 13.58 64.13 -97.83
C ASN V 75 14.68 65.16 -97.71
N THR V 76 14.36 66.45 -97.75
CA THR V 76 15.35 67.51 -97.78
C THR V 76 15.27 68.33 -96.51
N LEU V 77 16.42 68.54 -95.88
CA LEU V 77 16.51 69.45 -94.75
C LEU V 77 16.95 70.81 -95.26
N LEU V 78 16.20 71.84 -94.91
CA LEU V 78 16.50 73.21 -95.28
C LEU V 78 16.97 73.95 -94.03
N VAL V 79 18.06 74.69 -94.16
CA VAL V 79 18.61 75.49 -93.07
C VAL V 79 18.67 76.94 -93.53
N LYS V 80 17.94 77.80 -92.84
CA LYS V 80 17.82 79.21 -93.20
C LYS V 80 18.49 80.04 -92.12
N TYR V 81 19.37 80.95 -92.54
CA TYR V 81 19.88 81.96 -91.62
C TYR V 81 20.30 83.18 -92.42
N ASN V 82 20.63 84.25 -91.71
CA ASN V 82 21.11 85.49 -92.32
C ASN V 82 22.44 85.84 -91.69
N VAL V 83 23.49 85.92 -92.51
CA VAL V 83 24.81 86.32 -92.05
C VAL V 83 25.03 87.78 -92.41
N LYS V 84 25.28 88.61 -91.40
CA LYS V 84 25.52 90.01 -91.63
C LYS V 84 26.98 90.30 -91.47
N PHE V 85 27.69 90.46 -92.57
CA PHE V 85 29.08 90.84 -92.47
C PHE V 85 29.10 92.33 -92.27
N VAL V 86 29.62 92.81 -91.16
CA VAL V 86 29.62 94.23 -90.85
C VAL V 86 31.05 94.71 -90.93
N GLY V 87 31.24 95.96 -91.29
CA GLY V 87 32.56 96.52 -91.45
C GLY V 87 33.05 97.26 -90.24
N ASP V 88 34.01 98.17 -90.42
CA ASP V 88 34.64 98.88 -89.29
C ASP V 88 35.23 97.80 -88.45
N VAL V 89 36.16 97.07 -89.02
CA VAL V 89 36.70 95.92 -88.33
C VAL V 89 37.91 96.17 -87.47
N PHE V 90 38.47 97.35 -87.56
CA PHE V 90 39.64 97.65 -86.79
C PHE V 90 39.25 98.63 -85.71
N LYS V 91 37.97 98.96 -85.65
CA LYS V 91 37.49 99.87 -84.62
C LYS V 91 37.39 99.10 -83.32
N ALA V 92 38.10 99.56 -82.30
CA ALA V 92 38.00 98.91 -81.01
C ALA V 92 36.98 99.71 -80.22
N GLU V 93 35.71 99.33 -80.33
CA GLU V 93 34.64 100.02 -79.63
C GLU V 93 34.84 100.03 -78.12
N LEU V 94 35.49 99.01 -77.59
CA LEU V 94 35.71 98.94 -76.17
C LEU V 94 37.17 99.26 -75.87
N GLY V 95 38.06 99.07 -76.84
CA GLY V 95 39.46 99.29 -76.58
C GLY V 95 39.88 100.74 -76.69
N GLY V 96 41.19 100.93 -76.59
CA GLY V 96 41.77 102.25 -76.56
C GLY V 96 41.86 102.89 -77.93
N GLY V 97 42.65 103.96 -77.98
CA GLY V 97 42.82 104.70 -79.21
C GLY V 97 44.15 104.45 -79.91
N GLU V 98 45.24 104.37 -79.16
CA GLU V 98 46.57 104.31 -79.77
C GLU V 98 46.84 102.93 -80.35
N TYR V 99 46.63 101.89 -79.54
CA TYR V 99 46.94 100.52 -79.93
C TYR V 99 46.08 100.06 -81.11
N SER V 100 44.78 100.39 -81.08
CA SER V 100 43.89 100.00 -82.16
C SER V 100 44.20 100.74 -83.44
N ASN V 101 44.62 102.01 -83.36
CA ASN V 101 44.92 102.77 -84.56
C ASN V 101 46.25 102.34 -85.19
N THR V 102 47.26 102.04 -84.37
CA THR V 102 48.48 101.51 -84.97
C THR V 102 48.30 100.07 -85.45
N LEU V 103 47.32 99.34 -84.90
CA LEU V 103 46.96 98.05 -85.47
C LEU V 103 46.21 98.23 -86.79
N GLN V 104 45.46 99.32 -86.93
CA GLN V 104 44.86 99.67 -88.22
C GLN V 104 45.91 99.95 -89.27
N THR V 105 46.90 100.79 -88.96
CA THR V 105 47.97 101.02 -89.92
C THR V 105 48.91 99.83 -90.06
N ALA V 106 48.86 98.85 -89.15
CA ALA V 106 49.65 97.64 -89.30
C ALA V 106 48.92 96.52 -90.01
N LEU V 107 47.60 96.66 -90.26
CA LEU V 107 46.84 95.61 -90.93
C LEU V 107 46.11 96.13 -92.16
N GLU V 108 46.49 97.30 -92.68
CA GLU V 108 45.77 97.85 -93.82
C GLU V 108 46.23 97.26 -95.15
N ASN V 109 47.28 96.45 -95.15
CA ASN V 109 47.72 95.73 -96.34
C ASN V 109 47.18 94.31 -96.38
N THR V 110 46.24 93.99 -95.50
CA THR V 110 45.69 92.64 -95.42
C THR V 110 44.82 92.33 -96.63
N ASP V 111 45.00 91.14 -97.19
CA ASP V 111 44.19 90.71 -98.31
C ASP V 111 42.83 90.32 -97.77
N PHE V 112 41.87 91.24 -97.85
CA PHE V 112 40.51 90.95 -97.41
C PHE V 112 39.78 90.05 -98.39
N GLY V 113 40.26 89.96 -99.63
CA GLY V 113 39.62 89.09 -100.60
C GLY V 113 39.74 87.62 -100.26
N THR V 114 40.90 87.20 -99.76
CA THR V 114 41.08 85.80 -99.38
C THR V 114 40.31 85.46 -98.12
N LEU V 115 40.27 86.39 -97.15
CA LEU V 115 39.44 86.22 -95.95
C LEU V 115 37.97 86.08 -96.31
N ALA V 116 37.48 86.97 -97.17
CA ALA V 116 36.08 86.95 -97.57
C ALA V 116 35.76 85.72 -98.42
N TYR V 117 36.70 85.28 -99.25
CA TYR V 117 36.47 84.07 -100.03
C TYR V 117 36.40 82.87 -99.12
N ARG V 118 37.25 82.81 -98.10
CA ARG V 118 37.21 81.70 -97.16
C ARG V 118 35.92 81.71 -96.33
N TYR V 119 35.43 82.90 -95.94
CA TYR V 119 34.17 82.99 -95.20
C TYR V 119 32.98 82.58 -96.07
N VAL V 120 32.89 83.17 -97.26
CA VAL V 120 31.76 82.90 -98.15
C VAL V 120 31.84 81.47 -98.68
N TYR V 121 33.03 80.89 -98.76
CA TYR V 121 33.16 79.48 -99.11
C TYR V 121 32.72 78.59 -97.97
N ASN V 122 33.01 78.99 -96.73
CA ASN V 122 32.54 78.23 -95.57
C ASN V 122 31.02 78.29 -95.46
N ILE V 123 30.42 79.41 -95.86
CA ILE V 123 28.97 79.45 -95.99
C ILE V 123 28.51 78.58 -97.15
N ALA V 124 29.18 78.70 -98.30
CA ALA V 124 28.69 78.16 -99.56
C ALA V 124 28.89 76.65 -99.64
N ALA V 125 29.99 76.14 -99.10
CA ALA V 125 30.18 74.70 -99.06
C ALA V 125 29.21 74.01 -98.13
N GLY V 126 28.75 74.68 -97.09
CA GLY V 126 27.83 74.09 -96.15
C GLY V 126 28.55 73.54 -94.93
N ARG V 127 29.64 74.20 -94.57
CA ARG V 127 30.34 73.85 -93.34
C ARG V 127 29.52 74.24 -92.11
N THR V 128 28.62 75.22 -92.25
CA THR V 128 27.69 75.59 -91.20
C THR V 128 26.69 74.48 -90.88
N LEU V 129 26.54 73.51 -91.78
CA LEU V 129 25.78 72.30 -91.54
C LEU V 129 26.76 71.28 -90.97
N TRP V 130 26.89 71.22 -89.65
CA TRP V 130 28.02 70.50 -89.05
C TRP V 130 27.85 68.99 -89.14
N ARG V 131 26.87 68.43 -88.44
CA ARG V 131 26.53 67.04 -88.63
C ARG V 131 25.36 66.89 -89.60
N ASN V 132 24.66 67.98 -89.91
CA ASN V 132 23.58 67.93 -90.89
C ASN V 132 24.08 67.61 -92.28
N ARG V 133 25.33 67.92 -92.60
CA ARG V 133 25.84 67.59 -93.92
C ARG V 133 26.28 66.15 -94.07
N VAL V 134 26.47 65.41 -92.98
CA VAL V 134 27.09 64.10 -93.11
C VAL V 134 26.03 63.10 -93.61
N GLY V 135 26.25 62.61 -94.81
CA GLY V 135 25.29 61.75 -95.47
C GLY V 135 24.32 62.61 -96.25
N ALA V 136 24.54 62.75 -97.55
CA ALA V 136 23.74 63.64 -98.38
C ALA V 136 23.99 63.37 -99.85
N GLU V 137 22.92 63.18 -100.63
CA GLU V 137 23.07 63.01 -102.07
C GLU V 137 23.59 64.29 -102.71
N SER V 138 23.11 65.44 -102.25
CA SER V 138 23.57 66.73 -102.75
C SER V 138 23.25 67.79 -101.72
N ILE V 139 24.15 68.77 -101.60
CA ILE V 139 23.99 69.88 -100.68
C ILE V 139 23.98 71.16 -101.52
N GLU V 140 22.80 71.75 -101.70
CA GLU V 140 22.64 72.92 -102.54
C GLU V 140 22.44 74.13 -101.65
N THR V 141 23.38 75.06 -101.71
CA THR V 141 23.34 76.28 -100.91
C THR V 141 22.90 77.43 -101.81
N VAL V 142 21.85 78.13 -101.40
CA VAL V 142 21.34 79.29 -102.12
C VAL V 142 21.63 80.52 -101.26
N ILE V 143 22.42 81.43 -101.78
CA ILE V 143 22.76 82.67 -101.09
C ILE V 143 22.13 83.82 -101.85
N THR V 144 21.26 84.56 -101.18
CA THR V 144 20.67 85.77 -101.73
C THR V 144 21.35 86.96 -101.06
N VAL V 145 22.00 87.78 -101.85
CA VAL V 145 22.68 88.97 -101.34
C VAL V 145 22.42 90.13 -102.32
N ASN V 146 22.09 91.30 -101.75
CA ASN V 146 21.66 92.58 -102.37
C ASN V 146 20.92 92.39 -103.70
N ASP V 147 19.87 91.56 -103.64
CA ASP V 147 19.06 91.14 -104.79
C ASP V 147 19.93 90.47 -105.87
N GLN V 148 20.54 89.35 -105.49
CA GLN V 148 21.31 88.52 -106.42
C GLN V 148 21.39 87.13 -105.83
N THR V 149 20.93 86.14 -106.58
CA THR V 149 20.83 84.77 -106.11
C THR V 149 22.00 83.94 -106.64
N PHE V 150 22.58 83.13 -105.76
CA PHE V 150 23.72 82.29 -106.10
C PHE V 150 23.45 80.87 -105.62
N THR V 151 23.87 79.90 -106.43
CA THR V 151 23.58 78.51 -106.17
C THR V 151 24.86 77.70 -106.20
N PHE V 152 25.08 76.89 -105.17
CA PHE V 152 26.28 76.07 -105.05
C PHE V 152 25.86 74.63 -104.81
N SER V 153 26.44 73.70 -105.55
CA SER V 153 26.02 72.31 -105.51
C SER V 153 27.07 71.37 -104.95
N ASP V 154 28.30 71.42 -105.47
CA ASP V 154 29.33 70.46 -105.06
C ASP V 154 30.62 71.25 -104.81
N LEU V 155 30.82 71.65 -103.56
CA LEU V 155 32.05 72.27 -103.11
C LEU V 155 32.65 71.42 -102.00
N LEU V 156 33.86 70.93 -102.22
CA LEU V 156 34.56 70.19 -101.18
C LEU V 156 34.98 71.17 -100.08
N VAL V 157 34.91 70.72 -98.84
CA VAL V 157 34.88 71.64 -97.71
C VAL V 157 36.28 71.89 -97.16
N ASN V 158 37.11 70.86 -97.10
CA ASN V 158 38.41 70.99 -96.45
C ASN V 158 39.41 71.82 -97.24
N GLU V 159 39.15 72.08 -98.52
CA GLU V 159 39.97 73.00 -99.29
C GLU V 159 39.06 73.99 -100.01
N PHE V 160 39.62 75.14 -100.34
CA PHE V 160 38.88 76.26 -100.92
C PHE V 160 39.14 76.27 -102.42
N ASP V 161 38.19 75.73 -103.19
CA ASP V 161 38.35 75.63 -104.63
C ASP V 161 38.11 76.97 -105.30
N GLU V 162 38.46 77.03 -106.58
CA GLU V 162 38.29 78.22 -107.40
C GLU V 162 36.97 78.15 -108.14
N ASP V 163 36.06 79.07 -107.83
CA ASP V 163 34.81 79.20 -108.57
C ASP V 163 34.36 80.65 -108.52
N VAL V 164 33.47 81.00 -109.45
CA VAL V 164 33.23 82.41 -109.75
C VAL V 164 32.19 83.01 -108.81
N ASP V 165 31.22 82.23 -108.35
CA ASP V 165 30.13 82.81 -107.57
C ASP V 165 30.54 83.12 -106.13
N VAL V 166 31.33 82.22 -105.52
CA VAL V 166 31.88 82.49 -104.19
C VAL V 166 32.80 83.69 -104.22
N ALA V 167 33.59 83.81 -105.29
CA ALA V 167 34.43 84.99 -105.47
C ALA V 167 33.59 86.25 -105.70
N GLU V 168 32.46 86.12 -106.40
CA GLU V 168 31.63 87.30 -106.69
C GLU V 168 30.99 87.83 -105.42
N ILE V 169 30.54 86.93 -104.53
CA ILE V 169 30.09 87.38 -103.21
C ILE V 169 31.28 87.85 -102.37
N ALA V 170 32.46 87.28 -102.59
CA ALA V 170 33.65 87.64 -101.83
C ALA V 170 34.14 89.05 -102.09
N ASP V 171 33.98 89.57 -103.32
CA ASP V 171 34.29 90.99 -103.56
C ASP V 171 33.44 91.93 -102.72
N MET V 172 32.13 91.71 -102.64
CA MET V 172 31.34 92.63 -101.83
C MET V 172 31.50 92.40 -100.33
N VAL V 173 31.75 91.15 -99.91
CA VAL V 173 32.02 90.89 -98.50
C VAL V 173 33.37 91.48 -98.09
N ALA V 174 34.37 91.41 -98.98
CA ALA V 174 35.67 92.02 -98.71
C ALA V 174 35.60 93.54 -98.74
N GLY V 175 34.80 94.10 -99.65
CA GLY V 175 34.62 95.55 -99.68
C GLY V 175 33.90 96.07 -98.46
N VAL V 176 33.01 95.27 -97.89
CA VAL V 176 32.46 95.60 -96.59
C VAL V 176 33.53 95.48 -95.50
N LEU V 177 34.28 94.37 -95.51
CA LEU V 177 35.20 94.07 -94.41
C LEU V 177 36.42 94.98 -94.44
N SER V 178 36.84 95.43 -95.62
CA SER V 178 37.95 96.37 -95.69
C SER V 178 37.56 97.79 -95.31
N GLY V 179 36.28 98.09 -95.23
CA GLY V 179 35.86 99.44 -94.92
C GLY V 179 34.58 99.58 -94.14
N GLU V 180 33.72 100.48 -94.59
CA GLU V 180 32.51 100.89 -93.89
C GLU V 180 31.31 100.15 -94.48
N GLY V 181 30.30 99.94 -93.64
CA GLY V 181 29.04 99.39 -94.11
C GLY V 181 28.79 97.99 -93.60
N PHE V 182 27.90 97.31 -94.31
CA PHE V 182 27.50 95.95 -93.95
C PHE V 182 26.96 95.28 -95.20
N VAL V 183 26.81 93.96 -95.11
CA VAL V 183 26.18 93.18 -96.16
C VAL V 183 25.48 91.99 -95.51
N THR V 184 24.38 91.56 -96.11
CA THR V 184 23.55 90.50 -95.54
C THR V 184 23.38 89.37 -96.55
N LEU V 185 23.81 88.19 -96.16
CA LEU V 185 23.71 86.98 -96.98
C LEU V 185 22.57 86.15 -96.40
N LYS V 186 21.46 86.08 -97.13
CA LYS V 186 20.35 85.22 -96.75
C LYS V 186 20.66 83.83 -97.30
N VAL V 187 20.97 82.89 -96.41
CA VAL V 187 21.48 81.58 -96.80
C VAL V 187 20.41 80.54 -96.55
N GLU V 188 20.14 79.73 -97.57
CA GLU V 188 19.22 78.61 -97.50
C GLU V 188 19.95 77.37 -97.99
N HIS V 189 20.23 76.44 -97.08
CA HIS V 189 20.85 75.18 -97.40
C HIS V 189 19.78 74.11 -97.63
N TYR V 190 20.00 73.28 -98.64
CA TYR V 190 19.08 72.20 -98.97
C TYR V 190 19.89 70.93 -99.08
N MET V 191 19.71 70.01 -98.15
CA MET V 191 20.43 68.74 -98.16
C MET V 191 19.45 67.60 -98.35
N LEU V 192 19.71 66.76 -99.36
CA LEU V 192 18.92 65.56 -99.60
C LEU V 192 19.37 64.50 -98.60
N LEU V 193 18.86 64.63 -97.37
CA LEU V 193 19.23 63.72 -96.30
C LEU V 193 18.60 62.36 -96.46
N GLY V 194 17.54 62.25 -97.23
CA GLY V 194 16.79 61.02 -97.31
C GLY V 194 15.44 61.14 -96.61
N GLU V 195 14.56 60.21 -96.92
CA GLU V 195 13.18 60.30 -96.48
C GLU V 195 13.09 59.92 -95.01
N GLY V 196 12.82 60.89 -94.16
CA GLY V 196 12.72 60.64 -92.74
C GLY V 196 14.04 60.58 -92.00
N SER V 197 15.12 61.10 -92.58
CA SER V 197 16.42 61.08 -91.92
C SER V 197 16.45 62.03 -90.74
N GLU V 198 17.21 61.67 -89.72
CA GLU V 198 17.24 62.44 -88.49
C GLU V 198 18.26 63.56 -88.61
N VAL V 199 17.79 64.79 -88.40
CA VAL V 199 18.63 65.99 -88.53
C VAL V 199 19.34 66.27 -87.22
N PHE V 200 20.33 67.16 -87.25
CA PHE V 200 21.20 67.43 -86.10
C PHE V 200 21.18 68.92 -85.78
N PRO V 201 20.28 69.38 -84.92
CA PRO V 201 20.34 70.76 -84.44
C PRO V 201 21.41 70.91 -83.37
N SER V 202 21.67 72.14 -82.96
CA SER V 202 22.66 72.37 -81.90
C SER V 202 22.03 72.01 -80.57
N GLN V 203 22.82 71.45 -79.67
CA GLN V 203 22.31 71.13 -78.34
C GLN V 203 22.65 72.29 -77.42
N GLU V 204 21.75 72.63 -76.51
CA GLU V 204 22.06 73.68 -75.54
C GLU V 204 22.74 73.07 -74.33
N PHE V 205 23.66 73.80 -73.72
CA PHE V 205 24.29 73.32 -72.50
C PHE V 205 23.25 73.22 -71.41
N VAL V 206 23.08 72.05 -70.81
CA VAL V 206 22.17 71.93 -69.68
C VAL V 206 22.81 71.23 -68.51
N GLU V 207 22.24 71.39 -67.33
CA GLU V 207 22.76 70.72 -66.14
C GLU V 207 21.62 69.91 -65.54
N ASN V 208 20.98 70.46 -64.52
CA ASN V 208 19.85 69.78 -63.89
C ASN V 208 18.62 69.96 -64.76
N SER V 209 18.35 69.01 -65.64
CA SER V 209 17.23 69.13 -66.56
C SER V 209 16.37 67.88 -66.66
N LYS V 210 16.72 66.80 -65.94
CA LYS V 210 16.15 65.43 -66.04
C LYS V 210 15.97 64.97 -67.49
N LEU V 211 16.91 65.33 -68.36
CA LEU V 211 16.85 65.04 -69.78
C LEU V 211 18.26 65.12 -70.32
N SER V 212 18.69 64.05 -71.00
CA SER V 212 20.12 63.88 -71.30
C SER V 212 20.60 64.84 -72.37
N LYS V 213 19.85 64.99 -73.45
CA LYS V 213 20.25 65.82 -74.59
C LYS V 213 19.08 66.70 -74.98
N GLN V 214 19.26 68.00 -74.87
CA GLN V 214 18.26 68.94 -75.36
C GLN V 214 18.61 69.34 -76.78
N LEU V 215 17.78 70.17 -77.41
CA LEU V 215 18.09 70.68 -78.73
C LEU V 215 17.68 72.12 -78.69
N PHE V 216 18.32 72.96 -79.47
CA PHE V 216 17.92 74.35 -79.52
C PHE V 216 16.57 74.43 -80.22
N ASP V 217 15.52 74.69 -79.45
CA ASP V 217 14.19 74.75 -80.02
C ASP V 217 13.66 76.16 -80.06
N LEU V 218 13.98 76.90 -81.12
CA LEU V 218 13.42 78.24 -81.24
C LEU V 218 11.92 78.11 -81.40
N ASN V 219 11.15 78.44 -80.37
CA ASN V 219 9.69 78.29 -80.39
C ASN V 219 9.25 76.91 -80.86
N GLY V 220 9.90 75.86 -80.35
CA GLY V 220 9.55 74.50 -80.74
C GLY V 220 10.29 74.04 -81.98
N GLN V 221 10.38 74.89 -82.99
CA GLN V 221 11.05 74.54 -84.23
C GLN V 221 12.53 74.26 -84.00
N ALA V 222 13.02 73.14 -84.52
CA ALA V 222 14.42 72.80 -84.35
C ALA V 222 15.31 73.78 -85.09
N ALA V 223 16.30 74.31 -84.37
CA ALA V 223 17.21 75.31 -84.93
C ALA V 223 18.60 75.06 -84.36
N MET V 224 19.59 75.68 -84.98
CA MET V 224 20.96 75.61 -84.51
C MET V 224 21.46 76.98 -84.10
N HIS V 225 22.39 77.02 -83.16
CA HIS V 225 22.86 78.29 -82.61
C HIS V 225 23.58 79.18 -83.60
N ASP V 226 23.51 80.48 -83.39
CA ASP V 226 24.23 81.41 -84.25
C ASP V 226 25.73 81.28 -84.04
N GLN V 227 26.14 80.94 -82.82
CA GLN V 227 27.56 80.74 -82.56
C GLN V 227 28.08 79.51 -83.29
N LYS V 228 27.24 78.49 -83.45
CA LYS V 228 27.64 77.31 -84.21
C LYS V 228 27.90 77.74 -85.64
N ILE V 229 27.00 78.53 -86.20
CA ILE V 229 27.17 79.01 -87.56
C ILE V 229 28.38 79.91 -87.66
N GLY V 230 28.49 80.89 -86.76
CA GLY V 230 29.58 81.84 -86.80
C GLY V 230 30.95 81.24 -86.55
N ASN V 231 30.99 80.14 -85.78
CA ASN V 231 32.22 79.37 -85.67
C ASN V 231 32.56 78.71 -87.00
N ALA V 232 31.53 78.22 -87.69
CA ALA V 232 31.77 77.62 -88.99
C ALA V 232 32.10 78.63 -90.08
N ILE V 233 31.76 79.91 -89.89
CA ILE V 233 32.24 80.93 -90.83
C ILE V 233 33.74 81.07 -90.69
N ARG V 234 34.21 81.22 -89.45
CA ARG V 234 35.60 81.52 -89.16
C ARG V 234 36.47 80.28 -89.07
N THR V 235 36.03 79.15 -89.62
CA THR V 235 36.88 77.96 -89.72
C THR V 235 37.72 78.06 -91.01
N ILE V 236 38.57 79.07 -91.01
CA ILE V 236 39.40 79.39 -92.17
C ILE V 236 40.89 79.32 -91.86
N ASP V 237 41.26 79.13 -90.60
CA ASP V 237 42.66 79.15 -90.19
C ASP V 237 43.38 77.90 -90.65
N THR V 238 44.01 77.97 -91.81
CA THR V 238 44.90 76.94 -92.31
C THR V 238 46.36 77.36 -92.27
N TRP V 239 46.70 78.30 -91.39
CA TRP V 239 48.00 78.94 -91.41
C TRP V 239 48.75 78.77 -90.09
N TYR V 240 48.39 77.77 -89.30
CA TYR V 240 49.11 77.43 -88.09
C TYR V 240 50.24 76.46 -88.43
N GLU V 241 50.84 75.84 -87.42
CA GLU V 241 52.06 75.07 -87.61
C GLU V 241 51.80 73.75 -88.33
N ASP V 242 51.02 72.87 -87.71
CA ASP V 242 50.71 71.57 -88.32
C ASP V 242 49.44 71.67 -89.16
N ALA V 243 49.50 72.56 -90.14
CA ALA V 243 48.33 72.98 -90.91
C ALA V 243 47.92 71.88 -91.89
N THR V 244 46.98 71.03 -91.46
CA THR V 244 46.40 70.01 -92.32
C THR V 244 44.95 70.32 -92.66
N THR V 245 44.18 70.81 -91.69
CA THR V 245 42.77 71.12 -91.86
C THR V 245 42.49 72.51 -91.34
N PRO V 246 41.49 73.20 -91.88
CA PRO V 246 41.09 74.49 -91.32
C PRO V 246 40.52 74.32 -89.92
N ILE V 247 40.94 75.22 -89.02
CA ILE V 247 40.39 75.29 -87.68
C ILE V 247 39.71 76.64 -87.53
N ALA V 248 38.90 76.75 -86.48
CA ALA V 248 38.18 77.99 -86.21
C ALA V 248 39.15 79.09 -85.83
N VAL V 249 38.89 80.31 -86.31
CA VAL V 249 39.74 81.44 -85.99
C VAL V 249 39.53 81.79 -84.52
N GLU V 250 40.57 81.62 -83.73
CA GLU V 250 40.56 81.83 -82.29
C GLU V 250 41.86 82.54 -81.95
N PRO V 251 41.91 83.24 -80.81
CA PRO V 251 43.19 83.89 -80.43
C PRO V 251 44.31 82.91 -80.12
N TYR V 252 44.00 81.64 -79.86
CA TYR V 252 45.00 80.64 -79.52
C TYR V 252 44.99 79.46 -80.47
N GLY V 253 44.14 79.47 -81.49
CA GLY V 253 43.97 78.31 -82.34
C GLY V 253 43.38 77.14 -81.59
N SER V 254 42.49 77.41 -80.64
CA SER V 254 42.04 76.42 -79.69
C SER V 254 40.79 75.73 -80.18
N VAL V 255 40.73 74.41 -79.98
CA VAL V 255 39.53 73.63 -80.21
C VAL V 255 39.21 72.85 -78.95
N VAL V 256 37.94 72.86 -78.56
CA VAL V 256 37.48 72.11 -77.40
C VAL V 256 37.58 70.61 -77.67
N ARG V 257 37.25 70.19 -78.89
CA ARG V 257 37.12 68.77 -79.21
C ARG V 257 38.48 68.06 -79.19
N ASN V 258 39.45 68.56 -79.95
CA ASN V 258 40.76 67.92 -79.98
C ASN V 258 41.57 68.15 -78.71
N GLY V 259 41.15 69.08 -77.85
CA GLY V 259 41.83 69.28 -76.59
C GLY V 259 43.16 69.97 -76.70
N VAL V 260 43.47 70.56 -77.85
CA VAL V 260 44.74 71.21 -78.08
C VAL V 260 44.48 72.58 -78.67
N ALA V 261 45.43 73.48 -78.46
CA ALA V 261 45.43 74.79 -79.09
C ALA V 261 46.58 74.82 -80.07
N TYR V 262 46.26 75.04 -81.35
CA TYR V 262 47.26 74.91 -82.40
C TYR V 262 48.19 76.12 -82.50
N ARG V 263 47.94 77.18 -81.74
CA ARG V 263 48.76 78.37 -81.75
C ARG V 263 49.13 78.79 -80.34
N ALA V 264 49.45 77.84 -79.47
CA ALA V 264 49.79 78.14 -78.09
C ALA V 264 51.18 77.60 -77.77
N GLY V 265 52.00 78.42 -77.13
CA GLY V 265 53.32 78.02 -76.71
C GLY V 265 54.38 78.07 -77.80
N ASN V 266 54.04 78.51 -79.00
CA ASN V 266 54.94 78.51 -80.13
C ASN V 266 54.93 79.85 -80.87
N LYS V 267 54.56 80.92 -80.16
CA LYS V 267 54.75 82.32 -80.57
C LYS V 267 54.00 82.68 -81.85
N THR V 268 52.84 82.05 -82.09
CA THR V 268 52.00 82.44 -83.21
C THR V 268 50.56 82.68 -82.77
N ASP V 269 50.32 82.86 -81.48
CA ASP V 269 49.01 83.30 -81.03
C ASP V 269 48.74 84.74 -81.44
N LEU V 270 47.47 85.13 -81.33
CA LEU V 270 47.04 86.44 -81.83
C LEU V 270 47.65 87.58 -81.04
N PHE V 271 47.92 87.37 -79.75
CA PHE V 271 48.41 88.46 -78.91
C PHE V 271 49.85 88.83 -79.23
N THR V 272 50.71 87.85 -79.49
CA THR V 272 52.09 88.16 -79.84
C THR V 272 52.19 88.77 -81.24
N LEU V 273 51.38 88.29 -82.19
CA LEU V 273 51.39 88.91 -83.51
C LEU V 273 50.77 90.31 -83.49
N MET V 274 49.77 90.54 -82.64
CA MET V 274 49.20 91.87 -82.47
C MET V 274 50.22 92.83 -81.85
N ASP V 275 50.94 92.37 -80.83
CA ASP V 275 51.96 93.20 -80.21
C ASP V 275 53.01 93.50 -81.25
N GLY V 276 53.42 92.48 -81.99
CA GLY V 276 54.44 92.66 -83.00
C GLY V 276 54.04 93.65 -84.06
N ALA V 277 52.88 93.47 -84.68
CA ALA V 277 52.40 94.39 -85.69
C ALA V 277 52.35 95.81 -85.15
N VAL V 278 51.74 95.99 -83.98
CA VAL V 278 51.65 97.31 -83.36
C VAL V 278 53.02 97.95 -83.22
N ASN V 279 53.99 97.17 -82.74
CA ASN V 279 55.33 97.70 -82.54
C ASN V 279 56.02 98.04 -83.86
N GLY V 280 55.92 97.17 -84.84
CA GLY V 280 56.53 97.43 -86.13
C GLY V 280 56.92 96.18 -86.88
N LYS V 281 56.93 95.04 -86.19
CA LYS V 281 57.28 93.78 -86.83
C LYS V 281 56.34 93.52 -88.00
N SER V 282 56.91 93.43 -89.21
CA SER V 282 56.11 93.17 -90.39
C SER V 282 55.45 91.81 -90.28
N LEU V 283 54.12 91.81 -90.28
CA LEU V 283 53.41 90.56 -90.20
C LEU V 283 53.32 89.93 -91.57
N THR V 284 53.59 88.64 -91.66
CA THR V 284 53.48 87.93 -92.94
C THR V 284 52.02 87.94 -93.35
N GLU V 285 51.74 87.89 -94.65
CA GLU V 285 50.36 87.99 -95.09
C GLU V 285 49.41 87.01 -94.39
N GLU V 286 49.83 85.76 -94.20
CA GLU V 286 48.99 84.80 -93.51
C GLU V 286 48.77 85.15 -92.03
N ASP V 287 49.82 85.66 -91.38
CA ASP V 287 49.72 86.04 -89.97
C ASP V 287 48.85 87.27 -89.93
N GLN V 288 49.08 88.19 -90.85
CA GLN V 288 48.27 89.41 -90.96
C GLN V 288 46.80 89.06 -91.17
N MET V 289 46.54 88.07 -92.03
CA MET V 289 45.16 87.67 -92.29
C MET V 289 44.55 86.98 -91.08
N PHE V 290 45.37 86.26 -90.30
CA PHE V 290 44.89 85.65 -89.07
C PHE V 290 44.53 86.68 -88.01
N VAL V 291 45.36 87.71 -87.85
CA VAL V 291 45.08 88.77 -86.89
C VAL V 291 43.83 89.55 -87.29
N THR V 292 43.68 89.84 -88.59
CA THR V 292 42.48 90.50 -89.08
C THR V 292 41.25 89.62 -88.90
N ALA V 293 41.38 88.31 -89.12
CA ALA V 293 40.28 87.37 -88.93
C ALA V 293 39.84 87.29 -87.47
N ASN V 294 40.80 87.37 -86.53
CA ASN V 294 40.42 87.41 -85.13
C ASN V 294 39.81 88.74 -84.75
N LEU V 295 40.22 89.83 -85.41
CA LEU V 295 39.59 91.12 -85.14
C LEU V 295 38.13 91.14 -85.59
N ILE V 296 37.83 90.56 -86.76
CA ILE V 296 36.44 90.50 -87.18
C ILE V 296 35.68 89.37 -86.50
N ARG V 297 36.39 88.42 -85.89
CA ARG V 297 35.72 87.52 -84.96
C ARG V 297 35.32 88.27 -83.69
N GLY V 298 36.24 89.04 -83.13
CA GLY V 298 36.00 89.80 -81.92
C GLY V 298 36.58 89.11 -80.69
N GLY V 299 36.47 89.81 -79.56
CA GLY V 299 36.97 89.29 -78.31
C GLY V 299 37.79 90.30 -77.53
N VAL V 300 37.86 90.13 -76.23
CA VAL V 300 38.70 91.01 -75.42
C VAL V 300 40.14 90.55 -75.54
N PHE V 301 41.02 91.48 -75.93
CA PHE V 301 42.42 91.17 -76.19
C PHE V 301 43.32 91.99 -75.27
N GLY V 302 42.87 92.23 -74.04
CA GLY V 302 43.60 93.02 -73.08
C GLY V 302 43.99 92.21 -71.87
N GLY V 303 45.12 92.57 -71.28
CA GLY V 303 45.63 91.88 -70.11
C GLY V 303 47.13 91.76 -70.08
N THR W 2 14.37 145.15 -17.66
CA THR W 2 13.24 145.62 -18.46
C THR W 2 13.06 144.75 -19.69
N LYS W 3 14.18 144.28 -20.24
CA LYS W 3 14.17 143.40 -21.41
C LYS W 3 13.72 142.01 -20.98
N LEU W 4 12.59 141.54 -21.52
CA LEU W 4 12.12 140.18 -21.23
C LEU W 4 12.92 139.21 -22.08
N LYS W 5 13.89 138.55 -21.46
CA LYS W 5 14.64 137.51 -22.15
C LYS W 5 13.77 136.29 -22.39
N ALA W 6 14.01 135.60 -23.50
CA ALA W 6 13.31 134.37 -23.79
C ALA W 6 13.69 133.27 -22.80
N PRO W 7 12.81 132.31 -22.56
CA PRO W 7 13.19 131.15 -21.74
C PRO W 7 14.27 130.35 -22.42
N ALA W 8 15.11 129.70 -21.61
CA ALA W 8 16.23 128.93 -22.14
C ALA W 8 15.74 127.71 -22.91
N VAL W 9 14.62 127.14 -22.51
CA VAL W 9 14.08 125.95 -23.16
C VAL W 9 12.76 126.25 -23.88
N LEU W 10 12.57 127.47 -24.36
CA LEU W 10 11.34 127.82 -25.05
C LEU W 10 11.29 127.13 -26.41
N ALA W 11 10.33 126.22 -26.56
CA ALA W 11 10.19 125.45 -27.79
C ALA W 11 8.73 125.38 -28.18
N TYR W 12 8.49 125.31 -29.49
CA TYR W 12 7.15 125.21 -30.04
C TYR W 12 7.04 123.94 -30.86
N SER W 13 5.94 123.21 -30.65
CA SER W 13 5.69 122.02 -31.44
C SER W 13 5.27 122.40 -32.85
N ARG W 14 5.47 121.47 -33.78
CA ARG W 14 5.07 121.70 -35.15
C ARG W 14 3.54 121.63 -35.26
N LYS W 15 2.99 122.42 -36.17
CA LYS W 15 1.56 122.47 -36.37
C LYS W 15 1.11 121.98 -37.73
N ILE W 16 2.00 121.96 -38.72
CA ILE W 16 1.74 121.31 -40.00
C ILE W 16 2.42 119.95 -39.94
N ASN W 17 1.62 118.89 -39.93
CA ASN W 17 2.11 117.52 -39.80
C ASN W 17 1.71 116.75 -41.05
N PRO W 18 2.55 116.75 -42.08
CA PRO W 18 2.30 115.87 -43.22
C PRO W 18 2.78 114.46 -42.92
N THR W 19 2.16 113.50 -43.60
CA THR W 19 2.60 112.13 -43.51
C THR W 19 3.63 111.85 -44.60
N ASN W 20 4.19 110.65 -44.61
CA ASN W 20 5.09 110.27 -45.67
C ASN W 20 4.29 110.03 -46.95
N ALA W 21 4.72 110.66 -48.03
CA ALA W 21 3.92 110.74 -49.25
C ALA W 21 4.22 109.52 -50.11
N LEU W 22 3.36 108.52 -50.06
CA LEU W 22 3.53 107.34 -50.88
C LEU W 22 3.26 107.66 -52.34
N MET W 23 4.13 107.20 -53.22
CA MET W 23 3.91 107.36 -54.67
C MET W 23 3.40 106.07 -55.28
N PHE W 24 2.29 106.20 -56.00
CA PHE W 24 1.68 105.16 -56.80
C PHE W 24 1.79 105.54 -58.27
N ALA W 25 1.45 104.60 -59.13
CA ALA W 25 1.39 104.84 -60.56
C ALA W 25 -0.04 104.68 -61.02
N VAL W 26 -0.58 105.70 -61.69
CA VAL W 26 -1.91 105.68 -62.25
C VAL W 26 -1.85 106.16 -63.69
N ASN W 27 -3.01 106.20 -64.33
CA ASN W 27 -3.17 106.86 -65.61
C ASN W 27 -3.96 108.14 -65.39
N TRP W 28 -3.99 109.00 -66.41
CA TRP W 28 -4.76 110.23 -66.30
C TRP W 28 -6.24 109.87 -66.33
N SER W 29 -6.54 108.65 -66.78
CA SER W 29 -7.91 108.19 -66.83
C SER W 29 -8.12 107.16 -65.72
N ASP W 30 -7.23 106.17 -65.67
CA ASP W 30 -7.34 105.14 -64.65
C ASP W 30 -6.65 105.55 -63.36
N ARG W 31 -7.29 106.44 -62.61
CA ARG W 31 -6.73 106.89 -61.35
C ARG W 31 -7.13 105.95 -60.24
N ASP W 32 -7.95 104.96 -60.57
CA ASP W 32 -8.38 103.98 -59.58
C ASP W 32 -7.40 102.81 -59.59
N ASN W 33 -6.71 102.63 -60.71
CA ASN W 33 -5.72 101.57 -60.79
C ASN W 33 -4.39 102.06 -60.24
N THR W 34 -4.18 101.89 -58.94
CA THR W 34 -2.94 102.38 -58.33
C THR W 34 -1.95 101.25 -58.06
N THR W 35 -0.80 101.30 -58.70
CA THR W 35 0.23 100.30 -58.39
C THR W 35 1.40 101.02 -57.75
N ALA W 36 1.93 100.46 -56.67
CA ALA W 36 2.99 101.14 -55.93
C ALA W 36 4.23 101.30 -56.79
N VAL W 37 4.84 102.48 -56.74
CA VAL W 37 6.10 102.72 -57.42
C VAL W 37 7.21 102.08 -56.59
N MET W 38 7.79 101.02 -57.13
CA MET W 38 8.80 100.26 -56.40
C MET W 38 10.15 100.95 -56.52
N VAL W 39 10.93 100.91 -55.45
CA VAL W 39 12.31 101.40 -55.51
C VAL W 39 13.19 100.26 -55.98
N GLY W 40 13.77 100.40 -57.17
CA GLY W 40 14.72 99.44 -57.66
C GLY W 40 16.14 99.93 -57.43
N THR W 41 17.09 99.07 -57.79
CA THR W 41 18.49 99.35 -57.54
C THR W 41 19.28 99.00 -58.79
N LYS W 42 19.94 99.98 -59.39
CA LYS W 42 20.65 99.79 -60.64
C LYS W 42 22.10 100.24 -60.51
N THR W 43 23.01 99.45 -61.07
CA THR W 43 24.43 99.75 -61.04
C THR W 43 24.80 100.48 -62.33
N VAL W 44 25.36 101.68 -62.19
CA VAL W 44 25.45 102.66 -63.25
C VAL W 44 26.90 103.09 -63.37
N ALA W 45 27.45 103.01 -64.58
CA ALA W 45 28.85 103.35 -64.81
C ALA W 45 28.94 104.60 -65.67
N GLY W 46 29.76 105.54 -65.23
CA GLY W 46 30.01 106.76 -65.97
C GLY W 46 31.42 107.25 -65.81
N THR W 47 31.63 108.55 -65.97
CA THR W 47 32.93 109.15 -65.84
C THR W 47 33.18 109.59 -64.40
N GLN W 48 34.46 109.80 -64.08
CA GLN W 48 34.83 110.12 -62.72
C GLN W 48 34.43 111.55 -62.34
N SER W 49 34.52 112.48 -63.29
CA SER W 49 34.24 113.92 -63.11
C SER W 49 35.18 114.45 -62.04
N VAL W 50 34.66 115.01 -60.91
CA VAL W 50 35.37 115.71 -59.83
C VAL W 50 36.06 116.98 -60.33
N ARG W 51 35.93 118.07 -59.55
CA ARG W 51 36.52 119.35 -59.94
C ARG W 51 38.03 119.29 -59.98
N GLY W 52 38.64 118.64 -58.99
CA GLY W 52 40.07 118.41 -59.02
C GLY W 52 40.39 117.13 -59.76
N ASN W 53 41.59 116.61 -59.48
CA ASN W 53 42.17 115.32 -59.91
C ASN W 53 41.89 114.88 -61.36
N PRO W 54 42.32 115.67 -62.35
CA PRO W 54 42.04 115.32 -63.76
C PRO W 54 42.83 114.14 -64.30
N ASN W 55 43.79 113.61 -63.54
CA ASN W 55 44.55 112.44 -63.99
C ASN W 55 43.70 111.19 -64.02
N ASP W 56 42.77 111.04 -63.07
CA ASP W 56 41.88 109.88 -63.03
C ASP W 56 40.57 110.13 -63.76
N ALA W 57 40.55 111.05 -64.72
CA ALA W 57 39.36 111.28 -65.51
C ALA W 57 39.09 110.13 -66.47
N ASP W 58 40.15 109.48 -66.97
CA ASP W 58 39.98 108.37 -67.90
C ASP W 58 39.42 107.12 -67.24
N LYS W 59 39.56 107.00 -65.92
CA LYS W 59 39.02 105.85 -65.22
C LYS W 59 37.50 105.94 -65.14
N GLY W 60 36.87 104.77 -65.01
CA GLY W 60 35.43 104.70 -64.93
C GLY W 60 34.91 105.03 -63.54
N ASN W 61 33.59 104.96 -63.40
CA ASN W 61 32.95 105.27 -62.13
C ASN W 61 31.73 104.37 -62.00
N ILE W 62 31.81 103.41 -61.09
CA ILE W 62 30.75 102.44 -60.88
C ILE W 62 29.99 102.81 -59.61
N GLN W 63 28.75 103.26 -59.73
CA GLN W 63 27.97 103.52 -58.54
C GLN W 63 26.61 102.83 -58.61
N THR W 64 26.22 102.24 -57.48
CA THR W 64 24.95 101.55 -57.35
C THR W 64 23.95 102.55 -56.76
N VAL W 65 22.85 102.76 -57.46
CA VAL W 65 21.94 103.87 -57.19
C VAL W 65 20.52 103.32 -57.12
N ASN W 66 19.79 103.68 -56.07
CA ASN W 66 18.36 103.38 -56.04
C ASN W 66 17.64 104.31 -57.00
N PHE W 67 16.83 103.73 -57.87
CA PHE W 67 16.01 104.48 -58.80
C PHE W 67 14.54 104.18 -58.55
N ALA W 68 13.69 105.09 -59.03
CA ALA W 68 12.24 104.91 -58.97
C ALA W 68 11.66 105.47 -60.26
N ASN W 69 11.00 104.60 -61.01
CA ASN W 69 10.47 104.96 -62.33
C ASN W 69 9.01 104.56 -62.41
N LEU W 70 8.27 105.31 -63.22
CA LEU W 70 6.93 104.86 -63.58
C LEU W 70 7.04 103.64 -64.49
N PRO W 71 6.09 102.71 -64.40
CA PRO W 71 6.03 101.62 -65.36
C PRO W 71 5.61 102.13 -66.73
N HIS W 72 5.92 101.33 -67.74
CA HIS W 72 5.65 101.72 -69.13
C HIS W 72 4.22 101.45 -69.57
N ASN W 73 3.32 101.16 -68.63
CA ASN W 73 1.90 101.08 -68.92
C ASN W 73 1.10 102.19 -68.26
N LYS W 74 1.68 102.90 -67.29
CA LYS W 74 1.00 104.00 -66.61
C LYS W 74 1.84 105.27 -66.72
N ASN W 75 1.22 106.34 -67.18
CA ASN W 75 1.91 107.58 -67.51
C ASN W 75 1.78 108.65 -66.44
N THR W 76 1.13 108.36 -65.31
CA THR W 76 0.82 109.35 -64.30
C THR W 76 1.44 108.93 -62.97
N LEU W 77 2.15 109.86 -62.34
CA LEU W 77 2.67 109.65 -61.01
C LEU W 77 1.67 110.22 -60.00
N LEU W 78 1.25 109.39 -59.05
CA LEU W 78 0.37 109.80 -57.97
C LEU W 78 1.15 109.89 -56.67
N VAL W 79 0.94 110.97 -55.93
CA VAL W 79 1.58 111.20 -54.65
C VAL W 79 0.47 111.39 -53.61
N LYS W 80 0.43 110.52 -52.61
CA LYS W 80 -0.54 110.59 -51.52
C LYS W 80 0.16 111.03 -50.26
N TYR W 81 -0.44 112.00 -49.56
CA TYR W 81 -0.05 112.30 -48.19
C TYR W 81 -1.23 112.92 -47.47
N ASN W 82 -1.11 113.02 -46.16
CA ASN W 82 -2.15 113.59 -45.30
C ASN W 82 -1.52 114.73 -44.51
N VAL W 83 -1.92 115.97 -44.81
CA VAL W 83 -1.44 117.11 -44.03
C VAL W 83 -2.36 117.43 -42.87
N LYS W 84 -1.83 117.40 -41.65
CA LYS W 84 -2.63 117.72 -40.49
C LYS W 84 -2.30 119.08 -39.92
N PHE W 85 -3.14 120.07 -40.21
CA PHE W 85 -2.95 121.39 -39.62
C PHE W 85 -3.54 121.34 -38.24
N VAL W 86 -2.71 121.48 -37.21
CA VAL W 86 -3.22 121.52 -35.84
C VAL W 86 -3.26 122.96 -35.37
N GLY W 87 -4.15 123.26 -34.43
CA GLY W 87 -4.29 124.62 -33.94
C GLY W 87 -3.40 124.94 -32.76
N ASP W 88 -3.88 125.74 -31.82
CA ASP W 88 -3.08 126.18 -30.65
C ASP W 88 -1.62 126.42 -31.01
N VAL W 89 -1.36 127.27 -32.01
CA VAL W 89 0.00 127.51 -32.46
C VAL W 89 0.81 128.42 -31.56
N PHE W 90 0.16 128.98 -30.54
CA PHE W 90 0.85 129.91 -29.67
C PHE W 90 1.20 129.33 -28.31
N LYS W 91 0.63 128.17 -27.99
CA LYS W 91 0.94 127.54 -26.71
C LYS W 91 2.24 126.77 -26.87
N ALA W 92 3.33 127.35 -26.36
CA ALA W 92 4.61 126.65 -26.36
C ALA W 92 4.55 125.49 -25.36
N GLU W 93 4.95 124.30 -25.83
CA GLU W 93 4.87 123.12 -24.96
C GLU W 93 5.96 123.11 -23.92
N LEU W 94 7.00 123.93 -24.12
CA LEU W 94 8.14 123.93 -23.22
C LEU W 94 8.49 125.33 -22.74
N GLY W 95 7.66 126.30 -23.06
CA GLY W 95 7.98 127.67 -22.67
C GLY W 95 6.77 128.44 -22.26
N GLY W 96 5.63 127.77 -22.15
CA GLY W 96 4.39 128.44 -21.76
C GLY W 96 4.55 129.32 -20.53
N GLY W 97 4.46 130.62 -20.73
CA GLY W 97 4.66 131.55 -19.63
C GLY W 97 5.32 132.81 -20.09
N GLU W 98 4.88 133.96 -19.56
CA GLU W 98 5.45 135.27 -19.92
C GLU W 98 5.78 135.42 -21.40
N TYR W 99 7.05 135.33 -21.78
CA TYR W 99 7.48 135.43 -23.15
C TYR W 99 6.53 134.79 -24.13
N SER W 100 6.27 133.51 -23.99
CA SER W 100 5.43 132.81 -24.92
C SER W 100 4.06 133.41 -24.99
N ASN W 101 3.50 133.76 -23.84
CA ASN W 101 2.15 134.28 -23.81
C ASN W 101 2.08 135.74 -24.22
N THR W 102 3.18 136.48 -24.10
CA THR W 102 3.18 137.85 -24.57
C THR W 102 3.39 137.84 -26.05
N LEU W 103 4.00 136.79 -26.58
CA LEU W 103 4.12 136.67 -28.02
C LEU W 103 2.74 136.40 -28.54
N GLN W 104 1.97 135.56 -27.88
CA GLN W 104 0.60 135.34 -28.30
C GLN W 104 -0.18 136.65 -28.39
N THR W 105 -0.21 137.45 -27.33
CA THR W 105 -0.96 138.70 -27.35
C THR W 105 -0.39 139.72 -28.32
N ALA W 106 0.88 139.60 -28.71
CA ALA W 106 1.45 140.45 -29.74
C ALA W 106 1.24 139.90 -31.13
N LEU W 107 0.59 138.74 -31.25
CA LEU W 107 0.37 138.10 -32.53
C LEU W 107 -1.09 137.71 -32.75
N GLU W 108 -2.02 138.30 -32.00
CA GLU W 108 -3.42 137.95 -32.13
C GLU W 108 -4.03 138.48 -33.42
N ASN W 109 -3.62 139.67 -33.87
CA ASN W 109 -4.16 140.27 -35.08
C ASN W 109 -3.35 139.91 -36.32
N THR W 110 -2.62 138.79 -36.28
CA THR W 110 -1.90 138.32 -37.44
C THR W 110 -2.87 137.86 -38.52
N ASP W 111 -2.53 138.15 -39.77
CA ASP W 111 -3.33 137.69 -40.89
C ASP W 111 -3.14 136.19 -41.08
N PHE W 112 -3.91 135.38 -40.35
CA PHE W 112 -3.87 133.94 -40.51
C PHE W 112 -4.44 133.49 -41.85
N GLY W 113 -5.29 134.32 -42.46
CA GLY W 113 -5.82 134.00 -43.78
C GLY W 113 -4.75 133.92 -44.84
N THR W 114 -3.78 134.84 -44.80
CA THR W 114 -2.72 134.81 -45.80
C THR W 114 -1.74 133.66 -45.56
N LEU W 115 -1.44 133.36 -44.29
CA LEU W 115 -0.57 132.24 -43.96
C LEU W 115 -1.20 130.92 -44.37
N ALA W 116 -2.49 130.74 -44.04
CA ALA W 116 -3.22 129.55 -44.43
C ALA W 116 -3.39 129.47 -45.94
N TYR W 117 -3.56 130.62 -46.60
CA TYR W 117 -3.68 130.65 -48.05
C TYR W 117 -2.39 130.20 -48.71
N ARG W 118 -1.25 130.66 -48.20
CA ARG W 118 0.02 130.27 -48.79
C ARG W 118 0.35 128.81 -48.49
N TYR W 119 -0.02 128.32 -47.30
CA TYR W 119 0.16 126.90 -46.97
C TYR W 119 -0.67 126.01 -47.89
N VAL W 120 -1.97 126.29 -48.00
CA VAL W 120 -2.87 125.48 -48.81
C VAL W 120 -2.54 125.65 -50.29
N TYR W 121 -2.00 126.80 -50.70
CA TYR W 121 -1.56 126.98 -52.07
C TYR W 121 -0.31 126.15 -52.36
N ASN W 122 0.61 126.08 -51.40
CA ASN W 122 1.80 125.25 -51.58
C ASN W 122 1.45 123.77 -51.65
N ILE W 123 0.42 123.36 -50.92
CA ILE W 123 -0.12 122.02 -51.09
C ILE W 123 -0.81 121.89 -52.45
N ALA W 124 -1.52 122.93 -52.87
CA ALA W 124 -2.42 122.84 -54.02
C ALA W 124 -1.68 123.02 -55.34
N ALA W 125 -0.68 123.90 -55.37
CA ALA W 125 0.11 124.08 -56.59
C ALA W 125 1.08 122.94 -56.83
N GLY W 126 1.27 122.04 -55.87
CA GLY W 126 2.16 120.92 -56.06
C GLY W 126 3.60 121.20 -55.73
N ARG W 127 3.87 122.11 -54.79
CA ARG W 127 5.25 122.37 -54.40
C ARG W 127 5.83 121.23 -53.57
N THR W 128 4.97 120.42 -52.94
CA THR W 128 5.43 119.24 -52.21
C THR W 128 6.05 118.21 -53.13
N LEU W 129 5.59 118.14 -54.36
CA LEU W 129 6.37 117.58 -55.46
C LEU W 129 7.56 118.49 -55.69
N TRP W 130 8.77 117.98 -55.56
CA TRP W 130 9.94 118.86 -55.56
C TRP W 130 10.65 118.87 -56.91
N ARG W 131 11.18 117.75 -57.35
CA ARG W 131 11.76 117.62 -58.67
C ARG W 131 10.88 116.78 -59.59
N ASN W 132 9.75 116.30 -59.10
CA ASN W 132 8.85 115.55 -59.97
C ASN W 132 8.12 116.47 -60.93
N ARG W 133 7.96 117.76 -60.59
CA ARG W 133 7.13 118.67 -61.38
C ARG W 133 7.70 118.94 -62.76
N VAL W 134 9.03 118.93 -62.91
CA VAL W 134 9.61 119.17 -64.22
C VAL W 134 9.34 117.96 -65.11
N GLY W 135 8.85 118.22 -66.31
CA GLY W 135 8.43 117.16 -67.19
C GLY W 135 6.99 116.73 -67.04
N ALA W 136 6.26 117.26 -66.05
CA ALA W 136 4.86 116.94 -65.87
C ALA W 136 4.01 117.87 -66.73
N GLU W 137 3.16 117.27 -67.57
CA GLU W 137 2.38 118.08 -68.50
C GLU W 137 1.24 118.78 -67.79
N SER W 138 0.65 118.14 -66.79
CA SER W 138 -0.34 118.78 -65.93
C SER W 138 -0.28 118.17 -64.55
N ILE W 139 -0.38 119.01 -63.53
CA ILE W 139 -0.36 118.57 -62.14
C ILE W 139 -1.73 118.86 -61.55
N GLU W 140 -2.50 117.81 -61.31
CA GLU W 140 -3.85 117.90 -60.79
C GLU W 140 -3.82 117.49 -59.32
N THR W 141 -4.20 118.40 -58.44
CA THR W 141 -4.17 118.17 -57.00
C THR W 141 -5.60 117.99 -56.52
N VAL W 142 -5.88 116.86 -55.88
CA VAL W 142 -7.20 116.63 -55.30
C VAL W 142 -7.03 116.66 -53.79
N ILE W 143 -7.46 117.75 -53.17
CA ILE W 143 -7.38 117.84 -51.72
C ILE W 143 -8.73 117.52 -51.12
N THR W 144 -8.80 116.48 -50.31
CA THR W 144 -10.05 116.18 -49.63
C THR W 144 -9.94 116.66 -48.20
N VAL W 145 -10.61 117.77 -47.89
CA VAL W 145 -10.55 118.35 -46.54
C VAL W 145 -11.44 117.57 -45.58
N ASN W 146 -12.63 118.07 -45.32
CA ASN W 146 -13.57 117.34 -44.47
C ASN W 146 -14.51 116.71 -45.46
N ASP W 147 -14.11 115.59 -46.08
CA ASP W 147 -14.92 114.95 -47.13
C ASP W 147 -15.28 116.01 -48.16
N GLN W 148 -14.28 116.79 -48.58
CA GLN W 148 -14.54 117.88 -49.50
C GLN W 148 -13.56 117.83 -50.65
N THR W 149 -13.96 117.24 -51.77
CA THR W 149 -13.09 117.16 -52.93
C THR W 149 -12.78 118.54 -53.50
N PHE W 150 -11.50 118.88 -53.60
CA PHE W 150 -11.11 120.17 -54.15
C PHE W 150 -10.10 119.96 -55.25
N THR W 151 -10.47 120.26 -56.49
CA THR W 151 -9.57 120.00 -57.61
C THR W 151 -8.82 121.21 -58.11
N PHE W 152 -7.49 121.09 -58.24
CA PHE W 152 -6.68 122.16 -58.77
C PHE W 152 -5.92 121.65 -59.98
N SER W 153 -5.86 122.44 -61.03
CA SER W 153 -5.26 122.00 -62.29
C SER W 153 -4.03 122.79 -62.68
N ASP W 154 -4.09 124.12 -62.70
CA ASP W 154 -2.98 124.93 -63.19
C ASP W 154 -2.79 126.11 -62.23
N LEU W 155 -1.82 125.96 -61.32
CA LEU W 155 -1.45 127.03 -60.41
C LEU W 155 0.07 127.24 -60.52
N LEU W 156 0.47 128.44 -60.92
CA LEU W 156 1.89 128.77 -60.93
C LEU W 156 2.40 128.88 -59.50
N VAL W 157 3.65 128.49 -59.29
CA VAL W 157 4.14 128.16 -57.96
C VAL W 157 4.90 129.31 -57.32
N ASN W 158 5.63 130.09 -58.13
CA ASN W 158 6.46 131.16 -57.59
C ASN W 158 5.64 132.33 -57.05
N GLU W 159 4.40 132.47 -57.48
CA GLU W 159 3.52 133.51 -56.96
C GLU W 159 2.18 132.89 -56.57
N PHE W 160 1.51 133.54 -55.63
CA PHE W 160 0.27 133.04 -55.04
C PHE W 160 -0.88 133.85 -55.65
N ASP W 161 -1.32 133.44 -56.84
CA ASP W 161 -2.43 134.14 -57.48
C ASP W 161 -3.74 133.76 -56.80
N GLU W 162 -4.66 134.71 -56.74
CA GLU W 162 -5.88 134.56 -55.97
C GLU W 162 -6.86 133.66 -56.72
N ASP W 163 -7.28 132.58 -56.06
CA ASP W 163 -8.37 131.75 -56.54
C ASP W 163 -9.33 131.50 -55.39
N VAL W 164 -10.41 130.77 -55.64
CA VAL W 164 -11.50 130.68 -54.68
C VAL W 164 -11.48 129.33 -53.95
N ASP W 165 -10.80 128.33 -54.52
CA ASP W 165 -10.83 127.02 -53.90
C ASP W 165 -9.74 126.87 -52.85
N VAL W 166 -8.54 127.39 -53.15
CA VAL W 166 -7.46 127.45 -52.15
C VAL W 166 -7.89 128.34 -50.99
N ALA W 167 -8.52 129.48 -51.30
CA ALA W 167 -9.05 130.35 -50.25
C ALA W 167 -10.19 129.69 -49.49
N GLU W 168 -11.00 128.85 -50.16
CA GLU W 168 -12.08 128.16 -49.49
C GLU W 168 -11.57 127.15 -48.48
N ILE W 169 -10.52 126.38 -48.84
CA ILE W 169 -9.88 125.51 -47.86
C ILE W 169 -9.19 126.31 -46.77
N ALA W 170 -8.51 127.39 -47.16
CA ALA W 170 -7.73 128.19 -46.25
C ALA W 170 -8.58 128.96 -45.25
N ASP W 171 -9.87 129.15 -45.52
CA ASP W 171 -10.77 129.73 -44.53
C ASP W 171 -10.83 128.88 -43.26
N MET W 172 -11.13 127.58 -43.40
CA MET W 172 -11.14 126.76 -42.20
C MET W 172 -9.74 126.34 -41.75
N VAL W 173 -8.75 126.37 -42.64
CA VAL W 173 -7.38 126.15 -42.17
C VAL W 173 -6.92 127.31 -41.28
N ALA W 174 -7.27 128.54 -41.66
CA ALA W 174 -6.99 129.70 -40.80
C ALA W 174 -7.85 129.70 -39.55
N GLY W 175 -9.07 129.17 -39.65
CA GLY W 175 -9.88 129.01 -38.44
C GLY W 175 -9.29 128.01 -37.47
N VAL W 176 -8.64 126.96 -37.99
CA VAL W 176 -7.93 126.02 -37.12
C VAL W 176 -6.68 126.68 -36.54
N LEU W 177 -5.90 127.35 -37.39
CA LEU W 177 -4.60 127.86 -36.98
C LEU W 177 -4.72 129.03 -36.00
N SER W 178 -5.66 129.94 -36.25
CA SER W 178 -5.90 131.04 -35.32
C SER W 178 -6.63 130.60 -34.07
N GLY W 179 -7.30 129.46 -34.11
CA GLY W 179 -8.02 128.96 -32.97
C GLY W 179 -7.50 127.64 -32.46
N GLU W 180 -8.40 126.71 -32.20
CA GLU W 180 -8.08 125.41 -31.61
C GLU W 180 -8.41 124.32 -32.63
N GLY W 181 -8.34 123.07 -32.18
CA GLY W 181 -8.74 121.96 -33.01
C GLY W 181 -7.68 121.60 -34.04
N PHE W 182 -8.14 120.96 -35.11
CA PHE W 182 -7.27 120.47 -36.16
C PHE W 182 -8.09 120.30 -37.44
N VAL W 183 -7.38 120.17 -38.55
CA VAL W 183 -8.00 119.83 -39.82
C VAL W 183 -7.03 118.94 -40.60
N THR W 184 -7.59 117.99 -41.34
CA THR W 184 -6.80 117.01 -42.09
C THR W 184 -7.06 117.21 -43.57
N LEU W 185 -5.98 117.30 -44.35
CA LEU W 185 -6.09 117.46 -45.80
C LEU W 185 -5.59 116.16 -46.41
N LYS W 186 -6.49 115.41 -47.05
CA LYS W 186 -6.10 114.19 -47.74
C LYS W 186 -5.71 114.57 -49.16
N VAL W 187 -4.40 114.61 -49.45
CA VAL W 187 -3.89 115.21 -50.67
C VAL W 187 -3.40 114.11 -51.61
N GLU W 188 -3.88 114.16 -52.85
CA GLU W 188 -3.46 113.30 -53.94
C GLU W 188 -2.96 114.18 -55.07
N HIS W 189 -1.81 113.83 -55.63
CA HIS W 189 -1.23 114.56 -56.75
C HIS W 189 -1.14 113.62 -57.95
N TYR W 190 -1.87 113.95 -59.00
CA TYR W 190 -1.86 113.24 -60.26
C TYR W 190 -1.03 114.06 -61.24
N MET W 191 0.11 113.53 -61.68
CA MET W 191 0.99 114.27 -62.56
C MET W 191 1.24 113.47 -63.82
N LEU W 192 0.85 114.01 -64.96
CA LEU W 192 1.08 113.37 -66.26
C LEU W 192 2.55 113.53 -66.62
N LEU W 193 3.37 112.66 -66.04
CA LEU W 193 4.81 112.67 -66.28
C LEU W 193 5.20 111.98 -67.57
N GLY W 194 4.30 111.23 -68.18
CA GLY W 194 4.63 110.47 -69.37
C GLY W 194 4.91 109.02 -69.07
N GLU W 195 4.99 108.25 -70.15
CA GLU W 195 5.14 106.80 -70.06
C GLU W 195 6.56 106.46 -69.62
N GLY W 196 6.68 105.78 -68.49
CA GLY W 196 7.98 105.33 -68.03
C GLY W 196 8.88 106.43 -67.52
N SER W 197 8.31 107.55 -67.08
CA SER W 197 9.12 108.66 -66.58
C SER W 197 9.68 108.32 -65.21
N GLU W 198 10.88 108.82 -64.96
CA GLU W 198 11.57 108.54 -63.71
C GLU W 198 11.12 109.54 -62.66
N VAL W 199 10.66 109.03 -61.52
CA VAL W 199 10.16 109.86 -60.45
C VAL W 199 11.25 110.04 -59.41
N PHE W 200 11.09 111.04 -58.57
CA PHE W 200 12.17 111.49 -57.68
C PHE W 200 11.66 111.50 -56.24
N PRO W 201 11.84 110.43 -55.50
CA PRO W 201 11.46 110.42 -54.08
C PRO W 201 12.54 111.08 -53.24
N SER W 202 12.25 111.15 -51.95
CA SER W 202 13.25 111.56 -50.98
C SER W 202 14.36 110.53 -50.93
N GLN W 203 15.58 110.99 -50.66
CA GLN W 203 16.72 110.11 -50.56
C GLN W 203 17.18 110.12 -49.11
N GLU W 204 17.44 108.94 -48.57
CA GLU W 204 17.95 108.84 -47.20
C GLU W 204 19.35 109.43 -47.09
N PHE W 205 19.65 109.92 -45.89
CA PHE W 205 21.01 110.26 -45.50
C PHE W 205 21.64 109.00 -44.94
N VAL W 206 22.69 108.52 -45.58
CA VAL W 206 23.40 107.32 -45.15
C VAL W 206 24.89 107.62 -45.11
N GLU W 207 25.55 107.19 -44.02
CA GLU W 207 26.99 107.37 -43.86
C GLU W 207 27.79 106.11 -44.11
N ASN W 208 27.14 104.93 -44.08
CA ASN W 208 27.84 103.68 -44.31
C ASN W 208 28.12 103.44 -45.79
N SER W 209 27.56 104.27 -46.66
CA SER W 209 27.78 104.30 -48.12
C SER W 209 27.25 103.00 -48.70
N LYS W 210 28.02 102.29 -49.55
CA LYS W 210 27.75 101.01 -50.24
C LYS W 210 26.74 101.20 -51.38
N LEU W 211 26.14 102.39 -51.46
CA LEU W 211 25.10 102.69 -52.43
C LEU W 211 25.00 104.20 -52.53
N SER W 212 25.19 104.74 -53.73
CA SER W 212 25.39 106.18 -53.90
C SER W 212 24.12 106.97 -53.61
N LYS W 213 23.00 106.55 -54.18
CA LYS W 213 21.70 107.16 -53.94
C LYS W 213 20.80 106.11 -53.33
N GLN W 214 20.25 106.38 -52.15
CA GLN W 214 19.38 105.43 -51.46
C GLN W 214 18.06 106.15 -51.21
N LEU W 215 17.04 105.78 -51.97
CA LEU W 215 15.77 106.49 -51.93
C LEU W 215 14.97 106.08 -50.70
N PHE W 216 14.11 107.01 -50.24
CA PHE W 216 13.24 106.70 -49.12
C PHE W 216 12.15 105.74 -49.57
N ASP W 217 11.97 104.66 -48.81
CA ASP W 217 10.98 103.66 -49.13
C ASP W 217 10.16 103.29 -47.91
N LEU W 218 8.89 102.97 -48.15
CA LEU W 218 8.01 102.42 -47.12
C LEU W 218 7.51 101.08 -47.62
N ASN W 219 8.07 100.01 -47.04
CA ASN W 219 7.88 98.62 -47.48
C ASN W 219 8.23 98.46 -48.96
N GLY W 220 9.29 99.15 -49.39
CA GLY W 220 9.75 99.10 -50.76
C GLY W 220 9.15 100.15 -51.67
N GLN W 221 7.95 100.62 -51.37
CA GLN W 221 7.30 101.62 -52.21
C GLN W 221 7.98 102.97 -52.06
N ALA W 222 8.23 103.62 -53.20
CA ALA W 222 8.85 104.93 -53.21
C ALA W 222 7.98 105.97 -52.51
N ALA W 223 8.61 106.74 -51.61
CA ALA W 223 7.88 107.65 -50.76
C ALA W 223 8.72 108.90 -50.52
N MET W 224 8.05 109.95 -50.03
CA MET W 224 8.76 111.19 -49.71
C MET W 224 8.75 111.46 -48.22
N HIS W 225 9.85 111.98 -47.68
CA HIS W 225 9.95 112.30 -46.27
C HIS W 225 8.94 113.35 -45.88
N ASP W 226 8.34 113.22 -44.70
CA ASP W 226 7.42 114.24 -44.22
C ASP W 226 8.09 115.61 -44.14
N GLN W 227 9.37 115.63 -43.79
CA GLN W 227 10.10 116.89 -43.68
C GLN W 227 10.20 117.64 -45.00
N LYS W 228 10.36 116.93 -46.12
CA LYS W 228 10.40 117.57 -47.42
C LYS W 228 9.06 118.23 -47.73
N ILE W 229 7.97 117.51 -47.49
CA ILE W 229 6.64 118.06 -47.70
C ILE W 229 6.40 119.24 -46.77
N GLY W 230 6.82 119.12 -45.51
CA GLY W 230 6.69 120.23 -44.57
C GLY W 230 7.52 121.44 -44.92
N ASN W 231 8.69 121.22 -45.53
CA ASN W 231 9.48 122.32 -46.06
C ASN W 231 8.76 123.00 -47.20
N ALA W 232 8.14 122.21 -48.08
CA ALA W 232 7.49 122.80 -49.25
C ALA W 232 6.19 123.50 -48.89
N ILE W 233 5.49 123.04 -47.84
CA ILE W 233 4.27 123.70 -47.42
C ILE W 233 4.57 125.08 -46.85
N ARG W 234 5.60 125.19 -46.02
CA ARG W 234 5.96 126.45 -45.41
C ARG W 234 6.86 127.31 -46.29
N THR W 235 7.06 126.95 -47.56
CA THR W 235 7.77 127.80 -48.51
C THR W 235 6.85 128.96 -48.90
N ILE W 236 6.72 129.90 -47.97
CA ILE W 236 5.73 130.98 -48.05
C ILE W 236 6.43 132.30 -47.82
N ASP W 237 7.70 132.25 -47.42
CA ASP W 237 8.41 133.43 -46.96
C ASP W 237 8.82 134.27 -48.16
N THR W 238 7.98 135.24 -48.52
CA THR W 238 8.30 136.27 -49.49
C THR W 238 8.59 137.61 -48.81
N TRP W 239 8.99 137.58 -47.54
CA TRP W 239 9.10 138.79 -46.74
C TRP W 239 10.50 139.05 -46.21
N TYR W 240 11.51 138.41 -46.78
CA TYR W 240 12.89 138.70 -46.42
C TYR W 240 13.39 139.91 -47.21
N GLU W 241 14.63 140.31 -46.93
CA GLU W 241 15.25 141.41 -47.65
C GLU W 241 15.62 140.97 -49.05
N ASP W 242 15.24 141.79 -50.04
CA ASP W 242 15.38 141.51 -51.48
C ASP W 242 14.72 140.18 -51.84
N ALA W 243 13.44 140.08 -51.51
CA ALA W 243 12.70 138.84 -51.70
C ALA W 243 12.30 138.70 -53.16
N THR W 244 12.81 137.67 -53.82
CA THR W 244 12.47 137.37 -55.20
C THR W 244 11.61 136.12 -55.33
N THR W 245 12.06 135.00 -54.76
CA THR W 245 11.32 133.76 -54.72
C THR W 245 10.91 133.43 -53.30
N PRO W 246 9.79 132.74 -53.09
CA PRO W 246 9.44 132.27 -51.75
C PRO W 246 10.42 131.21 -51.28
N ILE W 247 10.83 131.33 -50.02
CA ILE W 247 11.70 130.36 -49.37
C ILE W 247 10.93 129.76 -48.22
N ALA W 248 11.48 128.66 -47.69
CA ALA W 248 10.87 128.01 -46.54
C ALA W 248 10.99 128.90 -45.31
N VAL W 249 10.14 128.65 -44.32
CA VAL W 249 10.20 129.43 -43.09
C VAL W 249 11.15 128.73 -42.14
N GLU W 250 12.33 129.30 -41.96
CA GLU W 250 13.25 128.97 -40.87
C GLU W 250 13.28 130.16 -39.92
N PRO W 251 13.78 129.95 -38.69
CA PRO W 251 14.10 131.10 -37.83
C PRO W 251 15.12 132.08 -38.41
N TYR W 252 16.03 131.62 -39.26
CA TYR W 252 17.04 132.48 -39.85
C TYR W 252 16.79 132.78 -41.32
N GLY W 253 15.68 132.31 -41.88
CA GLY W 253 15.42 132.45 -43.31
C GLY W 253 16.45 131.76 -44.16
N SER W 254 16.98 130.64 -43.69
CA SER W 254 18.18 130.04 -44.25
C SER W 254 17.81 128.82 -45.08
N VAL W 255 18.22 128.82 -46.34
CA VAL W 255 18.21 127.63 -47.16
C VAL W 255 19.66 127.19 -47.32
N VAL W 256 19.88 125.87 -47.35
CA VAL W 256 21.24 125.35 -47.24
C VAL W 256 21.84 124.93 -48.58
N ARG W 257 21.04 124.83 -49.64
CA ARG W 257 21.60 124.60 -50.96
C ARG W 257 22.39 125.81 -51.44
N ASN W 258 21.81 127.00 -51.35
CA ASN W 258 22.56 128.17 -51.77
C ASN W 258 23.63 128.58 -50.77
N GLY W 259 23.65 128.00 -49.58
CA GLY W 259 24.71 128.29 -48.62
C GLY W 259 24.61 129.66 -48.01
N VAL W 260 23.41 130.23 -47.98
CA VAL W 260 23.15 131.58 -47.51
C VAL W 260 22.12 131.55 -46.39
N ALA W 261 21.94 132.71 -45.76
CA ALA W 261 20.85 132.94 -44.82
C ALA W 261 20.22 134.28 -45.16
N TYR W 262 19.02 134.23 -45.73
CA TYR W 262 18.29 135.41 -46.19
C TYR W 262 17.77 136.31 -45.07
N ARG W 263 17.80 135.89 -43.81
CA ARG W 263 17.30 136.73 -42.74
C ARG W 263 18.27 136.90 -41.58
N ALA W 264 19.46 136.31 -41.65
CA ALA W 264 20.46 136.46 -40.61
C ALA W 264 21.43 137.58 -40.95
N GLY W 265 21.90 138.28 -39.91
CA GLY W 265 22.84 139.35 -40.07
C GLY W 265 22.26 140.70 -40.41
N ASN W 266 20.94 140.80 -40.56
CA ASN W 266 20.31 142.08 -40.88
C ASN W 266 19.01 142.33 -40.11
N LYS W 267 18.89 141.78 -38.90
CA LYS W 267 17.89 142.14 -37.90
C LYS W 267 16.45 141.86 -38.35
N THR W 268 16.25 140.83 -39.16
CA THR W 268 14.91 140.28 -39.37
C THR W 268 14.90 138.76 -39.27
N ASP W 269 15.87 138.17 -38.61
CA ASP W 269 15.73 136.79 -38.15
C ASP W 269 14.71 136.73 -37.03
N LEU W 270 14.18 135.52 -36.80
CA LEU W 270 12.97 135.35 -36.00
C LEU W 270 13.18 135.75 -34.54
N PHE W 271 14.36 135.46 -33.99
CA PHE W 271 14.61 135.72 -32.57
C PHE W 271 14.59 137.21 -32.26
N THR W 272 15.16 138.03 -33.16
CA THR W 272 15.09 139.48 -33.01
C THR W 272 13.65 139.98 -33.12
N LEU W 273 12.86 139.39 -34.01
CA LEU W 273 11.50 139.87 -34.20
C LEU W 273 10.60 139.47 -33.04
N MET W 274 10.77 138.27 -32.50
CA MET W 274 9.96 137.88 -31.34
C MET W 274 10.44 138.59 -30.08
N ASP W 275 11.72 138.94 -30.00
CA ASP W 275 12.20 139.77 -28.90
C ASP W 275 11.62 141.17 -28.99
N GLY W 276 11.50 141.72 -30.21
CA GLY W 276 10.84 143.01 -30.37
C GLY W 276 9.36 142.96 -30.06
N ALA W 277 8.67 141.94 -30.56
CA ALA W 277 7.23 141.82 -30.36
C ALA W 277 6.87 141.56 -28.91
N VAL W 278 7.71 140.82 -28.19
CA VAL W 278 7.48 140.61 -26.76
C VAL W 278 7.75 141.90 -25.98
N ASN W 279 8.82 142.62 -26.33
CA ASN W 279 9.21 143.83 -25.63
C ASN W 279 8.50 145.08 -26.14
N GLY W 280 7.32 144.92 -26.74
CA GLY W 280 6.49 146.05 -27.08
C GLY W 280 6.96 146.87 -28.25
N LYS W 281 7.67 146.27 -29.20
CA LYS W 281 8.01 146.91 -30.45
C LYS W 281 7.05 146.39 -31.50
N SER W 282 6.30 147.30 -32.12
CA SER W 282 5.24 146.90 -33.03
C SER W 282 5.83 146.41 -34.34
N LEU W 283 5.58 145.14 -34.66
CA LEU W 283 6.00 144.58 -35.93
C LEU W 283 5.04 144.99 -37.03
N THR W 284 5.51 144.90 -38.27
CA THR W 284 4.64 145.07 -39.41
C THR W 284 3.88 143.77 -39.68
N GLU W 285 2.98 143.81 -40.67
CA GLU W 285 2.04 142.71 -40.87
C GLU W 285 2.72 141.43 -41.32
N GLU W 286 3.56 141.52 -42.37
CA GLU W 286 4.30 140.36 -42.84
C GLU W 286 5.37 139.92 -41.85
N ASP W 287 5.83 140.82 -40.98
CA ASP W 287 6.69 140.43 -39.87
C ASP W 287 5.98 139.50 -38.88
N GLN W 288 4.76 139.87 -38.49
CA GLN W 288 3.96 139.01 -37.62
C GLN W 288 3.60 137.71 -38.31
N MET W 289 3.36 137.75 -39.63
CA MET W 289 3.08 136.53 -40.37
C MET W 289 4.30 135.62 -40.42
N PHE W 290 5.51 136.19 -40.51
CA PHE W 290 6.73 135.38 -40.47
C PHE W 290 6.93 134.73 -39.11
N VAL W 291 6.71 135.49 -38.03
CA VAL W 291 6.88 134.93 -36.68
C VAL W 291 5.84 133.85 -36.40
N THR W 292 4.59 134.10 -36.81
CA THR W 292 3.54 133.09 -36.64
C THR W 292 3.76 131.88 -37.52
N ALA W 293 4.34 132.05 -38.72
CA ALA W 293 4.68 130.92 -39.56
C ALA W 293 5.81 130.10 -38.94
N ASN W 294 6.72 130.76 -38.23
CA ASN W 294 7.73 130.03 -37.47
C ASN W 294 7.10 129.22 -36.35
N LEU W 295 6.13 129.81 -35.65
CA LEU W 295 5.45 129.10 -34.56
C LEU W 295 4.60 127.94 -35.08
N ILE W 296 4.04 128.10 -36.28
CA ILE W 296 3.32 127.00 -36.91
C ILE W 296 4.28 125.92 -37.36
N ARG W 297 5.43 126.32 -37.91
CA ARG W 297 6.49 125.37 -38.23
C ARG W 297 7.04 124.71 -36.96
N GLY W 298 7.18 125.49 -35.91
CA GLY W 298 7.72 124.98 -34.67
C GLY W 298 9.20 125.30 -34.55
N GLY W 299 9.84 124.57 -33.65
CA GLY W 299 11.24 124.77 -33.34
C GLY W 299 11.42 125.19 -31.90
N VAL W 300 12.69 125.46 -31.57
CA VAL W 300 13.07 125.86 -30.24
C VAL W 300 13.86 127.17 -30.34
N PHE W 301 13.44 128.15 -29.54
CA PHE W 301 13.97 129.52 -29.62
C PHE W 301 14.36 129.93 -28.20
N GLY W 302 15.58 129.58 -27.79
CA GLY W 302 16.05 129.92 -26.47
C GLY W 302 17.53 129.68 -26.27
N GLY W 303 18.13 130.39 -25.32
CA GLY W 303 19.54 130.22 -25.01
C GLY W 303 20.42 131.23 -25.72
N THR X 2 2.63 120.79 21.00
CA THR X 2 2.66 121.98 20.17
C THR X 2 3.83 121.95 19.19
N LYS X 3 3.55 122.37 17.95
CA LYS X 3 4.53 122.47 16.86
C LYS X 3 5.20 121.12 16.59
N LEU X 4 4.39 120.17 16.15
CA LEU X 4 4.87 118.83 15.80
C LEU X 4 5.62 118.94 14.48
N LYS X 5 6.94 118.79 14.54
CA LYS X 5 7.76 118.98 13.35
C LYS X 5 7.73 117.75 12.45
N ALA X 6 8.00 117.97 11.17
CA ALA X 6 8.02 116.91 10.20
C ALA X 6 9.28 116.07 10.34
N PRO X 7 9.25 114.79 9.95
CA PRO X 7 10.47 114.01 9.91
C PRO X 7 11.41 114.51 8.83
N ALA X 8 12.70 114.24 9.01
CA ALA X 8 13.70 114.73 8.07
C ALA X 8 13.61 114.03 6.72
N VAL X 9 13.21 112.77 6.72
CA VAL X 9 13.28 111.95 5.51
C VAL X 9 11.94 111.23 5.30
N LEU X 10 10.85 111.88 5.70
CA LEU X 10 9.49 111.33 5.57
C LEU X 10 9.15 111.00 4.12
N ALA X 11 8.66 109.78 3.90
CA ALA X 11 8.48 109.27 2.55
C ALA X 11 7.15 108.57 2.43
N TYR X 12 6.58 108.61 1.22
CA TYR X 12 5.35 107.92 0.90
C TYR X 12 5.52 107.17 -0.41
N SER X 13 4.84 106.04 -0.53
CA SER X 13 4.95 105.21 -1.72
C SER X 13 3.96 105.69 -2.78
N ARG X 14 4.27 105.35 -4.03
CA ARG X 14 3.39 105.70 -5.14
C ARG X 14 2.16 104.79 -5.14
N LYS X 15 0.97 105.39 -5.16
CA LYS X 15 -0.26 104.62 -5.10
C LYS X 15 -0.97 104.49 -6.44
N ILE X 16 -0.72 105.39 -7.39
CA ILE X 16 -1.16 105.22 -8.77
C ILE X 16 0.04 104.68 -9.54
N ASN X 17 0.06 103.38 -9.80
CA ASN X 17 1.17 102.74 -10.50
C ASN X 17 0.70 102.38 -11.90
N PRO X 18 1.07 103.14 -12.92
CA PRO X 18 0.73 102.75 -14.28
C PRO X 18 1.85 101.96 -14.94
N THR X 19 1.48 101.23 -15.98
CA THR X 19 2.43 100.46 -16.73
C THR X 19 2.85 101.23 -17.98
N ASN X 20 3.81 100.70 -18.72
CA ASN X 20 4.28 101.35 -19.94
C ASN X 20 3.24 101.23 -21.04
N ALA X 21 3.02 102.33 -21.74
CA ALA X 21 1.96 102.42 -22.75
C ALA X 21 2.50 101.92 -24.07
N LEU X 22 2.34 100.62 -24.33
CA LEU X 22 2.74 100.04 -25.60
C LEU X 22 1.85 100.58 -26.72
N MET X 23 2.47 101.06 -27.79
CA MET X 23 1.74 101.63 -28.90
C MET X 23 1.58 100.58 -30.00
N PHE X 24 0.34 100.30 -30.37
CA PHE X 24 0.00 99.40 -31.45
C PHE X 24 -0.70 100.16 -32.56
N ALA X 25 -0.77 99.54 -33.73
CA ALA X 25 -1.46 100.13 -34.88
C ALA X 25 -2.66 99.26 -35.22
N VAL X 26 -3.85 99.86 -35.23
CA VAL X 26 -5.08 99.19 -35.54
C VAL X 26 -5.86 100.04 -36.54
N ASN X 27 -6.93 99.47 -37.05
CA ASN X 27 -7.91 100.20 -37.84
C ASN X 27 -9.12 100.52 -36.98
N TRP X 28 -9.84 101.57 -37.35
CA TRP X 28 -11.05 101.92 -36.63
C TRP X 28 -12.04 100.81 -36.87
N SER X 29 -11.88 100.11 -37.98
CA SER X 29 -12.74 98.99 -38.28
C SER X 29 -12.28 97.79 -37.47
N ASP X 30 -11.08 97.32 -37.77
CA ASP X 30 -10.54 96.18 -37.02
C ASP X 30 -9.60 96.66 -35.93
N ARG X 31 -10.17 96.90 -34.75
CA ARG X 31 -9.36 97.34 -33.61
C ARG X 31 -8.80 96.15 -32.86
N ASP X 32 -8.74 95.00 -33.53
CA ASP X 32 -8.22 93.79 -32.92
C ASP X 32 -7.00 93.39 -33.71
N ASN X 33 -6.63 94.20 -34.70
CA ASN X 33 -5.47 93.90 -35.53
C ASN X 33 -4.24 94.58 -34.96
N THR X 34 -3.98 94.37 -33.68
CA THR X 34 -2.85 95.04 -33.02
C THR X 34 -1.51 94.77 -33.70
N THR X 35 -0.83 95.84 -34.11
CA THR X 35 0.47 95.69 -34.76
C THR X 35 1.47 96.64 -34.14
N ALA X 36 2.48 96.08 -33.48
CA ALA X 36 3.51 96.90 -32.83
C ALA X 36 4.02 98.05 -33.68
N VAL X 37 3.73 99.29 -33.28
CA VAL X 37 4.27 100.43 -33.99
C VAL X 37 5.77 100.37 -33.73
N MET X 38 6.57 100.20 -34.77
CA MET X 38 7.99 100.04 -34.56
C MET X 38 8.73 101.36 -34.50
N VAL X 39 9.66 101.49 -33.56
CA VAL X 39 10.48 102.70 -33.52
C VAL X 39 11.48 102.61 -34.66
N GLY X 40 11.31 103.45 -35.67
CA GLY X 40 12.28 103.54 -36.74
C GLY X 40 13.32 104.58 -36.47
N THR X 41 14.37 104.57 -37.29
CA THR X 41 15.47 105.50 -37.17
C THR X 41 15.68 106.16 -38.53
N LYS X 42 15.48 107.47 -38.61
CA LYS X 42 15.71 108.20 -39.84
C LYS X 42 16.84 109.20 -39.62
N THR X 43 17.32 109.77 -40.70
CA THR X 43 18.32 110.82 -40.64
C THR X 43 17.77 112.05 -41.34
N VAL X 44 18.04 113.21 -40.76
CA VAL X 44 17.30 114.43 -41.02
C VAL X 44 18.30 115.49 -41.47
N ALA X 45 18.03 116.11 -42.61
CA ALA X 45 18.76 117.29 -43.04
C ALA X 45 17.89 118.51 -42.81
N GLY X 46 18.45 119.50 -42.11
CA GLY X 46 17.73 120.74 -41.87
C GLY X 46 18.72 121.87 -41.74
N THR X 47 18.26 123.01 -41.25
CA THR X 47 19.13 124.16 -41.03
C THR X 47 19.29 124.39 -39.53
N GLN X 48 20.52 124.58 -39.09
CA GLN X 48 20.77 124.85 -37.68
C GLN X 48 20.35 126.27 -37.36
N SER X 49 19.37 126.42 -36.47
CA SER X 49 18.80 127.72 -36.13
C SER X 49 18.74 127.82 -34.61
N VAL X 50 19.86 128.19 -33.99
CA VAL X 50 19.90 128.29 -32.54
C VAL X 50 19.91 129.76 -32.24
N ARG X 51 19.41 130.17 -31.08
CA ARG X 51 19.33 131.59 -30.74
C ARG X 51 20.58 132.39 -31.13
N GLY X 52 21.75 131.88 -30.76
CA GLY X 52 22.98 132.55 -31.11
C GLY X 52 23.76 131.89 -32.24
N ASN X 53 23.13 131.67 -33.38
CA ASN X 53 23.85 131.11 -34.53
C ASN X 53 23.58 131.75 -35.89
N PRO X 54 23.72 133.09 -36.02
CA PRO X 54 23.48 133.62 -37.37
C PRO X 54 24.66 133.35 -38.28
N ASN X 55 25.84 133.21 -37.70
CA ASN X 55 27.05 132.93 -38.48
C ASN X 55 27.02 131.55 -39.07
N ASP X 56 26.34 130.62 -38.40
CA ASP X 56 26.30 129.25 -38.89
C ASP X 56 24.92 128.87 -39.38
N ALA X 57 24.06 129.85 -39.59
CA ALA X 57 22.74 129.57 -40.12
C ALA X 57 22.84 129.04 -41.53
N ASP X 58 23.72 129.62 -42.31
CA ASP X 58 23.92 129.22 -43.70
C ASP X 58 24.16 127.74 -43.91
N LYS X 59 24.97 127.11 -43.05
CA LYS X 59 25.32 125.72 -43.24
C LYS X 59 24.19 124.80 -42.74
N GLY X 60 24.27 123.54 -43.13
CA GLY X 60 23.24 122.58 -42.83
C GLY X 60 23.36 122.01 -41.43
N ASN X 61 22.52 121.02 -41.16
CA ASN X 61 22.47 120.39 -39.84
C ASN X 61 21.88 118.99 -40.02
N ILE X 62 22.66 117.97 -39.71
CA ILE X 62 22.28 116.58 -39.97
C ILE X 62 22.10 115.88 -38.64
N GLN X 63 20.89 115.38 -38.38
CA GLN X 63 20.59 114.73 -37.11
C GLN X 63 19.92 113.38 -37.35
N THR X 64 20.43 112.35 -36.70
CA THR X 64 19.76 111.05 -36.70
C THR X 64 18.72 111.02 -35.59
N VAL X 65 17.49 110.71 -35.93
CA VAL X 65 16.35 110.86 -35.03
C VAL X 65 15.51 109.59 -35.09
N ASN X 66 15.18 109.05 -33.91
CA ASN X 66 14.21 107.98 -33.83
C ASN X 66 12.81 108.54 -34.06
N PHE X 67 12.09 107.97 -35.01
CA PHE X 67 10.72 108.36 -35.29
C PHE X 67 9.80 107.18 -35.03
N ALA X 68 8.50 107.47 -34.95
CA ALA X 68 7.49 106.44 -34.82
C ALA X 68 6.24 106.90 -35.54
N ASN X 69 5.91 106.23 -36.64
CA ASN X 69 4.76 106.56 -37.45
C ASN X 69 3.84 105.35 -37.54
N LEU X 70 2.56 105.62 -37.78
CA LEU X 70 1.64 104.54 -38.11
C LEU X 70 1.98 103.98 -39.48
N PRO X 71 1.80 102.67 -39.68
CA PRO X 71 1.87 102.13 -41.04
C PRO X 71 0.70 102.64 -41.88
N HIS X 72 0.90 102.65 -43.19
CA HIS X 72 -0.05 103.28 -44.09
C HIS X 72 -1.26 102.41 -44.42
N ASN X 73 -1.47 101.29 -43.72
CA ASN X 73 -2.69 100.52 -43.85
C ASN X 73 -3.54 100.57 -42.59
N LYS X 74 -3.03 101.15 -41.50
CA LYS X 74 -3.80 101.30 -40.27
C LYS X 74 -3.84 102.77 -39.89
N ASN X 75 -5.03 103.28 -39.59
CA ASN X 75 -5.27 104.69 -39.34
C ASN X 75 -5.52 105.00 -37.87
N THR X 76 -5.33 104.05 -36.98
CA THR X 76 -5.67 104.20 -35.57
C THR X 76 -4.48 103.81 -34.72
N LEU X 77 -4.13 104.65 -33.76
CA LEU X 77 -3.13 104.34 -32.75
C LEU X 77 -3.80 103.77 -31.52
N LEU X 78 -3.39 102.57 -31.13
CA LEU X 78 -3.85 101.96 -29.90
C LEU X 78 -2.77 102.14 -28.84
N VAL X 79 -3.19 102.46 -27.63
CA VAL X 79 -2.30 102.64 -26.50
C VAL X 79 -2.72 101.65 -25.41
N LYS X 80 -1.78 100.81 -24.98
CA LYS X 80 -1.94 99.80 -23.94
C LYS X 80 -1.23 100.26 -22.68
N TYR X 81 -1.97 100.32 -21.57
CA TYR X 81 -1.37 100.33 -20.24
C TYR X 81 -2.42 99.87 -19.25
N ASN X 82 -1.96 99.52 -18.06
CA ASN X 82 -2.83 99.29 -16.92
C ASN X 82 -2.50 100.32 -15.86
N VAL X 83 -3.48 100.66 -15.04
CA VAL X 83 -3.28 101.58 -13.93
C VAL X 83 -3.72 100.87 -12.67
N LYS X 84 -2.81 100.69 -11.72
CA LYS X 84 -3.10 100.04 -10.46
C LYS X 84 -3.18 101.10 -9.38
N PHE X 85 -4.39 101.35 -8.89
CA PHE X 85 -4.58 102.21 -7.73
C PHE X 85 -4.43 101.34 -6.50
N VAL X 86 -3.53 101.76 -5.60
CA VAL X 86 -3.17 100.99 -4.42
C VAL X 86 -3.64 101.76 -3.19
N GLY X 87 -4.19 101.04 -2.22
CA GLY X 87 -4.62 101.63 -0.97
C GLY X 87 -3.46 101.91 -0.04
N ASP X 88 -3.82 102.17 1.23
CA ASP X 88 -2.89 102.56 2.29
C ASP X 88 -2.09 103.81 1.90
N VAL X 89 -2.81 104.84 1.45
CA VAL X 89 -2.17 106.06 0.97
C VAL X 89 -1.59 106.91 2.09
N PHE X 90 -1.88 106.59 3.35
CA PHE X 90 -1.35 107.33 4.48
C PHE X 90 -0.24 106.58 5.21
N LYS X 91 0.06 105.35 4.81
CA LYS X 91 1.09 104.56 5.47
C LYS X 91 2.45 104.99 4.93
N ALA X 92 3.11 105.87 5.68
CA ALA X 92 4.49 106.22 5.37
C ALA X 92 5.41 105.05 5.69
N GLU X 93 6.40 104.84 4.82
CA GLU X 93 7.34 103.75 5.00
C GLU X 93 8.67 104.20 5.59
N LEU X 94 8.97 105.49 5.56
CA LEU X 94 10.17 106.01 6.20
C LEU X 94 9.87 107.02 7.30
N GLY X 95 8.81 107.81 7.18
CA GLY X 95 8.45 108.71 8.25
C GLY X 95 7.89 107.98 9.45
N GLY X 96 8.05 108.61 10.61
CA GLY X 96 7.68 108.01 11.86
C GLY X 96 6.17 107.95 12.05
N GLY X 97 5.78 107.28 13.13
CA GLY X 97 4.38 107.10 13.44
C GLY X 97 3.73 108.22 14.22
N GLU X 98 4.37 109.38 14.33
CA GLU X 98 3.79 110.50 15.06
C GLU X 98 3.31 111.59 14.11
N TYR X 99 4.19 112.08 13.24
CA TYR X 99 3.79 113.08 12.26
C TYR X 99 2.89 112.47 11.19
N SER X 100 3.20 111.25 10.74
CA SER X 100 2.44 110.66 9.65
C SER X 100 1.05 110.21 10.10
N ASN X 101 0.92 109.75 11.35
CA ASN X 101 -0.39 109.34 11.83
C ASN X 101 -1.29 110.53 12.13
N THR X 102 -0.74 111.60 12.70
CA THR X 102 -1.52 112.82 12.86
C THR X 102 -1.79 113.50 11.53
N LEU X 103 -0.92 113.29 10.54
CA LEU X 103 -1.21 113.69 9.17
C LEU X 103 -2.39 112.90 8.63
N GLN X 104 -2.41 111.59 8.92
CA GLN X 104 -3.47 110.72 8.41
C GLN X 104 -4.81 111.11 9.02
N THR X 105 -4.87 111.26 10.34
CA THR X 105 -6.13 111.53 11.04
C THR X 105 -6.69 112.91 10.77
N ALA X 106 -5.91 113.80 10.14
CA ALA X 106 -6.42 115.04 9.59
C ALA X 106 -6.90 114.88 8.16
N LEU X 107 -6.83 113.66 7.60
CA LEU X 107 -7.13 113.46 6.18
C LEU X 107 -8.19 112.41 5.91
N GLU X 108 -8.93 111.92 6.92
CA GLU X 108 -10.13 111.14 6.61
C GLU X 108 -11.24 112.00 6.00
N ASN X 109 -11.25 113.31 6.25
CA ASN X 109 -12.25 114.20 5.68
C ASN X 109 -11.90 114.63 4.25
N THR X 110 -10.88 114.03 3.66
CA THR X 110 -10.63 114.22 2.23
C THR X 110 -11.75 113.57 1.43
N ASP X 111 -12.36 114.34 0.55
CA ASP X 111 -13.35 113.78 -0.35
C ASP X 111 -12.53 113.04 -1.41
N PHE X 112 -12.43 111.73 -1.28
CA PHE X 112 -11.68 110.92 -2.24
C PHE X 112 -12.42 110.78 -3.56
N GLY X 113 -13.71 111.10 -3.59
CA GLY X 113 -14.48 110.95 -4.82
C GLY X 113 -14.01 111.89 -5.91
N THR X 114 -13.68 113.13 -5.55
CA THR X 114 -13.19 114.08 -6.54
C THR X 114 -11.78 113.72 -7.01
N LEU X 115 -10.93 113.23 -6.09
CA LEU X 115 -9.60 112.75 -6.47
C LEU X 115 -9.69 111.58 -7.44
N ALA X 116 -10.55 110.61 -7.13
CA ALA X 116 -10.71 109.45 -7.98
C ALA X 116 -11.35 109.82 -9.31
N TYR X 117 -12.29 110.77 -9.29
CA TYR X 117 -12.93 111.23 -10.52
C TYR X 117 -11.93 111.91 -11.43
N ARG X 118 -11.05 112.74 -10.88
CA ARG X 118 -10.06 113.40 -11.71
C ARG X 118 -8.97 112.43 -12.17
N TYR X 119 -8.63 111.42 -11.35
CA TYR X 119 -7.66 110.40 -11.77
C TYR X 119 -8.19 109.57 -12.93
N VAL X 120 -9.40 109.02 -12.78
CA VAL X 120 -10.01 108.23 -13.84
C VAL X 120 -10.37 109.10 -15.05
N TYR X 121 -10.64 110.39 -14.85
CA TYR X 121 -10.93 111.25 -15.99
C TYR X 121 -9.65 111.58 -16.75
N ASN X 122 -8.52 111.70 -16.05
CA ASN X 122 -7.25 111.83 -16.75
C ASN X 122 -6.89 110.56 -17.48
N ILE X 123 -7.29 109.41 -16.95
CA ILE X 123 -7.10 108.15 -17.67
C ILE X 123 -7.98 108.10 -18.91
N ALA X 124 -9.26 108.47 -18.78
CA ALA X 124 -10.29 108.24 -19.78
C ALA X 124 -10.34 109.30 -20.87
N ALA X 125 -10.07 110.57 -20.52
CA ALA X 125 -10.12 111.63 -21.51
C ALA X 125 -8.94 111.60 -22.46
N GLY X 126 -7.87 110.88 -22.11
CA GLY X 126 -6.73 110.76 -22.98
C GLY X 126 -5.65 111.76 -22.66
N ARG X 127 -5.52 112.11 -21.38
CA ARG X 127 -4.48 113.03 -20.95
C ARG X 127 -3.09 112.40 -21.08
N THR X 128 -3.01 111.07 -21.04
CA THR X 128 -1.75 110.33 -21.17
C THR X 128 -1.26 110.22 -22.61
N LEU X 129 -1.79 111.04 -23.52
CA LEU X 129 -1.56 110.95 -24.96
C LEU X 129 -1.28 112.33 -25.54
N TRP X 130 -0.30 113.05 -24.97
CA TRP X 130 -0.15 114.51 -25.10
C TRP X 130 -0.17 115.02 -26.54
N ARG X 131 0.81 114.62 -27.34
CA ARG X 131 0.92 115.18 -28.67
C ARG X 131 0.18 114.37 -29.73
N ASN X 132 -0.35 113.21 -29.39
CA ASN X 132 -1.13 112.46 -30.37
C ASN X 132 -2.63 112.44 -30.06
N ARG X 133 -3.08 113.03 -28.95
CA ARG X 133 -4.50 113.30 -28.83
C ARG X 133 -4.93 114.47 -29.69
N VAL X 134 -4.01 115.35 -30.06
CA VAL X 134 -4.31 116.39 -31.04
C VAL X 134 -4.06 115.83 -32.44
N GLY X 135 -4.91 116.23 -33.37
CA GLY X 135 -4.90 115.63 -34.68
C GLY X 135 -5.68 114.33 -34.80
N ALA X 136 -6.27 113.86 -33.71
CA ALA X 136 -7.06 112.64 -33.74
C ALA X 136 -8.50 112.96 -34.13
N GLU X 137 -9.02 112.24 -35.12
CA GLU X 137 -10.38 112.45 -35.56
C GLU X 137 -11.38 112.04 -34.49
N SER X 138 -11.11 110.93 -33.81
CA SER X 138 -11.98 110.45 -32.75
C SER X 138 -11.16 109.60 -31.79
N ILE X 139 -11.20 109.94 -30.52
CA ILE X 139 -10.56 109.14 -29.48
C ILE X 139 -11.62 108.21 -28.90
N GLU X 140 -11.18 107.10 -28.33
CA GLU X 140 -12.09 106.14 -27.73
C GLU X 140 -11.32 105.38 -26.67
N THR X 141 -11.70 105.56 -25.42
CA THR X 141 -11.03 104.92 -24.30
C THR X 141 -11.89 103.77 -23.80
N VAL X 142 -11.31 102.57 -23.74
CA VAL X 142 -11.97 101.39 -23.22
C VAL X 142 -11.28 101.00 -21.93
N ILE X 143 -12.00 101.09 -20.82
CA ILE X 143 -11.47 100.76 -19.51
C ILE X 143 -12.10 99.46 -19.05
N THR X 144 -11.27 98.47 -18.78
CA THR X 144 -11.71 97.17 -18.28
C THR X 144 -11.26 97.03 -16.83
N VAL X 145 -12.21 96.82 -15.93
CA VAL X 145 -11.90 96.59 -14.53
C VAL X 145 -12.91 95.59 -13.98
N ASN X 146 -12.41 94.64 -13.18
CA ASN X 146 -13.10 93.49 -12.56
C ASN X 146 -14.15 92.86 -13.47
N ASP X 147 -13.65 92.38 -14.62
CA ASP X 147 -14.40 91.85 -15.78
C ASP X 147 -15.65 92.67 -16.10
N GLN X 148 -15.45 93.97 -16.27
CA GLN X 148 -16.54 94.85 -16.69
C GLN X 148 -15.93 96.05 -17.41
N THR X 149 -16.53 96.42 -18.53
CA THR X 149 -15.89 97.23 -19.57
C THR X 149 -16.70 98.47 -19.89
N PHE X 150 -16.02 99.62 -19.96
CA PHE X 150 -16.65 100.90 -20.31
C PHE X 150 -15.94 101.54 -21.48
N THR X 151 -16.67 102.41 -22.18
CA THR X 151 -16.19 103.08 -23.37
C THR X 151 -16.51 104.57 -23.28
N PHE X 152 -15.53 105.40 -23.62
CA PHE X 152 -15.68 106.85 -23.61
C PHE X 152 -15.24 107.40 -24.97
N SER X 153 -16.10 108.18 -25.60
CA SER X 153 -15.81 108.74 -26.92
C SER X 153 -15.22 110.14 -26.85
N ASP X 154 -15.97 111.09 -26.31
CA ASP X 154 -15.58 112.51 -26.36
C ASP X 154 -15.59 113.08 -24.94
N LEU X 155 -14.41 113.17 -24.34
CA LEU X 155 -14.23 113.82 -23.06
C LEU X 155 -13.21 114.93 -23.23
N LEU X 156 -13.63 116.17 -22.99
CA LEU X 156 -12.71 117.30 -23.07
C LEU X 156 -11.75 117.26 -21.90
N VAL X 157 -10.45 117.40 -22.19
CA VAL X 157 -9.43 117.05 -21.22
C VAL X 157 -9.06 118.19 -20.27
N ASN X 158 -9.37 119.45 -20.63
CA ASN X 158 -8.92 120.56 -19.79
C ASN X 158 -9.91 120.93 -18.69
N GLU X 159 -11.10 120.34 -18.67
CA GLU X 159 -11.98 120.49 -17.52
C GLU X 159 -12.63 119.14 -17.23
N PHE X 160 -13.11 118.98 -16.00
CA PHE X 160 -13.67 117.72 -15.52
C PHE X 160 -15.19 117.87 -15.49
N ASP X 161 -15.84 117.61 -16.63
CA ASP X 161 -17.30 117.65 -16.63
C ASP X 161 -17.86 116.34 -16.07
N GLU X 162 -19.13 116.39 -15.67
CA GLU X 162 -19.74 115.31 -14.92
C GLU X 162 -20.34 114.27 -15.87
N ASP X 163 -19.90 113.02 -15.73
CA ASP X 163 -20.54 111.91 -16.40
C ASP X 163 -20.58 110.72 -15.45
N VAL X 164 -21.59 109.86 -15.63
CA VAL X 164 -21.86 108.82 -14.65
C VAL X 164 -20.88 107.65 -14.77
N ASP X 165 -20.19 107.51 -15.91
CA ASP X 165 -19.34 106.34 -16.11
C ASP X 165 -18.00 106.50 -15.39
N VAL X 166 -17.36 107.66 -15.57
CA VAL X 166 -16.11 107.95 -14.89
C VAL X 166 -16.33 108.03 -13.38
N ALA X 167 -17.48 108.58 -12.97
CA ALA X 167 -17.83 108.58 -11.55
C ALA X 167 -18.10 107.16 -11.03
N GLU X 168 -18.63 106.28 -11.87
CA GLU X 168 -18.87 104.91 -11.45
C GLU X 168 -17.55 104.15 -11.25
N ILE X 169 -16.56 104.40 -12.13
CA ILE X 169 -15.22 103.84 -11.88
C ILE X 169 -14.60 104.50 -10.65
N ALA X 170 -14.81 105.79 -10.49
CA ALA X 170 -14.26 106.55 -9.37
C ALA X 170 -14.83 106.11 -8.03
N ASP X 171 -16.02 105.51 -8.01
CA ASP X 171 -16.55 104.92 -6.79
C ASP X 171 -15.62 103.83 -6.25
N MET X 172 -15.25 102.86 -7.09
CA MET X 172 -14.34 101.81 -6.64
C MET X 172 -12.91 102.29 -6.50
N VAL X 173 -12.49 103.30 -7.29
CA VAL X 173 -11.14 103.83 -7.13
C VAL X 173 -11.01 104.59 -5.82
N ALA X 174 -12.03 105.38 -5.45
CA ALA X 174 -12.03 106.06 -4.16
C ALA X 174 -12.23 105.08 -3.01
N GLY X 175 -12.93 103.97 -3.25
CA GLY X 175 -13.02 102.94 -2.22
C GLY X 175 -11.68 102.27 -1.95
N VAL X 176 -10.89 102.07 -3.01
CA VAL X 176 -9.54 101.52 -2.83
C VAL X 176 -8.61 102.54 -2.18
N LEU X 177 -8.65 103.79 -2.66
CA LEU X 177 -7.71 104.80 -2.19
C LEU X 177 -8.00 105.23 -0.76
N SER X 178 -9.28 105.43 -0.43
CA SER X 178 -9.67 105.74 0.94
C SER X 178 -9.59 104.53 1.85
N GLY X 179 -9.63 103.33 1.30
CA GLY X 179 -9.61 102.12 2.09
C GLY X 179 -8.35 101.31 1.86
N GLU X 180 -8.52 100.02 1.59
CA GLU X 180 -7.42 99.08 1.45
C GLU X 180 -7.47 98.41 0.09
N GLY X 181 -6.58 97.45 -0.10
CA GLY X 181 -6.57 96.66 -1.31
C GLY X 181 -6.02 97.41 -2.50
N PHE X 182 -6.45 96.99 -3.68
CA PHE X 182 -5.99 97.55 -4.93
C PHE X 182 -7.09 97.40 -5.97
N VAL X 183 -6.97 98.18 -7.04
CA VAL X 183 -7.85 98.05 -8.20
C VAL X 183 -7.01 98.33 -9.43
N THR X 184 -7.34 97.70 -10.55
CA THR X 184 -6.55 97.81 -11.76
C THR X 184 -7.47 98.08 -12.94
N LEU X 185 -7.20 99.16 -13.67
CA LEU X 185 -7.93 99.50 -14.87
C LEU X 185 -7.04 99.25 -16.08
N LYS X 186 -7.44 98.31 -16.92
CA LYS X 186 -6.74 98.05 -18.19
C LYS X 186 -7.32 99.02 -19.21
N VAL X 187 -6.47 99.89 -19.74
CA VAL X 187 -6.89 101.01 -20.57
C VAL X 187 -6.50 100.74 -22.02
N GLU X 188 -7.44 100.97 -22.92
CA GLU X 188 -7.29 100.76 -24.35
C GLU X 188 -7.61 102.07 -25.03
N HIS X 189 -6.60 102.77 -25.55
CA HIS X 189 -6.86 104.02 -26.25
C HIS X 189 -6.85 103.80 -27.75
N TYR X 190 -7.97 104.10 -28.39
CA TYR X 190 -8.18 103.97 -29.83
C TYR X 190 -8.26 105.38 -30.39
N MET X 191 -7.21 105.82 -31.07
CA MET X 191 -7.06 107.21 -31.47
C MET X 191 -7.01 107.26 -32.99
N LEU X 192 -8.05 107.81 -33.60
CA LEU X 192 -8.15 107.85 -35.07
C LEU X 192 -7.28 108.99 -35.58
N LEU X 193 -5.97 108.73 -35.64
CA LEU X 193 -5.02 109.74 -36.08
C LEU X 193 -5.06 109.91 -37.59
N GLY X 194 -5.20 108.82 -38.34
CA GLY X 194 -5.20 108.87 -39.78
C GLY X 194 -4.13 107.96 -40.37
N GLU X 195 -4.14 107.91 -41.70
CA GLU X 195 -3.29 106.99 -42.44
C GLU X 195 -1.84 107.46 -42.39
N GLY X 196 -1.00 106.68 -41.72
CA GLY X 196 0.42 107.00 -41.65
C GLY X 196 0.76 108.18 -40.79
N SER X 197 -0.11 108.56 -39.85
CA SER X 197 0.15 109.69 -38.98
C SER X 197 1.24 109.33 -37.96
N GLU X 198 2.10 110.30 -37.68
CA GLU X 198 3.20 110.09 -36.76
C GLU X 198 2.68 110.05 -35.33
N VAL X 199 3.07 109.01 -34.59
CA VAL X 199 2.69 108.88 -33.20
C VAL X 199 3.83 109.38 -32.34
N PHE X 200 3.53 109.64 -31.08
CA PHE X 200 4.46 110.34 -30.18
C PHE X 200 4.66 109.51 -28.92
N PRO X 201 5.65 108.61 -28.92
CA PRO X 201 5.99 107.89 -27.70
C PRO X 201 6.84 108.73 -26.77
N SER X 202 7.28 108.16 -25.67
CA SER X 202 8.13 108.90 -24.75
C SER X 202 9.52 109.07 -25.33
N GLN X 203 10.07 110.26 -25.21
CA GLN X 203 11.44 110.44 -25.66
C GLN X 203 12.27 110.22 -24.40
N GLU X 204 13.53 109.86 -24.54
CA GLU X 204 14.32 109.56 -23.36
C GLU X 204 15.34 110.62 -23.00
N PHE X 205 15.60 110.79 -21.71
CA PHE X 205 16.60 111.75 -21.26
C PHE X 205 17.90 110.97 -21.24
N VAL X 206 18.53 110.82 -22.41
CA VAL X 206 19.74 110.01 -22.49
C VAL X 206 20.84 110.68 -23.30
N GLU X 207 22.09 110.62 -22.82
CA GLU X 207 23.19 111.15 -23.60
C GLU X 207 23.45 110.16 -24.73
N ASN X 208 23.05 110.50 -25.94
CA ASN X 208 23.24 109.60 -27.06
C ASN X 208 23.98 110.30 -28.20
N SER X 209 25.20 109.85 -28.46
CA SER X 209 25.98 110.43 -29.54
C SER X 209 25.40 110.03 -30.88
N LYS X 210 24.88 108.82 -30.97
CA LYS X 210 24.34 108.33 -32.23
C LYS X 210 23.01 108.97 -32.58
N LEU X 211 22.10 109.01 -31.61
CA LEU X 211 20.77 109.55 -31.89
C LEU X 211 20.49 110.86 -31.20
N SER X 212 20.27 111.93 -31.97
CA SER X 212 19.91 113.21 -31.38
C SER X 212 18.62 113.03 -30.59
N LYS X 213 17.62 112.46 -31.24
CA LYS X 213 16.38 112.18 -30.53
C LYS X 213 16.26 110.66 -30.42
N GLN X 214 16.15 110.17 -29.20
CA GLN X 214 16.01 108.73 -29.00
C GLN X 214 14.71 108.43 -28.31
N LEU X 215 13.83 107.70 -28.98
CA LEU X 215 12.54 107.38 -28.39
C LEU X 215 12.61 106.17 -27.48
N PHE X 216 11.51 105.91 -26.79
CA PHE X 216 11.44 104.79 -25.88
C PHE X 216 10.84 103.63 -26.60
N ASP X 217 11.53 102.51 -26.55
CA ASP X 217 11.03 101.34 -27.19
C ASP X 217 10.99 100.23 -26.20
N LEU X 218 10.21 99.21 -26.51
CA LEU X 218 10.13 98.06 -25.65
C LEU X 218 10.12 96.98 -26.68
N ASN X 219 11.26 96.34 -26.92
CA ASN X 219 11.41 95.34 -27.97
C ASN X 219 11.22 95.99 -29.29
N GLY X 220 11.67 97.23 -29.38
CA GLY X 220 11.51 97.98 -30.59
C GLY X 220 10.18 98.65 -30.68
N GLN X 221 9.20 98.13 -29.98
CA GLN X 221 7.88 98.67 -30.10
C GLN X 221 7.79 99.94 -29.37
N ALA X 222 7.28 100.97 -30.04
CA ALA X 222 7.08 102.22 -29.40
C ALA X 222 6.32 102.06 -28.14
N ALA X 223 6.74 102.78 -27.14
CA ALA X 223 6.14 102.71 -25.82
C ALA X 223 6.33 104.04 -25.13
N MET X 224 5.51 104.28 -24.11
CA MET X 224 5.63 105.49 -23.32
C MET X 224 6.05 105.11 -21.90
N HIS X 225 6.77 106.03 -21.26
CA HIS X 225 7.28 105.80 -19.92
C HIS X 225 6.13 105.69 -18.93
N ASP X 226 6.30 104.82 -17.93
CA ASP X 226 5.24 104.64 -16.94
C ASP X 226 5.10 105.87 -16.04
N GLN X 227 6.21 106.51 -15.69
CA GLN X 227 6.12 107.72 -14.88
C GLN X 227 5.55 108.90 -15.66
N LYS X 228 5.61 108.85 -16.99
CA LYS X 228 4.91 109.83 -17.82
C LYS X 228 3.40 109.73 -17.65
N ILE X 229 2.86 108.52 -17.73
CA ILE X 229 1.43 108.29 -17.51
C ILE X 229 1.07 108.58 -16.06
N GLY X 230 1.97 108.30 -15.13
CA GLY X 230 1.74 108.67 -13.74
C GLY X 230 1.66 110.16 -13.53
N ASN X 231 2.46 110.93 -14.28
CA ASN X 231 2.33 112.38 -14.28
C ASN X 231 1.01 112.81 -14.91
N ALA X 232 0.54 112.06 -15.91
CA ALA X 232 -0.73 112.40 -16.56
C ALA X 232 -1.92 112.19 -15.64
N ILE X 233 -1.95 111.08 -14.91
CA ILE X 233 -3.10 110.74 -14.08
C ILE X 233 -3.26 111.72 -12.94
N ARG X 234 -2.14 112.14 -12.34
CA ARG X 234 -2.18 113.08 -11.23
C ARG X 234 -2.28 114.53 -11.69
N THR X 235 -2.37 114.80 -12.99
CA THR X 235 -2.55 116.16 -13.47
C THR X 235 -3.97 116.62 -13.19
N ILE X 236 -4.27 116.92 -11.92
CA ILE X 236 -5.63 117.14 -11.45
C ILE X 236 -5.68 118.47 -10.72
N ASP X 237 -4.52 119.08 -10.49
CA ASP X 237 -4.39 120.23 -9.61
C ASP X 237 -4.96 121.45 -10.34
N THR X 238 -6.23 121.75 -10.07
CA THR X 238 -6.85 123.00 -10.49
C THR X 238 -7.10 123.92 -9.30
N TRP X 239 -6.31 123.80 -8.25
CA TRP X 239 -6.61 124.46 -6.98
C TRP X 239 -5.49 125.37 -6.50
N TYR X 240 -4.50 125.64 -7.35
CA TYR X 240 -3.43 126.55 -7.00
C TYR X 240 -3.90 128.00 -7.17
N GLU X 241 -3.02 128.94 -6.86
CA GLU X 241 -3.37 130.35 -6.98
C GLU X 241 -3.43 130.76 -8.45
N ASP X 242 -4.50 131.48 -8.81
CA ASP X 242 -4.87 131.84 -10.18
C ASP X 242 -4.88 130.60 -11.08
N ALA X 243 -5.80 129.69 -10.75
CA ALA X 243 -5.84 128.38 -11.40
C ALA X 243 -6.64 128.47 -12.70
N THR X 244 -5.99 128.13 -13.81
CA THR X 244 -6.65 128.08 -15.11
C THR X 244 -6.67 126.67 -15.69
N THR X 245 -5.51 126.01 -15.80
CA THR X 245 -5.40 124.67 -16.34
C THR X 245 -4.95 123.69 -15.25
N PRO X 246 -5.32 122.42 -15.34
CA PRO X 246 -4.81 121.42 -14.40
C PRO X 246 -3.32 121.18 -14.61
N ILE X 247 -2.57 121.27 -13.51
CA ILE X 247 -1.16 120.93 -13.50
C ILE X 247 -0.99 119.63 -12.72
N ALA X 248 0.20 119.04 -12.83
CA ALA X 248 0.49 117.80 -12.12
C ALA X 248 0.60 118.07 -10.62
N VAL X 249 0.18 117.09 -9.82
CA VAL X 249 0.30 117.22 -8.38
C VAL X 249 1.77 117.06 -8.02
N GLU X 250 2.40 118.16 -7.67
CA GLU X 250 3.78 118.24 -7.24
C GLU X 250 3.77 118.75 -5.81
N PRO X 251 4.85 118.51 -5.04
CA PRO X 251 4.94 119.15 -3.72
C PRO X 251 4.96 120.66 -3.77
N TYR X 252 5.52 121.26 -4.82
CA TYR X 252 5.51 122.71 -4.98
C TYR X 252 4.63 123.17 -6.14
N GLY X 253 3.83 122.28 -6.71
CA GLY X 253 3.02 122.62 -7.88
C GLY X 253 3.85 123.03 -9.07
N SER X 254 4.99 122.40 -9.26
CA SER X 254 6.04 122.92 -10.12
C SER X 254 6.07 122.14 -11.44
N VAL X 255 5.75 122.83 -12.53
CA VAL X 255 6.07 122.33 -13.86
C VAL X 255 7.41 122.92 -14.26
N VAL X 256 8.44 122.09 -14.21
CA VAL X 256 9.76 122.48 -14.68
C VAL X 256 9.83 122.48 -16.20
N ARG X 257 8.83 121.86 -16.84
CA ARG X 257 8.70 121.94 -18.30
C ARG X 257 8.42 123.36 -18.75
N ASN X 258 7.51 124.06 -18.05
CA ASN X 258 7.19 125.43 -18.35
C ASN X 258 8.02 126.43 -17.55
N GLY X 259 8.84 125.96 -16.61
CA GLY X 259 9.66 126.86 -15.84
C GLY X 259 8.92 127.68 -14.81
N VAL X 260 7.76 127.22 -14.36
CA VAL X 260 6.95 127.96 -13.40
C VAL X 260 6.47 127.00 -12.31
N ALA X 261 6.57 127.44 -11.06
CA ALA X 261 6.09 126.70 -9.90
C ALA X 261 4.93 127.46 -9.30
N TYR X 262 3.72 126.95 -9.46
CA TYR X 262 2.54 127.71 -9.08
C TYR X 262 2.25 127.69 -7.59
N ARG X 263 2.81 126.75 -6.84
CA ARG X 263 2.53 126.66 -5.41
C ARG X 263 3.76 126.94 -4.57
N ALA X 264 4.78 127.56 -5.14
CA ALA X 264 6.01 127.88 -4.43
C ALA X 264 6.01 129.35 -4.03
N GLY X 265 6.19 129.61 -2.74
CA GLY X 265 6.33 130.96 -2.23
C GLY X 265 5.06 131.63 -1.79
N ASN X 266 3.89 131.06 -2.10
CA ASN X 266 2.63 131.65 -1.71
C ASN X 266 1.91 130.82 -0.64
N LYS X 267 2.68 130.03 0.12
CA LYS X 267 2.22 129.29 1.30
C LYS X 267 1.11 128.31 0.97
N THR X 268 1.18 127.70 -0.22
CA THR X 268 0.20 126.70 -0.63
C THR X 268 0.88 125.46 -1.19
N ASP X 269 2.15 125.24 -0.86
CA ASP X 269 2.82 124.01 -1.27
C ASP X 269 2.38 122.86 -0.37
N LEU X 270 2.97 121.69 -0.60
CA LEU X 270 2.57 120.51 0.17
C LEU X 270 3.05 120.61 1.61
N PHE X 271 4.21 121.21 1.85
CA PHE X 271 4.79 121.16 3.18
C PHE X 271 4.10 122.13 4.14
N THR X 272 3.74 123.33 3.68
CA THR X 272 3.02 124.27 4.53
C THR X 272 1.63 123.76 4.88
N LEU X 273 0.91 123.22 3.89
CA LEU X 273 -0.40 122.66 4.16
C LEU X 273 -0.32 121.37 4.98
N MET X 274 0.75 120.61 4.81
CA MET X 274 0.97 119.40 5.59
C MET X 274 1.23 119.72 7.05
N ASP X 275 2.05 120.74 7.32
CA ASP X 275 2.28 121.21 8.67
C ASP X 275 1.02 121.83 9.27
N GLY X 276 0.22 122.53 8.46
CA GLY X 276 -1.04 123.05 8.95
C GLY X 276 -2.03 121.97 9.29
N ALA X 277 -2.06 120.89 8.50
CA ALA X 277 -2.95 119.78 8.80
C ALA X 277 -2.50 119.03 10.04
N VAL X 278 -1.19 118.87 10.23
CA VAL X 278 -0.69 118.17 11.41
C VAL X 278 -0.89 119.02 12.66
N ASN X 279 -0.54 120.31 12.60
CA ASN X 279 -0.59 121.17 13.78
C ASN X 279 -1.97 121.75 14.06
N GLY X 280 -3.03 121.16 13.54
CA GLY X 280 -4.37 121.51 13.95
C GLY X 280 -4.95 122.73 13.26
N LYS X 281 -4.24 123.33 12.32
CA LYS X 281 -4.81 124.43 11.56
C LYS X 281 -5.87 123.89 10.61
N SER X 282 -7.01 124.57 10.57
CA SER X 282 -8.16 124.11 9.80
C SER X 282 -7.84 124.19 8.31
N LEU X 283 -7.50 123.05 7.73
CA LEU X 283 -7.16 122.96 6.32
C LEU X 283 -8.43 123.03 5.48
N THR X 284 -8.35 123.74 4.36
CA THR X 284 -9.46 123.79 3.43
C THR X 284 -9.64 122.43 2.76
N GLU X 285 -10.83 122.25 2.17
CA GLU X 285 -11.15 121.00 1.48
C GLU X 285 -10.23 120.79 0.30
N GLU X 286 -9.92 121.86 -0.42
CA GLU X 286 -9.16 121.70 -1.65
C GLU X 286 -7.69 121.47 -1.34
N ASP X 287 -7.17 122.14 -0.29
CA ASP X 287 -5.82 121.88 0.19
C ASP X 287 -5.71 120.48 0.77
N GLN X 288 -6.78 120.01 1.43
CA GLN X 288 -6.84 118.64 1.91
C GLN X 288 -6.71 117.64 0.77
N MET X 289 -7.41 117.90 -0.34
CA MET X 289 -7.34 117.00 -1.48
C MET X 289 -5.98 117.08 -2.16
N PHE X 290 -5.35 118.26 -2.12
CA PHE X 290 -4.01 118.41 -2.69
C PHE X 290 -2.97 117.63 -1.89
N VAL X 291 -3.04 117.70 -0.56
CA VAL X 291 -2.11 116.95 0.29
C VAL X 291 -2.34 115.45 0.15
N THR X 292 -3.61 115.04 0.05
CA THR X 292 -3.91 113.63 -0.16
C THR X 292 -3.44 113.15 -1.53
N ALA X 293 -3.53 114.01 -2.55
CA ALA X 293 -3.03 113.66 -3.88
C ALA X 293 -1.51 113.54 -3.90
N ASN X 294 -0.82 114.38 -3.13
CA ASN X 294 0.63 114.21 -2.99
C ASN X 294 0.99 112.92 -2.29
N LEU X 295 0.21 112.55 -1.26
CA LEU X 295 0.46 111.30 -0.57
C LEU X 295 0.15 110.09 -1.45
N ILE X 296 -0.84 110.22 -2.34
CA ILE X 296 -1.11 109.20 -3.33
C ILE X 296 0.04 109.09 -4.32
N ARG X 297 0.56 110.24 -4.79
CA ARG X 297 1.73 110.24 -5.66
C ARG X 297 2.96 109.74 -4.93
N GLY X 298 3.11 110.11 -3.66
CA GLY X 298 4.26 109.69 -2.90
C GLY X 298 5.46 110.60 -3.12
N GLY X 299 6.55 110.25 -2.46
CA GLY X 299 7.75 111.05 -2.53
C GLY X 299 8.50 111.06 -1.22
N VAL X 300 9.79 111.35 -1.27
CA VAL X 300 10.52 111.62 -0.04
C VAL X 300 10.62 113.13 0.14
N PHE X 301 10.65 113.56 1.39
CA PHE X 301 10.53 114.98 1.72
C PHE X 301 11.68 115.35 2.63
N GLY X 302 12.74 115.92 2.06
CA GLY X 302 13.94 116.21 2.81
C GLY X 302 13.88 117.50 3.59
N GLY X 303 13.75 117.39 4.91
CA GLY X 303 13.70 118.55 5.77
C GLY X 303 13.10 118.25 7.14
N THR Y 2 22.31 25.24 -55.86
CA THR Y 2 20.93 25.32 -55.41
C THR Y 2 20.51 26.77 -55.19
N LYS Y 3 19.33 26.92 -54.56
CA LYS Y 3 18.63 28.19 -54.27
C LYS Y 3 18.68 29.18 -55.44
N LEU Y 4 18.33 28.67 -56.62
CA LEU Y 4 18.39 29.46 -57.86
C LEU Y 4 17.23 30.46 -57.86
N LYS Y 5 17.54 31.70 -57.51
CA LYS Y 5 16.50 32.70 -57.26
C LYS Y 5 16.09 33.32 -58.59
N ALA Y 6 14.78 33.54 -58.74
CA ALA Y 6 14.21 33.90 -60.03
C ALA Y 6 14.56 35.34 -60.41
N PRO Y 7 14.85 35.59 -61.68
CA PRO Y 7 15.17 36.96 -62.11
C PRO Y 7 13.97 37.88 -62.04
N ALA Y 8 14.25 39.14 -61.72
CA ALA Y 8 13.20 40.14 -61.56
C ALA Y 8 12.65 40.63 -62.89
N VAL Y 9 13.35 40.38 -63.99
CA VAL Y 9 12.95 40.87 -65.30
C VAL Y 9 12.35 39.73 -66.12
N LEU Y 10 12.19 38.55 -65.51
CA LEU Y 10 11.87 37.31 -66.22
C LEU Y 10 10.45 37.37 -66.79
N ALA Y 11 10.35 37.24 -68.11
CA ALA Y 11 9.09 37.30 -68.82
C ALA Y 11 9.13 36.33 -70.00
N TYR Y 12 7.94 35.93 -70.44
CA TYR Y 12 7.82 35.08 -71.62
C TYR Y 12 6.82 35.69 -72.58
N SER Y 13 7.06 35.46 -73.87
CA SER Y 13 6.18 36.01 -74.89
C SER Y 13 4.96 35.12 -75.06
N ARG Y 14 3.90 35.71 -75.60
CA ARG Y 14 2.70 34.95 -75.90
C ARG Y 14 2.96 34.08 -77.13
N LYS Y 15 2.62 32.80 -77.03
CA LYS Y 15 2.93 31.85 -78.09
C LYS Y 15 1.69 31.41 -78.87
N ILE Y 16 0.50 31.58 -78.30
CA ILE Y 16 -0.76 31.41 -79.02
C ILE Y 16 -1.27 32.82 -79.32
N ASN Y 17 -1.08 33.28 -80.55
CA ASN Y 17 -1.51 34.61 -80.95
C ASN Y 17 -2.73 34.49 -81.84
N PRO Y 18 -3.94 34.74 -81.36
CA PRO Y 18 -5.10 34.80 -82.24
C PRO Y 18 -5.38 36.21 -82.71
N THR Y 19 -5.98 36.30 -83.89
CA THR Y 19 -6.42 37.59 -84.40
C THR Y 19 -7.77 37.94 -83.80
N ASN Y 20 -8.25 39.13 -84.10
CA ASN Y 20 -9.59 39.53 -83.68
C ASN Y 20 -10.62 38.75 -84.46
N ALA Y 21 -11.65 38.26 -83.77
CA ALA Y 21 -12.59 37.32 -84.35
C ALA Y 21 -13.69 38.11 -85.06
N LEU Y 22 -13.50 38.33 -86.36
CA LEU Y 22 -14.45 39.12 -87.13
C LEU Y 22 -15.71 38.30 -87.39
N MET Y 23 -16.86 38.97 -87.35
CA MET Y 23 -18.15 38.31 -87.27
C MET Y 23 -19.00 38.70 -88.47
N PHE Y 24 -19.53 37.69 -89.15
CA PHE Y 24 -20.24 37.86 -90.42
C PHE Y 24 -21.57 37.10 -90.36
N ALA Y 25 -22.46 37.43 -91.28
CA ALA Y 25 -23.76 36.79 -91.35
C ALA Y 25 -23.83 35.94 -92.62
N VAL Y 26 -24.08 34.65 -92.47
CA VAL Y 26 -24.25 33.72 -93.57
C VAL Y 26 -25.51 32.91 -93.34
N ASN Y 27 -25.86 32.09 -94.32
CA ASN Y 27 -26.86 31.06 -94.16
C ASN Y 27 -26.18 29.72 -93.97
N TRP Y 28 -26.98 28.71 -93.64
CA TRP Y 28 -26.41 27.39 -93.37
C TRP Y 28 -26.02 26.67 -94.65
N SER Y 29 -26.75 26.89 -95.74
CA SER Y 29 -26.46 26.25 -97.01
C SER Y 29 -25.93 27.25 -98.04
N ASP Y 30 -25.67 28.48 -97.63
CA ASP Y 30 -25.23 29.56 -98.50
C ASP Y 30 -23.99 30.20 -97.84
N ARG Y 31 -23.01 29.33 -97.56
CA ARG Y 31 -21.91 29.66 -96.68
C ARG Y 31 -20.92 30.64 -97.28
N ASP Y 32 -20.98 30.88 -98.59
CA ASP Y 32 -20.00 31.74 -99.24
C ASP Y 32 -20.39 33.21 -99.20
N ASN Y 33 -21.69 33.51 -99.10
CA ASN Y 33 -22.15 34.90 -99.10
C ASN Y 33 -22.03 35.44 -97.68
N THR Y 34 -20.88 36.04 -97.38
CA THR Y 34 -20.57 36.57 -96.07
C THR Y 34 -20.87 38.07 -96.06
N THR Y 35 -21.90 38.46 -95.32
CA THR Y 35 -22.20 39.86 -95.07
C THR Y 35 -21.79 40.21 -93.65
N ALA Y 36 -21.10 41.32 -93.49
CA ALA Y 36 -20.53 41.70 -92.20
C ALA Y 36 -21.64 42.11 -91.23
N VAL Y 37 -21.57 41.60 -90.01
CA VAL Y 37 -22.53 41.95 -88.97
C VAL Y 37 -22.21 43.35 -88.48
N MET Y 38 -23.16 44.27 -88.63
CA MET Y 38 -23.00 45.66 -88.27
C MET Y 38 -23.46 45.86 -86.82
N VAL Y 39 -22.66 46.57 -86.04
CA VAL Y 39 -23.12 46.99 -84.72
C VAL Y 39 -24.05 48.20 -84.87
N GLY Y 40 -25.33 47.98 -84.65
CA GLY Y 40 -26.24 49.09 -84.53
C GLY Y 40 -26.08 49.77 -83.18
N THR Y 41 -26.69 50.94 -83.04
CA THR Y 41 -26.57 51.69 -81.79
C THR Y 41 -27.84 52.51 -81.58
N LYS Y 42 -28.60 52.19 -80.54
CA LYS Y 42 -29.85 52.89 -80.25
C LYS Y 42 -29.65 53.89 -79.13
N THR Y 43 -30.27 55.06 -79.26
CA THR Y 43 -30.22 56.08 -78.23
C THR Y 43 -31.23 55.79 -77.13
N VAL Y 44 -30.87 56.14 -75.90
CA VAL Y 44 -31.73 55.96 -74.73
C VAL Y 44 -31.70 57.27 -73.94
N ALA Y 45 -32.88 57.81 -73.66
CA ALA Y 45 -33.01 59.06 -72.92
C ALA Y 45 -33.14 58.75 -71.43
N GLY Y 46 -32.30 59.38 -70.62
CA GLY Y 46 -32.33 59.17 -69.18
C GLY Y 46 -31.42 60.13 -68.42
N THR Y 47 -31.87 60.55 -67.24
CA THR Y 47 -31.08 61.48 -66.43
C THR Y 47 -29.91 60.76 -65.76
N GLN Y 48 -28.86 61.51 -65.49
CA GLN Y 48 -27.68 60.96 -64.83
C GLN Y 48 -27.91 60.85 -63.33
N SER Y 49 -27.40 59.75 -62.75
CA SER Y 49 -27.47 59.51 -61.31
C SER Y 49 -26.08 59.05 -60.86
N VAL Y 50 -25.31 59.97 -60.27
CA VAL Y 50 -23.95 59.68 -59.85
C VAL Y 50 -23.81 60.06 -58.38
N ARG Y 51 -22.85 59.41 -57.71
CA ARG Y 51 -22.64 59.64 -56.28
C ARG Y 51 -21.94 60.95 -56.00
N GLY Y 52 -21.03 61.37 -56.87
CA GLY Y 52 -20.22 62.54 -56.62
C GLY Y 52 -20.83 63.87 -57.02
N ASN Y 53 -21.84 63.84 -57.90
CA ASN Y 53 -22.45 65.06 -58.42
C ASN Y 53 -23.97 64.99 -58.26
N PRO Y 54 -24.49 65.33 -57.08
CA PRO Y 54 -25.95 65.44 -56.94
C PRO Y 54 -26.54 66.66 -57.62
N ASN Y 55 -25.73 67.69 -57.91
CA ASN Y 55 -26.23 68.90 -58.53
C ASN Y 55 -26.43 68.75 -60.04
N ASP Y 56 -25.85 67.72 -60.65
CA ASP Y 56 -25.92 67.51 -62.09
C ASP Y 56 -26.99 66.53 -62.51
N ALA Y 57 -27.82 66.05 -61.57
CA ALA Y 57 -28.81 65.03 -61.85
C ALA Y 57 -30.07 65.57 -62.52
N ASP Y 58 -30.19 66.89 -62.67
CA ASP Y 58 -31.40 67.47 -63.25
C ASP Y 58 -31.50 67.27 -64.76
N LYS Y 59 -30.39 67.37 -65.48
CA LYS Y 59 -30.43 67.33 -66.94
C LYS Y 59 -29.08 66.86 -67.46
N GLY Y 60 -29.12 65.95 -68.44
CA GLY Y 60 -27.94 65.49 -69.13
C GLY Y 60 -27.99 64.00 -69.40
N ASN Y 61 -26.81 63.46 -69.74
CA ASN Y 61 -26.56 62.04 -69.99
C ASN Y 61 -27.44 61.48 -71.12
N ILE Y 62 -27.24 62.04 -72.31
CA ILE Y 62 -27.83 61.47 -73.52
C ILE Y 62 -26.91 60.33 -73.96
N GLN Y 63 -27.30 59.10 -73.64
CA GLN Y 63 -26.48 57.93 -73.90
C GLN Y 63 -27.02 57.16 -75.09
N THR Y 64 -26.13 56.44 -75.77
CA THR Y 64 -26.43 55.81 -77.05
C THR Y 64 -25.75 54.43 -77.03
N VAL Y 65 -26.51 53.40 -76.65
CA VAL Y 65 -25.94 52.09 -76.35
C VAL Y 65 -25.92 51.22 -77.61
N ASN Y 66 -24.81 50.52 -77.82
CA ASN Y 66 -24.64 49.66 -78.98
C ASN Y 66 -25.35 48.31 -78.79
N PHE Y 67 -25.58 47.64 -79.92
CA PHE Y 67 -26.14 46.30 -79.96
C PHE Y 67 -25.72 45.67 -81.28
N ALA Y 68 -25.83 44.34 -81.36
CA ALA Y 68 -25.46 43.61 -82.56
C ALA Y 68 -26.36 42.40 -82.69
N ASN Y 69 -27.22 42.41 -83.70
CA ASN Y 69 -28.05 41.26 -84.04
C ASN Y 69 -27.67 40.76 -85.43
N LEU Y 70 -28.10 39.55 -85.73
CA LEU Y 70 -28.06 39.07 -87.10
C LEU Y 70 -29.11 39.79 -87.93
N PRO Y 71 -28.86 39.97 -89.23
CA PRO Y 71 -29.89 40.51 -90.12
C PRO Y 71 -31.03 39.51 -90.29
N HIS Y 72 -32.20 40.03 -90.68
CA HIS Y 72 -33.43 39.25 -90.74
C HIS Y 72 -33.53 38.39 -92.01
N ASN Y 73 -32.45 38.19 -92.75
CA ASN Y 73 -32.43 37.26 -93.86
C ASN Y 73 -31.35 36.20 -93.73
N LYS Y 74 -30.47 36.30 -92.73
CA LYS Y 74 -29.41 35.33 -92.48
C LYS Y 74 -29.55 34.76 -91.08
N ASN Y 75 -29.46 33.43 -90.98
CA ASN Y 75 -29.70 32.74 -89.72
C ASN Y 75 -28.44 32.15 -89.11
N THR Y 76 -27.28 32.32 -89.72
CA THR Y 76 -26.04 31.71 -89.25
C THR Y 76 -25.01 32.79 -88.98
N LEU Y 77 -24.38 32.73 -87.81
CA LEU Y 77 -23.31 33.64 -87.48
C LEU Y 77 -21.98 32.95 -87.75
N LEU Y 78 -21.09 33.65 -88.46
CA LEU Y 78 -19.81 33.12 -88.87
C LEU Y 78 -18.74 33.93 -88.14
N VAL Y 79 -17.81 33.25 -87.49
CA VAL Y 79 -16.76 33.88 -86.71
C VAL Y 79 -15.43 33.44 -87.29
N LYS Y 80 -14.65 34.39 -87.79
CA LYS Y 80 -13.39 34.11 -88.47
C LYS Y 80 -12.24 34.68 -87.64
N TYR Y 81 -11.24 33.84 -87.36
CA TYR Y 81 -10.02 34.31 -86.71
C TYR Y 81 -8.90 33.33 -87.02
N ASN Y 82 -7.68 33.84 -87.07
CA ASN Y 82 -6.51 33.01 -87.29
C ASN Y 82 -5.73 32.87 -85.99
N VAL Y 83 -5.59 31.63 -85.52
CA VAL Y 83 -4.82 31.33 -84.33
C VAL Y 83 -3.44 30.90 -84.77
N LYS Y 84 -2.42 31.56 -84.26
CA LYS Y 84 -1.03 31.33 -84.64
C LYS Y 84 -0.32 30.72 -83.45
N PHE Y 85 0.01 29.43 -83.54
CA PHE Y 85 0.81 28.78 -82.48
C PHE Y 85 2.27 28.95 -82.86
N VAL Y 86 3.12 29.38 -81.94
CA VAL Y 86 4.53 29.60 -82.22
C VAL Y 86 5.39 28.71 -81.31
N GLY Y 87 6.56 28.27 -81.77
CA GLY Y 87 7.39 27.39 -80.98
C GLY Y 87 8.36 28.03 -80.01
N ASP Y 88 9.35 27.27 -79.53
CA ASP Y 88 10.33 27.78 -78.55
C ASP Y 88 9.69 28.57 -77.42
N VAL Y 89 8.73 27.91 -76.79
CA VAL Y 89 8.00 28.53 -75.73
C VAL Y 89 8.87 28.66 -74.52
N PHE Y 90 10.05 28.08 -74.59
CA PHE Y 90 10.90 28.10 -73.44
C PHE Y 90 11.87 29.24 -73.51
N LYS Y 91 11.84 29.98 -74.60
CA LYS Y 91 12.71 31.12 -74.69
C LYS Y 91 12.11 32.29 -73.99
N ALA Y 92 12.86 32.86 -73.08
CA ALA Y 92 12.38 34.02 -72.38
C ALA Y 92 12.78 35.20 -73.18
N GLU Y 93 11.90 36.18 -73.28
CA GLU Y 93 12.22 37.29 -74.11
C GLU Y 93 12.88 38.38 -73.32
N LEU Y 94 12.62 38.41 -72.02
CA LEU Y 94 13.16 39.46 -71.21
C LEU Y 94 13.88 38.85 -70.08
N GLY Y 95 13.81 37.54 -69.99
CA GLY Y 95 14.40 36.89 -68.84
C GLY Y 95 15.87 36.72 -68.94
N GLY Y 96 16.28 35.71 -69.67
CA GLY Y 96 17.69 35.44 -69.76
C GLY Y 96 17.89 33.98 -69.98
N GLY Y 97 18.83 33.40 -69.23
CA GLY Y 97 19.13 32.00 -69.44
C GLY Y 97 19.91 31.37 -68.32
N GLU Y 98 19.62 31.75 -67.09
CA GLU Y 98 20.27 31.14 -65.94
C GLU Y 98 19.12 30.43 -65.30
N TYR Y 99 17.92 30.88 -65.66
CA TYR Y 99 16.74 30.32 -65.08
C TYR Y 99 15.90 29.75 -66.20
N SER Y 100 15.87 30.44 -67.33
CA SER Y 100 15.08 29.98 -68.46
C SER Y 100 15.70 28.77 -69.13
N ASN Y 101 17.02 28.65 -69.04
CA ASN Y 101 17.69 27.48 -69.60
C ASN Y 101 17.48 26.29 -68.69
N THR Y 102 17.32 26.54 -67.40
CA THR Y 102 17.03 25.44 -66.49
C THR Y 102 15.59 25.02 -66.73
N LEU Y 103 14.72 25.96 -67.05
CA LEU Y 103 13.34 25.62 -67.38
C LEU Y 103 13.30 24.82 -68.66
N GLN Y 104 14.14 25.14 -69.62
CA GLN Y 104 14.17 24.35 -70.84
C GLN Y 104 14.49 22.93 -70.44
N THR Y 105 15.54 22.75 -69.65
CA THR Y 105 15.96 21.39 -69.30
C THR Y 105 15.19 20.79 -68.13
N ALA Y 106 14.02 21.31 -67.83
CA ALA Y 106 13.19 20.73 -66.77
C ALA Y 106 11.83 20.45 -67.35
N LEU Y 107 11.52 21.13 -68.46
CA LEU Y 107 10.23 20.94 -69.10
C LEU Y 107 10.40 20.35 -70.48
N GLU Y 108 11.48 19.61 -70.70
CA GLU Y 108 11.68 18.96 -71.99
C GLU Y 108 10.86 17.68 -72.05
N ASN Y 109 10.46 17.15 -70.89
CA ASN Y 109 9.69 15.93 -70.85
C ASN Y 109 8.20 16.24 -70.88
N THR Y 110 7.85 17.47 -71.27
CA THR Y 110 6.45 17.85 -71.32
C THR Y 110 5.77 17.17 -72.50
N ASP Y 111 4.67 16.48 -72.24
CA ASP Y 111 3.92 15.90 -73.34
C ASP Y 111 3.16 17.04 -73.99
N PHE Y 112 3.69 17.52 -75.10
CA PHE Y 112 3.05 18.63 -75.79
C PHE Y 112 1.83 18.14 -76.53
N GLY Y 113 1.75 16.84 -76.78
CA GLY Y 113 0.60 16.27 -77.46
C GLY Y 113 -0.69 16.63 -76.78
N THR Y 114 -0.78 16.38 -75.47
CA THR Y 114 -1.99 16.70 -74.73
C THR Y 114 -2.22 18.20 -74.64
N LEU Y 115 -1.16 18.97 -74.42
CA LEU Y 115 -1.29 20.41 -74.37
C LEU Y 115 -1.93 20.91 -75.65
N ALA Y 116 -1.37 20.49 -76.79
CA ALA Y 116 -1.88 20.92 -78.07
C ALA Y 116 -3.27 20.39 -78.34
N TYR Y 117 -3.57 19.17 -77.93
CA TYR Y 117 -4.90 18.63 -78.11
C TYR Y 117 -5.88 19.58 -77.47
N ARG Y 118 -5.66 19.91 -76.20
CA ARG Y 118 -6.62 20.74 -75.50
C ARG Y 118 -6.72 22.14 -76.11
N TYR Y 119 -5.61 22.65 -76.68
CA TYR Y 119 -5.67 23.93 -77.38
C TYR Y 119 -6.55 23.85 -78.62
N VAL Y 120 -6.33 22.84 -79.47
CA VAL Y 120 -7.13 22.69 -80.68
C VAL Y 120 -8.56 22.27 -80.35
N TYR Y 121 -8.77 21.59 -79.22
CA TYR Y 121 -10.13 21.26 -78.81
C TYR Y 121 -10.87 22.49 -78.32
N ASN Y 122 -10.19 23.40 -77.61
CA ASN Y 122 -10.82 24.67 -77.26
C ASN Y 122 -11.04 25.53 -78.50
N ILE Y 123 -10.20 25.36 -79.51
CA ILE Y 123 -10.41 26.05 -80.78
C ILE Y 123 -11.68 25.53 -81.45
N ALA Y 124 -11.83 24.21 -81.50
CA ALA Y 124 -12.81 23.58 -82.39
C ALA Y 124 -14.17 23.39 -81.73
N ALA Y 125 -14.20 23.04 -80.45
CA ALA Y 125 -15.47 22.70 -79.79
C ALA Y 125 -16.34 23.92 -79.55
N GLY Y 126 -15.76 25.12 -79.48
CA GLY Y 126 -16.55 26.32 -79.36
C GLY Y 126 -16.39 27.05 -78.05
N ARG Y 127 -15.24 26.88 -77.39
CA ARG Y 127 -14.91 27.67 -76.22
C ARG Y 127 -14.71 29.14 -76.56
N THR Y 128 -14.35 29.44 -77.80
CA THR Y 128 -14.15 30.79 -78.29
C THR Y 128 -15.45 31.46 -78.72
N LEU Y 129 -16.61 30.93 -78.35
CA LEU Y 129 -17.91 31.42 -78.80
C LEU Y 129 -18.88 31.51 -77.64
N TRP Y 130 -18.47 32.18 -76.56
CA TRP Y 130 -19.03 32.14 -75.21
C TRP Y 130 -20.55 32.25 -75.11
N ARG Y 131 -21.09 33.39 -75.51
CA ARG Y 131 -22.50 33.65 -75.35
C ARG Y 131 -23.30 33.43 -76.63
N ASN Y 132 -22.64 33.23 -77.77
CA ASN Y 132 -23.34 32.99 -79.01
C ASN Y 132 -23.30 31.53 -79.47
N ARG Y 133 -22.63 30.64 -78.73
CA ARG Y 133 -22.92 29.23 -78.90
C ARG Y 133 -24.07 28.77 -78.02
N VAL Y 134 -24.52 29.64 -77.12
CA VAL Y 134 -25.64 29.32 -76.24
C VAL Y 134 -26.93 29.43 -77.04
N GLY Y 135 -27.71 28.36 -77.04
CA GLY Y 135 -28.97 28.38 -77.75
C GLY Y 135 -28.88 28.18 -79.24
N ALA Y 136 -27.73 27.73 -79.75
CA ALA Y 136 -27.59 27.45 -81.17
C ALA Y 136 -27.93 25.99 -81.45
N GLU Y 137 -28.81 25.76 -82.42
CA GLU Y 137 -29.25 24.39 -82.69
C GLU Y 137 -28.21 23.62 -83.50
N SER Y 138 -27.22 24.32 -84.04
CA SER Y 138 -26.18 23.63 -84.81
C SER Y 138 -24.88 24.41 -84.72
N ILE Y 139 -23.82 23.69 -84.37
CA ILE Y 139 -22.48 24.24 -84.16
C ILE Y 139 -21.58 23.60 -85.22
N GLU Y 140 -20.79 24.41 -85.92
CA GLU Y 140 -19.84 23.88 -86.88
C GLU Y 140 -18.54 24.67 -86.80
N THR Y 141 -17.43 23.98 -86.94
CA THR Y 141 -16.10 24.59 -86.96
C THR Y 141 -15.33 24.06 -88.16
N VAL Y 142 -14.79 24.96 -88.97
CA VAL Y 142 -13.90 24.62 -90.06
C VAL Y 142 -12.53 25.19 -89.71
N ILE Y 143 -11.54 24.31 -89.69
CA ILE Y 143 -10.15 24.69 -89.47
C ILE Y 143 -9.37 24.47 -90.75
N THR Y 144 -8.77 25.53 -91.27
CA THR Y 144 -7.86 25.44 -92.41
C THR Y 144 -6.44 25.57 -91.88
N VAL Y 145 -5.63 24.53 -92.09
CA VAL Y 145 -4.25 24.51 -91.64
C VAL Y 145 -3.39 23.80 -92.68
N ASN Y 146 -2.34 24.50 -93.13
CA ASN Y 146 -1.37 24.16 -94.19
C ASN Y 146 -1.99 23.40 -95.37
N ASP Y 147 -3.07 24.01 -95.88
CA ASP Y 147 -3.91 23.49 -96.98
C ASP Y 147 -4.43 22.11 -96.55
N GLN Y 148 -5.19 22.10 -95.46
CA GLN Y 148 -5.94 20.96 -94.94
C GLN Y 148 -7.18 21.52 -94.28
N THR Y 149 -8.33 20.95 -94.60
CA THR Y 149 -9.61 21.43 -94.06
C THR Y 149 -10.17 20.40 -93.10
N PHE Y 150 -10.58 20.85 -91.92
CA PHE Y 150 -11.13 19.99 -90.89
C PHE Y 150 -12.49 20.49 -90.47
N THR Y 151 -13.41 19.54 -90.31
CA THR Y 151 -14.82 19.80 -90.05
C THR Y 151 -15.19 19.22 -88.69
N PHE Y 152 -15.82 20.04 -87.84
CA PHE Y 152 -16.27 19.59 -86.53
C PHE Y 152 -17.72 20.02 -86.33
N SER Y 153 -18.55 19.07 -85.89
CA SER Y 153 -19.97 19.33 -85.70
C SER Y 153 -20.40 19.21 -84.25
N ASP Y 154 -20.15 18.07 -83.61
CA ASP Y 154 -20.65 17.79 -82.27
C ASP Y 154 -19.48 17.45 -81.36
N LEU Y 155 -18.89 18.48 -80.74
CA LEU Y 155 -17.88 18.31 -79.71
C LEU Y 155 -18.34 19.04 -78.47
N LEU Y 156 -18.56 18.28 -77.40
CA LEU Y 156 -18.90 18.90 -76.12
C LEU Y 156 -17.67 19.57 -75.55
N VAL Y 157 -17.80 20.85 -75.20
CA VAL Y 157 -16.63 21.68 -74.96
C VAL Y 157 -16.03 21.45 -73.58
N ASN Y 158 -16.80 20.94 -72.63
CA ASN Y 158 -16.33 20.84 -71.25
C ASN Y 158 -15.31 19.72 -71.03
N GLU Y 159 -15.52 18.58 -71.66
CA GLU Y 159 -14.57 17.48 -71.53
C GLU Y 159 -13.82 17.39 -72.84
N PHE Y 160 -12.58 16.93 -72.80
CA PHE Y 160 -11.77 16.87 -74.00
C PHE Y 160 -11.81 15.46 -74.56
N ASP Y 161 -12.92 15.08 -75.18
CA ASP Y 161 -13.07 13.72 -75.68
C ASP Y 161 -12.25 13.41 -76.92
N GLU Y 162 -12.18 12.13 -77.30
CA GLU Y 162 -11.34 11.75 -78.42
C GLU Y 162 -11.95 11.82 -79.80
N ASP Y 163 -11.39 12.65 -80.66
CA ASP Y 163 -11.84 12.69 -82.04
C ASP Y 163 -10.56 12.79 -82.86
N VAL Y 164 -10.46 12.02 -83.93
CA VAL Y 164 -9.22 12.00 -84.71
C VAL Y 164 -8.97 13.26 -85.52
N ASP Y 165 -10.00 14.08 -85.68
CA ASP Y 165 -9.84 15.31 -86.45
C ASP Y 165 -9.05 16.35 -85.66
N VAL Y 166 -9.45 16.60 -84.41
CA VAL Y 166 -8.68 17.52 -83.56
C VAL Y 166 -7.29 16.93 -83.40
N ALA Y 167 -7.20 15.63 -83.13
CA ALA Y 167 -5.91 14.98 -82.97
C ALA Y 167 -4.97 15.20 -84.16
N GLU Y 168 -5.51 15.15 -85.37
CA GLU Y 168 -4.69 15.35 -86.57
C GLU Y 168 -3.98 16.70 -86.53
N ILE Y 169 -4.73 17.74 -86.21
CA ILE Y 169 -4.14 19.07 -86.14
C ILE Y 169 -3.22 19.17 -84.93
N ALA Y 170 -3.65 18.60 -83.81
CA ALA Y 170 -2.82 18.62 -82.60
C ALA Y 170 -1.42 18.09 -82.85
N ASP Y 171 -1.26 17.15 -83.76
CA ASP Y 171 0.07 16.64 -84.10
C ASP Y 171 0.99 17.76 -84.55
N MET Y 172 0.60 18.48 -85.59
CA MET Y 172 1.46 19.55 -86.12
C MET Y 172 1.57 20.71 -85.13
N VAL Y 173 0.55 20.91 -84.30
CA VAL Y 173 0.59 21.96 -83.29
C VAL Y 173 1.59 21.61 -82.18
N ALA Y 174 1.62 20.34 -81.76
CA ALA Y 174 2.59 19.90 -80.76
C ALA Y 174 3.99 19.85 -81.34
N GLY Y 175 4.12 19.54 -82.64
CA GLY Y 175 5.42 19.58 -83.27
C GLY Y 175 5.98 20.98 -83.38
N VAL Y 176 5.10 21.97 -83.56
CA VAL Y 176 5.51 23.36 -83.49
C VAL Y 176 5.91 23.72 -82.06
N LEU Y 177 5.05 23.42 -81.09
CA LEU Y 177 5.22 23.92 -79.72
C LEU Y 177 6.42 23.27 -79.03
N SER Y 178 6.68 21.99 -79.32
CA SER Y 178 7.85 21.33 -78.77
C SER Y 178 9.13 21.73 -79.47
N GLY Y 179 9.06 22.14 -80.73
CA GLY Y 179 10.25 22.46 -81.49
C GLY Y 179 10.36 23.92 -81.85
N GLU Y 180 10.63 24.21 -83.12
CA GLU Y 180 10.88 25.56 -83.59
C GLU Y 180 9.96 25.81 -84.79
N GLY Y 181 9.39 27.01 -84.86
CA GLY Y 181 8.56 27.36 -85.99
C GLY Y 181 7.22 27.94 -85.57
N PHE Y 182 6.24 27.77 -86.45
CA PHE Y 182 4.90 28.28 -86.23
C PHE Y 182 3.92 27.47 -87.06
N VAL Y 183 2.65 27.59 -86.69
CA VAL Y 183 1.55 27.02 -87.47
C VAL Y 183 0.35 27.94 -87.33
N THR Y 184 -0.44 28.05 -88.39
CA THR Y 184 -1.58 28.97 -88.42
C THR Y 184 -2.85 28.20 -88.74
N LEU Y 185 -3.83 28.32 -87.86
CA LEU Y 185 -5.14 27.71 -88.03
C LEU Y 185 -6.15 28.82 -88.32
N LYS Y 186 -6.66 28.86 -89.54
CA LYS Y 186 -7.76 29.74 -89.88
C LYS Y 186 -9.03 29.05 -89.40
N VAL Y 187 -9.68 29.60 -88.38
CA VAL Y 187 -10.83 29.01 -87.74
C VAL Y 187 -12.05 29.83 -88.10
N GLU Y 188 -12.99 29.20 -88.78
CA GLU Y 188 -14.30 29.78 -89.05
C GLU Y 188 -15.37 28.94 -88.39
N HIS Y 189 -16.13 29.58 -87.51
CA HIS Y 189 -17.21 28.97 -86.76
C HIS Y 189 -18.52 29.38 -87.40
N TYR Y 190 -19.35 28.41 -87.74
CA TYR Y 190 -20.67 28.69 -88.26
C TYR Y 190 -21.67 28.12 -87.26
N MET Y 191 -22.40 29.00 -86.58
CA MET Y 191 -23.41 28.58 -85.63
C MET Y 191 -24.77 29.07 -86.09
N LEU Y 192 -25.72 28.14 -86.20
CA LEU Y 192 -27.08 28.44 -86.62
C LEU Y 192 -27.88 28.80 -85.37
N LEU Y 193 -27.99 30.09 -85.13
CA LEU Y 193 -28.75 30.57 -83.97
C LEU Y 193 -30.23 30.75 -84.29
N GLY Y 194 -30.54 31.14 -85.52
CA GLY Y 194 -31.90 31.46 -85.90
C GLY Y 194 -31.96 32.77 -86.66
N GLU Y 195 -33.15 33.03 -87.18
CA GLU Y 195 -33.36 34.20 -88.04
C GLU Y 195 -33.36 35.47 -87.20
N GLY Y 196 -32.36 36.31 -87.40
CA GLY Y 196 -32.29 37.56 -86.68
C GLY Y 196 -31.95 37.44 -85.20
N SER Y 197 -31.29 36.36 -84.80
CA SER Y 197 -30.92 36.20 -83.41
C SER Y 197 -29.80 37.16 -83.04
N GLU Y 198 -29.85 37.68 -81.81
CA GLU Y 198 -28.91 38.69 -81.38
C GLU Y 198 -27.58 38.03 -81.02
N VAL Y 199 -26.49 38.59 -81.55
CA VAL Y 199 -25.17 38.02 -81.39
C VAL Y 199 -24.40 38.76 -80.30
N PHE Y 200 -23.27 38.20 -79.91
CA PHE Y 200 -22.52 38.69 -78.74
C PHE Y 200 -21.08 38.99 -79.10
N PRO Y 201 -20.76 40.23 -79.47
CA PRO Y 201 -19.35 40.63 -79.57
C PRO Y 201 -18.75 40.85 -78.19
N SER Y 202 -17.43 40.98 -78.17
CA SER Y 202 -16.73 41.25 -76.93
C SER Y 202 -16.95 42.70 -76.51
N GLN Y 203 -16.67 42.99 -75.25
CA GLN Y 203 -17.03 44.28 -74.67
C GLN Y 203 -15.78 45.10 -74.39
N GLU Y 204 -15.74 46.35 -74.85
CA GLU Y 204 -14.75 47.29 -74.34
C GLU Y 204 -15.09 47.68 -72.92
N PHE Y 205 -14.07 47.93 -72.12
CA PHE Y 205 -14.22 48.47 -70.78
C PHE Y 205 -14.75 49.90 -70.87
N VAL Y 206 -15.90 50.12 -70.26
CA VAL Y 206 -16.45 51.45 -70.08
C VAL Y 206 -16.23 51.84 -68.62
N GLU Y 207 -16.40 53.12 -68.31
CA GLU Y 207 -16.26 53.57 -66.94
C GLU Y 207 -17.52 53.25 -66.16
N ASN Y 208 -17.50 53.58 -64.86
CA ASN Y 208 -18.69 53.38 -64.02
C ASN Y 208 -19.82 54.17 -64.63
N SER Y 209 -19.47 55.24 -65.34
CA SER Y 209 -20.48 56.05 -66.01
C SER Y 209 -20.43 55.77 -67.50
N LYS Y 210 -19.82 56.68 -68.26
CA LYS Y 210 -19.73 56.54 -69.72
C LYS Y 210 -21.04 56.10 -70.36
N LEU Y 211 -21.00 55.01 -71.12
CA LEU Y 211 -22.23 54.49 -71.70
C LEU Y 211 -22.47 53.12 -71.12
N SER Y 212 -23.55 52.47 -71.54
CA SER Y 212 -23.88 51.17 -70.97
C SER Y 212 -22.93 50.08 -71.44
N LYS Y 213 -22.79 49.92 -72.76
CA LYS Y 213 -21.97 48.84 -73.28
C LYS Y 213 -21.36 49.07 -74.65
N GLN Y 214 -20.04 48.95 -74.77
CA GLN Y 214 -19.39 49.06 -76.07
C GLN Y 214 -19.17 47.65 -76.59
N LEU Y 215 -19.62 47.38 -77.81
CA LEU Y 215 -19.24 46.14 -78.47
C LEU Y 215 -18.01 46.38 -79.33
N PHE Y 216 -17.22 45.33 -79.52
CA PHE Y 216 -15.92 45.47 -80.15
C PHE Y 216 -16.06 45.64 -81.65
N ASP Y 217 -15.55 46.76 -82.16
CA ASP Y 217 -15.64 47.12 -83.58
C ASP Y 217 -14.23 47.14 -84.18
N LEU Y 218 -14.04 46.37 -85.24
CA LEU Y 218 -13.03 46.70 -86.24
C LEU Y 218 -13.79 47.24 -87.44
N ASN Y 219 -13.35 48.42 -87.92
CA ASN Y 219 -13.87 49.24 -89.05
C ASN Y 219 -15.40 49.19 -89.20
N GLY Y 220 -16.10 49.27 -88.07
CA GLY Y 220 -17.54 49.27 -88.04
C GLY Y 220 -18.18 47.91 -87.84
N GLN Y 221 -17.43 46.82 -88.05
CA GLN Y 221 -18.02 45.49 -88.00
C GLN Y 221 -17.77 44.88 -86.63
N ALA Y 222 -18.79 44.16 -86.14
CA ALA Y 222 -18.72 43.50 -84.84
C ALA Y 222 -17.62 42.44 -84.83
N ALA Y 223 -16.85 42.41 -83.74
CA ALA Y 223 -15.77 41.46 -83.59
C ALA Y 223 -15.59 41.15 -82.11
N MET Y 224 -14.64 40.24 -81.82
CA MET Y 224 -14.32 39.88 -80.46
C MET Y 224 -12.81 39.98 -80.26
N HIS Y 225 -12.42 40.24 -79.02
CA HIS Y 225 -11.05 40.60 -78.68
C HIS Y 225 -10.09 39.45 -78.92
N ASP Y 226 -8.85 39.80 -79.29
CA ASP Y 226 -7.83 38.79 -79.50
C ASP Y 226 -7.39 38.14 -78.19
N GLN Y 227 -7.27 38.93 -77.12
CA GLN Y 227 -6.92 38.36 -75.83
C GLN Y 227 -8.06 37.55 -75.25
N LYS Y 228 -9.29 37.78 -75.71
CA LYS Y 228 -10.43 37.06 -75.18
C LYS Y 228 -10.44 35.65 -75.79
N ILE Y 229 -10.13 35.57 -77.09
CA ILE Y 229 -9.89 34.29 -77.75
C ILE Y 229 -8.68 33.60 -77.14
N GLY Y 230 -7.62 34.35 -76.81
CA GLY Y 230 -6.48 33.77 -76.13
C GLY Y 230 -6.80 33.22 -74.76
N ASN Y 231 -7.78 33.83 -74.08
CA ASN Y 231 -8.34 33.23 -72.87
C ASN Y 231 -9.04 31.91 -73.19
N ALA Y 232 -9.75 31.85 -74.31
CA ALA Y 232 -10.44 30.62 -74.69
C ALA Y 232 -9.49 29.48 -74.98
N ILE Y 233 -8.37 29.76 -75.67
CA ILE Y 233 -7.52 28.69 -76.18
C ILE Y 233 -6.81 28.00 -75.03
N ARG Y 234 -6.29 28.78 -74.08
CA ARG Y 234 -5.57 28.25 -72.94
C ARG Y 234 -6.47 27.79 -71.80
N THR Y 235 -7.80 27.75 -72.01
CA THR Y 235 -8.72 27.27 -71.00
C THR Y 235 -8.66 25.74 -70.91
N ILE Y 236 -7.54 25.22 -70.42
CA ILE Y 236 -7.22 23.80 -70.51
C ILE Y 236 -6.88 23.26 -69.12
N ASP Y 237 -6.88 24.15 -68.13
CA ASP Y 237 -6.42 23.81 -66.78
C ASP Y 237 -7.45 22.95 -66.07
N THR Y 238 -7.24 21.63 -66.10
CA THR Y 238 -8.01 20.69 -65.30
C THR Y 238 -7.13 19.97 -64.28
N TRP Y 239 -6.01 20.57 -63.89
CA TRP Y 239 -5.01 19.87 -63.08
C TRP Y 239 -4.72 20.55 -61.75
N TYR Y 240 -5.50 21.55 -61.37
CA TYR Y 240 -5.39 22.11 -60.03
C TYR Y 240 -6.15 21.20 -59.06
N GLU Y 241 -5.95 21.40 -57.77
CA GLU Y 241 -6.72 20.61 -56.80
C GLU Y 241 -8.15 21.13 -56.78
N ASP Y 242 -9.09 20.20 -56.66
CA ASP Y 242 -10.53 20.44 -56.84
C ASP Y 242 -10.82 21.06 -58.20
N ALA Y 243 -10.41 20.32 -59.24
CA ALA Y 243 -10.62 20.73 -60.63
C ALA Y 243 -11.93 20.18 -61.15
N THR Y 244 -12.91 21.06 -61.37
CA THR Y 244 -14.22 20.65 -61.83
C THR Y 244 -14.38 20.93 -63.32
N THR Y 245 -14.05 22.14 -63.76
CA THR Y 245 -14.14 22.58 -65.13
C THR Y 245 -12.78 23.12 -65.57
N PRO Y 246 -12.46 23.06 -66.86
CA PRO Y 246 -11.23 23.71 -67.34
C PRO Y 246 -11.32 25.23 -67.19
N ILE Y 247 -10.33 25.78 -66.50
CA ILE Y 247 -10.18 27.22 -66.36
C ILE Y 247 -9.03 27.68 -67.25
N ALA Y 248 -8.97 28.98 -67.47
CA ALA Y 248 -7.86 29.57 -68.22
C ALA Y 248 -6.58 29.42 -67.43
N VAL Y 249 -5.51 29.00 -68.13
CA VAL Y 249 -4.23 28.78 -67.47
C VAL Y 249 -3.66 30.14 -67.10
N GLU Y 250 -3.69 30.45 -65.82
CA GLU Y 250 -3.16 31.68 -65.24
C GLU Y 250 -1.96 31.31 -64.40
N PRO Y 251 -1.05 32.27 -64.14
CA PRO Y 251 0.02 32.01 -63.18
C PRO Y 251 -0.46 31.77 -61.75
N TYR Y 252 -1.67 32.19 -61.41
CA TYR Y 252 -2.24 31.91 -60.10
C TYR Y 252 -3.49 31.05 -60.18
N GLY Y 253 -3.85 30.57 -61.37
CA GLY Y 253 -5.09 29.86 -61.56
C GLY Y 253 -6.32 30.67 -61.21
N SER Y 254 -6.31 31.94 -61.53
CA SER Y 254 -7.30 32.89 -61.01
C SER Y 254 -8.28 33.28 -62.09
N VAL Y 255 -9.57 33.17 -61.77
CA VAL Y 255 -10.63 33.70 -62.60
C VAL Y 255 -11.20 34.94 -61.91
N VAL Y 256 -11.32 36.02 -62.66
CA VAL Y 256 -11.80 37.27 -62.10
C VAL Y 256 -13.31 37.22 -61.85
N ARG Y 257 -14.06 36.66 -62.79
CA ARG Y 257 -15.52 36.71 -62.76
C ARG Y 257 -16.15 35.84 -61.68
N ASN Y 258 -15.39 34.89 -61.11
CA ASN Y 258 -15.91 34.08 -60.02
C ASN Y 258 -15.48 34.58 -58.65
N GLY Y 259 -14.53 35.51 -58.56
CA GLY Y 259 -14.11 36.02 -57.29
C GLY Y 259 -13.32 35.05 -56.45
N VAL Y 260 -12.64 34.08 -57.07
CA VAL Y 260 -11.81 33.12 -56.36
C VAL Y 260 -10.64 32.79 -57.26
N ALA Y 261 -9.53 32.38 -56.63
CA ALA Y 261 -8.34 31.92 -57.33
C ALA Y 261 -8.08 30.48 -56.92
N TYR Y 262 -7.99 29.59 -57.90
CA TYR Y 262 -7.90 28.16 -57.64
C TYR Y 262 -6.50 27.67 -57.33
N ARG Y 263 -5.47 28.36 -57.79
CA ARG Y 263 -4.13 27.84 -57.61
C ARG Y 263 -3.30 28.76 -56.79
N ALA Y 264 -3.92 29.78 -56.25
CA ALA Y 264 -3.19 30.73 -55.46
C ALA Y 264 -3.32 30.35 -54.04
N GLY Y 265 -2.20 30.33 -53.34
CA GLY Y 265 -2.24 30.05 -51.93
C GLY Y 265 -2.33 28.60 -51.56
N ASN Y 266 -2.02 27.71 -52.50
CA ASN Y 266 -2.01 26.32 -52.16
C ASN Y 266 -0.88 25.60 -52.85
N LYS Y 267 0.28 26.24 -52.91
CA LYS Y 267 1.47 25.63 -53.50
C LYS Y 267 1.29 24.90 -54.81
N THR Y 268 0.59 25.51 -55.75
CA THR Y 268 0.39 24.91 -57.04
C THR Y 268 0.39 26.05 -58.01
N ASP Y 269 0.83 27.19 -57.54
CA ASP Y 269 0.92 28.33 -58.41
C ASP Y 269 2.13 28.14 -59.27
N LEU Y 270 2.14 28.81 -60.40
CA LEU Y 270 3.22 28.63 -61.32
C LEU Y 270 4.57 28.94 -60.74
N PHE Y 271 4.67 29.98 -59.94
CA PHE Y 271 5.98 30.44 -59.49
C PHE Y 271 6.68 29.42 -58.59
N THR Y 272 5.94 28.79 -57.67
CA THR Y 272 6.52 27.74 -56.84
C THR Y 272 6.92 26.53 -57.69
N LEU Y 273 6.15 26.24 -58.74
CA LEU Y 273 6.49 25.11 -59.59
C LEU Y 273 7.73 25.38 -60.46
N MET Y 274 7.91 26.62 -60.96
CA MET Y 274 9.15 26.88 -61.69
C MET Y 274 10.35 26.97 -60.77
N ASP Y 275 10.20 27.51 -59.55
CA ASP Y 275 11.31 27.42 -58.61
C ASP Y 275 11.61 25.98 -58.21
N GLY Y 276 10.60 25.12 -58.12
CA GLY Y 276 10.85 23.71 -57.90
C GLY Y 276 11.53 23.05 -59.09
N ALA Y 277 11.23 23.52 -60.29
CA ALA Y 277 11.85 22.95 -61.49
C ALA Y 277 13.32 23.34 -61.60
N VAL Y 278 13.65 24.60 -61.29
CA VAL Y 278 15.05 25.01 -61.38
C VAL Y 278 15.83 24.61 -60.12
N ASN Y 279 15.14 24.27 -59.03
CA ASN Y 279 15.82 23.56 -57.96
C ASN Y 279 15.72 22.05 -58.10
N GLY Y 280 14.95 21.55 -59.05
CA GLY Y 280 15.09 20.18 -59.50
C GLY Y 280 14.32 19.14 -58.73
N LYS Y 281 13.28 19.50 -57.99
CA LYS Y 281 12.46 18.45 -57.40
C LYS Y 281 11.56 17.84 -58.48
N SER Y 282 11.09 16.62 -58.22
CA SER Y 282 10.37 15.85 -59.21
C SER Y 282 8.96 16.42 -59.38
N LEU Y 283 8.67 16.92 -60.57
CA LEU Y 283 7.33 17.36 -60.93
C LEU Y 283 6.54 16.20 -61.52
N THR Y 284 5.23 16.26 -61.37
CA THR Y 284 4.37 15.32 -62.07
C THR Y 284 4.17 15.81 -63.50
N GLU Y 285 3.39 15.07 -64.29
CA GLU Y 285 3.21 15.47 -65.67
C GLU Y 285 2.24 16.63 -65.79
N GLU Y 286 1.22 16.68 -64.93
CA GLU Y 286 0.15 17.66 -65.08
C GLU Y 286 0.60 19.07 -64.69
N ASP Y 287 1.32 19.22 -63.58
CA ASP Y 287 1.76 20.56 -63.19
C ASP Y 287 2.89 21.06 -64.09
N GLN Y 288 3.72 20.15 -64.59
CA GLN Y 288 4.73 20.54 -65.59
C GLN Y 288 4.07 20.98 -66.89
N MET Y 289 2.98 20.30 -67.27
CA MET Y 289 2.19 20.70 -68.42
C MET Y 289 1.53 22.06 -68.19
N PHE Y 290 1.12 22.32 -66.95
CA PHE Y 290 0.57 23.63 -66.58
C PHE Y 290 1.62 24.73 -66.68
N VAL Y 291 2.84 24.45 -66.23
CA VAL Y 291 3.94 25.42 -66.31
C VAL Y 291 4.29 25.71 -67.76
N THR Y 292 4.34 24.68 -68.60
CA THR Y 292 4.60 24.87 -70.02
C THR Y 292 3.46 25.63 -70.70
N ALA Y 293 2.23 25.40 -70.25
CA ALA Y 293 1.09 26.17 -70.75
C ALA Y 293 1.18 27.64 -70.34
N ASN Y 294 1.70 27.93 -69.15
CA ASN Y 294 1.92 29.32 -68.77
C ASN Y 294 3.01 29.97 -69.60
N LEU Y 295 4.09 29.23 -69.85
CA LEU Y 295 5.19 29.75 -70.67
C LEU Y 295 4.74 29.96 -72.11
N ILE Y 296 3.82 29.13 -72.59
CA ILE Y 296 3.16 29.39 -73.86
C ILE Y 296 2.30 30.64 -73.78
N ARG Y 297 1.54 30.80 -72.68
CA ARG Y 297 0.79 32.03 -72.45
C ARG Y 297 1.72 33.21 -72.26
N GLY Y 298 2.77 33.04 -71.47
CA GLY Y 298 3.72 34.11 -71.24
C GLY Y 298 3.25 35.08 -70.18
N GLY Y 299 4.09 36.06 -69.92
CA GLY Y 299 3.84 37.06 -68.89
C GLY Y 299 5.07 37.22 -68.04
N VAL Y 300 5.17 38.37 -67.39
CA VAL Y 300 6.35 38.67 -66.58
C VAL Y 300 6.21 38.03 -65.21
N PHE Y 301 7.22 37.25 -64.84
CA PHE Y 301 7.27 36.54 -63.56
C PHE Y 301 8.54 37.00 -62.84
N GLY Y 302 8.43 38.11 -62.11
CA GLY Y 302 9.57 38.67 -61.43
C GLY Y 302 9.25 39.21 -60.05
N GLY Y 303 10.15 38.99 -59.10
CA GLY Y 303 9.94 39.46 -57.75
C GLY Y 303 11.04 39.03 -56.79
N THR Z 2 55.43 56.68 -72.44
CA THR Z 2 54.41 56.24 -73.38
C THR Z 2 53.05 56.13 -72.69
N LYS Z 3 52.29 55.09 -73.06
CA LYS Z 3 50.97 54.75 -72.51
C LYS Z 3 49.97 55.89 -72.66
N LEU Z 4 49.59 56.21 -73.91
CA LEU Z 4 48.51 57.15 -74.14
C LEU Z 4 47.21 56.58 -73.60
N LYS Z 5 46.64 57.26 -72.60
CA LYS Z 5 45.57 56.66 -71.82
C LYS Z 5 44.26 56.70 -72.56
N ALA Z 6 43.71 57.91 -72.72
CA ALA Z 6 42.53 58.31 -73.49
C ALA Z 6 42.36 59.81 -73.28
N PRO Z 7 41.68 60.51 -74.19
CA PRO Z 7 41.04 61.76 -73.78
C PRO Z 7 39.89 61.43 -72.84
N ALA Z 8 39.66 62.30 -71.86
CA ALA Z 8 38.54 62.11 -70.95
C ALA Z 8 37.25 62.48 -71.65
N VAL Z 9 37.37 63.29 -72.70
CA VAL Z 9 36.26 63.80 -73.48
C VAL Z 9 35.95 62.90 -74.69
N LEU Z 10 36.73 61.83 -74.88
CA LEU Z 10 36.77 61.09 -76.14
C LEU Z 10 35.43 60.42 -76.47
N ALA Z 11 34.92 60.73 -77.66
CA ALA Z 11 33.64 60.19 -78.10
C ALA Z 11 33.69 59.97 -79.61
N TYR Z 12 32.88 59.02 -80.06
CA TYR Z 12 32.72 58.73 -81.47
C TYR Z 12 31.25 58.83 -81.82
N SER Z 13 30.97 59.14 -83.08
CA SER Z 13 29.59 59.33 -83.49
C SER Z 13 29.05 58.07 -84.16
N ARG Z 14 27.75 58.10 -84.44
CA ARG Z 14 27.06 56.98 -85.04
C ARG Z 14 27.36 56.93 -86.53
N LYS Z 15 28.03 55.88 -86.99
CA LYS Z 15 28.33 55.74 -88.40
C LYS Z 15 27.28 54.94 -89.16
N ILE Z 16 26.37 54.28 -88.46
CA ILE Z 16 25.26 53.55 -89.07
C ILE Z 16 23.98 54.19 -88.56
N ASN Z 17 23.38 55.05 -89.36
CA ASN Z 17 22.21 55.82 -88.95
C ASN Z 17 20.98 55.30 -89.67
N PRO Z 18 20.09 54.56 -88.99
CA PRO Z 18 18.82 54.19 -89.61
C PRO Z 18 17.73 55.21 -89.31
N THR Z 19 16.71 55.20 -90.15
CA THR Z 19 15.55 56.04 -89.94
C THR Z 19 14.55 55.29 -89.07
N ASN Z 20 13.46 55.97 -88.72
CA ASN Z 20 12.39 55.32 -87.99
C ASN Z 20 11.64 54.37 -88.92
N ALA Z 21 11.57 53.11 -88.54
CA ALA Z 21 11.07 52.06 -89.42
C ALA Z 21 9.54 52.09 -89.41
N LEU Z 22 8.96 52.70 -90.43
CA LEU Z 22 7.53 52.86 -90.55
C LEU Z 22 6.88 51.53 -90.92
N MET Z 23 5.70 51.26 -90.40
CA MET Z 23 4.99 50.02 -90.67
C MET Z 23 3.76 50.28 -91.53
N PHE Z 24 3.60 49.46 -92.57
CA PHE Z 24 2.49 49.57 -93.51
C PHE Z 24 1.87 48.19 -93.70
N ALA Z 25 0.63 48.18 -94.16
CA ALA Z 25 -0.07 46.94 -94.46
C ALA Z 25 -0.15 46.78 -95.97
N VAL Z 26 0.33 45.65 -96.48
CA VAL Z 26 0.30 45.33 -97.89
C VAL Z 26 -0.17 43.89 -98.05
N ASN Z 27 -0.38 43.49 -99.29
CA ASN Z 27 -0.59 42.10 -99.62
C ASN Z 27 0.71 41.51 -100.16
N TRP Z 28 0.80 40.18 -100.14
CA TRP Z 28 2.00 39.52 -100.62
C TRP Z 28 2.14 39.62 -102.12
N SER Z 29 1.01 39.67 -102.84
CA SER Z 29 1.05 39.86 -104.29
C SER Z 29 0.97 41.34 -104.67
N ASP Z 30 0.20 42.12 -103.92
CA ASP Z 30 0.02 43.54 -104.18
C ASP Z 30 0.80 44.28 -103.11
N ARG Z 31 2.08 44.52 -103.36
CA ARG Z 31 2.96 45.20 -102.43
C ARG Z 31 3.01 46.70 -102.64
N ASP Z 32 2.28 47.21 -103.62
CA ASP Z 32 2.30 48.64 -103.92
C ASP Z 32 1.18 49.40 -103.22
N ASN Z 33 0.08 48.74 -102.90
CA ASN Z 33 -1.03 49.38 -102.19
C ASN Z 33 -0.73 49.33 -100.70
N THR Z 34 0.05 50.30 -100.24
CA THR Z 34 0.41 50.35 -98.83
C THR Z 34 -0.57 51.18 -98.01
N THR Z 35 -1.00 50.66 -96.87
CA THR Z 35 -1.89 51.42 -96.01
C THR Z 35 -1.28 51.55 -94.64
N ALA Z 36 -1.35 52.74 -94.06
CA ALA Z 36 -0.72 52.97 -92.75
C ALA Z 36 -1.28 52.10 -91.64
N VAL Z 37 -0.45 51.24 -91.05
CA VAL Z 37 -0.90 50.46 -89.90
C VAL Z 37 -0.99 51.47 -88.78
N MET Z 38 -2.14 51.56 -88.11
CA MET Z 38 -2.30 52.57 -87.08
C MET Z 38 -2.13 52.05 -85.67
N VAL Z 39 -1.59 52.89 -84.78
CA VAL Z 39 -1.48 52.50 -83.39
C VAL Z 39 -2.74 52.91 -82.66
N GLY Z 40 -3.63 51.97 -82.39
CA GLY Z 40 -4.80 52.27 -81.61
C GLY Z 40 -4.55 51.91 -80.16
N THR Z 41 -5.56 52.16 -79.33
CA THR Z 41 -5.53 51.72 -77.95
C THR Z 41 -6.66 50.74 -77.70
N LYS Z 42 -6.37 49.67 -76.96
CA LYS Z 42 -7.41 48.76 -76.53
C LYS Z 42 -7.31 48.61 -75.02
N THR Z 43 -8.44 48.33 -74.40
CA THR Z 43 -8.49 48.04 -72.98
C THR Z 43 -8.52 46.53 -72.77
N VAL Z 44 -8.12 46.11 -71.58
CA VAL Z 44 -7.69 44.75 -71.31
C VAL Z 44 -8.06 44.40 -69.88
N ALA Z 45 -8.69 43.25 -69.68
CA ALA Z 45 -8.99 42.74 -68.35
C ALA Z 45 -8.12 41.53 -68.06
N GLY Z 46 -7.10 41.71 -67.23
CA GLY Z 46 -6.23 40.63 -66.84
C GLY Z 46 -6.64 40.02 -65.51
N THR Z 47 -5.69 39.29 -64.91
CA THR Z 47 -5.97 38.50 -63.71
C THR Z 47 -5.13 38.89 -62.50
N GLN Z 48 -4.27 39.92 -62.62
CA GLN Z 48 -3.33 40.37 -61.56
C GLN Z 48 -2.44 39.23 -61.09
N SER Z 49 -1.60 38.74 -62.00
CA SER Z 49 -0.72 37.61 -61.72
C SER Z 49 0.71 38.12 -61.61
N VAL Z 50 1.12 38.50 -60.41
CA VAL Z 50 2.48 38.90 -60.13
C VAL Z 50 3.17 37.76 -59.39
N ARG Z 51 4.50 37.79 -59.38
CA ARG Z 51 5.27 36.69 -58.78
C ARG Z 51 5.10 36.63 -57.26
N GLY Z 52 4.79 37.75 -56.62
CA GLY Z 52 4.84 37.78 -55.18
C GLY Z 52 3.55 37.32 -54.55
N ASN Z 53 2.81 38.23 -53.93
CA ASN Z 53 1.62 37.94 -53.14
C ASN Z 53 0.53 37.27 -53.98
N PRO Z 54 0.02 36.13 -53.51
CA PRO Z 54 -1.06 35.44 -54.25
C PRO Z 54 -2.45 35.86 -53.83
N ASN Z 55 -2.60 36.66 -52.77
CA ASN Z 55 -3.92 36.98 -52.25
C ASN Z 55 -4.58 38.16 -52.97
N ASP Z 56 -3.89 38.77 -53.92
CA ASP Z 56 -4.51 39.71 -54.85
C ASP Z 56 -4.65 39.12 -56.25
N ALA Z 57 -4.65 37.79 -56.36
CA ALA Z 57 -4.96 37.13 -57.62
C ALA Z 57 -6.42 37.32 -58.01
N ASP Z 58 -7.27 37.61 -57.04
CA ASP Z 58 -8.64 38.01 -57.27
C ASP Z 58 -8.69 39.41 -57.89
N LYS Z 59 -9.87 39.71 -58.46
CA LYS Z 59 -10.31 40.96 -59.11
C LYS Z 59 -9.47 41.36 -60.32
N GLY Z 60 -10.00 42.27 -61.13
CA GLY Z 60 -9.42 42.53 -62.44
C GLY Z 60 -8.14 43.33 -62.41
N ASN Z 61 -7.34 43.13 -63.44
CA ASN Z 61 -6.15 43.93 -63.70
C ASN Z 61 -6.48 45.17 -64.51
N ILE Z 62 -7.44 45.04 -65.43
CA ILE Z 62 -8.19 46.04 -66.22
C ILE Z 62 -7.48 47.38 -66.47
N GLN Z 63 -6.73 47.45 -67.57
CA GLN Z 63 -6.02 48.67 -67.93
C GLN Z 63 -5.98 48.77 -69.45
N THR Z 64 -5.60 49.95 -69.93
CA THR Z 64 -5.51 50.20 -71.36
C THR Z 64 -4.06 50.13 -71.83
N VAL Z 65 -3.87 49.56 -73.02
CA VAL Z 65 -2.57 49.46 -73.66
C VAL Z 65 -2.73 49.92 -75.11
N ASN Z 66 -1.60 50.06 -75.79
CA ASN Z 66 -1.59 50.37 -77.21
C ASN Z 66 -1.38 49.11 -78.02
N PHE Z 67 -2.06 49.03 -79.16
CA PHE Z 67 -2.00 47.87 -80.03
C PHE Z 67 -1.87 48.33 -81.48
N ALA Z 68 -1.29 47.45 -82.30
CA ALA Z 68 -1.19 47.69 -83.73
C ALA Z 68 -1.37 46.36 -84.44
N ASN Z 69 -2.45 46.23 -85.20
CA ASN Z 69 -2.77 45.03 -85.96
C ASN Z 69 -2.81 45.37 -87.44
N LEU Z 70 -2.54 44.36 -88.27
CA LEU Z 70 -2.85 44.49 -89.67
C LEU Z 70 -4.37 44.48 -89.85
N PRO Z 71 -4.90 45.26 -90.79
CA PRO Z 71 -6.32 45.11 -91.13
C PRO Z 71 -6.57 43.77 -91.79
N HIS Z 72 -7.80 43.29 -91.67
CA HIS Z 72 -8.14 41.93 -92.06
C HIS Z 72 -8.42 41.78 -93.56
N ASN Z 73 -8.01 42.75 -94.38
CA ASN Z 73 -8.03 42.61 -95.83
C ASN Z 73 -6.64 42.45 -96.42
N LYS Z 74 -5.59 42.74 -95.66
CA LYS Z 74 -4.22 42.56 -96.11
C LYS Z 74 -3.45 41.71 -95.10
N ASN Z 75 -2.56 40.87 -95.62
CA ASN Z 75 -1.93 39.83 -94.82
C ASN Z 75 -0.42 39.99 -94.67
N THR Z 76 0.15 41.08 -95.16
CA THR Z 76 1.60 41.27 -95.17
C THR Z 76 1.94 42.56 -94.45
N LEU Z 77 2.94 42.52 -93.59
CA LEU Z 77 3.47 43.72 -92.95
C LEU Z 77 4.68 44.19 -93.73
N LEU Z 78 4.68 45.46 -94.12
CA LEU Z 78 5.82 46.10 -94.73
C LEU Z 78 6.49 47.01 -93.70
N VAL Z 79 7.81 46.95 -93.65
CA VAL Z 79 8.60 47.83 -92.80
C VAL Z 79 9.54 48.63 -93.70
N LYS Z 80 9.37 49.95 -93.69
CA LYS Z 80 10.16 50.90 -94.46
C LYS Z 80 11.20 51.52 -93.56
N TYR Z 81 12.47 51.46 -93.95
CA TYR Z 81 13.45 52.35 -93.32
C TYR Z 81 14.60 52.60 -94.29
N ASN Z 82 15.44 53.57 -93.92
CA ASN Z 82 16.65 53.90 -94.66
C ASN Z 82 17.82 53.84 -93.72
N VAL Z 83 18.78 52.97 -94.01
CA VAL Z 83 20.00 52.86 -93.22
C VAL Z 83 21.13 53.53 -93.98
N LYS Z 84 21.73 54.54 -93.34
CA LYS Z 84 22.81 55.29 -93.98
C LYS Z 84 24.15 54.99 -93.33
N PHE Z 85 24.98 54.22 -94.04
CA PHE Z 85 26.31 53.95 -93.53
C PHE Z 85 27.14 55.18 -93.84
N VAL Z 86 28.00 55.60 -92.91
CA VAL Z 86 28.76 56.83 -93.08
C VAL Z 86 30.25 56.55 -92.86
N GLY Z 87 31.11 57.18 -93.66
CA GLY Z 87 32.55 56.98 -93.53
C GLY Z 87 33.26 57.82 -92.50
N ASP Z 88 34.57 58.02 -92.64
CA ASP Z 88 35.37 58.76 -91.64
C ASP Z 88 35.12 58.13 -90.29
N VAL Z 89 35.20 56.81 -90.22
CA VAL Z 89 34.86 56.10 -88.99
C VAL Z 89 35.91 56.10 -87.91
N PHE Z 90 37.15 56.41 -88.26
CA PHE Z 90 38.21 56.35 -87.28
C PHE Z 90 38.50 57.71 -86.69
N LYS Z 91 37.97 58.77 -87.30
CA LYS Z 91 38.16 60.07 -86.70
C LYS Z 91 37.24 60.20 -85.50
N ALA Z 92 37.73 60.83 -84.44
CA ALA Z 92 36.87 61.13 -83.31
C ALA Z 92 36.10 62.40 -83.62
N GLU Z 93 34.78 62.34 -83.40
CA GLU Z 93 33.95 63.50 -83.67
C GLU Z 93 34.28 64.63 -82.70
N LEU Z 94 34.54 64.29 -81.44
CA LEU Z 94 34.82 65.29 -80.44
C LEU Z 94 35.93 64.88 -79.48
N GLY Z 95 36.59 63.76 -79.71
CA GLY Z 95 37.74 63.37 -78.92
C GLY Z 95 39.02 63.97 -79.45
N GLY Z 96 40.13 63.46 -78.93
CA GLY Z 96 41.44 64.03 -79.18
C GLY Z 96 42.00 63.70 -80.55
N GLY Z 97 43.31 63.92 -80.68
CA GLY Z 97 43.98 63.76 -81.97
C GLY Z 97 45.27 62.98 -81.91
N GLU Z 98 45.62 62.44 -80.74
CA GLU Z 98 46.75 61.53 -80.63
C GLU Z 98 46.27 60.10 -80.46
N TYR Z 99 45.42 59.89 -79.45
CA TYR Z 99 44.84 58.59 -79.17
C TYR Z 99 43.97 58.11 -80.33
N SER Z 100 43.23 59.04 -80.95
CA SER Z 100 42.36 58.69 -82.07
C SER Z 100 43.14 58.25 -83.29
N ASN Z 101 44.25 58.93 -83.61
CA ASN Z 101 45.02 58.50 -84.77
C ASN Z 101 45.84 57.25 -84.50
N THR Z 102 46.28 57.03 -83.26
CA THR Z 102 46.92 55.75 -82.97
C THR Z 102 45.93 54.59 -83.04
N LEU Z 103 44.67 54.84 -82.65
CA LEU Z 103 43.63 53.84 -82.85
C LEU Z 103 43.30 53.67 -84.34
N GLN Z 104 43.39 54.75 -85.12
CA GLN Z 104 43.18 54.66 -86.56
C GLN Z 104 44.25 53.79 -87.20
N THR Z 105 45.51 53.99 -86.83
CA THR Z 105 46.59 53.16 -87.36
C THR Z 105 46.55 51.75 -86.79
N ALA Z 106 45.94 51.56 -85.62
CA ALA Z 106 45.81 50.22 -85.06
C ALA Z 106 44.79 49.39 -85.81
N LEU Z 107 43.67 49.99 -86.19
CA LEU Z 107 42.59 49.28 -86.86
C LEU Z 107 42.58 49.51 -88.37
N GLU Z 108 43.70 49.99 -88.93
CA GLU Z 108 43.75 50.25 -90.37
C GLU Z 108 43.81 48.96 -91.18
N ASN Z 109 44.16 47.84 -90.57
CA ASN Z 109 44.22 46.55 -91.25
C ASN Z 109 43.10 45.62 -90.80
N THR Z 110 42.03 46.16 -90.22
CA THR Z 110 40.92 45.33 -89.79
C THR Z 110 40.13 44.86 -91.01
N ASP Z 111 39.36 43.78 -90.82
CA ASP Z 111 38.61 43.17 -91.90
C ASP Z 111 37.25 43.86 -91.95
N PHE Z 112 37.16 44.90 -92.77
CA PHE Z 112 35.91 45.60 -92.96
C PHE Z 112 34.89 44.79 -93.76
N GLY Z 113 35.35 43.78 -94.52
CA GLY Z 113 34.44 42.98 -95.30
C GLY Z 113 33.51 42.13 -94.45
N THR Z 114 34.05 41.49 -93.41
CA THR Z 114 33.22 40.70 -92.50
C THR Z 114 32.29 41.60 -91.70
N LEU Z 115 32.78 42.78 -91.31
CA LEU Z 115 31.99 43.77 -90.59
C LEU Z 115 30.78 44.22 -91.42
N ALA Z 116 31.04 44.64 -92.66
CA ALA Z 116 29.98 45.08 -93.56
C ALA Z 116 29.05 43.95 -93.95
N TYR Z 117 29.58 42.73 -94.09
CA TYR Z 117 28.72 41.60 -94.44
C TYR Z 117 27.78 41.27 -93.29
N ARG Z 118 28.26 41.36 -92.05
CA ARG Z 118 27.38 41.08 -90.92
C ARG Z 118 26.34 42.17 -90.76
N TYR Z 119 26.69 43.43 -91.05
CA TYR Z 119 25.68 44.49 -91.01
C TYR Z 119 24.63 44.32 -92.08
N VAL Z 120 25.05 44.12 -93.34
CA VAL Z 120 24.11 43.96 -94.44
C VAL Z 120 23.33 42.65 -94.29
N TYR Z 121 23.91 41.66 -93.63
CA TYR Z 121 23.17 40.43 -93.36
C TYR Z 121 22.10 40.64 -92.29
N ASN Z 122 22.41 41.43 -91.25
CA ASN Z 122 21.39 41.77 -90.25
C ASN Z 122 20.28 42.61 -90.85
N ILE Z 123 20.61 43.43 -91.85
CA ILE Z 123 19.56 44.14 -92.58
C ILE Z 123 18.75 43.18 -93.45
N ALA Z 124 19.44 42.29 -94.17
CA ALA Z 124 18.81 41.50 -95.22
C ALA Z 124 18.11 40.26 -94.69
N ALA Z 125 18.58 39.68 -93.59
CA ALA Z 125 17.85 38.58 -92.97
C ALA Z 125 16.67 39.05 -92.16
N GLY Z 126 16.51 40.37 -92.00
CA GLY Z 126 15.36 40.90 -91.30
C GLY Z 126 15.51 40.94 -89.80
N ARG Z 127 16.73 40.98 -89.28
CA ARG Z 127 16.92 41.04 -87.83
C ARG Z 127 16.46 42.39 -87.25
N THR Z 128 16.33 43.42 -88.10
CA THR Z 128 15.73 44.68 -87.68
C THR Z 128 14.26 44.52 -87.29
N LEU Z 129 13.58 43.55 -87.88
CA LEU Z 129 12.32 43.07 -87.34
C LEU Z 129 12.63 42.24 -86.09
N TRP Z 130 11.90 42.50 -85.00
CA TRP Z 130 12.28 41.91 -83.72
C TRP Z 130 11.32 40.82 -83.26
N ARG Z 131 10.06 41.16 -83.03
CA ARG Z 131 9.04 40.15 -82.77
C ARG Z 131 8.08 40.05 -83.93
N ASN Z 132 8.25 40.89 -84.95
CA ASN Z 132 7.43 40.82 -86.14
C ASN Z 132 7.76 39.62 -87.01
N ARG Z 133 8.88 38.95 -86.77
CA ARG Z 133 9.20 37.72 -87.48
C ARG Z 133 8.49 36.52 -86.91
N VAL Z 134 7.92 36.66 -85.71
CA VAL Z 134 7.27 35.55 -85.03
C VAL Z 134 6.02 35.17 -85.80
N GLY Z 135 5.99 33.94 -86.30
CA GLY Z 135 4.90 33.47 -87.13
C GLY Z 135 4.78 34.15 -88.49
N ALA Z 136 5.88 34.21 -89.23
CA ALA Z 136 5.89 34.77 -90.58
C ALA Z 136 6.06 33.63 -91.58
N GLU Z 137 5.19 33.62 -92.60
CA GLU Z 137 5.29 32.60 -93.65
C GLU Z 137 6.58 32.77 -94.44
N SER Z 138 6.90 33.99 -94.83
CA SER Z 138 8.05 34.27 -95.68
C SER Z 138 8.47 35.71 -95.48
N ILE Z 139 9.77 35.93 -95.33
CA ILE Z 139 10.32 37.25 -95.10
C ILE Z 139 11.12 37.65 -96.34
N GLU Z 140 10.62 38.62 -97.07
CA GLU Z 140 11.24 39.11 -98.30
C GLU Z 140 11.77 40.51 -98.04
N THR Z 141 13.07 40.68 -98.18
CA THR Z 141 13.74 41.95 -97.92
C THR Z 141 14.19 42.57 -99.23
N VAL Z 142 13.73 43.79 -99.50
CA VAL Z 142 14.11 44.52 -100.70
C VAL Z 142 15.01 45.66 -100.27
N ILE Z 143 16.29 45.59 -100.66
CA ILE Z 143 17.27 46.61 -100.35
C ILE Z 143 17.61 47.33 -101.63
N THR Z 144 17.27 48.61 -101.72
CA THR Z 144 17.64 49.44 -102.85
C THR Z 144 18.82 50.28 -102.41
N VAL Z 145 19.96 50.10 -103.07
CA VAL Z 145 21.18 50.83 -102.75
C VAL Z 145 21.83 51.30 -104.05
N ASN Z 146 22.07 52.61 -104.14
CA ASN Z 146 22.49 53.39 -105.33
C ASN Z 146 21.87 52.89 -106.64
N ASP Z 147 20.54 52.84 -106.63
CA ASP Z 147 19.70 52.37 -107.74
C ASP Z 147 20.06 50.94 -108.14
N GLN Z 148 19.98 50.03 -107.17
CA GLN Z 148 20.18 48.60 -107.40
C GLN Z 148 19.32 47.85 -106.40
N THR Z 149 18.35 47.11 -106.89
CA THR Z 149 17.38 46.43 -106.03
C THR Z 149 17.84 44.99 -105.78
N PHE Z 150 18.00 44.63 -104.52
CA PHE Z 150 18.40 43.30 -104.10
C PHE Z 150 17.26 42.69 -103.31
N THR Z 151 16.80 41.52 -103.74
CA THR Z 151 15.69 40.83 -103.10
C THR Z 151 16.22 39.61 -102.36
N PHE Z 152 15.82 39.47 -101.10
CA PHE Z 152 16.29 38.41 -100.23
C PHE Z 152 15.11 37.61 -99.69
N SER Z 153 15.22 36.30 -99.77
CA SER Z 153 14.25 35.38 -99.21
C SER Z 153 14.61 35.12 -97.74
N ASP Z 154 14.03 34.07 -97.16
CA ASP Z 154 14.29 33.72 -95.77
C ASP Z 154 15.71 33.21 -95.62
N LEU Z 155 16.58 34.02 -95.05
CA LEU Z 155 17.93 33.59 -94.70
C LEU Z 155 18.00 33.26 -93.21
N LEU Z 156 18.83 32.29 -92.88
CA LEU Z 156 19.05 31.93 -91.49
C LEU Z 156 19.86 33.04 -90.82
N VAL Z 157 19.35 33.56 -89.71
CA VAL Z 157 19.78 34.88 -89.24
C VAL Z 157 20.98 34.77 -88.31
N ASN Z 158 20.98 33.77 -87.42
CA ASN Z 158 22.01 33.70 -86.39
C ASN Z 158 23.36 33.29 -86.95
N GLU Z 159 23.38 32.67 -88.13
CA GLU Z 159 24.62 32.33 -88.81
C GLU Z 159 24.74 33.19 -90.06
N PHE Z 160 25.91 33.80 -90.24
CA PHE Z 160 26.15 34.69 -91.37
C PHE Z 160 26.69 33.88 -92.55
N ASP Z 161 25.79 33.11 -93.16
CA ASP Z 161 26.16 32.25 -94.25
C ASP Z 161 26.43 33.07 -95.52
N GLU Z 162 27.19 32.47 -96.43
CA GLU Z 162 27.68 33.19 -97.60
C GLU Z 162 26.56 33.37 -98.61
N ASP Z 163 26.25 34.62 -98.92
CA ASP Z 163 25.29 34.96 -99.96
C ASP Z 163 25.93 36.02 -100.84
N VAL Z 164 25.73 35.90 -102.16
CA VAL Z 164 26.44 36.76 -103.09
C VAL Z 164 25.83 38.15 -103.18
N ASP Z 165 24.55 38.32 -102.85
CA ASP Z 165 23.96 39.65 -102.91
C ASP Z 165 24.24 40.44 -101.64
N VAL Z 166 24.28 39.75 -100.49
CA VAL Z 166 24.72 40.38 -99.25
C VAL Z 166 26.17 40.82 -99.37
N ALA Z 167 27.01 39.98 -99.98
CA ALA Z 167 28.40 40.36 -100.23
C ALA Z 167 28.48 41.48 -101.26
N GLU Z 168 27.55 41.51 -102.22
CA GLU Z 168 27.53 42.58 -103.21
C GLU Z 168 27.25 43.93 -102.58
N ILE Z 169 26.22 44.01 -101.72
CA ILE Z 169 25.94 45.28 -101.03
C ILE Z 169 27.05 45.60 -100.02
N ALA Z 170 27.58 44.57 -99.36
CA ALA Z 170 28.65 44.75 -98.40
C ALA Z 170 29.96 45.22 -99.03
N ASP Z 171 30.12 45.04 -100.35
CA ASP Z 171 31.27 45.61 -101.03
C ASP Z 171 31.27 47.14 -100.96
N MET Z 172 30.16 47.78 -101.34
CA MET Z 172 30.13 49.24 -101.19
C MET Z 172 29.98 49.68 -99.74
N VAL Z 173 29.37 48.86 -98.89
CA VAL Z 173 29.28 49.23 -97.47
C VAL Z 173 30.65 49.19 -96.82
N ALA Z 174 31.48 48.19 -97.16
CA ALA Z 174 32.85 48.14 -96.67
C ALA Z 174 33.72 49.21 -97.29
N GLY Z 175 33.47 49.56 -98.56
CA GLY Z 175 34.19 50.66 -99.17
C GLY Z 175 33.88 51.99 -98.53
N VAL Z 176 32.63 52.17 -98.10
CA VAL Z 176 32.25 53.37 -97.36
C VAL Z 176 32.88 53.37 -95.97
N LEU Z 177 32.78 52.24 -95.25
CA LEU Z 177 33.21 52.21 -93.85
C LEU Z 177 34.73 52.22 -93.72
N SER Z 178 35.45 51.72 -94.73
CA SER Z 178 36.91 51.73 -94.66
C SER Z 178 37.48 53.11 -94.91
N GLY Z 179 36.79 53.94 -95.71
CA GLY Z 179 37.28 55.26 -96.05
C GLY Z 179 36.24 56.33 -95.75
N GLU Z 180 36.14 57.28 -96.66
CA GLU Z 180 35.23 58.39 -96.54
C GLU Z 180 33.93 58.10 -97.29
N GLY Z 181 33.08 59.10 -97.43
CA GLY Z 181 31.85 58.96 -98.16
C GLY Z 181 30.73 58.38 -97.30
N PHE Z 182 29.68 57.95 -97.99
CA PHE Z 182 28.49 57.40 -97.34
C PHE Z 182 27.73 56.57 -98.36
N VAL Z 183 26.77 55.80 -97.86
CA VAL Z 183 25.89 55.02 -98.71
C VAL Z 183 24.53 54.91 -98.02
N THR Z 184 23.48 54.78 -98.81
CA THR Z 184 22.11 54.76 -98.30
C THR Z 184 21.43 53.48 -98.78
N LEU Z 185 20.76 52.79 -97.86
CA LEU Z 185 20.08 51.54 -98.12
C LEU Z 185 18.61 51.73 -97.78
N LYS Z 186 17.76 51.80 -98.79
CA LYS Z 186 16.32 51.85 -98.57
C LYS Z 186 15.80 50.43 -98.47
N VAL Z 187 15.39 50.02 -97.28
CA VAL Z 187 15.09 48.63 -96.96
C VAL Z 187 13.60 48.48 -96.68
N GLU Z 188 12.98 47.56 -97.42
CA GLU Z 188 11.54 47.33 -97.38
C GLU Z 188 11.37 45.86 -96.98
N HIS Z 189 10.75 45.61 -95.83
CA HIS Z 189 10.50 44.23 -95.41
C HIS Z 189 9.05 43.85 -95.68
N TYR Z 190 8.88 42.65 -96.25
CA TYR Z 190 7.57 42.07 -96.56
C TYR Z 190 7.51 40.74 -95.82
N MET Z 191 6.72 40.67 -94.75
CA MET Z 191 6.49 39.42 -94.03
C MET Z 191 5.02 39.06 -94.05
N LEU Z 192 4.73 37.84 -94.51
CA LEU Z 192 3.37 37.32 -94.63
C LEU Z 192 2.92 36.90 -93.23
N LEU Z 193 2.49 37.89 -92.46
CA LEU Z 193 2.06 37.61 -91.08
C LEU Z 193 0.66 37.03 -90.98
N GLY Z 194 -0.11 37.08 -92.07
CA GLY Z 194 -1.47 36.60 -92.00
C GLY Z 194 -2.46 37.72 -91.88
N GLU Z 195 -3.69 37.50 -92.34
CA GLU Z 195 -4.69 38.56 -92.34
C GLU Z 195 -5.15 38.97 -90.95
N GLY Z 196 -4.77 40.17 -90.53
CA GLY Z 196 -5.20 40.66 -89.24
C GLY Z 196 -4.26 40.40 -88.09
N SER Z 197 -3.06 39.92 -88.38
CA SER Z 197 -2.13 39.57 -87.32
C SER Z 197 -1.62 40.78 -86.55
N GLU Z 198 -1.49 40.63 -85.23
CA GLU Z 198 -0.96 41.72 -84.42
C GLU Z 198 0.52 41.90 -84.74
N VAL Z 199 0.92 43.15 -84.97
CA VAL Z 199 2.33 43.43 -85.25
C VAL Z 199 2.94 44.03 -83.99
N PHE Z 200 4.26 44.14 -83.96
CA PHE Z 200 4.93 44.64 -82.76
C PHE Z 200 5.84 45.83 -83.04
N PRO Z 201 5.28 47.06 -83.01
CA PRO Z 201 6.12 48.25 -83.19
C PRO Z 201 6.90 48.55 -81.92
N SER Z 202 7.79 49.53 -81.98
CA SER Z 202 8.60 49.79 -80.79
C SER Z 202 7.72 50.34 -79.69
N GLN Z 203 7.90 49.81 -78.49
CA GLN Z 203 7.17 50.31 -77.34
C GLN Z 203 7.88 51.55 -76.80
N GLU Z 204 7.14 52.38 -76.08
CA GLU Z 204 7.68 53.61 -75.55
C GLU Z 204 7.93 53.49 -74.06
N PHE Z 205 8.79 54.36 -73.55
CA PHE Z 205 9.05 54.53 -72.14
C PHE Z 205 8.21 55.71 -71.66
N VAL Z 206 7.31 55.46 -70.71
CA VAL Z 206 6.48 56.49 -70.12
C VAL Z 206 6.42 56.29 -68.61
N GLU Z 207 6.07 57.36 -67.91
CA GLU Z 207 5.98 57.33 -66.45
C GLU Z 207 4.58 57.58 -65.94
N ASN Z 208 3.96 58.69 -66.34
CA ASN Z 208 2.66 59.08 -65.80
C ASN Z 208 1.51 58.82 -66.77
N SER Z 209 1.74 58.04 -67.82
CA SER Z 209 0.70 57.79 -68.81
C SER Z 209 -0.33 56.81 -68.28
N LYS Z 210 -1.54 56.91 -68.81
CA LYS Z 210 -2.59 55.95 -68.47
C LYS Z 210 -2.37 54.62 -69.18
N LEU Z 211 -1.68 54.62 -70.31
CA LEU Z 211 -1.42 53.39 -71.03
C LEU Z 211 -0.33 52.59 -70.33
N SER Z 212 -0.62 51.30 -70.09
CA SER Z 212 0.40 50.43 -69.52
C SER Z 212 1.49 50.14 -70.54
N LYS Z 213 1.11 49.91 -71.79
CA LYS Z 213 2.05 49.77 -72.90
C LYS Z 213 1.65 50.78 -73.97
N GLN Z 214 2.61 51.56 -74.43
CA GLN Z 214 2.37 52.54 -75.48
C GLN Z 214 3.37 52.32 -76.60
N LEU Z 215 2.86 52.14 -77.80
CA LEU Z 215 3.69 51.87 -78.97
C LEU Z 215 4.14 53.18 -79.62
N PHE Z 216 5.32 53.14 -80.24
CA PHE Z 216 5.85 54.31 -80.90
C PHE Z 216 5.06 54.59 -82.18
N ASP Z 217 4.68 55.84 -82.37
CA ASP Z 217 3.92 56.24 -83.54
C ASP Z 217 4.46 57.55 -84.12
N LEU Z 218 4.24 57.73 -85.41
CA LEU Z 218 4.49 58.99 -86.11
C LEU Z 218 3.23 59.33 -86.89
N ASN Z 219 2.52 60.36 -86.42
CA ASN Z 219 1.18 60.73 -86.89
C ASN Z 219 0.21 59.55 -86.82
N GLY Z 220 0.32 58.77 -85.74
CA GLY Z 220 -0.54 57.63 -85.53
C GLY Z 220 -0.09 56.35 -86.20
N GLN Z 221 0.75 56.44 -87.22
CA GLN Z 221 1.22 55.26 -87.93
C GLN Z 221 2.20 54.48 -87.06
N ALA Z 222 2.01 53.16 -87.01
CA ALA Z 222 2.92 52.28 -86.28
C ALA Z 222 4.33 52.37 -86.84
N ALA Z 223 5.31 52.49 -85.95
CA ALA Z 223 6.68 52.66 -86.37
C ALA Z 223 7.60 52.05 -85.33
N MET Z 224 8.79 51.69 -85.77
CA MET Z 224 9.85 51.23 -84.89
C MET Z 224 10.84 52.35 -84.65
N HIS Z 225 11.46 52.33 -83.48
CA HIS Z 225 12.49 53.29 -83.13
C HIS Z 225 13.70 53.08 -84.04
N ASP Z 226 14.35 54.20 -84.38
CA ASP Z 226 15.59 54.10 -85.13
C ASP Z 226 16.70 53.51 -84.28
N GLN Z 227 16.65 53.71 -82.95
CA GLN Z 227 17.65 53.10 -82.09
C GLN Z 227 17.44 51.59 -81.98
N LYS Z 228 16.19 51.12 -82.11
CA LYS Z 228 15.92 49.68 -82.10
C LYS Z 228 16.45 49.01 -83.36
N ILE Z 229 16.20 49.65 -84.51
CA ILE Z 229 16.71 49.15 -85.79
C ILE Z 229 18.23 49.18 -85.78
N GLY Z 230 18.82 50.29 -85.30
CA GLY Z 230 20.27 50.39 -85.23
C GLY Z 230 20.92 49.44 -84.24
N ASN Z 231 20.20 49.09 -83.16
CA ASN Z 231 20.65 48.03 -82.27
C ASN Z 231 20.65 46.70 -83.00
N ALA Z 232 19.65 46.47 -83.83
CA ALA Z 232 19.62 45.22 -84.59
C ALA Z 232 20.57 45.21 -85.78
N ILE Z 233 21.12 46.36 -86.19
CA ILE Z 233 22.18 46.34 -87.19
C ILE Z 233 23.43 45.71 -86.59
N ARG Z 234 23.82 46.15 -85.39
CA ARG Z 234 25.08 45.74 -84.79
C ARG Z 234 24.94 44.53 -83.91
N THR Z 235 23.96 43.66 -84.16
CA THR Z 235 23.88 42.38 -83.45
C THR Z 235 24.74 41.35 -84.20
N ILE Z 236 26.03 41.64 -84.20
CA ILE Z 236 27.01 40.88 -84.98
C ILE Z 236 28.08 40.24 -84.10
N ASP Z 237 28.10 40.55 -82.80
CA ASP Z 237 29.16 40.13 -81.90
C ASP Z 237 29.07 38.63 -81.67
N THR Z 238 29.91 37.87 -82.36
CA THR Z 238 30.10 36.45 -82.10
C THR Z 238 31.53 36.16 -81.64
N TRP Z 239 32.21 37.16 -81.07
CA TRP Z 239 33.62 37.04 -80.74
C TRP Z 239 33.89 37.20 -79.26
N TYR Z 240 32.87 37.07 -78.41
CA TYR Z 240 33.06 37.12 -76.97
C TYR Z 240 33.41 35.74 -76.44
N GLU Z 241 33.48 35.63 -75.11
CA GLU Z 241 33.79 34.36 -74.47
C GLU Z 241 32.57 33.44 -74.48
N ASP Z 242 32.77 32.20 -74.96
CA ASP Z 242 31.73 31.19 -75.14
C ASP Z 242 30.59 31.71 -76.03
N ALA Z 243 30.95 31.99 -77.28
CA ALA Z 243 30.02 32.58 -78.23
C ALA Z 243 29.05 31.53 -78.73
N THR Z 244 27.75 31.77 -78.52
CA THR Z 244 26.69 30.91 -79.02
C THR Z 244 25.80 31.63 -80.02
N THR Z 245 25.31 32.82 -79.67
CA THR Z 245 24.46 33.63 -80.51
C THR Z 245 25.05 35.02 -80.67
N PRO Z 246 24.83 35.68 -81.81
CA PRO Z 246 25.29 37.07 -81.96
C PRO Z 246 24.53 38.01 -81.04
N ILE Z 247 25.27 38.81 -80.29
CA ILE Z 247 24.70 39.84 -79.44
C ILE Z 247 25.03 41.20 -80.03
N ALA Z 248 24.41 42.23 -79.46
CA ALA Z 248 24.60 43.58 -79.95
C ALA Z 248 26.00 44.09 -79.63
N VAL Z 249 26.54 44.91 -80.53
CA VAL Z 249 27.86 45.49 -80.31
C VAL Z 249 27.73 46.56 -79.23
N GLU Z 250 28.41 46.35 -78.12
CA GLU Z 250 28.42 47.23 -76.97
C GLU Z 250 29.84 47.35 -76.48
N PRO Z 251 30.17 48.42 -75.75
CA PRO Z 251 31.52 48.49 -75.16
C PRO Z 251 31.82 47.42 -74.12
N TYR Z 252 30.79 46.82 -73.53
CA TYR Z 252 30.95 45.76 -72.54
C TYR Z 252 30.29 44.46 -72.96
N GLY Z 253 29.81 44.38 -74.20
CA GLY Z 253 29.03 43.23 -74.65
C GLY Z 253 27.75 43.06 -73.86
N SER Z 254 27.15 44.15 -73.44
CA SER Z 254 26.11 44.13 -72.43
C SER Z 254 24.74 44.03 -73.09
N VAL Z 255 24.01 42.97 -72.75
CA VAL Z 255 22.61 42.85 -73.10
C VAL Z 255 21.78 43.22 -71.88
N VAL Z 256 20.88 44.17 -72.05
CA VAL Z 256 19.99 44.60 -70.98
C VAL Z 256 19.01 43.49 -70.63
N ARG Z 257 18.58 42.71 -71.62
CA ARG Z 257 17.48 41.78 -71.42
C ARG Z 257 17.90 40.59 -70.58
N ASN Z 258 19.05 40.00 -70.89
CA ASN Z 258 19.54 38.87 -70.10
C ASN Z 258 20.13 39.31 -68.77
N GLY Z 259 20.45 40.60 -68.62
CA GLY Z 259 20.93 41.10 -67.35
C GLY Z 259 22.36 40.74 -67.03
N VAL Z 260 23.14 40.30 -68.02
CA VAL Z 260 24.54 39.96 -67.83
C VAL Z 260 25.34 40.50 -69.01
N ALA Z 261 26.43 41.20 -68.71
CA ALA Z 261 27.32 41.72 -69.74
C ALA Z 261 28.27 40.62 -70.18
N TYR Z 262 28.40 40.44 -71.50
CA TYR Z 262 29.10 39.27 -72.03
C TYR Z 262 30.58 39.52 -72.25
N ARG Z 263 31.06 40.74 -72.05
CA ARG Z 263 32.48 41.05 -72.25
C ARG Z 263 33.06 41.81 -71.06
N ALA Z 264 32.35 41.88 -69.95
CA ALA Z 264 32.81 42.60 -68.76
C ALA Z 264 33.37 41.62 -67.74
N GLY Z 265 34.54 41.94 -67.21
CA GLY Z 265 35.18 41.13 -66.20
C GLY Z 265 36.12 40.06 -66.70
N ASN Z 266 36.23 39.86 -68.02
CA ASN Z 266 37.12 38.86 -68.57
C ASN Z 266 38.14 39.49 -69.53
N LYS Z 267 38.35 40.82 -69.43
CA LYS Z 267 39.35 41.57 -70.19
C LYS Z 267 39.12 41.47 -71.70
N THR Z 268 37.85 41.32 -72.11
CA THR Z 268 37.47 41.26 -73.51
C THR Z 268 36.55 42.41 -73.88
N ASP Z 269 36.48 43.44 -73.05
CA ASP Z 269 35.64 44.58 -73.34
C ASP Z 269 36.32 45.51 -74.34
N LEU Z 270 35.64 46.60 -74.70
CA LEU Z 270 36.15 47.49 -75.72
C LEU Z 270 37.32 48.31 -75.21
N PHE Z 271 37.26 48.76 -73.95
CA PHE Z 271 38.21 49.77 -73.47
C PHE Z 271 39.60 49.19 -73.26
N THR Z 272 39.69 47.96 -72.74
CA THR Z 272 41.00 47.33 -72.56
C THR Z 272 41.66 47.03 -73.89
N LEU Z 273 40.90 46.49 -74.85
CA LEU Z 273 41.44 46.21 -76.18
C LEU Z 273 41.77 47.51 -76.93
N MET Z 274 41.02 48.57 -76.66
CA MET Z 274 41.23 49.86 -77.32
C MET Z 274 42.50 50.52 -76.80
N ASP Z 275 42.71 50.48 -75.48
CA ASP Z 275 43.96 50.96 -74.90
C ASP Z 275 45.14 50.11 -75.33
N GLY Z 276 44.94 48.80 -75.46
CA GLY Z 276 46.00 47.94 -75.95
C GLY Z 276 46.35 48.20 -77.41
N ALA Z 277 45.34 48.43 -78.24
CA ALA Z 277 45.56 48.72 -79.65
C ALA Z 277 46.27 50.06 -79.84
N VAL Z 278 45.96 51.05 -79.01
CA VAL Z 278 46.71 52.30 -79.08
C VAL Z 278 48.13 52.12 -78.56
N ASN Z 279 48.30 51.40 -77.45
CA ASN Z 279 49.62 51.25 -76.84
C ASN Z 279 50.51 50.23 -77.55
N GLY Z 280 50.03 49.59 -78.61
CA GLY Z 280 50.91 48.90 -79.53
C GLY Z 280 50.99 47.40 -79.43
N LYS Z 281 50.18 46.76 -78.59
CA LYS Z 281 50.17 45.31 -78.65
C LYS Z 281 49.23 44.85 -79.77
N SER Z 282 49.57 43.71 -80.35
CA SER Z 282 48.91 43.22 -81.55
C SER Z 282 47.52 42.70 -81.21
N LEU Z 283 46.52 43.18 -81.94
CA LEU Z 283 45.15 42.71 -81.78
C LEU Z 283 44.84 41.60 -82.78
N THR Z 284 44.05 40.63 -82.33
CA THR Z 284 43.57 39.60 -83.24
C THR Z 284 42.43 40.18 -84.09
N GLU Z 285 42.05 39.44 -85.13
CA GLU Z 285 41.17 39.98 -86.16
C GLU Z 285 39.75 40.20 -85.64
N GLU Z 286 39.25 39.26 -84.82
CA GLU Z 286 37.87 39.37 -84.38
C GLU Z 286 37.68 40.47 -83.35
N ASP Z 287 38.66 40.67 -82.46
CA ASP Z 287 38.54 41.79 -81.52
C ASP Z 287 38.87 43.13 -82.17
N GLN Z 288 39.71 43.12 -83.22
CA GLN Z 288 39.90 44.32 -84.03
C GLN Z 288 38.60 44.74 -84.71
N MET Z 289 37.88 43.76 -85.25
CA MET Z 289 36.56 44.02 -85.83
C MET Z 289 35.56 44.45 -84.78
N PHE Z 290 35.66 43.92 -83.56
CA PHE Z 290 34.80 44.35 -82.46
C PHE Z 290 35.05 45.81 -82.07
N VAL Z 291 36.33 46.20 -81.98
CA VAL Z 291 36.67 47.57 -81.62
C VAL Z 291 36.25 48.53 -82.73
N THR Z 292 36.43 48.13 -84.00
CA THR Z 292 35.96 48.94 -85.11
C THR Z 292 34.44 49.04 -85.12
N ALA Z 293 33.75 47.95 -84.76
CA ALA Z 293 32.29 47.96 -84.67
C ALA Z 293 31.79 48.88 -83.58
N ASN Z 294 32.52 48.97 -82.47
CA ASN Z 294 32.15 49.92 -81.43
C ASN Z 294 32.46 51.36 -81.85
N LEU Z 295 33.54 51.55 -82.62
CA LEU Z 295 33.85 52.89 -83.12
C LEU Z 295 32.77 53.39 -84.06
N ILE Z 296 32.26 52.51 -84.93
CA ILE Z 296 31.20 52.92 -85.85
C ILE Z 296 29.82 52.81 -85.22
N ARG Z 297 29.71 52.17 -84.06
CA ARG Z 297 28.49 52.29 -83.27
C ARG Z 297 28.38 53.67 -82.67
N GLY Z 298 29.49 54.20 -82.17
CA GLY Z 298 29.52 55.46 -81.47
C GLY Z 298 29.45 55.27 -79.96
N GLY Z 299 29.81 56.32 -79.26
CA GLY Z 299 29.82 56.30 -77.80
C GLY Z 299 30.96 57.12 -77.25
N VAL Z 300 30.74 57.71 -76.07
CA VAL Z 300 31.80 58.38 -75.34
C VAL Z 300 32.66 57.32 -74.64
N PHE Z 301 33.88 57.17 -75.15
CA PHE Z 301 34.86 56.27 -74.54
C PHE Z 301 35.85 57.08 -73.71
N GLY Z 302 35.31 57.82 -72.74
CA GLY Z 302 36.09 58.73 -71.94
C GLY Z 302 36.41 58.21 -70.57
N GLY Z 303 35.66 58.64 -69.56
CA GLY Z 303 35.87 58.18 -68.20
C GLY Z 303 37.08 58.77 -67.51
N MET DA 1 5.71 4.92 -12.05
CA MET DA 1 5.00 5.81 -11.14
C MET DA 1 3.80 5.10 -10.51
N PHE DA 2 3.83 5.00 -9.19
CA PHE DA 2 2.83 4.25 -8.44
C PHE DA 2 2.00 5.23 -7.62
N ILE DA 3 0.69 5.26 -7.86
CA ILE DA 3 -0.20 6.21 -7.20
C ILE DA 3 -1.31 5.45 -6.49
N ARG DA 4 -2.01 6.18 -5.62
CA ARG DA 4 -3.14 5.63 -4.87
C ARG DA 4 -4.19 6.72 -4.73
N ILE DA 5 -5.41 6.46 -5.19
CA ILE DA 5 -6.49 7.44 -5.20
C ILE DA 5 -7.59 7.01 -4.25
N LYS DA 6 -7.93 7.89 -3.32
CA LYS DA 6 -9.02 7.67 -2.37
C LYS DA 6 -10.14 8.66 -2.63
N CYS DA 7 -11.37 8.20 -2.39
CA CYS DA 7 -12.57 8.96 -2.67
C CYS DA 7 -13.31 9.28 -1.37
N PHE DA 8 -13.71 10.55 -1.24
CA PHE DA 8 -14.46 11.00 -0.07
C PHE DA 8 -15.91 11.29 -0.42
N SER DA 9 -16.33 10.98 -1.63
CA SER DA 9 -17.51 11.60 -2.19
C SER DA 9 -18.78 10.94 -1.72
N LYS DA 10 -19.82 11.75 -1.59
CA LYS DA 10 -21.18 11.26 -1.39
C LYS DA 10 -21.78 10.92 -2.73
N GLN DA 11 -23.12 10.80 -2.79
CA GLN DA 11 -23.93 10.83 -4.01
C GLN DA 11 -23.62 9.64 -4.92
N PRO DA 12 -24.13 9.62 -6.14
CA PRO DA 12 -23.39 8.90 -7.19
C PRO DA 12 -22.31 9.77 -7.84
N ILE DA 13 -21.58 10.53 -7.03
CA ILE DA 13 -20.39 11.20 -7.49
C ILE DA 13 -19.27 10.43 -6.81
N ALA DA 14 -19.66 9.42 -6.04
CA ALA DA 14 -18.79 8.31 -5.73
C ALA DA 14 -18.94 7.19 -6.73
N LYS DA 15 -19.77 7.37 -7.76
CA LYS DA 15 -20.07 6.33 -8.73
C LYS DA 15 -19.64 6.67 -10.14
N LYS DA 16 -19.90 7.88 -10.63
CA LYS DA 16 -19.53 8.21 -11.99
C LYS DA 16 -18.11 8.76 -12.09
N VAL DA 17 -17.46 9.03 -10.95
CA VAL DA 17 -16.00 9.16 -10.97
C VAL DA 17 -15.35 7.79 -10.81
N SER DA 18 -16.11 6.80 -10.33
CA SER DA 18 -15.55 5.46 -10.12
C SER DA 18 -15.30 4.78 -11.45
N ARG DA 19 -16.12 5.08 -12.47
CA ARG DA 19 -15.91 4.53 -13.81
C ARG DA 19 -14.58 5.01 -14.39
N GLU DA 20 -14.29 6.31 -14.25
CA GLU DA 20 -13.06 6.85 -14.81
C GLU DA 20 -11.84 6.43 -14.00
N VAL DA 21 -11.95 6.46 -12.68
CA VAL DA 21 -10.80 6.07 -11.86
C VAL DA 21 -10.60 4.55 -11.85
N SER DA 22 -11.61 3.77 -12.25
CA SER DA 22 -11.49 2.33 -12.45
C SER DA 22 -11.14 1.97 -13.88
N ALA DA 23 -11.14 2.96 -14.77
CA ALA DA 23 -10.57 2.79 -16.11
C ALA DA 23 -9.05 2.88 -16.12
N TYR DA 24 -8.42 3.41 -15.09
CA TYR DA 24 -7.00 3.69 -15.09
C TYR DA 24 -6.24 3.03 -13.95
N LEU DA 25 -6.91 2.63 -12.88
CA LEU DA 25 -6.29 2.00 -11.72
C LEU DA 25 -7.09 0.77 -11.32
N GLU DA 26 -6.42 -0.15 -10.63
CA GLU DA 26 -7.08 -1.32 -10.09
C GLU DA 26 -7.82 -0.97 -8.80
N TYR DA 27 -8.87 -1.73 -8.52
CA TYR DA 27 -9.72 -1.46 -7.36
C TYR DA 27 -9.24 -2.31 -6.19
N THR DA 28 -8.80 -1.64 -5.11
CA THR DA 28 -8.38 -2.31 -3.90
C THR DA 28 -9.52 -2.43 -2.88
N GLY DA 29 -10.73 -2.02 -3.25
CA GLY DA 29 -11.87 -2.12 -2.37
C GLY DA 29 -12.04 -0.91 -1.48
N ASN DA 30 -13.26 -0.79 -0.93
CA ASN DA 30 -13.67 0.27 0.01
C ASN DA 30 -13.47 1.68 -0.56
N ASN DA 31 -13.81 1.84 -1.85
CA ASN DA 31 -13.67 3.10 -2.61
C ASN DA 31 -12.24 3.63 -2.58
N THR DA 32 -11.27 2.72 -2.72
CA THR DA 32 -9.86 3.06 -2.79
C THR DA 32 -9.23 2.33 -3.97
N TRP DA 33 -8.55 3.06 -4.83
CA TRP DA 33 -7.85 2.50 -5.97
C TRP DA 33 -6.35 2.71 -5.78
N GLU DA 34 -5.55 1.86 -6.39
CA GLU DA 34 -4.11 1.88 -6.17
C GLU DA 34 -3.44 1.12 -7.31
N GLY DA 35 -2.43 1.72 -7.93
CA GLY DA 35 -1.75 1.01 -9.00
C GLY DA 35 -0.72 1.87 -9.69
N HIS DA 36 -0.12 1.28 -10.72
CA HIS DA 36 0.93 1.92 -11.51
C HIS DA 36 0.35 2.54 -12.77
N ILE DA 37 0.83 3.73 -13.11
CA ILE DA 37 0.36 4.45 -14.28
C ILE DA 37 1.46 5.43 -14.69
N SER DA 38 1.40 5.90 -15.93
CA SER DA 38 2.35 6.88 -16.42
C SER DA 38 1.90 8.29 -16.06
N GLY DA 39 2.81 9.25 -16.26
CA GLY DA 39 2.49 10.64 -15.99
C GLY DA 39 1.44 11.20 -16.93
N GLN DA 40 1.48 10.77 -18.20
CA GLN DA 40 0.41 11.14 -19.12
C GLN DA 40 -0.89 10.45 -18.74
N GLY DA 41 -0.82 9.26 -18.14
CA GLY DA 41 -1.99 8.65 -17.56
C GLY DA 41 -2.55 9.44 -16.39
N VAL DA 42 -1.66 10.04 -15.59
CA VAL DA 42 -2.09 10.93 -14.52
C VAL DA 42 -2.79 12.16 -15.09
N SER DA 43 -2.24 12.70 -16.19
CA SER DA 43 -2.87 13.86 -16.84
C SER DA 43 -4.24 13.52 -17.41
N ASN DA 44 -4.37 12.35 -18.04
CA ASN DA 44 -5.66 11.93 -18.59
C ASN DA 44 -6.66 11.66 -17.48
N LEU DA 45 -6.21 11.06 -16.38
CA LEU DA 45 -7.08 10.80 -15.24
C LEU DA 45 -7.54 12.09 -14.58
N GLN DA 46 -6.65 13.08 -14.47
CA GLN DA 46 -7.02 14.41 -14.01
C GLN DA 46 -8.05 15.06 -14.91
N THR DA 47 -7.81 15.02 -16.23
CA THR DA 47 -8.67 15.71 -17.18
C THR DA 47 -10.08 15.11 -17.21
N LYS DA 48 -10.18 13.78 -17.13
CA LYS DA 48 -11.51 13.19 -17.14
C LYS DA 48 -12.06 12.93 -15.74
N LEU DA 49 -11.31 13.27 -14.68
CA LEU DA 49 -11.90 13.27 -13.34
C LEU DA 49 -12.46 14.64 -12.98
N ILE DA 50 -11.85 15.71 -13.48
CA ILE DA 50 -12.36 17.04 -13.13
C ILE DA 50 -13.56 17.40 -13.99
N ASN DA 51 -13.50 17.08 -15.29
CA ASN DA 51 -14.55 17.44 -16.25
C ASN DA 51 -15.85 16.68 -16.03
N VAL DA 52 -15.85 15.65 -15.17
CA VAL DA 52 -17.03 14.80 -15.04
C VAL DA 52 -18.14 15.49 -14.24
N GLY DA 53 -17.83 16.57 -13.53
CA GLY DA 53 -18.85 17.32 -12.83
C GLY DA 53 -18.32 17.90 -11.55
N LYS DA 54 -19.23 18.54 -10.82
CA LYS DA 54 -18.89 19.20 -9.56
C LYS DA 54 -19.22 18.27 -8.39
N GLY DA 55 -18.38 18.33 -7.36
CA GLY DA 55 -18.54 17.47 -6.21
C GLY DA 55 -17.60 16.29 -6.16
N VAL DA 56 -16.62 16.24 -7.06
CA VAL DA 56 -15.65 15.15 -7.06
C VAL DA 56 -14.72 15.33 -5.86
N LYS DA 57 -14.58 14.27 -5.07
CA LYS DA 57 -13.83 14.33 -3.82
C LYS DA 57 -12.71 13.29 -3.93
N VAL DA 58 -11.59 13.68 -4.52
CA VAL DA 58 -10.54 12.74 -4.88
C VAL DA 58 -9.22 13.22 -4.31
N VAL DA 59 -8.53 12.35 -3.59
CA VAL DA 59 -7.16 12.61 -3.14
C VAL DA 59 -6.25 11.55 -3.75
N CYS DA 60 -5.15 12.01 -4.33
CA CYS DA 60 -4.17 11.09 -4.88
C CYS DA 60 -2.85 11.22 -4.15
N ASN DA 61 -2.22 10.09 -3.88
CA ASN DA 61 -0.94 10.02 -3.20
C ASN DA 61 0.06 9.34 -4.11
N TYR DA 62 1.14 10.04 -4.43
CA TYR DA 62 2.30 9.44 -5.10
C TYR DA 62 3.36 9.17 -4.04
N GLN DA 63 3.73 7.90 -3.90
CA GLN DA 63 4.41 7.36 -2.72
C GLN DA 63 3.66 7.78 -1.47
N ASP DA 64 4.15 8.82 -0.79
CA ASP DA 64 3.50 9.31 0.42
C ASP DA 64 3.14 10.79 0.36
N LYS DA 65 3.73 11.56 -0.55
CA LYS DA 65 3.29 12.93 -0.77
C LYS DA 65 1.98 12.91 -1.56
N VAL DA 66 1.14 13.92 -1.31
CA VAL DA 66 -0.13 14.02 -2.01
C VAL DA 66 0.13 14.46 -3.45
N LEU DA 67 -0.34 13.69 -4.43
CA LEU DA 67 -0.20 14.12 -5.81
C LEU DA 67 -1.17 15.27 -6.04
N PHE DA 68 -2.48 14.98 -5.98
CA PHE DA 68 -3.47 16.04 -6.13
C PHE DA 68 -4.67 15.93 -5.19
N ALA DA 69 -5.42 17.01 -5.04
CA ALA DA 69 -6.59 17.00 -4.18
C ALA DA 69 -7.75 17.71 -4.86
N ILE DA 70 -8.70 16.96 -5.38
CA ILE DA 70 -9.83 17.54 -6.10
C ILE DA 70 -10.88 18.11 -5.17
N GLY DA 71 -11.14 19.41 -5.28
CA GLY DA 71 -12.12 20.04 -4.43
C GLY DA 71 -11.44 20.76 -3.30
N ASN DA 72 -12.21 21.14 -2.27
CA ASN DA 72 -11.61 21.77 -1.11
C ASN DA 72 -11.45 20.72 -0.02
N VAL DA 73 -11.14 19.50 -0.42
CA VAL DA 73 -10.98 18.43 0.55
C VAL DA 73 -9.81 18.75 1.48
N ALA DA 74 -10.08 18.76 2.78
CA ALA DA 74 -9.04 19.05 3.76
C ALA DA 74 -7.96 18.00 3.67
N MET DA 75 -8.34 16.74 3.45
CA MET DA 75 -7.37 15.65 3.25
C MET DA 75 -6.24 15.51 4.25
N SER DA 76 -5.10 16.13 3.96
CA SER DA 76 -3.93 15.96 4.82
C SER DA 76 -3.25 17.20 5.35
N ASP DA 77 -3.11 17.34 6.66
CA ASP DA 77 -2.35 18.44 7.22
C ASP DA 77 -1.13 17.72 7.73
N THR DA 78 -1.35 16.56 8.37
CA THR DA 78 -0.24 15.76 8.84
C THR DA 78 -0.56 14.34 8.43
N GLY DA 79 -1.63 13.79 8.99
CA GLY DA 79 -2.05 12.47 8.57
C GLY DA 79 -3.01 12.72 7.43
N SER DA 80 -3.49 11.67 6.80
CA SER DA 80 -4.47 11.84 5.73
C SER DA 80 -5.76 11.14 6.08
N VAL DA 81 -6.88 11.57 5.50
CA VAL DA 81 -8.20 10.99 5.77
C VAL DA 81 -8.65 11.16 7.20
N PRO DA 82 -9.37 12.24 7.47
CA PRO DA 82 -9.90 12.46 8.81
C PRO DA 82 -11.12 11.67 9.15
N LYS DA 83 -11.69 11.91 10.31
CA LYS DA 83 -12.96 11.29 10.61
C LYS DA 83 -13.85 12.38 10.34
N TYR DA 84 -14.90 12.37 11.07
CA TYR DA 84 -15.91 13.36 10.74
C TYR DA 84 -15.48 14.77 11.10
N THR DA 85 -15.70 15.70 10.19
CA THR DA 85 -15.44 17.11 10.38
C THR DA 85 -16.79 17.79 10.48
N THR DA 86 -17.07 18.45 11.60
CA THR DA 86 -18.44 18.93 11.83
C THR DA 86 -18.54 20.44 11.77
N LYS DA 87 -18.00 21.16 12.77
CA LYS DA 87 -18.15 22.62 12.91
C LYS DA 87 -17.40 23.05 14.16
N LYS DA 88 -17.26 24.37 14.30
CA LYS DA 88 -16.79 25.06 15.51
C LYS DA 88 -15.41 24.58 15.95
N VAL DA 89 -14.43 24.84 15.09
CA VAL DA 89 -13.06 24.37 15.35
C VAL DA 89 -12.30 25.35 16.24
N TYR DA 90 -12.21 26.61 15.83
CA TYR DA 90 -11.32 27.57 16.46
C TYR DA 90 -12.03 28.75 17.13
N LYS DA 91 -12.90 29.49 16.42
CA LYS DA 91 -13.73 30.60 16.91
C LYS DA 91 -12.97 31.64 17.75
N PRO DA 92 -12.06 32.40 17.15
CA PRO DA 92 -11.17 33.26 17.93
C PRO DA 92 -11.72 34.66 18.13
N ASP DA 93 -10.87 35.56 18.65
CA ASP DA 93 -11.04 36.98 18.40
C ASP DA 93 -10.57 37.24 16.98
N ASP DA 94 -11.48 37.00 16.02
CA ASP DA 94 -11.16 37.19 14.61
C ASP DA 94 -10.94 38.67 14.30
N SER DA 95 -11.76 39.54 14.90
CA SER DA 95 -11.59 40.98 14.97
C SER DA 95 -11.57 41.64 13.59
N ILE DA 96 -10.48 41.44 12.84
CA ILE DA 96 -10.33 42.14 11.57
C ILE DA 96 -11.24 41.56 10.49
N PHE DA 97 -11.63 40.28 10.63
CA PHE DA 97 -12.62 39.75 9.70
C PHE DA 97 -14.01 40.28 10.03
N THR DA 98 -14.30 40.42 11.33
CA THR DA 98 -15.52 41.11 11.76
C THR DA 98 -15.48 42.58 11.36
N LEU DA 99 -14.29 43.18 11.38
CA LEU DA 99 -14.12 44.56 10.92
C LEU DA 99 -14.42 44.70 9.43
N LYS DA 100 -13.88 43.78 8.61
CA LYS DA 100 -14.13 43.82 7.18
C LYS DA 100 -15.58 43.51 6.87
N GLN DA 101 -16.19 42.58 7.61
CA GLN DA 101 -17.62 42.28 7.45
C GLN DA 101 -18.48 43.48 7.79
N GLY DA 102 -18.18 44.17 8.89
CA GLY DA 102 -18.95 45.34 9.27
C GLY DA 102 -18.80 46.49 8.29
N LEU DA 103 -17.56 46.75 7.84
CA LEU DA 103 -17.33 47.82 6.88
C LEU DA 103 -18.00 47.53 5.54
N VAL DA 104 -17.88 46.29 5.05
CA VAL DA 104 -18.45 45.92 3.75
C VAL DA 104 -19.98 45.92 3.82
N GLY DA 105 -20.55 45.41 4.93
CA GLY DA 105 -21.99 45.41 5.08
C GLY DA 105 -22.58 46.80 5.23
N VAL DA 106 -21.93 47.66 6.02
CA VAL DA 106 -22.44 49.01 6.23
C VAL DA 106 -22.31 49.84 4.94
N ALA DA 107 -21.18 49.71 4.24
CA ALA DA 107 -20.98 50.47 3.01
C ALA DA 107 -21.86 49.94 1.88
N ALA DA 108 -22.06 48.63 1.81
CA ALA DA 108 -22.80 48.04 0.70
C ALA DA 108 -24.30 48.31 0.80
N LEU DA 109 -24.81 48.54 2.00
CA LEU DA 109 -26.17 49.01 2.16
C LEU DA 109 -26.29 50.51 1.92
N TRP DA 110 -25.17 51.21 1.76
CA TRP DA 110 -25.14 52.64 1.51
C TRP DA 110 -24.43 52.99 0.21
N HIS DA 111 -24.01 52.00 -0.57
CA HIS DA 111 -23.19 52.27 -1.75
C HIS DA 111 -23.99 52.87 -2.89
N ASP DA 112 -25.30 52.64 -2.94
CA ASP DA 112 -26.14 53.12 -4.02
C ASP DA 112 -27.33 53.90 -3.49
N LEU DA 113 -27.11 54.68 -2.44
CA LEU DA 113 -28.16 55.57 -1.95
C LEU DA 113 -28.33 56.76 -2.88
N GLY DA 114 -27.30 57.08 -3.65
CA GLY DA 114 -27.27 58.23 -4.53
C GLY DA 114 -27.89 58.02 -5.89
N LYS DA 115 -28.46 56.84 -6.15
CA LYS DA 115 -29.24 56.65 -7.36
C LYS DA 115 -30.70 57.07 -7.18
N ALA DA 116 -31.08 57.48 -5.98
CA ALA DA 116 -32.45 57.87 -5.70
C ALA DA 116 -32.78 59.28 -6.15
N ASN DA 117 -31.80 60.06 -6.61
CA ASN DA 117 -32.11 61.38 -7.11
C ASN DA 117 -32.87 61.28 -8.43
N SER DA 118 -33.60 62.34 -8.76
CA SER DA 118 -34.46 62.34 -9.93
C SER DA 118 -33.66 62.26 -11.23
N TYR DA 119 -32.41 62.73 -11.21
CA TYR DA 119 -31.58 62.66 -12.40
C TYR DA 119 -31.24 61.22 -12.78
N PHE DA 120 -30.95 60.38 -11.78
CA PHE DA 120 -30.69 58.98 -12.09
C PHE DA 120 -31.95 58.25 -12.55
N GLN DA 121 -33.11 58.67 -12.04
CA GLN DA 121 -34.36 58.08 -12.50
C GLN DA 121 -34.66 58.43 -13.95
N ARG DA 122 -34.46 59.69 -14.34
CA ARG DA 122 -34.65 59.99 -15.75
C ARG DA 122 -33.48 59.52 -16.60
N LYS DA 123 -32.33 59.21 -15.99
CA LYS DA 123 -31.24 58.60 -16.73
C LYS DA 123 -31.56 57.15 -17.07
N LEU DA 124 -32.10 56.41 -16.10
CA LEU DA 124 -32.52 55.04 -16.38
C LEU DA 124 -33.72 55.01 -17.32
N ARG DA 125 -34.66 55.94 -17.16
CA ARG DA 125 -35.78 56.01 -18.09
C ARG DA 125 -35.40 56.63 -19.43
N GLY DA 126 -34.36 57.47 -19.46
CA GLY DA 126 -33.78 57.93 -20.70
C GLY DA 126 -34.34 59.19 -21.32
N GLU DA 127 -34.49 60.27 -20.53
CA GLU DA 127 -34.82 61.56 -21.11
C GLU DA 127 -33.77 62.62 -20.80
N CYS DA 128 -32.58 62.23 -20.35
CA CYS DA 128 -31.52 63.19 -20.09
C CYS DA 128 -30.19 62.58 -20.49
N ASN DA 129 -29.10 63.26 -20.15
CA ASN DA 129 -27.78 62.78 -20.49
C ASN DA 129 -27.46 61.60 -19.58
N PRO DA 130 -27.04 60.45 -20.11
CA PRO DA 130 -26.68 59.31 -19.25
C PRO DA 130 -25.49 59.55 -18.34
N SER DA 131 -24.64 60.53 -18.63
CA SER DA 131 -23.56 60.89 -17.73
C SER DA 131 -24.10 61.86 -16.69
N ASP DA 132 -23.98 61.50 -15.43
CA ASP DA 132 -24.49 62.34 -14.35
C ASP DA 132 -23.56 63.54 -14.13
N PRO DA 133 -24.10 64.66 -13.62
CA PRO DA 133 -23.22 65.75 -13.19
C PRO DA 133 -22.33 65.37 -12.03
N VAL DA 134 -22.89 64.72 -11.02
CA VAL DA 134 -22.14 64.13 -9.92
C VAL DA 134 -22.52 62.65 -9.86
N ARG DA 135 -21.50 61.79 -9.76
CA ARG DA 135 -21.73 60.35 -9.76
C ARG DA 135 -22.48 59.94 -8.50
N HIS DA 136 -23.29 58.88 -8.64
CA HIS DA 136 -24.20 58.47 -7.58
C HIS DA 136 -23.47 57.94 -6.34
N GLU DA 137 -22.24 57.47 -6.50
CA GLU DA 137 -21.43 57.10 -5.33
C GLU DA 137 -21.13 58.32 -4.47
N TRP DA 138 -20.83 59.46 -5.11
CA TRP DA 138 -20.60 60.67 -4.33
C TRP DA 138 -21.88 61.21 -3.71
N VAL DA 139 -23.03 61.03 -4.38
CA VAL DA 139 -24.29 61.46 -3.80
C VAL DA 139 -24.66 60.61 -2.59
N SER DA 140 -24.42 59.30 -2.67
CA SER DA 140 -24.61 58.43 -1.51
C SER DA 140 -23.63 58.76 -0.38
N GLY DA 141 -22.41 59.13 -0.75
CA GLY DA 141 -21.46 59.59 0.26
C GLY DA 141 -21.89 60.88 0.93
N VAL DA 142 -22.49 61.79 0.15
CA VAL DA 142 -23.04 63.03 0.71
C VAL DA 142 -24.19 62.71 1.67
N ILE DA 143 -25.03 61.73 1.30
CA ILE DA 143 -26.13 61.29 2.15
C ILE DA 143 -25.60 60.77 3.48
N VAL DA 144 -24.59 59.91 3.43
CA VAL DA 144 -24.06 59.29 4.64
C VAL DA 144 -23.32 60.30 5.50
N SER DA 145 -22.58 61.22 4.86
CA SER DA 145 -21.87 62.26 5.62
C SER DA 145 -22.83 63.24 6.27
N THR DA 146 -23.93 63.60 5.60
CA THR DA 146 -24.91 64.49 6.19
C THR DA 146 -25.66 63.81 7.33
N PHE DA 147 -25.97 62.52 7.17
CA PHE DA 147 -26.59 61.76 8.24
C PHE DA 147 -25.64 61.61 9.44
N ALA DA 148 -24.34 61.49 9.19
CA ALA DA 148 -23.38 61.40 10.28
C ALA DA 148 -23.16 62.73 10.98
N LYS DA 149 -23.19 63.84 10.23
CA LYS DA 149 -23.06 65.15 10.86
C LYS DA 149 -24.30 65.49 11.66
N GLY DA 150 -25.47 65.07 11.20
CA GLY DA 150 -26.70 65.33 11.93
C GLY DA 150 -26.89 64.43 13.12
N ASN DA 151 -27.09 63.13 12.88
CA ASN DA 151 -27.35 62.17 13.92
C ASN DA 151 -26.10 61.33 14.16
N ASP DA 152 -26.10 60.57 15.24
CA ASP DA 152 -25.04 59.61 15.50
C ASP DA 152 -25.18 58.47 14.50
N TRP DA 153 -24.21 58.34 13.60
CA TRP DA 153 -24.36 57.45 12.46
C TRP DA 153 -24.22 55.98 12.79
N LEU DA 154 -23.81 55.62 14.00
CA LEU DA 154 -23.58 54.22 14.30
C LEU DA 154 -24.76 53.57 15.02
N SER DA 155 -25.42 54.29 15.93
CA SER DA 155 -26.57 53.76 16.65
C SER DA 155 -27.69 54.81 16.66
N ASP DA 156 -28.48 54.81 15.59
CA ASP DA 156 -29.66 55.67 15.47
C ASP DA 156 -30.57 55.06 14.40
N ASP DA 157 -31.78 55.59 14.31
CA ASP DA 157 -32.62 55.31 13.16
C ASP DA 157 -32.01 56.01 11.95
N PHE DA 158 -32.28 55.47 10.76
CA PHE DA 158 -31.55 55.93 9.58
C PHE DA 158 -31.99 57.31 9.12
N ILE DA 159 -33.23 57.42 8.60
CA ILE DA 159 -33.83 58.56 7.90
C ILE DA 159 -32.90 59.48 7.09
N ILE DA 160 -33.09 59.44 5.77
CA ILE DA 160 -32.21 60.19 4.87
C ILE DA 160 -32.54 61.68 4.98
N PRO DA 161 -31.58 62.52 5.35
CA PRO DA 161 -31.88 63.95 5.56
C PRO DA 161 -31.84 64.74 4.27
N GLU DA 162 -32.16 66.03 4.36
CA GLU DA 162 -32.04 66.92 3.22
C GLU DA 162 -30.58 67.24 2.96
N VAL DA 163 -30.04 66.76 1.85
CA VAL DA 163 -28.64 66.90 1.55
C VAL DA 163 -28.44 67.95 0.47
N LYS DA 164 -27.30 68.63 0.55
CA LYS DA 164 -26.89 69.65 -0.41
C LYS DA 164 -25.62 69.18 -1.10
N HIS DA 165 -25.06 70.04 -1.94
CA HIS DA 165 -23.83 69.73 -2.65
C HIS DA 165 -22.66 69.99 -1.71
N SER DA 166 -21.87 68.96 -1.43
CA SER DA 166 -20.69 69.06 -0.58
C SER DA 166 -19.44 68.78 -1.40
N ASP DA 167 -18.45 69.67 -1.28
CA ASP DA 167 -17.19 69.44 -1.97
C ASP DA 167 -16.40 68.30 -1.35
N ASN DA 168 -16.49 68.16 -0.03
CA ASN DA 168 -15.78 67.09 0.67
C ASN DA 168 -16.71 66.43 1.66
N VAL DA 169 -16.60 65.11 1.80
CA VAL DA 169 -17.47 64.37 2.70
C VAL DA 169 -16.66 63.64 3.74
N PHE DA 170 -15.35 63.90 3.77
CA PHE DA 170 -14.48 63.19 4.69
C PHE DA 170 -14.14 64.02 5.90
N GLY DA 171 -14.50 63.51 7.08
CA GLY DA 171 -14.21 64.23 8.31
C GLY DA 171 -13.00 63.67 9.04
N ASP DA 172 -13.13 63.47 10.34
CA ASP DA 172 -12.00 62.99 11.12
C ASP DA 172 -12.19 61.57 11.63
N ASP DA 173 -13.43 61.19 11.92
CA ASP DA 173 -13.70 59.85 12.44
C ASP DA 173 -13.12 58.82 11.50
N GLN DA 174 -12.13 58.07 11.97
CA GLN DA 174 -11.46 57.11 11.11
C GLN DA 174 -12.37 56.04 10.50
N VAL DA 175 -13.31 55.51 11.28
CA VAL DA 175 -14.19 54.47 10.79
C VAL DA 175 -15.25 55.01 9.84
N LEU DA 176 -15.78 56.20 10.12
CA LEU DA 176 -16.73 56.82 9.22
C LEU DA 176 -16.03 57.09 7.91
N ASN DA 177 -14.81 57.61 8.00
CA ASN DA 177 -14.02 57.91 6.80
C ASN DA 177 -13.76 56.66 5.99
N ALA DA 178 -13.58 55.51 6.65
CA ALA DA 178 -13.46 54.25 5.94
C ALA DA 178 -14.74 53.89 5.20
N VAL DA 179 -15.89 54.09 5.84
CA VAL DA 179 -17.19 53.80 5.22
C VAL DA 179 -17.45 54.75 4.05
N LEU DA 180 -17.12 56.03 4.22
CA LEU DA 180 -17.24 57.02 3.15
C LEU DA 180 -16.34 56.72 1.96
N TRP DA 181 -15.10 56.30 2.21
CA TRP DA 181 -14.23 55.94 1.09
C TRP DA 181 -14.69 54.68 0.39
N LEU DA 182 -15.26 53.72 1.14
CA LEU DA 182 -15.82 52.54 0.51
C LEU DA 182 -17.04 52.89 -0.34
N ILE DA 183 -17.87 53.80 0.13
CA ILE DA 183 -19.06 54.22 -0.61
C ILE DA 183 -18.67 54.96 -1.88
N ASN DA 184 -17.75 55.94 -1.76
CA ASN DA 184 -17.42 56.79 -2.90
C ASN DA 184 -16.61 56.05 -3.95
N THR DA 185 -15.75 55.11 -3.54
CA THR DA 185 -14.86 54.42 -4.45
C THR DA 185 -15.29 52.99 -4.72
N HIS DA 186 -16.60 52.77 -4.79
CA HIS DA 186 -17.12 51.47 -5.20
C HIS DA 186 -17.22 51.33 -6.70
N HIS DA 187 -16.95 52.40 -7.45
CA HIS DA 187 -16.80 52.34 -8.89
C HIS DA 187 -15.42 52.79 -9.36
N LYS DA 188 -14.94 53.93 -8.87
CA LYS DA 188 -13.62 54.43 -9.22
C LYS DA 188 -13.04 55.20 -8.05
N LYS DA 189 -11.72 55.25 -7.98
CA LYS DA 189 -11.05 55.95 -6.89
C LYS DA 189 -10.93 57.43 -7.23
N GLY DA 190 -10.91 58.26 -6.19
CA GLY DA 190 -10.74 59.68 -6.40
C GLY DA 190 -9.31 60.03 -6.78
N LEU DA 191 -9.19 61.04 -7.64
CA LEU DA 191 -7.90 61.42 -8.20
C LEU DA 191 -7.57 62.84 -7.74
N VAL DA 192 -6.37 63.02 -7.20
CA VAL DA 192 -5.96 64.29 -6.60
C VAL DA 192 -4.94 64.93 -7.54
N GLU DA 193 -5.31 66.07 -8.11
CA GLU DA 193 -4.43 66.84 -9.00
C GLU DA 193 -3.47 67.75 -8.24
N ASP DA 194 -3.69 67.94 -6.95
CA ASP DA 194 -3.02 69.00 -6.22
C ASP DA 194 -1.56 68.65 -5.96
N PRO DA 195 -0.61 69.49 -6.36
CA PRO DA 195 0.81 69.14 -6.17
C PRO DA 195 1.26 69.19 -4.73
N ILE DA 196 0.76 70.14 -3.92
CA ILE DA 196 1.14 70.20 -2.52
C ILE DA 196 0.54 69.02 -1.76
N TYR DA 197 -0.71 68.68 -2.07
CA TYR DA 197 -1.34 67.50 -1.47
C TYR DA 197 -0.61 66.22 -1.85
N ARG DA 198 -0.24 66.08 -3.13
CA ARG DA 198 0.57 64.95 -3.57
C ARG DA 198 1.96 64.95 -2.95
N ALA DA 199 2.47 66.13 -2.58
CA ALA DA 199 3.78 66.25 -1.97
C ALA DA 199 3.77 65.83 -0.51
N THR DA 200 2.69 66.14 0.22
CA THR DA 200 2.71 66.07 1.67
C THR DA 200 1.82 65.00 2.29
N LYS DA 201 0.70 64.62 1.65
CA LYS DA 201 -0.30 63.82 2.34
C LYS DA 201 0.14 62.35 2.43
N THR DA 202 0.11 61.81 3.64
CA THR DA 202 0.62 60.47 3.94
C THR DA 202 -0.37 59.60 4.70
N MET DA 203 -1.08 60.15 5.68
CA MET DA 203 -1.88 59.36 6.60
C MET DA 203 -3.18 58.92 5.94
N PHE DA 204 -4.07 58.31 6.72
CA PHE DA 204 -5.27 57.70 6.15
C PHE DA 204 -6.33 58.78 5.95
N THR DA 205 -6.77 59.40 7.05
CA THR DA 205 -7.75 60.50 6.95
C THR DA 205 -7.12 61.78 6.44
N GLU DA 206 -5.83 61.96 6.70
CA GLU DA 206 -5.20 63.22 6.35
C GLU DA 206 -4.98 63.33 4.84
N THR DA 207 -4.89 62.18 4.16
CA THR DA 207 -4.99 62.18 2.70
C THR DA 207 -6.45 62.15 2.22
N LEU DA 208 -7.33 61.47 2.97
CA LEU DA 208 -8.72 61.31 2.55
C LEU DA 208 -9.50 62.61 2.61
N GLN DA 209 -9.06 63.56 3.43
CA GLN DA 209 -9.71 64.87 3.50
C GLN DA 209 -9.44 65.69 2.25
N CYS DA 210 -8.46 65.32 1.44
CA CYS DA 210 -8.13 65.99 0.20
C CYS DA 210 -8.85 65.40 -1.00
N VAL DA 211 -9.64 64.34 -0.80
CA VAL DA 211 -10.41 63.71 -1.87
C VAL DA 211 -11.71 64.48 -1.99
N ASN DA 212 -11.79 65.34 -3.01
CA ASN DA 212 -12.95 66.18 -3.22
C ASN DA 212 -13.79 65.66 -4.38
N VAL DA 213 -14.89 66.36 -4.67
CA VAL DA 213 -15.79 65.96 -5.74
C VAL DA 213 -15.17 66.23 -7.11
N ASN DA 214 -14.18 67.12 -7.19
CA ASN DA 214 -13.59 67.47 -8.48
C ASN DA 214 -12.63 66.42 -9.00
N GLY DA 215 -12.37 65.36 -8.24
CA GLY DA 215 -11.52 64.29 -8.69
C GLY DA 215 -12.22 63.22 -9.49
N GLY DA 216 -13.04 63.62 -10.45
CA GLY DA 216 -13.68 62.68 -11.35
C GLY DA 216 -15.19 62.58 -11.20
N TRP DA 217 -15.70 62.80 -9.98
CA TRP DA 217 -17.14 62.66 -9.76
C TRP DA 217 -17.91 63.83 -10.38
N PHE DA 218 -17.42 65.05 -10.20
CA PHE DA 218 -18.11 66.25 -10.67
C PHE DA 218 -17.83 66.40 -12.17
N ASN DA 219 -18.66 65.75 -12.98
CA ASN DA 219 -18.48 65.76 -14.43
C ASN DA 219 -18.68 67.14 -15.04
N TYR DA 220 -19.93 67.65 -15.01
CA TYR DA 220 -20.19 68.95 -15.62
C TYR DA 220 -20.96 69.91 -14.72
N GLY DA 221 -21.91 69.42 -13.94
CA GLY DA 221 -22.52 70.22 -12.90
C GLY DA 221 -23.43 71.37 -13.30
N ASP DA 222 -24.56 71.07 -13.93
CA ASP DA 222 -25.61 72.08 -14.11
C ASP DA 222 -26.94 71.68 -13.51
N ASN DA 223 -27.11 70.42 -13.12
CA ASN DA 223 -28.37 69.94 -12.58
C ASN DA 223 -28.13 69.35 -11.19
N ILE DA 224 -27.38 70.10 -10.38
CA ILE DA 224 -26.97 69.64 -9.06
C ILE DA 224 -28.16 69.57 -8.10
N ASP DA 225 -29.05 70.56 -8.20
CA ASP DA 225 -30.22 70.62 -7.31
C ASP DA 225 -31.18 69.46 -7.55
N GLU DA 226 -31.31 69.03 -8.81
CA GLU DA 226 -32.08 67.81 -9.06
C GLU DA 226 -31.29 66.57 -8.67
N CYS DA 227 -29.96 66.63 -8.72
CA CYS DA 227 -29.13 65.51 -8.30
C CYS DA 227 -29.08 65.33 -6.79
N TYR DA 228 -29.57 66.31 -6.02
CA TYR DA 228 -29.58 66.16 -4.58
C TYR DA 228 -30.97 66.25 -3.96
N LYS DA 229 -32.03 66.19 -4.75
CA LYS DA 229 -33.37 66.03 -4.21
C LYS DA 229 -33.73 64.55 -4.32
N ILE DA 230 -34.07 63.95 -3.18
CA ILE DA 230 -33.95 62.51 -2.96
C ILE DA 230 -35.22 62.03 -2.28
N ASP DA 231 -35.70 60.86 -2.68
CA ASP DA 231 -36.80 60.23 -1.99
C ASP DA 231 -36.27 59.18 -1.02
N THR DA 232 -37.14 58.77 -0.09
CA THR DA 232 -36.75 57.92 1.04
C THR DA 232 -37.65 56.69 1.08
N SER DA 233 -37.75 56.02 -0.06
CA SER DA 233 -38.57 54.81 -0.18
C SER DA 233 -37.83 53.54 0.21
N PHE DA 234 -36.59 53.65 0.73
CA PHE DA 234 -35.86 52.46 1.15
C PHE DA 234 -36.31 51.94 2.51
N ILE DA 235 -37.09 52.71 3.26
CA ILE DA 235 -37.43 52.31 4.63
C ILE DA 235 -38.45 51.19 4.55
N THR DA 236 -37.95 49.95 4.55
CA THR DA 236 -38.74 48.74 4.44
C THR DA 236 -38.39 47.84 5.61
N ASP DA 237 -38.83 46.59 5.59
CA ASP DA 237 -38.54 45.70 6.71
C ASP DA 237 -37.10 45.19 6.64
N THR DA 238 -36.78 44.43 5.59
CA THR DA 238 -35.53 43.68 5.56
C THR DA 238 -34.33 44.59 5.35
N TYR DA 239 -34.50 45.70 4.63
CA TYR DA 239 -33.40 46.65 4.46
C TYR DA 239 -33.03 47.31 5.78
N VAL DA 240 -34.02 47.68 6.58
CA VAL DA 240 -33.76 48.37 7.85
C VAL DA 240 -33.13 47.41 8.85
N LYS DA 241 -33.64 46.18 8.95
CA LYS DA 241 -33.01 45.19 9.84
C LYS DA 241 -31.61 44.78 9.36
N GLN DA 242 -31.37 44.70 8.05
CA GLN DA 242 -30.03 44.40 7.58
C GLN DA 242 -29.05 45.53 7.89
N LEU DA 243 -29.51 46.78 7.69
CA LEU DA 243 -28.69 47.94 8.03
C LEU DA 243 -28.41 48.01 9.52
N ASN DA 244 -29.41 47.70 10.34
CA ASN DA 244 -29.24 47.71 11.79
C ASN DA 244 -28.28 46.63 12.25
N ARG DA 245 -28.40 45.42 11.69
CA ARG DA 245 -27.52 44.35 12.17
C ARG DA 245 -26.07 44.58 11.73
N TYR DA 246 -25.86 45.13 10.53
CA TYR DA 246 -24.51 45.40 10.08
C TYR DA 246 -23.89 46.62 10.76
N ARG DA 247 -24.71 47.60 11.09
CA ARG DA 247 -24.20 48.79 11.78
C ARG DA 247 -23.80 48.46 13.19
N LYS DA 248 -24.53 47.56 13.82
CA LYS DA 248 -24.22 47.18 15.19
C LYS DA 248 -23.04 46.22 15.18
N LYS DA 249 -22.84 45.50 14.08
CA LYS DA 249 -21.68 44.64 13.96
C LYS DA 249 -20.47 45.54 13.92
N LEU DA 250 -20.52 46.58 13.09
CA LEU DA 250 -19.43 47.54 13.02
C LEU DA 250 -19.23 48.20 14.36
N LEU DA 251 -20.33 48.61 15.00
CA LEU DA 251 -20.25 49.23 16.31
C LEU DA 251 -19.49 48.37 17.31
N ALA DA 252 -19.73 47.07 17.29
CA ALA DA 252 -19.09 46.17 18.23
C ALA DA 252 -17.63 45.86 17.90
N THR DA 253 -17.22 46.02 16.65
CA THR DA 253 -15.86 45.66 16.26
C THR DA 253 -14.93 46.84 15.99
N LYS DA 254 -15.48 48.04 15.95
CA LYS DA 254 -14.63 49.18 15.60
C LYS DA 254 -13.64 49.54 16.70
N HIS DA 255 -13.71 48.85 17.85
CA HIS DA 255 -12.74 49.13 18.89
C HIS DA 255 -11.35 48.59 18.55
N ILE DA 256 -11.27 47.54 17.71
CA ILE DA 256 -10.00 47.04 17.23
C ILE DA 256 -9.49 47.80 16.01
N TRP DA 257 -10.31 48.68 15.43
CA TRP DA 257 -9.89 49.41 14.25
C TRP DA 257 -8.86 50.48 14.59
N PHE DA 258 -9.00 51.12 15.74
CA PHE DA 258 -8.04 52.13 16.18
C PHE DA 258 -6.72 51.53 16.66
N THR DA 259 -6.68 50.24 16.92
CA THR DA 259 -5.45 49.56 17.30
C THR DA 259 -4.68 49.05 16.09
N LEU DA 260 -5.16 49.38 14.89
CA LEU DA 260 -4.46 48.99 13.66
C LEU DA 260 -3.40 50.01 13.30
N GLY DA 261 -2.53 49.67 12.36
CA GLY DA 261 -1.54 50.62 11.89
C GLY DA 261 -1.98 51.19 10.57
N GLU DA 262 -1.26 52.17 10.06
CA GLU DA 262 -1.60 52.76 8.75
C GLU DA 262 -1.58 51.67 7.70
N ASP DA 263 -0.50 50.90 7.64
CA ASP DA 263 -0.40 49.81 6.67
C ASP DA 263 -1.59 48.84 6.73
N GLN DA 264 -2.05 48.53 7.92
CA GLN DA 264 -3.20 47.64 8.09
C GLN DA 264 -4.42 48.29 7.49
N LYS DA 265 -4.75 49.49 7.94
CA LYS DA 265 -5.94 50.18 7.45
C LYS DA 265 -5.99 50.25 5.92
N ILE DA 266 -4.88 50.55 5.27
CA ILE DA 266 -4.85 50.63 3.81
C ILE DA 266 -5.15 49.27 3.18
N ALA DA 267 -4.49 48.21 3.67
CA ALA DA 267 -4.68 46.88 3.09
C ALA DA 267 -6.07 46.32 3.37
N ILE DA 268 -6.58 46.57 4.58
CA ILE DA 268 -7.92 46.10 4.94
C ILE DA 268 -8.98 46.82 4.13
N LEU DA 269 -8.79 48.13 3.89
CA LEU DA 269 -9.79 48.86 3.11
C LEU DA 269 -9.68 48.52 1.63
N GLN DA 270 -8.48 48.15 1.15
CA GLN DA 270 -8.35 47.61 -0.19
C GLN DA 270 -9.10 46.29 -0.35
N GLU DA 271 -8.99 45.41 0.65
CA GLU DA 271 -9.75 44.16 0.64
C GLU DA 271 -11.26 44.42 0.68
N CYS DA 272 -11.68 45.39 1.49
CA CYS DA 272 -13.09 45.74 1.58
C CYS DA 272 -13.62 46.30 0.28
N ARG DA 273 -12.83 47.15 -0.39
CA ARG DA 273 -13.23 47.69 -1.69
C ARG DA 273 -13.32 46.60 -2.74
N VAL DA 274 -12.36 45.66 -2.74
CA VAL DA 274 -12.37 44.56 -3.71
C VAL DA 274 -13.58 43.67 -3.50
N ALA DA 275 -13.90 43.34 -2.24
CA ALA DA 275 -15.11 42.56 -1.96
C ALA DA 275 -16.38 43.33 -2.29
N LEU DA 276 -16.36 44.66 -2.14
CA LEU DA 276 -17.53 45.47 -2.45
C LEU DA 276 -17.78 45.52 -3.96
N MET DA 277 -16.72 45.66 -4.78
CA MET DA 277 -16.96 45.59 -6.22
C MET DA 277 -17.32 44.19 -6.65
N LEU DA 278 -16.81 43.17 -5.95
CA LEU DA 278 -17.16 41.78 -6.26
C LEU DA 278 -18.65 41.55 -6.05
N GLY DA 279 -19.17 41.98 -4.91
CA GLY DA 279 -20.60 41.85 -4.65
C GLY DA 279 -21.46 42.73 -5.56
N ASP DA 280 -21.00 43.95 -5.83
CA ASP DA 280 -21.76 44.86 -6.68
C ASP DA 280 -21.84 44.36 -8.12
N SER DA 281 -20.71 43.91 -8.68
CA SER DA 281 -20.73 43.38 -10.03
C SER DA 281 -21.41 42.03 -10.10
N ASN DA 282 -21.35 41.23 -9.03
CA ASN DA 282 -22.05 39.95 -9.01
C ASN DA 282 -23.55 40.15 -9.02
N PHE DA 283 -24.05 41.12 -8.26
CA PHE DA 283 -25.48 41.36 -8.30
C PHE DA 283 -25.92 42.15 -9.53
N SER DA 284 -25.04 42.96 -10.10
CA SER DA 284 -25.38 43.69 -11.32
C SER DA 284 -25.31 42.81 -12.56
N SER DA 285 -24.58 41.70 -12.51
CA SER DA 285 -24.47 40.83 -13.68
C SER DA 285 -25.74 40.00 -13.88
N ASP DA 286 -26.18 39.32 -12.82
CA ASP DA 286 -27.35 38.46 -12.94
C ASP DA 286 -28.64 39.28 -12.94
N LEU DA 287 -29.67 38.72 -13.57
CA LEU DA 287 -30.98 39.35 -13.64
C LEU DA 287 -31.88 38.70 -12.59
N ILE DA 288 -32.38 39.50 -11.66
CA ILE DA 288 -33.20 38.97 -10.58
C ILE DA 288 -34.69 38.97 -10.95
N GLY DA 289 -35.10 39.84 -11.88
CA GLY DA 289 -36.47 39.83 -12.36
C GLY DA 289 -37.46 40.65 -11.56
N GLY DA 290 -37.65 40.29 -10.29
CA GLY DA 290 -38.68 40.93 -9.49
C GLY DA 290 -38.29 42.33 -9.06
N ASP DA 291 -39.31 43.17 -8.86
CA ASP DA 291 -39.09 44.55 -8.47
C ASP DA 291 -40.33 45.09 -7.77
N GLY DA 292 -40.12 46.02 -6.85
CA GLY DA 292 -41.17 46.71 -6.14
C GLY DA 292 -41.45 48.12 -6.61
N SER DA 293 -40.90 48.51 -7.77
CA SER DA 293 -41.17 49.77 -8.48
C SER DA 293 -40.79 51.02 -7.69
N HIS DA 294 -41.05 52.19 -8.31
CA HIS DA 294 -40.96 53.57 -7.80
C HIS DA 294 -39.50 54.01 -7.65
N LEU DA 295 -38.55 53.11 -7.84
CA LEU DA 295 -37.14 53.39 -7.67
C LEU DA 295 -36.38 52.26 -8.35
N TYR DA 296 -35.29 52.59 -9.03
CA TYR DA 296 -34.55 51.59 -9.79
C TYR DA 296 -33.07 51.91 -9.78
N ALA DA 297 -32.26 50.87 -9.97
CA ALA DA 297 -30.81 50.98 -9.91
C ALA DA 297 -30.14 50.73 -11.26
N ASN DA 298 -30.39 49.58 -11.88
CA ASN DA 298 -29.68 49.17 -13.06
C ASN DA 298 -30.67 48.93 -14.21
N LEU DA 299 -30.10 48.72 -15.39
CA LEU DA 299 -30.87 48.45 -16.59
C LEU DA 299 -30.41 47.13 -17.21
N ASP DA 300 -31.33 46.46 -17.89
CA ASP DA 300 -31.01 45.21 -18.57
C ASP DA 300 -30.46 45.52 -19.96
N GLU DA 301 -30.35 44.50 -20.81
CA GLU DA 301 -29.88 44.71 -22.17
C GLU DA 301 -30.94 45.37 -23.03
N CYS DA 302 -32.22 45.20 -22.69
CA CYS DA 302 -33.31 45.84 -23.40
C CYS DA 302 -33.60 47.24 -22.89
N GLY DA 303 -32.94 47.68 -21.81
CA GLY DA 303 -33.18 48.99 -21.26
C GLY DA 303 -34.40 49.11 -20.38
N ASN DA 304 -35.07 48.00 -20.08
CA ASN DA 304 -36.25 48.04 -19.24
C ASN DA 304 -35.86 48.23 -17.78
N LEU DA 305 -36.83 48.61 -16.97
CA LEU DA 305 -36.60 48.90 -15.55
C LEU DA 305 -36.53 47.59 -14.78
N LYS DA 306 -35.42 47.37 -14.09
CA LYS DA 306 -35.19 46.17 -13.31
C LYS DA 306 -34.29 46.51 -12.13
N GLN DA 307 -34.27 45.61 -11.15
CA GLN DA 307 -33.42 45.67 -9.96
C GLN DA 307 -33.67 46.96 -9.17
N THR DA 308 -34.85 47.01 -8.55
CA THR DA 308 -35.21 48.14 -7.70
C THR DA 308 -34.24 48.27 -6.54
N LEU DA 309 -34.07 49.52 -6.06
CA LEU DA 309 -32.87 49.90 -5.34
C LEU DA 309 -32.79 49.29 -3.94
N THR DA 310 -33.93 49.01 -3.31
CA THR DA 310 -33.91 48.35 -2.01
C THR DA 310 -33.35 46.94 -2.11
N GLN DA 311 -33.91 46.13 -3.02
CA GLN DA 311 -33.38 44.78 -3.19
C GLN DA 311 -32.06 44.78 -3.93
N HIS DA 312 -31.74 45.83 -4.69
CA HIS DA 312 -30.39 45.96 -5.25
C HIS DA 312 -29.35 46.16 -4.16
N LEU DA 313 -29.65 47.04 -3.20
CA LEU DA 313 -28.73 47.25 -2.08
C LEU DA 313 -28.60 46.00 -1.23
N LEU DA 314 -29.72 45.30 -1.00
CA LEU DA 314 -29.67 44.06 -0.23
C LEU DA 314 -28.91 42.96 -0.95
N GLY DA 315 -29.07 42.85 -2.27
CA GLY DA 315 -28.34 41.86 -3.04
C GLY DA 315 -26.86 42.15 -3.12
N VAL DA 316 -26.49 43.43 -3.29
CA VAL DA 316 -25.08 43.79 -3.29
C VAL DA 316 -24.46 43.54 -1.92
N THR DA 317 -25.22 43.80 -0.86
CA THR DA 317 -24.71 43.50 0.48
C THR DA 317 -24.41 42.03 0.68
N ASP DA 318 -25.40 41.16 0.42
CA ASP DA 318 -25.17 39.74 0.68
C ASP DA 318 -24.12 39.14 -0.25
N CYS DA 319 -24.04 39.63 -1.49
CA CYS DA 319 -23.06 39.13 -2.42
C CYS DA 319 -21.66 39.56 -2.02
N ALA DA 320 -21.53 40.76 -1.45
CA ALA DA 320 -20.23 41.25 -1.01
C ALA DA 320 -19.84 40.57 0.29
N LEU DA 321 -20.84 40.20 1.08
CA LEU DA 321 -20.56 39.51 2.33
C LEU DA 321 -20.09 38.12 1.98
N LYS DA 322 -20.73 37.49 1.00
CA LYS DA 322 -20.34 36.16 0.58
C LYS DA 322 -19.02 36.21 -0.16
N ALA DA 323 -18.73 37.31 -0.85
CA ALA DA 323 -17.46 37.45 -1.52
C ALA DA 323 -16.41 37.44 -0.45
N LEU DA 324 -16.57 38.32 0.53
CA LEU DA 324 -15.61 38.41 1.62
C LEU DA 324 -15.41 37.05 2.30
N PHE DA 325 -16.49 36.32 2.58
CA PHE DA 325 -16.36 35.04 3.27
C PHE DA 325 -15.54 34.04 2.45
N THR DA 326 -15.83 33.92 1.15
CA THR DA 326 -15.07 32.94 0.36
C THR DA 326 -13.66 33.42 0.05
N ILE DA 327 -13.42 34.73 -0.02
CA ILE DA 327 -12.03 35.13 -0.24
C ILE DA 327 -11.23 35.16 1.06
N ASN DA 328 -11.89 35.19 2.22
CA ASN DA 328 -11.15 35.20 3.48
C ASN DA 328 -11.10 33.84 4.16
N HIS DA 329 -11.80 32.83 3.63
CA HIS DA 329 -11.83 31.51 4.24
C HIS DA 329 -11.69 30.43 3.16
N HIS DA 330 -10.70 30.59 2.27
CA HIS DA 330 -10.50 29.68 1.16
C HIS DA 330 -9.22 28.88 1.37
N LYS DA 331 -9.33 27.56 1.24
CA LYS DA 331 -8.17 26.73 1.04
C LYS DA 331 -8.04 26.51 -0.46
N PRO DA 332 -7.17 27.25 -1.13
CA PRO DA 332 -7.19 27.27 -2.60
C PRO DA 332 -6.61 26.00 -3.22
N VAL DA 333 -7.00 25.78 -4.47
CA VAL DA 333 -6.59 24.59 -5.21
C VAL DA 333 -5.15 24.78 -5.67
N LYS DA 334 -4.28 23.87 -5.27
CA LYS DA 334 -2.87 23.94 -5.61
C LYS DA 334 -2.54 22.95 -6.73
N ALA DA 335 -1.30 23.02 -7.20
CA ALA DA 335 -0.88 22.22 -8.35
C ALA DA 335 -0.58 20.79 -7.93
N ASN DA 336 -0.30 19.96 -8.93
CA ASN DA 336 0.11 18.60 -8.67
C ASN DA 336 1.52 18.57 -8.10
N PHE DA 337 1.84 17.50 -7.38
CA PHE DA 337 3.20 17.27 -6.93
C PHE DA 337 3.97 16.74 -8.13
N ILE DA 338 4.71 17.62 -8.79
CA ILE DA 338 5.48 17.26 -9.98
C ILE DA 338 6.62 16.34 -9.57
N PRO DA 339 6.67 15.10 -10.08
CA PRO DA 339 7.71 14.17 -9.64
C PRO DA 339 9.04 14.35 -10.35
N THR DA 340 9.09 15.14 -11.42
CA THR DA 340 10.35 15.39 -12.11
C THR DA 340 11.08 16.60 -11.55
N ILE DA 341 10.60 17.19 -10.46
CA ILE DA 341 11.27 18.31 -9.82
C ILE DA 341 12.07 17.86 -8.60
N ALA DA 342 11.46 17.00 -7.77
CA ALA DA 342 11.94 16.71 -6.43
C ALA DA 342 13.25 15.93 -6.38
N GLU DA 343 13.72 15.39 -7.50
CA GLU DA 343 15.00 14.69 -7.45
C GLU DA 343 16.15 15.68 -7.54
N LYS DA 344 17.36 15.13 -7.53
CA LYS DA 344 18.57 15.94 -7.50
C LYS DA 344 18.82 16.59 -8.86
N GLY DA 345 19.31 17.82 -8.83
CA GLY DA 345 19.88 18.41 -10.02
C GLY DA 345 21.28 17.86 -10.27
N GLU DA 346 21.60 17.63 -11.54
CA GLU DA 346 22.85 17.02 -11.91
C GLU DA 346 23.66 17.96 -12.78
N GLY DA 347 24.95 18.04 -12.51
CA GLY DA 347 25.84 18.92 -13.25
C GLY DA 347 25.57 20.39 -13.02
N LYS DA 348 25.28 21.11 -14.09
CA LYS DA 348 25.06 22.56 -14.02
C LYS DA 348 23.76 22.94 -13.33
N PHE DA 349 22.88 21.98 -13.07
CA PHE DA 349 21.69 22.21 -12.26
C PHE DA 349 21.88 21.79 -10.80
N ALA DA 350 23.11 21.43 -10.43
CA ALA DA 350 23.39 20.90 -9.09
C ALA DA 350 23.22 21.94 -7.99
N TRP DA 351 23.20 23.22 -8.34
CA TRP DA 351 22.89 24.26 -7.36
C TRP DA 351 21.42 24.28 -6.98
N GLN DA 352 20.56 23.64 -7.77
CA GLN DA 352 19.13 23.61 -7.48
C GLN DA 352 18.78 22.76 -6.26
N ASN DA 353 19.74 22.03 -5.70
CA ASN DA 353 19.61 21.40 -4.39
C ASN DA 353 19.73 22.38 -3.23
N GLY DA 354 19.88 23.68 -3.51
CA GLY DA 354 19.79 24.69 -2.47
C GLY DA 354 18.45 24.75 -1.77
N VAL DA 355 17.38 24.24 -2.40
CA VAL DA 355 16.10 24.10 -1.74
C VAL DA 355 16.14 23.13 -0.57
N ASN DA 356 17.14 22.22 -0.54
CA ASN DA 356 17.31 21.37 0.63
C ASN DA 356 18.00 22.10 1.78
N MET DA 357 18.37 23.36 1.60
CA MET DA 357 18.82 24.19 2.70
C MET DA 357 17.75 25.16 3.20
N VAL DA 358 16.57 25.19 2.58
CA VAL DA 358 15.50 26.08 2.99
C VAL DA 358 14.49 25.31 3.83
N ASP DA 359 13.90 25.98 4.83
CA ASP DA 359 12.91 25.33 5.67
C ASP DA 359 11.63 25.12 4.88
N SER DA 360 11.02 23.95 5.03
CA SER DA 360 9.80 23.64 4.29
C SER DA 360 8.54 24.10 5.01
N SER DA 361 8.65 24.64 6.22
CA SER DA 361 7.48 24.99 7.01
C SER DA 361 7.37 26.49 7.26
N ILE DA 362 8.08 27.31 6.49
CA ILE DA 362 7.99 28.75 6.66
C ILE DA 362 6.72 29.27 6.01
N ASP DA 363 6.03 30.16 6.71
CA ASP DA 363 4.80 30.75 6.18
C ASP DA 363 5.09 31.79 5.11
N ASN DA 364 6.24 32.45 5.18
CA ASN DA 364 6.60 33.47 4.21
C ASN DA 364 8.01 33.20 3.70
N MET DA 365 8.29 33.76 2.52
CA MET DA 365 9.57 33.56 1.86
C MET DA 365 9.77 34.66 0.83
N PHE DA 366 10.94 35.28 0.85
CA PHE DA 366 11.30 36.28 -0.15
C PHE DA 366 12.58 35.81 -0.84
N CYS DA 367 12.42 35.16 -1.99
CA CYS DA 367 13.57 34.66 -2.74
C CYS DA 367 14.11 35.74 -3.65
N ILE DA 368 15.42 35.93 -3.58
CA ILE DA 368 16.15 36.75 -4.54
C ILE DA 368 17.10 35.80 -5.26
N ASN DA 369 16.68 35.35 -6.45
CA ASN DA 369 17.40 34.33 -7.20
C ASN DA 369 18.35 35.03 -8.17
N MET DA 370 19.59 35.19 -7.74
CA MET DA 370 20.61 35.91 -8.49
C MET DA 370 21.42 34.99 -9.40
N ALA DA 371 20.85 33.86 -9.80
CA ALA DA 371 21.58 32.90 -10.63
C ALA DA 371 21.67 33.40 -12.07
N SER DA 372 22.76 33.04 -12.74
CA SER DA 372 22.99 33.49 -14.10
C SER DA 372 22.10 32.73 -15.07
N THR DA 373 22.06 33.22 -16.31
CA THR DA 373 21.24 32.63 -17.35
C THR DA 373 21.80 31.29 -17.79
N GLY DA 374 20.91 30.43 -18.28
CA GLY DA 374 21.29 29.10 -18.71
C GLY DA 374 21.39 28.07 -17.61
N LYS DA 375 21.17 28.46 -16.36
CA LYS DA 375 21.25 27.54 -15.24
C LYS DA 375 19.90 26.97 -14.83
N GLY DA 376 18.84 27.32 -15.55
CA GLY DA 376 17.51 26.84 -15.19
C GLY DA 376 16.93 27.60 -14.01
N LYS DA 377 16.71 28.90 -14.19
CA LYS DA 377 16.21 29.73 -13.10
C LYS DA 377 14.75 29.43 -12.77
N THR DA 378 13.92 29.27 -13.80
CA THR DA 378 12.49 29.07 -13.58
C THR DA 378 12.21 27.69 -13.02
N LEU DA 379 12.98 26.69 -13.44
CA LEU DA 379 12.90 25.36 -12.85
C LEU DA 379 13.30 25.39 -11.38
N ALA DA 380 14.30 26.20 -11.04
CA ALA DA 380 14.70 26.36 -9.64
C ALA DA 380 13.62 27.09 -8.84
N ASN DA 381 12.92 28.04 -9.48
CA ASN DA 381 11.81 28.71 -8.81
C ASN DA 381 10.67 27.75 -8.52
N LEU DA 382 10.35 26.88 -9.49
CA LEU DA 382 9.34 25.85 -9.26
C LEU DA 382 9.77 24.86 -8.19
N LYS DA 383 11.07 24.54 -8.16
CA LYS DA 383 11.61 23.67 -7.11
C LYS DA 383 11.49 24.30 -5.73
N LEU DA 384 11.76 25.61 -5.64
CA LEU DA 384 11.62 26.31 -4.37
C LEU DA 384 10.17 26.39 -3.93
N LEU DA 385 9.25 26.58 -4.88
CA LEU DA 385 7.83 26.57 -4.54
C LEU DA 385 7.37 25.20 -4.09
N GLN DA 386 7.85 24.14 -4.73
CA GLN DA 386 7.45 22.79 -4.37
C GLN DA 386 8.15 22.26 -3.13
N HIS DA 387 9.23 22.92 -2.68
CA HIS DA 387 9.87 22.51 -1.44
C HIS DA 387 8.97 22.75 -0.22
N PHE DA 388 8.11 23.77 -0.27
CA PHE DA 388 7.21 24.06 0.84
C PHE DA 388 5.93 23.24 0.78
N GLY DA 389 5.76 22.39 -0.24
CA GLY DA 389 4.54 21.62 -0.37
C GLY DA 389 4.00 21.67 -1.78
N ASN DA 390 2.68 21.66 -1.92
CA ASN DA 390 2.09 21.80 -3.24
C ASN DA 390 2.20 23.25 -3.71
N VAL DA 391 2.21 23.42 -5.02
CA VAL DA 391 2.55 24.71 -5.63
C VAL DA 391 1.25 25.47 -5.92
N ARG DA 392 1.22 26.75 -5.54
CA ARG DA 392 0.23 27.67 -6.06
C ARG DA 392 0.92 29.01 -6.27
N CYS DA 393 1.17 29.36 -7.53
CA CYS DA 393 2.00 30.50 -7.86
C CYS DA 393 1.52 31.15 -9.14
N SER DA 394 1.92 32.39 -9.33
CA SER DA 394 1.69 33.15 -10.55
C SER DA 394 3.06 33.51 -11.10
N PHE DA 395 3.48 32.81 -12.14
CA PHE DA 395 4.72 33.13 -12.83
C PHE DA 395 4.45 34.31 -13.74
N GLY DA 396 4.70 35.51 -13.25
CA GLY DA 396 4.50 36.69 -14.05
C GLY DA 396 5.76 37.06 -14.79
N LEU DA 397 5.75 36.97 -16.12
CA LEU DA 397 6.94 37.23 -16.89
C LEU DA 397 6.67 38.32 -17.93
N GLY DA 398 7.70 39.11 -18.20
CA GLY DA 398 7.66 39.98 -19.35
C GLY DA 398 7.70 39.18 -20.65
N MET DA 399 7.16 39.79 -21.70
CA MET DA 399 7.00 39.29 -23.06
C MET DA 399 6.07 38.10 -23.17
N VAL DA 400 5.44 37.95 -24.34
CA VAL DA 400 4.65 36.75 -24.61
C VAL DA 400 5.56 35.55 -24.80
N SER DA 401 6.66 35.72 -25.54
CA SER DA 401 7.50 34.59 -25.92
C SER DA 401 8.26 34.01 -24.73
N LEU DA 402 8.58 34.83 -23.73
CA LEU DA 402 9.23 34.29 -22.54
C LEU DA 402 8.26 33.47 -21.70
N THR DA 403 6.99 33.89 -21.65
CA THR DA 403 5.97 33.05 -21.03
C THR DA 403 5.79 31.76 -21.80
N LYS DA 404 5.87 31.82 -23.14
CA LYS DA 404 5.83 30.60 -23.96
C LYS DA 404 7.01 29.69 -23.67
N GLN DA 405 8.21 30.26 -23.47
CA GLN DA 405 9.38 29.46 -23.17
C GLN DA 405 9.28 28.81 -21.80
N THR DA 406 8.81 29.54 -20.79
CA THR DA 406 8.62 28.95 -19.46
C THR DA 406 7.49 27.92 -19.46
N ALA DA 407 6.45 28.15 -20.25
CA ALA DA 407 5.40 27.15 -20.40
C ALA DA 407 5.92 25.89 -21.07
N LYS DA 408 6.77 26.02 -22.09
CA LYS DA 408 7.31 24.84 -22.76
C LYS DA 408 8.25 24.06 -21.85
N GLN DA 409 9.03 24.77 -21.03
CA GLN DA 409 9.86 24.11 -20.02
C GLN DA 409 8.99 23.39 -18.99
N PHE DA 410 7.90 24.02 -18.55
CA PHE DA 410 6.98 23.39 -17.59
C PHE DA 410 6.30 22.18 -18.20
N LEU DA 411 5.91 22.26 -19.48
CA LEU DA 411 5.28 21.13 -20.15
C LEU DA 411 6.24 19.96 -20.32
N ASP DA 412 7.44 20.20 -20.84
CA ASP DA 412 8.28 19.05 -21.12
C ASP DA 412 8.98 18.50 -19.89
N MET DA 413 9.07 19.26 -18.79
CA MET DA 413 9.69 18.64 -17.61
C MET DA 413 8.67 17.80 -16.84
N GLY DA 414 7.64 18.42 -16.27
CA GLY DA 414 6.63 17.62 -15.61
C GLY DA 414 5.20 18.12 -15.49
N VAL DA 415 4.90 19.33 -15.94
CA VAL DA 415 3.66 19.99 -15.56
C VAL DA 415 2.68 19.88 -16.72
N ASP DA 416 1.49 19.38 -16.46
CA ASP DA 416 0.43 19.30 -17.44
C ASP DA 416 -0.44 20.53 -17.36
N TYR DA 417 -1.50 20.56 -18.17
CA TYR DA 417 -2.42 21.70 -18.20
C TYR DA 417 -3.50 21.60 -17.14
N ASN DA 418 -3.52 20.53 -16.35
CA ASN DA 418 -4.40 20.46 -15.20
C ASN DA 418 -3.87 21.27 -14.03
N SER DA 419 -2.64 21.74 -14.14
CA SER DA 419 -2.03 22.54 -13.09
C SER DA 419 -1.50 23.85 -13.67
N ALA DA 420 -1.11 23.84 -14.94
CA ALA DA 420 -0.56 25.05 -15.56
C ALA DA 420 -1.55 25.78 -16.42
N ALA DA 421 -1.41 27.11 -16.50
CA ALA DA 421 -2.29 27.91 -17.32
C ALA DA 421 -1.51 29.03 -17.97
N MET DA 422 -1.11 28.86 -19.22
CA MET DA 422 -0.41 29.93 -19.91
C MET DA 422 -1.34 31.04 -20.42
N VAL DA 423 -1.20 32.24 -19.86
CA VAL DA 423 -2.09 33.33 -20.24
C VAL DA 423 -1.40 34.47 -20.97
N THR DA 424 -1.77 34.68 -22.22
CA THR DA 424 -1.23 35.80 -22.99
C THR DA 424 -2.50 36.45 -23.50
N GLY DA 425 -2.83 37.65 -23.03
CA GLY DA 425 -4.12 38.20 -23.41
C GLY DA 425 -4.18 39.07 -24.65
N PHE DA 426 -3.74 38.55 -25.80
CA PHE DA 426 -3.87 39.27 -27.05
C PHE DA 426 -4.36 38.43 -28.22
N SER DA 427 -4.33 37.10 -28.11
CA SER DA 427 -4.71 36.14 -29.17
C SER DA 427 -3.91 36.38 -30.45
N LYS DA 428 -2.60 36.20 -30.33
CA LYS DA 428 -1.70 36.40 -31.45
C LYS DA 428 -1.87 35.29 -32.49
N SER DA 429 -1.64 35.64 -33.75
CA SER DA 429 -1.81 34.72 -34.87
C SER DA 429 -0.50 34.08 -35.31
N ARG DA 430 0.41 33.85 -34.37
CA ARG DA 430 1.68 33.20 -34.66
C ARG DA 430 1.50 31.69 -34.54
N PHE DA 431 1.32 31.03 -35.66
CA PHE DA 431 1.10 29.58 -35.70
C PHE DA 431 2.36 28.85 -36.15
N ASN DA 432 2.41 27.57 -35.81
CA ASN DA 432 3.54 26.72 -36.17
C ASN DA 432 3.20 25.98 -37.46
N LEU DA 433 4.08 26.11 -38.45
CA LEU DA 433 3.89 25.48 -39.75
C LEU DA 433 4.83 24.28 -39.91
N GLY DA 434 4.81 23.68 -41.09
CA GLY DA 434 5.66 22.54 -41.39
C GLY DA 434 4.99 21.21 -41.11
N SER DA 435 4.71 20.93 -39.84
CA SER DA 435 4.09 19.67 -39.45
C SER DA 435 3.36 19.87 -38.13
N GLU DA 436 2.04 19.71 -38.15
CA GLU DA 436 1.26 19.85 -36.92
C GLU DA 436 1.43 18.63 -36.02
N SER DA 437 1.51 17.43 -36.61
CA SER DA 437 1.64 16.22 -35.82
C SER DA 437 3.05 16.03 -35.26
N LEU DA 438 4.08 16.43 -36.01
CA LEU DA 438 5.46 16.28 -35.59
C LEU DA 438 6.01 17.55 -34.95
N ASP DA 439 5.16 18.33 -34.27
CA ASP DA 439 5.61 19.59 -33.68
C ASP DA 439 6.33 19.36 -32.36
N GLN DA 440 5.62 18.77 -31.39
CA GLN DA 440 6.09 18.59 -30.01
C GLN DA 440 6.52 19.91 -29.37
N ASP DA 441 5.76 20.97 -29.67
CA ASP DA 441 6.05 22.33 -29.24
C ASP DA 441 4.74 23.10 -29.28
N GLU DA 442 4.84 24.44 -29.24
CA GLU DA 442 3.73 25.39 -29.38
C GLU DA 442 2.68 25.17 -28.28
N VAL DA 443 3.11 25.49 -27.06
CA VAL DA 443 2.23 25.44 -25.90
C VAL DA 443 1.03 26.37 -26.08
N SER DA 444 -0.16 25.84 -25.85
CA SER DA 444 -1.40 26.46 -26.29
C SER DA 444 -2.29 26.81 -25.10
N VAL DA 445 -3.49 27.26 -25.41
CA VAL DA 445 -4.44 27.74 -24.41
C VAL DA 445 -5.64 26.79 -24.35
N GLU DA 446 -5.59 25.79 -23.47
CA GLU DA 446 -6.76 24.96 -23.20
C GLU DA 446 -7.17 24.97 -21.73
N TYR DA 447 -6.25 24.67 -20.79
CA TYR DA 447 -6.50 24.67 -19.34
C TYR DA 447 -7.70 23.78 -18.96
N TRP DA 448 -7.47 22.47 -19.03
CA TRP DA 448 -8.43 21.52 -18.49
C TRP DA 448 -8.71 21.81 -17.02
N GLY DA 449 -7.65 21.97 -16.23
CA GLY DA 449 -7.50 22.56 -14.91
C GLY DA 449 -8.56 22.16 -13.91
N GLN DA 450 -8.91 23.08 -13.03
CA GLN DA 450 -9.96 22.88 -12.04
C GLN DA 450 -10.51 24.25 -11.65
N THR DA 451 -11.82 24.43 -11.81
CA THR DA 451 -12.45 25.70 -11.50
C THR DA 451 -12.53 25.88 -9.98
N SER DA 452 -12.00 27.00 -9.49
CA SER DA 452 -11.96 27.27 -8.07
C SER DA 452 -13.36 27.67 -7.58
N SER DA 453 -13.51 27.66 -6.24
CA SER DA 453 -14.77 28.03 -5.62
C SER DA 453 -14.99 29.54 -5.57
N LEU DA 454 -13.99 30.33 -5.95
CA LEU DA 454 -14.10 31.78 -5.97
C LEU DA 454 -14.86 32.31 -7.18
N SER DA 455 -15.17 31.44 -8.15
CA SER DA 455 -15.85 31.90 -9.35
C SER DA 455 -17.31 32.25 -9.09
N LYS DA 456 -17.90 31.72 -8.01
CA LYS DA 456 -19.30 31.98 -7.72
C LYS DA 456 -19.55 33.37 -7.16
N VAL DA 457 -18.51 34.04 -6.64
CA VAL DA 457 -18.68 35.38 -6.10
C VAL DA 457 -18.27 36.47 -7.09
N PHE DA 458 -17.65 36.10 -8.19
CA PHE DA 458 -17.34 37.02 -9.26
C PHE DA 458 -18.62 37.31 -10.06
N PRO DA 459 -18.64 38.41 -10.83
CA PRO DA 459 -19.79 38.65 -11.72
C PRO DA 459 -19.94 37.55 -12.75
N ASN DA 460 -21.22 37.23 -13.05
CA ASN DA 460 -21.74 36.24 -14.00
C ASN DA 460 -20.91 34.97 -14.14
N ASN DA 461 -20.55 34.37 -13.00
CA ASN DA 461 -19.68 33.19 -12.89
C ASN DA 461 -18.34 33.43 -13.59
N ASN DA 462 -17.60 34.37 -13.00
CA ASN DA 462 -16.32 34.89 -13.49
C ASN DA 462 -16.46 35.46 -14.90
N ALA DA 463 -16.05 34.69 -15.90
CA ALA DA 463 -16.17 35.07 -17.29
C ALA DA 463 -16.09 33.79 -18.11
N GLY DA 464 -15.76 33.94 -19.38
CA GLY DA 464 -15.49 32.79 -20.22
C GLY DA 464 -14.11 32.23 -19.96
N PHE DA 465 -13.34 32.09 -21.03
CA PHE DA 465 -12.11 31.31 -21.00
C PHE DA 465 -11.03 32.01 -20.18
N LYS DA 466 -10.86 33.32 -20.38
CA LYS DA 466 -9.66 34.02 -19.91
C LYS DA 466 -9.65 34.18 -18.39
N ASN DA 467 -10.75 34.64 -17.81
CA ASN DA 467 -10.77 34.84 -16.37
C ASN DA 467 -10.87 33.53 -15.58
N LYS DA 468 -11.44 32.50 -16.19
CA LYS DA 468 -11.36 31.17 -15.60
C LYS DA 468 -9.92 30.68 -15.55
N LYS DA 469 -9.16 30.95 -16.61
CA LYS DA 469 -7.72 30.64 -16.58
C LYS DA 469 -6.98 31.52 -15.60
N LEU DA 470 -7.42 32.75 -15.40
CA LEU DA 470 -6.77 33.64 -14.44
C LEU DA 470 -6.97 33.16 -13.01
N LEU DA 471 -8.23 33.11 -12.57
CA LEU DA 471 -8.54 32.92 -11.15
C LEU DA 471 -8.27 31.50 -10.69
N SER DA 472 -8.68 30.51 -11.48
CA SER DA 472 -8.68 29.12 -11.05
C SER DA 472 -7.34 28.43 -11.26
N ALA DA 473 -6.32 29.13 -11.73
CA ALA DA 473 -5.05 28.49 -12.03
C ALA DA 473 -4.30 28.17 -10.74
N PRO DA 474 -3.83 26.94 -10.56
CA PRO DA 474 -2.86 26.69 -9.50
C PRO DA 474 -1.53 27.35 -9.82
N ILE DA 475 -0.99 27.04 -11.00
CA ILE DA 475 0.18 27.72 -11.53
C ILE DA 475 -0.29 28.55 -12.72
N LEU DA 476 -0.04 29.86 -12.66
CA LEU DA 476 -0.50 30.79 -13.68
C LEU DA 476 0.71 31.38 -14.38
N VAL DA 477 1.13 30.78 -15.49
CA VAL DA 477 2.26 31.32 -16.24
C VAL DA 477 1.64 32.38 -17.15
N THR DA 478 1.87 33.63 -16.79
CA THR DA 478 1.15 34.72 -17.42
C THR DA 478 2.09 35.85 -17.79
N THR DA 479 1.63 36.65 -18.75
CA THR DA 479 2.22 37.97 -18.90
C THR DA 479 1.87 38.80 -17.67
N THR DA 480 2.77 39.72 -17.34
CA THR DA 480 2.75 40.34 -16.01
C THR DA 480 1.58 41.32 -15.87
N ASP DA 481 1.08 41.88 -16.98
CA ASP DA 481 0.00 42.86 -16.92
C ASP DA 481 -1.33 42.27 -16.49
N HIS DA 482 -1.45 40.94 -16.44
CA HIS DA 482 -2.60 40.31 -15.82
C HIS DA 482 -2.45 40.20 -14.29
N LEU DA 483 -1.35 40.70 -13.74
CA LEU DA 483 -1.13 40.67 -12.31
C LEU DA 483 -0.92 42.05 -11.68
N VAL DA 484 -0.39 43.02 -12.43
CA VAL DA 484 -0.13 44.35 -11.88
C VAL DA 484 -1.40 45.18 -11.66
N LYS DA 485 -2.53 44.74 -12.19
CA LYS DA 485 -3.79 45.42 -11.92
C LYS DA 485 -4.36 45.07 -10.55
N ALA DA 486 -3.73 44.17 -9.82
CA ALA DA 486 -4.15 43.85 -8.46
C ALA DA 486 -3.99 45.04 -7.53
N SER DA 487 -2.96 45.86 -7.76
CA SER DA 487 -2.70 47.02 -6.92
C SER DA 487 -3.77 48.11 -7.06
N GLY DA 488 -4.56 48.08 -8.13
CA GLY DA 488 -5.68 49.00 -8.28
C GLY DA 488 -5.77 49.53 -9.69
N VAL DA 489 -6.94 50.04 -10.05
CA VAL DA 489 -7.21 50.55 -11.39
C VAL DA 489 -7.91 51.89 -11.31
N LYS DA 490 -7.91 52.60 -12.44
CA LYS DA 490 -8.64 53.85 -12.57
C LYS DA 490 -10.14 53.63 -12.53
N LYS DA 491 -10.68 52.98 -13.56
CA LYS DA 491 -12.11 52.87 -13.79
C LYS DA 491 -12.44 51.39 -13.96
N GLY DA 492 -13.43 50.93 -13.21
CA GLY DA 492 -13.99 49.61 -13.41
C GLY DA 492 -13.57 48.62 -12.34
N ASN DA 493 -13.94 47.37 -12.60
CA ASN DA 493 -13.72 46.26 -11.68
C ASN DA 493 -12.62 45.32 -12.18
N LYS DA 494 -11.59 45.87 -12.80
CA LYS DA 494 -10.47 45.06 -13.30
C LYS DA 494 -9.44 44.79 -12.22
N GLN DA 495 -9.60 45.36 -11.03
CA GLN DA 495 -8.67 45.11 -9.94
C GLN DA 495 -8.94 43.77 -9.26
N MET DA 496 -10.23 43.38 -9.20
CA MET DA 496 -10.66 42.27 -8.34
C MET DA 496 -10.09 40.93 -8.79
N LEU DA 497 -10.05 40.66 -10.09
CA LEU DA 497 -9.57 39.36 -10.54
C LEU DA 497 -8.08 39.13 -10.27
N PRO DA 498 -7.14 40.04 -10.60
CA PRO DA 498 -5.76 39.79 -10.15
C PRO DA 498 -5.57 39.97 -8.65
N TYR DA 499 -6.44 40.75 -7.98
CA TYR DA 499 -6.36 40.88 -6.53
C TYR DA 499 -6.66 39.55 -5.85
N VAL DA 500 -7.78 38.92 -6.21
CA VAL DA 500 -8.18 37.65 -5.64
C VAL DA 500 -7.25 36.53 -6.14
N ARG DA 501 -6.66 36.70 -7.33
CA ARG DA 501 -5.64 35.77 -7.79
C ARG DA 501 -4.39 35.82 -6.91
N CYS DA 502 -3.87 37.02 -6.65
CA CYS DA 502 -2.65 37.16 -5.87
C CYS DA 502 -2.88 37.04 -4.38
N MET DA 503 -4.15 37.00 -3.94
CA MET DA 503 -4.43 36.82 -2.52
C MET DA 503 -4.04 35.42 -2.04
N HIS DA 504 -4.43 34.40 -2.81
CA HIS DA 504 -4.21 33.02 -2.41
C HIS DA 504 -3.07 32.33 -3.15
N SER DA 505 -2.32 33.05 -3.96
CA SER DA 505 -1.25 32.45 -4.74
C SER DA 505 0.06 33.20 -4.52
N ASP DA 506 1.16 32.47 -4.65
CA ASP DA 506 2.48 33.06 -4.57
C ASP DA 506 2.75 33.87 -5.84
N LEU DA 507 3.80 34.68 -5.82
CA LEU DA 507 4.16 35.51 -6.94
C LEU DA 507 5.60 35.25 -7.33
N VAL DA 508 5.84 34.93 -8.60
CA VAL DA 508 7.19 34.65 -9.09
C VAL DA 508 7.45 35.59 -10.25
N LEU DA 509 8.28 36.60 -10.03
CA LEU DA 509 8.61 37.59 -11.06
C LEU DA 509 10.05 37.37 -11.50
N ASP DA 510 10.22 37.02 -12.77
CA ASP DA 510 11.52 36.70 -13.32
C ASP DA 510 12.03 37.85 -14.17
N GLU DA 511 13.36 38.09 -14.13
CA GLU DA 511 14.08 39.22 -14.75
C GLU DA 511 13.31 40.54 -14.66
N ILE DA 512 13.21 41.02 -13.42
CA ILE DA 512 12.52 42.29 -13.18
C ILE DA 512 13.33 43.51 -13.61
N ASP DA 513 14.61 43.34 -13.95
CA ASP DA 513 15.40 44.48 -14.39
C ASP DA 513 15.03 44.95 -15.79
N ASP DA 514 14.42 44.10 -16.62
CA ASP DA 514 14.03 44.52 -17.96
C ASP DA 514 12.82 45.43 -17.97
N TYR DA 515 12.06 45.49 -16.88
CA TYR DA 515 10.93 46.39 -16.80
C TYR DA 515 11.39 47.83 -16.63
N GLY DA 516 10.46 48.75 -16.85
CA GLY DA 516 10.72 50.15 -16.61
C GLY DA 516 10.74 50.47 -15.14
N ILE DA 517 11.06 51.73 -14.83
CA ILE DA 517 11.19 52.15 -13.45
C ILE DA 517 9.82 52.21 -12.78
N GLU DA 518 8.84 52.81 -13.47
CA GLU DA 518 7.48 52.79 -12.97
C GLU DA 518 6.89 51.39 -13.01
N ASP DA 519 7.29 50.60 -14.01
CA ASP DA 519 6.88 49.20 -14.07
C ASP DA 519 7.43 48.41 -12.88
N MET DA 520 8.68 48.68 -12.50
CA MET DA 520 9.25 48.03 -11.33
C MET DA 520 8.63 48.54 -10.05
N VAL DA 521 8.21 49.81 -10.03
CA VAL DA 521 7.51 50.37 -8.86
C VAL DA 521 6.17 49.67 -8.66
N VAL DA 522 5.40 49.51 -9.74
CA VAL DA 522 4.11 48.83 -9.60
C VAL DA 522 4.30 47.32 -9.41
N LEU DA 523 5.43 46.77 -9.84
CA LEU DA 523 5.71 45.36 -9.58
C LEU DA 523 6.05 45.15 -8.11
N ALA DA 524 6.76 46.09 -7.49
CA ALA DA 524 7.01 45.99 -6.06
C ALA DA 524 5.76 46.32 -5.25
N ARG DA 525 4.85 47.13 -5.81
CA ARG DA 525 3.52 47.28 -5.22
C ARG DA 525 2.78 45.94 -5.23
N LEU DA 526 2.89 45.20 -6.33
CA LEU DA 526 2.30 43.86 -6.41
C LEU DA 526 2.96 42.90 -5.44
N VAL DA 527 4.28 43.04 -5.24
CA VAL DA 527 5.00 42.23 -4.25
C VAL DA 527 4.52 42.51 -2.85
N TYR DA 528 4.32 43.80 -2.53
CA TYR DA 528 3.78 44.19 -1.23
C TYR DA 528 2.36 43.65 -1.03
N LEU DA 529 1.53 43.71 -2.07
CA LEU DA 529 0.17 43.20 -1.97
C LEU DA 529 0.14 41.67 -1.84
N THR DA 530 1.07 40.99 -2.51
CA THR DA 530 1.18 39.54 -2.39
C THR DA 530 1.65 39.15 -0.99
N ALA DA 531 2.63 39.88 -0.44
CA ALA DA 531 3.09 39.63 0.91
C ALA DA 531 2.07 40.02 1.97
N CYS DA 532 1.09 40.88 1.62
CA CYS DA 532 0.02 41.24 2.55
C CYS DA 532 -0.85 40.06 2.96
N TYR DA 533 -0.85 38.96 2.19
CA TYR DA 533 -1.63 37.78 2.51
C TYR DA 533 -0.76 36.55 2.71
N GLY DA 534 0.50 36.73 3.09
CA GLY DA 534 1.35 35.64 3.49
C GLY DA 534 1.94 34.83 2.37
N ASN DA 535 1.69 35.19 1.11
CA ASN DA 535 2.26 34.45 0.01
C ASN DA 535 3.73 34.80 -0.17
N LYS DA 536 4.44 33.98 -0.94
CA LYS DA 536 5.88 34.08 -1.07
C LYS DA 536 6.25 34.67 -2.42
N VAL DA 537 7.17 35.63 -2.40
CA VAL DA 537 7.63 36.29 -3.61
C VAL DA 537 9.00 35.72 -3.98
N ILE DA 538 9.11 35.20 -5.19
CA ILE DA 538 10.38 34.76 -5.75
C ILE DA 538 10.79 35.76 -6.81
N ILE DA 539 11.90 36.46 -6.59
CA ILE DA 539 12.40 37.38 -7.59
C ILE DA 539 13.53 36.62 -8.24
N SER DA 540 13.58 36.57 -9.57
CA SER DA 540 14.72 35.91 -10.19
C SER DA 540 15.50 36.81 -11.16
N SER DA 541 16.47 37.55 -10.62
CA SER DA 541 17.25 38.46 -11.47
C SER DA 541 18.73 38.40 -11.14
N ALA DA 542 19.54 38.03 -12.12
CA ALA DA 542 20.99 37.93 -11.91
C ALA DA 542 21.65 39.28 -11.74
N THR DA 543 21.32 40.23 -12.62
CA THR DA 543 21.94 41.55 -12.57
C THR DA 543 21.21 42.51 -11.63
N ILE DA 544 20.81 42.01 -10.46
CA ILE DA 544 20.08 42.84 -9.53
C ILE DA 544 20.94 43.97 -8.98
N THR DA 545 20.33 45.12 -8.76
CA THR DA 545 21.05 46.24 -8.17
C THR DA 545 20.61 46.19 -6.72
N PRO DA 546 21.54 46.44 -5.78
CA PRO DA 546 21.14 46.50 -4.36
C PRO DA 546 19.88 47.30 -4.14
N ALA DA 547 19.79 48.50 -4.74
CA ALA DA 547 18.58 49.30 -4.64
C ALA DA 547 17.31 48.52 -4.93
N ILE DA 548 17.26 47.83 -6.06
CA ILE DA 548 16.09 47.03 -6.43
C ILE DA 548 15.83 45.93 -5.41
N SER DA 549 16.84 45.13 -5.13
CA SER DA 549 16.69 44.04 -4.17
C SER DA 549 16.22 44.56 -2.82
N ASN DA 550 16.72 45.72 -2.43
CA ASN DA 550 16.34 46.32 -1.16
C ASN DA 550 14.90 46.76 -1.19
N ILE DA 551 14.49 47.52 -2.21
CA ILE DA 551 13.12 48.02 -2.18
C ILE DA 551 12.11 46.89 -2.35
N PHE DA 552 12.47 45.80 -3.02
CA PHE DA 552 11.58 44.66 -3.10
C PHE DA 552 11.50 43.94 -1.76
N TYR DA 553 12.61 43.86 -1.03
CA TYR DA 553 12.57 43.32 0.32
C TYR DA 553 11.73 44.20 1.24
N GLU DA 554 11.86 45.52 1.13
CA GLU DA 554 11.09 46.41 2.00
C GLU DA 554 9.60 46.35 1.67
N ALA DA 555 9.25 46.17 0.39
CA ALA DA 555 7.85 45.95 0.03
C ALA DA 555 7.34 44.63 0.60
N TYR DA 556 8.14 43.57 0.51
CA TYR DA 556 7.76 42.30 1.12
C TYR DA 556 7.69 42.38 2.64
N SER DA 557 8.55 43.20 3.26
CA SER DA 557 8.55 43.32 4.71
C SER DA 557 7.34 44.09 5.19
N SER DA 558 6.94 45.14 4.48
CA SER DA 558 5.70 45.84 4.82
C SER DA 558 4.49 44.96 4.60
N GLY DA 559 4.49 44.17 3.53
CA GLY DA 559 3.40 43.22 3.33
C GLY DA 559 3.34 42.14 4.39
N TYR DA 560 4.50 41.63 4.81
CA TYR DA 560 4.51 40.61 5.85
C TYR DA 560 4.20 41.22 7.22
N LYS DA 561 4.47 42.50 7.41
CA LYS DA 561 3.99 43.19 8.61
C LYS DA 561 2.47 43.29 8.61
N VAL DA 562 1.88 43.57 7.44
CA VAL DA 562 0.42 43.56 7.29
C VAL DA 562 -0.14 42.19 7.61
N PHE DA 563 0.49 41.14 7.08
CA PHE DA 563 -0.02 39.79 7.28
C PHE DA 563 0.20 39.32 8.72
N CYS DA 564 1.30 39.73 9.34
CA CYS DA 564 1.59 39.31 10.72
C CYS DA 564 0.66 39.99 11.71
N ALA DA 565 0.47 41.31 11.59
CA ALA DA 565 -0.43 41.99 12.49
C ALA DA 565 -1.89 41.78 12.12
N ASN DA 566 -2.17 41.24 10.93
CA ASN DA 566 -3.54 40.93 10.57
C ASN DA 566 -4.01 39.65 11.25
N LYS DA 567 -3.16 38.66 11.39
CA LYS DA 567 -3.56 37.46 12.11
C LYS DA 567 -3.21 37.51 13.58
N GLN DA 568 -2.91 38.71 14.11
CA GLN DA 568 -2.53 38.96 15.50
C GLN DA 568 -1.34 38.10 15.92
N THR DA 569 -0.34 38.01 15.04
CA THR DA 569 0.88 37.28 15.32
C THR DA 569 2.05 38.25 15.38
N THR DA 570 2.97 37.98 16.31
CA THR DA 570 4.14 38.84 16.44
C THR DA 570 5.10 38.63 15.28
N TYR DA 571 5.59 39.72 14.72
CA TYR DA 571 6.36 39.71 13.48
C TYR DA 571 7.80 39.35 13.78
N LYS DA 572 8.20 38.12 13.42
CA LYS DA 572 9.57 37.67 13.62
C LYS DA 572 10.53 38.11 12.54
N GLY DA 573 10.02 38.52 11.38
CA GLY DA 573 10.86 38.89 10.25
C GLY DA 573 10.56 38.04 9.03
N VAL DA 574 11.25 38.39 7.95
CA VAL DA 574 11.02 37.81 6.64
C VAL DA 574 12.09 36.76 6.37
N ASN DA 575 11.68 35.56 5.96
CA ASN DA 575 12.63 34.54 5.56
C ASN DA 575 13.22 34.85 4.20
N VAL DA 576 14.33 35.58 4.16
CA VAL DA 576 14.96 35.95 2.90
C VAL DA 576 15.87 34.81 2.45
N VAL DA 577 15.69 34.39 1.20
CA VAL DA 577 16.46 33.30 0.61
C VAL DA 577 17.26 33.89 -0.55
N TRP DA 578 18.51 34.26 -0.27
CA TRP DA 578 19.42 34.64 -1.34
C TRP DA 578 19.86 33.38 -2.08
N TRP DA 579 19.88 33.44 -3.41
CA TRP DA 579 20.14 32.26 -4.21
C TRP DA 579 20.91 32.63 -5.47
N ASP DA 580 21.93 31.84 -5.79
CA ASP DA 580 22.55 31.93 -7.11
C ASP DA 580 23.03 30.53 -7.49
N GLU DA 581 23.78 30.45 -8.57
CA GLU DA 581 24.28 29.16 -9.05
C GLU DA 581 25.47 28.65 -8.25
N PHE DA 582 25.98 29.44 -7.30
CA PHE DA 582 27.08 29.02 -6.46
C PHE DA 582 26.65 28.70 -5.03
N GLY DA 583 25.43 29.03 -4.64
CA GLY DA 583 25.01 28.71 -3.29
C GLY DA 583 23.65 29.32 -2.97
N ILE DA 584 23.28 29.16 -1.69
CA ILE DA 584 22.03 29.66 -1.16
C ILE DA 584 22.30 30.15 0.26
N LYS DA 585 21.41 30.99 0.77
CA LYS DA 585 21.51 31.50 2.13
C LYS DA 585 20.12 31.92 2.60
N VAL DA 586 19.63 31.30 3.67
CA VAL DA 586 18.31 31.57 4.20
C VAL DA 586 18.47 32.21 5.57
N GLU DA 587 18.02 33.46 5.71
CA GLU DA 587 18.11 34.17 6.97
C GLU DA 587 16.78 34.80 7.33
N LYS DA 588 16.46 34.75 8.63
CA LYS DA 588 15.31 35.45 9.18
C LYS DA 588 15.70 36.91 9.37
N VAL DA 589 15.30 37.77 8.45
CA VAL DA 589 15.73 39.17 8.42
C VAL DA 589 14.55 40.05 8.77
N THR DA 590 14.62 40.71 9.92
CA THR DA 590 13.69 41.77 10.30
C THR DA 590 14.31 43.15 10.20
N ASP DA 591 15.64 43.21 10.19
CA ASP DA 591 16.41 44.44 10.04
C ASP DA 591 17.79 43.99 9.56
N GLN DA 592 18.67 44.96 9.28
CA GLN DA 592 19.97 44.78 8.61
C GLN DA 592 19.89 43.81 7.44
N PHE DA 593 19.08 44.18 6.45
CA PHE DA 593 19.05 43.44 5.19
C PHE DA 593 20.20 43.86 4.28
N SER DA 594 20.66 45.10 4.41
CA SER DA 594 21.62 45.66 3.47
C SER DA 594 22.99 45.00 3.58
N ASN DA 595 23.47 44.79 4.80
CA ASN DA 595 24.79 44.19 4.97
C ASN DA 595 24.80 42.72 4.56
N LEU DA 596 23.73 41.99 4.89
CA LEU DA 596 23.64 40.58 4.47
C LEU DA 596 23.50 40.46 2.95
N ASN DA 597 22.69 41.33 2.34
CA ASN DA 597 22.52 41.30 0.89
C ASN DA 597 23.81 41.68 0.17
N THR DA 598 24.54 42.69 0.68
CA THR DA 598 25.79 43.07 0.03
C THR DA 598 26.88 42.04 0.29
N ARG DA 599 26.82 41.32 1.41
CA ARG DA 599 27.76 40.25 1.66
C ARG DA 599 27.51 39.06 0.73
N PHE DA 600 26.24 38.73 0.48
CA PHE DA 600 25.92 37.71 -0.52
C PHE DA 600 26.31 38.16 -1.92
N VAL DA 601 26.13 39.44 -2.22
CA VAL DA 601 26.52 40.00 -3.52
C VAL DA 601 28.03 39.91 -3.70
N ASN DA 602 28.79 40.24 -2.66
CA ASN DA 602 30.25 40.16 -2.73
C ASN DA 602 30.72 38.71 -2.84
N LYS DA 603 30.02 37.79 -2.17
CA LYS DA 603 30.36 36.38 -2.30
C LYS DA 603 30.08 35.87 -3.71
N ARG DA 604 28.97 36.30 -4.31
CA ARG DA 604 28.66 35.94 -5.68
C ARG DA 604 29.64 36.57 -6.66
N ILE DA 605 30.11 37.79 -6.36
CA ILE DA 605 31.11 38.45 -7.20
C ILE DA 605 32.43 37.70 -7.15
N THR DA 606 32.85 37.28 -5.95
CA THR DA 606 34.08 36.50 -5.85
C THR DA 606 33.92 35.10 -6.43
N ASN DA 607 32.69 34.58 -6.47
CA ASN DA 607 32.45 33.32 -7.17
C ASN DA 607 32.30 33.49 -8.68
N LEU DA 608 32.14 34.72 -9.15
CA LEU DA 608 32.14 34.99 -10.58
C LEU DA 608 33.50 35.41 -11.11
N LEU DA 609 34.36 35.97 -10.28
CA LEU DA 609 35.59 36.59 -10.75
C LEU DA 609 36.73 35.60 -10.96
N GLU DA 610 36.82 34.55 -10.16
CA GLU DA 610 37.90 33.59 -10.35
C GLU DA 610 37.61 32.67 -11.53
N SER DA 611 36.36 32.64 -12.01
CA SER DA 611 36.07 32.02 -13.28
C SER DA 611 36.67 32.82 -14.42
N THR DA 612 36.82 32.18 -15.58
CA THR DA 612 37.49 32.81 -16.69
C THR DA 612 36.63 33.93 -17.28
N PRO DA 613 37.25 35.05 -17.69
CA PRO DA 613 36.48 36.16 -18.27
C PRO DA 613 35.95 35.79 -19.65
N LYS DA 614 34.63 35.85 -19.80
CA LYS DA 614 33.99 35.44 -21.03
C LYS DA 614 33.67 36.62 -21.95
N HIS DA 615 33.61 37.84 -21.43
CA HIS DA 615 33.26 39.02 -22.22
C HIS DA 615 34.26 40.12 -21.92
N LYS DA 616 35.25 40.27 -22.80
CA LYS DA 616 36.22 41.37 -22.71
C LYS DA 616 35.78 42.48 -23.65
N ALA DA 617 35.44 43.63 -23.09
CA ALA DA 617 34.93 44.76 -23.86
C ALA DA 617 35.98 45.86 -23.95
N LEU DA 618 36.17 46.36 -25.17
CA LEU DA 618 37.03 47.48 -25.46
C LEU DA 618 36.16 48.63 -25.93
N VAL DA 619 36.30 49.79 -25.29
CA VAL DA 619 35.58 50.98 -25.77
C VAL DA 619 36.44 51.55 -26.88
N VAL DA 620 35.87 51.72 -28.06
CA VAL DA 620 36.65 52.24 -29.19
C VAL DA 620 37.01 53.71 -29.02
N ASP DA 621 38.03 54.15 -29.75
CA ASP DA 621 38.48 55.53 -29.64
C ASP DA 621 37.93 56.32 -30.81
N GLN DA 622 37.54 55.63 -31.88
CA GLN DA 622 37.01 56.29 -33.05
C GLN DA 622 35.75 57.06 -32.72
N ASP DA 623 35.80 58.38 -32.86
CA ASP DA 623 34.65 59.23 -32.52
C ASP DA 623 33.41 58.90 -33.33
N ASP DA 624 33.49 59.07 -34.65
CA ASP DA 624 32.36 58.75 -35.51
C ASP DA 624 32.01 57.29 -35.35
N ASN DA 625 30.78 57.01 -34.92
CA ASN DA 625 30.41 55.63 -34.66
C ASN DA 625 30.07 54.79 -35.89
N MET DA 626 29.84 55.43 -37.03
CA MET DA 626 29.58 54.67 -38.25
C MET DA 626 30.82 53.91 -38.64
N GLU DA 627 31.93 54.61 -38.81
CA GLU DA 627 33.20 53.98 -39.16
C GLU DA 627 33.82 53.26 -37.98
N ALA DA 628 33.42 53.61 -36.75
CA ALA DA 628 33.78 52.79 -35.60
C ALA DA 628 33.13 51.40 -35.69
N VAL DA 629 31.87 51.36 -36.14
CA VAL DA 629 31.19 50.09 -36.38
C VAL DA 629 31.88 49.32 -37.48
N LYS DA 630 32.31 50.02 -38.54
CA LYS DA 630 33.03 49.38 -39.66
C LYS DA 630 34.34 48.75 -39.19
N GLN DA 631 35.17 49.53 -38.48
CA GLN DA 631 36.48 49.07 -38.04
C GLN DA 631 36.34 47.97 -37.00
N SER DA 632 35.33 48.07 -36.13
CA SER DA 632 35.12 47.06 -35.11
C SER DA 632 34.62 45.75 -35.71
N ILE DA 633 33.78 45.82 -36.75
CA ILE DA 633 33.34 44.63 -37.47
C ILE DA 633 34.52 43.94 -38.14
N THR DA 634 35.39 44.73 -38.79
CA THR DA 634 36.58 44.16 -39.43
C THR DA 634 37.53 43.53 -38.42
N THR DA 635 37.76 44.21 -37.29
CA THR DA 635 38.67 43.70 -36.27
C THR DA 635 38.13 42.44 -35.60
N LEU DA 636 36.85 42.44 -35.23
CA LEU DA 636 36.32 41.28 -34.54
C LEU DA 636 35.97 40.13 -35.47
N HIS DA 637 35.89 40.36 -36.78
CA HIS DA 637 35.90 39.23 -37.70
C HIS DA 637 37.30 38.68 -37.89
N ASN DA 638 38.31 39.55 -37.94
CA ASN DA 638 39.67 39.07 -38.09
C ASN DA 638 40.22 38.42 -36.83
N ALA DA 639 39.57 38.65 -35.68
CA ALA DA 639 39.98 38.02 -34.43
C ALA DA 639 39.06 36.89 -33.98
N HIS DA 640 37.74 37.09 -34.05
CA HIS DA 640 36.77 36.12 -33.53
C HIS DA 640 35.95 35.57 -34.68
N ASN DA 641 36.33 34.39 -35.17
CA ASN DA 641 35.56 33.72 -36.21
C ASN DA 641 35.78 32.22 -36.09
N SER DA 642 34.78 31.46 -36.55
CA SER DA 642 34.85 30.00 -36.53
C SER DA 642 35.17 29.51 -37.94
N GLY DA 643 36.46 29.52 -38.27
CA GLY DA 643 36.91 29.12 -39.58
C GLY DA 643 36.48 30.05 -40.71
N GLY DA 644 36.51 31.35 -40.46
CA GLY DA 644 36.12 32.34 -41.45
C GLY DA 644 34.70 32.83 -41.31
N VAL DA 645 33.85 32.11 -40.58
CA VAL DA 645 32.47 32.50 -40.40
C VAL DA 645 32.31 33.06 -39.00
N SER DA 646 31.79 34.28 -38.90
CA SER DA 646 31.61 34.95 -37.63
C SER DA 646 30.20 35.52 -37.56
N PHE DA 647 29.68 35.60 -36.34
CA PHE DA 647 28.37 36.17 -36.07
C PHE DA 647 28.52 37.42 -35.22
N GLY DA 648 28.00 38.53 -35.72
CA GLY DA 648 28.11 39.81 -35.05
C GLY DA 648 26.74 40.38 -34.74
N LEU DA 649 26.65 41.07 -33.61
CA LEU DA 649 25.42 41.75 -33.20
C LEU DA 649 25.71 43.22 -33.00
N ILE DA 650 25.15 44.07 -33.85
CA ILE DA 650 25.26 45.52 -33.69
C ILE DA 650 24.06 45.94 -32.87
N ARG DA 651 24.24 46.03 -31.56
CA ARG DA 651 23.16 46.53 -30.72
C ARG DA 651 23.18 48.04 -30.77
N THR DA 652 22.14 48.62 -31.33
CA THR DA 652 21.94 50.06 -31.33
C THR DA 652 20.74 50.38 -30.43
N THR DA 653 20.32 51.64 -30.42
CA THR DA 653 19.32 52.10 -29.46
C THR DA 653 17.91 52.16 -30.06
N THR DA 654 17.74 52.86 -31.17
CA THR DA 654 16.40 53.07 -31.73
C THR DA 654 16.33 52.59 -33.18
N ILE DA 655 15.15 52.74 -33.77
CA ILE DA 655 14.85 52.08 -35.04
C ILE DA 655 15.55 52.78 -36.20
N LYS DA 656 15.47 54.12 -36.25
CA LYS DA 656 16.14 54.83 -37.33
C LYS DA 656 17.66 54.77 -37.19
N ASP DA 657 18.14 54.60 -35.97
CA ASP DA 657 19.55 54.28 -35.75
C ASP DA 657 19.90 52.93 -36.35
N CYS DA 658 19.01 51.94 -36.18
CA CYS DA 658 19.24 50.61 -36.73
C CYS DA 658 19.26 50.64 -38.25
N VAL DA 659 18.33 51.38 -38.87
CA VAL DA 659 18.31 51.41 -40.32
C VAL DA 659 19.45 52.27 -40.85
N ALA DA 660 19.97 53.21 -40.04
CA ALA DA 660 21.14 53.97 -40.44
C ALA DA 660 22.39 53.10 -40.45
N VAL DA 661 22.56 52.27 -39.42
CA VAL DA 661 23.69 51.35 -39.36
C VAL DA 661 23.59 50.32 -40.47
N THR DA 662 22.37 49.83 -40.73
CA THR DA 662 22.14 48.88 -41.82
C THR DA 662 22.43 49.48 -43.18
N GLN DA 663 21.94 50.70 -43.44
CA GLN DA 663 22.14 51.32 -44.75
C GLN DA 663 23.57 51.76 -44.95
N GLU DA 664 24.31 52.03 -43.86
CA GLU DA 664 25.73 52.29 -44.02
C GLU DA 664 26.49 51.00 -44.31
N LEU DA 665 26.16 49.91 -43.60
CA LEU DA 665 26.89 48.66 -43.76
C LEU DA 665 26.58 48.00 -45.09
N GLN DA 666 25.40 48.24 -45.63
CA GLN DA 666 25.04 47.68 -46.94
C GLN DA 666 25.79 48.38 -48.06
N ASN DA 667 26.04 49.68 -47.89
CA ASN DA 667 26.78 50.47 -48.86
C ASN DA 667 28.27 50.49 -48.57
N TRP DA 668 28.72 49.74 -47.58
CA TRP DA 668 30.12 49.75 -47.16
C TRP DA 668 30.92 48.81 -48.05
N GLU DA 669 31.88 49.36 -48.78
CA GLU DA 669 32.72 48.57 -49.66
C GLU DA 669 33.84 47.94 -48.84
N THR DA 670 33.90 46.61 -48.83
CA THR DA 670 34.94 45.89 -48.12
C THR DA 670 35.12 44.53 -48.78
N ASP DA 671 36.24 43.89 -48.47
CA ASP DA 671 36.47 42.53 -48.92
C ASP DA 671 35.73 41.51 -48.08
N LEU DA 672 35.21 41.91 -46.92
CA LEU DA 672 34.43 41.02 -46.07
C LEU DA 672 33.06 40.75 -46.67
N SER DA 673 32.57 39.53 -46.49
CA SER DA 673 31.26 39.15 -47.00
C SER DA 673 30.22 39.40 -45.92
N ILE DA 674 29.82 40.66 -45.80
CA ILE DA 674 28.83 41.06 -44.81
C ILE DA 674 27.45 40.61 -45.26
N LYS DA 675 26.69 40.00 -44.35
CA LYS DA 675 25.32 39.59 -44.63
C LYS DA 675 24.46 40.15 -43.51
N ILE DA 676 23.60 41.12 -43.84
CA ILE DA 676 23.00 42.03 -42.87
C ILE DA 676 21.56 41.61 -42.58
N LEU DA 677 21.20 41.61 -41.29
CA LEU DA 677 19.84 41.43 -40.84
C LEU DA 677 19.41 42.63 -40.02
N CYS DA 678 18.14 43.00 -40.11
CA CYS DA 678 17.55 44.01 -39.24
C CYS DA 678 16.64 43.32 -38.23
N TYR DA 679 16.82 43.65 -36.95
CA TYR DA 679 16.18 42.97 -35.84
C TYR DA 679 15.63 43.97 -34.84
N HIS DA 680 14.81 44.90 -35.31
CA HIS DA 680 14.11 45.76 -34.37
C HIS DA 680 12.68 45.28 -34.19
N SER DA 681 11.88 46.06 -33.47
CA SER DA 681 10.55 45.64 -33.05
C SER DA 681 9.44 46.10 -33.98
N ARG DA 682 9.67 47.12 -34.80
CA ARG DA 682 8.63 47.64 -35.69
C ARG DA 682 8.57 46.76 -36.93
N PHE DA 683 7.72 45.75 -36.88
CA PHE DA 683 7.62 44.79 -37.98
C PHE DA 683 6.21 44.22 -38.03
N VAL DA 684 5.82 43.70 -39.19
CA VAL DA 684 4.46 43.21 -39.32
C VAL DA 684 4.37 41.82 -38.69
N GLY DA 685 3.19 41.46 -38.17
CA GLY DA 685 3.02 40.17 -37.51
C GLY DA 685 3.76 39.01 -38.12
N ASP DA 686 3.56 38.77 -39.42
CA ASP DA 686 4.25 37.70 -40.11
C ASP DA 686 5.76 37.89 -40.10
N THR DA 687 6.24 38.97 -40.71
CA THR DA 687 7.69 39.21 -40.80
C THR DA 687 8.41 39.08 -39.46
N LYS DA 688 7.89 39.73 -38.43
CA LYS DA 688 8.53 39.67 -37.12
C LYS DA 688 8.66 38.25 -36.61
N ALA DA 689 7.56 37.51 -36.57
CA ALA DA 689 7.58 36.14 -36.09
C ALA DA 689 8.58 35.29 -36.85
N GLN DA 690 8.66 35.49 -38.16
CA GLN DA 690 9.61 34.73 -38.97
C GLN DA 690 11.05 35.03 -38.59
N MET DA 691 11.37 36.29 -38.34
CA MET DA 691 12.71 36.63 -37.88
C MET DA 691 13.01 35.90 -36.59
N GLU DA 692 12.08 35.92 -35.64
CA GLU DA 692 12.29 35.26 -34.36
C GLU DA 692 12.67 33.80 -34.50
N GLU DA 693 11.84 33.02 -35.19
CA GLU DA 693 12.10 31.59 -35.28
C GLU DA 693 13.41 31.27 -36.00
N TYR DA 694 13.75 32.07 -37.00
CA TYR DA 694 14.99 31.86 -37.72
C TYR DA 694 16.17 32.16 -36.82
N LEU DA 695 16.12 33.30 -36.14
CA LEU DA 695 17.25 33.69 -35.32
C LEU DA 695 17.46 32.71 -34.17
N SER DA 696 16.38 32.22 -33.57
CA SER DA 696 16.50 31.26 -32.48
C SER DA 696 17.11 29.96 -32.96
N LYS DA 697 16.89 29.59 -34.22
CA LYS DA 697 17.44 28.34 -34.72
C LYS DA 697 18.81 28.48 -35.37
N VAL DA 698 19.30 29.68 -35.64
CA VAL DA 698 20.64 29.83 -36.22
C VAL DA 698 21.66 30.25 -35.16
N LEU DA 699 21.22 30.93 -34.10
CA LEU DA 699 22.13 31.34 -33.05
C LEU DA 699 22.18 30.33 -31.91
N ASN DA 700 21.53 29.19 -32.06
CA ASN DA 700 21.67 28.11 -31.10
C ASN DA 700 23.02 27.43 -31.28
N ARG DA 701 23.91 27.61 -30.31
CA ARG DA 701 25.27 27.09 -30.42
C ARG DA 701 25.57 26.00 -29.39
N LYS DA 702 24.56 25.44 -28.73
CA LYS DA 702 24.79 24.26 -27.91
C LYS DA 702 25.10 23.03 -28.75
N GLY DA 703 24.70 23.03 -30.02
CA GLY DA 703 25.06 21.98 -30.94
C GLY DA 703 25.46 22.58 -32.27
N ASP DA 704 25.81 21.72 -33.24
CA ASP DA 704 26.19 22.21 -34.56
C ASP DA 704 25.05 22.04 -35.55
N GLU DA 705 23.84 22.28 -35.08
CA GLU DA 705 22.66 22.14 -35.96
C GLU DA 705 22.52 23.37 -36.84
N TYR DA 706 23.13 24.47 -36.43
CA TYR DA 706 23.05 25.72 -37.18
C TYR DA 706 23.85 25.68 -38.46
N LYS DA 707 24.79 24.75 -38.58
CA LYS DA 707 25.60 24.74 -39.76
C LYS DA 707 24.69 24.53 -40.94
N LYS DA 708 23.46 24.11 -40.69
CA LYS DA 708 22.56 23.82 -41.79
C LYS DA 708 21.50 24.86 -41.99
N PHE DA 709 21.57 25.92 -41.21
CA PHE DA 709 20.62 27.00 -41.38
C PHE DA 709 21.31 28.20 -41.98
N VAL DA 710 22.63 28.15 -42.09
CA VAL DA 710 23.37 29.23 -42.75
C VAL DA 710 24.46 28.63 -43.61
N ASP DA 711 25.04 29.45 -44.47
CA ASP DA 711 26.08 28.94 -45.34
C ASP DA 711 27.41 29.10 -44.67
N THR DA 712 27.79 28.10 -43.92
CA THR DA 712 29.03 28.18 -43.16
C THR DA 712 30.22 27.71 -43.99
N THR DA 713 29.95 27.15 -45.17
CA THR DA 713 31.02 26.71 -46.04
C THR DA 713 31.87 27.90 -46.49
N THR DA 714 31.22 28.96 -46.95
CA THR DA 714 31.95 30.15 -47.38
C THR DA 714 32.17 31.06 -46.19
N PRO DA 715 33.40 31.58 -46.04
CA PRO DA 715 33.67 32.53 -44.95
C PRO DA 715 32.73 33.73 -45.04
N THR DA 716 31.84 33.89 -44.07
CA THR DA 716 30.85 34.96 -44.15
C THR DA 716 30.61 35.68 -42.84
N ALA DA 717 30.40 36.99 -42.90
CA ALA DA 717 30.11 37.76 -41.72
C ALA DA 717 28.61 37.90 -41.57
N TYR DA 718 28.00 37.12 -40.67
CA TYR DA 718 26.56 37.19 -40.46
C TYR DA 718 26.29 38.22 -39.37
N ILE DA 719 25.79 39.38 -39.77
CA ILE DA 719 25.67 40.54 -38.89
C ILE DA 719 24.18 40.79 -38.67
N VAL DA 720 23.81 40.99 -37.41
CA VAL DA 720 22.44 41.28 -37.02
C VAL DA 720 22.44 42.63 -36.33
N VAL DA 721 21.86 43.64 -36.97
CA VAL DA 721 21.75 44.96 -36.39
C VAL DA 721 20.41 45.04 -35.66
N ALA DA 722 20.46 45.24 -34.35
CA ALA DA 722 19.30 45.10 -33.51
C ALA DA 722 19.24 46.24 -32.51
N THR DA 723 18.04 46.49 -32.02
CA THR DA 723 17.69 47.46 -31.00
C THR DA 723 17.63 46.68 -29.68
N PRO DA 724 17.27 47.29 -28.48
CA PRO DA 724 17.15 46.48 -27.26
C PRO DA 724 16.18 45.31 -27.23
N VAL DA 725 15.50 44.99 -28.33
CA VAL DA 725 14.72 43.77 -28.40
C VAL DA 725 15.60 42.51 -28.38
N VAL DA 726 16.89 42.64 -28.64
CA VAL DA 726 17.76 41.46 -28.60
C VAL DA 726 18.27 41.21 -27.18
N GLU DA 727 18.39 42.25 -26.35
CA GLU DA 727 18.99 42.10 -25.04
C GLU DA 727 17.98 41.67 -23.98
N VAL DA 728 16.71 41.55 -24.34
CA VAL DA 728 15.70 41.09 -23.41
C VAL DA 728 15.06 39.81 -23.96
N GLY DA 729 15.12 38.74 -23.17
CA GLY DA 729 14.40 37.52 -23.43
C GLY DA 729 14.81 36.72 -24.66
N ARG DA 730 16.00 36.95 -25.19
CA ARG DA 730 16.45 36.25 -26.39
C ARG DA 730 17.57 35.29 -26.02
N ASP DA 731 17.41 34.02 -26.39
CA ASP DA 731 18.42 33.00 -26.17
C ASP DA 731 19.36 32.94 -27.38
N PHE DA 732 20.09 34.03 -27.58
CA PHE DA 732 20.95 34.18 -28.73
C PHE DA 732 22.41 34.11 -28.32
N ASP DA 733 23.23 33.58 -29.23
CA ASP DA 733 24.66 33.40 -29.00
C ASP DA 733 25.39 33.93 -30.22
N PHE DA 734 25.97 35.12 -30.10
CA PHE DA 734 26.77 35.71 -31.16
C PHE DA 734 28.25 35.46 -30.87
N ASP DA 735 29.05 35.45 -31.95
CA ASP DA 735 30.49 35.39 -31.76
C ASP DA 735 31.01 36.68 -31.15
N TRP DA 736 30.45 37.82 -31.56
CA TRP DA 736 30.87 39.10 -31.02
C TRP DA 736 29.76 40.13 -31.19
N ALA DA 737 29.86 41.21 -30.42
CA ALA DA 737 28.87 42.28 -30.46
C ALA DA 737 29.56 43.63 -30.47
N ILE DA 738 28.96 44.55 -31.23
CA ILE DA 738 29.33 45.95 -31.23
C ILE DA 738 28.14 46.71 -30.66
N ILE DA 739 28.36 47.41 -29.55
CA ILE DA 739 27.27 47.95 -28.75
C ILE DA 739 27.29 49.46 -28.84
N GLU DA 740 26.16 50.04 -29.23
CA GLU DA 740 25.96 51.46 -29.01
C GLU DA 740 25.54 51.68 -27.56
N PRO DA 741 26.28 52.48 -26.79
CA PRO DA 741 26.01 52.57 -25.35
C PRO DA 741 24.75 53.38 -25.05
N SER DA 742 23.86 52.78 -24.28
CA SER DA 742 22.68 53.47 -23.75
C SER DA 742 22.56 53.32 -22.24
N SER DA 743 22.89 52.15 -21.70
CA SER DA 743 22.88 51.90 -20.27
C SER DA 743 23.81 50.73 -20.01
N GLU DA 744 24.23 50.59 -18.74
CA GLU DA 744 25.18 49.54 -18.41
C GLU DA 744 24.53 48.17 -18.36
N ARG DA 745 23.24 48.10 -18.01
CA ARG DA 745 22.55 46.81 -18.03
C ARG DA 745 22.35 46.33 -19.46
N SER DA 746 22.32 47.26 -20.43
CA SER DA 746 22.38 46.89 -21.83
C SER DA 746 23.71 46.24 -22.18
N ILE DA 747 24.81 46.77 -21.62
CA ILE DA 747 26.14 46.20 -21.84
C ILE DA 747 26.22 44.79 -21.27
N VAL DA 748 25.68 44.59 -20.06
CA VAL DA 748 25.73 43.28 -19.43
C VAL DA 748 24.83 42.29 -20.17
N GLN DA 749 23.67 42.75 -20.64
CA GLN DA 749 22.77 41.85 -21.35
C GLN DA 749 23.29 41.47 -22.74
N CYS DA 750 23.90 42.42 -23.46
CA CYS DA 750 24.48 42.07 -24.74
C CYS DA 750 25.80 41.33 -24.60
N ALA DA 751 26.45 41.42 -23.45
CA ALA DA 751 27.49 40.45 -23.13
C ALA DA 751 26.91 39.08 -22.94
N GLY DA 752 25.69 38.99 -22.39
CA GLY DA 752 25.02 37.72 -22.24
C GLY DA 752 24.49 37.14 -23.54
N ARG DA 753 24.52 37.89 -24.62
CA ARG DA 753 24.19 37.38 -25.94
C ARG DA 753 25.42 36.92 -26.71
N VAL DA 754 26.60 37.03 -26.12
CA VAL DA 754 27.85 36.58 -26.73
C VAL DA 754 28.42 35.48 -25.86
N LEU DA 755 28.72 34.33 -26.48
CA LEU DA 755 29.18 33.11 -25.81
C LEU DA 755 28.21 32.66 -24.72
N ARG DA 756 26.91 32.80 -25.02
CA ARG DA 756 25.87 32.38 -24.08
C ARG DA 756 25.83 30.86 -23.96
N HIS DA 757 26.06 30.16 -25.06
CA HIS DA 757 25.97 28.70 -25.08
C HIS DA 757 27.33 28.02 -25.05
N ARG DA 758 28.37 28.66 -25.57
CA ARG DA 758 29.70 28.07 -25.53
C ARG DA 758 30.38 28.34 -24.20
N SER DA 759 31.53 27.72 -24.00
CA SER DA 759 32.33 27.93 -22.81
C SER DA 759 33.76 28.33 -23.14
N SER DA 760 34.08 28.56 -24.41
CA SER DA 760 35.41 28.97 -24.81
C SER DA 760 35.65 30.43 -24.45
N THR DA 761 36.76 30.70 -23.78
CA THR DA 761 37.09 32.06 -23.41
C THR DA 761 37.60 32.85 -24.61
N PRO DA 762 37.27 34.13 -24.74
CA PRO DA 762 37.88 34.93 -25.80
C PRO DA 762 39.33 35.24 -25.48
N THR DA 763 40.11 35.48 -26.53
CA THR DA 763 41.53 35.76 -26.35
C THR DA 763 41.80 37.24 -26.17
N THR DA 764 41.45 38.06 -27.17
CA THR DA 764 41.72 39.49 -27.12
C THR DA 764 40.52 40.30 -26.64
N HIS DA 765 39.44 40.30 -27.42
CA HIS DA 765 38.29 41.17 -27.17
C HIS DA 765 37.12 40.65 -27.99
N ASN DA 766 35.97 40.50 -27.35
CA ASN DA 766 34.77 40.04 -28.05
C ASN DA 766 33.66 41.08 -28.08
N ILE DA 767 33.84 42.22 -27.43
CA ILE DA 767 32.85 43.29 -27.44
C ILE DA 767 33.58 44.59 -27.75
N HIS DA 768 33.09 45.35 -28.73
CA HIS DA 768 33.62 46.67 -29.02
C HIS DA 768 32.51 47.69 -28.74
N ILE DA 769 32.70 48.45 -27.68
CA ILE DA 769 31.72 49.46 -27.27
C ILE DA 769 31.99 50.74 -28.06
N LEU DA 770 30.93 51.33 -28.60
CA LEU DA 770 31.10 52.57 -29.35
C LEU DA 770 31.44 53.74 -28.42
N LYS DA 771 32.13 54.72 -29.00
CA LYS DA 771 32.61 55.88 -28.23
C LYS DA 771 31.45 56.74 -27.74
N TYR DA 772 30.44 56.93 -28.58
CA TYR DA 772 29.29 57.75 -28.23
C TYR DA 772 28.02 57.03 -28.69
N PRO DA 773 26.90 57.31 -28.05
CA PRO DA 773 25.62 56.99 -28.69
C PRO DA 773 25.37 57.93 -29.85
N PHE DA 774 24.51 57.49 -30.77
CA PHE DA 774 24.25 58.28 -31.96
C PHE DA 774 23.40 59.51 -31.69
N LYS DA 775 22.77 59.59 -30.53
CA LYS DA 775 22.03 60.79 -30.14
C LYS DA 775 22.94 61.94 -29.75
N PHE DA 776 24.25 61.70 -29.60
CA PHE DA 776 25.19 62.78 -29.35
C PHE DA 776 25.24 63.76 -30.52
N TYR DA 777 25.16 63.26 -31.74
CA TYR DA 777 25.12 64.13 -32.91
C TYR DA 777 23.77 64.80 -33.11
N ARG DA 778 22.72 64.32 -32.44
CA ARG DA 778 21.41 64.94 -32.49
C ARG DA 778 21.09 65.76 -31.26
N ASN DA 779 21.58 65.36 -30.08
CA ASN DA 779 21.33 66.09 -28.85
C ASN DA 779 22.53 65.86 -27.93
N SER DA 780 23.46 66.81 -27.93
CA SER DA 780 24.65 66.69 -27.10
C SER DA 780 24.36 66.94 -25.63
N ASN DA 781 23.20 67.54 -25.32
CA ASN DA 781 22.85 67.80 -23.94
C ASN DA 781 22.50 66.48 -23.25
N ILE DA 782 21.68 65.65 -23.91
CA ILE DA 782 21.26 64.36 -23.38
C ILE DA 782 21.24 63.37 -24.52
N CYS DA 783 21.93 62.23 -24.35
CA CYS DA 783 21.98 61.26 -25.44
C CYS DA 783 21.66 59.84 -24.97
N TYR DA 784 21.81 59.56 -23.67
CA TYR DA 784 21.58 58.21 -23.16
C TYR DA 784 20.18 57.99 -22.62
N ASP DA 785 19.25 58.93 -22.83
CA ASP DA 785 17.92 58.78 -22.24
C ASP DA 785 17.07 57.75 -22.97
N VAL DA 786 17.32 57.52 -24.24
CA VAL DA 786 16.59 56.52 -25.00
C VAL DA 786 17.19 55.17 -24.65
N ALA DA 787 16.35 54.27 -24.11
CA ALA DA 787 16.74 52.95 -23.60
C ALA DA 787 17.83 53.05 -22.53
N GLY DA 788 17.76 54.07 -21.68
CA GLY DA 788 18.71 54.23 -20.60
C GLY DA 788 18.12 55.03 -19.46
N TYR DA 789 18.83 55.02 -18.34
CA TYR DA 789 18.40 55.76 -17.16
C TYR DA 789 18.99 57.16 -17.05
N GLU DA 790 19.70 57.64 -18.07
CA GLU DA 790 19.95 59.07 -18.12
C GLU DA 790 18.64 59.80 -18.39
N SER DA 791 18.54 61.02 -17.88
CA SER DA 791 17.31 61.80 -18.02
C SER DA 791 17.63 63.26 -17.78
N LYS DA 792 16.57 64.07 -17.68
CA LYS DA 792 16.74 65.50 -17.46
C LYS DA 792 17.15 65.83 -16.03
N GLY DA 793 16.83 64.98 -15.07
CA GLY DA 793 17.23 65.21 -13.70
C GLY DA 793 18.56 64.59 -13.35
N TYR DA 794 19.02 63.65 -14.19
CA TYR DA 794 20.26 62.92 -13.95
C TYR DA 794 21.06 63.01 -15.24
N LYS DA 795 21.89 64.04 -15.34
CA LYS DA 795 22.67 64.31 -16.54
C LYS DA 795 24.13 63.96 -16.29
N LEU DA 796 24.72 63.21 -17.22
CA LEU DA 796 26.15 62.97 -17.16
C LEU DA 796 26.90 64.26 -17.50
N LYS DA 797 27.97 64.52 -16.73
CA LYS DA 797 28.79 65.70 -16.99
C LYS DA 797 29.53 65.58 -18.31
N SER DA 798 30.03 64.39 -18.62
CA SER DA 798 30.65 64.09 -19.90
C SER DA 798 29.94 62.92 -20.53
N LYS DA 799 29.85 62.93 -21.86
CA LYS DA 799 29.24 61.83 -22.60
C LYS DA 799 30.27 60.90 -23.22
N ASN DA 800 31.56 61.16 -23.00
CA ASN DA 800 32.63 60.32 -23.51
C ASN DA 800 32.69 59.03 -22.70
N MET DA 801 32.71 57.88 -23.39
CA MET DA 801 32.74 56.62 -22.66
C MET DA 801 34.14 56.26 -22.18
N LEU DA 802 35.16 56.99 -22.60
CA LEU DA 802 36.43 56.90 -21.87
C LEU DA 802 36.32 57.55 -20.51
N ASP DA 803 35.53 58.61 -20.40
CA ASP DA 803 35.34 59.27 -19.12
C ASP DA 803 34.36 58.52 -18.22
N ILE DA 804 33.33 57.91 -18.79
CA ILE DA 804 32.25 57.32 -18.00
C ILE DA 804 32.26 55.81 -18.02
N TYR DA 805 33.28 55.18 -18.62
CA TYR DA 805 33.38 53.74 -18.59
C TYR DA 805 34.85 53.35 -18.69
N LYS DA 806 35.15 52.12 -18.28
CA LYS DA 806 36.51 51.62 -18.39
C LYS DA 806 36.82 51.31 -19.85
N LYS DA 807 38.06 51.62 -20.25
CA LYS DA 807 38.47 51.43 -21.64
C LYS DA 807 38.58 49.95 -21.99
N GLU DA 808 39.27 49.19 -21.15
CA GLU DA 808 39.24 47.73 -21.18
C GLU DA 808 38.52 47.24 -19.94
N SER DA 809 37.49 46.42 -20.13
CA SER DA 809 36.76 45.94 -18.96
C SER DA 809 36.16 44.56 -19.25
N ILE DA 810 36.24 43.68 -18.26
CA ILE DA 810 35.53 42.41 -18.32
C ILE DA 810 34.09 42.69 -17.90
N VAL DA 811 33.17 42.60 -18.86
CA VAL DA 811 31.78 42.94 -18.60
C VAL DA 811 31.07 41.72 -18.04
N ASN DA 812 30.56 41.86 -16.82
CA ASN DA 812 29.73 40.85 -16.18
C ASN DA 812 28.69 41.60 -15.35
N SER DA 813 28.02 40.88 -14.47
CA SER DA 813 27.00 41.49 -13.62
C SER DA 813 27.58 42.23 -12.42
N VAL DA 814 28.91 42.22 -12.26
CA VAL DA 814 29.56 42.72 -11.05
C VAL DA 814 29.36 44.22 -10.89
N ASN DA 815 29.46 44.98 -11.99
CA ASN DA 815 29.28 46.43 -11.92
C ASN DA 815 27.85 46.79 -11.57
N ARG DA 816 26.88 46.01 -12.03
CA ARG DA 816 25.50 46.24 -11.63
C ARG DA 816 25.22 45.67 -10.24
N LEU DA 817 25.92 44.61 -9.84
CA LEU DA 817 25.66 44.01 -8.55
C LEU DA 817 26.22 44.83 -7.40
N GLN DA 818 27.30 45.58 -7.63
CA GLN DA 818 27.99 46.26 -6.54
C GLN DA 818 27.17 47.40 -5.97
N GLY DA 819 26.87 48.41 -6.79
CA GLY DA 819 26.06 49.50 -6.32
C GLY DA 819 26.89 50.67 -5.83
N ASP DA 820 26.95 51.74 -6.61
CA ASP DA 820 27.70 52.93 -6.24
C ASP DA 820 26.85 54.17 -6.47
N ALA DA 821 26.70 55.00 -5.44
CA ALA DA 821 25.96 56.24 -5.57
C ALA DA 821 26.85 57.44 -5.86
N ALA DA 822 28.12 57.39 -5.48
CA ALA DA 822 29.04 58.50 -5.71
C ALA DA 822 29.53 58.49 -7.14
N PHE DA 823 29.85 59.70 -7.64
CA PHE DA 823 30.37 59.95 -8.99
C PHE DA 823 29.40 59.44 -10.07
N TYR DA 824 28.12 59.80 -9.92
CA TYR DA 824 27.11 59.40 -10.88
C TYR DA 824 27.08 60.30 -12.11
N THR DA 825 27.71 61.47 -12.05
CA THR DA 825 27.70 62.39 -13.17
C THR DA 825 28.82 62.12 -14.17
N LYS DA 826 29.75 61.22 -13.85
CA LYS DA 826 30.79 60.88 -14.82
C LYS DA 826 31.11 59.39 -14.84
N SER DA 827 30.14 58.53 -14.54
CA SER DA 827 30.25 57.11 -14.81
C SER DA 827 28.86 56.55 -15.03
N LEU DA 828 28.74 55.59 -15.95
CA LEU DA 828 27.42 55.08 -16.32
C LEU DA 828 26.82 54.21 -15.24
N THR DA 829 27.65 53.39 -14.58
CA THR DA 829 27.15 52.46 -13.56
C THR DA 829 26.62 53.20 -12.34
N ALA DA 830 27.34 54.23 -11.89
CA ALA DA 830 26.87 54.99 -10.75
C ALA DA 830 25.69 55.87 -11.12
N LEU DA 831 25.58 56.27 -12.39
CA LEU DA 831 24.37 56.95 -12.86
C LEU DA 831 23.17 56.02 -12.78
N GLU DA 832 23.34 54.76 -13.21
CA GLU DA 832 22.28 53.75 -13.11
C GLU DA 832 21.86 53.54 -11.67
N HIS DA 833 22.81 53.31 -10.79
CA HIS DA 833 22.45 53.00 -9.40
C HIS DA 833 21.76 54.18 -8.75
N LYS DA 834 22.23 55.39 -9.05
CA LYS DA 834 21.61 56.60 -8.51
C LYS DA 834 20.12 56.65 -8.80
N VAL DA 835 19.76 56.57 -10.08
CA VAL DA 835 18.36 56.60 -10.47
C VAL DA 835 17.55 55.52 -9.78
N LEU DA 836 18.10 54.31 -9.73
CA LEU DA 836 17.38 53.20 -9.11
C LEU DA 836 17.06 53.41 -7.63
N LEU DA 837 17.93 54.08 -6.88
CA LEU DA 837 17.63 54.37 -5.49
C LEU DA 837 16.85 55.67 -5.30
N ASP DA 838 16.80 56.49 -6.35
CA ASP DA 838 16.13 57.79 -6.25
C ASP DA 838 14.73 57.75 -6.81
N LYS DA 839 14.29 56.59 -7.27
CA LYS DA 839 12.94 56.46 -7.79
C LYS DA 839 12.25 55.33 -7.07
N LEU DA 840 13.00 54.26 -6.78
CA LEU DA 840 12.44 53.17 -6.02
C LEU DA 840 12.97 53.35 -4.61
N THR DA 841 12.47 54.37 -3.91
CA THR DA 841 12.94 54.66 -2.57
C THR DA 841 11.97 54.16 -1.51
N THR DA 842 12.39 54.15 -0.25
CA THR DA 842 11.53 53.69 0.84
C THR DA 842 10.55 54.75 1.33
N ASP DA 843 10.04 55.58 0.43
CA ASP DA 843 9.08 56.60 0.81
C ASP DA 843 7.74 56.23 0.23
N ILE DA 844 6.72 57.05 0.50
CA ILE DA 844 5.40 56.80 -0.06
C ILE DA 844 5.16 57.74 -1.23
N ALA DA 845 5.75 58.94 -1.21
CA ALA DA 845 5.55 59.93 -2.27
C ALA DA 845 4.16 59.91 -2.90
N ASP DA 846 4.10 59.52 -4.17
CA ASP DA 846 2.81 59.42 -4.86
C ASP DA 846 3.02 58.44 -5.99
N THR DA 847 4.25 58.37 -6.49
CA THR DA 847 4.57 57.43 -7.56
C THR DA 847 5.60 56.48 -7.00
N ASN DA 848 5.65 56.38 -5.67
CA ASN DA 848 6.66 55.55 -5.05
C ASN DA 848 6.23 54.13 -4.77
N VAL DA 849 6.97 53.45 -3.92
CA VAL DA 849 6.69 52.04 -3.69
C VAL DA 849 6.05 51.66 -2.35
N PHE DA 850 6.24 52.49 -1.34
CA PHE DA 850 5.64 52.20 -0.04
C PHE DA 850 4.24 52.78 0.06
N VAL DA 851 3.79 53.38 -1.05
CA VAL DA 851 2.48 54.06 -1.12
C VAL DA 851 1.47 53.77 -0.06
N GLY DA 852 1.22 54.76 0.78
CA GLY DA 852 0.27 54.59 1.84
C GLY DA 852 -0.56 55.83 1.84
N GLY DA 853 -1.87 55.66 1.94
CA GLY DA 853 -2.74 56.81 1.97
C GLY DA 853 -3.19 57.12 0.58
N TRP DA 854 -2.35 56.78 -0.38
CA TRP DA 854 -2.69 57.09 -1.73
C TRP DA 854 -3.33 55.88 -2.38
N GLN DA 855 -3.28 54.72 -1.73
CA GLN DA 855 -3.92 53.57 -2.32
C GLN DA 855 -5.39 53.87 -2.28
N LEU DA 856 -5.83 54.61 -1.28
CA LEU DA 856 -7.22 55.04 -1.25
C LEU DA 856 -7.58 55.89 -2.47
N THR DA 857 -6.63 56.65 -2.99
CA THR DA 857 -6.87 57.54 -4.12
C THR DA 857 -6.52 56.83 -5.41
N ALA DA 858 -6.83 57.49 -6.52
CA ALA DA 858 -6.50 56.99 -7.85
C ALA DA 858 -5.12 57.43 -8.30
N ASN DA 859 -4.40 58.14 -7.43
CA ASN DA 859 -3.08 58.67 -7.79
C ASN DA 859 -2.00 57.64 -8.17
N PRO DA 860 -1.82 56.49 -7.48
CA PRO DA 860 -0.76 55.57 -7.94
C PRO DA 860 -1.06 54.86 -9.24
N HIS DA 861 -2.29 54.94 -9.75
CA HIS DA 861 -2.63 54.32 -11.03
C HIS DA 861 -2.68 55.33 -12.17
N GLU DA 862 -2.62 56.63 -11.86
CA GLU DA 862 -2.60 57.66 -12.88
C GLU DA 862 -1.19 58.20 -13.12
N TYR DA 863 -0.50 58.57 -12.05
CA TYR DA 863 0.84 59.13 -12.17
C TYR DA 863 1.93 58.07 -12.22
N CYS DA 864 1.63 56.84 -11.85
CA CYS DA 864 2.54 55.71 -12.01
C CYS DA 864 1.83 54.72 -12.92
N LYS DA 865 2.03 54.90 -14.23
CA LYS DA 865 1.32 54.11 -15.23
C LYS DA 865 2.18 52.91 -15.64
N TRP DA 866 1.59 51.73 -15.53
CA TRP DA 866 2.27 50.51 -15.93
C TRP DA 866 2.32 50.42 -17.45
N ARG DA 867 3.51 50.10 -17.97
CA ARG DA 867 3.86 50.18 -19.40
C ARG DA 867 3.55 51.56 -19.97
N ARG DA 868 4.14 52.58 -19.36
CA ARG DA 868 3.89 53.94 -19.81
C ARG DA 868 4.64 54.10 -21.08
N GLY DA 869 3.91 54.19 -22.18
CA GLY DA 869 4.56 54.38 -23.45
C GLY DA 869 4.04 55.61 -24.13
N THR DA 870 4.43 55.83 -25.37
CA THR DA 870 3.93 56.96 -26.11
C THR DA 870 2.55 56.63 -26.64
N LYS DA 871 1.87 57.60 -27.23
CA LYS DA 871 0.52 57.39 -27.75
C LYS DA 871 0.33 56.09 -28.52
N ASN DA 872 1.22 55.76 -29.44
CA ASN DA 872 1.16 54.48 -30.15
C ASN DA 872 -0.09 54.09 -30.92
N GLU DA 873 -0.23 54.56 -32.15
CA GLU DA 873 -1.34 54.14 -32.98
C GLU DA 873 -0.85 52.97 -33.80
N ASP DA 874 -1.74 52.15 -34.32
CA ASP DA 874 -1.28 50.97 -35.04
C ASP DA 874 -1.64 50.94 -36.49
N LEU DA 875 -0.64 51.14 -37.34
CA LEU DA 875 -0.88 51.07 -38.76
C LEU DA 875 -0.95 49.59 -39.06
N VAL DA 876 -2.03 49.14 -39.71
CA VAL DA 876 -2.22 47.72 -39.95
C VAL DA 876 -2.12 47.29 -41.40
N LEU DA 877 -1.32 46.28 -41.66
CA LEU DA 877 -1.17 45.77 -43.02
C LEU DA 877 -2.25 44.76 -43.23
N THR DA 878 -3.09 45.00 -44.22
CA THR DA 878 -4.15 44.06 -44.51
C THR DA 878 -3.92 43.47 -45.88
N ASP DA 879 -3.49 42.22 -45.93
CA ASP DA 879 -3.29 41.54 -47.20
C ASP DA 879 -2.43 42.30 -48.17
N GLY DA 880 -1.33 42.86 -47.70
CA GLY DA 880 -0.42 43.54 -48.60
C GLY DA 880 -0.73 44.98 -48.79
N LYS DA 881 -1.91 45.39 -48.37
CA LYS DA 881 -2.31 46.77 -48.52
C LYS DA 881 -2.27 47.45 -47.18
N TRP DA 882 -1.48 48.50 -47.06
CA TRP DA 882 -1.35 49.17 -45.80
C TRP DA 882 -2.51 50.08 -45.50
N SER DA 883 -2.70 50.42 -44.23
CA SER DA 883 -3.85 51.22 -43.87
C SER DA 883 -3.60 52.69 -43.98
N GLY DA 884 -2.74 53.22 -43.10
CA GLY DA 884 -2.53 54.65 -43.07
C GLY DA 884 -1.45 55.18 -43.98
N ASN DA 885 -0.70 56.14 -43.49
CA ASN DA 885 0.33 56.75 -44.30
C ASN DA 885 1.57 55.91 -44.24
N VAL DA 886 1.56 54.80 -44.97
CA VAL DA 886 2.68 53.91 -44.86
C VAL DA 886 3.63 53.94 -46.04
N THR DA 887 3.15 53.76 -47.25
CA THR DA 887 4.02 53.70 -48.45
C THR DA 887 5.17 52.72 -48.43
N THR DA 888 4.90 51.53 -48.93
CA THR DA 888 5.94 50.52 -48.98
C THR DA 888 7.10 50.97 -49.82
N THR DA 889 8.29 50.60 -49.40
CA THR DA 889 9.47 51.02 -50.11
C THR DA 889 10.34 49.84 -50.46
N LYS DA 890 11.48 50.11 -51.07
CA LYS DA 890 12.37 49.03 -51.48
C LYS DA 890 13.66 49.16 -50.74
N PRO DA 891 14.18 48.04 -50.23
CA PRO DA 891 15.38 48.18 -49.42
C PRO DA 891 16.59 48.25 -50.28
N ILE DA 892 17.75 48.45 -49.66
CA ILE DA 892 18.95 48.39 -50.45
C ILE DA 892 19.05 46.90 -50.54
N GLN DA 893 19.52 46.36 -51.65
CA GLN DA 893 19.55 44.92 -51.74
C GLN DA 893 20.96 44.50 -51.83
N SER DA 894 21.79 45.11 -51.02
CA SER DA 894 23.19 44.82 -51.15
C SER DA 894 23.63 43.63 -50.38
N LYS DA 895 23.34 43.58 -49.09
CA LYS DA 895 23.86 42.49 -48.29
C LYS DA 895 22.82 41.73 -47.50
N ILE DA 896 21.55 41.99 -47.73
CA ILE DA 896 20.50 41.27 -47.05
C ILE DA 896 20.71 39.78 -47.08
N TRP DA 897 20.83 39.13 -45.93
CA TRP DA 897 20.89 37.66 -46.00
C TRP DA 897 19.51 37.13 -46.03
N ARG DA 898 18.72 37.45 -45.04
CA ARG DA 898 17.40 36.87 -45.02
C ARG DA 898 16.36 37.94 -44.95
N LYS DA 899 15.32 37.81 -45.77
CA LYS DA 899 14.25 38.77 -45.77
C LYS DA 899 12.97 38.01 -45.92
N TRP DA 900 12.11 38.10 -44.93
CA TRP DA 900 10.87 37.38 -44.98
C TRP DA 900 9.81 38.38 -45.32
N GLN DA 901 8.83 37.96 -46.10
CA GLN DA 901 7.82 38.87 -46.54
C GLN DA 901 6.62 38.80 -45.63
N GLY DA 902 5.79 39.83 -45.67
CA GLY DA 902 4.64 39.85 -44.80
C GLY DA 902 3.44 40.41 -45.48
N GLU DA 903 2.27 39.92 -45.11
CA GLU DA 903 1.08 40.36 -45.78
C GLU DA 903 0.03 40.83 -44.81
N ASN DA 904 0.00 40.22 -43.64
CA ASN DA 904 -1.01 40.59 -42.67
C ASN DA 904 -0.32 41.36 -41.59
N GLY DA 905 -0.81 41.26 -40.35
CA GLY DA 905 -0.14 41.91 -39.22
C GLY DA 905 -0.33 43.39 -39.02
N SER DA 906 0.39 43.95 -38.05
CA SER DA 906 0.29 45.38 -37.78
C SER DA 906 1.62 45.92 -37.28
N ILE DA 907 1.86 47.20 -37.50
CA ILE DA 907 3.09 47.83 -37.00
C ILE DA 907 2.69 48.89 -35.97
N THR DA 908 3.46 49.02 -34.90
CA THR DA 908 3.13 50.00 -33.86
C THR DA 908 3.92 51.28 -34.07
N VAL DA 909 3.24 52.32 -34.51
CA VAL DA 909 3.92 53.58 -34.80
C VAL DA 909 3.58 54.62 -33.75
N PRO DA 910 4.60 55.30 -33.21
CA PRO DA 910 4.30 56.40 -32.29
C PRO DA 910 3.58 57.52 -33.01
N GLU DA 911 2.74 58.27 -32.30
CA GLU DA 911 2.01 59.36 -32.92
C GLU DA 911 2.93 60.45 -33.46
N TYR DA 912 4.12 60.59 -32.90
CA TYR DA 912 5.08 61.55 -33.42
C TYR DA 912 5.48 61.20 -34.85
N LEU DA 913 5.67 59.92 -35.12
CA LEU DA 913 6.10 59.49 -36.45
C LEU DA 913 4.91 59.18 -37.35
N LEU DA 914 3.69 59.45 -36.87
CA LEU DA 914 2.50 59.26 -37.69
C LEU DA 914 2.38 60.45 -38.60
N ASP DA 915 2.90 61.60 -38.16
CA ASP DA 915 2.85 62.80 -38.98
C ASP DA 915 3.42 62.52 -40.37
N LYS DA 916 4.61 61.93 -40.41
CA LYS DA 916 5.21 61.58 -41.69
C LYS DA 916 4.88 60.14 -42.04
N THR DA 917 5.28 59.72 -43.24
CA THR DA 917 5.06 58.34 -43.61
C THR DA 917 6.07 57.47 -42.87
N ILE DA 918 5.60 56.37 -42.30
CA ILE DA 918 6.52 55.47 -41.61
C ILE DA 918 7.34 54.71 -42.66
N CYS DA 919 6.87 54.70 -43.93
CA CYS DA 919 7.57 54.01 -45.01
C CYS DA 919 7.97 52.59 -44.61
N TYR DA 920 6.96 51.73 -44.47
CA TYR DA 920 7.24 50.32 -44.17
C TYR DA 920 7.97 49.64 -45.33
N ASN DA 921 8.91 48.78 -44.98
CA ASN DA 921 9.72 48.05 -45.94
C ASN DA 921 9.84 46.61 -45.48
N ASP DA 922 10.11 45.72 -46.43
CA ASP DA 922 10.18 44.30 -46.14
C ASP DA 922 11.42 43.93 -45.33
N PHE DA 923 12.53 44.63 -45.54
CA PHE DA 923 13.77 44.32 -44.84
C PHE DA 923 13.83 44.98 -43.46
N TYR DA 924 13.77 46.30 -43.41
CA TYR DA 924 13.74 47.06 -42.17
C TYR DA 924 12.41 47.82 -42.07
N GLY DA 925 11.77 47.72 -40.92
CA GLY DA 925 10.38 48.13 -40.80
C GLY DA 925 10.07 49.60 -40.91
N GLY DA 926 10.40 50.39 -39.90
CA GLY DA 926 10.00 51.79 -39.85
C GLY DA 926 11.21 52.70 -39.81
N TYR DA 927 11.11 53.84 -40.48
CA TYR DA 927 12.19 54.81 -40.49
C TYR DA 927 11.63 56.18 -40.85
N GLU DA 928 12.55 57.13 -41.04
CA GLU DA 928 12.22 58.52 -41.36
C GLU DA 928 12.87 58.85 -42.71
N ASN DA 929 12.07 58.83 -43.78
CA ASN DA 929 12.57 59.14 -45.10
C ASN DA 929 11.49 59.82 -45.94
MN MN GA . -38.39 -39.49 16.46
MN MN HA . -38.78 -35.90 15.71
MN MN IA . -23.15 51.97 -8.11
MN MN JA . -24.67 48.76 -7.10
#